data_8APX
#
_entry.id   8APX
#
_cell.length_a   1.00
_cell.length_b   1.00
_cell.length_c   1.00
_cell.angle_alpha   90.00
_cell.angle_beta   90.00
_cell.angle_gamma   90.00
#
_symmetry.space_group_name_H-M   'P 1'
#
loop_
_entity.id
_entity.type
_entity.pdbx_description
1 polymer 'Polyprotein P1234'
2 non-polymer 'ZINC ION'
3 non-polymer S-ADENOSYL-L-HOMOCYSTEINE
#
_entity_poly.entity_id   1
_entity_poly.type   'polypeptide(L)'
_entity_poly.pdbx_seq_one_letter_code
;MDPVYVDIDADSAFLKALQRAYPMFEVEPRQVTPND(PJ3)ANARAFSHLAIKLIEQEIDPDSTILDIGSAPARRMMSDR
KYHCVCPMRSAEDPERLANYARKLASAAGKVLDRNISGKIGDLQAVMAVPDTETPTFCLHTDVSCRQRADVAIYQDVYAV
HAPTSLYHQAIKGVRLAYWVGFDTTPFMYNAMAGAYPSYSTNWADEQVLKAKNIGLCSTDLTEGRRGKLSIMRGKKLEPC
DRVLFSVGSTLYPESRKLLKSWHLPSVFHLKGKLSFTCRCDTVVSCEGYVVKRITMSPGLYGKTTGYAVTHHADGFLMCK
TTDTVDGERVSFSVCTYVPATICDQMTGILATEVTPEDAQKLLVGLNQRIVVNGRTQRNTNTMKNYMIPVVAQAFSKWAK
ECRKDMEDEKLLGVRERTLTCCCLWAFKKQKTHTVYKRPDTQSIQKVQAEFDSFVVPSLWSSGLSIPLRTRIK
;
_entity_poly.pdbx_strand_id   A,B,C,D,E,F,G,H,I,J,K,L
#
# COMPACT_ATOMS: atom_id res chain seq x y z
N PRO A 3 -10.59 23.07 53.94
CA PRO A 3 -9.92 23.46 52.70
C PRO A 3 -8.91 24.58 52.92
N VAL A 4 -7.63 24.25 52.81
CA VAL A 4 -6.58 25.24 53.01
C VAL A 4 -6.31 25.96 51.70
N TYR A 5 -5.93 27.23 51.80
CA TYR A 5 -5.90 28.14 50.67
C TYR A 5 -4.48 28.63 50.48
N VAL A 6 -3.94 28.47 49.27
CA VAL A 6 -2.51 28.66 49.05
C VAL A 6 -2.28 29.75 48.03
N ASP A 7 -1.07 30.33 48.08
CA ASP A 7 -0.74 31.50 47.26
C ASP A 7 -0.13 31.13 45.91
N ILE A 8 0.45 29.94 45.79
CA ILE A 8 1.16 29.55 44.57
C ILE A 8 0.21 29.49 43.39
N ASP A 9 0.74 29.65 42.18
CA ASP A 9 -0.08 29.62 40.98
C ASP A 9 -0.69 28.24 40.78
N ALA A 10 -1.86 28.22 40.14
CA ALA A 10 -2.56 26.96 39.93
C ALA A 10 -1.77 26.01 39.03
N ASP A 11 -1.13 26.55 37.99
CA ASP A 11 -0.40 25.72 37.05
C ASP A 11 0.97 25.30 37.54
N SER A 12 1.42 25.83 38.68
CA SER A 12 2.73 25.46 39.22
C SER A 12 2.74 24.00 39.66
N ALA A 13 3.82 23.29 39.33
CA ALA A 13 3.95 21.89 39.69
C ALA A 13 4.13 21.70 41.19
N PHE A 14 4.74 22.66 41.88
CA PHE A 14 5.01 22.54 43.31
C PHE A 14 3.76 22.29 44.14
N LEU A 15 2.59 22.72 43.66
CA LEU A 15 1.34 22.40 44.34
C LEU A 15 1.22 20.91 44.60
N LYS A 16 1.49 20.09 43.58
CA LYS A 16 1.47 18.65 43.76
C LYS A 16 2.37 18.23 44.91
N ALA A 17 3.60 18.76 44.95
CA ALA A 17 4.51 18.43 46.05
C ALA A 17 3.87 18.79 47.39
N LEU A 18 3.23 19.96 47.46
CA LEU A 18 2.58 20.35 48.70
C LEU A 18 1.51 19.34 49.09
N GLN A 19 0.76 18.83 48.10
CA GLN A 19 -0.26 17.84 48.40
C GLN A 19 0.35 16.58 48.98
N ARG A 20 1.59 16.26 48.59
CA ARG A 20 2.26 15.12 49.20
C ARG A 20 2.78 15.48 50.59
N ALA A 21 3.16 16.74 50.80
CA ALA A 21 3.70 17.13 52.09
C ALA A 21 2.60 17.26 53.14
N TYR A 22 1.38 17.60 52.72
CA TYR A 22 0.24 17.75 53.60
C TYR A 22 -0.95 17.02 52.99
N PRO A 23 -1.04 15.70 53.17
CA PRO A 23 -2.18 14.97 52.59
C PRO A 23 -3.46 15.15 53.37
N MET A 24 -3.38 15.48 54.65
CA MET A 24 -4.58 15.69 55.46
C MET A 24 -5.31 16.98 55.12
N PHE A 25 -4.65 17.92 54.44
CA PHE A 25 -5.24 19.21 54.12
C PHE A 25 -5.44 19.32 52.61
N GLU A 26 -6.60 19.85 52.21
CA GLU A 26 -6.92 20.03 50.81
C GLU A 26 -6.43 21.41 50.36
N VAL A 27 -5.51 21.44 49.41
CA VAL A 27 -4.87 22.67 48.98
C VAL A 27 -5.62 23.23 47.78
N GLU A 28 -6.00 24.51 47.87
CA GLU A 28 -6.70 25.19 46.80
C GLU A 28 -5.89 26.42 46.40
N PRO A 29 -5.37 26.48 45.18
CA PRO A 29 -4.51 27.60 44.79
C PRO A 29 -5.25 28.80 44.22
N ARG A 30 -4.67 29.97 44.47
CA ARG A 30 -4.97 31.23 43.80
C ARG A 30 -3.91 32.24 44.18
N GLN A 31 -3.73 33.24 43.33
CA GLN A 31 -2.70 34.25 43.52
C GLN A 31 -3.33 35.54 44.04
N VAL A 32 -2.74 36.09 45.10
CA VAL A 32 -3.16 37.37 45.65
C VAL A 32 -2.04 38.38 45.39
N THR A 33 -0.81 37.91 45.39
CA THR A 33 0.37 38.72 45.08
C THR A 33 1.34 37.89 44.25
N PRO A 34 2.14 38.54 43.39
CA PRO A 34 3.15 37.83 42.60
C PRO A 34 4.52 37.78 43.29
N ASN A 35 4.57 37.17 44.47
CA ASN A 35 5.83 37.07 45.21
C ASN A 35 6.83 36.21 44.44
N ASP A 36 8.10 36.62 44.49
CA ASP A 36 9.16 35.91 43.81
C ASP A 36 9.50 34.61 44.53
N ALA A 38 7.05 32.29 46.53
CA ALA A 38 5.69 31.94 46.91
C ALA A 38 5.65 30.56 47.55
N ASN A 39 6.62 29.71 47.16
CA ASN A 39 6.67 28.36 47.71
C ASN A 39 6.99 28.37 49.19
N ALA A 40 7.93 29.23 49.61
CA ALA A 40 8.32 29.26 51.02
C ALA A 40 7.17 29.72 51.91
N ARG A 41 6.50 30.80 51.50
CA ARG A 41 5.35 31.28 52.27
C ARG A 41 4.22 30.26 52.24
N ALA A 42 4.04 29.56 51.13
CA ALA A 42 3.04 28.50 51.05
C ALA A 42 3.32 27.41 52.08
N PHE A 43 4.58 26.95 52.14
CA PHE A 43 4.93 25.92 53.09
C PHE A 43 4.78 26.40 54.53
N SER A 44 5.15 27.66 54.78
CA SER A 44 4.99 28.21 56.12
C SER A 44 3.53 28.26 56.53
N HIS A 45 2.66 28.68 55.63
CA HIS A 45 1.22 28.71 55.92
C HIS A 45 0.69 27.32 56.18
N LEU A 46 1.10 26.35 55.35
CA LEU A 46 0.63 24.98 55.54
C LEU A 46 1.13 24.40 56.87
N ALA A 47 2.37 24.71 57.23
CA ALA A 47 2.91 24.26 58.51
C ALA A 47 2.14 24.88 59.67
N ILE A 48 1.78 26.15 59.55
CA ILE A 48 1.02 26.81 60.62
C ILE A 48 -0.36 26.18 60.77
N LYS A 49 -1.01 25.87 59.64
CA LYS A 49 -2.32 25.23 59.72
C LYS A 49 -2.21 23.82 60.31
N LEU A 50 -1.17 23.08 59.93
CA LEU A 50 -0.92 21.79 60.55
C LEU A 50 -0.69 21.94 62.05
N ILE A 51 -0.01 23.01 62.45
CA ILE A 51 0.20 23.28 63.86
C ILE A 51 -1.13 23.49 64.57
N GLU A 52 -1.99 24.30 63.96
CA GLU A 52 -3.31 24.56 64.54
C GLU A 52 -4.10 23.28 64.69
N GLN A 53 -4.00 22.38 63.72
CA GLN A 53 -4.73 21.12 63.79
C GLN A 53 -4.17 20.20 64.87
N GLU A 54 -2.84 20.09 64.96
CA GLU A 54 -2.24 19.05 65.80
C GLU A 54 -2.39 19.38 67.28
N ILE A 55 -2.08 20.61 67.68
CA ILE A 55 -1.97 20.93 69.10
C ILE A 55 -3.36 20.99 69.75
N ASP A 56 -3.36 20.92 71.08
CA ASP A 56 -4.60 20.99 71.84
C ASP A 56 -5.11 22.43 71.85
N PRO A 57 -6.39 22.66 71.54
CA PRO A 57 -6.90 24.05 71.57
C PRO A 57 -6.73 24.74 72.91
N ASP A 58 -6.88 24.01 74.01
CA ASP A 58 -6.73 24.59 75.35
C ASP A 58 -5.26 24.58 75.75
N SER A 59 -4.47 25.36 75.01
CA SER A 59 -3.04 25.45 75.25
C SER A 59 -2.57 26.86 74.91
N THR A 60 -1.47 27.26 75.56
CA THR A 60 -0.82 28.53 75.30
C THR A 60 0.42 28.29 74.45
N ILE A 61 0.49 28.98 73.31
CA ILE A 61 1.52 28.73 72.31
C ILE A 61 2.47 29.91 72.29
N LEU A 62 3.71 29.68 72.68
CA LEU A 62 4.75 30.68 72.53
C LEU A 62 5.17 30.76 71.07
N ASP A 63 5.43 31.97 70.60
CA ASP A 63 5.89 32.20 69.24
C ASP A 63 7.16 33.03 69.32
N ILE A 64 8.31 32.36 69.29
CA ILE A 64 9.61 33.01 69.39
C ILE A 64 9.94 33.65 68.06
N GLY A 65 10.43 34.89 68.10
CA GLY A 65 10.70 35.61 66.87
C GLY A 65 9.46 35.82 66.03
N SER A 66 8.36 36.19 66.68
CA SER A 66 7.06 36.18 66.04
C SER A 66 6.90 37.31 65.03
N ALA A 67 6.04 37.07 64.05
CA ALA A 67 5.48 38.12 63.20
C ALA A 67 4.04 38.32 63.64
N PRO A 68 3.78 39.20 64.59
CA PRO A 68 2.45 39.24 65.25
C PRO A 68 1.30 39.45 64.29
N ALA A 69 1.52 40.16 63.18
CA ALA A 69 0.44 40.42 62.24
C ALA A 69 -0.09 39.12 61.64
N ARG A 70 0.81 38.20 61.29
CA ARG A 70 0.38 36.96 60.65
C ARG A 70 -0.42 36.09 61.61
N ARG A 71 0.12 35.83 62.80
CA ARG A 71 -0.52 34.94 63.77
C ARG A 71 -1.26 35.75 64.83
N MET A 72 -2.28 36.47 64.37
CA MET A 72 -3.18 37.18 65.27
C MET A 72 -4.62 36.86 64.91
N MET A 73 -4.86 36.51 63.65
CA MET A 73 -6.18 36.08 63.22
C MET A 73 -6.49 34.65 63.65
N SER A 74 -5.52 33.93 64.20
CA SER A 74 -5.75 32.57 64.65
C SER A 74 -6.71 32.54 65.83
N ASP A 75 -7.47 31.45 65.92
CA ASP A 75 -8.43 31.29 67.01
C ASP A 75 -7.76 30.88 68.31
N ARG A 76 -6.52 30.42 68.27
CA ARG A 76 -5.81 30.01 69.47
C ARG A 76 -5.25 31.23 70.20
N LYS A 77 -4.75 30.99 71.41
CA LYS A 77 -4.22 32.06 72.26
C LYS A 77 -2.69 32.03 72.18
N TYR A 78 -2.16 32.81 71.26
CA TYR A 78 -0.72 32.89 71.06
C TYR A 78 -0.11 33.93 72.00
N HIS A 79 1.18 33.76 72.28
CA HIS A 79 2.00 34.76 72.95
C HIS A 79 3.21 35.03 72.06
N CYS A 80 3.21 36.20 71.42
CA CYS A 80 4.26 36.59 70.49
C CYS A 80 5.44 37.18 71.25
N VAL A 81 6.65 36.74 70.90
CA VAL A 81 7.87 37.24 71.51
C VAL A 81 8.71 37.81 70.37
N CYS A 82 8.69 39.13 70.21
CA CYS A 82 9.33 39.81 69.09
C CYS A 82 10.24 40.91 69.59
N PRO A 83 11.45 40.56 70.01
CA PRO A 83 12.42 41.59 70.39
C PRO A 83 12.90 42.38 69.17
N MET A 84 13.37 43.59 69.43
CA MET A 84 13.84 44.48 68.36
C MET A 84 15.30 44.15 68.02
N ARG A 85 15.49 42.92 67.54
CA ARG A 85 16.83 42.41 67.24
C ARG A 85 17.10 42.33 65.74
N SER A 86 16.22 42.87 64.90
CA SER A 86 16.44 42.89 63.47
C SER A 86 15.82 44.15 62.88
N ALA A 87 16.35 44.57 61.72
CA ALA A 87 15.78 45.70 61.02
C ALA A 87 14.42 45.39 60.41
N GLU A 88 14.07 44.11 60.31
CA GLU A 88 12.76 43.68 59.84
C GLU A 88 11.66 43.91 60.88
N ASP A 89 12.02 43.96 62.16
CA ASP A 89 11.03 44.07 63.23
C ASP A 89 10.15 45.31 63.16
N PRO A 90 10.68 46.53 62.96
CA PRO A 90 9.80 47.72 62.99
C PRO A 90 8.66 47.66 61.98
N GLU A 91 8.92 47.13 60.78
CA GLU A 91 7.88 47.05 59.78
C GLU A 91 6.78 46.08 60.20
N ARG A 92 7.15 44.97 60.83
CA ARG A 92 6.14 44.04 61.33
C ARG A 92 5.34 44.65 62.49
N LEU A 93 6.01 45.43 63.35
CA LEU A 93 5.26 46.13 64.39
C LEU A 93 4.27 47.11 63.79
N ALA A 94 4.67 47.84 62.75
CA ALA A 94 3.75 48.73 62.07
C ALA A 94 2.59 47.97 61.46
N ASN A 95 2.88 46.82 60.83
CA ASN A 95 1.83 46.01 60.23
C ASN A 95 0.85 45.50 61.29
N TYR A 96 1.38 45.07 62.44
CA TYR A 96 0.53 44.68 63.55
C TYR A 96 -0.37 45.82 63.99
N ALA A 97 0.19 47.03 64.08
CA ALA A 97 -0.61 48.19 64.48
C ALA A 97 -1.72 48.46 63.48
N ARG A 98 -1.41 48.41 62.19
CA ARG A 98 -2.43 48.68 61.17
C ARG A 98 -3.52 47.61 61.18
N LYS A 99 -3.13 46.34 61.27
CA LYS A 99 -4.13 45.27 61.24
C LYS A 99 -4.98 45.29 62.50
N LEU A 100 -4.40 45.69 63.64
CA LEU A 100 -5.18 45.86 64.85
C LEU A 100 -6.17 47.00 64.71
N ALA A 101 -5.70 48.17 64.26
CA ALA A 101 -6.61 49.28 63.99
C ALA A 101 -7.08 49.28 62.55
N SER A 102 -7.45 48.09 62.09
CA SER A 102 -8.25 47.92 60.87
C SER A 102 -9.29 46.82 61.03
N ALA A 103 -9.30 46.10 62.15
CA ALA A 103 -10.30 45.07 62.42
C ALA A 103 -10.76 45.10 63.87
N ALA A 104 -10.52 46.22 64.58
CA ALA A 104 -10.84 46.27 66.01
C ALA A 104 -12.33 46.15 66.26
N GLY A 105 -13.15 46.79 65.44
CA GLY A 105 -14.58 46.81 65.68
C GLY A 105 -15.42 46.11 64.62
N LYS A 106 -14.78 45.31 63.77
CA LYS A 106 -15.48 44.59 62.72
C LYS A 106 -15.34 43.08 62.77
N VAL A 107 -14.50 42.54 63.66
CA VAL A 107 -14.46 41.11 63.94
C VAL A 107 -14.57 40.94 65.46
N LEU A 108 -15.43 40.02 65.89
CA LEU A 108 -15.78 39.87 67.29
C LEU A 108 -15.08 38.67 67.94
N ASP A 109 -15.23 37.49 67.35
CA ASP A 109 -14.75 36.27 67.97
C ASP A 109 -13.26 36.06 67.75
N ARG A 110 -12.44 37.08 68.03
CA ARG A 110 -11.01 36.93 67.93
C ARG A 110 -10.29 37.62 69.08
N ASN A 111 -11.03 38.21 70.01
CA ASN A 111 -10.48 38.90 71.19
C ASN A 111 -9.49 39.97 70.74
N ILE A 112 -9.88 40.75 69.73
CA ILE A 112 -9.01 41.78 69.18
C ILE A 112 -8.74 42.87 70.21
N SER A 113 -9.76 43.23 70.99
CA SER A 113 -9.56 44.21 72.05
C SER A 113 -8.49 43.75 73.04
N GLY A 114 -8.29 42.45 73.17
CA GLY A 114 -7.22 41.95 74.02
C GLY A 114 -5.85 42.41 73.54
N LYS A 115 -5.53 42.17 72.27
CA LYS A 115 -4.26 42.64 71.75
C LYS A 115 -4.20 44.15 71.70
N ILE A 116 -5.34 44.82 71.51
CA ILE A 116 -5.35 46.28 71.55
C ILE A 116 -4.90 46.78 72.92
N GLY A 117 -5.50 46.26 73.99
CA GLY A 117 -5.13 46.67 75.32
C GLY A 117 -3.71 46.29 75.69
N ASP A 118 -3.29 45.09 75.29
CA ASP A 118 -1.92 44.66 75.58
C ASP A 118 -0.90 45.50 74.83
N LEU A 119 -1.22 45.91 73.59
CA LEU A 119 -0.33 46.80 72.86
C LEU A 119 -0.23 48.15 73.54
N GLN A 120 -1.36 48.69 74.02
CA GLN A 120 -1.28 49.93 74.77
C GLN A 120 -0.45 49.77 76.03
N ALA A 121 -0.62 48.65 76.74
CA ALA A 121 0.11 48.42 77.97
C ALA A 121 1.61 48.33 77.71
N VAL A 122 2.01 47.58 76.67
CA VAL A 122 3.43 47.42 76.38
C VAL A 122 4.02 48.72 75.86
N MET A 123 3.22 49.54 75.16
CA MET A 123 3.68 50.86 74.76
C MET A 123 3.91 51.74 75.97
N ALA A 124 3.02 51.66 76.97
CA ALA A 124 3.19 52.45 78.19
C ALA A 124 4.41 51.98 78.98
N VAL A 125 4.42 50.72 79.38
CA VAL A 125 5.51 50.12 80.14
C VAL A 125 6.23 49.13 79.21
N PRO A 126 7.46 49.42 78.79
CA PRO A 126 8.16 48.48 77.89
C PRO A 126 8.47 47.14 78.52
N ASP A 127 8.46 47.03 79.85
CA ASP A 127 8.86 45.81 80.55
C ASP A 127 7.67 45.04 81.10
N THR A 128 6.48 45.25 80.55
CA THR A 128 5.27 44.57 81.02
C THR A 128 5.02 43.32 80.19
N GLU A 129 4.82 42.19 80.86
CA GLU A 129 4.58 40.91 80.21
C GLU A 129 3.08 40.80 79.91
N THR A 130 2.69 41.22 78.71
CA THR A 130 1.31 41.11 78.29
C THR A 130 0.99 39.67 77.89
N PRO A 131 -0.28 39.24 78.02
CA PRO A 131 -0.62 37.84 77.73
C PRO A 131 -0.57 37.48 76.25
N THR A 132 -0.40 38.44 75.33
CA THR A 132 -0.36 38.11 73.92
C THR A 132 0.75 38.83 73.17
N PHE A 133 1.61 39.60 73.85
CA PHE A 133 2.64 40.35 73.16
C PHE A 133 3.77 40.62 74.16
N CYS A 134 5.01 40.51 73.69
CA CYS A 134 6.16 40.58 74.59
C CYS A 134 7.36 41.09 73.84
N LEU A 135 8.07 42.04 74.46
CA LEU A 135 9.29 42.62 73.90
C LEU A 135 10.56 41.94 74.38
N HIS A 136 10.47 40.99 75.30
CA HIS A 136 11.66 40.35 75.82
C HIS A 136 12.25 39.37 74.82
N THR A 137 13.45 38.88 75.13
CA THR A 137 14.08 37.84 74.35
C THR A 137 13.59 36.48 74.83
N ASP A 138 13.79 35.45 73.99
CA ASP A 138 13.43 34.10 74.40
C ASP A 138 14.22 33.64 75.62
N VAL A 139 15.40 34.24 75.84
CA VAL A 139 16.19 33.92 77.03
C VAL A 139 15.46 34.39 78.29
N SER A 140 14.83 35.56 78.22
CA SER A 140 14.26 36.20 79.40
C SER A 140 12.78 36.53 79.19
N CYS A 141 12.03 35.57 78.64
CA CYS A 141 10.58 35.71 78.60
C CYS A 141 9.99 35.15 79.90
N ARG A 142 8.80 35.64 80.25
CA ARG A 142 8.26 35.40 81.58
C ARG A 142 7.06 34.47 81.61
N GLN A 143 6.08 34.68 80.73
CA GLN A 143 4.81 33.97 80.84
C GLN A 143 5.01 32.47 80.64
N ARG A 144 4.44 31.68 81.55
CA ARG A 144 4.46 30.24 81.44
C ARG A 144 3.51 29.78 80.35
N ALA A 145 3.98 28.84 79.52
CA ALA A 145 3.16 28.28 78.46
C ALA A 145 3.45 26.80 78.36
N ASP A 146 2.96 26.17 77.29
CA ASP A 146 3.05 24.73 77.16
C ASP A 146 3.42 24.27 75.75
N VAL A 147 3.32 25.15 74.77
CA VAL A 147 3.71 24.86 73.39
C VAL A 147 4.51 26.04 72.85
N ALA A 148 5.59 25.73 72.13
CA ALA A 148 6.44 26.74 71.52
C ALA A 148 6.48 26.55 70.02
N ILE A 149 6.59 27.66 69.29
CA ILE A 149 6.60 27.65 67.83
C ILE A 149 7.76 28.50 67.35
N TYR A 150 8.57 27.95 66.45
CA TYR A 150 9.68 28.66 65.81
C TYR A 150 9.32 28.86 64.34
N GLN A 151 8.77 30.03 64.01
CA GLN A 151 8.41 30.35 62.64
C GLN A 151 9.68 30.81 61.93
N ASP A 152 10.44 29.84 61.44
CA ASP A 152 11.65 30.10 60.65
C ASP A 152 12.59 31.07 61.35
N VAL A 153 12.79 30.85 62.65
CA VAL A 153 13.75 31.61 63.43
C VAL A 153 15.12 30.98 63.20
N TYR A 154 16.11 31.81 62.86
CA TYR A 154 17.36 31.28 62.34
C TYR A 154 18.59 31.78 63.06
N ALA A 155 18.51 32.86 63.83
CA ALA A 155 19.64 33.36 64.61
C ALA A 155 19.31 33.15 66.09
N VAL A 156 19.57 31.93 66.56
CA VAL A 156 19.38 31.56 67.96
C VAL A 156 20.07 30.23 68.19
N HIS A 157 20.63 30.03 69.38
CA HIS A 157 21.25 28.75 69.72
C HIS A 157 20.15 27.79 70.18
N ALA A 158 20.04 26.65 69.49
CA ALA A 158 18.97 25.70 69.80
C ALA A 158 19.02 25.18 71.23
N PRO A 159 20.16 24.71 71.77
CA PRO A 159 20.13 24.16 73.13
C PRO A 159 19.73 25.18 74.18
N THR A 160 20.33 26.38 74.15
CA THR A 160 20.04 27.38 75.16
C THR A 160 18.58 27.81 75.11
N SER A 161 18.07 28.06 73.90
CA SER A 161 16.67 28.48 73.77
C SER A 161 15.72 27.37 74.22
N LEU A 162 16.01 26.12 73.83
CA LEU A 162 15.16 25.02 74.22
C LEU A 162 15.16 24.84 75.74
N TYR A 163 16.32 24.97 76.37
CA TYR A 163 16.38 24.86 77.83
C TYR A 163 15.61 26.00 78.50
N HIS A 164 15.84 27.24 78.05
CA HIS A 164 15.20 28.38 78.69
C HIS A 164 13.69 28.37 78.48
N GLN A 165 13.20 27.74 77.42
CA GLN A 165 11.76 27.61 77.25
C GLN A 165 11.19 26.40 77.97
N ALA A 166 11.94 25.30 78.08
CA ALA A 166 11.50 24.14 78.84
C ALA A 166 11.42 24.44 80.33
N ILE A 167 12.28 25.33 80.83
CA ILE A 167 12.15 25.77 82.21
C ILE A 167 10.79 26.40 82.46
N LYS A 168 10.30 27.18 81.49
CA LYS A 168 9.00 27.82 81.60
C LYS A 168 7.84 26.83 81.56
N GLY A 169 8.05 25.62 81.02
CA GLY A 169 7.06 24.58 81.09
C GLY A 169 6.41 24.16 79.78
N VAL A 170 7.10 24.31 78.66
CA VAL A 170 6.54 23.89 77.37
C VAL A 170 6.58 22.36 77.30
N ARG A 171 5.50 21.75 76.82
CA ARG A 171 5.53 20.31 76.62
C ARG A 171 6.33 19.94 75.38
N LEU A 172 6.17 20.70 74.30
CA LEU A 172 6.81 20.35 73.03
C LEU A 172 6.83 21.58 72.14
N ALA A 173 7.86 21.68 71.30
CA ALA A 173 8.07 22.82 70.42
C ALA A 173 8.25 22.35 68.99
N TYR A 174 7.64 23.07 68.06
CA TYR A 174 7.80 22.76 66.65
C TYR A 174 8.69 23.80 65.98
N TRP A 175 9.44 23.36 64.96
CA TRP A 175 10.39 24.22 64.27
C TRP A 175 10.23 24.00 62.77
N VAL A 176 9.79 25.02 62.06
CA VAL A 176 9.62 24.96 60.62
C VAL A 176 10.73 25.78 59.97
N GLY A 177 11.44 25.17 59.03
CA GLY A 177 12.53 25.89 58.40
C GLY A 177 13.15 25.10 57.27
N PHE A 178 14.33 25.54 56.86
CA PHE A 178 15.08 24.82 55.84
C PHE A 178 15.78 23.62 56.45
N ASP A 179 16.21 22.70 55.59
CA ASP A 179 16.96 21.55 56.05
C ASP A 179 18.36 21.98 56.47
N THR A 180 18.78 21.56 57.66
CA THR A 180 20.10 21.85 58.17
C THR A 180 21.15 20.86 57.68
N THR A 181 20.74 19.85 56.92
CA THR A 181 21.68 18.84 56.44
C THR A 181 22.77 19.40 55.55
N PRO A 182 22.50 20.25 54.55
CA PRO A 182 23.61 20.76 53.73
C PRO A 182 24.64 21.55 54.53
N PHE A 183 24.23 22.14 55.64
CA PHE A 183 25.16 22.93 56.45
C PHE A 183 26.06 22.05 57.30
N MET A 184 25.55 20.92 57.80
CA MET A 184 26.42 20.05 58.57
C MET A 184 27.38 19.26 57.69
N TYR A 185 27.19 19.32 56.37
CA TYR A 185 28.10 18.73 55.40
C TYR A 185 29.26 19.67 55.05
N ASN A 186 29.27 20.89 55.58
CA ASN A 186 30.31 21.88 55.34
C ASN A 186 30.41 22.22 53.84
N ALA A 187 29.33 22.82 53.33
CA ALA A 187 29.26 23.24 51.94
C ALA A 187 29.36 24.76 51.83
N MET A 188 29.78 25.23 50.66
CA MET A 188 29.95 26.65 50.40
C MET A 188 28.66 27.30 49.92
N ALA A 189 28.06 26.76 48.88
CA ALA A 189 26.85 27.32 48.28
C ALA A 189 25.73 26.28 48.29
N GLY A 190 24.49 26.77 48.38
CA GLY A 190 23.33 25.91 48.42
C GLY A 190 22.36 26.23 47.30
N ALA A 191 21.43 25.30 47.08
CA ALA A 191 20.56 25.36 45.92
C ALA A 191 19.10 25.56 46.26
N TYR A 192 18.48 24.62 46.99
CA TYR A 192 17.03 24.53 47.19
C TYR A 192 16.25 24.92 45.93
N PRO A 193 16.31 24.12 44.85
CA PRO A 193 15.62 24.51 43.61
C PRO A 193 14.20 25.01 43.76
N SER A 194 13.34 24.26 44.43
CA SER A 194 11.90 24.49 44.32
C SER A 194 11.49 25.86 44.85
N TYR A 195 12.07 26.27 45.97
CA TYR A 195 11.70 27.53 46.60
C TYR A 195 12.55 28.70 46.14
N SER A 196 13.45 28.49 45.18
CA SER A 196 14.31 29.54 44.63
C SER A 196 15.06 30.27 45.73
N THR A 197 15.53 29.51 46.72
CA THR A 197 16.27 30.05 47.85
C THR A 197 17.71 29.56 47.77
N ASN A 198 18.63 30.48 47.55
CA ASN A 198 20.04 30.14 47.36
C ASN A 198 20.88 30.80 48.44
N TRP A 199 21.79 30.03 49.03
CA TRP A 199 22.69 30.59 50.03
C TRP A 199 24.14 30.39 49.61
N ALA A 200 25.01 31.23 50.17
CA ALA A 200 26.43 31.14 49.88
C ALA A 200 27.24 31.74 51.01
N ASP A 201 28.49 31.31 51.11
CA ASP A 201 29.43 31.85 52.07
C ASP A 201 29.92 33.21 51.61
N GLU A 202 30.40 34.01 52.57
CA GLU A 202 30.87 35.36 52.25
C GLU A 202 32.03 35.34 51.26
N GLN A 203 32.97 34.42 51.43
CA GLN A 203 34.17 34.41 50.59
C GLN A 203 33.87 34.04 49.13
N VAL A 204 32.85 33.22 48.89
CA VAL A 204 32.53 32.75 47.55
C VAL A 204 31.43 33.60 46.92
N LEU A 205 31.26 34.83 47.40
CA LEU A 205 30.22 35.70 46.86
C LEU A 205 30.49 36.05 45.40
N LYS A 206 31.71 36.48 45.08
CA LYS A 206 32.03 36.98 43.74
C LYS A 206 32.42 35.83 42.82
N ALA A 207 31.59 34.80 42.77
CA ALA A 207 31.79 33.67 41.90
C ALA A 207 31.05 33.90 40.58
N LYS A 208 30.93 32.86 39.77
CA LYS A 208 30.34 33.01 38.44
C LYS A 208 29.22 32.01 38.18
N ASN A 209 29.36 30.79 38.66
CA ASN A 209 28.53 29.67 38.23
C ASN A 209 27.85 29.02 39.42
N ILE A 210 27.25 29.83 40.29
CA ILE A 210 26.36 29.35 41.34
C ILE A 210 25.08 30.17 41.28
N GLY A 211 24.05 29.68 41.98
CA GLY A 211 22.76 30.36 41.95
C GLY A 211 22.81 31.74 42.56
N LEU A 212 23.84 32.01 43.36
CA LEU A 212 24.01 33.27 44.04
C LEU A 212 25.46 33.73 43.84
N CYS A 213 25.65 34.71 42.96
CA CYS A 213 26.97 35.27 42.68
C CYS A 213 26.83 36.55 41.87
N SER A 214 27.91 37.33 41.82
CA SER A 214 27.94 38.55 41.03
C SER A 214 29.41 38.90 40.80
N THR A 215 29.83 38.93 39.54
CA THR A 215 31.19 39.22 39.16
C THR A 215 31.23 40.32 38.11
N ASP A 216 32.44 40.79 37.81
CA ASP A 216 32.67 41.85 36.84
C ASP A 216 33.67 41.37 35.80
N LEU A 217 33.49 41.81 34.55
CA LEU A 217 34.35 41.37 33.47
C LEU A 217 35.69 42.07 33.52
N THR A 218 36.77 41.31 33.39
CA THR A 218 38.11 41.85 33.49
C THR A 218 38.95 41.40 32.31
N GLU A 219 40.00 42.17 32.01
CA GLU A 219 40.90 41.91 30.91
C GLU A 219 42.19 41.25 31.39
N GLY A 220 43.20 41.23 30.53
CA GLY A 220 44.42 40.49 30.77
C GLY A 220 45.34 41.09 31.81
N ARG A 221 44.88 41.12 33.06
CA ARG A 221 45.69 41.63 34.17
C ARG A 221 45.89 40.49 35.15
N ARG A 222 47.05 39.84 35.09
CA ARG A 222 47.41 38.82 36.08
C ARG A 222 48.30 39.42 37.17
N GLY A 223 47.86 40.55 37.71
CA GLY A 223 48.66 41.28 38.67
C GLY A 223 47.90 41.96 39.80
N LYS A 224 46.73 41.44 40.16
CA LYS A 224 45.88 42.15 41.13
C LYS A 224 46.54 42.23 42.50
N LEU A 225 47.47 41.31 42.79
CA LEU A 225 48.44 41.44 43.88
C LEU A 225 47.78 41.78 45.21
N SER A 226 46.98 40.84 45.73
CA SER A 226 46.34 41.03 47.02
C SER A 226 47.38 41.03 48.13
N ILE A 227 47.24 41.96 49.08
CA ILE A 227 48.18 42.04 50.19
C ILE A 227 47.99 40.86 51.14
N MET A 228 46.75 40.44 51.37
CA MET A 228 46.42 39.40 52.32
C MET A 228 46.32 38.05 51.61
N ARG A 229 46.96 37.03 52.18
CA ARG A 229 46.98 35.69 51.63
C ARG A 229 46.53 34.72 52.72
N GLY A 230 45.49 33.92 52.42
CA GLY A 230 44.93 33.01 53.40
C GLY A 230 45.42 31.58 53.27
N LYS A 231 45.43 31.07 52.03
CA LYS A 231 45.90 29.72 51.71
C LYS A 231 45.08 28.63 52.40
N LYS A 232 43.88 28.95 52.88
CA LYS A 232 42.97 27.95 53.42
C LYS A 232 41.53 28.39 53.17
N LEU A 233 40.92 27.83 52.14
CA LEU A 233 39.55 28.18 51.75
C LEU A 233 38.60 27.27 52.53
N GLU A 234 38.19 27.74 53.70
CA GLU A 234 37.30 27.01 54.58
C GLU A 234 36.05 27.83 54.86
N PRO A 235 34.92 27.17 55.16
CA PRO A 235 33.68 27.91 55.42
C PRO A 235 33.80 28.80 56.64
N CYS A 236 33.09 29.92 56.61
CA CYS A 236 33.08 30.87 57.70
C CYS A 236 31.69 30.92 58.33
N ASP A 237 31.59 31.69 59.41
CA ASP A 237 30.34 31.71 60.19
C ASP A 237 29.23 32.42 59.43
N ARG A 238 29.53 33.52 58.75
CA ARG A 238 28.51 34.32 58.10
C ARG A 238 28.12 33.69 56.76
N VAL A 239 26.83 33.47 56.56
CA VAL A 239 26.31 32.89 55.33
C VAL A 239 25.09 33.68 54.89
N LEU A 240 25.00 34.01 53.61
CA LEU A 240 23.90 34.82 53.09
C LEU A 240 22.88 33.92 52.42
N PHE A 241 21.63 34.01 52.86
CA PHE A 241 20.49 33.41 52.20
C PHE A 241 19.82 34.43 51.30
N SER A 242 19.30 33.96 50.17
CA SER A 242 18.50 34.76 49.27
C SER A 242 17.20 33.99 49.02
N VAL A 243 16.12 34.51 49.60
CA VAL A 243 14.77 33.99 49.41
C VAL A 243 14.06 34.92 48.44
N GLY A 244 13.85 34.45 47.22
CA GLY A 244 13.30 35.30 46.18
C GLY A 244 14.19 36.50 45.93
N SER A 245 13.74 37.68 46.36
CA SER A 245 14.50 38.91 46.22
C SER A 245 14.95 39.48 47.56
N THR A 246 14.90 38.69 48.62
CA THR A 246 15.22 39.15 49.98
C THR A 246 16.49 38.48 50.46
N LEU A 247 17.39 39.27 51.06
CA LEU A 247 18.68 38.79 51.53
C LEU A 247 18.70 38.76 53.05
N TYR A 248 18.96 37.58 53.60
CA TYR A 248 18.95 37.38 55.05
C TYR A 248 20.30 36.81 55.50
N PRO A 249 20.98 37.44 56.45
CA PRO A 249 22.25 36.89 56.95
C PRO A 249 22.05 35.93 58.10
N GLU A 250 22.83 34.85 58.09
CA GLU A 250 22.71 33.79 59.08
C GLU A 250 24.09 33.42 59.60
N SER A 251 24.10 32.87 60.82
CA SER A 251 25.32 32.39 61.46
C SER A 251 25.44 30.89 61.24
N ARG A 252 26.63 30.44 60.83
CA ARG A 252 26.83 29.03 60.53
C ARG A 252 26.66 28.17 61.78
N LYS A 253 27.22 28.60 62.91
CA LYS A 253 27.15 27.81 64.13
C LYS A 253 25.72 27.71 64.65
N LEU A 254 25.02 28.84 64.70
CA LEU A 254 23.65 28.85 65.22
C LEU A 254 22.73 28.00 64.34
N LEU A 255 22.89 28.08 63.03
CA LEU A 255 22.06 27.30 62.12
C LEU A 255 22.42 25.82 62.19
N LYS A 256 23.73 25.51 62.28
CA LYS A 256 24.15 24.12 62.39
C LYS A 256 23.69 23.50 63.70
N SER A 257 23.47 24.32 64.73
CA SER A 257 22.99 23.81 66.01
C SER A 257 21.57 23.28 65.96
N TRP A 258 20.83 23.54 64.87
CA TRP A 258 19.46 23.08 64.75
C TRP A 258 19.35 21.65 64.22
N HIS A 259 20.47 21.03 63.85
CA HIS A 259 20.48 19.62 63.44
C HIS A 259 20.60 18.74 64.68
N LEU A 260 19.56 18.80 65.50
CA LEU A 260 19.58 18.10 66.77
C LEU A 260 19.51 16.59 66.56
N PRO A 261 20.09 15.81 67.47
CA PRO A 261 20.02 14.35 67.36
C PRO A 261 18.60 13.86 67.61
N SER A 262 18.42 12.55 67.40
CA SER A 262 17.11 11.95 67.59
C SER A 262 16.65 12.08 69.04
N VAL A 263 17.56 11.80 69.99
CA VAL A 263 17.30 11.98 71.41
C VAL A 263 18.49 12.70 72.03
N PHE A 264 18.21 13.59 72.98
CA PHE A 264 19.29 14.30 73.65
C PHE A 264 18.82 14.75 75.02
N HIS A 265 19.77 15.18 75.85
CA HIS A 265 19.51 15.60 77.21
C HIS A 265 20.08 16.99 77.46
N LEU A 266 19.47 17.70 78.40
CA LEU A 266 19.91 19.03 78.81
C LEU A 266 19.98 19.06 80.33
N LYS A 267 21.20 18.98 80.88
CA LYS A 267 21.40 18.95 82.32
C LYS A 267 21.84 20.34 82.80
N GLY A 268 21.10 20.91 83.72
CA GLY A 268 21.47 22.16 84.36
C GLY A 268 20.97 22.17 85.78
N LYS A 269 20.33 23.27 86.18
CA LYS A 269 19.61 23.28 87.44
C LYS A 269 18.45 22.27 87.39
N LEU A 270 17.74 22.24 86.26
CA LEU A 270 16.74 21.21 85.99
C LEU A 270 17.13 20.50 84.71
N SER A 271 17.20 19.17 84.76
CA SER A 271 17.66 18.36 83.63
C SER A 271 16.45 17.76 82.92
N PHE A 272 16.34 18.04 81.62
CA PHE A 272 15.26 17.52 80.79
C PHE A 272 15.81 16.59 79.71
N THR A 273 14.91 15.83 79.09
CA THR A 273 15.24 14.99 77.95
C THR A 273 14.31 15.34 76.80
N CYS A 274 14.81 15.14 75.58
CA CYS A 274 14.08 15.60 74.40
C CYS A 274 14.27 14.63 73.26
N ARG A 275 13.23 14.53 72.42
CA ARG A 275 13.24 13.72 71.21
C ARG A 275 12.87 14.61 70.04
N CYS A 276 13.68 14.62 69.00
CA CYS A 276 13.46 15.44 67.82
C CYS A 276 13.24 14.54 66.61
N ASP A 277 12.14 14.76 65.91
CA ASP A 277 11.82 14.01 64.70
C ASP A 277 11.24 14.95 63.65
N THR A 278 11.45 14.60 62.39
CA THR A 278 10.95 15.37 61.26
C THR A 278 9.57 14.85 60.90
N VAL A 279 8.53 15.65 61.18
CA VAL A 279 7.17 15.20 60.93
C VAL A 279 6.74 15.49 59.49
N VAL A 280 7.25 16.56 58.88
CA VAL A 280 6.91 16.92 57.50
C VAL A 280 8.18 17.38 56.81
N SER A 281 8.42 16.86 55.60
CA SER A 281 9.59 17.23 54.82
C SER A 281 9.18 17.35 53.36
N CYS A 282 9.68 18.38 52.68
CA CYS A 282 9.34 18.61 51.28
C CYS A 282 10.45 19.44 50.64
N GLU A 283 11.21 18.82 49.75
CA GLU A 283 12.18 19.50 48.88
C GLU A 283 13.12 20.43 49.64
N GLY A 284 13.35 20.17 50.92
CA GLY A 284 14.25 21.00 51.69
C GLY A 284 13.62 21.58 52.94
N TYR A 285 12.36 21.99 52.86
CA TYR A 285 11.68 22.50 54.04
C TYR A 285 11.31 21.35 54.96
N VAL A 286 11.63 21.51 56.24
CA VAL A 286 11.40 20.49 57.26
C VAL A 286 10.64 21.10 58.43
N VAL A 287 9.91 20.25 59.15
CA VAL A 287 9.20 20.62 60.37
C VAL A 287 9.62 19.61 61.44
N LYS A 288 10.40 20.06 62.40
CA LYS A 288 10.90 19.23 63.49
C LYS A 288 10.02 19.37 64.73
N ARG A 289 9.95 18.30 65.51
CA ARG A 289 9.10 18.21 66.69
C ARG A 289 9.97 17.84 67.89
N ILE A 290 10.39 18.85 68.66
CA ILE A 290 11.23 18.63 69.84
C ILE A 290 10.31 18.57 71.05
N THR A 291 10.07 17.37 71.57
CA THR A 291 9.16 17.18 72.69
C THR A 291 9.95 17.27 73.99
N MET A 292 9.55 18.21 74.85
CA MET A 292 10.18 18.35 76.15
C MET A 292 9.77 17.19 77.06
N SER A 293 10.61 16.92 78.05
CA SER A 293 10.28 15.90 79.05
C SER A 293 11.12 16.10 80.30
N PRO A 294 10.50 16.27 81.46
CA PRO A 294 11.28 16.46 82.70
C PRO A 294 12.04 15.19 83.08
N GLY A 295 13.13 15.40 83.79
CA GLY A 295 13.96 14.29 84.27
C GLY A 295 15.06 13.94 83.31
N LEU A 296 15.82 12.90 83.69
CA LEU A 296 16.92 12.37 82.89
C LEU A 296 16.62 10.89 82.64
N TYR A 297 16.06 10.59 81.48
CA TYR A 297 15.62 9.26 81.13
C TYR A 297 16.34 8.78 79.87
N GLY A 298 16.86 7.57 79.92
CA GLY A 298 17.47 6.95 78.75
C GLY A 298 18.90 7.38 78.54
N LYS A 299 19.50 6.83 77.49
CA LYS A 299 20.87 7.11 77.10
C LYS A 299 20.88 7.67 75.69
N THR A 300 21.69 8.70 75.46
CA THR A 300 21.73 9.39 74.18
C THR A 300 22.75 8.76 73.25
N THR A 301 22.35 8.56 71.99
CA THR A 301 23.25 8.00 70.99
C THR A 301 24.26 9.04 70.54
N GLY A 302 23.82 10.27 70.33
CA GLY A 302 24.69 11.33 69.86
C GLY A 302 24.75 11.53 68.37
N TYR A 303 23.81 10.96 67.61
CA TYR A 303 23.82 11.03 66.16
C TYR A 303 22.49 11.58 65.66
N ALA A 304 22.52 12.28 64.54
CA ALA A 304 21.33 12.85 63.93
C ALA A 304 21.15 12.28 62.53
N VAL A 305 19.90 11.94 62.19
CA VAL A 305 19.57 11.25 60.96
C VAL A 305 18.66 12.14 60.12
N THR A 306 18.99 12.26 58.84
CA THR A 306 18.13 12.95 57.87
C THR A 306 17.73 11.97 56.78
N HIS A 307 16.43 11.92 56.50
CA HIS A 307 15.89 11.08 55.44
C HIS A 307 15.70 11.95 54.19
N HIS A 308 16.30 11.53 53.09
CA HIS A 308 16.27 12.30 51.84
C HIS A 308 15.20 11.70 50.94
N ALA A 309 14.02 12.31 50.96
CA ALA A 309 12.98 11.93 50.01
C ALA A 309 13.40 12.20 48.58
N ASP A 310 14.08 13.32 48.34
CA ASP A 310 14.66 13.65 47.05
C ASP A 310 16.18 13.63 47.17
N GLY A 311 16.85 13.38 46.06
CA GLY A 311 18.28 13.16 46.09
C GLY A 311 19.06 14.39 46.52
N PHE A 312 20.19 14.14 47.16
CA PHE A 312 21.11 15.20 47.60
C PHE A 312 22.44 15.04 46.88
N LEU A 313 23.00 16.15 46.41
CA LEU A 313 24.24 16.14 45.64
C LEU A 313 25.18 17.19 46.20
N MET A 314 26.30 16.75 46.75
CA MET A 314 27.35 17.64 47.24
C MET A 314 28.54 17.52 46.29
N CYS A 315 28.62 18.44 45.33
CA CYS A 315 29.55 18.37 44.23
C CYS A 315 30.70 19.34 44.44
N LYS A 316 31.76 19.14 43.67
CA LYS A 316 32.99 19.94 43.78
C LYS A 316 33.15 20.70 42.47
N THR A 317 32.91 22.01 42.50
CA THR A 317 32.99 22.83 41.30
C THR A 317 34.07 23.89 41.45
N THR A 318 34.81 24.10 40.35
CA THR A 318 35.72 25.23 40.25
C THR A 318 34.94 26.43 39.76
N ASP A 319 35.23 27.60 40.34
CA ASP A 319 34.61 28.86 39.95
C ASP A 319 35.60 29.98 40.17
N THR A 320 35.37 31.09 39.46
CA THR A 320 36.21 32.28 39.58
C THR A 320 35.66 33.14 40.70
N VAL A 321 36.09 32.83 41.92
CA VAL A 321 35.75 33.65 43.08
C VAL A 321 36.61 34.91 43.04
N ASP A 322 35.96 36.07 42.94
CA ASP A 322 36.62 37.37 42.78
C ASP A 322 37.52 37.41 41.55
N GLY A 323 37.44 36.40 40.69
CA GLY A 323 38.32 36.30 39.54
C GLY A 323 39.24 35.11 39.60
N GLU A 324 39.74 34.79 40.79
CA GLU A 324 40.65 33.66 40.96
C GLU A 324 39.88 32.35 40.94
N ARG A 325 40.34 31.38 40.15
CA ARG A 325 39.69 30.08 40.11
C ARG A 325 40.04 29.29 41.37
N VAL A 326 39.01 28.89 42.10
CA VAL A 326 39.14 28.02 43.26
C VAL A 326 38.05 26.95 43.18
N SER A 327 38.33 25.80 43.78
CA SER A 327 37.40 24.69 43.81
C SER A 327 36.72 24.64 45.17
N PHE A 328 35.39 24.66 45.17
CA PHE A 328 34.63 24.60 46.41
C PHE A 328 33.43 23.69 46.23
N SER A 329 32.76 23.39 47.35
CA SER A 329 31.66 22.45 47.39
C SER A 329 30.33 23.19 47.26
N VAL A 330 29.43 22.63 46.47
CA VAL A 330 28.08 23.17 46.31
C VAL A 330 27.09 22.03 46.50
N CYS A 331 26.02 22.30 47.24
CA CYS A 331 24.98 21.31 47.50
C CYS A 331 23.73 21.63 46.72
N THR A 332 23.03 20.57 46.31
CA THR A 332 21.87 20.69 45.44
C THR A 332 20.87 19.59 45.77
N TYR A 333 19.60 19.93 45.65
CA TYR A 333 18.50 18.97 45.78
C TYR A 333 18.00 18.60 44.40
N VAL A 334 17.94 17.31 44.11
CA VAL A 334 17.50 16.80 42.82
C VAL A 334 16.20 16.04 43.03
N PRO A 335 15.18 16.27 42.21
CA PRO A 335 13.91 15.56 42.39
C PRO A 335 14.08 14.04 42.25
N ALA A 336 13.21 13.31 42.95
CA ALA A 336 13.34 11.86 43.03
C ALA A 336 13.19 11.21 41.65
N THR A 337 12.30 11.75 40.81
CA THR A 337 12.06 11.14 39.51
C THR A 337 13.30 11.23 38.62
N ILE A 338 14.02 12.36 38.67
CA ILE A 338 15.22 12.51 37.83
C ILE A 338 16.30 11.54 38.29
N CYS A 339 16.48 11.41 39.61
CA CYS A 339 17.45 10.45 40.13
C CYS A 339 17.07 9.02 39.76
N ASP A 340 15.77 8.72 39.81
CA ASP A 340 15.30 7.37 39.48
C ASP A 340 15.59 7.06 38.02
N GLN A 341 15.20 7.96 37.11
CA GLN A 341 15.37 7.69 35.69
C GLN A 341 16.84 7.67 35.28
N MET A 342 17.67 8.49 35.92
CA MET A 342 19.09 8.53 35.62
C MET A 342 19.90 7.62 36.54
N THR A 343 19.53 6.34 36.58
CA THR A 343 20.23 5.33 37.35
C THR A 343 21.03 4.38 36.47
N GLY A 344 20.42 3.88 35.40
CA GLY A 344 21.15 3.00 34.49
C GLY A 344 22.26 3.71 33.75
N ILE A 345 22.04 4.97 33.38
CA ILE A 345 23.09 5.75 32.74
C ILE A 345 24.22 6.01 33.72
N LEU A 346 23.90 6.17 35.01
CA LEU A 346 24.93 6.33 36.03
C LEU A 346 25.55 4.98 36.38
N ALA A 347 26.01 4.25 35.37
CA ALA A 347 26.63 2.95 35.58
C ALA A 347 27.96 2.87 34.86
N THR A 348 28.09 3.58 33.75
CA THR A 348 29.27 3.52 32.91
C THR A 348 30.08 4.80 33.06
N GLU A 349 31.24 4.81 32.39
CA GLU A 349 32.08 6.00 32.36
C GLU A 349 31.40 7.08 31.54
N VAL A 350 30.80 8.06 32.20
CA VAL A 350 30.01 9.10 31.54
C VAL A 350 30.69 10.44 31.72
N THR A 351 30.81 11.18 30.63
CA THR A 351 31.39 12.51 30.65
C THR A 351 30.37 13.54 31.14
N PRO A 352 30.83 14.68 31.67
CA PRO A 352 29.87 15.73 32.06
C PRO A 352 29.02 16.22 30.91
N GLU A 353 29.57 16.25 29.69
CA GLU A 353 28.79 16.69 28.54
C GLU A 353 27.59 15.77 28.29
N ASP A 354 27.85 14.46 28.21
CA ASP A 354 26.75 13.52 27.97
C ASP A 354 25.77 13.53 29.14
N ALA A 355 26.28 13.65 30.36
CA ALA A 355 25.40 13.69 31.53
C ALA A 355 24.48 14.89 31.47
N GLN A 356 25.00 16.07 31.12
CA GLN A 356 24.15 17.25 31.07
C GLN A 356 23.18 17.19 29.90
N LYS A 357 23.62 16.64 28.76
CA LYS A 357 22.72 16.49 27.63
C LYS A 357 21.55 15.57 27.99
N LEU A 358 21.84 14.45 28.65
CA LEU A 358 20.77 13.54 29.03
C LEU A 358 19.92 14.12 30.16
N LEU A 359 20.51 14.97 30.99
CA LEU A 359 19.76 15.62 32.05
C LEU A 359 18.74 16.59 31.48
N VAL A 360 19.16 17.43 30.53
CA VAL A 360 18.23 18.36 29.90
C VAL A 360 17.21 17.60 29.06
N GLY A 361 17.62 16.48 28.44
CA GLY A 361 16.65 15.66 27.73
C GLY A 361 15.62 15.05 28.65
N LEU A 362 16.02 14.70 29.88
CA LEU A 362 15.09 14.12 30.83
C LEU A 362 14.15 15.17 31.41
N ASN A 363 14.54 16.44 31.36
CA ASN A 363 13.72 17.53 31.89
C ASN A 363 12.68 18.03 30.89
N GLN A 364 12.38 17.25 29.86
CA GLN A 364 11.40 17.62 28.83
C GLN A 364 11.75 18.96 28.18
N THR A 376 7.10 22.51 30.52
CA THR A 376 7.05 21.82 31.79
C THR A 376 8.44 21.36 32.23
N ASN A 377 8.85 21.78 33.42
CA ASN A 377 10.14 21.44 33.97
C ASN A 377 9.97 20.76 35.32
N THR A 378 10.73 19.70 35.55
CA THR A 378 10.72 19.02 36.84
C THR A 378 11.58 19.77 37.86
N MET A 379 12.87 19.91 37.58
CA MET A 379 13.76 20.75 38.36
C MET A 379 14.17 21.95 37.51
N LYS A 380 14.62 23.01 38.19
CA LYS A 380 14.95 24.23 37.49
C LYS A 380 16.26 24.07 36.73
N ASN A 381 16.21 24.31 35.42
CA ASN A 381 17.36 24.06 34.55
C ASN A 381 18.53 25.00 34.79
N TYR A 382 18.37 25.98 35.68
CA TYR A 382 19.42 26.94 35.96
C TYR A 382 20.65 26.31 36.58
N MET A 383 20.55 25.10 37.14
CA MET A 383 21.64 24.51 37.89
C MET A 383 21.82 23.04 37.47
N ILE A 384 21.90 22.81 36.17
CA ILE A 384 22.37 21.50 35.71
C ILE A 384 23.63 21.61 34.85
N PRO A 385 24.52 22.58 35.11
CA PRO A 385 25.95 22.31 34.91
C PRO A 385 26.52 21.49 36.06
N VAL A 386 26.01 21.75 37.27
CA VAL A 386 26.59 21.20 38.49
C VAL A 386 26.10 19.78 38.73
N VAL A 387 24.83 19.51 38.48
CA VAL A 387 24.29 18.16 38.69
C VAL A 387 24.97 17.18 37.76
N ALA A 388 25.24 17.59 36.52
CA ALA A 388 25.99 16.74 35.60
C ALA A 388 27.41 16.48 36.11
N GLN A 389 28.04 17.53 36.64
CA GLN A 389 29.37 17.36 37.25
C GLN A 389 29.34 16.31 38.35
N ALA A 390 28.36 16.43 39.26
CA ALA A 390 28.27 15.52 40.38
C ALA A 390 28.00 14.09 39.92
N PHE A 391 27.10 13.93 38.94
CA PHE A 391 26.79 12.59 38.45
C PHE A 391 28.00 11.95 37.77
N SER A 392 28.70 12.72 36.93
CA SER A 392 29.89 12.18 36.27
C SER A 392 30.95 11.79 37.28
N LYS A 393 31.16 12.62 38.30
CA LYS A 393 32.22 12.34 39.26
C LYS A 393 31.82 11.18 40.18
N TRP A 394 30.53 11.04 40.48
CA TRP A 394 30.08 9.89 41.24
C TRP A 394 30.23 8.60 40.45
N ALA A 395 29.95 8.65 39.14
CA ALA A 395 30.20 7.50 38.29
C ALA A 395 31.69 7.16 38.26
N LYS A 396 32.54 8.18 38.19
CA LYS A 396 33.98 7.96 38.27
C LYS A 396 34.36 7.25 39.56
N GLU A 397 33.84 7.72 40.69
CA GLU A 397 34.19 7.13 41.97
C GLU A 397 33.69 5.69 42.09
N CYS A 398 32.45 5.43 41.65
CA CYS A 398 31.92 4.09 41.71
C CYS A 398 32.71 3.14 40.81
N ARG A 399 33.05 3.58 39.60
CA ARG A 399 33.84 2.74 38.70
C ARG A 399 35.20 2.44 39.30
N LYS A 400 35.90 3.45 39.80
CA LYS A 400 37.19 3.23 40.44
C LYS A 400 37.07 2.32 41.65
N ASP A 401 35.92 2.37 42.32
CA ASP A 401 35.67 1.47 43.44
C ASP A 401 35.46 0.04 42.96
N MET A 402 34.95 -0.12 41.74
CA MET A 402 34.61 -1.46 41.25
C MET A 402 35.85 -2.32 41.02
N GLU A 403 36.86 -1.79 40.33
CA GLU A 403 38.03 -2.60 40.00
C GLU A 403 39.10 -2.59 41.09
N ASP A 404 38.79 -2.04 42.26
CA ASP A 404 39.73 -1.98 43.37
C ASP A 404 39.20 -2.76 44.56
N GLU A 405 38.73 -3.98 44.29
CA GLU A 405 38.20 -4.84 45.34
C GLU A 405 39.30 -5.21 46.33
N LYS A 406 38.99 -5.09 47.62
CA LYS A 406 39.90 -5.46 48.70
C LYS A 406 39.47 -6.79 49.31
N LEU A 407 40.15 -7.19 50.38
CA LEU A 407 39.90 -8.47 51.03
C LEU A 407 39.02 -8.28 52.26
N LEU A 408 38.47 -9.39 52.75
CA LEU A 408 37.61 -9.35 53.93
C LEU A 408 38.37 -8.83 55.15
N GLY A 409 37.80 -7.82 55.79
CA GLY A 409 38.29 -7.33 57.06
C GLY A 409 39.74 -6.89 57.10
N VAL A 410 40.40 -6.80 55.95
CA VAL A 410 41.82 -6.45 55.90
C VAL A 410 41.95 -5.05 55.35
N ARG A 411 42.44 -4.14 56.17
CA ARG A 411 42.75 -2.79 55.74
C ARG A 411 44.16 -2.76 55.15
N GLU A 412 44.63 -1.57 54.80
CA GLU A 412 45.99 -1.42 54.28
C GLU A 412 46.62 -0.24 55.02
N ARG A 413 47.22 -0.54 56.18
CA ARG A 413 47.78 0.48 57.06
C ARG A 413 49.30 0.30 57.12
N THR A 414 50.01 1.42 57.01
CA THR A 414 51.47 1.40 57.05
C THR A 414 51.98 2.05 58.32
N ALA A 422 48.78 5.37 59.66
CA ALA A 422 49.16 5.70 58.29
C ALA A 422 48.55 4.71 57.30
N PHE A 423 47.55 5.18 56.55
CA PHE A 423 46.88 4.36 55.56
C PHE A 423 46.29 5.26 54.48
N LYS A 424 46.19 4.71 53.27
CA LYS A 424 45.91 5.52 52.09
C LYS A 424 44.49 6.06 52.10
N LYS A 425 44.37 7.34 51.76
CA LYS A 425 43.08 8.03 51.59
C LYS A 425 42.97 8.32 50.10
N GLN A 426 41.99 7.69 49.44
CA GLN A 426 41.74 7.96 48.03
C GLN A 426 40.51 8.84 47.88
N LYS A 427 40.44 9.55 46.76
CA LYS A 427 39.74 10.82 46.74
C LYS A 427 38.24 10.67 46.52
N THR A 428 37.47 11.44 47.27
CA THR A 428 36.03 11.59 47.06
C THR A 428 35.74 13.03 46.66
N HIS A 429 35.14 13.21 45.49
CA HIS A 429 34.86 14.55 44.98
C HIS A 429 33.38 14.88 44.92
N THR A 430 32.50 13.97 45.34
CA THR A 430 31.07 14.26 45.38
C THR A 430 30.39 13.28 46.34
N VAL A 431 29.28 13.72 46.91
CA VAL A 431 28.45 12.88 47.77
C VAL A 431 27.06 12.85 47.15
N TYR A 432 26.58 11.65 46.82
CA TYR A 432 25.30 11.48 46.15
C TYR A 432 24.39 10.65 47.05
N LYS A 433 23.56 11.31 47.84
CA LYS A 433 22.56 10.65 48.66
C LYS A 433 21.35 10.36 47.79
N ARG A 434 21.03 9.08 47.64
CA ARG A 434 19.97 8.63 46.77
C ARG A 434 18.61 9.02 47.34
N PRO A 435 17.54 9.03 46.52
CA PRO A 435 16.26 9.55 46.98
C PRO A 435 15.54 8.66 47.98
N ASP A 436 16.23 7.64 48.50
CA ASP A 436 15.68 6.83 49.57
C ASP A 436 16.69 6.53 50.67
N THR A 437 17.87 7.16 50.65
CA THR A 437 18.91 6.94 51.64
C THR A 437 18.72 7.86 52.84
N GLN A 438 19.39 7.50 53.93
CA GLN A 438 19.42 8.32 55.13
C GLN A 438 20.87 8.63 55.49
N SER A 439 21.09 9.83 56.02
CA SER A 439 22.42 10.30 56.38
C SER A 439 22.49 10.49 57.89
N ILE A 440 23.50 9.89 58.51
CA ILE A 440 23.76 10.04 59.94
C ILE A 440 25.01 10.87 60.13
N GLN A 441 24.92 11.90 60.95
CA GLN A 441 26.09 12.71 61.28
C GLN A 441 26.12 12.92 62.79
N LYS A 442 27.34 12.94 63.34
CA LYS A 442 27.51 13.03 64.78
C LYS A 442 27.36 14.47 65.25
N VAL A 443 26.40 14.69 66.15
CA VAL A 443 26.14 16.00 66.72
C VAL A 443 26.12 15.87 68.24
N GLN A 444 26.59 16.92 68.92
CA GLN A 444 26.60 16.92 70.38
C GLN A 444 25.18 16.80 70.92
N ALA A 445 24.99 15.92 71.89
CA ALA A 445 23.69 15.67 72.50
C ALA A 445 23.68 15.88 74.01
N GLU A 446 24.84 15.79 74.66
CA GLU A 446 24.92 15.93 76.11
C GLU A 446 25.18 17.41 76.43
N PHE A 447 24.12 18.20 76.32
CA PHE A 447 24.22 19.65 76.53
C PHE A 447 24.31 19.96 78.01
N ASP A 448 25.44 20.53 78.43
CA ASP A 448 25.72 20.78 79.84
C ASP A 448 25.51 22.25 80.20
N SER A 449 26.21 23.16 79.52
CA SER A 449 26.21 24.57 79.86
C SER A 449 25.26 25.34 78.96
N PHE A 450 24.52 26.27 79.56
CA PHE A 450 23.59 27.12 78.82
C PHE A 450 23.73 28.58 79.24
N LEU A 460 13.35 49.12 72.10
CA LEU A 460 12.37 50.15 71.73
C LEU A 460 12.95 51.55 71.93
N SER A 461 12.47 52.50 71.14
CA SER A 461 12.92 53.88 71.20
C SER A 461 11.73 54.79 71.47
N ILE A 462 12.04 56.05 71.82
CA ILE A 462 10.98 57.01 72.13
C ILE A 462 10.03 57.26 70.95
N PRO A 463 10.51 57.57 69.74
CA PRO A 463 9.54 57.83 68.66
C PRO A 463 8.68 56.63 68.31
N LEU A 464 9.19 55.41 68.47
CA LEU A 464 8.36 54.24 68.22
C LEU A 464 7.17 54.16 69.16
N ARG A 465 7.34 54.65 70.40
CA ARG A 465 6.24 54.62 71.36
C ARG A 465 5.07 55.47 70.86
N THR A 466 5.36 56.65 70.32
CA THR A 466 4.32 57.45 69.69
C THR A 466 3.82 56.77 68.42
N ARG A 467 4.71 56.08 67.71
CA ARG A 467 4.34 55.40 66.47
C ARG A 467 3.36 54.26 66.74
N ILE A 468 3.31 53.77 67.99
CA ILE A 468 2.39 52.69 68.33
C ILE A 468 0.95 53.06 68.06
N LYS A 469 0.58 54.32 68.26
CA LYS A 469 -0.79 54.78 68.07
C LYS A 469 -1.28 54.53 66.65
N PRO B 3 -13.02 -4.51 58.04
CA PRO B 3 -12.22 -3.68 57.13
C PRO B 3 -11.15 -2.89 57.88
N VAL B 4 -9.88 -3.22 57.65
CA VAL B 4 -8.79 -2.52 58.29
C VAL B 4 -8.41 -1.29 57.48
N TYR B 5 -7.96 -0.25 58.17
CA TYR B 5 -7.61 1.02 57.55
C TYR B 5 -6.11 1.24 57.67
N VAL B 6 -5.46 1.58 56.56
CA VAL B 6 -4.01 1.64 56.51
C VAL B 6 -3.56 3.04 56.14
N ASP B 7 -2.48 3.49 56.79
CA ASP B 7 -1.98 4.85 56.63
C ASP B 7 -1.40 5.08 55.24
N ILE B 8 -0.82 4.05 54.62
CA ILE B 8 -0.06 4.19 53.38
C ILE B 8 -0.92 4.81 52.28
N ASP B 9 -0.28 5.47 51.33
CA ASP B 9 -0.99 6.14 50.24
C ASP B 9 -1.71 5.10 49.37
N ALA B 10 -2.80 5.55 48.75
CA ALA B 10 -3.61 4.65 47.93
C ALA B 10 -2.82 4.14 46.72
N ASP B 11 -2.04 5.01 46.09
CA ASP B 11 -1.32 4.63 44.88
C ASP B 11 -0.05 3.83 45.17
N SER B 12 0.35 3.68 46.43
CA SER B 12 1.55 2.94 46.75
C SER B 12 1.38 1.46 46.43
N ALA B 13 2.40 0.87 45.80
CA ALA B 13 2.34 -0.54 45.45
C ALA B 13 2.37 -1.45 46.67
N PHE B 14 3.00 -1.02 47.76
CA PHE B 14 3.13 -1.83 48.97
C PHE B 14 1.78 -2.31 49.49
N LEU B 15 0.71 -1.55 49.25
CA LEU B 15 -0.63 -2.00 49.65
C LEU B 15 -0.91 -3.41 49.14
N LYS B 16 -0.61 -3.67 47.87
CA LYS B 16 -0.80 -5.01 47.32
C LYS B 16 -0.07 -6.05 48.15
N ALA B 17 1.20 -5.77 48.48
CA ALA B 17 1.96 -6.70 49.32
C ALA B 17 1.25 -6.93 50.65
N LEU B 18 0.71 -5.85 51.25
CA LEU B 18 -0.03 -6.00 52.49
C LEU B 18 -1.21 -6.93 52.30
N GLN B 19 -1.92 -6.81 51.17
CA GLN B 19 -3.04 -7.70 50.91
C GLN B 19 -2.58 -9.14 50.82
N ARG B 20 -1.35 -9.36 50.36
CA ARG B 20 -0.81 -10.72 50.34
C ARG B 20 -0.38 -11.14 51.74
N ALA B 21 0.05 -10.18 52.57
CA ALA B 21 0.52 -10.51 53.90
C ALA B 21 -0.65 -10.80 54.84
N TYR B 22 -1.78 -10.14 54.63
CA TYR B 22 -2.97 -10.30 55.46
C TYR B 22 -4.19 -10.52 54.58
N PRO B 23 -4.35 -11.73 54.04
CA PRO B 23 -5.53 -12.00 53.19
C PRO B 23 -6.83 -12.07 53.96
N MET B 24 -6.80 -12.34 55.27
CA MET B 24 -8.06 -12.40 56.01
C MET B 24 -8.71 -11.03 56.15
N PHE B 25 -7.93 -9.95 56.05
CA PHE B 25 -8.38 -8.62 56.36
C PHE B 25 -8.47 -7.77 55.10
N GLU B 26 -9.55 -7.02 54.97
CA GLU B 26 -9.73 -6.12 53.84
C GLU B 26 -9.00 -4.81 54.16
N VAL B 27 -8.02 -4.46 53.32
CA VAL B 27 -7.15 -3.32 53.57
C VAL B 27 -7.65 -2.13 52.75
N GLU B 28 -7.88 -1.00 53.42
CA GLU B 28 -8.38 0.19 52.76
C GLU B 28 -7.43 1.35 53.05
N PRO B 29 -6.85 1.97 52.02
CA PRO B 29 -5.89 3.06 52.24
C PRO B 29 -6.54 4.41 52.49
N ARG B 30 -5.93 5.14 53.43
CA ARG B 30 -6.26 6.53 53.71
C ARG B 30 -5.07 7.15 54.43
N GLN B 31 -4.85 8.44 54.19
CA GLN B 31 -3.70 9.15 54.75
C GLN B 31 -4.16 10.14 55.81
N VAL B 32 -3.50 10.10 56.96
CA VAL B 32 -3.76 11.06 58.02
C VAL B 32 -2.50 11.90 58.24
N THR B 33 -1.34 11.29 57.99
CA THR B 33 -0.07 11.97 58.13
C THR B 33 0.86 11.52 57.02
N PRO B 34 1.81 12.38 56.59
CA PRO B 34 2.81 11.99 55.59
C PRO B 34 4.07 11.40 56.23
N ASN B 35 3.90 10.32 56.98
CA ASN B 35 5.04 9.71 57.67
C ASN B 35 6.06 9.19 56.67
N ASP B 36 7.33 9.42 56.98
CA ASP B 36 8.42 9.00 56.10
C ASP B 36 8.57 7.48 56.09
N ALA B 38 5.71 4.80 56.55
CA ALA B 38 4.29 4.48 56.66
C ALA B 38 4.09 2.98 56.56
N ASN B 39 5.01 2.31 55.86
CA ASN B 39 4.91 0.87 55.68
C ASN B 39 5.09 0.13 57.01
N ALA B 40 6.05 0.57 57.82
CA ALA B 40 6.33 -0.12 59.08
C ALA B 40 5.14 -0.01 60.03
N ARG B 41 4.60 1.20 60.20
CA ARG B 41 3.43 1.38 61.05
C ARG B 41 2.23 0.64 60.48
N ALA B 42 2.10 0.60 59.16
CA ALA B 42 1.02 -0.16 58.54
C ALA B 42 1.09 -1.63 58.91
N PHE B 43 2.29 -2.23 58.78
CA PHE B 43 2.46 -3.63 59.11
C PHE B 43 2.23 -3.87 60.59
N SER B 44 2.69 -2.95 61.44
CA SER B 44 2.48 -3.10 62.87
C SER B 44 0.99 -3.07 63.21
N HIS B 45 0.23 -2.15 62.61
CA HIS B 45 -1.20 -2.08 62.86
C HIS B 45 -1.90 -3.33 62.37
N LEU B 46 -1.53 -3.82 61.19
CA LEU B 46 -2.15 -5.04 60.68
C LEU B 46 -1.82 -6.23 61.55
N ALA B 47 -0.58 -6.30 62.05
CA ALA B 47 -0.20 -7.39 62.95
C ALA B 47 -0.99 -7.32 64.25
N ILE B 48 -1.21 -6.11 64.78
CA ILE B 48 -1.99 -5.97 66.00
C ILE B 48 -3.43 -6.41 65.77
N LYS B 49 -3.99 -6.06 64.61
CA LYS B 49 -5.35 -6.48 64.30
C LYS B 49 -5.44 -8.01 64.17
N LEU B 50 -4.46 -8.62 63.53
CA LEU B 50 -4.41 -10.08 63.46
C LEU B 50 -4.27 -10.68 64.85
N ILE B 51 -3.52 -10.01 65.73
CA ILE B 51 -3.38 -10.45 67.10
C ILE B 51 -4.73 -10.47 67.79
N GLU B 52 -5.48 -9.37 67.64
CA GLU B 52 -6.81 -9.28 68.23
C GLU B 52 -7.72 -10.39 67.70
N GLN B 53 -7.61 -10.68 66.41
CA GLN B 53 -8.47 -11.71 65.82
C GLN B 53 -8.11 -13.11 66.34
N GLU B 54 -6.81 -13.42 66.40
CA GLU B 54 -6.40 -14.79 66.67
C GLU B 54 -6.65 -15.18 68.12
N ILE B 55 -6.24 -14.32 69.07
CA ILE B 55 -6.22 -14.71 70.47
C ILE B 55 -7.64 -14.79 71.02
N ASP B 56 -7.77 -15.51 72.14
CA ASP B 56 -9.07 -15.69 72.78
C ASP B 56 -9.45 -14.39 73.49
N PRO B 57 -10.67 -13.88 73.27
CA PRO B 57 -11.06 -12.63 73.96
C PRO B 57 -10.97 -12.71 75.47
N ASP B 58 -11.29 -13.87 76.05
CA ASP B 58 -11.22 -14.04 77.51
C ASP B 58 -9.79 -14.43 77.91
N SER B 59 -8.87 -13.48 77.68
CA SER B 59 -7.48 -13.70 78.00
C SER B 59 -6.85 -12.37 78.42
N THR B 60 -5.78 -12.46 79.19
CA THR B 60 -5.00 -11.30 79.59
C THR B 60 -3.71 -11.25 78.76
N ILE B 61 -3.50 -10.13 78.08
CA ILE B 61 -2.42 -10.01 77.11
C ILE B 61 -1.36 -9.08 77.69
N LEU B 62 -0.18 -9.63 77.96
CA LEU B 62 0.95 -8.81 78.35
C LEU B 62 1.53 -8.11 77.14
N ASP B 63 1.94 -6.85 77.33
CA ASP B 63 2.54 -6.06 76.27
C ASP B 63 3.87 -5.53 76.80
N ILE B 64 4.95 -6.23 76.49
CA ILE B 64 6.28 -5.88 76.98
C ILE B 64 6.86 -4.77 76.10
N GLY B 65 7.47 -3.79 76.73
CA GLY B 65 7.93 -2.61 76.00
C GLY B 65 6.78 -1.88 75.35
N SER B 66 5.67 -1.72 76.07
CA SER B 66 4.44 -1.25 75.47
C SER B 66 4.49 0.23 75.16
N ALA B 67 3.70 0.62 74.16
CA ALA B 67 3.32 2.01 73.95
C ALA B 67 1.87 2.15 74.38
N PRO B 68 1.61 2.50 75.64
CA PRO B 68 0.25 2.37 76.18
C PRO B 68 -0.81 3.13 75.40
N ALA B 69 -0.45 4.24 74.77
CA ALA B 69 -1.44 5.03 74.05
C ALA B 69 -2.05 4.24 72.90
N ARG B 70 -1.23 3.50 72.18
CA ARG B 70 -1.71 2.78 70.99
C ARG B 70 -2.70 1.68 71.37
N ARG B 71 -2.32 0.82 72.31
CA ARG B 71 -3.13 -0.33 72.68
C ARG B 71 -3.91 -0.04 73.97
N MET B 72 -4.77 0.97 73.89
CA MET B 72 -5.65 1.30 75.00
C MET B 72 -7.08 1.46 74.49
N MET B 73 -7.24 1.83 73.22
CA MET B 73 -8.55 1.79 72.57
C MET B 73 -9.03 0.37 72.27
N SER B 74 -8.18 -0.64 72.43
CA SER B 74 -8.57 -2.01 72.13
C SER B 74 -9.65 -2.49 73.10
N ASP B 75 -10.52 -3.36 72.61
CA ASP B 75 -11.58 -3.92 73.44
C ASP B 75 -11.07 -4.99 74.39
N ARG B 76 -9.89 -5.54 74.14
CA ARG B 76 -9.33 -6.57 75.00
C ARG B 76 -8.71 -5.93 76.24
N LYS B 77 -8.34 -6.78 77.21
CA LYS B 77 -7.76 -6.33 78.47
C LYS B 77 -6.25 -6.52 78.41
N TYR B 78 -5.57 -5.46 77.97
CA TYR B 78 -4.11 -5.48 77.90
C TYR B 78 -3.50 -5.11 79.25
N HIS B 79 -2.24 -5.51 79.42
CA HIS B 79 -1.42 -5.08 80.55
C HIS B 79 -0.09 -4.59 79.99
N CYS B 80 0.11 -3.27 80.05
CA CYS B 80 1.28 -2.62 79.48
C CYS B 80 2.44 -2.69 80.47
N VAL B 81 3.63 -3.03 79.97
CA VAL B 81 4.84 -3.10 80.78
C VAL B 81 5.86 -2.19 80.09
N CYS B 82 5.93 -0.93 80.51
CA CYS B 82 6.77 0.08 79.86
C CYS B 82 7.68 0.74 80.90
N PRO B 83 8.81 0.11 81.21
CA PRO B 83 9.78 0.76 82.11
C PRO B 83 10.43 1.96 81.44
N MET B 84 10.94 2.86 82.28
CA MET B 84 11.60 4.08 81.80
C MET B 84 13.04 3.74 81.41
N ARG B 85 13.17 2.93 80.36
CA ARG B 85 14.46 2.45 79.89
C ARG B 85 14.86 3.03 78.54
N SER B 86 14.08 3.96 78.00
CA SER B 86 14.41 4.59 76.73
C SER B 86 14.02 6.06 76.78
N ALA B 87 14.69 6.86 75.95
CA ALA B 87 14.41 8.29 75.91
C ALA B 87 13.03 8.60 75.35
N GLU B 88 12.45 7.69 74.56
CA GLU B 88 11.11 7.88 74.03
C GLU B 88 10.03 7.66 75.09
N ASP B 89 10.33 6.89 76.13
CA ASP B 89 9.32 6.52 77.13
C ASP B 89 8.60 7.72 77.74
N PRO B 90 9.26 8.83 78.10
CA PRO B 90 8.49 9.98 78.60
C PRO B 90 7.48 10.50 77.60
N GLU B 91 7.83 10.50 76.31
CA GLU B 91 6.88 10.94 75.29
C GLU B 91 5.68 10.01 75.22
N ARG B 92 5.92 8.69 75.31
CA ARG B 92 4.82 7.74 75.30
C ARG B 92 3.92 7.93 76.52
N LEU B 93 4.51 8.18 77.69
CA LEU B 93 3.72 8.43 78.89
C LEU B 93 2.90 9.70 78.74
N ALA B 94 3.49 10.76 78.18
CA ALA B 94 2.74 11.99 77.96
C ALA B 94 1.58 11.77 77.00
N ASN B 95 1.82 11.04 75.91
CA ASN B 95 0.75 10.76 74.95
C ASN B 95 -0.35 9.94 75.62
N TYR B 96 0.03 8.96 76.44
CA TYR B 96 -0.95 8.18 77.18
C TYR B 96 -1.79 9.08 78.10
N ALA B 97 -1.14 10.01 78.79
CA ALA B 97 -1.86 10.91 79.68
C ALA B 97 -2.85 11.78 78.92
N ARG B 98 -2.41 12.35 77.79
CA ARG B 98 -3.31 13.19 77.00
C ARG B 98 -4.48 12.38 76.44
N LYS B 99 -4.21 11.18 75.95
CA LYS B 99 -5.29 10.38 75.38
C LYS B 99 -6.25 9.90 76.46
N LEU B 100 -5.74 9.68 77.68
CA LEU B 100 -6.62 9.33 78.79
C LEU B 100 -7.49 10.51 79.19
N ALA B 101 -6.89 11.69 79.38
CA ALA B 101 -7.68 12.88 79.65
C ALA B 101 -8.01 13.62 78.35
N SER B 102 -8.41 12.83 77.35
CA SER B 102 -9.14 13.32 76.20
C SER B 102 -10.23 12.35 75.76
N ALA B 103 -10.32 11.18 76.40
CA ALA B 103 -11.37 10.19 76.12
C ALA B 103 -11.96 9.65 77.42
N ALA B 104 -11.84 10.38 78.52
CA ALA B 104 -12.31 9.89 79.82
C ALA B 104 -13.82 9.81 79.88
N GLY B 105 -14.52 10.84 79.39
CA GLY B 105 -15.94 10.93 79.60
C GLY B 105 -16.84 10.90 78.38
N LYS B 106 -16.29 10.59 77.20
CA LYS B 106 -17.11 10.49 75.99
C LYS B 106 -16.98 9.17 75.24
N VAL B 107 -16.23 8.21 75.77
CA VAL B 107 -16.29 6.82 75.32
C VAL B 107 -16.54 5.94 76.54
N LEU B 108 -17.50 5.02 76.43
CA LEU B 108 -17.96 4.25 77.57
C LEU B 108 -17.46 2.81 77.56
N ASP B 109 -17.67 2.10 76.46
CA ASP B 109 -17.37 0.67 76.42
C ASP B 109 -15.89 0.41 76.15
N ARG B 110 -15.01 1.05 76.93
CA ARG B 110 -13.58 0.77 76.84
C ARG B 110 -12.93 0.72 78.21
N ASN B 111 -13.71 0.88 79.29
CA ASN B 111 -13.21 0.83 80.66
C ASN B 111 -12.08 1.86 80.83
N ILE B 112 -12.37 3.11 80.45
CA ILE B 112 -11.36 4.16 80.49
C ILE B 112 -11.04 4.54 81.93
N SER B 113 -12.06 4.58 82.79
CA SER B 113 -11.84 4.89 84.19
C SER B 113 -10.89 3.89 84.84
N GLY B 114 -10.80 2.67 84.29
CA GLY B 114 -9.84 1.72 84.80
C GLY B 114 -8.40 2.19 84.64
N LYS B 115 -8.03 2.60 83.42
CA LYS B 115 -6.68 3.14 83.24
C LYS B 115 -6.52 4.46 83.97
N ILE B 116 -7.59 5.24 84.12
CA ILE B 116 -7.48 6.49 84.86
C ILE B 116 -7.09 6.22 86.31
N GLY B 117 -7.83 5.32 86.97
CA GLY B 117 -7.53 4.98 88.35
C GLY B 117 -6.19 4.30 88.50
N ASP B 118 -5.84 3.43 87.54
CA ASP B 118 -4.54 2.76 87.61
C ASP B 118 -3.40 3.76 87.45
N LEU B 119 -3.57 4.75 86.58
CA LEU B 119 -2.57 5.80 86.43
C LEU B 119 -2.42 6.59 87.73
N GLN B 120 -3.53 6.95 88.37
CA GLN B 120 -3.43 7.63 89.65
C GLN B 120 -2.73 6.76 90.68
N ALA B 121 -3.05 5.46 90.71
CA ALA B 121 -2.44 4.55 91.69
C ALA B 121 -0.94 4.43 91.49
N VAL B 122 -0.51 4.24 90.24
CA VAL B 122 0.92 4.07 89.99
C VAL B 122 1.66 5.39 90.23
N MET B 123 1.03 6.52 89.91
CA MET B 123 1.64 7.81 90.22
C MET B 123 1.81 7.99 91.72
N ALA B 124 0.83 7.53 92.50
CA ALA B 124 0.96 7.57 93.95
C ALA B 124 2.06 6.63 94.43
N VAL B 125 1.91 5.35 94.14
CA VAL B 125 2.87 4.32 94.54
C VAL B 125 3.58 3.82 93.28
N PRO B 126 4.86 4.12 93.09
CA PRO B 126 5.55 3.66 91.87
C PRO B 126 5.70 2.15 91.79
N ASP B 127 5.57 1.42 92.89
CA ASP B 127 5.80 -0.02 92.91
C ASP B 127 4.50 -0.82 92.97
N THR B 128 3.39 -0.24 92.55
CA THR B 128 2.10 -0.90 92.57
C THR B 128 1.83 -1.53 91.21
N GLU B 129 1.47 -2.82 91.21
CA GLU B 129 1.20 -3.56 89.98
C GLU B 129 -0.27 -3.38 89.63
N THR B 130 -0.58 -2.35 88.85
CA THR B 130 -1.94 -2.12 88.41
C THR B 130 -2.34 -3.11 87.32
N PRO B 131 -3.62 -3.43 87.20
CA PRO B 131 -4.05 -4.43 86.22
C PRO B 131 -3.90 -4.00 84.77
N THR B 132 -3.48 -2.77 84.49
CA THR B 132 -3.33 -2.34 83.11
C THR B 132 -2.05 -1.53 82.86
N PHE B 133 -1.20 -1.33 83.87
CA PHE B 133 -0.02 -0.48 83.69
C PHE B 133 0.94 -0.76 84.83
N CYS B 134 2.18 -1.10 84.47
CA CYS B 134 3.24 -1.31 85.47
C CYS B 134 4.55 -0.74 84.95
N LEU B 135 5.33 -0.16 85.87
CA LEU B 135 6.64 0.38 85.57
C LEU B 135 7.76 -0.65 85.68
N HIS B 136 7.46 -1.87 86.12
CA HIS B 136 8.49 -2.88 86.24
C HIS B 136 8.97 -3.33 84.86
N THR B 137 10.09 -4.05 84.87
CA THR B 137 10.60 -4.63 83.64
C THR B 137 9.99 -6.02 83.42
N ASP B 138 10.30 -6.59 82.25
CA ASP B 138 9.81 -7.94 81.96
C ASP B 138 10.46 -8.97 82.87
N VAL B 139 11.65 -8.68 83.38
CA VAL B 139 12.31 -9.59 84.31
C VAL B 139 11.54 -9.68 85.61
N SER B 140 11.02 -8.56 86.09
CA SER B 140 10.41 -8.47 87.42
C SER B 140 8.98 -7.94 87.33
N CYS B 141 8.21 -8.46 86.39
CA CYS B 141 6.78 -8.17 86.36
C CYS B 141 6.03 -9.15 87.27
N ARG B 142 4.80 -8.80 87.62
CA ARG B 142 4.07 -9.54 88.64
C ARG B 142 2.77 -10.13 88.18
N GLN B 143 2.00 -9.42 87.35
CA GLN B 143 0.65 -9.87 87.03
C GLN B 143 0.68 -11.13 86.18
N ARG B 144 -0.12 -12.12 86.58
CA ARG B 144 -0.23 -13.36 85.85
C ARG B 144 -1.13 -13.19 84.63
N ALA B 145 -0.66 -13.69 83.49
CA ALA B 145 -1.42 -13.59 82.24
C ALA B 145 -1.22 -14.88 81.45
N ASP B 146 -1.69 -14.89 80.21
CA ASP B 146 -1.64 -16.07 79.37
C ASP B 146 -1.13 -15.79 77.96
N VAL B 147 -1.14 -14.52 77.55
CA VAL B 147 -0.66 -14.12 76.24
C VAL B 147 0.29 -12.94 76.41
N ALA B 148 1.41 -12.99 75.68
CA ALA B 148 2.40 -11.93 75.69
C ALA B 148 2.56 -11.38 74.28
N ILE B 149 2.79 -10.08 74.17
CA ILE B 149 2.91 -9.39 72.90
C ILE B 149 4.18 -8.55 72.91
N TYR B 150 4.98 -8.69 71.85
CA TYR B 150 6.23 -7.94 71.70
C TYR B 150 6.10 -7.02 70.50
N GLN B 151 5.76 -5.75 70.73
CA GLN B 151 5.59 -4.78 69.65
C GLN B 151 6.96 -4.21 69.29
N ASP B 152 7.65 -4.91 68.37
CA ASP B 152 8.93 -4.45 67.84
C ASP B 152 9.93 -4.11 68.94
N VAL B 153 9.98 -4.94 69.97
CA VAL B 153 10.96 -4.79 71.04
C VAL B 153 12.25 -5.47 70.60
N TYR B 154 13.36 -4.72 70.64
CA TYR B 154 14.62 -5.22 70.12
C TYR B 154 15.75 -5.26 71.14
N ALA B 155 15.67 -4.49 72.22
CA ALA B 155 16.71 -4.47 73.25
C ALA B 155 16.24 -5.36 74.41
N VAL B 156 16.36 -6.67 74.21
CA VAL B 156 16.01 -7.65 75.22
C VAL B 156 16.59 -9.00 74.81
N HIS B 157 16.98 -9.82 75.79
CA HIS B 157 17.43 -11.17 75.50
C HIS B 157 16.22 -12.09 75.41
N ALA B 158 16.06 -12.76 74.27
CA ALA B 158 14.87 -13.58 74.05
C ALA B 158 14.74 -14.71 75.07
N PRO B 159 15.76 -15.54 75.34
CA PRO B 159 15.54 -16.67 76.26
C PRO B 159 15.17 -16.24 77.67
N THR B 160 15.88 -15.26 78.23
CA THR B 160 15.62 -14.83 79.60
C THR B 160 14.21 -14.24 79.73
N SER B 161 13.83 -13.37 78.78
CA SER B 161 12.50 -12.77 78.83
C SER B 161 11.42 -13.83 78.65
N LEU B 162 11.61 -14.76 77.71
CA LEU B 162 10.63 -15.80 77.50
C LEU B 162 10.46 -16.66 78.75
N TYR B 163 11.56 -17.01 79.42
CA TYR B 163 11.46 -17.80 80.63
C TYR B 163 10.76 -17.01 81.73
N HIS B 164 11.18 -15.76 81.95
CA HIS B 164 10.61 -14.97 83.03
C HIS B 164 9.15 -14.63 82.81
N GLN B 165 8.67 -14.71 81.56
CA GLN B 165 7.23 -14.60 81.34
C GLN B 165 6.52 -15.94 81.37
N ALA B 166 7.19 -17.03 81.00
CA ALA B 166 6.60 -18.36 81.09
C ALA B 166 6.38 -18.78 82.53
N ILE B 167 7.20 -18.28 83.46
CA ILE B 167 6.95 -18.51 84.87
C ILE B 167 5.60 -17.92 85.27
N LYS B 168 5.31 -16.71 84.79
CA LYS B 168 4.05 -16.05 85.09
C LYS B 168 2.84 -16.79 84.49
N GLY B 169 3.04 -17.60 83.45
CA GLY B 169 2.00 -18.45 82.93
C GLY B 169 1.47 -18.12 81.56
N VAL B 170 2.27 -17.48 80.70
CA VAL B 170 1.82 -17.17 79.35
C VAL B 170 1.68 -18.47 78.57
N ARG B 171 0.59 -18.61 77.82
CA ARG B 171 0.43 -19.78 76.95
C ARG B 171 1.26 -19.64 75.69
N LEU B 172 1.29 -18.44 75.09
CA LEU B 172 1.96 -18.24 73.82
C LEU B 172 2.20 -16.75 73.62
N ALA B 173 3.34 -16.41 73.03
CA ALA B 173 3.74 -15.02 72.84
C ALA B 173 4.02 -14.76 71.37
N TYR B 174 3.52 -13.64 70.86
CA TYR B 174 3.79 -13.24 69.49
C TYR B 174 4.85 -12.15 69.47
N TRP B 175 5.64 -12.13 68.39
CA TRP B 175 6.73 -11.18 68.24
C TRP B 175 6.68 -10.63 66.83
N VAL B 176 6.33 -9.37 66.68
CA VAL B 176 6.29 -8.70 65.38
C VAL B 176 7.51 -7.80 65.29
N GLY B 177 8.26 -7.93 64.19
CA GLY B 177 9.46 -7.15 64.06
C GLY B 177 10.16 -7.36 62.74
N PHE B 178 11.43 -6.96 62.70
CA PHE B 178 12.23 -7.12 61.51
C PHE B 178 12.76 -8.56 61.42
N ASP B 179 13.21 -8.91 60.21
CA ASP B 179 13.77 -10.24 60.01
C ASP B 179 15.19 -10.29 60.54
N THR B 180 15.50 -11.32 61.32
CA THR B 180 16.77 -11.43 62.00
C THR B 180 17.85 -12.13 61.16
N THR B 181 17.47 -12.70 60.02
CA THR B 181 18.44 -13.44 59.20
C THR B 181 19.62 -12.60 58.74
N PRO B 182 19.47 -11.34 58.32
CA PRO B 182 20.68 -10.59 57.91
C PRO B 182 21.70 -10.46 59.02
N PHE B 183 21.26 -10.42 60.28
CA PHE B 183 22.20 -10.32 61.38
C PHE B 183 22.86 -11.65 61.71
N MET B 184 22.13 -12.76 61.56
CA MET B 184 22.76 -14.05 61.79
C MET B 184 23.70 -14.43 60.64
N TYR B 185 23.63 -13.71 59.53
CA TYR B 185 24.57 -13.87 58.42
C TYR B 185 25.84 -13.04 58.60
N ASN B 186 25.92 -12.24 59.67
CA ASN B 186 27.07 -11.38 59.94
C ASN B 186 27.32 -10.40 58.80
N ALA B 187 26.34 -9.51 58.59
CA ALA B 187 26.42 -8.48 57.57
C ALA B 187 26.73 -7.12 58.21
N MET B 188 27.23 -6.20 57.38
CA MET B 188 27.60 -4.88 57.84
C MET B 188 26.44 -3.89 57.76
N ALA B 189 25.84 -3.78 56.57
CA ALA B 189 24.74 -2.86 56.33
C ALA B 189 23.54 -3.61 55.79
N GLY B 190 22.35 -3.03 55.99
CA GLY B 190 21.11 -3.66 55.59
C GLY B 190 20.31 -2.78 54.65
N ALA B 191 19.27 -3.38 54.07
CA ALA B 191 18.47 -2.71 53.05
C ALA B 191 17.02 -2.47 53.48
N TYR B 192 16.27 -3.54 53.78
CA TYR B 192 14.81 -3.50 53.92
C TYR B 192 14.19 -2.47 52.99
N PRO B 193 14.32 -2.65 51.66
CA PRO B 193 13.98 -1.54 50.73
C PRO B 193 12.55 -1.02 50.84
N SER B 194 11.57 -1.92 51.00
CA SER B 194 10.18 -1.48 50.92
C SER B 194 9.80 -0.56 52.07
N TYR B 195 10.28 -0.87 53.27
CA TYR B 195 9.92 -0.10 54.46
C TYR B 195 10.84 1.09 54.69
N SER B 196 11.83 1.29 53.81
CA SER B 196 12.76 2.41 53.89
C SER B 196 13.48 2.45 55.25
N THR B 197 13.89 1.28 55.72
CA THR B 197 14.66 1.15 56.95
C THR B 197 16.03 0.57 56.63
N ASN B 198 17.08 1.32 56.95
CA ASN B 198 18.45 0.91 56.67
C ASN B 198 19.23 0.85 57.97
N TRP B 199 19.99 -0.22 58.16
CA TRP B 199 20.84 -0.34 59.35
C TRP B 199 22.30 -0.43 58.95
N ALA B 200 23.16 0.03 59.86
CA ALA B 200 24.59 0.04 59.61
C ALA B 200 25.35 -0.15 60.91
N ASP B 201 26.53 -0.75 60.81
CA ASP B 201 27.40 -0.94 61.96
C ASP B 201 28.09 0.39 62.27
N GLU B 202 28.51 0.56 63.52
CA GLU B 202 29.15 1.79 63.95
C GLU B 202 30.38 2.12 63.13
N GLN B 203 31.20 1.12 62.82
CA GLN B 203 32.46 1.37 62.13
C GLN B 203 32.27 1.80 60.68
N VAL B 204 31.24 1.31 60.01
CA VAL B 204 31.03 1.57 58.60
C VAL B 204 30.06 2.74 58.40
N LEU B 205 29.86 3.55 59.42
CA LEU B 205 28.90 4.66 59.32
C LEU B 205 29.36 5.70 58.31
N LYS B 206 30.65 6.01 58.28
CA LYS B 206 31.17 7.03 57.37
C LYS B 206 31.56 6.43 56.02
N ALA B 207 30.64 5.69 55.42
CA ALA B 207 30.85 5.10 54.11
C ALA B 207 30.29 6.04 53.04
N LYS B 208 30.17 5.54 51.81
CA LYS B 208 29.74 6.38 50.70
C LYS B 208 28.55 5.81 49.93
N ASN B 209 28.51 4.49 49.76
CA ASN B 209 27.58 3.86 48.83
C ASN B 209 26.76 2.78 49.53
N ILE B 210 26.21 3.12 50.71
CA ILE B 210 25.20 2.30 51.34
C ILE B 210 24.00 3.18 51.67
N GLY B 211 22.91 2.54 52.09
CA GLY B 211 21.70 3.28 52.40
C GLY B 211 21.85 4.17 53.62
N LEU B 212 22.86 3.90 54.44
CA LEU B 212 23.07 4.60 55.70
C LEU B 212 24.54 5.01 55.80
N CYS B 213 24.87 6.20 55.32
CA CYS B 213 26.24 6.69 55.36
C CYS B 213 26.25 8.21 55.21
N SER B 214 27.39 8.80 55.59
CA SER B 214 27.60 10.24 55.44
C SER B 214 29.11 10.49 55.52
N THR B 215 29.69 10.99 54.43
CA THR B 215 31.12 11.24 54.35
C THR B 215 31.36 12.71 54.05
N ASP B 216 32.64 13.09 54.04
CA ASP B 216 33.07 14.45 53.79
C ASP B 216 34.08 14.45 52.66
N LEU B 217 34.07 15.52 51.86
CA LEU B 217 34.91 15.59 50.67
C LEU B 217 36.33 15.98 51.06
N THR B 218 37.32 15.25 50.53
CA THR B 218 38.71 15.46 50.89
C THR B 218 39.57 15.58 49.63
N GLU B 219 40.69 16.27 49.77
CA GLU B 219 41.65 16.43 48.69
C GLU B 219 42.83 15.48 48.90
N GLY B 220 43.88 15.67 48.11
CA GLY B 220 44.97 14.71 48.02
C GLY B 220 45.87 14.58 49.23
N ARG B 221 45.28 14.21 50.37
CA ARG B 221 46.04 13.99 51.61
C ARG B 221 46.02 12.49 51.90
N ARG B 222 47.12 11.81 51.58
CA ARG B 222 47.29 10.41 51.98
C ARG B 222 48.18 10.32 53.23
N GLY B 223 47.78 11.07 54.26
CA GLY B 223 48.58 11.17 55.47
C GLY B 223 47.80 11.28 56.76
N LYS B 224 46.56 10.76 56.81
CA LYS B 224 45.71 11.01 57.96
C LYS B 224 46.27 10.37 59.23
N LEU B 225 47.10 9.33 59.07
CA LEU B 225 47.98 8.82 60.12
C LEU B 225 47.23 8.56 61.44
N SER B 226 46.33 7.58 61.39
CA SER B 226 45.58 7.20 62.58
C SER B 226 46.50 6.57 63.62
N ILE B 227 46.37 6.99 64.88
CA ILE B 227 47.20 6.44 65.94
C ILE B 227 46.79 5.00 66.24
N MET B 228 45.50 4.71 66.21
CA MET B 228 44.98 3.38 66.53
C MET B 228 44.85 2.56 65.25
N ARG B 229 45.44 1.37 65.26
CA ARG B 229 45.40 0.47 64.12
C ARG B 229 44.74 -0.84 64.55
N GLY B 230 43.65 -1.20 63.88
CA GLY B 230 42.93 -2.42 64.19
C GLY B 230 43.28 -3.57 63.27
N LYS B 231 43.34 -3.28 61.97
CA LYS B 231 43.64 -4.26 60.93
C LYS B 231 42.63 -5.40 60.89
N LYS B 232 41.40 -5.15 61.35
CA LYS B 232 40.35 -6.16 61.31
C LYS B 232 39.00 -5.47 61.27
N LEU B 233 38.29 -5.62 60.15
CA LEU B 233 36.94 -5.08 59.99
C LEU B 233 35.93 -6.19 60.28
N GLU B 234 35.55 -6.29 61.55
CA GLU B 234 34.59 -7.27 61.99
C GLU B 234 33.38 -6.59 62.61
N PRO B 235 32.20 -7.21 62.53
CA PRO B 235 31.00 -6.59 63.09
C PRO B 235 31.11 -6.42 64.61
N CYS B 236 30.48 -5.36 65.11
CA CYS B 236 30.45 -5.05 66.52
C CYS B 236 29.03 -5.15 67.05
N ASP B 237 28.90 -5.04 68.37
CA ASP B 237 27.61 -5.22 69.02
C ASP B 237 26.63 -4.10 68.65
N ARG B 238 27.11 -2.86 68.63
CA ARG B 238 26.23 -1.71 68.41
C ARG B 238 25.92 -1.57 66.94
N VAL B 239 24.63 -1.49 66.60
CA VAL B 239 24.19 -1.29 65.23
C VAL B 239 23.08 -0.25 65.24
N LEU B 240 23.10 0.67 64.27
CA LEU B 240 22.12 1.74 64.22
C LEU B 240 21.15 1.52 63.07
N PHE B 241 19.86 1.51 63.40
CA PHE B 241 18.78 1.47 62.43
C PHE B 241 18.29 2.88 62.15
N SER B 242 17.80 3.08 60.93
CA SER B 242 17.14 4.32 60.53
C SER B 242 15.87 3.90 59.81
N VAL B 243 14.73 4.09 60.47
CA VAL B 243 13.43 3.83 59.87
C VAL B 243 12.77 5.18 59.64
N GLY B 244 12.39 5.45 58.39
CA GLY B 244 11.94 6.78 58.03
C GLY B 244 12.99 7.83 58.32
N SER B 245 12.73 8.68 59.31
CA SER B 245 13.70 9.68 59.75
C SER B 245 14.13 9.47 61.20
N THR B 246 13.81 8.32 61.80
CA THR B 246 14.09 8.04 63.20
C THR B 246 15.22 7.03 63.31
N LEU B 247 16.17 7.31 64.20
CA LEU B 247 17.36 6.50 64.42
C LEU B 247 17.25 5.75 65.73
N TYR B 248 17.46 4.44 65.70
CA TYR B 248 17.33 3.59 66.88
C TYR B 248 18.57 2.72 67.03
N PRO B 249 19.19 2.69 68.21
CA PRO B 249 20.33 1.79 68.42
C PRO B 249 19.92 0.44 68.96
N GLU B 250 20.54 -0.61 68.43
CA GLU B 250 20.30 -1.98 68.86
C GLU B 250 21.63 -2.66 69.15
N SER B 251 21.55 -3.72 69.95
CA SER B 251 22.69 -4.57 70.26
C SER B 251 22.67 -5.78 69.35
N ARG B 252 23.83 -6.13 68.79
CA ARG B 252 23.90 -7.25 67.85
C ARG B 252 23.51 -8.56 68.52
N LYS B 253 24.00 -8.79 69.74
CA LYS B 253 23.70 -10.06 70.41
C LYS B 253 22.22 -10.16 70.77
N LEU B 254 21.64 -9.09 71.34
CA LEU B 254 20.25 -9.14 71.76
C LEU B 254 19.33 -9.33 70.56
N LEU B 255 19.59 -8.62 69.47
CA LEU B 255 18.78 -8.78 68.26
C LEU B 255 18.98 -10.16 67.65
N LYS B 256 20.22 -10.62 67.57
CA LYS B 256 20.51 -11.93 66.99
C LYS B 256 19.89 -13.06 67.80
N SER B 257 19.65 -12.84 69.09
CA SER B 257 19.05 -13.87 69.92
C SER B 257 17.60 -14.16 69.55
N TRP B 258 16.98 -13.33 68.70
CA TRP B 258 15.59 -13.52 68.33
C TRP B 258 15.41 -14.50 67.18
N HIS B 259 16.50 -15.00 66.59
CA HIS B 259 16.40 -16.04 65.56
C HIS B 259 16.34 -17.41 66.24
N LEU B 260 15.23 -17.62 66.94
CA LEU B 260 15.06 -18.83 67.72
C LEU B 260 14.87 -20.05 66.81
N PRO B 261 15.27 -21.23 67.26
CA PRO B 261 15.08 -22.44 66.46
C PRO B 261 13.59 -22.80 66.35
N SER B 262 13.32 -23.80 65.53
CA SER B 262 11.95 -24.27 65.37
C SER B 262 11.41 -24.82 66.69
N VAL B 263 12.21 -25.60 67.40
CA VAL B 263 11.86 -26.11 68.72
C VAL B 263 13.04 -25.88 69.64
N PHE B 264 12.76 -25.53 70.90
CA PHE B 264 13.83 -25.35 71.87
C PHE B 264 13.29 -25.55 73.28
N HIS B 265 14.22 -25.65 74.24
CA HIS B 265 13.88 -25.94 75.62
C HIS B 265 14.52 -24.91 76.54
N LEU B 266 13.85 -24.62 77.66
CA LEU B 266 14.35 -23.72 78.70
C LEU B 266 14.34 -24.49 80.01
N LYS B 267 15.51 -24.95 80.44
CA LYS B 267 15.64 -25.76 81.64
C LYS B 267 16.18 -24.91 82.79
N GLY B 268 15.41 -24.81 83.86
CA GLY B 268 15.82 -24.09 85.06
C GLY B 268 15.16 -24.69 86.27
N LYS B 269 14.63 -23.84 87.14
CA LYS B 269 13.78 -24.33 88.22
C LYS B 269 12.54 -25.02 87.65
N LEU B 270 11.94 -24.43 86.62
CA LEU B 270 10.87 -25.04 85.86
C LEU B 270 11.29 -25.08 84.40
N SER B 271 11.24 -26.27 83.80
CA SER B 271 11.70 -26.48 82.44
C SER B 271 10.50 -26.49 81.50
N PHE B 272 10.54 -25.62 80.48
CA PHE B 272 9.49 -25.52 79.47
C PHE B 272 10.05 -25.88 78.10
N THR B 273 9.14 -26.21 77.18
CA THR B 273 9.48 -26.42 75.78
C THR B 273 8.70 -25.42 74.93
N CYS B 274 9.28 -25.06 73.78
CA CYS B 274 8.72 -24.00 72.96
C CYS B 274 8.90 -24.33 71.49
N ARG B 275 7.92 -23.89 70.70
CA ARG B 275 7.96 -24.01 69.25
C ARG B 275 7.78 -22.62 68.66
N CYS B 276 8.66 -22.26 67.72
CA CYS B 276 8.64 -20.95 67.09
C CYS B 276 8.46 -21.12 65.59
N ASP B 277 7.47 -20.42 65.03
CA ASP B 277 7.20 -20.47 63.61
C ASP B 277 6.84 -19.07 63.10
N THR B 278 7.16 -18.82 61.84
CA THR B 278 6.86 -17.55 61.19
C THR B 278 5.53 -17.69 60.46
N VAL B 279 4.55 -16.89 60.88
CA VAL B 279 3.21 -16.99 60.29
C VAL B 279 2.98 -15.90 59.24
N VAL B 280 3.38 -14.66 59.52
CA VAL B 280 3.21 -13.56 58.58
C VAL B 280 4.59 -13.01 58.25
N SER B 281 4.89 -12.94 56.96
CA SER B 281 6.17 -12.43 56.49
C SER B 281 5.93 -11.57 55.26
N CYS B 282 6.52 -10.38 55.26
CA CYS B 282 6.33 -9.45 54.15
C CYS B 282 7.58 -8.57 54.05
N GLU B 283 8.39 -8.82 53.03
CA GLU B 283 9.54 -8.00 52.65
C GLU B 283 10.37 -7.54 53.84
N GLY B 284 10.56 -8.43 54.81
CA GLY B 284 11.40 -8.11 55.95
C GLY B 284 10.69 -8.18 57.28
N TYR B 285 9.44 -7.72 57.34
CA TYR B 285 8.68 -7.81 58.58
C TYR B 285 8.17 -9.23 58.79
N VAL B 286 8.40 -9.75 59.99
CA VAL B 286 8.02 -11.11 60.34
C VAL B 286 7.22 -11.07 61.64
N VAL B 287 6.34 -12.07 61.81
CA VAL B 287 5.56 -12.27 63.02
C VAL B 287 5.79 -13.70 63.47
N LYS B 288 6.52 -13.86 64.57
CA LYS B 288 6.82 -15.17 65.14
C LYS B 288 5.84 -15.51 66.25
N ARG B 289 5.57 -16.81 66.39
CA ARG B 289 4.67 -17.35 67.42
C ARG B 289 5.47 -18.33 68.27
N ILE B 290 5.85 -17.91 69.47
CA ILE B 290 6.56 -18.78 70.40
C ILE B 290 5.54 -19.30 71.41
N THR B 291 5.16 -20.55 71.27
CA THR B 291 4.13 -21.15 72.13
C THR B 291 4.79 -21.79 73.35
N MET B 292 4.39 -21.34 74.53
CA MET B 292 4.89 -21.91 75.76
C MET B 292 4.33 -23.32 75.94
N SER B 293 5.06 -24.14 76.70
CA SER B 293 4.57 -25.46 77.04
C SER B 293 5.30 -26.00 78.26
N PRO B 294 4.57 -26.34 79.32
CA PRO B 294 5.24 -26.89 80.52
C PRO B 294 5.82 -28.27 80.25
N GLY B 295 6.84 -28.61 81.03
CA GLY B 295 7.50 -29.90 80.92
C GLY B 295 8.70 -29.86 79.99
N LEU B 296 9.31 -31.03 79.84
CA LEU B 296 10.49 -31.23 78.99
C LEU B 296 10.20 -32.39 78.06
N TYR B 297 9.54 -32.12 76.94
CA TYR B 297 9.11 -33.14 75.99
C TYR B 297 9.83 -32.92 74.66
N GLY B 298 10.25 -34.02 74.04
CA GLY B 298 10.85 -33.98 72.72
C GLY B 298 12.34 -33.69 72.76
N LYS B 299 12.95 -33.76 71.59
CA LYS B 299 14.37 -33.48 71.40
C LYS B 299 14.53 -32.34 70.41
N THR B 300 15.42 -31.42 70.73
CA THR B 300 15.63 -30.23 69.91
C THR B 300 16.74 -30.46 68.89
N THR B 301 16.57 -29.89 67.70
CA THR B 301 17.55 -30.06 66.64
C THR B 301 18.71 -29.07 66.79
N GLY B 302 18.39 -27.81 67.06
CA GLY B 302 19.40 -26.78 67.14
C GLY B 302 19.56 -25.95 65.88
N TYR B 303 18.61 -26.01 64.96
CA TYR B 303 18.69 -25.30 63.68
C TYR B 303 17.47 -24.40 63.53
N ALA B 304 17.67 -23.26 62.88
CA ALA B 304 16.60 -22.30 62.62
C ALA B 304 16.42 -22.13 61.12
N VAL B 305 15.16 -22.14 60.68
CA VAL B 305 14.78 -22.08 59.28
C VAL B 305 14.14 -20.73 58.99
N THR B 306 14.54 -20.10 57.90
CA THR B 306 13.84 -18.94 57.37
C THR B 306 13.47 -19.18 55.92
N HIS B 307 12.21 -18.95 55.59
CA HIS B 307 11.72 -19.05 54.22
C HIS B 307 11.74 -17.68 53.57
N HIS B 308 12.44 -17.55 52.46
CA HIS B 308 12.61 -16.29 51.76
C HIS B 308 11.58 -16.21 50.64
N ALA B 309 10.45 -15.54 50.93
CA ALA B 309 9.46 -15.30 49.89
C ALA B 309 10.02 -14.42 48.79
N ASP B 310 10.84 -13.43 49.15
CA ASP B 310 11.54 -12.59 48.20
C ASP B 310 13.03 -12.83 48.32
N GLY B 311 13.76 -12.63 47.23
CA GLY B 311 15.15 -13.03 47.19
C GLY B 311 16.00 -12.25 48.19
N PHE B 312 17.04 -12.93 48.68
CA PHE B 312 18.00 -12.35 49.60
C PHE B 312 19.36 -12.31 48.93
N LEU B 313 20.04 -11.17 49.01
CA LEU B 313 21.35 -10.99 48.40
C LEU B 313 22.29 -10.35 49.41
N MET B 314 23.22 -11.13 49.94
CA MET B 314 24.20 -10.62 50.89
C MET B 314 25.54 -10.60 50.17
N CYS B 315 25.94 -9.40 49.74
CA CYS B 315 26.99 -9.18 48.75
C CYS B 315 28.22 -8.55 49.37
N LYS B 316 29.28 -8.46 48.56
CA LYS B 316 30.58 -7.91 48.93
C LYS B 316 30.79 -6.60 48.16
N THR B 317 30.78 -5.48 48.85
CA THR B 317 31.00 -4.19 48.24
C THR B 317 32.17 -3.46 48.91
N THR B 318 32.97 -2.78 48.10
CA THR B 318 34.00 -1.89 48.60
C THR B 318 33.41 -0.50 48.81
N ASP B 319 33.97 0.25 49.77
CA ASP B 319 33.50 1.59 50.05
C ASP B 319 34.53 2.32 50.89
N THR B 320 34.44 3.65 50.87
CA THR B 320 35.35 4.50 51.63
C THR B 320 34.77 4.71 53.02
N VAL B 321 35.05 3.77 53.91
CA VAL B 321 34.66 3.91 55.32
C VAL B 321 35.60 4.90 55.98
N ASP B 322 35.06 6.01 56.46
CA ASP B 322 35.81 7.11 57.03
C ASP B 322 36.84 7.68 56.05
N GLY B 323 36.79 7.25 54.79
CA GLY B 323 37.79 7.63 53.80
C GLY B 323 38.57 6.44 53.26
N GLU B 324 38.92 5.51 54.13
CA GLU B 324 39.71 4.36 53.71
C GLU B 324 38.86 3.37 52.92
N ARG B 325 39.36 2.93 51.77
CA ARG B 325 38.65 1.95 50.97
C ARG B 325 38.80 0.57 51.60
N VAL B 326 37.68 0.00 52.04
CA VAL B 326 37.62 -1.33 52.61
C VAL B 326 36.43 -2.06 52.02
N SER B 327 36.51 -3.39 52.01
CA SER B 327 35.44 -4.23 51.47
C SER B 327 34.66 -4.86 52.62
N PHE B 328 33.34 -4.67 52.59
CA PHE B 328 32.47 -5.24 53.61
C PHE B 328 31.22 -5.80 52.94
N SER B 329 30.45 -6.55 53.71
CA SER B 329 29.29 -7.28 53.20
C SER B 329 28.01 -6.55 53.58
N VAL B 330 27.13 -6.37 52.59
CA VAL B 330 25.86 -5.68 52.78
C VAL B 330 24.74 -6.59 52.31
N CYS B 331 23.63 -6.60 53.04
CA CYS B 331 22.50 -7.45 52.71
C CYS B 331 21.37 -6.64 52.08
N THR B 332 20.61 -7.30 51.22
CA THR B 332 19.56 -6.63 50.46
C THR B 332 18.42 -7.62 50.20
N TYR B 333 17.20 -7.10 50.22
CA TYR B 333 16.02 -7.85 49.84
C TYR B 333 15.59 -7.41 48.44
N VAL B 334 15.46 -8.38 47.54
CA VAL B 334 15.08 -8.15 46.16
C VAL B 334 13.68 -8.73 45.96
N PRO B 335 12.76 -8.01 45.34
CA PRO B 335 11.42 -8.56 45.13
C PRO B 335 11.46 -9.83 44.31
N ALA B 336 10.50 -10.72 44.58
CA ALA B 336 10.51 -12.04 43.95
C ALA B 336 10.39 -11.93 42.43
N THR B 337 9.62 -10.97 41.94
CA THR B 337 9.44 -10.84 40.50
C THR B 337 10.74 -10.44 39.79
N ILE B 338 11.49 -9.51 40.37
CA ILE B 338 12.73 -9.06 39.73
C ILE B 338 13.73 -10.21 39.66
N CYS B 339 13.86 -10.96 40.76
CA CYS B 339 14.70 -12.15 40.73
C CYS B 339 14.16 -13.18 39.75
N ASP B 340 12.83 -13.20 39.56
CA ASP B 340 12.22 -14.19 38.69
C ASP B 340 12.58 -13.96 37.23
N GLN B 341 12.43 -12.73 36.73
CA GLN B 341 12.77 -12.49 35.33
C GLN B 341 14.26 -12.28 35.14
N MET B 342 15.02 -12.11 36.21
CA MET B 342 16.48 -12.09 36.11
C MET B 342 17.07 -13.46 36.42
N THR B 343 16.70 -14.45 35.63
CA THR B 343 17.21 -15.81 35.76
C THR B 343 17.95 -16.27 34.52
N GLY B 344 17.40 -16.04 33.34
CA GLY B 344 18.11 -16.39 32.12
C GLY B 344 19.39 -15.58 31.93
N ILE B 345 19.33 -14.29 32.24
CA ILE B 345 20.53 -13.46 32.17
C ILE B 345 21.57 -13.93 33.18
N LEU B 346 21.12 -14.40 34.35
CA LEU B 346 22.03 -14.87 35.39
C LEU B 346 22.48 -16.30 35.09
N ALA B 347 22.97 -16.53 33.88
CA ALA B 347 23.49 -17.83 33.49
C ALA B 347 24.81 -17.67 32.75
N THR B 348 25.06 -16.47 32.23
CA THR B 348 26.23 -16.15 31.44
C THR B 348 27.24 -15.39 32.29
N GLU B 349 28.42 -15.18 31.72
CA GLU B 349 29.40 -14.30 32.32
C GLU B 349 28.97 -12.85 32.10
N VAL B 350 28.31 -12.26 33.08
CA VAL B 350 27.70 -10.94 32.95
C VAL B 350 28.50 -9.94 33.77
N THR B 351 28.83 -8.82 33.15
CA THR B 351 29.55 -7.75 33.83
C THR B 351 28.60 -6.96 34.72
N PRO B 352 29.13 -6.30 35.76
CA PRO B 352 28.25 -5.49 36.62
C PRO B 352 27.53 -4.39 35.86
N GLU B 353 28.16 -3.80 34.85
CA GLU B 353 27.52 -2.73 34.08
C GLU B 353 26.33 -3.26 33.30
N ASP B 354 26.51 -4.39 32.60
CA ASP B 354 25.40 -5.00 31.87
C ASP B 354 24.30 -5.43 32.82
N ALA B 355 24.67 -6.01 33.96
CA ALA B 355 23.67 -6.45 34.93
C ALA B 355 22.86 -5.27 35.47
N GLN B 356 23.52 -4.15 35.75
CA GLN B 356 22.79 -3.01 36.30
C GLN B 356 21.93 -2.35 35.23
N LYS B 357 22.40 -2.32 33.98
CA LYS B 357 21.55 -1.84 32.90
C LYS B 357 20.31 -2.71 32.74
N LEU B 358 20.47 -4.03 32.79
CA LEU B 358 19.33 -4.92 32.68
C LEU B 358 18.38 -4.74 33.86
N LEU B 359 18.92 -4.56 35.06
CA LEU B 359 18.08 -4.36 36.24
C LEU B 359 17.28 -3.07 36.13
N VAL B 360 17.92 -1.99 35.69
CA VAL B 360 17.21 -0.72 35.56
C VAL B 360 16.19 -0.79 34.44
N GLY B 361 16.45 -1.59 33.40
CA GLY B 361 15.44 -1.81 32.38
C GLY B 361 14.26 -2.60 32.88
N LEU B 362 14.52 -3.59 33.76
CA LEU B 362 13.44 -4.43 34.25
C LEU B 362 12.57 -3.70 35.26
N ASN B 363 13.09 -2.65 35.89
CA ASN B 363 12.34 -1.87 36.86
C ASN B 363 11.45 -0.82 36.23
N GLN B 364 11.19 -0.93 34.93
CA GLN B 364 10.34 0.02 34.20
C GLN B 364 10.87 1.45 34.31
N THR B 376 6.36 4.02 37.81
CA THR B 376 6.13 2.81 38.59
C THR B 376 7.42 2.04 38.81
N ASN B 377 7.74 1.77 40.08
CA ASN B 377 8.95 1.04 40.45
C ASN B 377 8.58 -0.17 41.29
N THR B 378 9.26 -1.28 41.04
CA THR B 378 9.08 -2.48 41.85
C THR B 378 10.00 -2.46 43.06
N MET B 379 11.31 -2.32 42.83
CA MET B 379 12.28 -2.17 43.90
C MET B 379 12.86 -0.77 43.85
N LYS B 380 13.30 -0.28 45.01
CA LYS B 380 13.87 1.06 45.09
C LYS B 380 15.14 1.13 44.26
N ASN B 381 15.19 2.09 43.34
CA ASN B 381 16.34 2.26 42.46
C ASN B 381 17.59 2.72 43.18
N TYR B 382 17.47 3.12 44.46
CA TYR B 382 18.60 3.64 45.20
C TYR B 382 19.66 2.59 45.48
N MET B 383 19.35 1.31 45.36
CA MET B 383 20.28 0.26 45.76
C MET B 383 20.33 -0.82 44.67
N ILE B 384 20.55 -0.38 43.43
CA ILE B 384 20.91 -1.32 42.38
C ILE B 384 22.25 -0.98 41.72
N PRO B 385 23.24 -0.42 42.47
CA PRO B 385 24.63 -0.74 42.14
C PRO B 385 25.07 -2.01 42.85
N VAL B 386 24.45 -2.30 44.00
CA VAL B 386 24.88 -3.41 44.84
C VAL B 386 24.24 -4.72 44.37
N VAL B 387 22.95 -4.68 44.02
CA VAL B 387 22.27 -5.88 43.54
C VAL B 387 22.93 -6.38 42.26
N ALA B 388 23.31 -5.46 41.37
CA ALA B 388 23.97 -5.85 40.13
C ALA B 388 25.32 -6.50 40.40
N GLN B 389 26.09 -5.93 41.33
CA GLN B 389 27.38 -6.53 41.68
C GLN B 389 27.19 -7.91 42.29
N ALA B 390 26.17 -8.07 43.14
CA ALA B 390 25.88 -9.36 43.73
C ALA B 390 25.53 -10.38 42.66
N PHE B 391 24.70 -9.98 41.70
CA PHE B 391 24.33 -10.89 40.61
C PHE B 391 25.54 -11.26 39.77
N SER B 392 26.40 -10.29 39.46
CA SER B 392 27.59 -10.59 38.68
C SER B 392 28.51 -11.56 39.41
N LYS B 393 28.70 -11.33 40.70
CA LYS B 393 29.57 -12.23 41.48
C LYS B 393 28.96 -13.61 41.60
N TRP B 394 27.63 -13.69 41.75
CA TRP B 394 26.98 -15.00 41.81
C TRP B 394 27.09 -15.74 40.49
N ALA B 395 26.97 -15.02 39.37
CA ALA B 395 27.16 -15.63 38.07
C ALA B 395 28.60 -16.14 37.93
N LYS B 396 29.58 -15.35 38.38
CA LYS B 396 30.97 -15.79 38.34
C LYS B 396 31.16 -17.05 39.18
N GLU B 397 30.59 -17.09 40.38
CA GLU B 397 30.74 -18.25 41.24
C GLU B 397 30.09 -19.48 40.63
N CYS B 398 28.88 -19.33 40.08
CA CYS B 398 28.21 -20.46 39.46
C CYS B 398 28.99 -20.96 38.24
N ARG B 399 29.52 -20.05 37.44
CA ARG B 399 30.32 -20.44 36.29
C ARG B 399 31.56 -21.22 36.72
N LYS B 400 32.34 -20.65 37.66
CA LYS B 400 33.53 -21.34 38.14
C LYS B 400 33.16 -22.68 38.77
N ASP B 401 31.95 -22.78 39.32
CA ASP B 401 31.46 -24.06 39.83
C ASP B 401 31.16 -25.02 38.69
N MET B 402 30.82 -24.49 37.51
CA MET B 402 30.40 -25.34 36.40
C MET B 402 31.56 -26.14 35.84
N GLU B 403 32.70 -25.50 35.56
CA GLU B 403 33.80 -26.19 34.88
C GLU B 403 34.80 -26.82 35.86
N ASP B 404 34.44 -26.93 37.14
CA ASP B 404 35.31 -27.51 38.15
C ASP B 404 34.62 -28.71 38.79
N GLU B 405 34.08 -29.58 37.94
CA GLU B 405 33.36 -30.75 38.42
C GLU B 405 34.29 -31.69 39.18
N LYS B 406 33.84 -32.15 40.34
CA LYS B 406 34.58 -33.08 41.17
C LYS B 406 33.96 -34.47 41.07
N LEU B 407 34.49 -35.40 41.85
CA LEU B 407 34.09 -36.80 41.80
C LEU B 407 33.14 -37.13 42.95
N LEU B 408 32.49 -38.30 42.84
CA LEU B 408 31.60 -38.78 43.90
C LEU B 408 32.38 -39.00 45.19
N GLY B 409 31.85 -38.43 46.28
CA GLY B 409 32.33 -38.70 47.62
C GLY B 409 33.80 -38.43 47.88
N VAL B 410 34.51 -37.79 46.97
CA VAL B 410 35.95 -37.60 47.09
C VAL B 410 36.22 -36.10 47.16
N ARG B 411 36.81 -35.65 48.26
CA ARG B 411 37.36 -34.30 48.38
C ARG B 411 38.77 -34.27 47.80
N GLU B 412 39.49 -33.20 48.15
CA GLU B 412 40.94 -33.10 48.00
C GLU B 412 41.48 -32.51 49.31
N ARG B 413 41.79 -33.38 50.27
CA ARG B 413 42.31 -32.97 51.56
C ARG B 413 43.78 -33.36 51.66
N THR B 414 44.60 -32.41 52.12
CA THR B 414 46.03 -32.65 52.23
C THR B 414 46.47 -32.76 53.68
N ALA B 422 43.50 -30.12 56.34
CA ALA B 422 44.06 -29.24 55.32
C ALA B 422 43.44 -29.53 53.95
N PHE B 423 42.60 -28.62 53.48
CA PHE B 423 41.92 -28.76 52.19
C PHE B 423 41.55 -27.39 51.66
N LYS B 424 41.56 -27.27 50.34
CA LYS B 424 41.47 -25.96 49.68
C LYS B 424 40.10 -25.33 49.88
N LYS B 425 40.11 -24.03 50.16
CA LYS B 425 38.91 -23.22 50.33
C LYS B 425 38.91 -22.21 49.18
N GLN B 426 37.96 -22.38 48.25
CA GLN B 426 37.83 -21.45 47.15
C GLN B 426 36.63 -20.52 47.39
N LYS B 427 36.64 -19.37 46.74
CA LYS B 427 36.03 -18.18 47.32
C LYS B 427 34.56 -18.06 46.95
N THR B 428 33.77 -17.50 47.87
CA THR B 428 32.39 -17.11 47.62
C THR B 428 32.24 -15.64 47.98
N HIS B 429 31.93 -14.80 46.99
CA HIS B 429 31.84 -13.37 47.19
C HIS B 429 30.42 -12.84 47.31
N THR B 430 29.40 -13.70 47.24
CA THR B 430 28.04 -13.29 47.51
C THR B 430 27.23 -14.49 47.93
N VAL B 431 26.10 -14.22 48.61
CA VAL B 431 25.13 -15.25 48.95
C VAL B 431 23.80 -14.84 48.35
N TYR B 432 23.26 -15.68 47.47
CA TYR B 432 22.02 -15.41 46.76
C TYR B 432 21.00 -16.48 47.12
N LYS B 433 20.08 -16.15 48.01
CA LYS B 433 18.95 -17.00 48.34
C LYS B 433 17.81 -16.66 47.39
N ARG B 434 17.40 -17.64 46.60
CA ARG B 434 16.38 -17.46 45.58
C ARG B 434 15.01 -17.23 46.23
N PRO B 435 14.03 -16.69 45.49
CA PRO B 435 12.76 -16.30 46.13
C PRO B 435 11.90 -17.47 46.58
N ASP B 436 12.45 -18.68 46.55
CA ASP B 436 11.77 -19.82 47.15
C ASP B 436 12.70 -20.71 47.97
N THR B 437 13.94 -20.31 48.17
CA THR B 437 14.88 -21.08 48.98
C THR B 437 14.66 -20.79 50.46
N GLN B 438 15.17 -21.69 51.29
CA GLN B 438 15.09 -21.57 52.75
C GLN B 438 16.49 -21.74 53.34
N SER B 439 16.74 -21.01 54.42
CA SER B 439 18.07 -20.97 55.04
C SER B 439 18.02 -21.60 56.42
N ILE B 440 18.95 -22.51 56.68
CA ILE B 440 19.12 -23.13 58.00
C ILE B 440 20.41 -22.63 58.62
N GLN B 441 20.32 -22.13 59.85
CA GLN B 441 21.52 -21.73 60.59
C GLN B 441 21.44 -22.23 62.02
N LYS B 442 22.59 -22.59 62.57
CA LYS B 442 22.65 -23.16 63.90
C LYS B 442 22.46 -22.08 64.96
N VAL B 443 21.52 -22.31 65.87
CA VAL B 443 21.27 -21.42 66.99
C VAL B 443 21.09 -22.27 68.24
N GLN B 444 21.68 -21.81 69.35
CA GLN B 444 21.58 -22.52 70.62
C GLN B 444 20.11 -22.71 71.00
N ALA B 445 19.78 -23.94 71.42
CA ALA B 445 18.43 -24.30 71.80
C ALA B 445 18.31 -24.77 73.24
N GLU B 446 19.34 -25.43 73.77
CA GLU B 446 19.32 -25.91 75.15
C GLU B 446 19.72 -24.77 76.08
N PHE B 447 18.77 -23.87 76.30
CA PHE B 447 19.01 -22.72 77.17
C PHE B 447 18.98 -23.17 78.62
N ASP B 448 20.11 -23.01 79.32
CA ASP B 448 20.27 -23.52 80.69
C ASP B 448 20.26 -22.39 81.71
N SER B 449 21.12 -21.39 81.52
CA SER B 449 21.30 -20.32 82.48
C SER B 449 20.51 -19.09 82.07
N PHE B 450 19.85 -18.47 83.05
CA PHE B 450 19.02 -17.30 82.80
C PHE B 450 19.26 -16.22 83.87
N LEU B 460 11.17 6.03 88.58
CA LEU B 460 10.41 7.21 88.17
C LEU B 460 11.08 8.48 88.69
N SER B 461 10.68 9.63 88.16
CA SER B 461 11.23 10.91 88.53
C SER B 461 10.19 11.74 89.27
N ILE B 462 10.65 12.55 90.22
CA ILE B 462 9.72 13.39 91.00
C ILE B 462 8.93 14.35 90.13
N PRO B 463 9.54 15.14 89.24
CA PRO B 463 8.71 16.03 88.39
C PRO B 463 7.78 15.26 87.47
N LEU B 464 8.17 14.06 87.04
CA LEU B 464 7.27 13.27 86.21
C LEU B 464 6.00 12.89 86.96
N ARG B 465 6.09 12.69 88.27
CA ARG B 465 4.91 12.34 89.06
C ARG B 465 3.87 13.45 89.00
N THR B 466 4.32 14.71 89.10
CA THR B 466 3.40 15.83 88.90
C THR B 466 2.97 15.91 87.44
N ARG B 467 3.86 15.55 86.52
CA ARG B 467 3.52 15.58 85.10
C ARG B 467 2.46 14.55 84.74
N ILE B 468 2.22 13.57 85.61
CA ILE B 468 1.21 12.55 85.34
C ILE B 468 -0.16 13.16 85.13
N LYS B 469 -0.51 14.19 85.91
CA LYS B 469 -1.81 14.84 85.79
C LYS B 469 -1.97 15.45 84.39
N PRO C 3 -18.56 -30.19 48.02
CA PRO C 3 -17.59 -29.16 47.64
C PRO C 3 -16.50 -28.97 48.69
N VAL C 4 -15.28 -29.39 48.38
CA VAL C 4 -14.17 -29.26 49.32
C VAL C 4 -13.63 -27.84 49.25
N TYR C 5 -13.14 -27.34 50.38
CA TYR C 5 -12.69 -25.97 50.51
C TYR C 5 -11.18 -25.97 50.76
N VAL C 6 -10.45 -25.17 49.99
CA VAL C 6 -9.00 -25.25 49.97
C VAL C 6 -8.41 -23.91 50.40
N ASP C 7 -7.26 -23.99 51.08
CA ASP C 7 -6.63 -22.80 51.64
C ASP C 7 -5.90 -21.98 50.58
N ILE C 8 -5.33 -22.63 49.57
CA ILE C 8 -4.45 -21.99 48.59
C ILE C 8 -5.16 -20.84 47.90
N ASP C 9 -4.38 -19.87 47.41
CA ASP C 9 -4.94 -18.69 46.76
C ASP C 9 -5.68 -19.07 45.48
N ALA C 10 -6.67 -18.25 45.13
CA ALA C 10 -7.49 -18.52 43.95
C ALA C 10 -6.66 -18.49 42.67
N ASP C 11 -5.73 -17.54 42.57
CA ASP C 11 -4.95 -17.39 41.36
C ASP C 11 -3.79 -18.37 41.26
N SER C 12 -3.53 -19.15 42.31
CA SER C 12 -2.42 -20.10 42.28
C SER C 12 -2.70 -21.20 41.27
N ALA C 13 -1.67 -21.53 40.47
CA ALA C 13 -1.81 -22.58 39.47
C ALA C 13 -1.98 -23.96 40.09
N PHE C 14 -1.42 -24.20 41.27
CA PHE C 14 -1.47 -25.50 41.91
C PHE C 14 -2.89 -26.00 42.12
N LEU C 15 -3.86 -25.08 42.23
CA LEU C 15 -5.26 -25.49 42.31
C LEU C 15 -5.64 -26.42 41.19
N LYS C 16 -5.24 -26.08 39.95
CA LYS C 16 -5.52 -26.96 38.82
C LYS C 16 -4.96 -28.36 39.07
N ALA C 17 -3.71 -28.43 39.56
CA ALA C 17 -3.13 -29.73 39.87
C ALA C 17 -3.98 -30.48 40.88
N LEU C 18 -4.48 -29.77 41.90
CA LEU C 18 -5.35 -30.41 42.88
C LEU C 18 -6.59 -30.98 42.20
N GLN C 19 -7.16 -30.24 41.25
CA GLN C 19 -8.33 -30.73 40.54
C GLN C 19 -7.99 -32.00 39.77
N ARG C 20 -6.75 -32.13 39.29
CA ARG C 20 -6.34 -33.36 38.64
C ARG C 20 -6.08 -34.46 39.66
N ALA C 21 -5.65 -34.07 40.87
CA ALA C 21 -5.35 -35.07 41.89
C ALA C 21 -6.62 -35.64 42.51
N TYR C 22 -7.67 -34.82 42.63
CA TYR C 22 -8.94 -35.24 43.22
C TYR C 22 -10.08 -34.84 42.30
N PRO C 23 -10.28 -35.59 41.20
CA PRO C 23 -11.39 -35.27 40.30
C PRO C 23 -12.77 -35.47 40.92
N MET C 24 -12.91 -36.37 41.89
CA MET C 24 -14.24 -36.62 42.46
C MET C 24 -14.73 -35.45 43.31
N PHE C 25 -13.83 -34.59 43.78
CA PHE C 25 -14.18 -33.52 44.70
C PHE C 25 -14.07 -32.17 44.01
N GLU C 26 -15.06 -31.32 44.23
CA GLU C 26 -15.06 -29.97 43.69
C GLU C 26 -14.27 -29.07 44.63
N VAL C 27 -13.16 -28.51 44.13
CA VAL C 27 -12.26 -27.72 44.94
C VAL C 27 -12.62 -26.25 44.79
N GLU C 28 -12.82 -25.56 45.91
CA GLU C 28 -13.13 -24.14 45.90
C GLU C 28 -12.10 -23.40 46.74
N PRO C 29 -11.45 -22.38 46.19
CA PRO C 29 -10.37 -21.70 46.92
C PRO C 29 -10.83 -20.52 47.76
N ARG C 30 -10.16 -20.37 48.90
CA ARG C 30 -10.30 -19.20 49.76
C ARG C 30 -9.18 -19.22 50.79
N GLN C 31 -8.76 -18.04 51.22
CA GLN C 31 -7.62 -17.89 52.11
C GLN C 31 -8.09 -17.48 53.51
N VAL C 32 -7.55 -18.16 54.52
CA VAL C 32 -7.84 -17.84 55.90
C VAL C 32 -6.55 -17.38 56.56
N THR C 33 -5.43 -17.92 56.10
CA THR C 33 -4.11 -17.58 56.59
C THR C 33 -3.14 -17.53 55.41
N PRO C 34 -2.08 -16.69 55.48
CA PRO C 34 -1.07 -16.66 54.44
C PRO C 34 0.07 -17.65 54.69
N ASN C 35 -0.28 -18.91 54.86
CA ASN C 35 0.70 -19.93 55.21
C ASN C 35 1.77 -20.05 54.13
N ASP C 36 3.03 -20.12 54.55
CA ASP C 36 4.14 -20.20 53.63
C ASP C 36 4.16 -21.53 52.88
N ALA C 38 1.06 -23.74 51.90
CA ALA C 38 -0.38 -23.87 51.79
C ALA C 38 -0.74 -25.08 50.95
N ASN C 39 0.16 -25.45 50.04
CA ASN C 39 -0.09 -26.58 49.16
C ASN C 39 -0.10 -27.90 49.94
N ALA C 40 0.84 -28.04 50.89
CA ALA C 40 0.93 -29.29 51.64
C ALA C 40 -0.31 -29.50 52.51
N ARG C 41 -0.73 -28.46 53.24
CA ARG C 41 -1.94 -28.58 54.05
C ARG C 41 -3.16 -28.78 53.17
N ALA C 42 -3.19 -28.16 51.99
CA ALA C 42 -4.29 -28.36 51.06
C ALA C 42 -4.40 -29.82 50.64
N PHE C 43 -3.27 -30.43 50.27
CA PHE C 43 -3.29 -31.83 49.86
C PHE C 43 -3.66 -32.73 51.03
N SER C 44 -3.18 -32.39 52.23
CA SER C 44 -3.54 -33.19 53.40
C SER C 44 -5.05 -33.14 53.67
N HIS C 45 -5.64 -31.95 53.58
CA HIS C 45 -7.07 -31.82 53.79
C HIS C 45 -7.86 -32.59 52.73
N LEU C 46 -7.41 -32.49 51.47
CA LEU C 46 -8.10 -33.20 50.40
C LEU C 46 -7.98 -34.72 50.59
N ALA C 47 -6.81 -35.18 51.02
CA ALA C 47 -6.62 -36.60 51.28
C ALA C 47 -7.50 -37.07 52.43
N ILE C 48 -7.63 -36.27 53.48
CA ILE C 48 -8.50 -36.63 54.59
C ILE C 48 -9.95 -36.71 54.14
N LYS C 49 -10.38 -35.77 53.29
CA LYS C 49 -11.75 -35.81 52.78
C LYS C 49 -11.99 -37.05 51.92
N LEU C 50 -11.03 -37.38 51.05
CA LEU C 50 -11.14 -38.60 50.26
C LEU C 50 -11.16 -39.83 51.16
N ILE C 51 -10.41 -39.79 52.26
CA ILE C 51 -10.42 -40.87 53.23
C ILE C 51 -11.82 -41.03 53.82
N GLU C 52 -12.44 -39.91 54.21
CA GLU C 52 -13.79 -39.95 54.74
C GLU C 52 -14.76 -40.53 53.73
N GLN C 53 -14.58 -40.18 52.45
CA GLN C 53 -15.49 -40.69 51.42
C GLN C 53 -15.32 -42.19 51.20
N GLU C 54 -14.07 -42.66 51.12
CA GLU C 54 -13.82 -44.04 50.68
C GLU C 54 -14.24 -45.05 51.74
N ILE C 55 -13.84 -44.83 52.99
CA ILE C 55 -13.97 -45.88 53.99
C ILE C 55 -15.42 -46.03 54.45
N ASP C 56 -15.70 -47.16 55.09
CA ASP C 56 -17.03 -47.47 55.57
C ASP C 56 -17.35 -46.60 56.79
N PRO C 57 -18.48 -45.90 56.81
CA PRO C 57 -18.83 -45.10 57.99
C PRO C 57 -18.88 -45.91 59.29
N ASP C 58 -19.34 -47.17 59.22
CA ASP C 58 -19.41 -48.02 60.39
C ASP C 58 -18.07 -48.71 60.60
N SER C 59 -17.06 -47.89 60.89
CA SER C 59 -15.72 -48.38 61.16
C SER C 59 -15.04 -47.44 62.15
N THR C 60 -14.09 -47.98 62.90
CA THR C 60 -13.30 -47.20 63.84
C THR C 60 -11.89 -47.03 63.29
N ILE C 61 -11.45 -45.78 63.17
CA ILE C 61 -10.24 -45.44 62.42
C ILE C 61 -9.17 -45.04 63.42
N LEU C 62 -8.07 -45.81 63.44
CA LEU C 62 -6.89 -45.41 64.20
C LEU C 62 -6.19 -44.28 63.47
N ASP C 63 -5.65 -43.33 64.24
CA ASP C 63 -4.89 -42.22 63.69
C ASP C 63 -3.57 -42.17 64.44
N ILE C 64 -2.54 -42.77 63.85
CA ILE C 64 -1.23 -42.90 64.46
C ILE C 64 -0.48 -41.58 64.31
N GLY C 65 0.11 -41.10 65.40
CA GLY C 65 0.75 -39.80 65.38
C GLY C 65 -0.24 -38.69 65.12
N SER C 66 -1.40 -38.76 65.76
CA SER C 66 -2.51 -37.87 65.42
C SER C 66 -2.29 -36.47 65.95
N ALA C 67 -2.85 -35.50 65.25
CA ALA C 67 -3.10 -34.17 65.79
C ALA C 67 -4.58 -34.09 66.09
N PRO C 68 -4.99 -34.39 67.33
CA PRO C 68 -6.42 -34.59 67.61
C PRO C 68 -7.29 -33.40 67.26
N ALA C 69 -6.74 -32.19 67.27
CA ALA C 69 -7.56 -31.00 67.02
C ALA C 69 -8.16 -31.03 65.62
N ARG C 70 -7.36 -31.43 64.62
CA ARG C 70 -7.84 -31.41 63.25
C ARG C 70 -8.91 -32.46 63.01
N ARG C 71 -8.65 -33.70 63.43
CA ARG C 71 -9.58 -34.81 63.20
C ARG C 71 -10.39 -35.08 64.47
N MET C 72 -11.18 -34.10 64.85
CA MET C 72 -12.18 -34.28 65.90
C MET C 72 -13.50 -33.69 65.41
N MET C 73 -13.42 -32.75 64.48
CA MET C 73 -14.62 -32.25 63.83
C MET C 73 -15.14 -33.19 62.76
N SER C 74 -14.43 -34.29 62.49
CA SER C 74 -14.93 -35.29 61.57
C SER C 74 -16.14 -36.00 62.18
N ASP C 75 -17.04 -36.47 61.31
CA ASP C 75 -18.24 -37.15 61.79
C ASP C 75 -17.98 -38.62 62.14
N ARG C 76 -16.84 -39.17 61.73
CA ARG C 76 -16.53 -40.55 62.02
C ARG C 76 -16.01 -40.70 63.45
N LYS C 77 -15.82 -41.96 63.86
CA LYS C 77 -15.34 -42.28 65.21
C LYS C 77 -13.85 -42.61 65.13
N TYR C 78 -13.03 -41.56 65.29
CA TYR C 78 -11.59 -41.73 65.27
C TYR C 78 -11.07 -42.12 66.65
N HIS C 79 -9.90 -42.76 66.65
CA HIS C 79 -9.11 -42.99 67.85
C HIS C 79 -7.72 -42.43 67.60
N CYS C 80 -7.42 -41.30 68.24
CA CYS C 80 -6.17 -40.60 68.06
C CYS C 80 -5.10 -41.21 68.97
N VAL C 81 -3.92 -41.47 68.42
CA VAL C 81 -2.79 -42.02 69.15
C VAL C 81 -1.66 -41.02 69.03
N CYS C 82 -1.47 -40.19 70.06
CA CYS C 82 -0.49 -39.11 70.03
C CYS C 82 0.41 -39.20 71.26
N PRO C 83 1.43 -40.05 71.22
CA PRO C 83 2.40 -40.09 72.31
C PRO C 83 3.24 -38.82 72.33
N MET C 84 3.78 -38.51 73.51
CA MET C 84 4.60 -37.32 73.70
C MET C 84 6.04 -37.61 73.25
N ARG C 85 6.20 -37.71 71.94
CA ARG C 85 7.48 -38.04 71.34
C ARG C 85 8.03 -36.93 70.46
N SER C 86 7.33 -35.79 70.37
CA SER C 86 7.79 -34.66 69.59
C SER C 86 7.53 -33.37 70.35
N ALA C 87 8.34 -32.36 70.07
CA ALA C 87 8.19 -31.07 70.75
C ALA C 87 6.91 -30.36 70.35
N GLU C 88 6.31 -30.72 69.22
CA GLU C 88 5.05 -30.12 68.81
C GLU C 88 3.85 -30.68 69.57
N ASP C 89 3.98 -31.88 70.14
CA ASP C 89 2.86 -32.53 70.81
C ASP C 89 2.19 -31.67 71.88
N PRO C 90 2.91 -30.95 72.76
CA PRO C 90 2.21 -30.09 73.72
C PRO C 90 1.33 -29.05 73.04
N GLU C 91 1.78 -28.47 71.92
CA GLU C 91 0.97 -27.50 71.21
C GLU C 91 -0.29 -28.15 70.66
N ARG C 92 -0.17 -29.37 70.12
CA ARG C 92 -1.34 -30.07 69.60
C ARG C 92 -2.33 -30.39 70.72
N LEU C 93 -1.84 -30.82 71.88
CA LEU C 93 -2.73 -31.08 73.00
C LEU C 93 -3.41 -29.80 73.48
N ALA C 94 -2.67 -28.69 73.52
CA ALA C 94 -3.27 -27.42 73.92
C ALA C 94 -4.35 -27.00 72.93
N ASN C 95 -4.09 -27.14 71.64
CA ASN C 95 -5.08 -26.79 70.64
C ASN C 95 -6.32 -27.67 70.78
N TYR C 96 -6.11 -28.97 71.03
CA TYR C 96 -7.23 -29.86 71.29
C TYR C 96 -8.04 -29.40 72.49
N ALA C 97 -7.36 -29.01 73.57
CA ALA C 97 -8.05 -28.56 74.77
C ALA C 97 -8.88 -27.31 74.51
N ARG C 98 -8.31 -26.33 73.81
CA ARG C 98 -9.05 -25.11 73.50
C ARG C 98 -10.25 -25.40 72.60
N LYS C 99 -10.05 -26.23 71.57
CA LYS C 99 -11.15 -26.46 70.64
C LYS C 99 -12.23 -27.33 71.28
N LEU C 100 -11.86 -28.16 72.25
CA LEU C 100 -12.85 -28.89 73.02
C LEU C 100 -13.63 -27.96 73.93
N ALA C 101 -12.94 -27.12 74.68
CA ALA C 101 -13.62 -26.11 75.49
C ALA C 101 -13.77 -24.80 74.73
N SER C 102 -14.20 -24.92 73.47
CA SER C 102 -14.74 -23.82 72.70
C SER C 102 -15.92 -24.25 71.84
N ALA C 103 -16.27 -25.54 71.82
CA ALA C 103 -17.43 -26.04 71.09
C ALA C 103 -18.16 -27.12 71.89
N ALA C 104 -17.96 -27.18 73.20
CA ALA C 104 -18.54 -28.25 74.00
C ALA C 104 -20.07 -28.17 74.02
N GLY C 105 -20.61 -26.97 74.13
CA GLY C 105 -22.05 -26.82 74.26
C GLY C 105 -22.73 -26.06 73.14
N LYS C 106 -22.04 -25.90 72.00
CA LYS C 106 -22.63 -25.22 70.86
C LYS C 106 -22.66 -26.05 69.59
N VAL C 107 -22.12 -27.27 69.60
CA VAL C 107 -22.34 -28.25 68.53
C VAL C 107 -22.80 -29.54 69.19
N LEU C 108 -23.88 -30.12 68.65
CA LEU C 108 -24.55 -31.24 69.30
C LEU C 108 -24.22 -32.58 68.65
N ASP C 109 -24.41 -32.70 67.34
CA ASP C 109 -24.31 -34.00 66.67
C ASP C 109 -22.86 -34.36 66.37
N ARG C 110 -21.98 -34.25 67.37
CA ARG C 110 -20.58 -34.59 67.12
C ARG C 110 -19.94 -35.32 68.30
N ASN C 111 -20.72 -35.64 69.34
CA ASN C 111 -20.24 -36.40 70.51
C ASN C 111 -19.06 -35.69 71.18
N ILE C 112 -19.11 -34.36 71.23
CA ILE C 112 -18.03 -33.58 71.83
C ILE C 112 -17.87 -33.93 73.30
N SER C 113 -18.99 -34.16 73.99
CA SER C 113 -18.92 -34.60 75.38
C SER C 113 -18.15 -35.91 75.51
N GLY C 114 -18.16 -36.74 74.47
CA GLY C 114 -17.39 -37.97 74.50
C GLY C 114 -15.90 -37.71 74.64
N LYS C 115 -15.35 -36.85 73.79
CA LYS C 115 -13.93 -36.53 73.91
C LYS C 115 -13.66 -35.72 75.17
N ILE C 116 -14.64 -34.94 75.64
CA ILE C 116 -14.45 -34.21 76.89
C ILE C 116 -14.25 -35.19 78.05
N GLY C 117 -15.14 -36.17 78.17
CA GLY C 117 -15.02 -37.16 79.22
C GLY C 117 -13.78 -38.02 79.07
N ASP C 118 -13.43 -38.38 77.83
CA ASP C 118 -12.24 -39.17 77.61
C ASP C 118 -10.98 -38.40 77.99
N LEU C 119 -10.95 -37.10 77.69
CA LEU C 119 -9.81 -36.28 78.08
C LEU C 119 -9.70 -36.19 79.59
N GLN C 120 -10.82 -36.01 80.28
CA GLN C 120 -10.77 -36.03 81.74
C GLN C 120 -10.26 -37.37 82.25
N ALA C 121 -10.71 -38.46 81.63
CA ALA C 121 -10.30 -39.80 82.07
C ALA C 121 -8.79 -40.00 81.92
N VAL C 122 -8.24 -39.61 80.77
CA VAL C 122 -6.81 -39.81 80.56
C VAL C 122 -6.00 -38.87 81.45
N MET C 123 -6.50 -37.65 81.67
CA MET C 123 -5.83 -36.74 82.60
C MET C 123 -5.80 -37.33 84.00
N ALA C 124 -6.87 -37.99 84.41
CA ALA C 124 -6.88 -38.67 85.71
C ALA C 124 -5.91 -39.85 85.72
N VAL C 125 -6.13 -40.82 84.84
CA VAL C 125 -5.29 -42.01 84.74
C VAL C 125 -4.54 -41.93 83.41
N PRO C 126 -3.21 -41.74 83.43
CA PRO C 126 -2.47 -41.65 82.16
C PRO C 126 -2.46 -42.93 81.35
N ASP C 127 -2.75 -44.08 81.96
CA ASP C 127 -2.68 -45.37 81.29
C ASP C 127 -4.05 -45.92 80.92
N THR C 128 -5.05 -45.07 80.79
CA THR C 128 -6.41 -45.48 80.46
C THR C 128 -6.62 -45.37 78.96
N GLU C 129 -7.13 -46.44 78.36
CA GLU C 129 -7.37 -46.49 76.92
C GLU C 129 -8.77 -45.92 76.65
N THR C 130 -8.84 -44.63 76.38
CA THR C 130 -10.10 -43.99 76.05
C THR C 130 -10.50 -44.33 74.62
N PRO C 131 -11.81 -44.37 74.33
CA PRO C 131 -12.26 -44.75 72.98
C PRO C 131 -11.96 -43.73 71.90
N THR C 132 -11.43 -42.55 72.23
CA THR C 132 -11.17 -41.54 71.21
C THR C 132 -9.84 -40.83 71.37
N PHE C 133 -9.03 -41.18 72.38
CA PHE C 133 -7.78 -40.47 72.61
C PHE C 133 -6.88 -41.36 73.43
N CYS C 134 -5.58 -41.33 73.13
CA CYS C 134 -4.67 -42.34 73.69
C CYS C 134 -3.25 -41.78 73.75
N LEU C 135 -2.58 -42.04 74.87
CA LEU C 135 -1.19 -41.64 75.08
C LEU C 135 -0.17 -42.69 74.69
N HIS C 136 -0.60 -43.91 74.41
CA HIS C 136 0.35 -44.97 74.09
C HIS C 136 0.94 -44.75 72.70
N THR C 137 1.93 -45.57 72.37
CA THR C 137 2.51 -45.56 71.04
C THR C 137 1.79 -46.55 70.14
N ASP C 138 2.11 -46.51 68.84
CA ASP C 138 1.53 -47.47 67.91
C ASP C 138 1.97 -48.89 68.22
N VAL C 139 3.14 -49.04 68.84
CA VAL C 139 3.61 -50.36 69.24
C VAL C 139 2.70 -50.95 70.32
N SER C 140 2.29 -50.14 71.28
CA SER C 140 1.59 -50.62 72.47
C SER C 140 0.25 -49.91 72.64
N CYS C 141 -0.49 -49.75 71.55
CA CYS C 141 -1.88 -49.29 71.65
C CYS C 141 -2.80 -50.50 71.84
N ARG C 142 -3.99 -50.24 72.37
CA ARG C 142 -4.84 -51.32 72.84
C ARG C 142 -6.14 -51.47 72.08
N GLN C 143 -6.80 -50.37 71.71
CA GLN C 143 -8.13 -50.46 71.14
C GLN C 143 -8.10 -51.15 69.78
N ARG C 144 -9.02 -52.10 69.60
CA ARG C 144 -9.12 -52.84 68.35
C ARG C 144 -9.86 -51.99 67.33
N ALA C 145 -9.37 -52.00 66.09
CA ALA C 145 -9.96 -51.19 65.04
C ALA C 145 -9.94 -51.98 63.74
N ASP C 146 -10.23 -51.29 62.63
CA ASP C 146 -10.28 -51.93 61.33
C ASP C 146 -9.61 -51.09 60.26
N VAL C 147 -9.46 -49.79 60.51
CA VAL C 147 -8.83 -48.87 59.57
C VAL C 147 -7.81 -48.02 60.32
N ALA C 148 -6.66 -47.81 59.70
CA ALA C 148 -5.61 -46.98 60.26
C ALA C 148 -5.27 -45.85 59.30
N ILE C 149 -4.93 -44.68 59.85
CA ILE C 149 -4.61 -43.50 59.06
C ILE C 149 -3.31 -42.90 59.59
N TYR C 150 -2.36 -42.67 58.69
CA TYR C 150 -1.08 -42.05 59.04
C TYR C 150 -1.04 -40.67 58.40
N GLN C 151 -1.32 -39.64 59.19
CA GLN C 151 -1.30 -38.27 58.70
C GLN C 151 0.14 -37.77 58.71
N ASP C 152 0.84 -38.04 57.61
CA ASP C 152 2.20 -37.53 57.39
C ASP C 152 3.11 -37.88 58.57
N VAL C 153 3.10 -39.14 58.97
CA VAL C 153 3.99 -39.63 60.02
C VAL C 153 5.26 -40.13 59.36
N TYR C 154 6.41 -39.60 59.79
CA TYR C 154 7.66 -39.83 59.09
C TYR C 154 8.73 -40.52 59.92
N ALA C 155 8.63 -40.50 61.24
CA ALA C 155 9.60 -41.17 62.11
C ALA C 155 8.91 -42.37 62.73
N VAL C 156 8.89 -43.48 61.99
CA VAL C 156 8.34 -44.75 62.46
C VAL C 156 8.80 -45.83 61.48
N HIS C 157 9.02 -47.04 61.98
CA HIS C 157 9.37 -48.14 61.10
C HIS C 157 8.09 -48.75 60.53
N ALA C 158 7.98 -48.70 59.20
CA ALA C 158 6.76 -49.21 58.55
C ALA C 158 6.48 -50.67 58.87
N PRO C 159 7.44 -51.60 58.80
CA PRO C 159 7.09 -53.01 59.07
C PRO C 159 6.57 -53.24 60.48
N THR C 160 7.28 -52.76 61.50
CA THR C 160 6.87 -53.00 62.88
C THR C 160 5.52 -52.37 63.17
N SER C 161 5.31 -51.13 62.74
CA SER C 161 4.04 -50.46 62.99
C SER C 161 2.90 -51.16 62.27
N LEU C 162 3.11 -51.55 61.02
CA LEU C 162 2.07 -52.24 60.27
C LEU C 162 1.71 -53.56 60.92
N TYR C 163 2.70 -54.32 61.38
CA TYR C 163 2.42 -55.60 62.02
C TYR C 163 1.68 -55.37 63.34
N HIS C 164 2.18 -54.45 64.17
CA HIS C 164 1.60 -54.24 65.48
C HIS C 164 0.19 -53.68 65.41
N GLN C 165 -0.17 -53.01 64.31
CA GLN C 165 -1.56 -52.65 64.12
C GLN C 165 -2.38 -53.74 63.43
N ALA C 166 -1.74 -54.58 62.60
CA ALA C 166 -2.43 -55.71 62.01
C ALA C 166 -2.87 -56.71 63.06
N ILE C 167 -2.12 -56.83 64.16
CA ILE C 167 -2.57 -57.68 65.27
C ILE C 167 -3.89 -57.16 65.82
N LYS C 168 -4.01 -55.84 65.97
CA LYS C 168 -5.22 -55.23 66.50
C LYS C 168 -6.42 -55.38 65.59
N GLY C 169 -6.21 -55.73 64.31
CA GLY C 169 -7.29 -56.11 63.43
C GLY C 169 -7.66 -55.12 62.34
N VAL C 170 -6.74 -54.26 61.91
CA VAL C 170 -7.05 -53.31 60.86
C VAL C 170 -7.25 -54.07 59.55
N ARG C 171 -8.24 -53.65 58.76
CA ARG C 171 -8.40 -54.23 57.43
C ARG C 171 -7.47 -53.56 56.42
N LEU C 172 -7.27 -52.25 56.55
CA LEU C 172 -6.56 -51.49 55.53
C LEU C 172 -6.12 -50.15 56.13
N ALA C 173 -4.89 -49.75 55.82
CA ALA C 173 -4.30 -48.53 56.35
C ALA C 173 -3.84 -47.64 55.21
N TYR C 174 -4.17 -46.36 55.29
CA TYR C 174 -3.73 -45.39 54.30
C TYR C 174 -2.58 -44.56 54.86
N TRP C 175 -1.72 -44.11 53.96
CA TRP C 175 -0.56 -43.29 54.33
C TRP C 175 -0.43 -42.15 53.34
N VAL C 176 -0.68 -40.93 53.81
CA VAL C 176 -0.53 -39.73 53.00
C VAL C 176 0.77 -39.04 53.40
N GLY C 177 1.62 -38.77 52.43
CA GLY C 177 2.89 -38.16 52.75
C GLY C 177 3.67 -37.81 51.51
N PHE C 178 4.98 -37.65 51.69
CA PHE C 178 5.87 -37.33 50.59
C PHE C 178 6.28 -38.59 49.85
N ASP C 179 6.74 -38.39 48.62
CA ASP C 179 7.25 -39.51 47.83
C ASP C 179 8.58 -39.98 48.40
N THR C 180 8.69 -41.28 48.65
CA THR C 180 9.92 -41.88 49.16
C THR C 180 10.88 -42.27 48.05
N THR C 181 10.52 -42.02 46.79
CA THR C 181 11.37 -42.38 45.67
C THR C 181 12.74 -41.70 45.70
N PRO C 182 12.86 -40.39 45.92
CA PRO C 182 14.20 -39.79 45.92
C PRO C 182 15.13 -40.36 46.98
N PHE C 183 14.58 -40.85 48.08
CA PHE C 183 15.41 -41.40 49.15
C PHE C 183 15.95 -42.78 48.80
N MET C 184 15.18 -43.58 48.08
CA MET C 184 15.70 -44.86 47.60
C MET C 184 16.72 -44.67 46.50
N TYR C 185 16.85 -43.47 45.94
CA TYR C 185 17.86 -43.14 44.95
C TYR C 185 19.15 -42.65 45.58
N ASN C 186 19.18 -42.48 46.90
CA ASN C 186 20.36 -42.03 47.64
C ASN C 186 20.84 -40.65 47.15
N ALA C 187 19.99 -39.66 47.35
CA ALA C 187 20.28 -38.28 46.98
C ALA C 187 20.61 -37.44 48.21
N MET C 188 21.29 -36.33 47.97
CA MET C 188 21.71 -35.42 49.04
C MET C 188 20.61 -34.42 49.39
N ALA C 189 20.17 -33.65 48.40
CA ALA C 189 19.17 -32.61 48.60
C ALA C 189 17.96 -32.86 47.70
N GLY C 190 16.81 -32.34 48.12
CA GLY C 190 15.57 -32.55 47.41
C GLY C 190 14.95 -31.23 46.97
N ALA C 191 13.91 -31.35 46.15
CA ALA C 191 13.28 -30.19 45.54
C ALA C 191 11.84 -29.99 46.00
N TYR C 192 10.95 -30.96 45.71
CA TYR C 192 9.49 -30.81 45.88
C TYR C 192 9.06 -29.39 45.57
N PRO C 193 9.20 -28.92 44.33
CA PRO C 193 9.08 -27.48 44.06
C PRO C 193 7.72 -26.87 44.39
N SER C 194 6.63 -27.50 43.93
CA SER C 194 5.32 -26.86 44.06
C SER C 194 4.91 -26.70 45.53
N TYR C 195 5.23 -27.67 46.36
CA TYR C 195 4.91 -27.62 47.78
C TYR C 195 5.92 -26.79 48.58
N SER C 196 6.99 -26.33 47.94
CA SER C 196 8.01 -25.50 48.57
C SER C 196 8.60 -26.18 49.81
N THR C 197 8.84 -27.47 49.71
CA THR C 197 9.48 -28.24 50.76
C THR C 197 10.82 -28.77 50.25
N ASN C 198 11.89 -28.43 50.95
CA ASN C 198 13.23 -28.85 50.56
C ASN C 198 13.90 -29.58 51.70
N TRP C 199 14.59 -30.67 51.39
CA TRP C 199 15.30 -31.43 52.41
C TRP C 199 16.79 -31.50 52.07
N ALA C 200 17.59 -31.67 53.12
CA ALA C 200 19.04 -31.67 52.98
C ALA C 200 19.66 -32.60 54.01
N ASP C 201 20.82 -33.15 53.65
CA ASP C 201 21.58 -34.01 54.55
C ASP C 201 22.31 -33.14 55.57
N GLU C 202 22.67 -33.76 56.70
CA GLU C 202 23.47 -33.07 57.72
C GLU C 202 24.72 -32.44 57.12
N GLN C 203 25.44 -33.19 56.29
CA GLN C 203 26.76 -32.75 55.82
C GLN C 203 26.67 -31.61 54.82
N VAL C 204 25.64 -31.57 53.98
CA VAL C 204 25.55 -30.60 52.90
C VAL C 204 24.69 -29.40 53.31
N LEU C 205 24.51 -29.18 54.62
CA LEU C 205 23.70 -28.07 55.09
C LEU C 205 24.32 -26.73 54.71
N LYS C 206 25.64 -26.61 54.84
CA LYS C 206 26.32 -25.35 54.56
C LYS C 206 26.79 -25.26 53.10
N ALA C 207 25.87 -25.48 52.17
CA ALA C 207 26.16 -25.36 50.75
C ALA C 207 25.80 -23.96 50.28
N LYS C 208 25.77 -23.75 48.96
CA LYS C 208 25.49 -22.42 48.41
C LYS C 208 24.35 -22.42 47.41
N ASN C 209 24.23 -23.47 46.61
CA ASN C 209 23.34 -23.48 45.45
C ASN C 209 22.38 -24.65 45.50
N ILE C 210 21.74 -24.85 46.65
CA ILE C 210 20.60 -25.76 46.76
C ILE C 210 19.45 -25.01 47.40
N GLY C 211 18.29 -25.67 47.47
CA GLY C 211 17.13 -25.05 48.06
C GLY C 211 17.31 -24.77 49.54
N LEU C 212 18.09 -25.60 50.23
CA LEU C 212 18.24 -25.55 51.67
C LEU C 212 19.72 -25.44 52.01
N CYS C 213 20.21 -24.22 52.17
CA CYS C 213 21.62 -23.99 52.48
C CYS C 213 21.79 -22.61 53.11
N SER C 214 22.93 -22.42 53.75
CA SER C 214 23.30 -21.13 54.33
C SER C 214 24.81 -21.13 54.55
N THR C 215 25.50 -20.21 53.88
CA THR C 215 26.95 -20.12 53.92
C THR C 215 27.38 -18.70 54.29
N ASP C 216 28.67 -18.57 54.57
CA ASP C 216 29.28 -17.30 54.93
C ASP C 216 30.47 -17.04 54.03
N LEU C 217 30.61 -15.81 53.59
CA LEU C 217 31.71 -15.45 52.69
C LEU C 217 33.04 -15.53 53.42
N THR C 218 34.09 -15.82 52.67
CA THR C 218 35.43 -15.91 53.23
C THR C 218 36.40 -15.28 52.26
N GLU C 219 37.55 -14.87 52.79
CA GLU C 219 38.63 -14.35 51.97
C GLU C 219 39.65 -15.44 51.71
N GLY C 220 40.72 -15.11 51.01
CA GLY C 220 41.59 -16.11 50.41
C GLY C 220 42.42 -16.92 51.38
N ARG C 221 41.74 -17.65 52.27
CA ARG C 221 42.41 -18.50 53.25
C ARG C 221 42.22 -19.96 52.81
N ARG C 222 43.28 -20.57 52.29
CA ARG C 222 43.27 -22.01 52.02
C ARG C 222 43.99 -22.78 53.11
N GLY C 223 43.57 -22.53 54.36
CA GLY C 223 44.24 -23.11 55.50
C GLY C 223 43.35 -23.51 56.66
N LYS C 224 42.08 -23.81 56.39
CA LYS C 224 41.13 -24.04 57.48
C LYS C 224 41.49 -25.28 58.28
N LEU C 225 42.24 -26.21 57.69
CA LEU C 225 42.96 -27.27 58.41
C LEU C 225 42.05 -28.03 59.39
N SER C 226 41.08 -28.75 58.83
CA SER C 226 40.19 -29.56 59.65
C SER C 226 40.96 -30.72 60.26
N ILE C 227 40.76 -30.94 61.56
CA ILE C 227 41.42 -32.05 62.24
C ILE C 227 40.86 -33.39 61.78
N MET C 228 39.56 -33.45 61.52
CA MET C 228 38.88 -34.68 61.13
C MET C 228 38.82 -34.74 59.61
N ARG C 229 39.17 -35.89 59.05
CA ARG C 229 39.16 -36.13 57.61
C ARG C 229 38.33 -37.38 57.32
N GLY C 230 37.31 -37.23 56.48
CA GLY C 230 36.41 -38.34 56.18
C GLY C 230 36.69 -39.01 54.84
N LYS C 231 36.78 -38.22 53.78
CA LYS C 231 37.08 -38.69 52.44
C LYS C 231 36.04 -39.69 51.93
N LYS C 232 34.83 -39.64 52.47
CA LYS C 232 33.70 -40.39 51.90
C LYS C 232 32.42 -39.62 52.16
N LEU C 233 31.94 -38.95 51.11
CA LEU C 233 30.71 -38.15 51.15
C LEU C 233 29.58 -39.08 50.76
N GLU C 234 29.04 -39.75 51.76
CA GLU C 234 27.95 -40.69 51.65
C GLU C 234 26.79 -40.20 52.51
N PRO C 235 25.53 -40.43 52.11
CA PRO C 235 24.40 -39.97 52.93
C PRO C 235 24.37 -40.63 54.30
N CYS C 236 23.87 -39.89 55.28
CA CYS C 236 23.70 -40.39 56.64
C CYS C 236 22.22 -40.43 56.99
N ASP C 237 21.94 -40.88 58.22
CA ASP C 237 20.56 -41.13 58.64
C ASP C 237 19.77 -39.84 58.78
N ARG C 238 20.38 -38.80 59.34
CA ARG C 238 19.66 -37.58 59.68
C ARG C 238 19.49 -36.70 58.45
N VAL C 239 18.24 -36.32 58.15
CA VAL C 239 17.95 -35.42 57.04
C VAL C 239 16.92 -34.40 57.51
N LEU C 240 17.17 -33.13 57.23
CA LEU C 240 16.28 -32.05 57.65
C LEU C 240 15.34 -31.71 56.50
N PHE C 241 14.04 -31.73 56.78
CA PHE C 241 13.03 -31.18 55.89
C PHE C 241 12.69 -29.76 56.32
N SER C 242 12.41 -28.92 55.32
CA SER C 242 11.94 -27.56 55.55
C SER C 242 10.69 -27.39 54.68
N VAL C 243 9.55 -27.36 55.34
CA VAL C 243 8.26 -27.16 54.69
C VAL C 243 7.78 -25.76 55.05
N GLY C 244 7.73 -24.88 54.05
CA GLY C 244 7.47 -23.49 54.32
C GLY C 244 8.53 -22.91 55.23
N SER C 245 8.16 -22.65 56.49
CA SER C 245 9.10 -22.15 57.48
C SER C 245 9.28 -23.12 58.65
N THR C 246 8.84 -24.36 58.51
CA THR C 246 8.91 -25.35 59.58
C THR C 246 10.01 -26.36 59.28
N LEU C 247 10.83 -26.67 60.29
CA LEU C 247 11.97 -27.56 60.14
C LEU C 247 11.72 -28.85 60.91
N TYR C 248 11.76 -29.97 60.20
CA TYR C 248 11.41 -31.27 60.76
C TYR C 248 12.53 -32.27 60.47
N PRO C 249 13.11 -32.90 61.49
CA PRO C 249 14.18 -33.89 61.23
C PRO C 249 13.63 -35.29 61.05
N GLU C 250 14.08 -35.95 59.98
CA GLU C 250 13.69 -37.30 59.65
C GLU C 250 14.92 -38.20 59.66
N SER C 251 14.66 -39.49 59.85
CA SER C 251 15.67 -40.53 59.78
C SER C 251 15.64 -41.16 58.39
N ARG C 252 16.81 -41.34 57.80
CA ARG C 252 16.87 -41.87 56.43
C ARG C 252 16.34 -43.30 56.36
N LYS C 253 16.69 -44.14 57.33
CA LYS C 253 16.25 -45.53 57.29
C LYS C 253 14.74 -45.64 57.48
N LEU C 254 14.20 -44.92 58.48
CA LEU C 254 12.77 -44.99 58.75
C LEU C 254 11.95 -44.49 57.58
N LEU C 255 12.38 -43.40 56.95
CA LEU C 255 11.64 -42.85 55.83
C LEU C 255 11.82 -43.70 54.57
N LYS C 256 13.02 -44.24 54.35
CA LYS C 256 13.25 -45.12 53.23
C LYS C 256 12.47 -46.42 53.36
N SER C 257 12.13 -46.80 54.60
CA SER C 257 11.36 -48.02 54.81
C SER C 257 9.93 -47.93 54.27
N TRP C 258 9.47 -46.74 53.88
CA TRP C 258 8.11 -46.58 53.41
C TRP C 258 7.95 -46.79 51.92
N HIS C 259 9.02 -47.10 51.20
CA HIS C 259 8.90 -47.50 49.79
C HIS C 259 8.63 -49.00 49.73
N LEU C 260 7.45 -49.37 50.24
CA LEU C 260 7.09 -50.77 50.35
C LEU C 260 6.87 -51.38 48.97
N PRO C 261 7.12 -52.68 48.82
CA PRO C 261 6.88 -53.33 47.53
C PRO C 261 5.39 -53.42 47.22
N SER C 262 5.10 -53.85 45.99
CA SER C 262 3.72 -53.99 45.57
C SER C 262 2.97 -54.99 46.44
N VAL C 263 3.60 -56.14 46.71
CA VAL C 263 3.06 -57.14 47.64
C VAL C 263 4.18 -57.53 48.58
N PHE C 264 3.84 -57.84 49.83
CA PHE C 264 4.83 -58.30 50.79
C PHE C 264 4.15 -59.08 51.89
N HIS C 265 4.98 -59.77 52.69
CA HIS C 265 4.50 -60.63 53.76
C HIS C 265 5.16 -60.24 55.07
N LEU C 266 4.44 -60.46 56.17
CA LEU C 266 4.94 -60.23 57.51
C LEU C 266 4.71 -61.50 58.32
N LYS C 267 5.78 -62.27 58.54
CA LYS C 267 5.68 -63.55 59.24
C LYS C 267 6.19 -63.38 60.67
N GLY C 268 5.34 -63.71 61.63
CA GLY C 268 5.71 -63.70 63.04
C GLY C 268 4.91 -64.72 63.78
N LYS C 269 4.38 -64.34 64.94
CA LYS C 269 3.40 -65.20 65.61
C LYS C 269 2.16 -65.38 64.73
N LEU C 270 1.70 -64.29 64.10
CA LEU C 270 0.66 -64.34 63.09
C LEU C 270 1.21 -63.73 61.81
N SER C 271 1.11 -64.47 60.71
CA SER C 271 1.68 -64.05 59.43
C SER C 271 0.58 -63.46 58.56
N PHE C 272 0.78 -62.22 58.12
CA PHE C 272 -0.16 -61.52 57.25
C PHE C 272 0.47 -61.24 55.89
N THR C 273 -0.38 -60.96 54.91
CA THR C 273 0.04 -60.54 53.59
C THR C 273 -0.56 -59.18 53.28
N CYS C 274 0.18 -58.37 52.52
CA CYS C 274 -0.21 -57.00 52.29
C CYS C 274 0.09 -56.59 50.86
N ARG C 275 -0.73 -55.66 50.35
CA ARG C 275 -0.55 -55.07 49.03
C ARG C 275 -0.54 -53.56 49.19
N CYS C 276 0.44 -52.89 48.61
CA CYS C 276 0.56 -51.44 48.68
C CYS C 276 0.48 -50.85 47.28
N ASP C 277 -0.42 -49.87 47.11
CA ASP C 277 -0.59 -49.20 45.83
C ASP C 277 -0.78 -47.70 46.07
N THR C 278 -0.36 -46.91 45.10
CA THR C 278 -0.47 -45.45 45.16
C THR C 278 -1.78 -45.05 44.48
N VAL C 279 -2.73 -44.55 45.27
CA VAL C 279 -4.03 -44.19 44.73
C VAL C 279 -4.09 -42.72 44.30
N VAL C 280 -3.42 -41.83 45.02
CA VAL C 280 -3.34 -40.42 44.64
C VAL C 280 -1.88 -40.01 44.62
N SER C 281 -1.49 -39.28 43.57
CA SER C 281 -0.14 -38.77 43.45
C SER C 281 -0.18 -37.41 42.78
N CYS C 282 0.49 -36.43 43.39
CA CYS C 282 0.48 -35.07 42.86
C CYS C 282 1.79 -34.39 43.25
N GLU C 283 2.65 -34.18 42.26
CA GLU C 283 3.88 -33.39 42.37
C GLU C 283 4.68 -33.74 43.62
N GLY C 284 4.70 -35.01 44.00
CA GLY C 284 5.47 -35.42 45.14
C GLY C 284 4.66 -36.03 46.26
N TYR C 285 3.48 -35.46 46.54
CA TYR C 285 2.63 -36.03 47.57
C TYR C 285 1.97 -37.30 47.07
N VAL C 286 2.05 -38.36 47.87
CA VAL C 286 1.51 -39.66 47.52
C VAL C 286 0.58 -40.14 48.63
N VAL C 287 -0.37 -40.99 48.26
CA VAL C 287 -1.28 -41.64 49.21
C VAL C 287 -1.23 -43.14 48.92
N LYS C 288 -0.58 -43.89 49.80
CA LYS C 288 -0.48 -45.33 49.67
C LYS C 288 -1.60 -46.03 50.42
N ARG C 289 -1.99 -47.21 49.92
CA ARG C 289 -3.10 -48.00 50.45
C ARG C 289 -2.57 -49.40 50.76
N ILE C 290 -2.18 -49.63 52.02
CA ILE C 290 -1.65 -50.93 52.43
C ILE C 290 -2.81 -51.73 53.01
N THR C 291 -3.27 -52.73 52.28
CA THR C 291 -4.43 -53.54 52.69
C THR C 291 -3.95 -54.74 53.49
N MET C 292 -4.42 -54.84 54.74
CA MET C 292 -4.10 -55.98 55.57
C MET C 292 -4.81 -57.23 55.03
N SER C 293 -4.23 -58.39 55.33
CA SER C 293 -4.87 -59.65 54.98
C SER C 293 -4.29 -60.78 55.81
N PRO C 294 -5.12 -61.51 56.54
CA PRO C 294 -4.60 -62.62 57.35
C PRO C 294 -4.13 -63.78 56.48
N GLY C 295 -3.21 -64.56 57.03
CA GLY C 295 -2.67 -65.72 56.35
C GLY C 295 -1.44 -65.37 55.52
N LEU C 296 -0.93 -66.40 54.85
CA LEU C 296 0.27 -66.31 54.01
C LEU C 296 -0.09 -66.86 52.62
N TYR C 297 -0.57 -65.98 51.74
CA TYR C 297 -0.97 -66.36 50.40
C TYR C 297 -0.10 -65.64 49.38
N GLY C 298 0.28 -66.34 48.32
CA GLY C 298 1.00 -65.74 47.21
C GLY C 298 2.50 -65.72 47.45
N LYS C 299 3.21 -65.26 46.44
CA LYS C 299 4.67 -65.12 46.48
C LYS C 299 5.05 -63.68 46.17
N THR C 300 6.01 -63.17 46.93
CA THR C 300 6.43 -61.78 46.81
C THR C 300 7.59 -61.64 45.84
N THR C 301 7.60 -60.56 45.08
CA THR C 301 8.68 -60.32 44.12
C THR C 301 9.87 -59.62 44.79
N GLY C 302 9.60 -58.75 45.75
CA GLY C 302 10.64 -57.97 46.38
C GLY C 302 10.97 -56.67 45.70
N TYR C 303 10.04 -56.11 44.93
CA TYR C 303 10.28 -54.93 44.11
C TYR C 303 9.22 -53.87 44.38
N ALA C 304 9.64 -52.62 44.46
CA ALA C 304 8.74 -51.50 44.65
C ALA C 304 8.82 -50.55 43.45
N VAL C 305 7.66 -50.19 42.91
CA VAL C 305 7.57 -49.43 41.67
C VAL C 305 6.92 -48.08 41.96
N THR C 306 7.44 -47.04 41.33
CA THR C 306 6.88 -45.69 41.40
C THR C 306 6.62 -45.19 40.00
N HIS C 307 5.42 -44.66 39.77
CA HIS C 307 5.03 -44.06 38.51
C HIS C 307 5.22 -42.55 38.60
N HIS C 308 5.97 -42.00 37.66
CA HIS C 308 6.31 -40.58 37.66
C HIS C 308 5.38 -39.88 36.68
N ALA C 309 4.31 -39.28 37.20
CA ALA C 309 3.44 -38.45 36.38
C ALA C 309 4.20 -37.23 35.84
N ASP C 310 5.05 -36.63 36.68
CA ASP C 310 5.92 -35.54 36.28
C ASP C 310 7.37 -36.02 36.34
N GLY C 311 8.23 -35.40 35.53
CA GLY C 311 9.57 -35.91 35.36
C GLY C 311 10.39 -35.83 36.63
N PHE C 312 11.33 -36.76 36.76
CA PHE C 312 12.25 -36.82 37.89
C PHE C 312 13.67 -36.67 37.39
N LEU C 313 14.48 -35.88 38.11
CA LEU C 313 15.85 -35.59 37.71
C LEU C 313 16.76 -35.75 38.92
N MET C 314 17.67 -36.73 38.85
CA MET C 314 18.67 -36.94 39.88
C MET C 314 20.02 -36.54 39.30
N CYS C 315 20.47 -35.33 39.63
CA CYS C 315 21.54 -34.65 38.92
C CYS C 315 22.79 -34.54 39.79
N LYS C 316 23.90 -34.27 39.13
CA LYS C 316 25.23 -34.12 39.74
C LYS C 316 25.55 -32.63 39.77
N THR C 317 25.66 -32.06 40.97
CA THR C 317 26.04 -30.66 41.10
C THR C 317 27.19 -30.51 42.09
N THR C 318 28.13 -29.64 41.75
CA THR C 318 29.18 -29.23 42.67
C THR C 318 28.68 -28.05 43.48
N ASP C 319 29.16 -27.94 44.72
CA ASP C 319 28.79 -26.86 45.63
C ASP C 319 29.83 -26.75 46.72
N THR C 320 29.87 -25.57 47.34
CA THR C 320 30.80 -25.30 48.45
C THR C 320 30.11 -25.72 49.75
N VAL C 321 30.20 -27.01 50.06
CA VAL C 321 29.71 -27.53 51.33
C VAL C 321 30.68 -27.10 52.42
N ASP C 322 30.19 -26.33 53.38
CA ASP C 322 30.99 -25.72 54.44
C ASP C 322 32.12 -24.86 53.87
N GLY C 323 32.09 -24.59 52.57
CA GLY C 323 33.15 -23.88 51.89
C GLY C 323 33.87 -24.73 50.87
N GLU C 324 34.11 -26.00 51.20
CA GLU C 324 34.86 -26.88 50.33
C GLU C 324 34.01 -27.33 49.14
N ARG C 325 34.59 -27.27 47.94
CA ARG C 325 33.87 -27.66 46.73
C ARG C 325 33.81 -29.18 46.62
N VAL C 326 32.59 -29.72 46.65
CA VAL C 326 32.36 -31.15 46.51
C VAL C 326 31.19 -31.35 45.56
N SER C 327 31.17 -32.50 44.89
CA SER C 327 30.10 -32.86 43.97
C SER C 327 29.15 -33.87 44.63
N PHE C 328 27.87 -33.55 44.65
CA PHE C 328 26.86 -34.43 45.23
C PHE C 328 25.62 -34.45 44.33
N SER C 329 24.73 -35.38 44.64
CA SER C 329 23.54 -35.61 43.83
C SER C 329 22.32 -34.95 44.46
N VAL C 330 21.55 -34.23 43.65
CA VAL C 330 20.33 -33.56 44.09
C VAL C 330 19.18 -34.01 43.22
N CYS C 331 18.01 -34.21 43.84
CA CYS C 331 16.83 -34.67 43.13
C CYS C 331 15.85 -33.52 42.93
N THR C 332 15.12 -33.58 41.82
CA THR C 332 14.25 -32.50 41.38
C THR C 332 13.04 -33.08 40.68
N TYR C 333 11.90 -32.42 40.87
CA TYR C 333 10.67 -32.74 40.16
C TYR C 333 10.43 -31.65 39.11
N VAL C 334 10.20 -32.08 37.87
CA VAL C 334 9.99 -31.19 36.74
C VAL C 334 8.57 -31.40 36.24
N PRO C 335 7.80 -30.34 36.01
CA PRO C 335 6.42 -30.51 35.52
C PRO C 335 6.38 -31.20 34.17
N ALA C 336 5.26 -31.88 33.90
CA ALA C 336 5.13 -32.69 32.69
C ALA C 336 5.23 -31.83 31.44
N THR C 337 4.63 -30.63 31.46
CA THR C 337 4.62 -29.79 30.26
C THR C 337 6.04 -29.35 29.90
N ILE C 338 6.83 -28.93 30.89
CA ILE C 338 8.18 -28.44 30.62
C ILE C 338 9.05 -29.56 30.05
N CYS C 339 8.96 -30.76 30.64
CA CYS C 339 9.71 -31.90 30.14
C CYS C 339 9.24 -32.29 28.74
N ASP C 340 7.93 -32.21 28.49
CA ASP C 340 7.40 -32.56 27.19
C ASP C 340 7.90 -31.62 26.10
N GLN C 341 7.89 -30.32 26.37
CA GLN C 341 8.32 -29.37 25.34
C GLN C 341 9.82 -29.37 25.15
N MET C 342 10.57 -29.76 26.18
CA MET C 342 12.04 -29.87 26.08
C MET C 342 12.47 -31.29 25.74
N THR C 343 12.04 -31.77 24.57
CA THR C 343 12.37 -33.11 24.11
C THR C 343 13.23 -33.11 22.86
N GLY C 344 12.79 -32.39 21.81
CA GLY C 344 13.60 -32.31 20.60
C GLY C 344 14.90 -31.55 20.83
N ILE C 345 14.87 -30.54 21.68
CA ILE C 345 16.10 -29.82 22.03
C ILE C 345 17.06 -30.75 22.75
N LEU C 346 16.54 -31.70 23.54
CA LEU C 346 17.37 -32.65 24.25
C LEU C 346 17.82 -33.75 23.30
N ALA C 347 18.38 -33.36 22.15
CA ALA C 347 18.88 -34.30 21.16
C ALA C 347 20.28 -33.90 20.72
N THR C 348 20.62 -32.63 20.92
CA THR C 348 21.90 -32.05 20.52
C THR C 348 22.91 -32.23 21.64
N GLU C 349 24.17 -31.95 21.31
CA GLU C 349 25.17 -31.70 22.34
C GLU C 349 24.91 -30.31 22.90
N VAL C 350 24.08 -30.20 23.93
CA VAL C 350 23.58 -28.92 24.40
C VAL C 350 24.34 -28.51 25.66
N THR C 351 24.80 -27.27 25.67
CA THR C 351 25.52 -26.72 26.80
C THR C 351 24.54 -26.34 27.91
N PRO C 352 25.01 -26.32 29.16
CA PRO C 352 24.14 -25.86 30.26
C PRO C 352 23.65 -24.44 30.06
N GLU C 353 24.45 -23.59 29.43
CA GLU C 353 24.03 -22.21 29.18
C GLU C 353 22.79 -22.15 28.28
N ASP C 354 22.86 -22.82 27.12
CA ASP C 354 21.74 -22.83 26.20
C ASP C 354 20.53 -23.52 26.81
N ALA C 355 20.76 -24.62 27.54
CA ALA C 355 19.66 -25.34 28.16
C ALA C 355 18.95 -24.46 29.19
N GLN C 356 19.71 -23.73 30.00
CA GLN C 356 19.09 -22.86 31.01
C GLN C 356 18.37 -21.70 30.35
N LYS C 357 18.95 -21.12 29.29
CA LYS C 357 18.26 -20.05 28.59
C LYS C 357 16.94 -20.53 28.00
N LEU C 358 16.93 -21.73 27.41
CA LEU C 358 15.72 -22.24 26.80
C LEU C 358 14.70 -22.64 27.86
N LEU C 359 15.17 -23.12 29.02
CA LEU C 359 14.25 -23.42 30.11
C LEU C 359 13.60 -22.15 30.64
N VAL C 360 14.38 -21.06 30.76
CA VAL C 360 13.82 -19.78 31.16
C VAL C 360 12.80 -19.29 30.14
N GLY C 361 13.13 -19.42 28.85
CA GLY C 361 12.16 -19.04 27.82
C GLY C 361 10.90 -19.88 27.86
N LEU C 362 11.03 -21.15 28.23
CA LEU C 362 9.87 -22.04 28.29
C LEU C 362 8.97 -21.71 29.47
N ASN C 363 9.51 -21.13 30.53
CA ASN C 363 8.75 -20.80 31.73
C ASN C 363 8.00 -19.48 31.60
N GLN C 364 7.85 -18.96 30.38
CA GLN C 364 7.16 -17.69 30.14
C GLN C 364 7.80 -16.55 30.91
N THR C 376 3.29 -15.52 35.17
CA THR C 376 2.87 -16.91 35.25
C THR C 376 4.06 -17.85 35.08
N ASN C 377 4.25 -18.73 36.06
CA ASN C 377 5.36 -19.67 36.05
C ASN C 377 4.83 -21.10 36.19
N THR C 378 5.42 -22.02 35.44
CA THR C 378 5.06 -23.43 35.53
C THR C 378 5.83 -24.12 36.64
N MET C 379 7.16 -24.10 36.55
CA MET C 379 8.03 -24.60 37.61
C MET C 379 8.74 -23.42 38.26
N LYS C 380 9.12 -23.61 39.52
CA LYS C 380 9.74 -22.53 40.27
C LYS C 380 11.15 -22.25 39.75
N ASN C 381 11.37 -21.01 39.32
CA ASN C 381 12.63 -20.63 38.68
C ASN C 381 13.81 -20.67 39.63
N TYR C 382 13.58 -20.82 40.93
CA TYR C 382 14.66 -20.86 41.90
C TYR C 382 15.61 -22.02 41.69
N MET C 383 15.20 -23.05 40.97
CA MET C 383 15.96 -24.30 40.90
C MET C 383 16.05 -24.75 39.44
N ILE C 384 16.38 -23.83 38.54
CA ILE C 384 16.73 -24.22 37.18
C ILE C 384 18.12 -23.74 36.76
N PRO C 385 19.12 -23.72 37.66
CA PRO C 385 20.49 -23.96 37.19
C PRO C 385 20.80 -25.45 37.22
N VAL C 386 20.10 -26.17 38.10
CA VAL C 386 20.35 -27.59 38.30
C VAL C 386 19.64 -28.42 37.24
N VAL C 387 18.39 -28.06 36.90
CA VAL C 387 17.66 -28.79 35.88
C VAL C 387 18.36 -28.67 34.53
N ALA C 388 18.90 -27.49 34.23
CA ALA C 388 19.63 -27.31 32.98
C ALA C 388 20.87 -28.20 32.94
N GLN C 389 21.60 -28.26 34.06
CA GLN C 389 22.79 -29.11 34.12
C GLN C 389 22.41 -30.58 33.95
N ALA C 390 21.31 -30.99 34.59
CA ALA C 390 20.85 -32.37 34.46
C ALA C 390 20.48 -32.69 33.01
N PHE C 391 19.77 -31.77 32.35
CA PHE C 391 19.40 -31.99 30.95
C PHE C 391 20.63 -32.06 30.06
N SER C 392 21.61 -31.17 30.29
CA SER C 392 22.83 -31.19 29.50
C SER C 392 23.57 -32.50 29.69
N LYS C 393 23.67 -32.97 30.93
CA LYS C 393 24.38 -34.22 31.19
C LYS C 393 23.64 -35.43 30.62
N TRP C 394 22.30 -35.41 30.66
CA TRP C 394 21.54 -36.51 30.08
C TRP C 394 21.68 -36.54 28.57
N ALA C 395 21.67 -35.37 27.91
CA ALA C 395 21.94 -35.33 26.48
C ALA C 395 23.36 -35.81 26.19
N LYS C 396 24.31 -35.44 27.05
CA LYS C 396 25.68 -35.88 26.88
C LYS C 396 25.77 -37.39 26.92
N GLU C 397 25.08 -37.99 27.91
CA GLU C 397 25.10 -39.43 28.08
C GLU C 397 24.43 -40.14 26.91
N CYS C 398 23.28 -39.64 26.46
CA CYS C 398 22.60 -40.26 25.32
C CYS C 398 23.47 -40.19 24.08
N ARG C 399 24.13 -39.04 23.85
CA ARG C 399 25.01 -38.92 22.70
C ARG C 399 26.15 -39.94 22.79
N LYS C 400 26.84 -39.99 23.94
CA LYS C 400 27.92 -40.97 24.10
C LYS C 400 27.39 -42.40 23.93
N ASP C 401 26.11 -42.60 24.26
CA ASP C 401 25.48 -43.89 24.05
C ASP C 401 25.22 -44.16 22.57
N MET C 402 25.19 -43.09 21.76
CA MET C 402 24.86 -43.27 20.35
C MET C 402 25.99 -43.98 19.59
N GLU C 403 27.17 -43.37 19.52
CA GLU C 403 28.25 -43.92 18.70
C GLU C 403 28.99 -45.07 19.37
N ASP C 404 28.47 -45.59 20.48
CA ASP C 404 29.09 -46.71 21.20
C ASP C 404 28.18 -47.92 21.15
N GLU C 405 27.63 -48.19 19.96
CA GLU C 405 26.76 -49.35 19.80
C GLU C 405 27.56 -50.64 19.92
N LYS C 406 27.06 -51.57 20.74
CA LYS C 406 27.70 -52.84 20.98
C LYS C 406 27.01 -53.95 20.17
N LEU C 407 27.40 -55.18 20.43
CA LEU C 407 26.89 -56.34 19.71
C LEU C 407 25.83 -57.07 20.53
N LEU C 408 24.94 -57.78 19.83
CA LEU C 408 23.88 -58.51 20.50
C LEU C 408 24.41 -59.59 21.43
N GLY C 409 23.84 -59.65 22.63
CA GLY C 409 24.14 -60.69 23.60
C GLY C 409 25.60 -60.81 23.98
N VAL C 410 26.44 -59.88 23.58
CA VAL C 410 27.87 -59.93 23.86
C VAL C 410 28.23 -58.77 24.77
N ARG C 411 28.66 -59.07 25.98
CA ARG C 411 29.19 -58.07 26.88
C ARG C 411 30.69 -57.92 26.63
N GLU C 412 31.36 -57.11 27.47
CA GLU C 412 32.80 -56.93 27.35
C GLU C 412 33.39 -57.12 28.75
N ARG C 413 33.68 -58.37 29.09
CA ARG C 413 34.17 -58.74 30.40
C ARG C 413 35.59 -59.27 30.29
N THR C 414 36.46 -58.77 31.16
CA THR C 414 37.87 -59.18 31.16
C THR C 414 38.17 -60.03 32.39
N ALA C 422 35.25 -58.72 35.86
CA ALA C 422 35.92 -57.48 35.47
C ALA C 422 35.40 -56.99 34.12
N PHE C 423 34.60 -55.91 34.15
CA PHE C 423 34.04 -55.33 32.95
C PHE C 423 33.82 -53.84 33.18
N LYS C 424 33.81 -53.07 32.08
CA LYS C 424 33.93 -51.63 32.17
C LYS C 424 32.63 -50.98 32.64
N LYS C 425 32.75 -50.15 33.66
CA LYS C 425 31.68 -49.28 34.14
C LYS C 425 31.98 -47.90 33.56
N GLN C 426 31.08 -47.38 32.73
CA GLN C 426 31.28 -46.04 32.18
C GLN C 426 30.31 -45.07 32.84
N LYS C 427 30.64 -43.78 32.75
CA LYS C 427 30.16 -42.81 33.73
C LYS C 427 28.71 -42.44 33.50
N THR C 428 27.97 -42.30 34.61
CA THR C 428 26.61 -41.76 34.60
C THR C 428 26.54 -40.61 35.60
N HIS C 429 26.08 -39.44 35.12
CA HIS C 429 26.02 -38.25 35.96
C HIS C 429 24.62 -37.80 36.31
N THR C 430 23.59 -38.28 35.61
CA THR C 430 22.23 -37.87 35.92
C THR C 430 21.28 -39.02 35.59
N VAL C 431 20.14 -39.03 36.27
CA VAL C 431 19.08 -39.99 36.03
C VAL C 431 17.82 -39.19 35.70
N TYR C 432 17.30 -39.38 34.50
CA TYR C 432 16.18 -38.59 34.01
C TYR C 432 15.00 -39.53 33.75
N LYS C 433 14.09 -39.61 34.71
CA LYS C 433 12.86 -40.36 34.54
C LYS C 433 11.83 -39.48 33.84
N ARG C 434 11.38 -39.93 32.67
CA ARG C 434 10.47 -39.17 31.83
C ARG C 434 9.10 -39.12 32.48
N PRO C 435 8.23 -38.18 32.04
CA PRO C 435 6.95 -37.99 32.74
C PRO C 435 5.94 -39.10 32.53
N ASP C 436 6.38 -40.23 31.95
CA ASP C 436 5.55 -41.42 31.90
C ASP C 436 6.31 -42.70 32.22
N THR C 437 7.54 -42.62 32.70
CA THR C 437 8.33 -43.80 33.04
C THR C 437 7.99 -44.27 34.45
N GLN C 438 8.31 -45.54 34.71
CA GLN C 438 8.16 -46.13 36.02
C GLN C 438 9.51 -46.67 36.48
N SER C 439 9.78 -46.51 37.78
CA SER C 439 11.06 -46.90 38.36
C SER C 439 10.83 -47.96 39.43
N ILE C 440 11.48 -49.11 39.28
CA ILE C 440 11.40 -50.20 40.25
C ILE C 440 12.74 -50.36 40.93
N GLN C 441 12.71 -50.48 42.26
CA GLN C 441 13.90 -50.72 43.06
C GLN C 441 13.66 -51.89 43.99
N LYS C 442 14.75 -52.54 44.39
CA LYS C 442 14.67 -53.69 45.28
C LYS C 442 14.47 -53.23 46.72
N VAL C 443 13.36 -53.65 47.32
CA VAL C 443 13.07 -53.41 48.72
C VAL C 443 12.70 -54.74 49.36
N GLN C 444 13.18 -54.94 50.59
CA GLN C 444 12.91 -56.17 51.31
C GLN C 444 11.40 -56.36 51.48
N ALA C 445 10.95 -57.59 51.26
CA ALA C 445 9.53 -57.92 51.36
C ALA C 445 9.23 -59.02 52.36
N GLU C 446 10.14 -59.98 52.55
CA GLU C 446 9.94 -61.07 53.50
C GLU C 446 10.30 -60.58 54.89
N PHE C 447 9.34 -59.92 55.52
CA PHE C 447 9.55 -59.27 56.81
C PHE C 447 9.42 -60.31 57.92
N ASP C 448 10.54 -60.61 58.60
CA ASP C 448 10.59 -61.70 59.57
C ASP C 448 10.60 -61.20 61.00
N SER C 449 11.56 -60.32 61.34
CA SER C 449 11.76 -59.89 62.72
C SER C 449 11.14 -58.52 62.95
N PHE C 450 10.49 -58.36 64.10
CA PHE C 450 9.81 -57.12 64.45
C PHE C 450 10.02 -56.77 65.92
N LEU C 460 3.98 -37.87 79.70
CA LEU C 460 3.25 -36.78 80.34
C LEU C 460 3.94 -36.35 81.63
N SER C 461 3.72 -35.10 82.04
CA SER C 461 4.31 -34.55 83.25
C SER C 461 3.22 -34.01 84.17
N ILE C 462 3.60 -33.77 85.42
CA ILE C 462 2.62 -33.28 86.41
C ILE C 462 2.00 -31.95 86.01
N PRO C 463 2.76 -30.90 85.63
CA PRO C 463 2.09 -29.63 85.27
C PRO C 463 1.17 -29.75 84.07
N LEU C 464 1.47 -30.65 83.13
CA LEU C 464 0.58 -30.84 81.99
C LEU C 464 -0.79 -31.36 82.44
N ARG C 465 -0.83 -32.15 83.51
CA ARG C 465 -2.10 -32.67 84.00
C ARG C 465 -3.03 -31.53 84.42
N THR C 466 -2.48 -30.54 85.13
CA THR C 466 -3.26 -29.34 85.45
C THR C 466 -3.53 -28.53 84.20
N ARG C 467 -2.59 -28.54 83.23
CA ARG C 467 -2.78 -27.79 82.00
C ARG C 467 -3.89 -28.38 81.14
N ILE C 468 -4.31 -29.61 81.42
CA ILE C 468 -5.38 -30.24 80.64
C ILE C 468 -6.67 -29.43 80.69
N LYS C 469 -7.01 -28.86 81.85
CA LYS C 469 -8.22 -28.07 81.99
C LYS C 469 -8.16 -26.85 81.09
N PRO D 3 -25.63 -46.94 26.55
CA PRO D 3 -24.51 -46.01 26.73
C PRO D 3 -23.52 -46.48 27.79
N VAL D 4 -22.30 -46.81 27.39
CA VAL D 4 -21.29 -47.27 28.33
C VAL D 4 -20.61 -46.05 28.95
N TYR D 5 -20.24 -46.19 30.22
CA TYR D 5 -19.65 -45.10 31.00
C TYR D 5 -18.21 -45.45 31.30
N VAL D 6 -17.29 -44.52 31.01
CA VAL D 6 -15.87 -44.82 31.02
C VAL D 6 -15.18 -43.94 32.05
N ASP D 7 -14.06 -44.44 32.58
CA ASP D 7 -13.35 -43.78 33.67
C ASP D 7 -12.42 -42.67 33.18
N ILE D 8 -11.90 -42.80 31.96
CA ILE D 8 -10.87 -41.90 31.45
C ILE D 8 -11.39 -40.47 31.40
N ASP D 9 -10.47 -39.50 31.43
CA ASP D 9 -10.84 -38.10 31.42
C ASP D 9 -11.53 -37.72 30.11
N ALA D 10 -12.40 -36.71 30.19
CA ALA D 10 -13.15 -36.28 29.01
C ALA D 10 -12.23 -35.73 27.93
N ASP D 11 -11.20 -34.97 28.33
CA ASP D 11 -10.30 -34.35 27.36
C ASP D 11 -9.22 -35.30 26.86
N SER D 12 -9.13 -36.51 27.41
CA SER D 12 -8.11 -37.46 26.96
C SER D 12 -8.38 -37.91 25.53
N ALA D 13 -7.31 -37.98 24.72
CA ALA D 13 -7.45 -38.39 23.34
C ALA D 13 -7.82 -39.86 23.20
N PHE D 14 -7.40 -40.70 24.15
CA PHE D 14 -7.67 -42.13 24.08
C PHE D 14 -9.14 -42.46 23.91
N LEU D 15 -10.03 -41.61 24.42
CA LEU D 15 -11.46 -41.81 24.24
C LEU D 15 -11.79 -42.03 22.77
N LYS D 16 -11.26 -41.17 21.88
CA LYS D 16 -11.50 -41.36 20.46
C LYS D 16 -11.08 -42.75 20.01
N ALA D 17 -9.89 -43.19 20.42
CA ALA D 17 -9.45 -44.53 20.06
C ALA D 17 -10.43 -45.58 20.59
N LEU D 18 -10.91 -45.38 21.83
CA LEU D 18 -11.89 -46.30 22.38
C LEU D 18 -13.14 -46.34 21.52
N GLN D 19 -13.57 -45.17 21.02
CA GLN D 19 -14.74 -45.13 20.14
C GLN D 19 -14.49 -45.92 18.87
N ARG D 20 -13.23 -45.96 18.41
CA ARG D 20 -12.89 -46.78 17.26
C ARG D 20 -12.82 -48.26 17.64
N ALA D 21 -12.45 -48.55 18.89
CA ALA D 21 -12.36 -49.93 19.32
C ALA D 21 -13.73 -50.55 19.55
N TYR D 22 -14.69 -49.73 19.98
CA TYR D 22 -16.05 -50.19 20.24
C TYR D 22 -17.02 -49.22 19.58
N PRO D 23 -17.23 -49.36 18.27
CA PRO D 23 -18.14 -48.44 17.58
C PRO D 23 -19.60 -48.71 17.86
N MET D 24 -19.96 -49.94 18.25
CA MET D 24 -21.35 -50.25 18.54
C MET D 24 -21.77 -49.85 19.95
N PHE D 25 -20.85 -49.36 20.77
CA PHE D 25 -21.16 -48.84 22.09
C PHE D 25 -20.90 -47.34 22.12
N GLU D 26 -21.76 -46.61 22.83
CA GLU D 26 -21.60 -45.17 23.00
C GLU D 26 -20.83 -44.92 24.30
N VAL D 27 -19.67 -44.29 24.18
CA VAL D 27 -18.77 -44.07 25.32
C VAL D 27 -18.99 -42.68 25.88
N GLU D 28 -19.22 -42.61 27.19
CA GLU D 28 -19.45 -41.33 27.87
C GLU D 28 -18.42 -41.22 29.01
N PRO D 29 -17.53 -40.23 28.98
CA PRO D 29 -16.49 -40.14 30.01
C PRO D 29 -16.93 -39.45 31.30
N ARG D 30 -16.33 -39.89 32.39
CA ARG D 30 -16.46 -39.29 33.71
C ARG D 30 -15.41 -39.89 34.63
N GLN D 31 -15.02 -39.13 35.65
CA GLN D 31 -13.96 -39.53 36.56
C GLN D 31 -14.54 -39.84 37.94
N VAL D 32 -14.14 -40.98 38.50
CA VAL D 32 -14.50 -41.35 39.86
C VAL D 32 -13.23 -41.45 40.68
N THR D 33 -12.12 -41.79 40.03
CA THR D 33 -10.83 -41.90 40.67
C THR D 33 -9.76 -41.42 39.69
N PRO D 34 -8.64 -40.88 40.20
CA PRO D 34 -7.52 -40.48 39.33
C PRO D 34 -6.52 -41.61 39.11
N ASN D 35 -7.00 -42.75 38.61
CA ASN D 35 -6.16 -43.92 38.43
C ASN D 35 -5.01 -43.61 37.47
N ASP D 36 -3.80 -44.04 37.84
CA ASP D 36 -2.62 -43.81 37.03
C ASP D 36 -2.66 -44.62 35.74
N ALA D 38 -5.85 -45.64 33.75
CA ALA D 38 -7.28 -45.51 33.54
C ALA D 38 -7.67 -46.15 32.21
N ASN D 39 -6.75 -46.12 31.26
CA ASN D 39 -7.03 -46.68 29.94
C ASN D 39 -7.24 -48.19 30.01
N ALA D 40 -6.41 -48.88 30.79
CA ALA D 40 -6.51 -50.34 30.86
C ALA D 40 -7.84 -50.79 31.45
N ARG D 41 -8.21 -50.21 32.59
CA ARG D 41 -9.49 -50.55 33.20
C ARG D 41 -10.66 -50.13 32.32
N ALA D 42 -10.53 -48.99 31.63
CA ALA D 42 -11.56 -48.56 30.70
C ALA D 42 -11.79 -49.59 29.61
N PHE D 43 -10.70 -50.05 28.99
CA PHE D 43 -10.84 -51.01 27.89
C PHE D 43 -11.33 -52.36 28.41
N SER D 44 -10.91 -52.74 29.62
CA SER D 44 -11.42 -53.98 30.21
C SER D 44 -12.92 -53.90 30.45
N HIS D 45 -13.40 -52.77 30.97
CA HIS D 45 -14.84 -52.60 31.18
C HIS D 45 -15.59 -52.65 29.86
N LEU D 46 -15.05 -51.98 28.83
CA LEU D 46 -15.70 -52.00 27.53
C LEU D 46 -15.74 -53.41 26.95
N ALA D 47 -14.65 -54.16 27.10
CA ALA D 47 -14.61 -55.53 26.63
C ALA D 47 -15.61 -56.41 27.36
N ILE D 48 -15.74 -56.21 28.68
CA ILE D 48 -16.71 -56.99 29.45
C ILE D 48 -18.13 -56.68 28.98
N LYS D 49 -18.43 -55.40 28.73
CA LYS D 49 -19.76 -55.05 28.26
C LYS D 49 -20.04 -55.63 26.87
N LEU D 50 -19.03 -55.58 25.98
CA LEU D 50 -19.18 -56.22 24.67
C LEU D 50 -19.39 -57.72 24.82
N ILE D 51 -18.72 -58.34 25.78
CA ILE D 51 -18.91 -59.76 26.07
C ILE D 51 -20.36 -60.01 26.48
N GLU D 52 -20.88 -59.17 27.37
CA GLU D 52 -22.26 -59.31 27.80
C GLU D 52 -23.22 -59.22 26.62
N GLN D 53 -22.95 -58.29 25.71
CA GLN D 53 -23.83 -58.13 24.54
C GLN D 53 -23.74 -59.34 23.61
N GLU D 54 -22.53 -59.85 23.36
CA GLU D 54 -22.35 -60.85 22.32
C GLU D 54 -22.95 -62.19 22.70
N ILE D 55 -22.66 -62.67 23.91
CA ILE D 55 -23.02 -64.04 24.28
C ILE D 55 -24.53 -64.18 24.49
N ASP D 56 -24.98 -65.42 24.48
CA ASP D 56 -26.38 -65.72 24.71
C ASP D 56 -26.71 -65.53 26.20
N PRO D 57 -27.78 -64.81 26.53
CA PRO D 57 -28.10 -64.63 27.96
C PRO D 57 -28.33 -65.94 28.71
N ASP D 58 -28.91 -66.95 28.05
CA ASP D 58 -29.16 -68.25 28.68
C ASP D 58 -27.91 -69.11 28.57
N SER D 59 -26.86 -68.68 29.27
CA SER D 59 -25.59 -69.38 29.25
C SER D 59 -24.91 -69.23 30.61
N THR D 60 -24.01 -70.16 30.90
CA THR D 60 -23.19 -70.12 32.11
C THR D 60 -21.77 -69.71 31.71
N ILE D 61 -21.26 -68.65 32.35
CA ILE D 61 -20.00 -68.05 31.96
C ILE D 61 -18.97 -68.35 33.04
N LEU D 62 -17.96 -69.14 32.70
CA LEU D 62 -16.83 -69.35 33.59
C LEU D 62 -15.93 -68.13 33.57
N ASP D 63 -15.45 -67.72 34.74
CA ASP D 63 -14.58 -66.55 34.87
C ASP D 63 -13.34 -67.02 35.62
N ILE D 64 -12.31 -67.39 34.87
CA ILE D 64 -11.06 -67.89 35.45
C ILE D 64 -10.23 -66.70 35.90
N GLY D 65 -9.56 -66.85 37.03
CA GLY D 65 -8.84 -65.74 37.62
C GLY D 65 -9.74 -64.58 37.93
N SER D 66 -10.94 -64.87 38.43
CA SER D 66 -11.98 -63.86 38.54
C SER D 66 -11.67 -62.86 39.65
N ALA D 67 -12.16 -61.65 39.45
CA ALA D 67 -12.30 -60.66 40.52
C ALA D 67 -13.79 -60.58 40.84
N PRO D 68 -14.29 -61.41 41.76
CA PRO D 68 -15.75 -61.57 41.92
C PRO D 68 -16.48 -60.27 42.20
N ALA D 69 -15.84 -59.31 42.86
CA ALA D 69 -16.51 -58.04 43.17
C ALA D 69 -16.93 -57.32 41.90
N ARG D 70 -16.05 -57.30 40.90
CA ARG D 70 -16.35 -56.58 39.66
C ARG D 70 -17.52 -57.22 38.92
N ARG D 71 -17.45 -58.52 38.68
CA ARG D 71 -18.48 -59.23 37.91
C ARG D 71 -19.43 -59.97 38.84
N MET D 72 -20.18 -59.18 39.62
CA MET D 72 -21.24 -59.73 40.45
C MET D 72 -22.51 -58.92 40.23
N MET D 73 -22.34 -57.64 39.87
CA MET D 73 -23.49 -56.79 39.53
C MET D 73 -24.07 -57.11 38.16
N SER D 74 -23.41 -57.98 37.38
CA SER D 74 -23.91 -58.32 36.06
C SER D 74 -25.21 -59.11 36.16
N ASP D 75 -26.06 -58.95 35.13
CA ASP D 75 -27.33 -59.66 35.10
C ASP D 75 -27.17 -61.13 34.72
N ARG D 76 -26.03 -61.50 34.12
CA ARG D 76 -25.81 -62.87 33.71
C ARG D 76 -25.39 -63.73 34.90
N LYS D 77 -25.40 -65.04 34.69
CA LYS D 77 -25.07 -66.01 35.74
C LYS D 77 -23.62 -66.46 35.55
N TYR D 78 -22.71 -65.73 36.21
CA TYR D 78 -21.30 -66.06 36.14
C TYR D 78 -20.95 -67.14 37.17
N HIS D 79 -19.77 -67.73 36.97
CA HIS D 79 -19.15 -68.62 37.95
C HIS D 79 -17.69 -68.20 38.09
N CYS D 80 -17.36 -67.62 39.23
CA CYS D 80 -16.02 -67.11 39.51
C CYS D 80 -15.13 -68.25 39.96
N VAL D 81 -13.93 -68.33 39.38
CA VAL D 81 -12.94 -69.34 39.73
C VAL D 81 -11.70 -68.57 40.18
N CYS D 82 -11.55 -68.34 41.48
CA CYS D 82 -10.49 -67.51 42.02
C CYS D 82 -9.73 -68.27 43.10
N PRO D 83 -8.80 -69.14 42.71
CA PRO D 83 -7.95 -69.79 43.70
C PRO D 83 -6.97 -68.81 44.33
N MET D 84 -6.54 -69.15 45.55
CA MET D 84 -5.60 -68.31 46.29
C MET D 84 -4.17 -68.56 45.80
N ARG D 85 -3.91 -68.10 44.58
CA ARG D 85 -2.61 -68.27 43.94
C ARG D 85 -1.87 -66.95 43.76
N SER D 86 -2.39 -65.85 44.29
CA SER D 86 -1.74 -64.55 44.20
C SER D 86 -1.95 -63.78 45.48
N ALA D 87 -1.02 -62.87 45.77
CA ALA D 87 -1.16 -62.01 46.95
C ALA D 87 -2.30 -61.01 46.79
N GLU D 88 -2.76 -60.79 45.57
CA GLU D 88 -3.90 -59.91 45.30
C GLU D 88 -5.23 -60.56 45.67
N ASP D 89 -5.30 -61.89 45.68
CA ASP D 89 -6.55 -62.60 45.94
C ASP D 89 -7.22 -62.23 47.26
N PRO D 90 -6.51 -62.13 48.40
CA PRO D 90 -7.22 -61.85 49.66
C PRO D 90 -8.00 -60.54 49.66
N GLU D 91 -7.43 -59.49 49.04
CA GLU D 91 -8.10 -58.20 49.06
C GLU D 91 -9.31 -58.18 48.13
N ARG D 92 -9.24 -58.90 47.00
CA ARG D 92 -10.42 -59.17 46.19
C ARG D 92 -11.49 -59.93 46.95
N LEU D 93 -11.10 -60.95 47.73
CA LEU D 93 -12.09 -61.67 48.53
C LEU D 93 -12.75 -60.74 49.54
N ALA D 94 -11.95 -59.90 50.21
CA ALA D 94 -12.52 -58.96 51.16
C ALA D 94 -13.46 -57.99 50.47
N ASN D 95 -13.08 -57.49 49.28
CA ASN D 95 -13.94 -56.58 48.55
C ASN D 95 -15.24 -57.25 48.15
N TYR D 96 -15.18 -58.52 47.74
CA TYR D 96 -16.39 -59.27 47.45
C TYR D 96 -17.27 -59.37 48.69
N ALA D 97 -16.67 -59.63 49.84
CA ALA D 97 -17.44 -59.72 51.07
C ALA D 97 -18.14 -58.40 51.40
N ARG D 98 -17.41 -57.28 51.27
CA ARG D 98 -18.01 -55.98 51.58
C ARG D 98 -19.13 -55.64 50.61
N LYS D 99 -18.92 -55.89 49.31
CA LYS D 99 -19.94 -55.56 48.34
C LYS D 99 -21.17 -56.45 48.50
N LEU D 100 -20.95 -57.71 48.92
CA LEU D 100 -22.08 -58.58 49.21
C LEU D 100 -22.85 -58.08 50.44
N ALA D 101 -22.14 -57.80 51.53
CA ALA D 101 -22.78 -57.22 52.71
C ALA D 101 -22.73 -55.69 52.66
N SER D 102 -23.06 -55.15 51.50
CA SER D 102 -23.41 -53.75 51.34
C SER D 102 -24.54 -53.56 50.34
N ALA D 103 -25.02 -54.61 49.68
CA ALA D 103 -26.14 -54.54 48.77
C ALA D 103 -27.05 -55.76 48.90
N ALA D 104 -26.97 -56.48 50.02
CA ALA D 104 -27.73 -57.71 50.17
C ALA D 104 -29.23 -57.44 50.20
N GLY D 105 -29.65 -56.39 50.88
CA GLY D 105 -31.07 -56.12 51.04
C GLY D 105 -31.55 -54.85 50.38
N LYS D 106 -30.76 -54.30 49.46
CA LYS D 106 -31.14 -53.07 48.76
C LYS D 106 -31.18 -53.20 47.24
N VAL D 107 -30.74 -54.32 46.68
CA VAL D 107 -30.96 -54.63 45.26
C VAL D 107 -31.59 -56.02 45.18
N LEU D 108 -32.64 -56.13 44.37
CA LEU D 108 -33.45 -57.35 44.33
C LEU D 108 -33.15 -58.22 43.11
N ASP D 109 -33.20 -57.64 41.92
CA ASP D 109 -33.11 -58.43 40.69
C ASP D 109 -31.66 -58.75 40.34
N ARG D 110 -30.90 -59.28 41.30
CA ARG D 110 -29.52 -59.67 41.01
C ARG D 110 -29.16 -60.98 41.70
N ASN D 111 -30.09 -61.62 42.40
CA ASN D 111 -29.86 -62.89 43.10
C ASN D 111 -28.69 -62.77 44.08
N ILE D 112 -28.62 -61.64 44.77
CA ILE D 112 -27.52 -61.39 45.71
C ILE D 112 -27.54 -62.42 46.83
N SER D 113 -28.74 -62.81 47.28
CA SER D 113 -28.84 -63.87 48.28
C SER D 113 -28.21 -65.16 47.78
N GLY D 114 -28.21 -65.38 46.46
CA GLY D 114 -27.54 -66.56 45.93
C GLY D 114 -26.06 -66.58 46.24
N LYS D 115 -25.36 -65.47 45.94
CA LYS D 115 -23.94 -65.41 46.27
C LYS D 115 -23.71 -65.36 47.77
N ILE D 116 -24.67 -64.81 48.53
CA ILE D 116 -24.53 -64.83 49.99
C ILE D 116 -24.51 -66.26 50.50
N GLY D 117 -25.50 -67.06 50.08
CA GLY D 117 -25.53 -68.45 50.48
C GLY D 117 -24.34 -69.24 49.97
N ASP D 118 -23.91 -68.96 48.75
CA ASP D 118 -22.75 -69.66 48.20
C ASP D 118 -21.48 -69.30 48.96
N LEU D 119 -21.36 -68.04 49.37
CA LEU D 119 -20.22 -67.63 50.20
C LEU D 119 -20.22 -68.38 51.53
N GLN D 120 -21.39 -68.47 52.17
CA GLN D 120 -21.47 -69.25 53.40
C GLN D 120 -21.10 -70.70 53.15
N ALA D 121 -21.54 -71.25 52.02
CA ALA D 121 -21.26 -72.65 51.71
C ALA D 121 -19.75 -72.89 51.54
N VAL D 122 -19.08 -72.02 50.78
CA VAL D 122 -17.65 -72.24 50.55
C VAL D 122 -16.87 -71.99 51.84
N MET D 123 -17.30 -71.01 52.64
CA MET D 123 -16.65 -70.77 53.93
C MET D 123 -16.78 -71.99 54.84
N ALA D 124 -17.96 -72.62 54.84
CA ALA D 124 -18.16 -73.83 55.64
C ALA D 124 -17.31 -74.98 55.11
N VAL D 125 -17.56 -75.39 53.87
CA VAL D 125 -16.83 -76.48 53.23
C VAL D 125 -15.94 -75.87 52.14
N PRO D 126 -14.62 -75.89 52.31
CA PRO D 126 -13.74 -75.29 51.28
C PRO D 126 -13.78 -76.01 49.95
N ASP D 127 -14.24 -77.26 49.90
CA ASP D 127 -14.21 -78.07 48.69
C ASP D 127 -15.58 -78.19 48.03
N THR D 128 -16.49 -77.26 48.31
CA THR D 128 -17.84 -77.30 47.75
C THR D 128 -17.89 -76.43 46.51
N GLU D 129 -18.40 -76.98 45.41
CA GLU D 129 -18.51 -76.27 44.14
C GLU D 129 -19.84 -75.55 44.11
N THR D 130 -19.85 -74.30 44.58
CA THR D 130 -21.04 -73.48 44.54
C THR D 130 -21.29 -72.99 43.12
N PRO D 131 -22.55 -72.69 42.77
CA PRO D 131 -22.85 -72.28 41.38
C PRO D 131 -22.33 -70.91 41.00
N THR D 132 -21.70 -70.16 41.92
CA THR D 132 -21.17 -68.85 41.57
C THR D 132 -19.80 -68.57 42.19
N PHE D 133 -19.20 -69.53 42.88
CA PHE D 133 -17.94 -69.29 43.56
C PHE D 133 -17.28 -70.64 43.82
N CYS D 134 -16.05 -70.80 43.35
CA CYS D 134 -15.28 -72.00 43.63
C CYS D 134 -13.84 -71.62 43.91
N LEU D 135 -13.25 -72.30 44.90
CA LEU D 135 -11.86 -72.11 45.27
C LEU D 135 -10.90 -72.94 44.43
N HIS D 136 -11.42 -73.81 43.57
CA HIS D 136 -10.56 -74.67 42.76
C HIS D 136 -9.86 -73.88 41.67
N THR D 137 -8.89 -74.52 41.03
CA THR D 137 -8.23 -73.93 39.88
C THR D 137 -8.94 -74.35 38.60
N ASP D 138 -8.50 -73.77 37.48
CA ASP D 138 -9.10 -74.13 36.19
C ASP D 138 -8.79 -75.58 35.81
N VAL D 139 -7.69 -76.13 36.34
CA VAL D 139 -7.35 -77.51 36.06
C VAL D 139 -8.39 -78.45 36.68
N SER D 140 -8.85 -78.13 37.89
CA SER D 140 -9.72 -79.02 38.65
C SER D 140 -11.02 -78.31 39.04
N CYS D 141 -11.63 -77.61 38.09
CA CYS D 141 -12.96 -77.07 38.30
C CYS D 141 -14.01 -78.13 37.94
N ARG D 142 -15.23 -77.94 38.42
CA ARG D 142 -16.21 -79.00 38.36
C ARG D 142 -17.45 -78.69 37.54
N GLN D 143 -18.10 -77.55 37.76
CA GLN D 143 -19.40 -77.31 37.16
C GLN D 143 -19.28 -77.10 35.66
N ARG D 144 -20.14 -77.78 34.91
CA ARG D 144 -20.17 -77.67 33.46
C ARG D 144 -20.70 -76.30 33.06
N ALA D 145 -20.11 -75.71 32.02
CA ALA D 145 -20.55 -74.43 31.50
C ALA D 145 -20.42 -74.46 29.98
N ASP D 146 -20.61 -73.31 29.35
CA ASP D 146 -20.59 -73.23 27.90
C ASP D 146 -19.76 -72.08 27.34
N VAL D 147 -19.53 -71.05 28.15
CA VAL D 147 -18.67 -69.93 27.77
C VAL D 147 -17.70 -69.64 28.91
N ALA D 148 -16.45 -69.37 28.54
CA ALA D 148 -15.41 -69.03 29.50
C ALA D 148 -14.89 -67.62 29.20
N ILE D 149 -14.49 -66.91 30.24
CA ILE D 149 -13.95 -65.56 30.12
C ILE D 149 -12.64 -65.48 30.88
N TYR D 150 -11.61 -65.00 30.21
CA TYR D 150 -10.28 -64.80 30.82
C TYR D 150 -10.08 -63.30 31.01
N GLN D 151 -10.38 -62.82 32.20
CA GLN D 151 -10.20 -61.40 32.52
C GLN D 151 -8.73 -61.17 32.84
N ASP D 152 -7.94 -60.92 31.80
CA ASP D 152 -6.54 -60.53 31.92
C ASP D 152 -5.77 -61.51 32.81
N VAL D 153 -5.99 -62.79 32.59
CA VAL D 153 -5.26 -63.85 33.28
C VAL D 153 -3.96 -64.09 32.52
N TYR D 154 -2.84 -64.09 33.24
CA TYR D 154 -1.54 -64.04 32.59
C TYR D 154 -0.59 -65.15 33.01
N ALA D 155 -0.83 -65.83 34.13
CA ALA D 155 -0.01 -66.94 34.57
C ALA D 155 -0.85 -68.22 34.45
N VAL D 156 -0.87 -68.77 33.24
CA VAL D 156 -1.55 -70.02 32.96
C VAL D 156 -1.10 -70.49 31.58
N HIS D 157 -1.04 -71.81 31.37
CA HIS D 157 -0.71 -72.34 30.06
C HIS D 157 -1.98 -72.41 29.22
N ALA D 158 -1.97 -71.74 28.08
CA ALA D 158 -3.16 -71.68 27.23
C ALA D 158 -3.64 -73.05 26.77
N PRO D 159 -2.79 -73.95 26.23
CA PRO D 159 -3.33 -75.23 25.76
C PRO D 159 -3.95 -76.08 26.86
N THR D 160 -3.26 -76.22 28.00
CA THR D 160 -3.78 -77.06 29.08
C THR D 160 -5.08 -76.51 29.63
N SER D 161 -5.14 -75.19 29.85
CA SER D 161 -6.36 -74.58 30.38
C SER D 161 -7.51 -74.73 29.39
N LEU D 162 -7.24 -74.48 28.11
CA LEU D 162 -8.30 -74.58 27.10
C LEU D 162 -8.81 -76.02 27.00
N TYR D 163 -7.91 -77.00 27.05
CA TYR D 163 -8.34 -78.39 27.01
C TYR D 163 -9.16 -78.75 28.24
N HIS D 164 -8.68 -78.38 29.43
CA HIS D 164 -9.38 -78.73 30.65
C HIS D 164 -10.72 -78.03 30.77
N GLN D 165 -10.91 -76.91 30.07
CA GLN D 165 -12.22 -76.29 30.01
C GLN D 165 -13.11 -76.88 28.94
N ALA D 166 -12.56 -77.20 27.76
CA ALA D 166 -13.36 -77.82 26.71
C ALA D 166 -13.86 -79.20 27.11
N ILE D 167 -13.12 -79.89 27.98
CA ILE D 167 -13.64 -81.14 28.55
C ILE D 167 -14.92 -80.88 29.31
N LYS D 168 -14.96 -79.80 30.08
CA LYS D 168 -16.17 -79.41 30.82
C LYS D 168 -17.30 -79.01 29.89
N GLY D 169 -17.02 -78.61 28.66
CA GLY D 169 -18.05 -78.37 27.67
C GLY D 169 -18.27 -76.92 27.26
N VAL D 170 -17.25 -76.08 27.29
CA VAL D 170 -17.43 -74.68 26.89
C VAL D 170 -17.47 -74.60 25.37
N ARG D 171 -18.48 -73.90 24.85
CA ARG D 171 -18.56 -73.70 23.40
C ARG D 171 -17.48 -72.74 22.91
N LEU D 172 -17.21 -71.69 23.67
CA LEU D 172 -16.37 -70.60 23.19
C LEU D 172 -15.84 -69.80 24.37
N ALA D 173 -14.57 -69.41 24.32
CA ALA D 173 -13.92 -68.68 25.39
C ALA D 173 -13.23 -67.45 24.84
N TYR D 174 -13.41 -66.31 25.50
CA TYR D 174 -12.75 -65.08 25.10
C TYR D 174 -11.60 -64.77 26.06
N TRP D 175 -10.61 -64.04 25.55
CA TRP D 175 -9.43 -63.68 26.31
C TRP D 175 -9.10 -62.22 26.03
N VAL D 176 -9.23 -61.37 27.05
CA VAL D 176 -8.98 -59.94 26.92
C VAL D 176 -7.67 -59.62 27.64
N GLY D 177 -6.74 -58.99 26.92
CA GLY D 177 -5.46 -58.72 27.52
C GLY D 177 -4.57 -57.88 26.64
N PHE D 178 -3.27 -57.91 26.96
CA PHE D 178 -2.26 -57.24 26.15
C PHE D 178 -1.89 -58.09 24.93
N ASP D 179 -1.29 -57.43 23.95
CA ASP D 179 -0.90 -58.09 22.71
C ASP D 179 0.37 -58.90 22.93
N THR D 180 0.36 -60.15 22.45
CA THR D 180 1.45 -61.08 22.70
C THR D 180 2.52 -61.07 21.61
N THR D 181 2.32 -60.32 20.53
CA THR D 181 3.30 -60.31 19.44
C THR D 181 4.69 -59.83 19.87
N PRO D 182 4.85 -58.75 20.65
CA PRO D 182 6.21 -58.37 21.05
C PRO D 182 6.94 -59.43 21.84
N PHE D 183 6.21 -60.30 22.54
CA PHE D 183 6.87 -61.37 23.30
C PHE D 183 7.35 -62.49 22.40
N MET D 184 6.62 -62.79 21.33
CA MET D 184 7.13 -63.81 20.41
C MET D 184 8.28 -63.28 19.56
N TYR D 185 8.50 -61.97 19.56
CA TYR D 185 9.63 -61.36 18.87
C TYR D 185 10.90 -61.34 19.71
N ASN D 186 10.84 -61.84 20.95
CA ASN D 186 12.00 -61.93 21.84
C ASN D 186 12.62 -60.55 22.09
N ALA D 187 11.83 -59.70 22.74
CA ALA D 187 12.25 -58.35 23.10
C ALA D 187 12.55 -58.25 24.59
N MET D 188 13.36 -57.26 24.94
CA MET D 188 13.77 -57.04 26.33
C MET D 188 12.78 -56.14 27.07
N ALA D 189 12.45 -54.99 26.50
CA ALA D 189 11.53 -54.04 27.09
C ALA D 189 10.43 -53.68 26.10
N GLY D 190 9.27 -53.28 26.64
CA GLY D 190 8.13 -52.95 25.83
C GLY D 190 7.61 -51.54 26.13
N ALA D 191 6.63 -51.13 25.33
CA ALA D 191 6.15 -49.75 25.39
C ALA D 191 4.71 -49.63 25.85
N TYR D 192 3.75 -50.23 25.13
CA TYR D 192 2.32 -49.98 25.29
C TYR D 192 2.07 -48.54 25.70
N PRO D 193 2.45 -47.56 24.87
CA PRO D 193 2.49 -46.16 25.35
C PRO D 193 1.15 -45.61 25.82
N SER D 194 0.05 -45.95 25.13
CA SER D 194 -1.23 -45.30 25.43
C SER D 194 -1.74 -45.70 26.81
N TYR D 195 -1.56 -46.95 27.20
CA TYR D 195 -2.02 -47.43 28.50
C TYR D 195 -1.02 -47.16 29.61
N SER D 196 0.12 -46.56 29.29
CA SER D 196 1.16 -46.25 30.27
C SER D 196 1.58 -47.51 31.05
N THR D 197 1.69 -48.63 30.33
CA THR D 197 2.16 -49.88 30.90
C THR D 197 3.47 -50.27 30.21
N ASN D 198 4.51 -50.49 31.01
CA ASN D 198 5.82 -50.82 30.49
C ASN D 198 6.32 -52.12 31.12
N TRP D 199 6.93 -52.99 30.31
CA TRP D 199 7.49 -54.22 30.83
C TRP D 199 8.98 -54.28 30.56
N ALA D 200 9.67 -55.11 31.35
CA ALA D 200 11.10 -55.26 31.22
C ALA D 200 11.53 -56.63 31.73
N ASP D 201 12.59 -57.15 31.11
CA ASP D 201 13.21 -58.37 31.59
C ASP D 201 14.03 -58.05 32.84
N GLU D 202 14.18 -59.06 33.71
CA GLU D 202 14.85 -58.84 34.99
C GLU D 202 16.29 -58.38 34.80
N GLN D 203 17.01 -58.95 33.83
CA GLN D 203 18.40 -58.60 33.64
C GLN D 203 18.59 -57.15 33.22
N VAL D 204 17.65 -56.58 32.46
CA VAL D 204 17.76 -55.22 31.99
C VAL D 204 17.02 -54.25 32.89
N LEU D 205 16.74 -54.67 34.13
CA LEU D 205 15.98 -53.82 35.05
C LEU D 205 16.75 -52.55 35.40
N LYS D 206 18.05 -52.68 35.66
CA LYS D 206 18.86 -51.53 36.05
C LYS D 206 19.45 -50.81 34.84
N ALA D 207 18.60 -50.46 33.89
CA ALA D 207 19.01 -49.70 32.72
C ALA D 207 18.80 -48.21 32.98
N LYS D 208 18.91 -47.40 31.93
CA LYS D 208 18.81 -45.95 32.10
C LYS D 208 17.77 -45.32 31.17
N ASN D 209 17.61 -45.86 29.96
CA ASN D 209 16.83 -45.20 28.91
C ASN D 209 15.74 -46.14 28.39
N ILE D 210 14.99 -46.75 29.30
CA ILE D 210 13.77 -47.47 28.95
C ILE D 210 12.66 -46.99 29.88
N GLY D 211 11.44 -47.38 29.55
CA GLY D 211 10.29 -46.94 30.34
C GLY D 211 10.27 -47.56 31.73
N LEU D 212 11.00 -48.66 31.90
CA LEU D 212 11.03 -49.39 33.17
C LEU D 212 12.48 -49.64 33.55
N CYS D 213 13.05 -48.71 34.33
CA CYS D 213 14.43 -48.82 34.75
C CYS D 213 14.67 -47.96 35.99
N SER D 214 15.77 -48.25 36.68
CA SER D 214 16.16 -47.48 37.87
C SER D 214 17.65 -47.74 38.11
N THR D 215 18.44 -46.68 38.02
CA THR D 215 19.88 -46.77 38.19
C THR D 215 20.36 -45.77 39.23
N ASP D 216 21.63 -45.92 39.62
CA ASP D 216 22.26 -45.06 40.61
C ASP D 216 23.54 -44.49 40.00
N LEU D 217 23.80 -43.21 40.27
CA LEU D 217 24.97 -42.56 39.71
C LEU D 217 26.25 -43.12 40.34
N THR D 218 27.25 -43.38 39.51
CA THR D 218 28.52 -43.91 39.97
C THR D 218 29.66 -43.09 39.37
N GLU D 219 30.79 -43.09 40.05
CA GLU D 219 31.96 -42.37 39.61
C GLU D 219 32.86 -43.28 38.76
N GLY D 220 34.06 -42.80 38.45
CA GLY D 220 34.94 -43.48 37.52
C GLY D 220 35.62 -44.72 38.09
N ARG D 221 34.84 -45.77 38.33
CA ARG D 221 35.37 -47.03 38.87
C ARG D 221 35.18 -48.09 37.80
N ARG D 222 36.24 -48.43 37.08
CA ARG D 222 36.20 -49.53 36.12
C ARG D 222 36.73 -50.82 36.76
N GLY D 223 36.21 -51.13 37.94
CA GLY D 223 36.69 -52.26 38.71
C GLY D 223 35.65 -53.03 39.49
N LYS D 224 34.39 -53.00 39.07
CA LYS D 224 33.33 -53.61 39.88
C LYS D 224 33.50 -55.12 39.98
N LEU D 225 34.21 -55.72 39.02
CA LEU D 225 34.76 -57.07 39.13
C LEU D 225 33.72 -58.10 39.59
N SER D 226 32.73 -58.32 38.73
CA SER D 226 31.69 -59.32 39.03
C SER D 226 32.30 -60.71 39.03
N ILE D 227 31.96 -61.51 40.04
CA ILE D 227 32.48 -62.87 40.11
C ILE D 227 31.82 -63.75 39.04
N MET D 228 30.54 -63.54 38.79
CA MET D 228 29.79 -64.34 37.83
C MET D 228 29.83 -63.68 36.47
N ARG D 229 30.24 -64.44 35.45
CA ARG D 229 30.34 -63.95 34.08
C ARG D 229 29.42 -64.79 33.20
N GLY D 230 28.47 -64.13 32.54
CA GLY D 230 27.55 -64.82 31.66
C GLY D 230 27.93 -64.73 30.20
N LYS D 231 28.32 -63.54 29.75
CA LYS D 231 28.71 -63.28 28.36
C LYS D 231 27.59 -63.59 27.38
N LYS D 232 26.35 -63.54 27.83
CA LYS D 232 25.20 -63.86 26.98
C LYS D 232 23.97 -63.13 27.51
N LEU D 233 23.48 -62.16 26.72
CA LEU D 233 22.33 -61.34 27.11
C LEU D 233 21.12 -61.80 26.31
N GLU D 234 20.43 -62.79 26.86
CA GLU D 234 19.25 -63.36 26.22
C GLU D 234 18.03 -63.26 27.13
N PRO D 235 16.83 -63.26 26.56
CA PRO D 235 15.63 -63.13 27.40
C PRO D 235 15.48 -64.28 28.37
N CYS D 236 14.89 -63.98 29.52
CA CYS D 236 14.63 -64.96 30.56
C CYS D 236 13.12 -65.09 30.78
N ASP D 237 12.74 -66.13 31.52
CA ASP D 237 11.32 -66.43 31.69
C ASP D 237 10.61 -65.34 32.48
N ARG D 238 11.23 -64.83 33.53
CA ARG D 238 10.55 -63.92 34.46
C ARG D 238 10.67 -62.48 33.97
N VAL D 239 9.53 -61.85 33.73
CA VAL D 239 9.44 -60.49 33.19
C VAL D 239 8.53 -59.69 34.11
N LEU D 240 8.74 -58.38 34.19
CA LEU D 240 7.93 -57.53 35.05
C LEU D 240 7.11 -56.56 34.21
N PHE D 241 5.81 -56.54 34.46
CA PHE D 241 4.90 -55.55 33.91
C PHE D 241 4.68 -54.46 34.95
N SER D 242 4.55 -53.23 34.49
CA SER D 242 4.22 -52.09 35.34
C SER D 242 3.03 -51.40 34.68
N VAL D 243 1.86 -51.60 35.27
CA VAL D 243 0.62 -50.97 34.80
C VAL D 243 0.38 -49.75 35.68
N GLY D 244 0.42 -48.57 35.07
CA GLY D 244 0.29 -47.35 35.84
C GLY D 244 1.37 -47.23 36.88
N SER D 245 0.99 -47.45 38.15
CA SER D 245 1.95 -47.37 39.25
C SER D 245 2.11 -48.69 40.00
N THR D 246 1.56 -49.80 39.50
CA THR D 246 1.57 -51.06 40.22
C THR D 246 2.19 -52.16 39.35
N LEU D 247 2.94 -53.07 39.99
CA LEU D 247 3.87 -53.99 39.32
C LEU D 247 3.42 -55.44 39.48
N TYR D 248 3.46 -56.20 38.37
CA TYR D 248 3.10 -57.62 38.35
C TYR D 248 4.23 -58.42 37.73
N PRO D 249 4.47 -59.66 38.16
CA PRO D 249 5.38 -60.54 37.42
C PRO D 249 4.67 -61.52 36.51
N GLU D 250 5.24 -61.73 35.33
CA GLU D 250 4.76 -62.70 34.35
C GLU D 250 5.88 -63.67 33.98
N SER D 251 5.46 -64.83 33.49
CA SER D 251 6.37 -65.84 32.95
C SER D 251 6.38 -65.73 31.43
N ARG D 252 7.58 -65.76 30.84
CA ARG D 252 7.69 -65.56 29.40
C ARG D 252 7.04 -66.70 28.63
N LYS D 253 7.24 -67.95 29.07
CA LYS D 253 6.68 -69.08 28.33
C LYS D 253 5.16 -69.09 28.40
N LEU D 254 4.59 -68.91 29.59
CA LEU D 254 3.14 -68.95 29.74
C LEU D 254 2.47 -67.85 28.94
N LEU D 255 3.05 -66.64 28.95
CA LEU D 255 2.45 -65.53 28.23
C LEU D 255 2.66 -65.67 26.73
N LYS D 256 3.83 -66.17 26.31
CA LYS D 256 4.07 -66.42 24.90
C LYS D 256 3.16 -67.51 24.36
N SER D 257 2.68 -68.39 25.23
CA SER D 257 1.78 -69.46 24.81
C SER D 257 0.42 -68.94 24.37
N TRP D 258 0.10 -67.67 24.64
CA TRP D 258 -1.20 -67.11 24.28
C TRP D 258 -1.24 -66.55 22.86
N HIS D 259 -0.13 -66.58 22.13
CA HIS D 259 -0.13 -66.20 20.72
C HIS D 259 -0.56 -67.42 19.90
N LEU D 260 -1.81 -67.81 20.10
CA LEU D 260 -2.33 -69.04 19.52
C LEU D 260 -2.51 -68.89 18.01
N PRO D 261 -2.34 -69.98 17.27
CA PRO D 261 -2.53 -69.94 15.81
C PRO D 261 -3.99 -69.72 15.45
N SER D 262 -4.22 -69.48 14.16
CA SER D 262 -5.58 -69.25 13.68
C SER D 262 -6.46 -70.48 13.90
N VAL D 263 -5.94 -71.67 13.59
CA VAL D 263 -6.64 -72.92 13.82
C VAL D 263 -5.67 -73.87 14.52
N PHE D 264 -6.18 -74.65 15.47
CA PHE D 264 -5.32 -75.66 16.10
C PHE D 264 -6.18 -76.79 16.65
N HIS D 265 -5.51 -77.89 16.99
CA HIS D 265 -6.16 -79.09 17.48
C HIS D 265 -5.56 -79.49 18.83
N LEU D 266 -6.40 -80.10 19.66
CA LEU D 266 -5.99 -80.61 20.97
C LEU D 266 -6.40 -82.07 21.05
N LYS D 267 -5.43 -82.97 20.92
CA LYS D 267 -5.69 -84.40 20.93
C LYS D 267 -5.32 -84.98 22.30
N GLY D 268 -6.28 -85.63 22.93
CA GLY D 268 -6.04 -86.33 24.19
C GLY D 268 -7.00 -87.48 24.32
N LYS D 269 -7.60 -87.63 25.49
CA LYS D 269 -8.72 -88.55 25.62
C LYS D 269 -9.88 -88.13 24.73
N LEU D 270 -10.17 -86.84 24.70
CA LEU D 270 -11.13 -86.25 23.76
C LEU D 270 -10.40 -85.17 22.97
N SER D 271 -10.50 -85.24 21.64
CA SER D 271 -9.78 -84.33 20.76
C SER D 271 -10.74 -83.25 20.25
N PHE D 272 -10.34 -82.00 20.40
CA PHE D 272 -11.12 -80.85 19.96
C PHE D 272 -10.35 -80.06 18.91
N THR D 273 -11.07 -79.22 18.18
CA THR D 273 -10.48 -78.28 17.24
C THR D 273 -10.99 -76.89 17.56
N CYS D 274 -10.10 -75.90 17.51
CA CYS D 274 -10.47 -74.55 17.90
C CYS D 274 -9.90 -73.55 16.91
N ARG D 275 -10.59 -72.40 16.84
CA ARG D 275 -10.19 -71.29 15.99
C ARG D 275 -9.96 -70.08 16.87
N CYS D 276 -8.87 -69.36 16.64
CA CYS D 276 -8.53 -68.18 17.41
C CYS D 276 -8.43 -66.97 16.48
N ASP D 277 -9.14 -65.91 16.81
CA ASP D 277 -9.11 -64.67 16.03
C ASP D 277 -9.20 -63.47 16.95
N THR D 278 -8.77 -62.32 16.44
CA THR D 278 -8.78 -61.06 17.19
C THR D 278 -10.03 -60.28 16.80
N VAL D 279 -11.01 -60.27 17.68
CA VAL D 279 -12.26 -59.57 17.40
C VAL D 279 -12.15 -58.06 17.63
N VAL D 280 -11.32 -57.64 18.59
CA VAL D 280 -11.16 -56.23 18.92
C VAL D 280 -9.69 -55.98 19.27
N SER D 281 -9.12 -54.92 18.71
CA SER D 281 -7.73 -54.56 18.96
C SER D 281 -7.61 -53.04 18.99
N CYS D 282 -6.84 -52.53 19.94
CA CYS D 282 -6.68 -51.08 20.08
C CYS D 282 -5.37 -50.79 20.81
N GLU D 283 -4.41 -50.20 20.09
CA GLU D 283 -3.17 -49.70 20.66
C GLU D 283 -2.43 -50.73 21.51
N GLY D 284 -2.65 -52.02 21.24
CA GLY D 284 -1.96 -53.04 22.00
C GLY D 284 -2.87 -53.96 22.78
N TYR D 285 -4.04 -53.48 23.18
CA TYR D 285 -4.97 -54.35 23.89
C TYR D 285 -5.79 -55.14 22.89
N VAL D 286 -5.89 -56.45 23.11
CA VAL D 286 -6.53 -57.36 22.18
C VAL D 286 -7.58 -58.19 22.91
N VAL D 287 -8.57 -58.67 22.15
CA VAL D 287 -9.60 -59.58 22.64
C VAL D 287 -9.64 -60.75 21.67
N LYS D 288 -9.08 -61.88 22.07
CA LYS D 288 -9.11 -63.11 21.29
C LYS D 288 -10.39 -63.89 21.57
N ARG D 289 -10.85 -64.62 20.55
CA ARG D 289 -12.12 -65.35 20.59
C ARG D 289 -11.87 -66.78 20.14
N ILE D 290 -11.55 -67.66 21.09
CA ILE D 290 -11.21 -69.04 20.79
C ILE D 290 -12.48 -69.88 20.89
N THR D 291 -12.96 -70.37 19.75
CA THR D 291 -14.19 -71.13 19.69
C THR D 291 -13.88 -72.63 19.73
N MET D 292 -14.46 -73.32 20.70
CA MET D 292 -14.26 -74.76 20.85
C MET D 292 -15.10 -75.51 19.81
N SER D 293 -14.68 -76.74 19.53
CA SER D 293 -15.43 -77.62 18.64
C SER D 293 -15.01 -79.06 18.85
N PRO D 294 -15.96 -79.95 19.15
CA PRO D 294 -15.60 -81.36 19.34
C PRO D 294 -15.15 -82.01 18.04
N GLY D 295 -14.33 -83.04 18.17
CA GLY D 295 -13.83 -83.79 17.04
C GLY D 295 -12.50 -83.27 16.53
N LEU D 296 -12.03 -83.90 15.46
CA LEU D 296 -10.78 -83.54 14.79
C LEU D 296 -11.12 -83.23 13.33
N TYR D 297 -11.28 -81.94 13.03
CA TYR D 297 -11.71 -81.48 11.72
C TYR D 297 -10.66 -80.56 11.13
N GLY D 298 -10.33 -80.78 9.85
CA GLY D 298 -9.43 -79.90 9.13
C GLY D 298 -7.97 -80.19 9.42
N LYS D 299 -7.12 -79.40 8.78
CA LYS D 299 -5.68 -79.50 8.92
C LYS D 299 -5.12 -78.18 9.42
N THR D 300 -4.19 -78.23 10.37
CA THR D 300 -3.63 -77.04 10.98
C THR D 300 -2.44 -76.52 10.18
N THR D 301 -2.38 -75.20 10.05
CA THR D 301 -1.27 -74.58 9.35
C THR D 301 -0.04 -74.46 10.24
N GLY D 302 -0.25 -74.14 11.52
CA GLY D 302 0.84 -73.96 12.44
C GLY D 302 1.40 -72.55 12.51
N TYR D 303 0.66 -71.55 12.04
CA TYR D 303 1.12 -70.18 11.96
C TYR D 303 0.12 -69.26 12.64
N ALA D 304 0.62 -68.23 13.32
CA ALA D 304 -0.23 -67.24 13.96
C ALA D 304 0.06 -65.86 13.37
N VAL D 305 -1.00 -65.14 13.02
CA VAL D 305 -0.90 -63.86 12.33
C VAL D 305 -1.45 -62.77 13.23
N THR D 306 -0.77 -61.62 13.24
CA THR D 306 -1.21 -60.45 13.98
C THR D 306 -1.30 -59.26 13.03
N HIS D 307 -2.42 -58.55 13.08
CA HIS D 307 -2.65 -57.38 12.25
C HIS D 307 -2.32 -56.13 13.08
N HIS D 308 -1.40 -55.32 12.58
CA HIS D 308 -0.94 -54.13 13.28
C HIS D 308 -1.73 -52.93 12.74
N ALA D 309 -2.77 -52.54 13.48
CA ALA D 309 -3.50 -51.32 13.14
C ALA D 309 -2.59 -50.10 13.25
N ASP D 310 -1.74 -50.06 14.27
CA ASP D 310 -0.75 -49.01 14.44
C ASP D 310 0.65 -49.62 14.37
N GLY D 311 1.63 -48.81 14.00
CA GLY D 311 2.93 -49.34 13.67
C GLY D 311 3.62 -49.99 14.85
N PHE D 312 4.46 -50.98 14.54
CA PHE D 312 5.26 -51.69 15.52
C PHE D 312 6.73 -51.49 15.20
N LEU D 313 7.54 -51.28 16.25
CA LEU D 313 8.96 -50.98 16.07
C LEU D 313 9.78 -51.79 17.06
N MET D 314 10.63 -52.67 16.53
CA MET D 314 11.63 -53.37 17.33
C MET D 314 12.98 -52.71 17.08
N CYS D 315 13.40 -51.85 18.01
CA CYS D 315 14.62 -51.07 17.89
C CYS D 315 15.73 -51.73 18.70
N LYS D 316 16.96 -51.36 18.37
CA LYS D 316 18.17 -51.95 18.96
C LYS D 316 18.87 -50.82 19.70
N THR D 317 18.66 -50.75 21.01
CA THR D 317 19.21 -49.64 21.79
C THR D 317 20.29 -50.14 22.74
N THR D 318 21.35 -49.36 22.85
CA THR D 318 22.37 -49.57 23.87
C THR D 318 21.94 -48.85 25.14
N ASP D 319 22.26 -49.44 26.29
CA ASP D 319 21.93 -48.86 27.58
C ASP D 319 22.87 -49.41 28.64
N THR D 320 22.98 -48.67 29.74
CA THR D 320 23.82 -49.07 30.87
C THR D 320 23.01 -49.96 31.79
N VAL D 321 22.98 -51.25 31.49
CA VAL D 321 22.34 -52.23 32.36
C VAL D 321 23.27 -52.48 33.54
N ASP D 322 22.79 -52.14 34.75
CA ASP D 322 23.57 -52.21 35.98
C ASP D 322 24.85 -51.41 35.90
N GLY D 323 25.02 -50.60 34.86
CA GLY D 323 26.24 -49.86 34.65
C GLY D 323 26.96 -50.24 33.36
N GLU D 324 26.95 -51.52 33.03
CA GLU D 324 27.63 -51.98 31.82
C GLU D 324 26.81 -51.64 30.58
N ARG D 325 27.45 -51.04 29.59
CA ARG D 325 26.74 -50.74 28.34
C ARG D 325 26.57 -51.99 27.51
N VAL D 326 25.31 -52.38 27.29
CA VAL D 326 24.96 -53.51 26.45
C VAL D 326 23.84 -53.10 25.51
N SER D 327 23.76 -53.78 24.38
CA SER D 327 22.75 -53.49 23.36
C SER D 327 21.66 -54.55 23.42
N PHE D 328 20.41 -54.10 23.54
CA PHE D 328 19.27 -55.01 23.59
C PHE D 328 18.12 -54.43 22.77
N SER D 329 17.13 -55.28 22.52
CA SER D 329 15.99 -54.93 21.67
C SER D 329 14.83 -54.44 22.52
N VAL D 330 14.20 -53.35 22.09
CA VAL D 330 13.03 -52.80 22.75
C VAL D 330 11.93 -52.61 21.73
N CYS D 331 10.70 -52.95 22.10
CA CYS D 331 9.56 -52.83 21.20
C CYS D 331 8.69 -51.64 21.59
N THR D 332 8.07 -51.05 20.57
CA THR D 332 7.30 -49.83 20.74
C THR D 332 6.12 -49.84 19.79
N TYR D 333 5.01 -49.29 20.25
CA TYR D 333 3.83 -49.07 19.42
C TYR D 333 3.77 -47.60 19.04
N VAL D 334 3.68 -47.32 17.74
CA VAL D 334 3.67 -45.98 17.21
C VAL D 334 2.29 -45.74 16.61
N PRO D 335 1.65 -44.60 16.89
CA PRO D 335 0.32 -44.34 16.32
C PRO D 335 0.35 -44.31 14.80
N ALA D 336 -0.78 -44.66 14.21
CA ALA D 336 -0.85 -44.80 12.75
C ALA D 336 -0.58 -43.48 12.05
N THR D 337 -1.04 -42.36 12.62
CA THR D 337 -0.88 -41.07 11.96
C THR D 337 0.59 -40.66 11.88
N ILE D 338 1.36 -40.92 12.94
CA ILE D 338 2.77 -40.53 12.94
C ILE D 338 3.55 -41.32 11.89
N CYS D 339 3.33 -42.63 11.85
CA CYS D 339 3.97 -43.45 10.82
C CYS D 339 3.49 -43.04 9.43
N ASP D 340 2.23 -42.62 9.32
CA ASP D 340 1.69 -42.21 8.03
C ASP D 340 2.38 -40.95 7.52
N GLN D 341 2.55 -39.95 8.40
CA GLN D 341 3.15 -38.70 7.96
C GLN D 341 4.65 -38.82 7.77
N MET D 342 5.31 -39.67 8.54
CA MET D 342 6.76 -39.87 8.43
C MET D 342 7.11 -41.04 7.51
N THR D 343 6.62 -40.97 6.27
CA THR D 343 6.91 -41.96 5.25
C THR D 343 7.88 -41.45 4.20
N GLY D 344 7.64 -40.26 3.66
CA GLY D 344 8.54 -39.71 2.66
C GLY D 344 9.90 -39.36 3.23
N ILE D 345 9.93 -38.84 4.45
CA ILE D 345 11.21 -38.54 5.10
C ILE D 345 11.97 -39.83 5.38
N LEU D 346 11.24 -40.93 5.64
CA LEU D 346 11.87 -42.22 5.81
C LEU D 346 12.22 -42.83 4.46
N ALA D 347 12.92 -42.07 3.61
CA ALA D 347 13.35 -42.54 2.31
C ALA D 347 14.83 -42.23 2.10
N THR D 348 15.31 -41.18 2.76
CA THR D 348 16.68 -40.73 2.64
C THR D 348 17.50 -41.21 3.82
N GLU D 349 18.82 -41.07 3.71
CA GLU D 349 19.70 -41.37 4.82
C GLU D 349 19.53 -40.32 5.90
N VAL D 350 18.72 -40.61 6.91
CA VAL D 350 18.38 -39.65 7.96
C VAL D 350 19.09 -40.05 9.24
N THR D 351 19.71 -39.07 9.88
CA THR D 351 20.39 -39.29 11.15
C THR D 351 19.35 -39.43 12.26
N PRO D 352 19.73 -40.08 13.37
CA PRO D 352 18.79 -40.16 14.51
C PRO D 352 18.35 -38.80 15.03
N GLU D 353 19.25 -37.81 15.01
CA GLU D 353 18.88 -36.47 15.47
C GLU D 353 17.80 -35.86 14.60
N ASP D 354 17.96 -35.90 13.28
CA ASP D 354 16.95 -35.30 12.41
C ASP D 354 15.62 -36.04 12.54
N ALA D 355 15.67 -37.37 12.68
CA ALA D 355 14.46 -38.15 12.89
C ALA D 355 13.76 -37.74 14.18
N GLN D 356 14.53 -37.56 15.27
CA GLN D 356 13.91 -37.20 16.54
C GLN D 356 13.35 -35.79 16.51
N LYS D 357 14.06 -34.86 15.86
CA LYS D 357 13.57 -33.50 15.74
C LYS D 357 12.28 -33.46 14.92
N LEU D 358 12.22 -34.22 13.83
CA LEU D 358 10.99 -34.25 13.04
C LEU D 358 9.88 -34.98 13.77
N LEU D 359 10.22 -35.95 14.61
CA LEU D 359 9.22 -36.63 15.42
C LEU D 359 8.59 -35.68 16.43
N VAL D 360 9.41 -34.91 17.14
CA VAL D 360 8.86 -33.98 18.13
C VAL D 360 8.12 -32.85 17.42
N GLY D 361 8.57 -32.44 16.24
CA GLY D 361 7.82 -31.46 15.48
C GLY D 361 6.47 -31.99 15.02
N LEU D 362 6.41 -33.28 14.67
CA LEU D 362 5.15 -33.87 14.23
C LEU D 362 4.18 -34.06 15.38
N ASN D 363 4.68 -34.17 16.61
CA ASN D 363 3.86 -34.37 17.78
C ASN D 363 3.26 -33.08 18.32
N GLN D 364 3.26 -32.01 17.52
CA GLN D 364 2.72 -30.71 17.93
C GLN D 364 3.39 -30.20 19.20
N THR D 376 -1.35 -30.76 23.25
CA THR D 376 -1.91 -31.96 22.63
C THR D 376 -0.79 -32.85 22.07
N ASN D 377 -0.77 -34.11 22.50
CA ASN D 377 0.24 -35.07 22.07
C ASN D 377 -0.45 -36.29 21.49
N THR D 378 0.11 -36.80 20.39
CA THR D 378 -0.40 -38.02 19.78
C THR D 378 0.16 -39.26 20.46
N MET D 379 1.48 -39.41 20.45
CA MET D 379 2.16 -40.43 21.23
C MET D 379 2.88 -39.77 22.39
N LYS D 380 3.20 -40.57 23.40
CA LYS D 380 3.90 -40.04 24.56
C LYS D 380 5.35 -39.73 24.19
N ASN D 381 5.75 -38.48 24.42
CA ASN D 381 7.09 -38.03 24.04
C ASN D 381 8.18 -38.64 24.89
N TYR D 382 7.83 -39.39 25.94
CA TYR D 382 8.82 -40.00 26.81
C TYR D 382 9.68 -41.03 26.11
N MET D 383 9.26 -41.54 24.95
CA MET D 383 9.98 -42.63 24.30
C MET D 383 10.12 -42.31 22.81
N ILE D 384 10.62 -41.12 22.50
CA ILE D 384 11.08 -40.88 21.13
C ILE D 384 12.56 -40.48 21.10
N PRO D 385 13.39 -41.00 22.00
CA PRO D 385 14.77 -41.31 21.63
C PRO D 385 14.85 -42.57 20.80
N VAL D 386 13.95 -43.52 21.09
CA VAL D 386 14.06 -44.87 20.56
C VAL D 386 13.38 -44.97 19.20
N VAL D 387 12.23 -44.32 19.04
CA VAL D 387 11.53 -44.37 17.76
C VAL D 387 12.38 -43.74 16.67
N ALA D 388 13.08 -42.65 17.00
CA ALA D 388 13.98 -42.02 16.04
C ALA D 388 15.12 -42.97 15.66
N GLN D 389 15.69 -43.66 16.66
CA GLN D 389 16.74 -44.62 16.37
C GLN D 389 16.25 -45.72 15.44
N ALA D 390 15.05 -46.25 15.72
CA ALA D 390 14.49 -47.31 14.88
C ALA D 390 14.25 -46.82 13.47
N PHE D 391 13.70 -45.60 13.33
CA PHE D 391 13.44 -45.06 11.99
C PHE D 391 14.74 -44.85 11.22
N SER D 392 15.76 -44.30 11.88
CA SER D 392 17.04 -44.07 11.21
C SER D 392 17.68 -45.39 10.79
N LYS D 393 17.62 -46.40 11.66
CA LYS D 393 18.24 -47.67 11.32
C LYS D 393 17.45 -48.39 10.22
N TRP D 394 16.13 -48.25 10.22
CA TRP D 394 15.32 -48.83 9.14
C TRP D 394 15.63 -48.14 7.82
N ALA D 395 15.81 -46.82 7.84
CA ALA D 395 16.21 -46.11 6.62
C ALA D 395 17.57 -46.58 6.14
N LYS D 396 18.51 -46.77 7.07
CA LYS D 396 19.82 -47.29 6.70
C LYS D 396 19.72 -48.66 6.05
N GLU D 397 18.90 -49.54 6.64
CA GLU D 397 18.74 -50.89 6.11
C GLU D 397 18.09 -50.86 4.73
N CYS D 398 17.07 -50.02 4.54
CA CYS D 398 16.44 -49.91 3.24
C CYS D 398 17.42 -49.37 2.19
N ARG D 399 18.24 -48.40 2.57
CA ARG D 399 19.20 -47.85 1.63
C ARG D 399 20.25 -48.89 1.24
N LYS D 400 20.77 -49.63 2.22
CA LYS D 400 21.72 -50.69 1.91
C LYS D 400 21.07 -51.78 1.06
N ASP D 401 19.77 -51.99 1.27
CA ASP D 401 19.04 -53.00 0.50
C ASP D 401 18.84 -52.55 -0.93
N MET D 402 18.74 -51.24 -1.16
CA MET D 402 18.48 -50.73 -2.51
C MET D 402 19.72 -50.84 -3.38
N GLU D 403 20.89 -50.49 -2.85
CA GLU D 403 22.14 -50.53 -3.60
C GLU D 403 22.73 -51.93 -3.74
N ASP D 404 22.02 -52.95 -3.28
CA ASP D 404 22.50 -54.34 -3.29
C ASP D 404 21.49 -55.24 -3.99
N GLU D 405 21.06 -54.83 -5.18
CA GLU D 405 20.11 -55.64 -5.94
C GLU D 405 20.76 -56.94 -6.40
N LYS D 406 20.05 -58.06 -6.19
CA LYS D 406 20.50 -59.38 -6.60
C LYS D 406 19.75 -59.83 -7.85
N LEU D 407 19.98 -61.08 -8.25
CA LEU D 407 19.37 -61.65 -9.45
C LEU D 407 18.18 -62.52 -9.07
N LEU D 408 17.32 -62.78 -10.06
CA LEU D 408 16.14 -63.60 -9.84
C LEU D 408 16.52 -65.02 -9.45
N GLY D 409 15.93 -65.50 -8.35
CA GLY D 409 16.03 -66.90 -7.97
C GLY D 409 17.42 -67.42 -7.66
N VAL D 410 18.39 -66.53 -7.47
CA VAL D 410 19.78 -66.94 -7.26
C VAL D 410 20.26 -66.33 -5.94
N ARG D 411 20.70 -67.20 -5.03
CA ARG D 411 21.35 -66.76 -3.80
C ARG D 411 22.86 -66.74 -4.01
N GLU D 412 23.59 -66.53 -2.91
CA GLU D 412 25.05 -66.61 -2.92
C GLU D 412 25.44 -67.53 -1.77
N ARG D 413 25.47 -68.82 -2.04
CA ARG D 413 25.74 -69.85 -1.04
C ARG D 413 27.10 -70.48 -1.29
N THR D 414 27.91 -70.55 -0.24
CA THR D 414 29.25 -71.13 -0.34
C THR D 414 29.31 -72.48 0.37
N ALA D 422 26.23 -72.57 3.88
CA ALA D 422 27.05 -71.40 4.15
C ALA D 422 26.73 -70.27 3.18
N PHE D 423 26.10 -69.21 3.70
CA PHE D 423 25.73 -68.05 2.90
C PHE D 423 25.62 -66.83 3.80
N LYS D 424 25.86 -65.65 3.22
CA LYS D 424 26.05 -64.45 4.01
C LYS D 424 24.75 -64.00 4.67
N LYS D 425 24.87 -63.58 5.93
CA LYS D 425 23.77 -63.06 6.73
C LYS D 425 24.10 -61.60 7.02
N GLN D 426 23.39 -60.69 6.36
CA GLN D 426 23.60 -59.26 6.59
C GLN D 426 22.62 -58.77 7.64
N LYS D 427 22.88 -57.59 8.19
CA LYS D 427 22.42 -57.29 9.53
C LYS D 427 21.08 -56.54 9.51
N THR D 428 20.19 -56.95 10.40
CA THR D 428 18.95 -56.24 10.67
C THR D 428 18.96 -55.78 12.12
N HIS D 429 18.86 -54.47 12.33
CA HIS D 429 18.89 -53.89 13.66
C HIS D 429 17.54 -53.39 14.14
N THR D 430 16.53 -53.33 13.26
CA THR D 430 15.21 -52.90 13.66
C THR D 430 14.18 -53.56 12.76
N VAL D 431 13.01 -53.82 13.32
CA VAL D 431 11.89 -54.40 12.59
C VAL D 431 10.76 -53.39 12.64
N TYR D 432 10.35 -52.90 11.47
CA TYR D 432 9.35 -51.84 11.38
C TYR D 432 8.11 -52.39 10.67
N LYS D 433 7.13 -52.83 11.45
CA LYS D 433 5.85 -53.26 10.91
C LYS D 433 4.97 -52.03 10.69
N ARG D 434 4.59 -51.81 9.43
CA ARG D 434 3.85 -50.64 9.04
C ARG D 434 2.42 -50.71 9.59
N PRO D 435 1.70 -49.58 9.65
CA PRO D 435 0.38 -49.59 10.31
C PRO D 435 -0.70 -50.29 9.52
N ASP D 436 -0.32 -51.02 8.48
CA ASP D 436 -1.26 -51.88 7.76
C ASP D 436 -0.69 -53.25 7.44
N THR D 437 0.48 -53.61 7.98
CA THR D 437 1.10 -54.89 7.71
C THR D 437 0.62 -55.94 8.71
N GLN D 438 0.79 -57.20 8.34
CA GLN D 438 0.50 -58.33 9.21
C GLN D 438 1.77 -59.14 9.41
N SER D 439 1.92 -59.72 10.60
CA SER D 439 3.10 -60.49 10.95
C SER D 439 2.69 -61.93 11.25
N ILE D 440 3.36 -62.88 10.61
CA ILE D 440 3.12 -64.31 10.81
C ILE D 440 4.31 -64.91 11.52
N GLN D 441 4.05 -65.67 12.58
CA GLN D 441 5.10 -66.36 13.32
C GLN D 441 4.67 -67.80 13.58
N LYS D 442 5.65 -68.69 13.60
CA LYS D 442 5.37 -70.11 13.79
C LYS D 442 5.13 -70.41 15.27
N VAL D 443 3.95 -70.94 15.57
CA VAL D 443 3.59 -71.38 16.91
C VAL D 443 3.07 -72.80 16.82
N GLN D 444 3.41 -73.62 17.83
CA GLN D 444 2.93 -74.98 17.87
C GLN D 444 1.41 -75.02 17.90
N ALA D 445 0.83 -75.90 17.08
CA ALA D 445 -0.62 -76.03 16.98
C ALA D 445 -1.11 -77.44 17.29
N GLU D 446 -0.27 -78.46 17.09
CA GLU D 446 -0.67 -79.85 17.32
C GLU D 446 -0.37 -80.19 18.78
N PHE D 447 -1.23 -79.68 19.67
CA PHE D 447 -1.06 -79.88 21.10
C PHE D 447 -1.45 -81.31 21.46
N ASP D 448 -0.48 -82.09 21.95
CA ASP D 448 -0.68 -83.50 22.25
C ASP D 448 -0.83 -83.76 23.74
N SER D 449 0.15 -83.34 24.54
CA SER D 449 0.17 -83.65 25.96
C SER D 449 -0.34 -82.47 26.78
N PHE D 450 -1.14 -82.77 27.80
CA PHE D 450 -1.68 -81.75 28.68
C PHE D 450 -1.55 -82.17 30.15
N LEU D 460 -6.81 -71.75 51.27
CA LEU D 460 -7.49 -70.98 52.31
C LEU D 460 -6.88 -71.28 53.68
N SER D 461 -6.94 -70.32 54.59
CA SER D 461 -6.43 -70.47 55.94
C SER D 461 -7.55 -70.31 56.95
N ILE D 462 -7.29 -70.77 58.18
CA ILE D 462 -8.30 -70.70 59.24
C ILE D 462 -8.75 -69.28 59.53
N PRO D 463 -7.86 -68.29 59.75
CA PRO D 463 -8.37 -66.93 60.03
C PRO D 463 -9.17 -66.34 58.89
N LEU D 464 -8.86 -66.69 57.65
CA LEU D 464 -9.65 -66.20 56.52
C LEU D 464 -11.10 -66.69 56.60
N ARG D 465 -11.31 -67.89 57.13
CA ARG D 465 -12.67 -68.42 57.25
C ARG D 465 -13.52 -67.53 58.16
N THR D 466 -12.96 -67.09 59.29
CA THR D 466 -13.65 -66.11 60.11
C THR D 466 -13.74 -64.77 59.41
N ARG D 467 -12.72 -64.43 58.62
CA ARG D 467 -12.72 -63.16 57.90
C ARG D 467 -13.80 -63.10 56.83
N ILE D 468 -14.35 -64.26 56.44
CA ILE D 468 -15.40 -64.29 55.43
C ILE D 468 -16.60 -63.46 55.83
N LYS D 469 -16.99 -63.51 57.10
CA LYS D 469 -18.14 -62.74 57.59
C LYS D 469 -17.91 -61.25 57.42
N PRO E 3 -32.12 -50.21 -0.56
CA PRO E 3 -30.98 -49.62 0.15
C PRO E 3 -30.15 -50.68 0.87
N VAL E 4 -28.91 -50.88 0.43
CA VAL E 4 -28.03 -51.86 1.04
C VAL E 4 -27.29 -51.23 2.20
N TYR E 5 -26.99 -52.03 3.21
CA TYR E 5 -26.35 -51.58 4.44
C TYR E 5 -24.97 -52.21 4.54
N VAL E 6 -23.96 -51.40 4.84
CA VAL E 6 -22.57 -51.82 4.75
C VAL E 6 -21.87 -51.56 6.07
N ASP E 7 -21.04 -52.54 6.48
CA ASP E 7 -20.40 -52.50 7.79
C ASP E 7 -19.29 -51.47 7.88
N ILE E 8 -18.76 -50.99 6.76
CA ILE E 8 -17.61 -50.10 6.75
C ILE E 8 -17.96 -48.79 7.47
N ASP E 9 -16.94 -48.10 7.99
CA ASP E 9 -17.15 -46.82 8.64
C ASP E 9 -17.66 -45.78 7.65
N ALA E 10 -18.43 -44.82 8.16
CA ALA E 10 -19.02 -43.80 7.31
C ALA E 10 -17.95 -42.94 6.64
N ASP E 11 -16.90 -42.59 7.38
CA ASP E 11 -15.87 -41.71 6.86
C ASP E 11 -14.86 -42.41 5.96
N SER E 12 -14.93 -43.74 5.85
CA SER E 12 -13.97 -44.46 5.02
C SER E 12 -14.18 -44.13 3.54
N ALA E 13 -13.06 -43.89 2.85
CA ALA E 13 -13.13 -43.56 1.43
C ALA E 13 -13.60 -44.73 0.57
N PHE E 14 -13.33 -45.97 0.99
CA PHE E 14 -13.69 -47.14 0.23
C PHE E 14 -15.19 -47.20 -0.08
N LEU E 15 -16.03 -46.59 0.76
CA LEU E 15 -17.45 -46.50 0.47
C LEU E 15 -17.70 -45.96 -0.93
N LYS E 16 -17.03 -44.86 -1.29
CA LYS E 16 -17.17 -44.31 -2.62
C LYS E 16 -16.85 -45.35 -3.68
N ALA E 17 -15.75 -46.09 -3.50
CA ALA E 17 -15.40 -47.15 -4.44
C ALA E 17 -16.52 -48.17 -4.56
N LEU E 18 -17.13 -48.54 -3.42
CA LEU E 18 -18.26 -49.46 -3.46
C LEU E 18 -19.39 -48.88 -4.30
N GLN E 19 -19.65 -47.59 -4.16
CA GLN E 19 -20.70 -46.96 -4.95
C GLN E 19 -20.39 -47.04 -6.44
N ARG E 20 -19.10 -47.05 -6.79
CA ARG E 20 -18.73 -47.25 -8.19
C ARG E 20 -18.84 -48.72 -8.58
N ALA E 21 -18.59 -49.62 -7.63
CA ALA E 21 -18.65 -51.04 -7.94
C ALA E 21 -20.08 -51.54 -8.06
N TYR E 22 -21.00 -50.91 -7.34
CA TYR E 22 -22.42 -51.29 -7.36
C TYR E 22 -23.27 -50.04 -7.51
N PRO E 23 -23.37 -49.51 -8.73
CA PRO E 23 -24.17 -48.29 -8.93
C PRO E 23 -25.67 -48.54 -8.89
N MET E 24 -26.12 -49.79 -9.12
CA MET E 24 -27.55 -50.06 -9.07
C MET E 24 -28.09 -50.15 -7.65
N PHE E 25 -27.21 -50.19 -6.65
CA PHE E 25 -27.60 -50.34 -5.26
C PHE E 25 -27.19 -49.11 -4.47
N GLU E 26 -28.08 -48.67 -3.58
CA GLU E 26 -27.80 -47.52 -2.72
C GLU E 26 -27.06 -48.00 -1.48
N VAL E 27 -25.88 -47.45 -1.25
CA VAL E 27 -24.99 -47.91 -0.18
C VAL E 27 -25.15 -46.99 1.02
N GLU E 28 -25.42 -47.58 2.19
CA GLU E 28 -25.57 -46.82 3.42
C GLU E 28 -24.67 -47.45 4.47
N PRO E 29 -23.65 -46.75 4.99
CA PRO E 29 -22.75 -47.36 5.96
C PRO E 29 -23.24 -47.25 7.40
N ARG E 30 -22.95 -48.31 8.15
CA ARG E 30 -23.19 -48.36 9.59
C ARG E 30 -22.30 -49.45 10.17
N GLN E 31 -21.88 -49.26 11.42
CA GLN E 31 -20.93 -50.16 12.07
C GLN E 31 -21.62 -50.96 13.16
N VAL E 32 -21.36 -52.27 13.18
CA VAL E 32 -21.86 -53.14 14.23
C VAL E 32 -20.67 -53.79 14.93
N THR E 33 -19.60 -54.01 14.19
CA THR E 33 -18.35 -54.56 14.71
C THR E 33 -17.18 -53.80 14.12
N PRO E 34 -16.07 -53.68 14.86
CA PRO E 34 -14.86 -53.05 14.33
C PRO E 34 -13.93 -54.06 13.65
N ASN E 35 -14.45 -54.76 12.64
CA ASN E 35 -13.67 -55.79 11.97
C ASN E 35 -12.44 -55.20 11.31
N ASP E 36 -11.31 -55.92 11.42
CA ASP E 36 -10.05 -55.47 10.87
C ASP E 36 -10.06 -55.54 9.34
N ALA E 38 -13.18 -55.08 6.95
CA ALA E 38 -14.58 -54.71 6.76
C ALA E 38 -14.88 -54.54 5.28
N ASN E 39 -13.85 -54.18 4.52
CA ASN E 39 -14.03 -54.00 3.08
C ASN E 39 -14.38 -55.31 2.39
N ALA E 40 -13.72 -56.40 2.77
CA ALA E 40 -13.95 -57.68 2.12
C ALA E 40 -15.36 -58.19 2.39
N ARG E 41 -15.79 -58.12 3.66
CA ARG E 41 -17.15 -58.54 3.99
C ARG E 41 -18.19 -57.63 3.35
N ALA E 42 -17.92 -56.33 3.26
CA ALA E 42 -18.83 -55.41 2.59
C ALA E 42 -18.99 -55.79 1.13
N PHE E 43 -17.88 -56.06 0.44
CA PHE E 43 -17.96 -56.45 -0.97
C PHE E 43 -18.68 -57.77 -1.13
N SER E 44 -18.43 -58.72 -0.22
CA SER E 44 -19.12 -60.01 -0.31
C SER E 44 -20.63 -59.83 -0.13
N HIS E 45 -21.04 -59.00 0.83
CA HIS E 45 -22.46 -58.75 1.04
C HIS E 45 -23.09 -58.08 -0.17
N LEU E 46 -22.39 -57.10 -0.75
CA LEU E 46 -22.92 -56.44 -1.94
C LEU E 46 -23.02 -57.39 -3.11
N ALA E 47 -22.02 -58.28 -3.27
CA ALA E 47 -22.07 -59.27 -4.33
C ALA E 47 -23.22 -60.23 -4.14
N ILE E 48 -23.49 -60.64 -2.89
CA ILE E 48 -24.61 -61.53 -2.63
C ILE E 48 -25.93 -60.84 -2.94
N LYS E 49 -26.04 -59.55 -2.59
CA LYS E 49 -27.26 -58.81 -2.91
C LYS E 49 -27.45 -58.68 -4.41
N LEU E 50 -26.38 -58.40 -5.14
CA LEU E 50 -26.46 -58.36 -6.61
C LEU E 50 -26.83 -59.73 -7.17
N ILE E 51 -26.34 -60.80 -6.53
CA ILE E 51 -26.70 -62.15 -6.93
C ILE E 51 -28.19 -62.36 -6.78
N GLU E 52 -28.75 -61.94 -5.65
CA GLU E 52 -30.18 -62.06 -5.42
C GLU E 52 -30.96 -61.27 -6.45
N GLN E 53 -30.49 -60.06 -6.78
CA GLN E 53 -31.20 -59.23 -7.74
C GLN E 53 -31.17 -59.82 -9.15
N GLU E 54 -30.02 -60.33 -9.58
CA GLU E 54 -29.85 -60.72 -10.98
C GLU E 54 -30.64 -61.99 -11.30
N ILE E 55 -30.51 -63.02 -10.46
CA ILE E 55 -31.02 -64.34 -10.81
C ILE E 55 -32.55 -64.35 -10.79
N ASP E 56 -33.11 -65.40 -11.38
CA ASP E 56 -34.56 -65.59 -11.39
C ASP E 56 -34.98 -66.10 -10.01
N PRO E 57 -36.00 -65.50 -9.39
CA PRO E 57 -36.44 -65.99 -8.07
C PRO E 57 -36.86 -67.45 -8.07
N ASP E 58 -37.47 -67.93 -9.15
CA ASP E 58 -37.90 -69.32 -9.25
C ASP E 58 -36.72 -70.18 -9.73
N SER E 59 -35.72 -70.29 -8.87
CA SER E 59 -34.52 -71.04 -9.19
C SER E 59 -33.96 -71.65 -7.91
N THR E 60 -33.20 -72.73 -8.08
CA THR E 60 -32.50 -73.39 -6.98
C THR E 60 -31.01 -73.04 -7.08
N ILE E 61 -30.46 -72.49 -6.00
CA ILE E 61 -29.12 -71.92 -6.01
C ILE E 61 -28.22 -72.83 -5.18
N LEU E 62 -27.25 -73.47 -5.84
CA LEU E 62 -26.21 -74.19 -5.13
C LEU E 62 -25.23 -73.22 -4.51
N ASP E 63 -24.87 -73.46 -3.25
CA ASP E 63 -23.92 -72.63 -2.54
C ASP E 63 -22.80 -73.55 -2.09
N ILE E 64 -21.72 -73.61 -2.87
CA ILE E 64 -20.64 -74.56 -2.65
C ILE E 64 -19.61 -73.95 -1.72
N GLY E 65 -19.18 -74.73 -0.73
CA GLY E 65 -18.36 -74.17 0.34
C GLY E 65 -19.13 -73.16 1.16
N SER E 66 -20.39 -73.47 1.46
CA SER E 66 -21.31 -72.49 2.01
C SER E 66 -21.01 -72.19 3.48
N ALA E 67 -21.40 -70.98 3.89
CA ALA E 67 -21.54 -70.63 5.30
C ALA E 67 -23.03 -70.53 5.57
N PRO E 68 -23.67 -71.62 5.99
CA PRO E 68 -25.14 -71.66 6.03
C PRO E 68 -25.79 -70.57 6.85
N ALA E 69 -25.13 -70.11 7.92
CA ALA E 69 -25.72 -69.09 8.78
C ALA E 69 -25.97 -67.79 8.01
N ARG E 70 -25.01 -67.39 7.18
CA ARG E 70 -25.13 -66.13 6.47
C ARG E 70 -26.29 -66.16 5.48
N ARG E 71 -26.33 -67.17 4.62
CA ARG E 71 -27.34 -67.26 3.57
C ARG E 71 -28.45 -68.21 3.97
N MET E 72 -29.16 -67.82 5.03
CA MET E 72 -30.34 -68.57 5.47
C MET E 72 -31.51 -67.60 5.65
N MET E 73 -31.20 -66.34 5.95
CA MET E 73 -32.23 -65.30 6.01
C MET E 73 -32.69 -64.85 4.63
N SER E 74 -32.06 -65.33 3.56
CA SER E 74 -32.45 -64.95 2.21
C SER E 74 -33.83 -65.52 1.87
N ASP E 75 -34.57 -64.79 1.04
CA ASP E 75 -35.89 -65.23 0.61
C ASP E 75 -35.82 -66.33 -0.44
N ARG E 76 -34.68 -66.50 -1.09
CA ARG E 76 -34.54 -67.53 -2.11
C ARG E 76 -34.31 -68.90 -1.47
N LYS E 77 -34.36 -69.94 -2.30
CA LYS E 77 -34.20 -71.31 -1.84
C LYS E 77 -32.79 -71.79 -2.18
N TYR E 78 -31.91 -71.66 -1.19
CA TYR E 78 -30.52 -72.08 -1.35
C TYR E 78 -30.35 -73.55 -0.99
N HIS E 79 -29.25 -74.13 -1.48
CA HIS E 79 -28.79 -75.44 -1.05
C HIS E 79 -27.33 -75.30 -0.65
N CYS E 80 -27.06 -75.35 0.65
CA CYS E 80 -25.72 -75.20 1.20
C CYS E 80 -24.98 -76.52 1.11
N VAL E 81 -23.77 -76.49 0.55
CA VAL E 81 -22.91 -77.66 0.43
C VAL E 81 -21.63 -77.34 1.18
N CYS E 82 -21.51 -77.81 2.41
CA CYS E 82 -20.38 -77.48 3.28
C CYS E 82 -19.77 -78.75 3.86
N PRO E 83 -18.93 -79.44 3.09
CA PRO E 83 -18.23 -80.60 3.62
C PRO E 83 -17.21 -80.21 4.68
N MET E 84 -16.91 -81.16 5.56
CA MET E 84 -16.01 -80.92 6.69
C MET E 84 -14.55 -81.06 6.23
N ARG E 85 -14.11 -80.06 5.47
CA ARG E 85 -12.77 -80.07 4.89
C ARG E 85 -11.88 -78.94 5.41
N SER E 86 -12.35 -78.17 6.38
CA SER E 86 -11.55 -77.11 6.99
C SER E 86 -11.90 -77.02 8.47
N ALA E 87 -10.96 -76.47 9.25
CA ALA E 87 -11.19 -76.29 10.67
C ALA E 87 -12.27 -75.26 10.96
N GLU E 88 -12.62 -74.43 9.98
CA GLU E 88 -13.64 -73.41 10.15
C GLU E 88 -15.05 -73.97 10.15
N ASP E 89 -15.26 -75.13 9.51
CA ASP E 89 -16.61 -75.67 9.36
C ASP E 89 -17.35 -75.91 10.66
N PRO E 90 -16.75 -76.49 11.72
CA PRO E 90 -17.53 -76.68 12.96
C PRO E 90 -18.07 -75.39 13.56
N GLU E 91 -17.29 -74.31 13.49
CA GLU E 91 -17.77 -73.03 14.02
C GLU E 91 -18.97 -72.54 13.23
N ARG E 92 -18.95 -72.71 11.91
CA ARG E 92 -20.10 -72.30 11.10
C ARG E 92 -21.32 -73.17 11.36
N LEU E 93 -21.11 -74.46 11.59
CA LEU E 93 -22.24 -75.31 11.96
C LEU E 93 -22.82 -74.89 13.31
N ALA E 94 -21.96 -74.53 14.26
CA ALA E 94 -22.46 -74.03 15.54
C ALA E 94 -23.24 -72.73 15.35
N ASN E 95 -22.73 -71.82 14.54
CA ASN E 95 -23.44 -70.57 14.27
C ASN E 95 -24.78 -70.82 13.60
N TYR E 96 -24.80 -71.76 12.65
CA TYR E 96 -26.05 -72.12 12.00
C TYR E 96 -27.05 -72.69 12.99
N ALA E 97 -26.58 -73.54 13.90
CA ALA E 97 -27.46 -74.12 14.92
C ALA E 97 -28.04 -73.04 15.82
N ARG E 98 -27.21 -72.11 16.28
CA ARG E 98 -27.72 -71.04 17.15
C ARG E 98 -28.70 -70.15 16.39
N LYS E 99 -28.38 -69.79 15.14
CA LYS E 99 -29.27 -68.91 14.40
C LYS E 99 -30.59 -69.61 14.09
N LEU E 100 -30.55 -70.92 13.85
CA LEU E 100 -31.79 -71.66 13.65
C LEU E 100 -32.61 -71.71 14.93
N ALA E 101 -31.98 -72.09 16.05
CA ALA E 101 -32.69 -72.08 17.32
C ALA E 101 -32.50 -70.75 18.03
N SER E 102 -32.65 -69.67 17.26
CA SER E 102 -32.87 -68.33 17.79
C SER E 102 -33.89 -67.56 16.99
N ALA E 103 -34.39 -68.10 15.87
CA ALA E 103 -35.44 -67.47 15.08
C ALA E 103 -36.47 -68.48 14.58
N ALA E 104 -36.54 -69.66 15.21
CA ALA E 104 -37.42 -70.71 14.72
C ALA E 104 -38.88 -70.31 14.82
N GLY E 105 -39.27 -69.67 15.92
CA GLY E 105 -40.67 -69.33 16.13
C GLY E 105 -40.96 -67.85 16.16
N LYS E 106 -40.03 -67.03 15.67
CA LYS E 106 -40.21 -65.59 15.64
C LYS E 106 -40.14 -64.96 14.25
N VAL E 107 -39.77 -65.71 13.23
CA VAL E 107 -39.87 -65.27 11.84
C VAL E 107 -40.62 -66.34 11.06
N LEU E 108 -41.59 -65.92 10.24
CA LEU E 108 -42.49 -66.86 9.58
C LEU E 108 -42.14 -67.05 8.10
N ASP E 109 -42.03 -65.95 7.36
CA ASP E 109 -41.87 -66.05 5.90
C ASP E 109 -40.44 -66.32 5.50
N ARG E 110 -39.82 -67.33 6.12
CA ARG E 110 -38.47 -67.74 5.71
C ARG E 110 -38.33 -69.25 5.68
N ASN E 111 -39.40 -70.00 5.94
CA ASN E 111 -39.38 -71.47 5.90
C ASN E 111 -38.29 -72.00 6.84
N ILE E 112 -38.22 -71.42 8.03
CA ILE E 112 -37.19 -71.79 9.00
C ILE E 112 -37.38 -73.23 9.46
N SER E 113 -38.64 -73.65 9.63
CA SER E 113 -38.91 -75.05 9.98
C SER E 113 -38.35 -76.00 8.94
N GLY E 114 -38.21 -75.55 7.69
CA GLY E 114 -37.61 -76.40 6.67
C GLY E 114 -36.16 -76.73 7.00
N LYS E 115 -35.35 -75.73 7.30
CA LYS E 115 -33.97 -76.01 7.69
C LYS E 115 -33.91 -76.72 9.03
N ILE E 116 -34.88 -76.47 9.93
CA ILE E 116 -34.89 -77.19 11.19
C ILE E 116 -35.05 -78.69 10.96
N GLY E 117 -36.05 -79.06 10.17
CA GLY E 117 -36.28 -80.46 9.86
C GLY E 117 -35.13 -81.08 9.08
N ASP E 118 -34.58 -80.31 8.13
CA ASP E 118 -33.44 -80.82 7.36
C ASP E 118 -32.22 -81.04 8.24
N LEU E 119 -32.00 -80.15 9.22
CA LEU E 119 -30.92 -80.33 10.17
C LEU E 119 -31.12 -81.61 10.98
N GLN E 120 -32.34 -81.83 11.48
CA GLN E 120 -32.60 -83.06 12.21
C GLN E 120 -32.38 -84.29 11.33
N ALA E 121 -32.81 -84.21 10.06
CA ALA E 121 -32.67 -85.35 9.16
C ALA E 121 -31.20 -85.66 8.88
N VAL E 122 -30.39 -84.63 8.61
CA VAL E 122 -28.99 -84.87 8.29
C VAL E 122 -28.24 -85.31 9.54
N MET E 123 -28.63 -84.81 10.72
CA MET E 123 -28.03 -85.30 11.95
C MET E 123 -28.35 -86.77 12.17
N ALA E 124 -29.57 -87.19 11.85
CA ALA E 124 -29.95 -88.59 11.97
C ALA E 124 -29.16 -89.44 10.97
N VAL E 125 -29.31 -89.15 9.69
CA VAL E 125 -28.62 -89.88 8.62
C VAL E 125 -27.60 -88.93 7.99
N PRO E 126 -26.30 -89.17 8.17
CA PRO E 126 -25.30 -88.25 7.59
C PRO E 126 -25.29 -88.23 6.07
N ASP E 127 -25.85 -89.25 5.41
CA ASP E 127 -25.79 -89.37 3.96
C ASP E 127 -27.12 -89.01 3.29
N THR E 128 -27.95 -88.20 3.95
CA THR E 128 -29.25 -87.81 3.41
C THR E 128 -29.13 -86.47 2.70
N GLU E 129 -29.63 -86.40 1.48
CA GLU E 129 -29.60 -85.18 0.67
C GLU E 129 -30.81 -84.34 1.03
N THR E 130 -30.65 -83.46 2.01
CA THR E 130 -31.70 -82.54 2.38
C THR E 130 -31.80 -81.42 1.35
N PRO E 131 -33.00 -80.85 1.16
CA PRO E 131 -33.17 -79.81 0.14
C PRO E 131 -32.49 -78.48 0.48
N THR E 132 -31.88 -78.33 1.66
CA THR E 132 -31.26 -77.06 2.01
C THR E 132 -29.91 -77.22 2.70
N PHE E 133 -29.41 -78.45 2.88
CA PHE E 133 -28.18 -78.62 3.64
C PHE E 133 -27.60 -79.97 3.23
N CYS E 134 -26.33 -79.96 2.81
CA CYS E 134 -25.68 -81.16 2.28
C CYS E 134 -24.25 -81.23 2.80
N LEU E 135 -23.86 -82.43 3.25
CA LEU E 135 -22.50 -82.67 3.73
C LEU E 135 -21.56 -83.19 2.64
N HIS E 136 -22.06 -83.49 1.45
CA HIS E 136 -21.22 -84.06 0.41
C HIS E 136 -20.30 -83.00 -0.17
N THR E 137 -19.34 -83.47 -0.98
CA THR E 137 -18.44 -82.58 -1.68
C THR E 137 -19.07 -82.16 -3.01
N ASP E 138 -18.52 -81.10 -3.61
CA ASP E 138 -18.98 -80.66 -4.92
C ASP E 138 -18.85 -81.78 -5.96
N VAL E 139 -17.90 -82.69 -5.75
CA VAL E 139 -17.73 -83.83 -6.64
C VAL E 139 -18.95 -84.73 -6.60
N SER E 140 -19.51 -84.94 -5.41
CA SER E 140 -20.55 -85.95 -5.21
C SER E 140 -21.77 -85.36 -4.52
N CYS E 141 -22.19 -84.18 -4.94
CA CYS E 141 -23.48 -83.66 -4.51
C CYS E 141 -24.58 -84.18 -5.44
N ARG E 142 -25.81 -84.19 -4.94
CA ARG E 142 -26.86 -84.93 -5.62
C ARG E 142 -27.99 -84.07 -6.18
N GLN E 143 -28.52 -83.12 -5.41
CA GLN E 143 -29.75 -82.46 -5.81
C GLN E 143 -29.54 -81.57 -7.04
N ARG E 144 -30.44 -81.71 -8.01
CA ARG E 144 -30.39 -80.92 -9.23
C ARG E 144 -30.77 -79.47 -8.96
N ALA E 145 -30.02 -78.56 -9.58
CA ALA E 145 -30.27 -77.13 -9.44
C ALA E 145 -29.96 -76.45 -10.77
N ASP E 146 -29.97 -75.12 -10.76
CA ASP E 146 -29.79 -74.37 -12.00
C ASP E 146 -28.82 -73.19 -11.89
N VAL E 147 -28.54 -72.74 -10.67
CA VAL E 147 -27.57 -71.68 -10.43
C VAL E 147 -26.65 -72.11 -9.29
N ALA E 148 -25.36 -71.80 -9.44
CA ALA E 148 -24.36 -72.09 -8.42
C ALA E 148 -23.69 -70.80 -7.98
N ILE E 149 -23.40 -70.71 -6.68
CA ILE E 149 -22.77 -69.54 -6.09
C ILE E 149 -21.53 -69.99 -5.34
N TYR E 150 -20.39 -69.36 -5.63
CA TYR E 150 -19.11 -69.64 -4.99
C TYR E 150 -18.75 -68.45 -4.11
N GLN E 151 -19.03 -68.58 -2.81
CA GLN E 151 -18.76 -67.50 -1.86
C GLN E 151 -17.30 -67.58 -1.44
N ASP E 152 -16.42 -66.95 -2.22
CA ASP E 152 -15.00 -66.85 -1.91
C ASP E 152 -14.39 -68.22 -1.59
N VAL E 153 -14.62 -69.17 -2.47
CA VAL E 153 -14.02 -70.50 -2.35
C VAL E 153 -12.72 -70.52 -3.16
N TYR E 154 -11.61 -70.83 -2.50
CA TYR E 154 -10.30 -70.78 -3.14
C TYR E 154 -9.58 -72.11 -3.22
N ALA E 155 -10.00 -73.13 -2.48
CA ALA E 155 -9.36 -74.44 -2.51
C ALA E 155 -10.29 -75.41 -3.24
N VAL E 156 -10.25 -75.36 -4.56
CA VAL E 156 -11.00 -76.27 -5.42
C VAL E 156 -10.48 -76.11 -6.84
N HIS E 157 -10.51 -77.18 -7.62
CA HIS E 157 -10.13 -77.10 -9.03
C HIS E 157 -11.34 -76.62 -9.83
N ALA E 158 -11.18 -75.49 -10.51
CA ALA E 158 -12.30 -74.88 -11.23
C ALA E 158 -12.88 -75.79 -12.31
N PRO E 159 -12.09 -76.40 -13.21
CA PRO E 159 -12.72 -77.20 -14.27
C PRO E 159 -13.49 -78.40 -13.75
N THR E 160 -12.92 -79.17 -12.82
CA THR E 160 -13.59 -80.36 -12.32
C THR E 160 -14.87 -80.00 -11.58
N SER E 161 -14.82 -78.98 -10.73
CA SER E 161 -16.01 -78.56 -10.00
C SER E 161 -17.08 -78.05 -10.96
N LEU E 162 -16.69 -77.24 -11.94
CA LEU E 162 -17.65 -76.71 -12.90
C LEU E 162 -18.31 -77.83 -13.68
N TYR E 163 -17.55 -78.83 -14.10
CA TYR E 163 -18.12 -79.97 -14.82
C TYR E 163 -19.06 -80.75 -13.93
N HIS E 164 -18.62 -81.09 -12.72
CA HIS E 164 -19.42 -81.92 -11.83
C HIS E 164 -20.69 -81.22 -11.37
N GLN E 165 -20.73 -79.88 -11.41
CA GLN E 165 -21.99 -79.19 -11.16
C GLN E 165 -22.80 -78.96 -12.43
N ALA E 166 -22.16 -78.86 -13.59
CA ALA E 166 -22.87 -78.74 -14.85
C ALA E 166 -23.61 -80.01 -15.21
N ILE E 167 -23.10 -81.16 -14.77
CA ILE E 167 -23.84 -82.41 -14.93
C ILE E 167 -25.18 -82.32 -14.21
N LYS E 168 -25.17 -81.75 -13.00
CA LYS E 168 -26.39 -81.60 -12.23
C LYS E 168 -27.37 -80.62 -12.86
N GLY E 169 -26.93 -79.79 -13.80
CA GLY E 169 -27.84 -78.96 -14.58
C GLY E 169 -27.83 -77.48 -14.27
N VAL E 170 -26.73 -76.93 -13.73
CA VAL E 170 -26.67 -75.51 -13.44
C VAL E 170 -26.66 -74.75 -14.77
N ARG E 171 -27.45 -73.68 -14.85
CA ARG E 171 -27.42 -72.83 -16.04
C ARG E 171 -26.23 -71.88 -16.02
N LEU E 172 -25.87 -71.38 -14.84
CA LEU E 172 -24.91 -70.29 -14.72
C LEU E 172 -24.40 -70.24 -13.29
N ALA E 173 -23.10 -70.07 -13.13
CA ALA E 173 -22.45 -70.04 -11.82
C ALA E 173 -21.64 -68.76 -11.68
N TYR E 174 -21.80 -68.08 -10.56
CA TYR E 174 -21.03 -66.89 -10.26
C TYR E 174 -19.94 -67.21 -9.25
N TRP E 175 -18.85 -66.46 -9.32
CA TRP E 175 -17.70 -66.67 -8.44
C TRP E 175 -17.22 -65.32 -7.95
N VAL E 176 -17.39 -65.04 -6.67
CA VAL E 176 -16.93 -63.79 -6.05
C VAL E 176 -15.64 -64.11 -5.30
N GLY E 177 -14.65 -63.25 -5.46
CA GLY E 177 -13.41 -63.49 -4.75
C GLY E 177 -12.31 -62.51 -5.09
N PHE E 178 -11.08 -62.90 -4.75
CA PHE E 178 -9.90 -62.11 -5.04
C PHE E 178 -9.50 -62.28 -6.51
N ASP E 179 -8.71 -61.32 -7.00
CA ASP E 179 -8.31 -61.35 -8.40
C ASP E 179 -7.14 -62.29 -8.59
N THR E 180 -7.25 -63.19 -9.57
CA THR E 180 -6.28 -64.25 -9.80
C THR E 180 -5.06 -63.81 -10.61
N THR E 181 -5.13 -62.68 -11.30
CA THR E 181 -4.03 -62.29 -12.20
C THR E 181 -2.68 -62.17 -11.52
N PRO E 182 -2.55 -61.62 -10.30
CA PRO E 182 -1.22 -61.61 -9.68
C PRO E 182 -0.61 -62.99 -9.51
N PHE E 183 -1.45 -64.03 -9.43
CA PHE E 183 -0.93 -65.38 -9.30
C PHE E 183 -0.51 -65.95 -10.64
N MET E 184 -1.24 -65.65 -11.71
CA MET E 184 -0.83 -66.12 -13.02
C MET E 184 0.36 -65.35 -13.56
N TYR E 185 0.73 -64.25 -12.90
CA TYR E 185 1.96 -63.53 -13.19
C TYR E 185 3.17 -64.11 -12.48
N ASN E 186 2.97 -65.14 -11.64
CA ASN E 186 4.04 -65.77 -10.87
C ASN E 186 4.75 -64.76 -9.96
N ALA E 187 3.99 -64.22 -9.02
CA ALA E 187 4.49 -63.25 -8.07
C ALA E 187 4.71 -63.90 -6.70
N MET E 188 5.58 -63.28 -5.90
CA MET E 188 5.93 -63.82 -4.59
C MET E 188 4.97 -63.33 -3.52
N ALA E 189 4.82 -62.02 -3.39
CA ALA E 189 3.94 -61.42 -2.39
C ALA E 189 2.95 -60.49 -3.05
N GLY E 190 1.82 -60.25 -2.36
CA GLY E 190 0.75 -59.44 -2.91
C GLY E 190 0.40 -58.28 -1.99
N ALA E 191 -0.44 -57.39 -2.52
CA ALA E 191 -0.79 -56.16 -1.81
C ALA E 191 -2.27 -56.09 -1.45
N TYR E 192 -3.17 -56.12 -2.44
CA TYR E 192 -4.59 -55.80 -2.26
C TYR E 192 -4.76 -54.69 -1.23
N PRO E 193 -4.20 -53.50 -1.47
CA PRO E 193 -4.06 -52.52 -0.37
C PRO E 193 -5.37 -52.09 0.28
N SER E 194 -6.43 -51.92 -0.50
CA SER E 194 -7.66 -51.34 0.05
C SER E 194 -8.30 -52.27 1.08
N TYR E 195 -8.31 -53.57 0.80
CA TYR E 195 -8.98 -54.52 1.68
C TYR E 195 -8.08 -55.02 2.80
N SER E 196 -6.83 -54.53 2.86
CA SER E 196 -5.87 -54.91 3.90
C SER E 196 -5.67 -56.42 3.94
N THR E 197 -5.57 -57.04 2.77
CA THR E 197 -5.32 -58.47 2.62
C THR E 197 -4.01 -58.67 1.90
N ASN E 198 -3.06 -59.31 2.56
CA ASN E 198 -1.72 -59.52 2.01
C ASN E 198 -1.41 -61.00 1.94
N TRP E 199 -0.89 -61.45 0.80
CA TRP E 199 -0.51 -62.84 0.65
C TRP E 199 0.98 -62.96 0.40
N ALA E 200 1.53 -64.10 0.82
CA ALA E 200 2.96 -64.35 0.69
C ALA E 200 3.22 -65.83 0.52
N ASP E 201 4.32 -66.14 -0.15
CA ASP E 201 4.72 -67.52 -0.35
C ASP E 201 5.38 -68.03 0.93
N GLU E 202 5.35 -69.36 1.12
CA GLU E 202 5.91 -69.96 2.33
C GLU E 202 7.38 -69.61 2.51
N GLN E 203 8.16 -69.63 1.43
CA GLN E 203 9.59 -69.43 1.56
C GLN E 203 9.95 -67.99 1.91
N VAL E 204 9.16 -67.01 1.47
CA VAL E 204 9.48 -65.60 1.67
C VAL E 204 8.75 -65.03 2.89
N LEU E 205 8.30 -65.90 3.79
CA LEU E 205 7.58 -65.43 4.98
C LEU E 205 8.49 -64.63 5.90
N LYS E 206 9.72 -65.11 6.11
CA LYS E 206 10.64 -64.43 7.03
C LYS E 206 11.40 -63.31 6.32
N ALA E 207 10.66 -62.44 5.64
CA ALA E 207 11.23 -61.29 4.96
C ALA E 207 11.17 -60.08 5.89
N LYS E 208 11.43 -58.89 5.35
CA LYS E 208 11.48 -57.68 6.17
C LYS E 208 10.57 -56.58 5.66
N ASN E 209 10.46 -56.43 4.34
CA ASN E 209 9.84 -55.26 3.74
C ASN E 209 8.72 -55.66 2.78
N ILE E 210 7.84 -56.55 3.24
CA ILE E 210 6.59 -56.84 2.55
C ILE E 210 5.45 -56.72 3.56
N GLY E 211 4.22 -56.77 3.04
CA GLY E 211 3.06 -56.63 3.90
C GLY E 211 2.91 -57.80 4.86
N LEU E 212 3.48 -58.94 4.49
CA LEU E 212 3.34 -60.18 5.25
C LEU E 212 4.72 -60.76 5.53
N CYS E 213 5.32 -60.38 6.67
CA CYS E 213 6.64 -60.86 7.04
C CYS E 213 6.85 -60.70 8.53
N SER E 214 7.86 -61.43 9.05
CA SER E 214 8.24 -61.33 10.45
C SER E 214 9.66 -61.89 10.57
N THR E 215 10.59 -61.05 11.02
CA THR E 215 11.99 -61.43 11.16
C THR E 215 12.47 -61.16 12.57
N ASP E 216 13.70 -61.59 12.85
CA ASP E 216 14.32 -61.45 14.15
C ASP E 216 15.66 -60.75 14.01
N LEU E 217 16.01 -59.92 14.99
CA LEU E 217 17.25 -59.16 14.92
C LEU E 217 18.44 -60.07 15.22
N THR E 218 19.51 -59.91 14.43
CA THR E 218 20.70 -60.74 14.57
C THR E 218 21.94 -59.87 14.57
N GLU E 219 23.02 -60.42 15.14
CA GLU E 219 24.31 -59.76 15.14
C GLU E 219 25.22 -60.39 14.09
N GLY E 220 26.45 -59.88 13.99
CA GLY E 220 27.29 -60.11 12.82
C GLY E 220 27.81 -61.50 12.62
N ARG E 221 26.91 -62.47 12.45
CA ARG E 221 27.29 -63.87 12.18
C ARG E 221 27.10 -64.11 10.69
N ARG E 222 28.19 -64.36 9.97
CA ARG E 222 28.11 -64.92 8.61
C ARG E 222 28.40 -66.41 8.62
N GLY E 223 27.66 -67.13 9.47
CA GLY E 223 27.94 -68.55 9.65
C GLY E 223 26.75 -69.47 9.89
N LYS E 224 25.56 -69.10 9.41
CA LYS E 224 24.38 -69.89 9.76
C LYS E 224 24.41 -71.27 9.13
N LEU E 225 25.14 -71.41 8.02
CA LEU E 225 25.57 -72.71 7.49
C LEU E 225 24.40 -73.69 7.33
N SER E 226 23.47 -73.36 6.44
CA SER E 226 22.33 -74.23 6.17
C SER E 226 22.80 -75.51 5.48
N ILE E 227 22.30 -76.65 5.96
CA ILE E 227 22.66 -77.93 5.35
C ILE E 227 22.03 -78.06 3.97
N MET E 228 20.80 -77.58 3.80
CA MET E 228 20.06 -77.72 2.56
C MET E 228 20.28 -76.49 1.68
N ARG E 229 20.62 -76.72 0.42
CA ARG E 229 20.86 -75.66 -0.55
C ARG E 229 20.00 -75.90 -1.77
N GLY E 230 19.17 -74.91 -2.11
CA GLY E 230 18.26 -75.03 -3.24
C GLY E 230 18.75 -74.36 -4.50
N LYS E 231 19.25 -73.13 -4.37
CA LYS E 231 19.79 -72.34 -5.47
C LYS E 231 18.75 -72.04 -6.55
N LYS E 232 17.47 -72.08 -6.20
CA LYS E 232 16.40 -71.70 -7.13
C LYS E 232 15.21 -71.19 -6.33
N LEU E 233 15.04 -69.87 -6.30
CA LEU E 233 13.93 -69.23 -5.59
C LEU E 233 12.76 -69.10 -6.55
N GLU E 234 11.95 -70.14 -6.61
CA GLU E 234 10.76 -70.19 -7.44
C GLU E 234 9.52 -70.35 -6.58
N PRO E 235 8.37 -69.83 -7.04
CA PRO E 235 7.14 -69.98 -6.25
C PRO E 235 6.74 -71.44 -6.08
N CYS E 236 6.11 -71.73 -4.94
CA CYS E 236 5.64 -73.06 -4.62
C CYS E 236 4.12 -73.06 -4.53
N ASP E 237 3.56 -74.26 -4.33
CA ASP E 237 2.11 -74.42 -4.33
C ASP E 237 1.46 -73.70 -3.15
N ARG E 238 2.06 -73.81 -1.96
CA ARG E 238 1.45 -73.28 -0.76
C ARG E 238 1.66 -71.78 -0.67
N VAL E 239 0.57 -71.03 -0.50
CA VAL E 239 0.63 -69.58 -0.32
C VAL E 239 -0.29 -69.25 0.85
N LEU E 240 0.08 -68.26 1.66
CA LEU E 240 -0.70 -67.87 2.81
C LEU E 240 -1.27 -66.47 2.63
N PHE E 241 -2.58 -66.34 2.81
CA PHE E 241 -3.28 -65.08 2.79
C PHE E 241 -3.52 -64.60 4.21
N SER E 242 -3.47 -63.29 4.40
CA SER E 242 -3.85 -62.65 5.65
C SER E 242 -4.93 -61.64 5.30
N VAL E 243 -6.18 -61.97 5.59
CA VAL E 243 -7.31 -61.07 5.41
C VAL E 243 -7.65 -60.50 6.78
N GLY E 244 -7.42 -59.19 6.94
CA GLY E 244 -7.56 -58.58 8.24
C GLY E 244 -6.63 -59.20 9.26
N SER E 245 -7.20 -59.98 10.18
CA SER E 245 -6.41 -60.68 11.18
C SER E 245 -6.53 -62.19 11.08
N THR E 246 -7.08 -62.72 9.98
CA THR E 246 -7.28 -64.15 9.82
C THR E 246 -6.40 -64.67 8.69
N LEU E 247 -5.74 -65.80 8.94
CA LEU E 247 -4.77 -66.38 8.02
C LEU E 247 -5.35 -67.64 7.38
N TYR E 248 -5.27 -67.71 6.05
CA TYR E 248 -5.86 -68.79 5.27
C TYR E 248 -4.83 -69.34 4.29
N PRO E 249 -4.63 -70.66 4.25
CA PRO E 249 -3.72 -71.22 3.25
C PRO E 249 -4.43 -71.63 1.96
N GLU E 250 -3.85 -71.23 0.83
CA GLU E 250 -4.33 -71.60 -0.49
C GLU E 250 -3.25 -72.36 -1.24
N SER E 251 -3.69 -73.12 -2.24
CA SER E 251 -2.80 -73.82 -3.15
C SER E 251 -2.62 -72.97 -4.40
N ARG E 252 -1.38 -72.87 -4.88
CA ARG E 252 -1.10 -72.03 -6.04
C ARG E 252 -1.80 -72.55 -7.29
N LYS E 253 -1.78 -73.86 -7.51
CA LYS E 253 -2.41 -74.42 -8.70
C LYS E 253 -3.92 -74.25 -8.66
N LEU E 254 -4.54 -74.57 -7.53
CA LEU E 254 -6.00 -74.50 -7.43
C LEU E 254 -6.48 -73.06 -7.61
N LEU E 255 -5.79 -72.10 -6.99
CA LEU E 255 -6.17 -70.71 -7.14
C LEU E 255 -5.90 -70.21 -8.56
N LYS E 256 -4.75 -70.57 -9.12
CA LYS E 256 -4.39 -70.13 -10.46
C LYS E 256 -5.34 -70.70 -11.51
N SER E 257 -5.96 -71.83 -11.21
CA SER E 257 -6.90 -72.44 -12.15
C SER E 257 -8.17 -71.60 -12.33
N TRP E 258 -8.39 -70.59 -11.50
CA TRP E 258 -9.60 -69.78 -11.61
C TRP E 258 -9.48 -68.64 -12.61
N HIS E 259 -8.33 -68.47 -13.26
CA HIS E 259 -8.20 -67.49 -14.33
C HIS E 259 -8.70 -68.11 -15.64
N LEU E 260 -10.01 -68.37 -15.66
CA LEU E 260 -10.62 -69.04 -16.79
C LEU E 260 -10.56 -68.18 -18.04
N PRO E 261 -10.44 -68.78 -19.21
CA PRO E 261 -10.46 -68.00 -20.46
C PRO E 261 -11.83 -67.41 -20.71
N SER E 262 -11.89 -66.56 -21.73
CA SER E 262 -13.17 -65.93 -22.10
C SER E 262 -14.19 -66.97 -22.51
N VAL E 263 -13.79 -67.93 -23.34
CA VAL E 263 -14.62 -69.07 -23.71
C VAL E 263 -13.79 -70.34 -23.55
N PHE E 264 -14.44 -71.43 -23.16
CA PHE E 264 -13.75 -72.71 -23.02
C PHE E 264 -14.74 -73.85 -23.11
N HIS E 265 -14.20 -75.05 -23.25
CA HIS E 265 -15.00 -76.26 -23.44
C HIS E 265 -14.60 -77.32 -22.43
N LEU E 266 -15.57 -78.14 -22.04
CA LEU E 266 -15.35 -79.29 -21.16
C LEU E 266 -15.89 -80.53 -21.87
N LYS E 267 -15.01 -81.34 -22.44
CA LYS E 267 -15.41 -82.55 -23.15
C LYS E 267 -15.17 -83.75 -22.25
N GLY E 268 -16.24 -84.50 -21.98
CA GLY E 268 -16.16 -85.74 -21.24
C GLY E 268 -17.21 -86.70 -21.72
N LYS E 269 -17.93 -87.32 -20.79
CA LYS E 269 -19.13 -88.05 -21.18
C LYS E 269 -20.15 -87.12 -21.80
N LEU E 270 -20.32 -85.93 -21.22
CA LEU E 270 -21.13 -84.86 -21.80
C LEU E 270 -20.27 -83.63 -21.95
N SER E 271 -20.20 -83.09 -23.16
CA SER E 271 -19.34 -81.97 -23.49
C SER E 271 -20.14 -80.68 -23.46
N PHE E 272 -19.74 -79.75 -22.60
CA PHE E 272 -20.38 -78.45 -22.48
C PHE E 272 -19.43 -77.34 -22.92
N THR E 273 -20.01 -76.17 -23.17
CA THR E 273 -19.24 -74.97 -23.48
C THR E 273 -19.59 -73.88 -22.47
N CYS E 274 -18.63 -72.99 -22.21
CA CYS E 274 -18.79 -72.01 -21.17
C CYS E 274 -18.15 -70.70 -21.58
N ARG E 275 -18.72 -69.60 -21.10
CA ARG E 275 -18.19 -68.26 -21.31
C ARG E 275 -18.03 -67.61 -19.95
N CYS E 276 -16.86 -67.02 -19.70
CA CYS E 276 -16.54 -66.40 -18.43
C CYS E 276 -16.21 -64.93 -18.66
N ASP E 277 -16.84 -64.06 -17.88
CA ASP E 277 -16.59 -62.63 -17.94
C ASP E 277 -16.67 -62.02 -16.55
N THR E 278 -16.02 -60.87 -16.39
CA THR E 278 -15.98 -60.16 -15.12
C THR E 278 -17.09 -59.10 -15.13
N VAL E 279 -18.11 -59.30 -14.30
CA VAL E 279 -19.23 -58.37 -14.27
C VAL E 279 -19.00 -57.23 -13.27
N VAL E 280 -18.28 -57.49 -12.18
CA VAL E 280 -18.00 -56.47 -11.17
C VAL E 280 -16.54 -56.61 -10.75
N SER E 281 -15.83 -55.48 -10.72
CA SER E 281 -14.44 -55.46 -10.31
C SER E 281 -14.20 -54.21 -9.47
N CYS E 282 -13.52 -54.37 -8.35
CA CYS E 282 -13.24 -53.24 -7.45
C CYS E 282 -11.97 -53.54 -6.67
N GLU E 283 -10.89 -52.85 -7.01
CA GLU E 283 -9.64 -52.84 -6.25
C GLU E 283 -9.15 -54.24 -5.89
N GLY E 284 -9.42 -55.22 -6.75
CA GLY E 284 -8.95 -56.57 -6.49
C GLY E 284 -10.06 -57.59 -6.39
N TYR E 285 -11.19 -57.22 -5.78
CA TYR E 285 -12.31 -58.14 -5.73
C TYR E 285 -13.00 -58.21 -7.08
N VAL E 286 -13.25 -59.43 -7.55
CA VAL E 286 -13.86 -59.67 -8.85
C VAL E 286 -15.05 -60.60 -8.67
N VAL E 287 -15.99 -60.49 -9.60
CA VAL E 287 -17.17 -61.35 -9.67
C VAL E 287 -17.24 -61.90 -11.08
N LYS E 288 -16.83 -63.16 -11.25
CA LYS E 288 -16.85 -63.83 -12.53
C LYS E 288 -18.20 -64.52 -12.75
N ARG E 289 -18.60 -64.61 -14.02
CA ARG E 289 -19.91 -65.12 -14.43
C ARG E 289 -19.69 -66.21 -15.48
N ILE E 290 -19.59 -67.45 -15.04
CA ILE E 290 -19.36 -68.58 -15.94
C ILE E 290 -20.73 -69.17 -16.28
N THR E 291 -21.15 -69.02 -17.53
CA THR E 291 -22.45 -69.49 -17.97
C THR E 291 -22.33 -70.87 -18.59
N MET E 292 -23.05 -71.84 -18.04
CA MET E 292 -23.05 -73.18 -18.58
C MET E 292 -23.80 -73.21 -19.91
N SER E 293 -23.45 -74.18 -20.75
CA SER E 293 -24.15 -74.36 -22.00
C SER E 293 -23.92 -75.77 -22.54
N PRO E 294 -24.97 -76.54 -22.79
CA PRO E 294 -24.79 -77.89 -23.33
C PRO E 294 -24.30 -77.86 -24.76
N GLY E 295 -23.64 -78.95 -25.15
CA GLY E 295 -23.11 -79.11 -26.50
C GLY E 295 -21.69 -78.59 -26.63
N LEU E 296 -21.19 -78.70 -27.85
CA LEU E 296 -19.83 -78.27 -28.20
C LEU E 296 -19.93 -77.32 -29.39
N TYR E 297 -20.09 -76.03 -29.09
CA TYR E 297 -20.25 -75.00 -30.10
C TYR E 297 -19.06 -74.04 -30.07
N GLY E 298 -18.58 -73.65 -31.24
CA GLY E 298 -17.57 -72.62 -31.37
C GLY E 298 -16.17 -73.17 -31.18
N LYS E 299 -15.21 -72.25 -31.33
CA LYS E 299 -13.79 -72.56 -31.17
C LYS E 299 -13.20 -71.66 -30.10
N THR E 300 -12.34 -72.23 -29.26
CA THR E 300 -11.75 -71.50 -28.15
C THR E 300 -10.36 -70.99 -28.52
N THR E 301 -10.03 -69.80 -28.00
CA THR E 301 -8.72 -69.21 -28.27
C THR E 301 -7.66 -69.71 -27.28
N GLY E 302 -8.02 -69.79 -26.01
CA GLY E 302 -7.08 -70.18 -24.98
C GLY E 302 -6.42 -69.06 -24.23
N TYR E 303 -7.00 -67.85 -24.26
CA TYR E 303 -6.43 -66.68 -23.62
C TYR E 303 -7.43 -66.11 -22.62
N ALA E 304 -6.91 -65.58 -21.52
CA ALA E 304 -7.71 -64.92 -20.49
C ALA E 304 -7.37 -63.45 -20.44
N VAL E 305 -8.40 -62.61 -20.35
CA VAL E 305 -8.27 -61.16 -20.39
C VAL E 305 -8.63 -60.60 -19.03
N THR E 306 -7.79 -59.68 -18.54
CA THR E 306 -8.07 -58.93 -17.32
C THR E 306 -8.02 -57.43 -17.62
N HIS E 307 -9.07 -56.72 -17.23
CA HIS E 307 -9.13 -55.27 -17.36
C HIS E 307 -8.74 -54.64 -16.03
N HIS E 308 -7.70 -53.82 -16.05
CA HIS E 308 -7.17 -53.18 -14.84
C HIS E 308 -7.78 -51.79 -14.74
N ALA E 309 -8.85 -51.67 -13.97
CA ALA E 309 -9.42 -50.36 -13.70
C ALA E 309 -8.43 -49.47 -12.95
N ASP E 310 -7.66 -50.04 -12.02
CA ASP E 310 -6.60 -49.35 -11.33
C ASP E 310 -5.27 -50.05 -11.64
N GLY E 311 -4.18 -49.30 -11.54
CA GLY E 311 -2.92 -49.78 -12.07
C GLY E 311 -2.40 -51.00 -11.34
N PHE E 312 -1.67 -51.84 -12.07
CA PHE E 312 -1.02 -53.03 -11.54
C PHE E 312 0.48 -52.86 -11.64
N LEU E 313 1.20 -53.27 -10.59
CA LEU E 313 2.62 -53.00 -10.47
C LEU E 313 3.34 -54.22 -9.94
N MET E 314 4.09 -54.91 -10.79
CA MET E 314 4.92 -56.02 -10.38
C MET E 314 6.37 -55.56 -10.31
N CYS E 315 6.88 -55.41 -9.10
CA CYS E 315 8.20 -54.85 -8.84
C CYS E 315 9.17 -55.95 -8.46
N LYS E 316 10.46 -55.63 -8.58
CA LYS E 316 11.57 -56.52 -8.28
C LYS E 316 12.27 -55.96 -7.04
N THR E 317 11.98 -56.52 -5.88
CA THR E 317 12.50 -56.00 -4.62
C THR E 317 13.44 -57.00 -3.97
N THR E 318 14.52 -56.50 -3.41
CA THR E 318 15.42 -57.29 -2.57
C THR E 318 14.95 -57.20 -1.13
N ASP E 319 14.94 -58.33 -0.44
CA ASP E 319 14.55 -58.41 0.97
C ASP E 319 15.36 -59.49 1.66
N THR E 320 15.43 -59.40 2.98
CA THR E 320 16.13 -60.40 3.79
C THR E 320 15.15 -61.51 4.14
N VAL E 321 15.04 -62.50 3.25
CA VAL E 321 14.22 -63.67 3.51
C VAL E 321 15.01 -64.60 4.43
N ASP E 322 14.44 -64.90 5.60
CA ASP E 322 15.10 -65.64 6.67
C ASP E 322 16.40 -64.98 7.10
N GLY E 323 16.65 -63.76 6.64
CA GLY E 323 17.90 -63.08 6.88
C GLY E 323 18.74 -62.89 5.64
N GLU E 324 18.75 -63.88 4.76
CA GLU E 324 19.56 -63.80 3.55
C GLU E 324 18.94 -62.84 2.54
N ARG E 325 19.76 -61.98 1.95
CA ARG E 325 19.28 -61.04 0.95
C ARG E 325 19.00 -61.77 -0.35
N VAL E 326 17.75 -61.72 -0.79
CA VAL E 326 17.33 -62.32 -2.06
C VAL E 326 16.37 -61.37 -2.75
N SER E 327 16.33 -61.45 -4.07
CA SER E 327 15.50 -60.58 -4.90
C SER E 327 14.29 -61.39 -5.41
N PHE E 328 13.10 -60.86 -5.21
CA PHE E 328 11.89 -61.51 -5.67
C PHE E 328 10.88 -60.47 -6.14
N SER E 329 9.85 -60.95 -6.83
CA SER E 329 8.84 -60.08 -7.45
C SER E 329 7.61 -59.99 -6.56
N VAL E 330 7.15 -58.76 -6.34
CA VAL E 330 5.96 -58.50 -5.51
C VAL E 330 4.97 -57.68 -6.33
N CYS E 331 3.69 -58.00 -6.20
CA CYS E 331 2.65 -57.32 -6.95
C CYS E 331 1.89 -56.34 -6.06
N THR E 332 1.40 -55.27 -6.68
CA THR E 332 0.74 -54.21 -5.96
C THR E 332 -0.36 -53.62 -6.84
N TYR E 333 -1.43 -53.17 -6.21
CA TYR E 333 -2.49 -52.42 -6.86
C TYR E 333 -2.36 -50.95 -6.48
N VAL E 334 -2.37 -50.08 -7.48
CA VAL E 334 -2.20 -48.65 -7.30
C VAL E 334 -3.48 -47.97 -7.74
N PRO E 335 -4.05 -47.05 -6.97
CA PRO E 335 -5.30 -46.39 -7.37
C PRO E 335 -5.14 -45.62 -8.67
N ALA E 336 -6.27 -45.47 -9.38
CA ALA E 336 -6.24 -44.87 -10.71
C ALA E 336 -5.74 -43.43 -10.66
N THR E 337 -6.15 -42.67 -9.65
CA THR E 337 -5.78 -41.26 -9.59
C THR E 337 -4.28 -41.08 -9.37
N ILE E 338 -3.67 -41.93 -8.53
CA ILE E 338 -2.25 -41.80 -8.24
C ILE E 338 -1.43 -42.08 -9.49
N CYS E 339 -1.77 -43.14 -10.21
CA CYS E 339 -1.10 -43.43 -11.48
C CYS E 339 -1.37 -42.34 -12.50
N ASP E 340 -2.58 -41.80 -12.50
CA ASP E 340 -2.95 -40.76 -13.45
C ASP E 340 -2.11 -39.50 -13.27
N GLN E 341 -1.94 -39.06 -12.02
CA GLN E 341 -1.18 -37.84 -11.77
C GLN E 341 0.32 -38.09 -11.90
N MET E 342 0.77 -39.31 -11.65
CA MET E 342 2.19 -39.66 -11.79
C MET E 342 2.50 -40.19 -13.18
N THR E 343 2.26 -39.36 -14.19
CA THR E 343 2.55 -39.71 -15.58
C THR E 343 3.64 -38.84 -16.18
N GLY E 344 3.56 -37.52 -15.99
CA GLY E 344 4.62 -36.65 -16.47
C GLY E 344 5.93 -36.88 -15.74
N ILE E 345 5.87 -37.12 -14.43
CA ILE E 345 7.07 -37.44 -13.67
C ILE E 345 7.65 -38.77 -14.16
N LEU E 346 6.79 -39.71 -14.54
CA LEU E 346 7.25 -41.00 -15.04
C LEU E 346 7.63 -40.90 -16.51
N ALA E 347 8.47 -39.92 -16.84
CA ALA E 347 8.97 -39.74 -18.20
C ALA E 347 10.47 -39.46 -18.16
N THR E 348 10.96 -39.05 -17.00
CA THR E 348 12.35 -38.64 -16.82
C THR E 348 13.14 -39.76 -16.15
N GLU E 349 14.45 -39.56 -16.07
CA GLU E 349 15.30 -40.43 -15.28
C GLU E 349 15.11 -40.11 -13.81
N VAL E 350 14.22 -40.83 -13.14
CA VAL E 350 13.81 -40.52 -11.77
C VAL E 350 14.38 -41.57 -10.83
N THR E 351 14.94 -41.12 -9.72
CA THR E 351 15.49 -42.00 -8.71
C THR E 351 14.38 -42.49 -7.78
N PRO E 352 14.58 -43.64 -7.12
CA PRO E 352 13.56 -44.09 -6.16
C PRO E 352 13.29 -43.11 -5.04
N GLU E 353 14.31 -42.37 -4.60
CA GLU E 353 14.11 -41.37 -3.55
C GLU E 353 13.15 -40.28 -4.01
N ASP E 354 13.42 -39.68 -5.18
CA ASP E 354 12.55 -38.64 -5.69
C ASP E 354 11.17 -39.17 -6.01
N ALA E 355 11.10 -40.39 -6.55
CA ALA E 355 9.81 -40.99 -6.88
C ALA E 355 8.96 -41.19 -5.63
N GLN E 356 9.58 -41.68 -4.54
CA GLN E 356 8.82 -41.92 -3.33
C GLN E 356 8.42 -40.60 -2.67
N LYS E 357 9.29 -39.59 -2.73
CA LYS E 357 8.93 -38.28 -2.20
C LYS E 357 7.74 -37.70 -2.96
N LEU E 358 7.74 -37.82 -4.29
CA LEU E 358 6.61 -37.35 -5.07
C LEU E 358 5.35 -38.15 -4.76
N LEU E 359 5.51 -39.46 -4.52
CA LEU E 359 4.35 -40.29 -4.20
C LEU E 359 3.72 -39.88 -2.88
N VAL E 360 4.54 -39.66 -1.85
CA VAL E 360 3.97 -39.28 -0.56
C VAL E 360 3.37 -37.88 -0.65
N GLY E 361 3.99 -36.99 -1.41
CA GLY E 361 3.39 -35.68 -1.64
C GLY E 361 2.06 -35.78 -2.35
N LEU E 362 1.92 -36.77 -3.24
CA LEU E 362 0.66 -36.96 -3.95
C LEU E 362 -0.42 -37.52 -3.05
N ASN E 363 -0.04 -38.29 -2.03
CA ASN E 363 -1.00 -38.91 -1.13
C ASN E 363 -1.53 -37.96 -0.05
N GLN E 364 -1.34 -36.65 -0.23
CA GLN E 364 -1.79 -35.65 0.73
C GLN E 364 -1.19 -35.89 2.12
N THR E 376 -6.34 -37.67 5.26
CA THR E 376 -6.95 -38.34 4.12
C THR E 376 -5.91 -38.98 3.23
N ASN E 377 -6.06 -40.28 2.98
CA ASN E 377 -5.12 -41.04 2.16
C ASN E 377 -5.86 -41.72 1.02
N THR E 378 -5.24 -41.75 -0.15
CA THR E 378 -5.78 -42.46 -1.30
C THR E 378 -5.36 -43.93 -1.28
N MET E 379 -4.04 -44.17 -1.27
CA MET E 379 -3.49 -45.50 -1.13
C MET E 379 -2.78 -45.62 0.21
N LYS E 380 -2.70 -46.84 0.70
CA LYS E 380 -2.02 -47.09 1.98
C LYS E 380 -0.54 -46.78 1.85
N ASN E 381 -0.05 -45.88 2.72
CA ASN E 381 1.34 -45.48 2.69
C ASN E 381 2.29 -46.60 3.11
N TYR E 382 1.76 -47.69 3.66
CA TYR E 382 2.58 -48.79 4.13
C TYR E 382 3.38 -49.46 3.02
N MET E 383 2.98 -49.31 1.76
CA MET E 383 3.63 -50.01 0.67
C MET E 383 3.91 -49.02 -0.47
N ILE E 384 4.55 -47.90 -0.13
CA ILE E 384 5.16 -47.06 -1.17
C ILE E 384 6.66 -46.86 -0.94
N PRO E 385 7.41 -47.86 -0.44
CA PRO E 385 8.82 -47.96 -0.83
C PRO E 385 8.97 -48.77 -2.12
N VAL E 386 7.96 -49.60 -2.40
CA VAL E 386 8.09 -50.55 -3.50
C VAL E 386 7.40 -50.01 -4.75
N VAL E 387 6.34 -49.22 -4.59
CA VAL E 387 5.73 -48.56 -5.74
C VAL E 387 6.70 -47.59 -6.37
N ALA E 388 7.46 -46.87 -5.54
CA ALA E 388 8.48 -45.97 -6.06
C ALA E 388 9.56 -46.73 -6.80
N GLN E 389 9.99 -47.87 -6.25
CA GLN E 389 10.99 -48.70 -6.93
C GLN E 389 10.48 -49.19 -8.28
N ALA E 390 9.22 -49.64 -8.33
CA ALA E 390 8.65 -50.11 -9.58
C ALA E 390 8.55 -48.97 -10.60
N PHE E 391 8.15 -47.79 -10.15
CA PHE E 391 8.07 -46.66 -11.06
C PHE E 391 9.45 -46.27 -11.58
N SER E 392 10.46 -46.26 -10.71
CA SER E 392 11.81 -45.94 -11.14
C SER E 392 12.33 -46.95 -12.15
N LYS E 393 12.07 -48.24 -11.90
CA LYS E 393 12.53 -49.26 -12.84
C LYS E 393 11.76 -49.19 -14.16
N TRP E 394 10.47 -48.84 -14.10
CA TRP E 394 9.72 -48.68 -15.34
C TRP E 394 10.22 -47.49 -16.14
N ALA E 395 10.57 -46.40 -15.47
CA ALA E 395 11.19 -45.28 -16.16
C ALA E 395 12.52 -45.68 -16.78
N LYS E 396 13.32 -46.46 -16.04
CA LYS E 396 14.57 -46.98 -16.57
C LYS E 396 14.33 -47.76 -17.85
N GLU E 397 13.35 -48.67 -17.82
CA GLU E 397 13.11 -49.55 -18.96
C GLU E 397 12.57 -48.77 -20.15
N CYS E 398 11.63 -47.85 -19.90
CA CYS E 398 11.10 -47.05 -21.00
C CYS E 398 12.18 -46.18 -21.63
N ARG E 399 13.04 -45.58 -20.80
CA ARG E 399 14.16 -44.82 -21.33
C ARG E 399 15.06 -45.70 -22.19
N LYS E 400 15.59 -46.78 -21.61
CA LYS E 400 16.50 -47.65 -22.36
C LYS E 400 15.84 -48.18 -23.62
N ASP E 401 14.52 -48.28 -23.62
CA ASP E 401 13.80 -48.62 -24.84
C ASP E 401 13.83 -47.47 -25.83
N MET E 402 13.86 -46.23 -25.33
CA MET E 402 13.74 -45.07 -26.21
C MET E 402 14.96 -44.93 -27.13
N GLU E 403 16.18 -44.91 -26.59
CA GLU E 403 17.35 -44.70 -27.44
C GLU E 403 17.93 -46.00 -27.99
N ASP E 404 17.16 -47.08 -27.99
CA ASP E 404 17.58 -48.34 -28.60
C ASP E 404 16.61 -48.72 -29.71
N GLU E 405 16.32 -47.75 -30.58
CA GLU E 405 15.33 -47.93 -31.63
C GLU E 405 15.90 -48.82 -32.74
N LYS E 406 15.17 -49.88 -33.08
CA LYS E 406 15.62 -50.92 -33.99
C LYS E 406 15.12 -50.66 -35.42
N LEU E 407 15.13 -51.71 -36.24
CA LEU E 407 14.67 -51.64 -37.62
C LEU E 407 13.36 -52.38 -37.79
N LEU E 408 12.59 -51.96 -38.79
CA LEU E 408 11.30 -52.59 -39.07
C LEU E 408 11.46 -54.04 -39.52
N GLY E 409 10.62 -54.90 -38.94
CA GLY E 409 10.52 -56.29 -39.35
C GLY E 409 11.79 -57.09 -39.20
N VAL E 410 12.80 -56.56 -38.54
CA VAL E 410 14.10 -57.20 -38.44
C VAL E 410 14.46 -57.33 -36.97
N ARG E 411 14.67 -58.57 -36.52
CA ARG E 411 15.22 -58.82 -35.21
C ARG E 411 16.74 -58.92 -35.29
N GLU E 412 17.36 -59.35 -34.19
CA GLU E 412 18.80 -59.60 -34.17
C GLU E 412 19.00 -61.00 -33.58
N ARG E 413 18.97 -61.99 -34.46
CA ARG E 413 19.06 -63.39 -34.07
C ARG E 413 20.39 -63.97 -34.56
N THR E 414 21.09 -64.64 -33.66
CA THR E 414 22.38 -65.25 -33.99
C THR E 414 22.27 -66.77 -34.03
N ALA E 422 18.91 -68.16 -31.17
CA ALA E 422 19.78 -67.37 -30.30
C ALA E 422 19.63 -65.88 -30.59
N PHE E 423 19.02 -65.16 -29.64
CA PHE E 423 18.81 -63.72 -29.76
C PHE E 423 18.72 -63.11 -28.38
N LYS E 424 19.02 -61.81 -28.30
CA LYS E 424 19.28 -61.17 -27.02
C LYS E 424 18.00 -60.95 -26.22
N LYS E 425 18.02 -61.38 -24.97
CA LYS E 425 16.98 -61.12 -23.98
C LYS E 425 17.52 -60.01 -23.10
N GLN E 426 16.83 -58.87 -23.08
CA GLN E 426 17.28 -57.76 -22.24
C GLN E 426 16.34 -57.57 -21.07
N LYS E 427 16.72 -56.68 -20.15
CA LYS E 427 16.21 -56.76 -18.78
C LYS E 427 14.81 -56.19 -18.65
N THR E 428 13.96 -56.93 -17.95
CA THR E 428 12.66 -56.45 -17.48
C THR E 428 12.58 -56.66 -15.98
N HIS E 429 12.56 -55.55 -15.22
CA HIS E 429 12.54 -55.61 -13.77
C HIS E 429 11.20 -55.25 -13.15
N THR E 430 10.26 -54.72 -13.93
CA THR E 430 8.95 -54.40 -13.40
C THR E 430 7.93 -54.45 -14.54
N VAL E 431 6.68 -54.72 -14.16
CA VAL E 431 5.57 -54.74 -15.10
C VAL E 431 4.55 -53.74 -14.60
N TYR E 432 4.27 -52.71 -15.40
CA TYR E 432 3.39 -51.62 -15.00
C TYR E 432 2.20 -51.60 -15.95
N LYS E 433 1.10 -52.20 -15.53
CA LYS E 433 -0.15 -52.15 -16.27
C LYS E 433 -0.90 -50.88 -15.89
N ARG E 434 -1.11 -50.01 -16.87
CA ARG E 434 -1.70 -48.71 -16.66
C ARG E 434 -3.17 -48.86 -16.28
N PRO E 435 -3.80 -47.82 -15.69
CA PRO E 435 -5.15 -47.99 -15.16
C PRO E 435 -6.24 -48.11 -16.22
N ASP E 436 -5.84 -48.29 -17.49
CA ASP E 436 -6.79 -48.60 -18.54
C ASP E 436 -6.32 -49.69 -19.48
N THR E 437 -5.23 -50.39 -19.17
CA THR E 437 -4.71 -51.45 -20.00
C THR E 437 -5.39 -52.77 -19.67
N GLN E 438 -5.25 -53.73 -20.58
CA GLN E 438 -5.76 -55.08 -20.41
C GLN E 438 -4.64 -56.08 -20.62
N SER E 439 -4.68 -57.17 -19.87
CA SER E 439 -3.64 -58.20 -19.91
C SER E 439 -4.23 -59.50 -20.43
N ILE E 440 -3.59 -60.06 -21.46
CA ILE E 440 -3.92 -61.38 -21.99
C ILE E 440 -2.86 -62.37 -21.54
N GLN E 441 -3.30 -63.47 -20.94
CA GLN E 441 -2.38 -64.54 -20.57
C GLN E 441 -2.95 -65.88 -20.99
N LYS E 442 -2.08 -66.74 -21.50
CA LYS E 442 -2.50 -68.04 -22.02
C LYS E 442 -2.92 -68.95 -20.86
N VAL E 443 -4.11 -69.54 -20.99
CA VAL E 443 -4.63 -70.49 -20.02
C VAL E 443 -5.31 -71.62 -20.78
N GLN E 444 -5.08 -72.85 -20.32
CA GLN E 444 -5.69 -74.01 -20.96
C GLN E 444 -7.20 -73.89 -20.97
N ALA E 445 -7.80 -74.19 -22.11
CA ALA E 445 -9.24 -74.09 -22.29
C ALA E 445 -9.90 -75.40 -22.68
N GLU E 446 -9.18 -76.27 -23.40
CA GLU E 446 -9.74 -77.56 -23.83
C GLU E 446 -9.56 -78.57 -22.69
N PHE E 447 -10.44 -78.48 -21.70
CA PHE E 447 -10.39 -79.36 -20.54
C PHE E 447 -10.95 -80.72 -20.92
N ASP E 448 -10.11 -81.75 -20.83
CA ASP E 448 -10.47 -83.10 -21.29
C ASP E 448 -10.70 -84.05 -20.12
N SER E 449 -9.73 -84.16 -19.22
CA SER E 449 -9.78 -85.13 -18.13
C SER E 449 -10.24 -84.46 -16.85
N PHE E 450 -11.13 -85.12 -16.13
CA PHE E 450 -11.69 -84.59 -14.88
C PHE E 450 -11.71 -85.66 -13.79
N LEU E 460 -18.75 -87.11 9.23
CA LEU E 460 -19.18 -86.43 10.44
C LEU E 460 -18.59 -87.11 11.68
N SER E 461 -18.71 -86.46 12.83
CA SER E 461 -18.18 -86.96 14.09
C SER E 461 -19.32 -87.28 15.04
N ILE E 462 -19.10 -88.30 15.88
CA ILE E 462 -20.14 -88.70 16.84
C ILE E 462 -20.48 -87.59 17.82
N PRO E 463 -19.53 -86.94 18.50
CA PRO E 463 -19.93 -85.85 19.41
C PRO E 463 -20.60 -84.68 18.70
N LEU E 464 -20.21 -84.41 17.45
CA LEU E 464 -20.86 -83.34 16.70
C LEU E 464 -22.34 -83.63 16.47
N ARG E 465 -22.71 -84.91 16.35
CA ARG E 465 -24.11 -85.26 16.15
C ARG E 465 -24.95 -84.83 17.35
N THR E 466 -24.45 -85.07 18.56
CA THR E 466 -25.12 -84.55 19.75
C THR E 466 -25.02 -83.03 19.79
N ARG E 467 -23.91 -82.47 19.31
CA ARG E 467 -23.74 -81.02 19.31
C ARG E 467 -24.72 -80.33 18.38
N ILE E 468 -25.33 -81.08 17.46
CA ILE E 468 -26.31 -80.50 16.53
C ILE E 468 -27.45 -79.82 17.25
N LYS E 469 -27.95 -80.42 18.34
CA LYS E 469 -29.04 -79.85 19.11
C LYS E 469 -28.65 -78.48 19.69
N PRO F 3 -36.51 -39.32 -26.09
CA PRO F 3 -35.39 -39.29 -25.16
C PRO F 3 -34.71 -40.64 -25.01
N VAL F 4 -33.49 -40.78 -25.53
CA VAL F 4 -32.77 -42.04 -25.44
C VAL F 4 -32.11 -42.14 -24.08
N TYR F 5 -31.98 -43.37 -23.59
CA TYR F 5 -31.46 -43.63 -22.25
C TYR F 5 -30.15 -44.39 -22.39
N VAL F 6 -29.11 -43.90 -21.70
CA VAL F 6 -27.76 -44.37 -21.93
C VAL F 6 -27.19 -44.93 -20.62
N ASP F 7 -26.35 -45.96 -20.76
CA ASP F 7 -25.82 -46.69 -19.61
C ASP F 7 -24.70 -45.92 -18.91
N ILE F 8 -23.90 -45.17 -19.67
CA ILE F 8 -22.68 -44.54 -19.17
C ILE F 8 -22.99 -43.62 -17.99
N ASP F 9 -22.01 -43.43 -17.10
CA ASP F 9 -22.20 -42.62 -15.91
C ASP F 9 -22.47 -41.16 -16.28
N ALA F 10 -23.20 -40.48 -15.41
CA ALA F 10 -23.59 -39.09 -15.68
C ALA F 10 -22.38 -38.18 -15.78
N ASP F 11 -21.39 -38.38 -14.91
CA ASP F 11 -20.23 -37.49 -14.87
C ASP F 11 -19.21 -37.79 -15.96
N SER F 12 -19.37 -38.89 -16.71
CA SER F 12 -18.42 -39.23 -17.74
C SER F 12 -18.47 -38.21 -18.88
N ALA F 13 -17.28 -37.82 -19.37
CA ALA F 13 -17.19 -36.84 -20.44
C ALA F 13 -17.70 -37.39 -21.77
N PHE F 14 -17.59 -38.70 -21.99
CA PHE F 14 -17.99 -39.30 -23.25
C PHE F 14 -19.44 -39.01 -23.60
N LEU F 15 -20.30 -38.78 -22.60
CA LEU F 15 -21.68 -38.39 -22.87
C LEU F 15 -21.74 -37.22 -23.85
N LYS F 16 -20.92 -36.19 -23.61
CA LYS F 16 -20.88 -35.05 -24.53
C LYS F 16 -20.58 -35.52 -25.95
N ALA F 17 -19.58 -36.39 -26.11
CA ALA F 17 -19.26 -36.92 -27.42
C ALA F 17 -20.48 -37.60 -28.04
N LEU F 18 -21.21 -38.38 -27.24
CA LEU F 18 -22.42 -39.02 -27.75
C LEU F 18 -23.41 -37.98 -28.23
N GLN F 19 -23.55 -36.87 -27.49
CA GLN F 19 -24.46 -35.82 -27.91
C GLN F 19 -24.02 -35.22 -29.24
N ARG F 20 -22.71 -35.21 -29.50
CA ARG F 20 -22.23 -34.77 -30.80
C ARG F 20 -22.44 -35.83 -31.87
N ALA F 21 -22.41 -37.10 -31.47
CA ALA F 21 -22.60 -38.17 -32.43
C ALA F 21 -24.07 -38.32 -32.83
N TYR F 22 -24.98 -38.02 -31.92
CA TYR F 22 -26.42 -38.14 -32.14
C TYR F 22 -27.09 -36.85 -31.70
N PRO F 23 -27.14 -35.83 -32.58
CA PRO F 23 -27.75 -34.56 -32.18
C PRO F 23 -29.27 -34.59 -32.21
N MET F 24 -29.87 -35.40 -33.08
CA MET F 24 -31.33 -35.48 -33.13
C MET F 24 -31.93 -36.19 -31.93
N PHE F 25 -31.13 -36.97 -31.19
CA PHE F 25 -31.60 -37.75 -30.07
C PHE F 25 -31.13 -37.12 -28.76
N GLU F 26 -32.04 -37.01 -27.81
CA GLU F 26 -31.72 -36.50 -26.47
C GLU F 26 -31.20 -37.65 -25.62
N VAL F 27 -29.99 -37.50 -25.10
CA VAL F 27 -29.33 -38.56 -24.34
C VAL F 27 -29.48 -38.27 -22.86
N GLU F 28 -29.94 -39.26 -22.10
CA GLU F 28 -30.09 -39.12 -20.65
C GLU F 28 -29.33 -40.25 -19.96
N PRO F 29 -28.42 -39.93 -19.05
CA PRO F 29 -27.58 -40.96 -18.43
C PRO F 29 -28.19 -41.60 -17.20
N ARG F 30 -27.89 -42.88 -17.03
CA ARG F 30 -28.26 -43.65 -15.85
C ARG F 30 -27.57 -45.00 -15.90
N GLN F 31 -27.22 -45.53 -14.73
CA GLN F 31 -26.45 -46.75 -14.62
C GLN F 31 -27.31 -47.89 -14.07
N VAL F 32 -27.23 -49.05 -14.71
CA VAL F 32 -27.91 -50.25 -14.24
C VAL F 32 -26.85 -51.29 -13.86
N THR F 33 -25.71 -51.25 -14.55
CA THR F 33 -24.59 -52.14 -14.28
C THR F 33 -23.29 -51.36 -14.40
N PRO F 34 -22.26 -51.75 -13.64
CA PRO F 34 -20.94 -51.13 -13.77
C PRO F 34 -20.08 -51.79 -14.84
N ASN F 35 -20.57 -51.80 -16.07
CA ASN F 35 -19.88 -52.47 -17.16
C ASN F 35 -18.53 -51.83 -17.42
N ASP F 36 -17.51 -52.66 -17.63
CA ASP F 36 -16.16 -52.17 -17.87
C ASP F 36 -16.04 -51.48 -19.22
N ALA F 38 -18.83 -49.52 -21.21
CA ALA F 38 -20.15 -48.92 -21.23
C ALA F 38 -20.31 -48.05 -22.47
N ASN F 39 -19.19 -47.51 -22.95
CA ASN F 39 -19.24 -46.63 -24.11
C ASN F 39 -19.65 -47.39 -25.36
N ALA F 40 -19.11 -48.60 -25.56
CA ALA F 40 -19.39 -49.36 -26.75
C ALA F 40 -20.86 -49.76 -26.81
N ARG F 41 -21.40 -50.28 -25.71
CA ARG F 41 -22.81 -50.63 -25.67
C ARG F 41 -23.69 -49.39 -25.79
N ALA F 42 -23.25 -48.27 -25.24
CA ALA F 42 -23.99 -47.02 -25.40
C ALA F 42 -24.10 -46.63 -26.87
N PHE F 43 -22.98 -46.67 -27.59
CA PHE F 43 -23.00 -46.32 -29.00
C PHE F 43 -23.83 -47.32 -29.80
N SER F 44 -23.76 -48.61 -29.44
CA SER F 44 -24.57 -49.61 -30.12
C SER F 44 -26.06 -49.33 -29.93
N HIS F 45 -26.48 -49.02 -28.71
CA HIS F 45 -27.88 -48.72 -28.44
C HIS F 45 -28.32 -47.47 -29.19
N LEU F 46 -27.47 -46.43 -29.19
CA LEU F 46 -27.82 -45.21 -29.90
C LEU F 46 -27.92 -45.46 -31.40
N ALA F 47 -27.02 -46.27 -31.95
CA ALA F 47 -27.08 -46.60 -33.37
C ALA F 47 -28.34 -47.39 -33.70
N ILE F 48 -28.74 -48.31 -32.81
CA ILE F 48 -29.95 -49.07 -33.05
C ILE F 48 -31.18 -48.16 -33.04
N LYS F 49 -31.21 -47.20 -32.11
CA LYS F 49 -32.33 -46.25 -32.08
C LYS F 49 -32.33 -45.36 -33.32
N LEU F 50 -31.16 -44.93 -33.76
CA LEU F 50 -31.04 -44.22 -35.04
C LEU F 50 -31.58 -45.06 -36.18
N ILE F 51 -31.28 -46.36 -36.17
CA ILE F 51 -31.74 -47.26 -37.20
C ILE F 51 -33.25 -47.32 -37.21
N GLU F 52 -33.85 -47.45 -36.02
CA GLU F 52 -35.30 -47.46 -35.90
C GLU F 52 -35.90 -46.17 -36.46
N GLN F 53 -35.26 -45.04 -36.18
CA GLN F 53 -35.78 -43.76 -36.65
C GLN F 53 -35.70 -43.63 -38.17
N GLU F 54 -34.56 -44.02 -38.76
CA GLU F 54 -34.31 -43.71 -40.17
C GLU F 54 -35.16 -44.57 -41.10
N ILE F 55 -35.20 -45.88 -40.84
CA ILE F 55 -35.78 -46.80 -41.82
C ILE F 55 -37.31 -46.70 -41.83
N ASP F 56 -37.90 -47.24 -42.89
CA ASP F 56 -39.35 -47.22 -43.05
C ASP F 56 -39.96 -48.26 -42.11
N PRO F 57 -40.95 -47.90 -41.31
CA PRO F 57 -41.58 -48.89 -40.40
C PRO F 57 -42.13 -50.09 -41.14
N ASP F 58 -42.70 -49.91 -42.33
CA ASP F 58 -43.26 -51.01 -43.11
C ASP F 58 -42.14 -51.67 -43.92
N SER F 59 -41.23 -52.31 -43.19
CA SER F 59 -40.09 -52.98 -43.81
C SER F 59 -39.71 -54.19 -42.97
N THR F 60 -39.02 -55.14 -43.61
CA THR F 60 -38.47 -56.30 -42.94
C THR F 60 -36.96 -56.13 -42.81
N ILE F 61 -36.47 -56.20 -41.58
CA ILE F 61 -35.08 -55.88 -41.28
C ILE F 61 -34.36 -57.17 -40.95
N LEU F 62 -33.40 -57.54 -41.77
CA LEU F 62 -32.52 -58.67 -41.46
C LEU F 62 -31.48 -58.24 -40.44
N ASP F 63 -31.34 -59.03 -39.38
CA ASP F 63 -30.37 -58.78 -38.33
C ASP F 63 -29.39 -59.94 -38.37
N ILE F 64 -28.27 -59.74 -39.04
CA ILE F 64 -27.32 -60.82 -39.31
C ILE F 64 -26.31 -60.87 -38.18
N GLY F 65 -26.00 -62.08 -37.73
CA GLY F 65 -25.20 -62.23 -36.51
C GLY F 65 -25.92 -61.67 -35.30
N SER F 66 -27.22 -61.91 -35.22
CA SER F 66 -28.08 -61.22 -34.26
C SER F 66 -27.90 -61.75 -32.85
N ALA F 67 -28.13 -60.87 -31.89
CA ALA F 67 -28.40 -61.26 -30.51
C ALA F 67 -29.90 -61.08 -30.30
N PRO F 68 -30.70 -62.13 -30.51
CA PRO F 68 -32.16 -61.94 -30.57
C PRO F 68 -32.76 -61.32 -29.33
N ALA F 69 -32.15 -61.51 -28.16
CA ALA F 69 -32.71 -60.98 -26.92
C ALA F 69 -32.79 -59.46 -26.97
N ARG F 70 -31.74 -58.81 -27.45
CA ARG F 70 -31.71 -57.35 -27.44
C ARG F 70 -32.72 -56.75 -28.41
N ARG F 71 -32.72 -57.23 -29.66
CA ARG F 71 -33.61 -56.69 -30.69
C ARG F 71 -34.82 -57.61 -30.87
N MET F 72 -35.63 -57.69 -29.81
CA MET F 72 -36.92 -58.35 -29.90
C MET F 72 -37.98 -57.47 -29.29
N MET F 73 -37.56 -56.61 -28.35
CA MET F 73 -38.46 -55.62 -27.77
C MET F 73 -38.80 -54.48 -28.74
N SER F 74 -38.13 -54.42 -29.88
CA SER F 74 -38.39 -53.38 -30.87
C SER F 74 -39.79 -53.55 -31.47
N ASP F 75 -40.38 -52.43 -31.88
CA ASP F 75 -41.70 -52.47 -32.48
C ASP F 75 -41.66 -52.89 -33.95
N ARG F 76 -40.49 -52.90 -34.57
CA ARG F 76 -40.37 -53.31 -35.95
C ARG F 76 -40.35 -54.83 -36.06
N LYS F 77 -40.45 -55.33 -37.30
CA LYS F 77 -40.49 -56.76 -37.57
C LYS F 77 -39.09 -57.21 -38.01
N TYR F 78 -38.26 -57.53 -37.02
CA TYR F 78 -36.93 -58.02 -37.30
C TYR F 78 -36.95 -59.49 -37.66
N HIS F 79 -35.92 -59.92 -38.40
CA HIS F 79 -35.66 -61.32 -38.66
C HIS F 79 -34.22 -61.60 -38.27
N CYS F 80 -34.03 -62.33 -37.17
CA CYS F 80 -32.72 -62.58 -36.60
C CYS F 80 -32.09 -63.79 -37.26
N VAL F 81 -30.82 -63.66 -37.65
CA VAL F 81 -30.05 -64.74 -38.27
C VAL F 81 -28.87 -64.99 -37.34
N CYS F 82 -28.95 -66.07 -36.55
CA CYS F 82 -27.96 -66.36 -35.52
C CYS F 82 -27.46 -67.80 -35.67
N PRO F 83 -26.56 -68.06 -36.61
CA PRO F 83 -25.94 -69.38 -36.70
C PRO F 83 -25.03 -69.64 -35.51
N MET F 84 -24.86 -70.92 -35.19
CA MET F 84 -24.05 -71.33 -34.03
C MET F 84 -22.59 -71.45 -34.45
N ARG F 85 -21.98 -70.29 -34.71
CA ARG F 85 -20.59 -70.22 -35.13
C ARG F 85 -19.70 -69.53 -34.09
N SER F 86 -20.23 -69.25 -32.90
CA SER F 86 -19.46 -68.63 -31.84
C SER F 86 -19.84 -69.24 -30.51
N ALA F 87 -18.91 -69.21 -29.55
CA ALA F 87 -19.16 -69.79 -28.24
C ALA F 87 -20.18 -68.99 -27.43
N GLU F 88 -20.41 -67.72 -27.78
CA GLU F 88 -21.38 -66.91 -27.08
C GLU F 88 -22.82 -67.24 -27.48
N ASP F 89 -23.01 -67.83 -28.67
CA ASP F 89 -24.36 -68.08 -29.19
C ASP F 89 -25.25 -68.87 -28.23
N PRO F 90 -24.79 -69.93 -27.55
CA PRO F 90 -25.69 -70.58 -26.58
C PRO F 90 -26.19 -69.65 -25.50
N GLU F 91 -25.35 -68.75 -25.01
CA GLU F 91 -25.79 -67.78 -24.02
C GLU F 91 -26.84 -66.84 -24.61
N ARG F 92 -26.67 -66.46 -25.87
CA ARG F 92 -27.66 -65.60 -26.52
C ARG F 92 -29.00 -66.30 -26.65
N LEU F 93 -28.98 -67.58 -27.05
CA LEU F 93 -30.23 -68.33 -27.12
C LEU F 93 -30.87 -68.47 -25.74
N ALA F 94 -30.05 -68.73 -24.71
CA ALA F 94 -30.59 -68.84 -23.36
C ALA F 94 -31.25 -67.54 -22.92
N ASN F 95 -30.58 -66.40 -23.17
CA ASN F 95 -31.15 -65.11 -22.82
C ASN F 95 -32.45 -64.86 -23.57
N TYR F 96 -32.47 -65.21 -24.86
CA TYR F 96 -33.70 -65.09 -25.64
C TYR F 96 -34.82 -65.92 -25.04
N ALA F 97 -34.50 -67.17 -24.64
CA ALA F 97 -35.52 -68.03 -24.06
C ALA F 97 -36.07 -67.47 -22.77
N ARG F 98 -35.19 -66.98 -21.88
CA ARG F 98 -35.66 -66.42 -20.62
C ARG F 98 -36.49 -65.17 -20.84
N LYS F 99 -36.05 -64.29 -21.74
CA LYS F 99 -36.77 -63.04 -21.93
C LYS F 99 -38.08 -63.28 -22.67
N LEU F 100 -38.16 -64.35 -23.46
CA LEU F 100 -39.42 -64.73 -24.06
C LEU F 100 -40.38 -65.30 -23.03
N ALA F 101 -39.90 -66.24 -22.22
CA ALA F 101 -40.72 -66.75 -21.11
C ALA F 101 -40.46 -65.96 -19.83
N SER F 102 -40.43 -64.64 -19.98
CA SER F 102 -40.59 -63.70 -18.88
C SER F 102 -41.44 -62.51 -19.26
N ALA F 103 -41.90 -62.41 -20.51
CA ALA F 103 -42.79 -61.34 -20.95
C ALA F 103 -43.85 -61.87 -21.92
N ALA F 104 -44.09 -63.18 -21.92
CA ALA F 104 -45.02 -63.77 -22.89
C ALA F 104 -46.44 -63.28 -22.68
N GLY F 105 -46.87 -63.17 -21.43
CA GLY F 105 -48.25 -62.81 -21.15
C GLY F 105 -48.44 -61.52 -20.40
N LYS F 106 -47.40 -60.67 -20.35
CA LYS F 106 -47.50 -59.38 -19.69
C LYS F 106 -47.19 -58.18 -20.57
N VAL F 107 -46.80 -58.39 -21.83
CA VAL F 107 -46.73 -57.33 -22.82
C VAL F 107 -47.48 -57.80 -24.06
N LEU F 108 -48.33 -56.92 -24.60
CA LEU F 108 -49.25 -57.30 -25.67
C LEU F 108 -48.80 -56.80 -27.04
N ASP F 109 -48.53 -55.50 -27.16
CA ASP F 109 -48.26 -54.91 -28.46
C ASP F 109 -46.82 -55.13 -28.89
N ARG F 110 -46.35 -56.37 -28.84
CA ARG F 110 -45.00 -56.68 -29.31
C ARG F 110 -44.96 -57.99 -30.09
N ASN F 111 -46.11 -58.64 -30.28
CA ASN F 111 -46.20 -59.90 -31.04
C ASN F 111 -45.25 -60.93 -30.44
N ILE F 112 -45.25 -61.03 -29.10
CA ILE F 112 -44.36 -61.95 -28.40
C ILE F 112 -44.71 -63.40 -28.73
N SER F 113 -46.01 -63.69 -28.84
CA SER F 113 -46.44 -65.04 -29.22
C SER F 113 -45.86 -65.43 -30.57
N GLY F 114 -45.58 -64.46 -31.43
CA GLY F 114 -44.95 -64.77 -32.70
C GLY F 114 -43.59 -65.40 -32.54
N LYS F 115 -42.71 -64.77 -31.75
CA LYS F 115 -41.41 -65.37 -31.50
C LYS F 115 -41.53 -66.65 -30.68
N ILE F 116 -42.53 -66.74 -29.81
CA ILE F 116 -42.73 -67.97 -29.05
C ILE F 116 -43.00 -69.13 -29.99
N GLY F 117 -43.97 -68.96 -30.89
CA GLY F 117 -44.31 -70.01 -31.84
C GLY F 117 -43.17 -70.30 -32.80
N ASP F 118 -42.46 -69.26 -33.25
CA ASP F 118 -41.35 -69.46 -34.16
C ASP F 118 -40.21 -70.21 -33.47
N LEU F 119 -39.96 -69.92 -32.19
CA LEU F 119 -38.95 -70.66 -31.45
C LEU F 119 -39.33 -72.13 -31.30
N GLN F 120 -40.61 -72.39 -30.99
CA GLN F 120 -41.05 -73.78 -30.96
C GLN F 120 -40.87 -74.45 -32.32
N ALA F 121 -41.16 -73.72 -33.40
CA ALA F 121 -41.03 -74.28 -34.74
C ALA F 121 -39.59 -74.65 -35.06
N VAL F 122 -38.64 -73.73 -34.79
CA VAL F 122 -37.25 -74.02 -35.10
C VAL F 122 -36.72 -75.13 -34.20
N MET F 123 -37.15 -75.16 -32.94
CA MET F 123 -36.76 -76.26 -32.06
C MET F 123 -37.27 -77.59 -32.61
N ALA F 124 -38.49 -77.61 -33.14
CA ALA F 124 -39.02 -78.84 -33.74
C ALA F 124 -38.25 -79.20 -35.00
N VAL F 125 -38.27 -78.33 -35.99
CA VAL F 125 -37.58 -78.53 -37.26
C VAL F 125 -36.41 -77.56 -37.33
N PRO F 126 -35.16 -78.03 -37.24
CA PRO F 126 -34.03 -77.10 -37.28
C PRO F 126 -33.86 -76.36 -38.59
N ASP F 127 -34.46 -76.86 -39.68
CA ASP F 127 -34.27 -76.27 -41.01
C ASP F 127 -35.48 -75.45 -41.47
N THR F 128 -36.31 -74.99 -40.54
CA THR F 128 -37.49 -74.21 -40.86
C THR F 128 -37.15 -72.72 -40.74
N GLU F 129 -37.46 -71.97 -41.79
CA GLU F 129 -37.18 -70.53 -41.84
C GLU F 129 -38.37 -69.79 -41.26
N THR F 130 -38.32 -69.54 -39.95
CA THR F 130 -39.37 -68.80 -39.29
C THR F 130 -39.28 -67.32 -39.64
N PRO F 131 -40.40 -66.59 -39.58
CA PRO F 131 -40.39 -65.18 -39.98
C PRO F 131 -39.65 -64.25 -39.02
N THR F 132 -39.12 -64.76 -37.90
CA THR F 132 -38.40 -63.89 -36.97
C THR F 132 -37.14 -64.53 -36.41
N PHE F 133 -36.78 -65.74 -36.82
CA PHE F 133 -35.65 -66.43 -36.21
C PHE F 133 -35.25 -67.58 -37.12
N CYS F 134 -33.94 -67.76 -37.31
CA CYS F 134 -33.45 -68.84 -38.15
C CYS F 134 -32.02 -69.20 -37.73
N LEU F 135 -31.66 -70.45 -37.95
CA LEU F 135 -30.33 -70.97 -37.66
C LEU F 135 -29.38 -70.89 -38.85
N HIS F 136 -29.86 -70.42 -40.00
CA HIS F 136 -29.05 -70.47 -41.21
C HIS F 136 -27.95 -69.40 -41.18
N THR F 137 -27.03 -69.53 -42.12
CA THR F 137 -25.93 -68.60 -42.31
C THR F 137 -26.31 -67.57 -43.37
N ASP F 138 -25.65 -66.40 -43.32
CA ASP F 138 -25.94 -65.33 -44.28
C ASP F 138 -25.79 -65.81 -45.72
N VAL F 139 -24.93 -66.80 -45.95
CA VAL F 139 -24.80 -67.38 -47.28
C VAL F 139 -26.09 -68.06 -47.70
N SER F 140 -26.74 -68.74 -46.76
CA SER F 140 -27.88 -69.61 -47.07
C SER F 140 -29.09 -69.25 -46.23
N CYS F 141 -29.41 -67.97 -46.15
CA CYS F 141 -30.68 -67.54 -45.58
C CYS F 141 -31.75 -67.50 -46.68
N ARG F 142 -33.01 -67.51 -46.26
CA ARG F 142 -34.11 -67.69 -47.20
C ARG F 142 -35.08 -66.52 -47.26
N GLN F 143 -35.41 -65.92 -46.13
CA GLN F 143 -36.48 -64.92 -46.11
C GLN F 143 -36.07 -63.65 -46.86
N ARG F 144 -36.96 -63.19 -47.73
CA ARG F 144 -36.74 -61.95 -48.45
C ARG F 144 -36.97 -60.76 -47.53
N ALA F 145 -36.13 -59.75 -47.67
CA ALA F 145 -36.24 -58.54 -46.85
C ALA F 145 -35.81 -57.35 -47.69
N ASP F 146 -35.72 -56.18 -47.05
CA ASP F 146 -35.37 -54.96 -47.76
C ASP F 146 -34.34 -54.10 -47.03
N VAL F 147 -34.12 -54.36 -45.74
CA VAL F 147 -33.06 -53.72 -44.97
C VAL F 147 -32.32 -54.77 -44.17
N ALA F 148 -30.99 -54.66 -44.16
CA ALA F 148 -30.14 -55.55 -43.38
C ALA F 148 -29.38 -54.74 -42.33
N ILE F 149 -29.17 -55.34 -41.17
CA ILE F 149 -28.50 -54.68 -40.06
C ILE F 149 -27.39 -55.59 -39.56
N TYR F 150 -26.18 -55.04 -39.44
CA TYR F 150 -25.01 -55.77 -38.94
C TYR F 150 -24.64 -55.18 -37.58
N GLN F 151 -25.09 -55.84 -36.51
CA GLN F 151 -24.78 -55.38 -35.16
C GLN F 151 -23.39 -55.87 -34.79
N ASP F 152 -22.38 -55.09 -35.18
CA ASP F 152 -20.98 -55.34 -34.82
C ASP F 152 -20.56 -56.76 -35.20
N VAL F 153 -20.89 -57.17 -36.42
CA VAL F 153 -20.44 -58.44 -36.96
C VAL F 153 -19.06 -58.24 -37.57
N TYR F 154 -18.09 -59.07 -37.17
CA TYR F 154 -16.70 -58.83 -37.51
C TYR F 154 -16.03 -59.99 -38.22
N ALA F 155 -16.58 -61.20 -38.16
CA ALA F 155 -16.00 -62.35 -38.84
C ALA F 155 -16.92 -62.73 -39.99
N VAL F 156 -16.75 -62.02 -41.11
CA VAL F 156 -17.53 -62.26 -42.32
C VAL F 156 -16.86 -61.50 -43.46
N HIS F 157 -16.96 -62.03 -44.67
CA HIS F 157 -16.45 -61.33 -45.84
C HIS F 157 -17.53 -60.37 -46.34
N ALA F 158 -17.19 -59.08 -46.37
CA ALA F 158 -18.17 -58.07 -46.78
C ALA F 158 -18.70 -58.28 -48.20
N PRO F 159 -17.87 -58.52 -49.22
CA PRO F 159 -18.43 -58.68 -50.58
C PRO F 159 -19.40 -59.85 -50.70
N THR F 160 -19.01 -61.03 -50.21
CA THR F 160 -19.86 -62.21 -50.36
C THR F 160 -21.17 -62.04 -49.60
N SER F 161 -21.10 -61.55 -48.37
CA SER F 161 -22.33 -61.37 -47.58
C SER F 161 -23.23 -60.32 -48.22
N LEU F 162 -22.66 -59.20 -48.67
CA LEU F 162 -23.45 -58.16 -49.30
C LEU F 162 -24.13 -58.68 -50.56
N TYR F 163 -23.41 -59.44 -51.38
CA TYR F 163 -24.01 -60.00 -52.59
C TYR F 163 -25.11 -60.98 -52.25
N HIS F 164 -24.85 -61.89 -51.30
CA HIS F 164 -25.82 -62.93 -50.99
C HIS F 164 -27.06 -62.37 -50.32
N GLN F 165 -26.98 -61.20 -49.69
CA GLN F 165 -28.19 -60.56 -49.18
C GLN F 165 -28.85 -59.66 -50.22
N ALA F 166 -28.07 -59.03 -51.11
CA ALA F 166 -28.67 -58.23 -52.17
C ALA F 166 -29.45 -59.09 -53.16
N ILE F 167 -29.03 -60.35 -53.34
CA ILE F 167 -29.82 -61.28 -54.14
C ILE F 167 -31.20 -61.47 -53.50
N LYS F 168 -31.24 -61.55 -52.17
CA LYS F 168 -32.50 -61.69 -51.45
C LYS F 168 -33.37 -60.43 -51.55
N GLY F 169 -32.81 -59.30 -51.92
CA GLY F 169 -33.59 -58.11 -52.21
C GLY F 169 -33.51 -56.98 -51.20
N VAL F 170 -32.44 -56.88 -50.42
CA VAL F 170 -32.30 -55.79 -49.47
C VAL F 170 -32.09 -54.48 -50.24
N ARG F 171 -32.74 -53.41 -49.78
CA ARG F 171 -32.55 -52.11 -50.42
C ARG F 171 -31.30 -51.41 -49.89
N LEU F 172 -31.01 -51.58 -48.60
CA LEU F 172 -29.95 -50.83 -47.95
C LEU F 172 -29.57 -51.52 -46.64
N ALA F 173 -28.27 -51.63 -46.38
CA ALA F 173 -27.76 -52.30 -45.19
C ALA F 173 -26.85 -51.36 -44.42
N TYR F 174 -27.05 -51.30 -43.11
CA TYR F 174 -26.20 -50.49 -42.25
C TYR F 174 -25.24 -51.38 -41.49
N TRP F 175 -24.09 -50.83 -41.14
CA TRP F 175 -23.04 -51.57 -40.45
C TRP F 175 -22.47 -50.68 -39.36
N VAL F 176 -22.68 -51.05 -38.10
CA VAL F 176 -22.15 -50.33 -36.95
C VAL F 176 -21.00 -51.12 -36.37
N GLY F 177 -19.86 -50.46 -36.20
CA GLY F 177 -18.70 -51.17 -35.70
C GLY F 177 -17.51 -50.26 -35.48
N PHE F 178 -16.34 -50.88 -35.39
CA PHE F 178 -15.10 -50.15 -35.23
C PHE F 178 -14.63 -49.60 -36.57
N ASP F 179 -13.76 -48.59 -36.51
CA ASP F 179 -13.17 -48.04 -37.71
C ASP F 179 -12.15 -49.03 -38.29
N THR F 180 -12.30 -49.33 -39.57
CA THR F 180 -11.39 -50.25 -40.25
C THR F 180 -10.14 -49.56 -40.77
N THR F 181 -10.03 -48.25 -40.58
CA THR F 181 -8.87 -47.51 -41.09
C THR F 181 -7.54 -47.98 -40.50
N PRO F 182 -7.41 -48.21 -39.19
CA PRO F 182 -6.10 -48.64 -38.67
C PRO F 182 -5.59 -49.94 -39.30
N PHE F 183 -6.48 -50.84 -39.68
CA PHE F 183 -6.04 -52.15 -40.17
C PHE F 183 -5.53 -52.07 -41.61
N MET F 184 -6.15 -51.29 -42.48
CA MET F 184 -5.54 -51.05 -43.79
C MET F 184 -4.26 -50.22 -43.69
N TYR F 185 -3.98 -49.60 -42.54
CA TYR F 185 -2.70 -48.96 -42.30
C TYR F 185 -1.63 -49.96 -41.86
N ASN F 186 -2.01 -51.23 -41.66
CA ASN F 186 -1.08 -52.31 -41.29
C ASN F 186 -0.35 -51.98 -39.98
N ALA F 187 -1.13 -51.88 -38.92
CA ALA F 187 -0.62 -51.63 -37.58
C ALA F 187 -0.68 -52.91 -36.75
N MET F 188 0.17 -52.96 -35.72
CA MET F 188 0.24 -54.12 -34.84
C MET F 188 -0.74 -54.01 -33.67
N ALA F 189 -0.72 -52.89 -32.95
CA ALA F 189 -1.56 -52.67 -31.80
C ALA F 189 -2.45 -51.45 -32.02
N GLY F 190 -3.64 -51.48 -31.41
CA GLY F 190 -4.60 -50.41 -31.55
C GLY F 190 -4.91 -49.75 -30.22
N ALA F 191 -5.63 -48.63 -30.30
CA ALA F 191 -5.88 -47.81 -29.12
C ALA F 191 -7.36 -47.73 -28.75
N TYR F 192 -8.21 -47.18 -29.62
CA TYR F 192 -9.60 -46.83 -29.32
C TYR F 192 -9.75 -46.36 -27.88
N PRO F 193 -9.11 -45.24 -27.51
CA PRO F 193 -8.99 -44.91 -26.07
C PRO F 193 -10.31 -44.73 -25.34
N SER F 194 -11.31 -44.10 -25.97
CA SER F 194 -12.51 -43.72 -25.23
C SER F 194 -13.31 -44.94 -24.78
N TYR F 195 -13.41 -45.95 -25.63
CA TYR F 195 -14.20 -47.13 -25.32
C TYR F 195 -13.40 -48.23 -24.65
N SER F 196 -12.12 -47.97 -24.35
CA SER F 196 -11.25 -48.91 -23.66
C SER F 196 -11.20 -50.26 -24.37
N THR F 197 -11.13 -50.22 -25.70
CA THR F 197 -10.98 -51.41 -26.52
C THR F 197 -9.61 -51.37 -27.19
N ASN F 198 -8.79 -52.37 -26.91
CA ASN F 198 -7.45 -52.43 -27.47
C ASN F 198 -7.26 -53.75 -28.21
N TRP F 199 -6.68 -53.69 -29.39
CA TRP F 199 -6.42 -54.89 -30.17
C TRP F 199 -4.93 -55.06 -30.38
N ALA F 200 -4.52 -56.33 -30.52
CA ALA F 200 -3.11 -56.66 -30.66
C ALA F 200 -2.96 -57.86 -31.58
N ASP F 201 -1.81 -57.93 -32.25
CA ASP F 201 -1.51 -59.04 -33.13
C ASP F 201 -1.13 -60.27 -32.32
N GLU F 202 -1.20 -61.45 -32.96
CA GLU F 202 -0.76 -62.68 -32.32
C GLU F 202 0.68 -62.59 -31.86
N GLN F 203 1.56 -62.05 -32.72
CA GLN F 203 2.99 -62.11 -32.44
C GLN F 203 3.43 -61.13 -31.35
N VAL F 204 2.68 -60.06 -31.13
CA VAL F 204 3.08 -59.02 -30.19
C VAL F 204 2.26 -59.07 -28.91
N LEU F 205 1.69 -60.23 -28.59
CA LEU F 205 0.87 -60.35 -27.38
C LEU F 205 1.72 -60.16 -26.12
N LYS F 206 2.92 -60.72 -26.11
CA LYS F 206 3.77 -60.68 -24.92
C LYS F 206 4.70 -59.47 -24.92
N ALA F 207 4.13 -58.28 -25.14
CA ALA F 207 4.89 -57.05 -25.13
C ALA F 207 4.86 -56.44 -23.73
N LYS F 208 5.29 -55.18 -23.61
CA LYS F 208 5.37 -54.54 -22.31
C LYS F 208 4.63 -53.21 -22.25
N ASN F 209 4.68 -52.42 -23.33
CA ASN F 209 4.25 -51.03 -23.30
C ASN F 209 3.20 -50.76 -24.38
N ILE F 210 2.19 -51.63 -24.46
CA ILE F 210 1.01 -51.37 -25.25
C ILE F 210 -0.21 -51.56 -24.35
N GLY F 211 -1.38 -51.23 -24.91
CA GLY F 211 -2.61 -51.38 -24.13
C GLY F 211 -2.94 -52.83 -23.83
N LEU F 212 -2.45 -53.74 -24.67
CA LEU F 212 -2.79 -55.15 -24.58
C LEU F 212 -1.51 -55.98 -24.60
N CYS F 213 -1.00 -56.29 -23.41
CA CYS F 213 0.24 -57.06 -23.30
C CYS F 213 0.32 -57.70 -21.92
N SER F 214 1.22 -58.69 -21.80
CA SER F 214 1.49 -59.35 -20.52
C SER F 214 2.84 -60.03 -20.63
N THR F 215 3.80 -59.59 -19.80
CA THR F 215 5.15 -60.12 -19.81
C THR F 215 5.51 -60.62 -18.42
N ASP F 216 6.63 -61.34 -18.35
CA ASP F 216 7.13 -61.92 -17.11
C ASP F 216 8.55 -61.45 -16.88
N LEU F 217 8.88 -61.17 -15.62
CA LEU F 217 10.23 -60.72 -15.28
C LEU F 217 11.24 -61.85 -15.47
N THR F 218 12.39 -61.52 -16.04
CA THR F 218 13.44 -62.49 -16.27
C THR F 218 14.77 -61.92 -15.79
N GLU F 219 15.70 -62.83 -15.49
CA GLU F 219 17.03 -62.46 -15.04
C GLU F 219 18.00 -62.41 -16.24
N GLY F 220 19.28 -62.32 -15.94
CA GLY F 220 20.30 -62.12 -16.95
C GLY F 220 20.63 -63.33 -17.79
N ARG F 221 19.70 -63.75 -18.65
CA ARG F 221 19.90 -64.91 -19.52
C ARG F 221 19.82 -64.42 -20.96
N ARG F 222 20.97 -64.30 -21.64
CA ARG F 222 20.98 -64.03 -23.07
C ARG F 222 21.14 -65.33 -23.87
N GLY F 223 20.31 -66.30 -23.50
CA GLY F 223 20.44 -67.63 -24.08
C GLY F 223 19.16 -68.40 -24.36
N LYS F 224 18.04 -67.72 -24.58
CA LYS F 224 16.77 -68.42 -24.70
C LYS F 224 16.74 -69.32 -25.93
N LEU F 225 17.54 -69.00 -26.94
CA LEU F 225 17.89 -69.91 -28.04
C LEU F 225 16.66 -70.56 -28.68
N SER F 226 15.84 -69.72 -29.32
CA SER F 226 14.66 -70.22 -30.00
C SER F 226 15.07 -71.05 -31.22
N ILE F 227 14.42 -72.21 -31.38
CA ILE F 227 14.72 -73.08 -32.53
C ILE F 227 14.22 -72.44 -33.82
N MET F 228 13.07 -71.79 -33.77
CA MET F 228 12.44 -71.22 -34.96
C MET F 228 12.87 -69.77 -35.11
N ARG F 229 13.26 -69.39 -36.31
CA ARG F 229 13.71 -68.04 -36.62
C ARG F 229 12.91 -67.53 -37.82
N GLY F 230 12.22 -66.40 -37.63
CA GLY F 230 11.41 -65.82 -38.68
C GLY F 230 12.07 -64.70 -39.44
N LYS F 231 12.69 -63.77 -38.71
CA LYS F 231 13.42 -62.63 -39.28
C LYS F 231 12.53 -61.72 -40.11
N LYS F 232 11.21 -61.79 -39.92
CA LYS F 232 10.29 -60.88 -40.59
C LYS F 232 9.09 -60.62 -39.68
N LEU F 233 9.06 -59.44 -39.05
CA LEU F 233 7.97 -59.05 -38.18
C LEU F 233 6.89 -58.39 -39.02
N GLU F 234 5.97 -59.21 -39.52
CA GLU F 234 4.86 -58.74 -40.32
C GLU F 234 3.53 -59.17 -39.70
N PRO F 235 2.47 -58.38 -39.86
CA PRO F 235 1.18 -58.75 -39.28
C PRO F 235 0.63 -60.01 -39.91
N CYS F 236 -0.12 -60.77 -39.11
CA CYS F 236 -0.79 -61.97 -39.59
C CYS F 236 -2.30 -61.82 -39.43
N ASP F 237 -3.03 -62.84 -39.88
CA ASP F 237 -4.48 -62.74 -39.98
C ASP F 237 -5.13 -62.61 -38.61
N ARG F 238 -4.67 -63.38 -37.63
CA ARG F 238 -5.33 -63.43 -36.32
C ARG F 238 -5.01 -62.18 -35.52
N VAL F 239 -6.04 -61.55 -34.96
CA VAL F 239 -5.88 -60.39 -34.10
C VAL F 239 -6.83 -60.55 -32.92
N LEU F 240 -6.41 -60.09 -31.75
CA LEU F 240 -7.21 -60.21 -30.53
C LEU F 240 -7.70 -58.83 -30.12
N PHE F 241 -9.01 -58.69 -29.97
CA PHE F 241 -9.61 -57.50 -29.39
C PHE F 241 -9.92 -57.74 -27.92
N SER F 242 -9.72 -56.70 -27.11
CA SER F 242 -10.09 -56.71 -25.70
C SER F 242 -10.95 -55.47 -25.49
N VAL F 243 -12.26 -55.67 -25.37
CA VAL F 243 -13.20 -54.58 -25.10
C VAL F 243 -13.74 -54.79 -23.68
N GLY F 244 -13.51 -53.79 -22.84
CA GLY F 244 -13.80 -53.95 -21.42
C GLY F 244 -13.00 -55.09 -20.84
N SER F 245 -13.68 -56.20 -20.52
CA SER F 245 -13.03 -57.40 -20.03
C SER F 245 -13.27 -58.60 -20.92
N THR F 246 -13.82 -58.40 -22.12
CA THR F 246 -14.16 -59.49 -23.02
C THR F 246 -13.18 -59.53 -24.19
N LEU F 247 -12.74 -60.75 -24.53
CA LEU F 247 -11.73 -60.97 -25.56
C LEU F 247 -12.36 -61.65 -26.76
N TYR F 248 -12.17 -61.04 -27.94
CA TYR F 248 -12.81 -61.48 -29.17
C TYR F 248 -11.75 -61.67 -30.25
N PRO F 249 -11.70 -62.82 -30.90
CA PRO F 249 -10.73 -63.03 -31.99
C PRO F 249 -11.30 -62.64 -33.35
N GLU F 250 -10.49 -61.93 -34.12
CA GLU F 250 -10.90 -61.46 -35.44
C GLU F 250 -9.84 -61.81 -36.47
N SER F 251 -10.28 -61.87 -37.72
CA SER F 251 -9.41 -62.13 -38.86
C SER F 251 -9.03 -60.81 -39.52
N ARG F 252 -7.75 -60.64 -39.82
CA ARG F 252 -7.29 -59.39 -40.41
C ARG F 252 -7.91 -59.16 -41.78
N LYS F 253 -8.00 -60.21 -42.60
CA LYS F 253 -8.57 -60.05 -43.94
C LYS F 253 -10.06 -59.73 -43.88
N LEU F 254 -10.81 -60.46 -43.04
CA LEU F 254 -12.24 -60.25 -42.97
C LEU F 254 -12.58 -58.85 -42.46
N LEU F 255 -11.88 -58.40 -41.42
CA LEU F 255 -12.13 -57.06 -40.91
C LEU F 255 -11.63 -55.99 -41.87
N LYS F 256 -10.49 -56.22 -42.51
CA LYS F 256 -9.95 -55.27 -43.47
C LYS F 256 -10.86 -55.13 -44.69
N SER F 257 -11.65 -56.16 -44.98
CA SER F 257 -12.57 -56.09 -46.11
C SER F 257 -13.70 -55.10 -45.91
N TRP F 258 -13.87 -54.58 -44.69
CA TRP F 258 -15.00 -53.69 -44.42
C TRP F 258 -14.70 -52.22 -44.67
N HIS F 259 -13.48 -51.86 -45.08
CA HIS F 259 -13.20 -50.49 -45.52
C HIS F 259 -13.54 -50.38 -47.00
N LEU F 260 -14.85 -50.49 -47.26
CA LEU F 260 -15.34 -50.52 -48.62
C LEU F 260 -15.18 -49.16 -49.29
N PRO F 261 -14.96 -49.15 -50.61
CA PRO F 261 -14.82 -47.88 -51.32
C PRO F 261 -16.13 -47.11 -51.35
N SER F 262 -16.04 -45.86 -51.82
CA SER F 262 -17.21 -44.99 -51.86
C SER F 262 -18.30 -45.58 -52.76
N VAL F 263 -17.92 -46.05 -53.94
CA VAL F 263 -18.83 -46.74 -54.85
C VAL F 263 -18.15 -47.99 -55.36
N PHE F 264 -18.90 -49.07 -55.52
CA PHE F 264 -18.34 -50.29 -56.08
C PHE F 264 -19.43 -51.11 -56.75
N HIS F 265 -19.00 -52.16 -57.46
CA HIS F 265 -19.89 -53.02 -58.22
C HIS F 265 -19.68 -54.47 -57.82
N LEU F 266 -20.75 -55.26 -57.94
CA LEU F 266 -20.73 -56.70 -57.67
C LEU F 266 -21.31 -57.40 -58.89
N LYS F 267 -20.46 -57.93 -59.76
CA LYS F 267 -20.91 -58.61 -60.96
C LYS F 267 -20.87 -60.12 -60.73
N GLY F 268 -22.02 -60.76 -60.90
CA GLY F 268 -22.11 -62.21 -60.82
C GLY F 268 -23.19 -62.68 -61.76
N LYS F 269 -24.05 -63.58 -61.27
CA LYS F 269 -25.27 -63.88 -62.01
C LYS F 269 -26.15 -62.65 -62.14
N LEU F 270 -26.31 -61.91 -61.04
CA LEU F 270 -26.95 -60.61 -61.04
C LEU F 270 -25.94 -59.58 -60.57
N SER F 271 -25.75 -58.51 -61.35
CA SER F 271 -24.76 -57.49 -61.06
C SER F 271 -25.43 -56.28 -60.43
N PHE F 272 -24.98 -55.89 -59.25
CA PHE F 272 -25.49 -54.74 -58.52
C PHE F 272 -24.41 -53.67 -58.38
N THR F 273 -24.85 -52.46 -58.04
CA THR F 273 -23.97 -51.35 -57.72
C THR F 273 -24.30 -50.84 -56.33
N CYS F 274 -23.29 -50.31 -55.64
CA CYS F 274 -23.49 -49.92 -54.25
C CYS F 274 -22.65 -48.70 -53.93
N ARG F 275 -23.13 -47.93 -52.94
CA ARG F 275 -22.44 -46.75 -52.43
C ARG F 275 -22.36 -46.87 -50.92
N CYS F 276 -21.18 -46.67 -50.36
CA CYS F 276 -20.95 -46.78 -48.92
C CYS F 276 -20.49 -45.43 -48.38
N ASP F 277 -21.16 -44.95 -47.35
CA ASP F 277 -20.81 -43.68 -46.72
C ASP F 277 -20.91 -43.82 -45.20
N THR F 278 -20.13 -43.02 -44.50
CA THR F 278 -20.11 -43.01 -43.03
C THR F 278 -21.08 -41.94 -42.55
N VAL F 279 -22.20 -42.36 -41.98
CA VAL F 279 -23.21 -41.42 -41.53
C VAL F 279 -22.97 -40.97 -40.09
N VAL F 280 -22.44 -41.85 -39.23
CA VAL F 280 -22.11 -41.50 -37.85
C VAL F 280 -20.68 -41.94 -37.59
N SER F 281 -19.91 -41.07 -36.93
CA SER F 281 -18.53 -41.38 -36.56
C SER F 281 -18.22 -40.69 -35.25
N CYS F 282 -17.65 -41.44 -34.31
CA CYS F 282 -17.34 -40.90 -32.99
C CYS F 282 -16.18 -41.69 -32.40
N GLU F 283 -15.02 -41.04 -32.29
CA GLU F 283 -13.86 -41.57 -31.56
C GLU F 283 -13.50 -43.00 -31.96
N GLY F 284 -13.83 -43.40 -33.18
CA GLY F 284 -13.51 -44.74 -33.63
C GLY F 284 -14.71 -45.55 -34.07
N TYR F 285 -15.83 -45.42 -33.36
CA TYR F 285 -17.03 -46.12 -33.79
C TYR F 285 -17.62 -45.45 -35.02
N VAL F 286 -17.95 -46.27 -36.02
CA VAL F 286 -18.47 -45.79 -37.29
C VAL F 286 -19.75 -46.54 -37.63
N VAL F 287 -20.59 -45.90 -38.43
CA VAL F 287 -21.81 -46.51 -38.97
C VAL F 287 -21.82 -46.26 -40.47
N LYS F 288 -21.56 -47.30 -41.24
CA LYS F 288 -21.59 -47.23 -42.69
C LYS F 288 -22.98 -47.56 -43.23
N ARG F 289 -23.29 -47.01 -44.39
CA ARG F 289 -24.62 -47.08 -45.01
C ARG F 289 -24.43 -47.56 -46.45
N ILE F 290 -24.44 -48.87 -46.65
CA ILE F 290 -24.23 -49.46 -47.98
C ILE F 290 -25.60 -49.63 -48.64
N THR F 291 -25.88 -48.79 -49.64
CA THR F 291 -27.18 -48.80 -50.31
C THR F 291 -27.13 -49.72 -51.53
N MET F 292 -27.98 -50.74 -51.52
CA MET F 292 -28.06 -51.66 -52.63
C MET F 292 -28.67 -50.97 -53.85
N SER F 293 -28.34 -51.48 -55.03
CA SER F 293 -28.97 -51.01 -56.26
C SER F 293 -28.79 -52.06 -57.36
N PRO F 294 -29.88 -52.57 -57.92
CA PRO F 294 -29.76 -53.55 -59.01
C PRO F 294 -29.25 -52.88 -60.27
N GLY F 295 -28.59 -53.69 -61.11
CA GLY F 295 -28.02 -53.21 -62.35
C GLY F 295 -26.57 -52.80 -62.21
N LEU F 296 -26.01 -52.33 -63.32
CA LEU F 296 -24.61 -51.93 -63.42
C LEU F 296 -24.54 -50.55 -64.07
N TYR F 297 -24.44 -49.51 -63.24
CA TYR F 297 -24.32 -48.14 -63.72
C TYR F 297 -23.12 -47.48 -63.06
N GLY F 298 -22.47 -46.58 -63.80
CA GLY F 298 -21.37 -45.79 -63.27
C GLY F 298 -20.04 -46.51 -63.38
N LYS F 299 -18.99 -45.77 -63.03
CA LYS F 299 -17.63 -46.28 -63.03
C LYS F 299 -17.04 -46.13 -61.63
N THR F 300 -16.36 -47.18 -61.16
CA THR F 300 -15.82 -47.20 -59.81
C THR F 300 -14.41 -46.64 -59.78
N THR F 301 -14.10 -45.89 -58.73
CA THR F 301 -12.76 -45.31 -58.57
C THR F 301 -11.79 -46.31 -57.96
N GLY F 302 -12.28 -47.14 -57.04
CA GLY F 302 -11.43 -48.09 -56.35
C GLY F 302 -10.73 -47.56 -55.12
N TYR F 303 -11.24 -46.50 -54.51
CA TYR F 303 -10.60 -45.82 -53.40
C TYR F 303 -11.57 -45.66 -52.24
N ALA F 304 -11.06 -45.75 -51.02
CA ALA F 304 -11.88 -45.64 -49.81
C ALA F 304 -11.36 -44.49 -48.95
N VAL F 305 -12.29 -43.68 -48.44
CA VAL F 305 -11.99 -42.45 -47.72
C VAL F 305 -12.44 -42.59 -46.27
N THR F 306 -11.58 -42.20 -45.35
CA THR F 306 -11.94 -42.02 -43.95
C THR F 306 -11.70 -40.56 -43.56
N HIS F 307 -12.71 -39.95 -42.95
CA HIS F 307 -12.61 -38.60 -42.42
C HIS F 307 -12.31 -38.69 -40.94
N HIS F 308 -11.21 -38.09 -40.51
CA HIS F 308 -10.75 -38.16 -39.13
C HIS F 308 -11.23 -36.92 -38.40
N ALA F 309 -12.37 -37.04 -37.71
CA ALA F 309 -12.83 -35.95 -36.86
C ALA F 309 -11.85 -35.68 -35.72
N ASP F 310 -11.21 -36.74 -35.21
CA ASP F 310 -10.16 -36.62 -34.21
C ASP F 310 -8.87 -37.20 -34.79
N GLY F 311 -7.74 -36.75 -34.26
CA GLY F 311 -6.46 -37.05 -34.89
C GLY F 311 -6.12 -38.53 -34.81
N PHE F 312 -5.37 -38.98 -35.82
CA PHE F 312 -4.90 -40.35 -35.92
C PHE F 312 -3.37 -40.36 -35.90
N LEU F 313 -2.80 -41.30 -35.15
CA LEU F 313 -1.34 -41.37 -34.99
C LEU F 313 -0.87 -42.79 -35.19
N MET F 314 -0.01 -42.99 -36.18
CA MET F 314 0.66 -44.26 -36.40
C MET F 314 2.11 -44.10 -35.99
N CYS F 315 2.44 -44.57 -34.78
CA CYS F 315 3.74 -44.38 -34.18
C CYS F 315 4.57 -45.65 -34.30
N LYS F 316 5.89 -45.49 -34.22
CA LYS F 316 6.83 -46.59 -34.34
C LYS F 316 7.49 -46.74 -32.97
N THR F 317 7.05 -47.74 -32.21
CA THR F 317 7.54 -47.94 -30.85
C THR F 317 8.31 -49.24 -30.74
N THR F 318 9.42 -49.20 -30.01
CA THR F 318 10.15 -50.39 -29.63
C THR F 318 9.49 -50.99 -28.40
N ASP F 319 9.58 -52.31 -28.27
CA ASP F 319 9.02 -53.02 -27.13
C ASP F 319 9.63 -54.41 -27.07
N THR F 320 9.68 -54.95 -25.86
CA THR F 320 10.21 -56.29 -25.62
C THR F 320 9.06 -57.28 -25.72
N VAL F 321 8.84 -57.80 -26.92
CA VAL F 321 7.83 -58.84 -27.12
C VAL F 321 8.47 -60.17 -26.76
N ASP F 322 7.84 -60.91 -25.84
CA ASP F 322 8.37 -62.16 -25.30
C ASP F 322 9.76 -61.98 -24.71
N GLY F 323 10.23 -60.74 -24.57
CA GLY F 323 11.57 -60.47 -24.13
C GLY F 323 12.44 -59.76 -25.14
N GLU F 324 12.33 -60.14 -26.41
CA GLU F 324 13.18 -59.56 -27.44
C GLU F 324 12.65 -58.20 -27.86
N ARG F 325 13.54 -57.20 -27.94
CA ARG F 325 13.13 -55.87 -28.35
C ARG F 325 13.00 -55.79 -29.87
N VAL F 326 11.83 -55.37 -30.34
CA VAL F 326 11.61 -55.09 -31.75
C VAL F 326 10.84 -53.77 -31.85
N SER F 327 10.92 -53.15 -33.02
CA SER F 327 10.17 -51.93 -33.30
C SER F 327 8.97 -52.29 -34.16
N PHE F 328 7.77 -51.96 -33.68
CA PHE F 328 6.55 -52.20 -34.42
C PHE F 328 5.66 -50.97 -34.36
N SER F 329 4.64 -50.96 -35.21
CA SER F 329 3.77 -49.80 -35.39
C SER F 329 2.51 -49.96 -34.55
N VAL F 330 2.12 -48.89 -33.87
CA VAL F 330 0.91 -48.86 -33.06
C VAL F 330 0.09 -47.65 -33.46
N CYS F 331 -1.23 -47.82 -33.54
CA CYS F 331 -2.14 -46.76 -33.92
C CYS F 331 -2.88 -46.23 -32.70
N THR F 332 -3.20 -44.94 -32.75
CA THR F 332 -3.76 -44.23 -31.61
C THR F 332 -4.73 -43.16 -32.12
N TYR F 333 -5.80 -42.97 -31.36
CA TYR F 333 -6.74 -41.88 -31.58
C TYR F 333 -6.51 -40.80 -30.55
N VAL F 334 -6.34 -39.57 -31.02
CA VAL F 334 -6.06 -38.42 -30.17
C VAL F 334 -7.26 -37.46 -30.28
N PRO F 335 -7.79 -36.97 -29.16
CA PRO F 335 -8.93 -36.05 -29.24
C PRO F 335 -8.58 -34.77 -29.98
N ALA F 336 -9.61 -34.17 -30.58
CA ALA F 336 -9.39 -32.99 -31.43
C ALA F 336 -8.81 -31.83 -30.65
N THR F 337 -9.27 -31.64 -29.40
CA THR F 337 -8.79 -30.50 -28.60
C THR F 337 -7.30 -30.62 -28.31
N ILE F 338 -6.84 -31.81 -27.92
CA ILE F 338 -5.44 -32.00 -27.57
C ILE F 338 -4.55 -31.76 -28.80
N CYS F 339 -4.95 -32.31 -29.94
CA CYS F 339 -4.19 -32.12 -31.17
C CYS F 339 -4.20 -30.65 -31.58
N ASP F 340 -5.33 -29.97 -31.40
CA ASP F 340 -5.43 -28.56 -31.76
C ASP F 340 -4.49 -27.70 -30.90
N GLN F 341 -4.46 -27.96 -29.59
CA GLN F 341 -3.63 -27.14 -28.72
C GLN F 341 -2.15 -27.47 -28.89
N MET F 342 -1.83 -28.69 -29.30
CA MET F 342 -0.44 -29.08 -29.55
C MET F 342 -0.08 -28.93 -31.02
N THR F 343 -0.14 -27.69 -31.52
CA THR F 343 0.17 -27.39 -32.91
C THR F 343 1.42 -26.52 -33.05
N GLY F 344 1.44 -25.36 -32.38
CA GLY F 344 2.62 -24.51 -32.45
C GLY F 344 3.83 -25.15 -31.80
N ILE F 345 3.62 -25.90 -30.72
CA ILE F 345 4.71 -26.64 -30.10
C ILE F 345 5.23 -27.71 -31.05
N LEU F 346 4.36 -28.28 -31.87
CA LEU F 346 4.78 -29.26 -32.87
C LEU F 346 5.35 -28.55 -34.09
N ALA F 347 6.31 -27.66 -33.87
CA ALA F 347 6.99 -26.95 -34.95
C ALA F 347 8.48 -26.91 -34.67
N THR F 348 8.87 -27.20 -33.44
CA THR F 348 10.25 -27.14 -33.00
C THR F 348 10.88 -28.53 -33.05
N GLU F 349 12.19 -28.57 -32.86
CA GLU F 349 12.88 -29.83 -32.62
C GLU F 349 12.59 -30.27 -31.19
N VAL F 350 11.51 -31.01 -30.99
CA VAL F 350 11.00 -31.31 -29.67
C VAL F 350 11.37 -32.75 -29.31
N THR F 351 11.88 -32.93 -28.10
CA THR F 351 12.23 -34.24 -27.58
C THR F 351 10.99 -34.96 -27.06
N PRO F 352 11.01 -36.30 -27.03
CA PRO F 352 9.88 -37.03 -26.44
C PRO F 352 9.61 -36.65 -24.99
N GLU F 353 10.67 -36.32 -24.24
CA GLU F 353 10.50 -35.92 -22.84
C GLU F 353 9.66 -34.66 -22.73
N ASP F 354 10.03 -33.61 -23.46
CA ASP F 354 9.29 -32.36 -23.41
C ASP F 354 7.88 -32.54 -23.97
N ALA F 355 7.75 -33.32 -25.04
CA ALA F 355 6.43 -33.55 -25.62
C ALA F 355 5.50 -34.25 -24.63
N GLN F 356 6.00 -35.26 -23.93
CA GLN F 356 5.17 -35.98 -22.97
C GLN F 356 4.84 -35.10 -21.77
N LYS F 357 5.80 -34.30 -21.32
CA LYS F 357 5.51 -33.38 -20.21
C LYS F 357 4.43 -32.38 -20.59
N LEU F 358 4.51 -31.82 -21.81
CA LEU F 358 3.52 -30.84 -22.23
C LEU F 358 2.17 -31.50 -22.49
N LEU F 359 2.17 -32.75 -22.96
CA LEU F 359 0.92 -33.46 -23.15
C LEU F 359 0.23 -33.73 -21.82
N VAL F 360 0.98 -34.16 -20.81
CA VAL F 360 0.38 -34.40 -19.50
C VAL F 360 -0.05 -33.09 -18.87
N GLY F 361 0.64 -31.99 -19.18
CA GLY F 361 0.18 -30.68 -18.73
C GLY F 361 -1.12 -30.27 -19.40
N LEU F 362 -1.27 -30.61 -20.69
CA LEU F 362 -2.48 -30.25 -21.42
C LEU F 362 -3.68 -31.06 -20.98
N ASN F 363 -3.45 -32.24 -20.41
CA ASN F 363 -4.52 -33.11 -19.95
C ASN F 363 -5.06 -32.73 -18.57
N GLN F 364 -4.74 -31.52 -18.09
CA GLN F 364 -5.18 -31.05 -16.78
C GLN F 364 -4.73 -31.99 -15.67
N THR F 376 -10.27 -34.47 -14.02
CA THR F 376 -10.84 -34.41 -15.37
C THR F 376 -9.76 -34.67 -16.42
N ASN F 377 -9.99 -35.65 -17.28
CA ASN F 377 -9.06 -36.02 -18.33
C ASN F 377 -9.76 -35.98 -19.67
N THR F 378 -9.04 -35.53 -20.70
CA THR F 378 -9.55 -35.51 -22.07
C THR F 378 -9.26 -36.84 -22.77
N MET F 379 -7.98 -37.21 -22.84
CA MET F 379 -7.58 -38.52 -23.35
C MET F 379 -7.00 -39.34 -22.21
N LYS F 380 -7.08 -40.66 -22.35
CA LYS F 380 -6.59 -41.54 -21.31
C LYS F 380 -5.07 -41.43 -21.20
N ASN F 381 -4.58 -41.13 -19.99
CA ASN F 381 -3.17 -40.93 -19.77
C ASN F 381 -2.37 -42.22 -19.87
N TYR F 382 -3.05 -43.37 -19.96
CA TYR F 382 -2.36 -44.66 -20.04
C TYR F 382 -1.50 -44.79 -21.28
N MET F 383 -1.71 -43.97 -22.30
CA MET F 383 -1.05 -44.15 -23.58
C MET F 383 -0.54 -42.78 -24.08
N ILE F 384 0.17 -42.07 -23.21
CA ILE F 384 0.93 -40.91 -23.68
C ILE F 384 2.42 -41.05 -23.37
N PRO F 385 3.03 -42.25 -23.44
CA PRO F 385 4.43 -42.31 -23.86
C PRO F 385 4.52 -42.47 -25.37
N VAL F 386 3.45 -42.98 -25.97
CA VAL F 386 3.45 -43.30 -27.40
C VAL F 386 3.06 -42.08 -28.22
N VAL F 387 2.04 -41.34 -27.78
CA VAL F 387 1.62 -40.14 -28.50
C VAL F 387 2.74 -39.11 -28.52
N ALA F 388 3.46 -38.97 -27.41
CA ALA F 388 4.58 -38.05 -27.36
C ALA F 388 5.68 -38.46 -28.33
N GLN F 389 5.99 -39.76 -28.39
CA GLN F 389 6.99 -40.24 -29.33
C GLN F 389 6.57 -39.99 -30.76
N ALA F 390 5.29 -40.23 -31.06
CA ALA F 390 4.78 -39.99 -32.41
C ALA F 390 4.88 -38.51 -32.78
N PHE F 391 4.52 -37.63 -31.84
CA PHE F 391 4.62 -36.20 -32.11
C PHE F 391 6.06 -35.77 -32.32
N SER F 392 6.98 -36.29 -31.50
CA SER F 392 8.39 -35.95 -31.66
C SER F 392 8.92 -36.41 -33.00
N LYS F 393 8.55 -37.63 -33.42
CA LYS F 393 9.04 -38.13 -34.70
C LYS F 393 8.40 -37.40 -35.87
N TRP F 394 7.14 -36.99 -35.74
CA TRP F 394 6.52 -36.19 -36.80
C TRP F 394 7.18 -34.82 -36.92
N ALA F 395 7.52 -34.22 -35.78
CA ALA F 395 8.28 -32.97 -35.80
C ALA F 395 9.64 -33.18 -36.46
N LYS F 396 10.29 -34.31 -36.14
CA LYS F 396 11.57 -34.63 -36.78
C LYS F 396 11.43 -34.71 -38.30
N GLU F 397 10.38 -35.41 -38.75
CA GLU F 397 10.19 -35.60 -40.18
C GLU F 397 9.89 -34.27 -40.87
N CYS F 398 9.04 -33.44 -40.27
CA CYS F 398 8.74 -32.14 -40.86
C CYS F 398 9.98 -31.25 -40.89
N ARG F 399 10.78 -31.28 -39.82
CA ARG F 399 11.99 -30.47 -39.77
C ARG F 399 12.97 -30.90 -40.86
N LYS F 400 13.18 -32.21 -41.02
CA LYS F 400 14.04 -32.70 -42.09
C LYS F 400 13.46 -32.37 -43.45
N ASP F 401 12.13 -32.32 -43.54
CA ASP F 401 11.46 -32.01 -44.79
C ASP F 401 11.60 -30.52 -45.14
N MET F 402 11.89 -29.69 -44.13
CA MET F 402 11.97 -28.25 -44.36
C MET F 402 13.18 -27.89 -45.21
N GLU F 403 14.39 -28.21 -44.74
CA GLU F 403 15.60 -27.81 -45.44
C GLU F 403 16.07 -28.84 -46.47
N ASP F 404 15.18 -29.69 -46.95
CA ASP F 404 15.46 -30.61 -48.05
C ASP F 404 14.58 -30.27 -49.25
N GLU F 405 14.43 -28.96 -49.50
CA GLU F 405 13.57 -28.49 -50.57
C GLU F 405 14.11 -28.91 -51.92
N LYS F 406 13.24 -29.48 -52.75
CA LYS F 406 13.60 -29.95 -54.07
C LYS F 406 13.13 -28.96 -55.13
N LEU F 407 13.25 -29.34 -56.40
CA LEU F 407 12.91 -28.48 -57.52
C LEU F 407 11.56 -28.88 -58.10
N LEU F 408 10.93 -27.92 -58.79
CA LEU F 408 9.65 -28.18 -59.45
C LEU F 408 9.76 -29.30 -60.47
N GLY F 409 8.80 -30.23 -60.41
CA GLY F 409 8.66 -31.29 -61.39
C GLY F 409 9.87 -32.15 -61.61
N VAL F 410 10.88 -32.05 -60.76
CA VAL F 410 12.12 -32.80 -60.92
C VAL F 410 12.27 -33.75 -59.75
N ARG F 411 12.26 -35.04 -60.03
CA ARG F 411 12.57 -36.06 -59.04
C ARG F 411 14.07 -36.31 -59.03
N GLU F 412 14.50 -37.31 -58.27
CA GLU F 412 15.92 -37.69 -58.24
C GLU F 412 15.98 -39.20 -58.39
N ARG F 413 16.02 -39.65 -59.65
CA ARG F 413 15.99 -41.06 -59.98
C ARG F 413 17.31 -41.46 -60.64
N THR F 414 17.87 -42.57 -60.18
CA THR F 414 19.13 -43.07 -60.72
C THR F 414 18.92 -44.34 -61.53
N ALA F 422 15.13 -46.60 -59.73
CA ALA F 422 16.03 -46.43 -58.60
C ALA F 422 16.06 -44.96 -58.15
N PHE F 423 15.42 -44.69 -57.02
CA PHE F 423 15.37 -43.34 -56.45
C PHE F 423 15.24 -43.45 -54.93
N LYS F 424 15.74 -42.42 -54.24
CA LYS F 424 15.92 -42.51 -52.80
C LYS F 424 14.59 -42.56 -52.06
N LYS F 425 14.49 -43.50 -51.12
CA LYS F 425 13.32 -43.69 -50.27
C LYS F 425 13.76 -43.25 -48.86
N GLN F 426 13.41 -42.03 -48.48
CA GLN F 426 13.77 -41.56 -47.15
C GLN F 426 12.61 -41.80 -46.18
N LYS F 427 12.89 -41.68 -44.89
CA LYS F 427 12.13 -42.46 -43.91
C LYS F 427 11.00 -41.67 -43.29
N THR F 428 9.87 -42.35 -43.10
CA THR F 428 8.75 -41.85 -42.31
C THR F 428 8.49 -42.84 -41.18
N HIS F 429 8.64 -42.39 -39.94
CA HIS F 429 8.47 -43.24 -38.77
C HIS F 429 7.11 -43.09 -38.10
N THR F 430 6.30 -42.13 -38.52
CA THR F 430 4.97 -41.95 -37.95
C THR F 430 4.06 -41.29 -38.99
N VAL F 431 2.77 -41.56 -38.88
CA VAL F 431 1.76 -40.95 -39.73
C VAL F 431 0.81 -40.18 -38.83
N TYR F 432 0.77 -38.86 -38.98
CA TYR F 432 -0.04 -38.01 -38.13
C TYR F 432 -1.14 -37.39 -38.99
N LYS F 433 -2.33 -37.98 -38.94
CA LYS F 433 -3.48 -37.48 -39.67
C LYS F 433 -4.21 -36.49 -38.78
N ARG F 434 -4.31 -35.24 -39.23
CA ARG F 434 -4.80 -34.14 -38.43
C ARG F 434 -6.31 -34.28 -38.20
N PRO F 435 -6.87 -33.58 -37.20
CA PRO F 435 -8.27 -33.80 -36.84
C PRO F 435 -9.27 -33.20 -37.81
N ASP F 436 -8.81 -32.79 -38.99
CA ASP F 436 -9.71 -32.38 -40.05
C ASP F 436 -9.31 -32.93 -41.41
N THR F 437 -8.43 -33.93 -41.47
CA THR F 437 -7.93 -34.46 -42.72
C THR F 437 -8.74 -35.69 -43.15
N GLN F 438 -8.51 -36.11 -44.39
CA GLN F 438 -9.11 -37.30 -44.95
C GLN F 438 -8.02 -38.20 -45.50
N SER F 439 -8.18 -39.51 -45.34
CA SER F 439 -7.21 -40.49 -45.80
C SER F 439 -7.89 -41.44 -46.79
N ILE F 440 -7.30 -41.57 -47.98
CA ILE F 440 -7.81 -42.47 -49.01
C ILE F 440 -6.81 -43.58 -49.25
N GLN F 441 -7.30 -44.81 -49.31
CA GLN F 441 -6.45 -45.95 -49.67
C GLN F 441 -7.15 -46.79 -50.72
N LYS F 442 -6.33 -47.47 -51.53
CA LYS F 442 -6.83 -48.27 -52.63
C LYS F 442 -7.40 -49.58 -52.12
N VAL F 443 -8.68 -49.82 -52.40
CA VAL F 443 -9.35 -51.06 -52.06
C VAL F 443 -10.01 -51.61 -53.32
N GLN F 444 -10.07 -52.93 -53.42
CA GLN F 444 -10.71 -53.56 -54.57
C GLN F 444 -12.19 -53.16 -54.61
N ALA F 445 -12.66 -52.82 -55.80
CA ALA F 445 -14.04 -52.36 -56.00
C ALA F 445 -14.83 -53.24 -56.95
N GLU F 446 -14.19 -53.79 -57.99
CA GLU F 446 -14.88 -54.61 -58.97
C GLU F 446 -14.89 -56.06 -58.48
N PHE F 447 -15.84 -56.34 -57.58
CA PHE F 447 -15.94 -57.67 -56.99
C PHE F 447 -16.59 -58.63 -57.98
N ASP F 448 -15.83 -59.65 -58.39
CA ASP F 448 -16.25 -60.56 -59.44
C ASP F 448 -16.75 -61.90 -58.87
N SER F 449 -15.92 -62.59 -58.10
CA SER F 449 -16.23 -63.92 -57.62
C SER F 449 -16.73 -63.87 -56.19
N PHE F 450 -17.76 -64.67 -55.90
CA PHE F 450 -18.33 -64.74 -54.56
C PHE F 450 -18.57 -66.20 -54.16
N LEU F 460 -27.10 -77.14 -34.50
CA LEU F 460 -27.81 -77.39 -33.25
C LEU F 460 -27.54 -78.82 -32.76
N SER F 461 -27.62 -79.01 -31.45
CA SER F 461 -27.39 -80.31 -30.84
C SER F 461 -28.66 -80.79 -30.14
N ILE F 462 -28.70 -82.09 -29.85
CA ILE F 462 -29.88 -82.67 -29.20
C ILE F 462 -30.17 -82.06 -27.84
N PRO F 463 -29.21 -81.95 -26.91
CA PRO F 463 -29.58 -81.38 -25.59
C PRO F 463 -30.05 -79.93 -25.67
N LEU F 464 -29.53 -79.14 -26.62
CA LEU F 464 -30.01 -77.77 -26.76
C LEU F 464 -31.47 -77.73 -27.15
N ARG F 465 -31.95 -78.72 -27.90
CA ARG F 465 -33.36 -78.76 -28.29
C ARG F 465 -34.26 -78.86 -27.07
N THR F 466 -33.89 -79.71 -26.10
CA THR F 466 -34.62 -79.74 -24.83
C THR F 466 -34.39 -78.46 -24.05
N ARG F 467 -33.20 -77.87 -24.17
CA ARG F 467 -32.89 -76.63 -23.47
C ARG F 467 -33.72 -75.46 -23.98
N ILE F 468 -34.32 -75.61 -25.17
CA ILE F 468 -35.14 -74.53 -25.73
C ILE F 468 -36.28 -74.14 -24.81
N LYS F 469 -36.91 -75.12 -24.17
CA LYS F 469 -38.03 -74.85 -23.26
C LYS F 469 -37.56 -73.97 -22.11
N PRO G 3 -37.50 -16.98 -43.15
CA PRO G 3 -36.43 -17.52 -42.31
C PRO G 3 -35.88 -18.84 -42.84
N VAL G 4 -34.66 -18.81 -43.34
CA VAL G 4 -34.04 -20.02 -43.88
C VAL G 4 -33.54 -20.88 -42.73
N TYR G 5 -33.63 -22.19 -42.90
CA TYR G 5 -33.41 -23.14 -41.83
C TYR G 5 -32.20 -24.00 -42.20
N VAL G 6 -31.19 -24.05 -41.32
CA VAL G 6 -29.90 -24.57 -41.73
C VAL G 6 -29.48 -25.72 -40.81
N ASP G 7 -28.61 -26.58 -41.35
CA ASP G 7 -28.23 -27.82 -40.69
C ASP G 7 -27.04 -27.63 -39.75
N ILE G 8 -26.13 -26.70 -40.06
CA ILE G 8 -24.87 -26.55 -39.34
C ILE G 8 -25.16 -26.22 -37.88
N ASP G 9 -24.29 -26.69 -36.99
CA ASP G 9 -24.49 -26.52 -35.55
C ASP G 9 -24.58 -25.04 -35.18
N ALA G 10 -25.35 -24.76 -34.12
CA ALA G 10 -25.59 -23.38 -33.70
C ALA G 10 -24.31 -22.70 -33.25
N ASP G 11 -23.46 -23.41 -32.50
CA ASP G 11 -22.27 -22.80 -31.93
C ASP G 11 -21.13 -22.63 -32.94
N SER G 12 -21.26 -23.18 -34.14
CA SER G 12 -20.19 -23.08 -35.13
C SER G 12 -20.04 -21.64 -35.60
N ALA G 13 -18.79 -21.24 -35.87
CA ALA G 13 -18.53 -19.90 -36.37
C ALA G 13 -19.02 -19.70 -37.80
N PHE G 14 -19.03 -20.76 -38.62
CA PHE G 14 -19.40 -20.65 -40.02
C PHE G 14 -20.76 -20.02 -40.24
N LEU G 15 -21.70 -20.21 -39.30
CA LEU G 15 -23.01 -19.58 -39.41
C LEU G 15 -22.86 -18.08 -39.66
N LYS G 16 -21.99 -17.42 -38.88
CA LYS G 16 -21.76 -16.00 -39.10
C LYS G 16 -21.35 -15.72 -40.54
N ALA G 17 -20.39 -16.49 -41.07
CA ALA G 17 -20.00 -16.32 -42.47
C ALA G 17 -21.18 -16.52 -43.39
N LEU G 18 -22.03 -17.53 -43.09
CA LEU G 18 -23.21 -17.74 -43.91
C LEU G 18 -24.11 -16.51 -43.90
N GLN G 19 -24.25 -15.87 -42.74
CA GLN G 19 -25.05 -14.66 -42.66
C GLN G 19 -24.47 -13.57 -43.53
N ARG G 20 -23.15 -13.55 -43.71
CA ARG G 20 -22.53 -12.58 -44.61
C ARG G 20 -22.74 -12.98 -46.06
N ALA G 21 -22.83 -14.29 -46.33
CA ALA G 21 -23.01 -14.74 -47.71
C ALA G 21 -24.43 -14.51 -48.19
N TYR G 22 -25.40 -14.57 -47.29
CA TYR G 22 -26.81 -14.38 -47.62
C TYR G 22 -27.42 -13.41 -46.61
N PRO G 23 -27.23 -12.11 -46.80
CA PRO G 23 -27.78 -11.15 -45.84
C PRO G 23 -29.28 -10.96 -45.99
N MET G 24 -29.84 -11.24 -47.17
CA MET G 24 -31.28 -11.11 -47.36
C MET G 24 -32.07 -12.21 -46.66
N PHE G 25 -31.42 -13.28 -46.23
CA PHE G 25 -32.10 -14.41 -45.61
C PHE G 25 -31.68 -14.51 -44.14
N GLU G 26 -32.66 -14.83 -43.29
CA GLU G 26 -32.41 -15.02 -41.86
C GLU G 26 -32.11 -16.48 -41.61
N VAL G 27 -30.91 -16.77 -41.11
CA VAL G 27 -30.45 -18.14 -40.95
C VAL G 27 -30.72 -18.61 -39.53
N GLU G 28 -31.39 -19.75 -39.39
CA GLU G 28 -31.72 -20.32 -38.09
C GLU G 28 -31.15 -21.73 -38.01
N PRO G 29 -30.20 -21.98 -37.13
CA PRO G 29 -29.53 -23.29 -37.10
C PRO G 29 -30.18 -24.32 -36.18
N ARG G 30 -30.03 -25.59 -36.59
CA ARG G 30 -30.37 -26.76 -35.80
C ARG G 30 -29.86 -27.98 -36.53
N GLN G 31 -29.60 -29.06 -35.77
CA GLN G 31 -29.04 -30.29 -36.32
C GLN G 31 -30.13 -31.33 -36.51
N VAL G 32 -30.13 -31.98 -37.68
CA VAL G 32 -31.01 -33.12 -37.93
C VAL G 32 -30.15 -34.36 -38.14
N THR G 33 -28.96 -34.17 -38.70
CA THR G 33 -27.97 -35.23 -38.86
C THR G 33 -26.62 -34.67 -38.46
N PRO G 34 -25.72 -35.53 -37.94
CA PRO G 34 -24.34 -35.11 -37.65
C PRO G 34 -23.43 -35.29 -38.86
N ASN G 35 -23.78 -34.63 -39.97
CA ASN G 35 -23.04 -34.79 -41.21
C ASN G 35 -21.62 -34.27 -41.06
N ASP G 36 -20.66 -34.99 -41.63
CA ASP G 36 -19.26 -34.63 -41.55
C ASP G 36 -18.94 -33.42 -42.41
N ALA G 38 -21.38 -30.48 -43.26
CA ALA G 38 -22.65 -29.79 -43.04
C ALA G 38 -22.62 -28.42 -43.69
N ASN G 39 -21.43 -27.83 -43.79
CA ASN G 39 -21.29 -26.51 -44.36
C ASN G 39 -21.62 -26.51 -45.85
N ALA G 40 -21.18 -27.55 -46.57
CA ALA G 40 -21.42 -27.60 -48.01
C ALA G 40 -22.91 -27.72 -48.32
N ARG G 41 -23.59 -28.64 -47.64
CA ARG G 41 -25.04 -28.76 -47.83
C ARG G 41 -25.76 -27.51 -47.38
N ALA G 42 -25.28 -26.86 -46.32
CA ALA G 42 -25.86 -25.60 -45.87
C ALA G 42 -25.79 -24.55 -46.97
N PHE G 43 -24.62 -24.39 -47.58
CA PHE G 43 -24.46 -23.40 -48.64
C PHE G 43 -25.30 -23.77 -49.85
N SER G 44 -25.39 -25.07 -50.17
CA SER G 44 -26.21 -25.48 -51.31
C SER G 44 -27.67 -25.16 -51.07
N HIS G 45 -28.18 -25.42 -49.87
CA HIS G 45 -29.58 -25.11 -49.55
C HIS G 45 -29.82 -23.61 -49.61
N LEU G 46 -28.88 -22.82 -49.06
CA LEU G 46 -29.02 -21.38 -49.11
C LEU G 46 -29.01 -20.86 -50.54
N ALA G 47 -28.13 -21.41 -51.38
CA ALA G 47 -28.09 -21.01 -52.78
C ALA G 47 -29.38 -21.37 -53.50
N ILE G 48 -29.95 -22.54 -53.20
CA ILE G 48 -31.20 -22.93 -53.82
C ILE G 48 -32.32 -21.99 -53.42
N LYS G 49 -32.37 -21.62 -52.14
CA LYS G 49 -33.40 -20.69 -51.68
C LYS G 49 -33.22 -19.30 -52.31
N LEU G 50 -31.98 -18.85 -52.42
CA LEU G 50 -31.70 -17.60 -53.13
C LEU G 50 -32.17 -17.67 -54.57
N ILE G 51 -31.94 -18.83 -55.22
CA ILE G 51 -32.39 -19.03 -56.59
C ILE G 51 -33.90 -18.91 -56.66
N GLU G 52 -34.60 -19.56 -55.72
CA GLU G 52 -36.05 -19.50 -55.68
C GLU G 52 -36.54 -18.06 -55.56
N GLN G 53 -35.89 -17.28 -54.70
CA GLN G 53 -36.30 -15.89 -54.54
C GLN G 53 -36.01 -15.06 -55.79
N GLU G 54 -34.86 -15.27 -56.42
CA GLU G 54 -34.43 -14.38 -57.50
C GLU G 54 -35.26 -14.57 -58.77
N ILE G 55 -35.45 -15.82 -59.19
CA ILE G 55 -36.04 -16.07 -60.49
C ILE G 55 -37.54 -15.77 -60.50
N ASP G 56 -38.08 -15.63 -61.69
CA ASP G 56 -39.51 -15.37 -61.85
C ASP G 56 -40.29 -16.65 -61.57
N PRO G 57 -41.33 -16.59 -60.73
CA PRO G 57 -42.11 -17.81 -60.45
C PRO G 57 -42.71 -18.44 -61.70
N ASP G 58 -43.13 -17.64 -62.68
CA ASP G 58 -43.70 -18.15 -63.93
C ASP G 58 -42.57 -18.47 -64.90
N SER G 59 -41.78 -19.48 -64.53
CA SER G 59 -40.65 -19.90 -65.35
C SER G 59 -40.44 -21.40 -65.20
N THR G 60 -39.81 -22.00 -66.20
CA THR G 60 -39.44 -23.41 -66.17
C THR G 60 -37.94 -23.52 -65.92
N ILE G 61 -37.58 -24.27 -64.89
CA ILE G 61 -36.20 -24.32 -64.40
C ILE G 61 -35.64 -25.69 -64.73
N LEU G 62 -34.64 -25.72 -65.62
CA LEU G 62 -33.91 -26.95 -65.88
C LEU G 62 -32.92 -27.22 -64.75
N ASP G 63 -32.82 -28.49 -64.35
CA ASP G 63 -31.92 -28.90 -63.28
C ASP G 63 -31.05 -30.03 -63.82
N ILE G 64 -29.87 -29.68 -64.32
CA ILE G 64 -28.93 -30.65 -64.88
C ILE G 64 -28.22 -31.35 -63.75
N GLY G 65 -27.99 -32.66 -63.91
CA GLY G 65 -27.42 -33.45 -62.84
C GLY G 65 -28.27 -33.42 -61.58
N SER G 66 -29.59 -33.47 -61.76
CA SER G 66 -30.50 -33.19 -60.66
C SER G 66 -30.52 -34.32 -59.63
N ALA G 67 -30.78 -33.94 -58.39
CA ALA G 67 -31.18 -34.86 -57.35
C ALA G 67 -32.67 -34.66 -57.12
N PRO G 68 -33.52 -35.38 -57.85
CA PRO G 68 -34.95 -35.03 -57.88
C PRO G 68 -35.61 -35.03 -56.50
N ALA G 69 -35.15 -35.85 -55.57
CA ALA G 69 -35.76 -35.91 -54.25
C ALA G 69 -35.65 -34.56 -53.54
N ARG G 70 -34.48 -33.93 -53.62
CA ARG G 70 -34.27 -32.67 -52.93
C ARG G 70 -35.17 -31.57 -53.50
N ARG G 71 -35.13 -31.38 -54.81
CA ARG G 71 -35.89 -30.31 -55.46
C ARG G 71 -37.18 -30.87 -56.07
N MET G 72 -38.05 -31.34 -55.18
CA MET G 72 -39.39 -31.76 -55.56
C MET G 72 -40.42 -31.05 -54.68
N MET G 73 -40.04 -30.77 -53.44
CA MET G 73 -40.91 -30.05 -52.52
C MET G 73 -41.02 -28.57 -52.84
N SER G 74 -40.25 -28.07 -53.81
CA SER G 74 -40.32 -26.67 -54.19
C SER G 74 -41.65 -26.37 -54.86
N ASP G 75 -42.14 -25.14 -54.67
CA ASP G 75 -43.39 -24.72 -55.27
C ASP G 75 -43.26 -24.45 -56.76
N ARG G 76 -42.04 -24.28 -57.27
CA ARG G 76 -41.84 -23.98 -58.68
C ARG G 76 -41.87 -25.27 -59.51
N LYS G 77 -41.89 -25.09 -60.83
CA LYS G 77 -42.00 -26.20 -61.76
C LYS G 77 -40.61 -26.49 -62.34
N TYR G 78 -39.94 -27.47 -61.73
CA TYR G 78 -38.62 -27.86 -62.19
C TYR G 78 -38.71 -28.97 -63.22
N HIS G 79 -37.64 -29.13 -64.00
CA HIS G 79 -37.44 -30.28 -64.87
C HIS G 79 -36.09 -30.89 -64.55
N CYS G 80 -36.11 -32.06 -63.92
CA CYS G 80 -34.90 -32.76 -63.51
C CYS G 80 -34.32 -33.53 -64.69
N VAL G 81 -33.02 -33.39 -64.91
CA VAL G 81 -32.31 -34.08 -65.98
C VAL G 81 -31.22 -34.90 -65.30
N CYS G 82 -31.52 -36.17 -65.03
CA CYS G 82 -30.65 -37.04 -64.24
C CYS G 82 -30.36 -38.33 -64.99
N PRO G 83 -29.42 -38.31 -65.92
CA PRO G 83 -29.01 -39.55 -66.59
C PRO G 83 -28.23 -40.45 -65.64
N MET G 84 -28.19 -41.74 -65.99
CA MET G 84 -27.48 -42.72 -65.18
C MET G 84 -26.00 -42.74 -65.57
N ARG G 85 -25.34 -41.61 -65.28
CA ARG G 85 -23.93 -41.43 -65.59
C ARG G 85 -23.04 -41.49 -64.35
N SER G 86 -23.60 -41.82 -63.20
CA SER G 86 -22.83 -41.94 -61.96
C SER G 86 -23.40 -43.08 -61.13
N ALA G 87 -22.55 -43.64 -60.26
CA ALA G 87 -22.99 -44.70 -59.37
C ALA G 87 -23.96 -44.19 -58.30
N GLU G 88 -23.97 -42.88 -58.04
CA GLU G 88 -24.88 -42.29 -57.07
C GLU G 88 -26.31 -42.20 -57.60
N ASP G 89 -26.49 -42.13 -58.92
CA ASP G 89 -27.81 -41.92 -59.50
C ASP G 89 -28.86 -42.93 -59.05
N PRO G 90 -28.61 -44.24 -59.00
CA PRO G 90 -29.68 -45.17 -58.59
C PRO G 90 -30.23 -44.92 -57.20
N GLU G 91 -29.36 -44.57 -56.25
CA GLU G 91 -29.84 -44.33 -54.88
C GLU G 91 -30.63 -43.03 -54.82
N ARG G 92 -30.26 -42.03 -55.62
CA ARG G 92 -31.10 -40.84 -55.78
C ARG G 92 -32.46 -41.18 -56.36
N LEU G 93 -32.51 -42.06 -57.37
CA LEU G 93 -33.82 -42.46 -57.90
C LEU G 93 -34.64 -43.20 -56.85
N ALA G 94 -34.00 -44.07 -56.08
CA ALA G 94 -34.73 -44.77 -55.02
C ALA G 94 -35.27 -43.78 -53.99
N ASN G 95 -34.47 -42.78 -53.62
CA ASN G 95 -34.93 -41.77 -52.69
C ASN G 95 -36.10 -40.99 -53.27
N TYR G 96 -36.03 -40.66 -54.57
CA TYR G 96 -37.15 -40.00 -55.23
C TYR G 96 -38.40 -40.86 -55.16
N ALA G 97 -38.26 -42.16 -55.41
CA ALA G 97 -39.41 -43.05 -55.38
C ALA G 97 -40.04 -43.12 -53.99
N ARG G 98 -39.21 -43.25 -52.95
CA ARG G 98 -39.73 -43.30 -51.59
C ARG G 98 -40.40 -41.99 -51.21
N LYS G 99 -39.78 -40.87 -51.57
CA LYS G 99 -40.36 -39.58 -51.21
C LYS G 99 -41.67 -39.34 -51.96
N LEU G 100 -41.76 -39.84 -53.20
CA LEU G 100 -43.01 -39.73 -53.94
C LEU G 100 -44.10 -40.60 -53.32
N ALA G 101 -43.78 -41.87 -53.06
CA ALA G 101 -44.72 -42.74 -52.35
C ALA G 101 -44.49 -42.69 -50.84
N SER G 102 -44.32 -41.47 -50.34
CA SER G 102 -44.46 -41.15 -48.93
C SER G 102 -45.15 -39.83 -48.70
N ALA G 103 -45.48 -39.08 -49.76
CA ALA G 103 -46.22 -37.83 -49.65
C ALA G 103 -47.24 -37.69 -50.77
N ALA G 104 -47.62 -38.80 -51.42
CA ALA G 104 -48.51 -38.72 -52.57
C ALA G 104 -49.90 -38.22 -52.17
N GLY G 105 -50.42 -38.66 -51.03
CA GLY G 105 -51.78 -38.32 -50.66
C GLY G 105 -51.93 -37.51 -49.39
N LYS G 106 -50.82 -36.94 -48.89
CA LYS G 106 -50.87 -36.12 -47.69
C LYS G 106 -50.35 -34.70 -47.88
N VAL G 107 -49.89 -34.33 -49.07
CA VAL G 107 -49.61 -32.94 -49.42
C VAL G 107 -50.30 -32.65 -50.75
N LEU G 108 -51.00 -31.52 -50.82
CA LEU G 108 -51.84 -31.21 -51.98
C LEU G 108 -51.21 -30.16 -52.89
N ASP G 109 -50.82 -29.02 -52.34
CA ASP G 109 -50.36 -27.90 -53.16
C ASP G 109 -48.90 -28.05 -53.58
N ARG G 110 -48.56 -29.21 -54.14
CA ARG G 110 -47.22 -29.41 -54.69
C ARG G 110 -47.27 -30.18 -56.01
N ASN G 111 -48.46 -30.54 -56.49
CA ASN G 111 -48.63 -31.27 -57.75
C ASN G 111 -47.79 -32.55 -57.70
N ILE G 112 -47.99 -33.34 -56.64
CA ILE G 112 -47.23 -34.57 -56.46
C ILE G 112 -47.68 -35.63 -57.46
N SER G 113 -48.97 -35.70 -57.73
CA SER G 113 -49.48 -36.65 -58.71
C SER G 113 -48.86 -36.43 -60.08
N GLY G 114 -48.40 -35.21 -60.35
CA GLY G 114 -47.71 -34.95 -61.60
C GLY G 114 -46.42 -35.76 -61.72
N LYS G 115 -45.55 -35.67 -60.72
CA LYS G 115 -44.33 -36.47 -60.77
C LYS G 115 -44.65 -37.95 -60.66
N ILE G 116 -45.72 -38.32 -59.96
CA ILE G 116 -46.11 -39.72 -59.90
C ILE G 116 -46.41 -40.24 -61.31
N GLY G 117 -47.26 -39.53 -62.04
CA GLY G 117 -47.62 -39.95 -63.38
C GLY G 117 -46.44 -39.91 -64.34
N ASP G 118 -45.60 -38.87 -64.23
CA ASP G 118 -44.45 -38.77 -65.12
C ASP G 118 -43.44 -39.88 -64.83
N LEU G 119 -43.28 -40.26 -63.56
CA LEU G 119 -42.42 -41.37 -63.21
C LEU G 119 -42.94 -42.68 -63.79
N GLN G 120 -44.25 -42.90 -63.69
CA GLN G 120 -44.83 -44.07 -64.35
C GLN G 120 -44.60 -44.03 -65.85
N ALA G 121 -44.71 -42.84 -66.45
CA ALA G 121 -44.55 -42.70 -67.90
C ALA G 121 -43.13 -43.05 -68.32
N VAL G 122 -42.12 -42.52 -67.62
CA VAL G 122 -40.74 -42.79 -68.01
C VAL G 122 -40.40 -44.25 -67.72
N MET G 123 -40.94 -44.82 -66.64
CA MET G 123 -40.73 -46.24 -66.39
C MET G 123 -41.31 -47.09 -67.51
N ALA G 124 -42.47 -46.69 -68.04
CA ALA G 124 -43.03 -47.39 -69.19
C ALA G 124 -42.17 -47.19 -70.44
N VAL G 125 -42.02 -45.94 -70.86
CA VAL G 125 -41.23 -45.60 -72.04
C VAL G 125 -39.98 -44.86 -71.57
N PRO G 126 -38.78 -45.45 -71.68
CA PRO G 126 -37.57 -44.77 -71.21
C PRO G 126 -37.24 -43.50 -71.99
N ASP G 127 -37.77 -43.34 -73.20
CA ASP G 127 -37.42 -42.21 -74.07
C ASP G 127 -38.50 -41.14 -74.10
N THR G 128 -39.35 -41.07 -73.09
CA THR G 128 -40.45 -40.10 -73.04
C THR G 128 -40.00 -38.88 -72.26
N GLU G 129 -40.20 -37.70 -72.84
CA GLU G 129 -39.82 -36.44 -72.21
C GLU G 129 -40.97 -35.97 -71.32
N THR G 130 -40.90 -36.35 -70.05
CA THR G 130 -41.90 -35.92 -69.08
C THR G 130 -41.65 -34.49 -68.66
N PRO G 131 -42.70 -33.76 -68.27
CA PRO G 131 -42.53 -32.34 -67.91
C PRO G 131 -41.79 -32.09 -66.61
N THR G 132 -41.51 -33.12 -65.81
CA THR G 132 -40.82 -32.89 -64.54
C THR G 132 -39.69 -33.89 -64.30
N PHE G 133 -39.45 -34.83 -65.21
CA PHE G 133 -38.38 -35.79 -65.04
C PHE G 133 -37.88 -36.19 -66.43
N CYS G 134 -36.57 -36.40 -66.55
CA CYS G 134 -35.99 -36.67 -67.86
C CYS G 134 -34.76 -37.55 -67.67
N LEU G 135 -34.66 -38.58 -68.52
CA LEU G 135 -33.54 -39.51 -68.48
C LEU G 135 -32.44 -39.17 -69.46
N HIS G 136 -32.65 -38.17 -70.32
CA HIS G 136 -31.64 -37.80 -71.30
C HIS G 136 -30.52 -37.02 -70.63
N THR G 137 -29.45 -36.78 -71.39
CA THR G 137 -28.38 -35.92 -70.94
C THR G 137 -28.68 -34.47 -71.32
N ASP G 138 -27.85 -33.56 -70.81
CA ASP G 138 -28.03 -32.14 -71.14
C ASP G 138 -27.77 -31.87 -72.61
N VAL G 139 -26.96 -32.71 -73.25
CA VAL G 139 -26.71 -32.55 -74.67
C VAL G 139 -27.98 -32.79 -75.48
N SER G 140 -28.78 -33.78 -75.09
CA SER G 140 -29.93 -34.23 -75.86
C SER G 140 -31.20 -34.19 -75.03
N CYS G 141 -31.39 -33.11 -74.27
CA CYS G 141 -32.67 -32.87 -73.61
C CYS G 141 -33.59 -32.12 -74.57
N ARG G 142 -34.89 -32.22 -74.31
CA ARG G 142 -35.87 -31.80 -75.31
C ARG G 142 -36.70 -30.59 -74.91
N GLN G 143 -37.32 -30.61 -73.73
CA GLN G 143 -38.32 -29.59 -73.41
C GLN G 143 -37.67 -28.21 -73.28
N ARG G 144 -38.29 -27.23 -73.91
CA ARG G 144 -37.82 -25.85 -73.86
C ARG G 144 -38.05 -25.26 -72.47
N ALA G 145 -37.10 -24.47 -72.01
CA ALA G 145 -37.21 -23.80 -70.72
C ALA G 145 -36.57 -22.42 -70.84
N ASP G 146 -36.43 -21.74 -69.70
CA ASP G 146 -35.91 -20.38 -69.71
C ASP G 146 -34.84 -20.13 -68.63
N VAL G 147 -34.78 -21.00 -67.62
CA VAL G 147 -33.77 -20.91 -66.58
C VAL G 147 -33.19 -22.30 -66.35
N ALA G 148 -31.87 -22.36 -66.19
CA ALA G 148 -31.17 -23.61 -65.92
C ALA G 148 -30.41 -23.49 -64.60
N ILE G 149 -30.28 -24.62 -63.91
CA ILE G 149 -29.61 -24.66 -62.60
C ILE G 149 -28.62 -25.83 -62.61
N TYR G 150 -27.40 -25.54 -62.18
CA TYR G 150 -26.34 -26.55 -62.06
C TYR G 150 -26.05 -26.75 -60.59
N GLN G 151 -26.67 -27.78 -60.00
CA GLN G 151 -26.49 -28.08 -58.58
C GLN G 151 -25.19 -28.85 -58.42
N ASP G 152 -24.08 -28.10 -58.34
CA ASP G 152 -22.75 -28.66 -58.11
C ASP G 152 -22.45 -29.79 -59.09
N VAL G 153 -22.72 -29.55 -60.36
CA VAL G 153 -22.38 -30.48 -61.44
C VAL G 153 -20.94 -30.21 -61.84
N TYR G 154 -20.13 -31.27 -61.91
CA TYR G 154 -18.70 -31.09 -62.03
C TYR G 154 -18.07 -31.83 -63.20
N ALA G 155 -18.75 -32.82 -63.79
CA ALA G 155 -18.25 -33.54 -64.95
C ALA G 155 -19.12 -33.16 -66.14
N VAL G 156 -18.79 -32.02 -66.75
CA VAL G 156 -19.47 -31.54 -67.96
C VAL G 156 -18.63 -30.41 -68.53
N HIS G 157 -18.62 -30.27 -69.85
CA HIS G 157 -17.91 -29.16 -70.48
C HIS G 157 -18.82 -27.94 -70.48
N ALA G 158 -18.37 -26.85 -69.87
CA ALA G 158 -19.20 -25.66 -69.74
C ALA G 158 -19.63 -25.09 -71.09
N PRO G 159 -18.74 -24.87 -72.07
CA PRO G 159 -19.21 -24.26 -73.33
C PRO G 159 -20.24 -25.10 -74.07
N THR G 160 -19.99 -26.41 -74.22
CA THR G 160 -20.92 -27.26 -74.95
C THR G 160 -22.27 -27.33 -74.26
N SER G 161 -22.27 -27.51 -72.94
CA SER G 161 -23.53 -27.59 -72.22
C SER G 161 -24.29 -26.28 -72.28
N LEU G 162 -23.58 -25.16 -72.12
CA LEU G 162 -24.24 -23.86 -72.17
C LEU G 162 -24.83 -23.60 -73.55
N TYR G 163 -24.10 -23.96 -74.61
CA TYR G 163 -24.64 -23.79 -75.96
C TYR G 163 -25.85 -24.67 -76.18
N HIS G 164 -25.77 -25.95 -75.81
CA HIS G 164 -26.86 -26.87 -76.06
C HIS G 164 -28.10 -26.53 -75.23
N GLN G 165 -27.93 -25.85 -74.10
CA GLN G 165 -29.09 -25.35 -73.37
C GLN G 165 -29.61 -24.03 -73.93
N ALA G 166 -28.73 -23.14 -74.37
CA ALA G 166 -29.16 -21.87 -74.94
C ALA G 166 -29.91 -22.07 -76.24
N ILE G 167 -29.60 -23.12 -76.99
CA ILE G 167 -30.39 -23.47 -78.16
C ILE G 167 -31.83 -23.75 -77.75
N LYS G 168 -32.02 -24.44 -76.63
CA LYS G 168 -33.36 -24.72 -76.11
C LYS G 168 -34.08 -23.47 -75.63
N GLY G 169 -33.37 -22.40 -75.32
CA GLY G 169 -33.97 -21.12 -75.01
C GLY G 169 -33.86 -20.65 -73.57
N VAL G 170 -32.83 -21.04 -72.84
CA VAL G 170 -32.68 -20.61 -71.46
C VAL G 170 -32.22 -19.15 -71.45
N ARG G 171 -32.91 -18.31 -70.67
CA ARG G 171 -32.51 -16.92 -70.55
C ARG G 171 -31.25 -16.78 -69.71
N LEU G 172 -31.14 -17.56 -68.63
CA LEU G 172 -30.09 -17.34 -67.64
C LEU G 172 -29.92 -18.61 -66.82
N ALA G 173 -28.67 -19.00 -66.59
CA ALA G 173 -28.35 -20.22 -65.87
C ALA G 173 -27.40 -19.91 -64.72
N TYR G 174 -27.70 -20.45 -63.55
CA TYR G 174 -26.84 -20.28 -62.39
C TYR G 174 -26.06 -21.56 -62.12
N TRP G 175 -24.91 -21.39 -61.48
CA TRP G 175 -23.99 -22.51 -61.21
C TRP G 175 -23.45 -22.34 -59.80
N VAL G 176 -23.84 -23.21 -58.89
CA VAL G 176 -23.37 -23.20 -57.52
C VAL G 176 -22.33 -24.30 -57.36
N GLY G 177 -21.16 -23.94 -56.83
CA GLY G 177 -20.11 -24.93 -56.69
C GLY G 177 -18.90 -24.39 -55.98
N PHE G 178 -17.79 -25.10 -56.14
CA PHE G 178 -16.51 -24.67 -55.58
C PHE G 178 -15.83 -23.65 -56.48
N ASP G 179 -14.95 -22.85 -55.89
CA ASP G 179 -14.26 -21.81 -56.65
C ASP G 179 -13.17 -22.45 -57.50
N THR G 180 -13.15 -22.10 -58.79
CA THR G 180 -12.31 -22.77 -59.77
C THR G 180 -10.93 -22.13 -59.92
N THR G 181 -10.65 -21.03 -59.23
CA THR G 181 -9.35 -20.37 -59.39
C THR G 181 -8.16 -21.26 -59.06
N PRO G 182 -8.14 -22.02 -57.96
CA PRO G 182 -6.97 -22.85 -57.68
C PRO G 182 -6.66 -23.86 -58.78
N PHE G 183 -7.68 -24.30 -59.51
CA PHE G 183 -7.46 -25.25 -60.59
C PHE G 183 -6.85 -24.59 -61.82
N MET G 184 -7.23 -23.35 -62.13
CA MET G 184 -6.58 -22.65 -63.22
C MET G 184 -5.19 -22.16 -62.83
N TYR G 185 -4.86 -22.20 -61.55
CA TYR G 185 -3.53 -21.88 -61.06
C TYR G 185 -2.57 -23.07 -61.11
N ASN G 186 -3.05 -24.24 -61.53
CA ASN G 186 -2.23 -25.45 -61.68
C ASN G 186 -1.61 -25.86 -60.35
N ALA G 187 -2.48 -26.22 -59.40
CA ALA G 187 -2.07 -26.69 -58.09
C ALA G 187 -2.32 -28.18 -57.96
N MET G 188 -1.57 -28.81 -57.03
CA MET G 188 -1.69 -30.25 -56.80
C MET G 188 -2.76 -30.57 -55.75
N ALA G 189 -2.66 -29.95 -54.58
CA ALA G 189 -3.57 -30.22 -53.48
C ALA G 189 -4.29 -28.94 -53.07
N GLY G 190 -5.48 -29.10 -52.50
CA GLY G 190 -6.31 -27.98 -52.11
C GLY G 190 -6.73 -28.04 -50.66
N ALA G 191 -7.32 -26.93 -50.20
CA ALA G 191 -7.65 -26.79 -48.78
C ALA G 191 -9.15 -26.70 -48.53
N TYR G 192 -9.84 -25.69 -49.08
CA TYR G 192 -11.21 -25.33 -48.71
C TYR G 192 -11.47 -25.61 -47.23
N PRO G 193 -10.74 -24.94 -46.32
CA PRO G 193 -10.75 -25.39 -44.91
C PRO G 193 -12.11 -25.38 -44.24
N SER G 194 -12.96 -24.39 -44.55
CA SER G 194 -14.20 -24.22 -43.80
C SER G 194 -15.15 -25.39 -44.01
N TYR G 195 -15.23 -25.90 -45.24
CA TYR G 195 -16.16 -26.97 -45.56
C TYR G 195 -15.53 -28.35 -45.44
N SER G 196 -14.32 -28.44 -44.90
CA SER G 196 -13.65 -29.71 -44.62
C SER G 196 -13.58 -30.60 -45.86
N THR G 197 -13.36 -29.97 -47.00
CA THR G 197 -13.23 -30.67 -48.28
C THR G 197 -11.85 -30.41 -48.86
N ASN G 198 -11.13 -31.49 -49.16
CA ASN G 198 -9.76 -31.42 -49.65
C ASN G 198 -9.64 -32.17 -50.95
N TRP G 199 -8.83 -31.65 -51.88
CA TRP G 199 -8.62 -32.32 -53.15
C TRP G 199 -7.14 -32.54 -53.41
N ALA G 200 -6.86 -33.53 -54.26
CA ALA G 200 -5.48 -33.79 -54.64
C ALA G 200 -5.42 -34.53 -55.98
N ASP G 201 -4.28 -34.42 -56.63
CA ASP G 201 -4.03 -35.10 -57.90
C ASP G 201 -3.75 -36.58 -57.65
N GLU G 202 -3.90 -37.39 -58.71
CA GLU G 202 -3.64 -38.82 -58.62
C GLU G 202 -2.23 -39.12 -58.12
N GLN G 203 -1.22 -38.42 -58.64
CA GLN G 203 0.16 -38.77 -58.35
C GLN G 203 0.57 -38.44 -56.91
N VAL G 204 -0.04 -37.43 -56.30
CA VAL G 204 0.34 -37.00 -54.96
C VAL G 204 -0.59 -37.60 -53.90
N LEU G 205 -1.28 -38.70 -54.24
CA LEU G 205 -2.17 -39.34 -53.27
C LEU G 205 -1.42 -39.87 -52.06
N LYS G 206 -0.27 -40.50 -52.28
CA LYS G 206 0.48 -41.13 -51.19
C LYS G 206 1.51 -40.17 -50.59
N ALA G 207 1.04 -38.97 -50.22
CA ALA G 207 1.90 -38.00 -49.56
C ALA G 207 1.78 -38.17 -48.04
N LYS G 208 2.30 -37.21 -47.28
CA LYS G 208 2.28 -37.32 -45.83
C LYS G 208 1.69 -36.09 -45.16
N ASN G 209 1.91 -34.90 -45.73
CA ASN G 209 1.62 -33.64 -45.06
C ASN G 209 0.68 -32.78 -45.90
N ILE G 210 -0.42 -33.37 -46.37
CA ILE G 210 -1.52 -32.63 -46.96
C ILE G 210 -2.82 -33.12 -46.35
N GLY G 211 -3.89 -32.36 -46.58
CA GLY G 211 -5.18 -32.72 -46.02
C GLY G 211 -5.73 -34.02 -46.60
N LEU G 212 -5.17 -34.45 -47.73
CA LEU G 212 -5.60 -35.64 -48.44
C LEU G 212 -4.37 -36.48 -48.76
N CYS G 213 -4.07 -37.47 -47.92
CA CYS G 213 -2.92 -38.33 -48.12
C CYS G 213 -3.06 -39.59 -47.27
N SER G 214 -2.28 -40.61 -47.62
CA SER G 214 -2.21 -41.85 -46.84
C SER G 214 -0.91 -42.55 -47.22
N THR G 215 -0.01 -42.70 -46.26
CA THR G 215 1.28 -43.33 -46.47
C THR G 215 1.49 -44.46 -45.48
N ASP G 216 2.55 -45.23 -45.70
CA ASP G 216 2.87 -46.39 -44.87
C ASP G 216 4.30 -46.24 -44.36
N LEU G 217 4.51 -46.61 -43.10
CA LEU G 217 5.83 -46.51 -42.50
C LEU G 217 6.77 -47.54 -43.12
N THR G 218 8.07 -47.21 -43.15
CA THR G 218 9.04 -48.07 -43.83
C THR G 218 10.40 -47.88 -43.18
N GLU G 219 11.29 -48.86 -43.42
CA GLU G 219 12.65 -48.82 -42.91
C GLU G 219 13.62 -48.49 -44.04
N GLY G 220 14.90 -48.37 -43.70
CA GLY G 220 15.88 -47.73 -44.55
C GLY G 220 16.25 -48.47 -45.83
N ARG G 221 15.26 -48.72 -46.69
CA ARG G 221 15.48 -49.34 -47.99
C ARG G 221 15.53 -48.25 -49.04
N ARG G 222 16.73 -47.94 -49.54
CA ARG G 222 16.88 -47.03 -50.68
C ARG G 222 17.03 -47.81 -51.99
N GLY G 223 16.11 -48.76 -52.18
CA GLY G 223 16.20 -49.65 -53.33
C GLY G 223 14.89 -50.06 -53.98
N LYS G 224 13.84 -49.23 -53.88
CA LYS G 224 12.53 -49.66 -54.35
C LYS G 224 12.51 -49.85 -55.86
N LEU G 225 13.43 -49.19 -56.57
CA LEU G 225 13.77 -49.51 -57.96
C LEU G 225 12.54 -49.59 -58.85
N SER G 226 11.88 -48.44 -59.03
CA SER G 226 10.71 -48.39 -59.92
C SER G 226 11.14 -48.61 -61.36
N ILE G 227 10.39 -49.46 -62.07
CA ILE G 227 10.71 -49.73 -63.48
C ILE G 227 10.39 -48.51 -64.34
N MET G 228 9.30 -47.82 -64.04
CA MET G 228 8.84 -46.67 -64.82
C MET G 228 9.45 -45.41 -64.22
N ARG G 229 10.06 -44.59 -65.06
CA ARG G 229 10.68 -43.33 -64.64
C ARG G 229 10.04 -42.20 -65.41
N GLY G 230 9.46 -41.24 -64.69
CA GLY G 230 8.81 -40.11 -65.32
C GLY G 230 9.66 -38.86 -65.36
N LYS G 231 10.30 -38.55 -64.22
CA LYS G 231 11.13 -37.36 -64.07
C LYS G 231 10.37 -36.08 -64.34
N LYS G 232 9.06 -36.09 -64.14
CA LYS G 232 8.23 -34.92 -64.43
C LYS G 232 6.98 -35.00 -63.56
N LEU G 233 6.84 -34.05 -62.64
CA LEU G 233 5.69 -33.99 -61.74
C LEU G 233 4.81 -32.82 -62.15
N GLU G 234 3.88 -33.10 -63.04
CA GLU G 234 2.92 -32.13 -63.53
C GLU G 234 1.49 -32.62 -63.31
N PRO G 235 0.53 -31.71 -63.16
CA PRO G 235 -0.85 -32.11 -62.87
C PRO G 235 -1.43 -32.96 -64.00
N CYS G 236 -2.32 -33.88 -63.62
CA CYS G 236 -3.02 -34.73 -64.57
C CYS G 236 -4.51 -34.42 -64.52
N ASP G 237 -5.25 -35.03 -65.46
CA ASP G 237 -6.66 -34.72 -65.59
C ASP G 237 -7.46 -35.18 -64.38
N ARG G 238 -7.18 -36.38 -63.87
CA ARG G 238 -7.95 -36.94 -62.78
C ARG G 238 -7.57 -36.30 -61.45
N VAL G 239 -8.57 -35.87 -60.69
CA VAL G 239 -8.36 -35.28 -59.37
C VAL G 239 -9.41 -35.86 -58.43
N LEU G 240 -9.04 -36.07 -57.17
CA LEU G 240 -9.96 -36.59 -56.16
C LEU G 240 -10.37 -35.47 -55.22
N PHE G 241 -11.68 -35.33 -55.01
CA PHE G 241 -12.28 -34.48 -54.00
C PHE G 241 -12.73 -35.34 -52.82
N SER G 242 -12.56 -34.82 -51.61
CA SER G 242 -13.06 -35.47 -50.40
C SER G 242 -13.83 -34.42 -49.63
N VAL G 243 -15.15 -34.53 -49.67
CA VAL G 243 -16.04 -33.65 -48.91
C VAL G 243 -16.57 -34.46 -47.74
N GLY G 244 -16.18 -34.07 -46.52
CA GLY G 244 -16.50 -34.85 -45.35
C GLY G 244 -15.90 -36.25 -45.45
N SER G 245 -16.75 -37.26 -45.62
CA SER G 245 -16.30 -38.63 -45.79
C SER G 245 -16.61 -39.16 -47.18
N THR G 246 -16.92 -38.29 -48.14
CA THR G 246 -17.36 -38.69 -49.47
C THR G 246 -16.29 -38.36 -50.50
N LEU G 247 -15.93 -39.34 -51.32
CA LEU G 247 -14.88 -39.21 -52.32
C LEU G 247 -15.47 -39.15 -53.71
N TYR G 248 -15.21 -38.06 -54.43
CA TYR G 248 -15.75 -37.84 -55.77
C TYR G 248 -14.62 -37.59 -56.75
N PRO G 249 -14.63 -38.19 -57.93
CA PRO G 249 -13.60 -37.91 -58.93
C PRO G 249 -14.02 -36.82 -59.90
N GLU G 250 -13.08 -35.92 -60.22
CA GLU G 250 -13.30 -34.87 -61.19
C GLU G 250 -12.22 -34.89 -62.26
N SER G 251 -12.56 -34.33 -63.41
CA SER G 251 -11.62 -34.15 -64.52
C SER G 251 -11.09 -32.73 -64.48
N ARG G 252 -9.77 -32.58 -64.64
CA ARG G 252 -9.15 -31.26 -64.53
C ARG G 252 -9.63 -30.33 -65.63
N LYS G 253 -9.74 -30.82 -66.86
CA LYS G 253 -10.14 -29.96 -67.97
C LYS G 253 -11.58 -29.51 -67.82
N LEU G 254 -12.49 -30.44 -67.50
CA LEU G 254 -13.90 -30.08 -67.37
C LEU G 254 -14.12 -29.10 -66.24
N LEU G 255 -13.45 -29.31 -65.11
CA LEU G 255 -13.60 -28.41 -63.97
C LEU G 255 -12.97 -27.05 -64.27
N LYS G 256 -11.81 -27.05 -64.95
CA LYS G 256 -11.15 -25.80 -65.30
C LYS G 256 -11.96 -25.00 -66.31
N SER G 257 -12.77 -25.68 -67.12
CA SER G 257 -13.59 -24.99 -68.11
C SER G 257 -14.68 -24.13 -67.48
N TRP G 258 -14.94 -24.28 -66.18
CA TRP G 258 -15.98 -23.50 -65.52
C TRP G 258 -15.49 -22.13 -65.05
N HIS G 259 -14.20 -21.83 -65.19
CA HIS G 259 -13.68 -20.49 -64.90
C HIS G 259 -13.90 -19.60 -66.13
N LEU G 260 -15.17 -19.37 -66.42
CA LEU G 260 -15.56 -18.64 -67.62
C LEU G 260 -15.19 -17.17 -67.50
N PRO G 261 -14.88 -16.53 -68.62
CA PRO G 261 -14.56 -15.09 -68.60
C PRO G 261 -15.78 -14.26 -68.26
N SER G 262 -15.55 -12.96 -68.08
CA SER G 262 -16.63 -12.05 -67.73
C SER G 262 -17.69 -12.00 -68.83
N VAL G 263 -17.26 -11.90 -70.08
CA VAL G 263 -18.15 -11.94 -71.25
C VAL G 263 -17.54 -12.88 -72.27
N PHE G 264 -18.39 -13.64 -72.97
CA PHE G 264 -17.91 -14.52 -74.03
C PHE G 264 -19.00 -14.74 -75.06
N HIS G 265 -18.57 -15.29 -76.20
CA HIS G 265 -19.44 -15.53 -77.34
C HIS G 265 -19.39 -16.99 -77.72
N LEU G 266 -20.51 -17.51 -78.22
CA LEU G 266 -20.61 -18.88 -78.71
C LEU G 266 -21.16 -18.83 -80.12
N LYS G 267 -20.31 -19.01 -81.12
CA LYS G 267 -20.71 -19.00 -82.52
C LYS G 267 -20.88 -20.43 -83.01
N GLY G 268 -22.08 -20.75 -83.49
CA GLY G 268 -22.34 -22.03 -84.12
C GLY G 268 -23.37 -21.86 -85.20
N LYS G 269 -24.35 -22.76 -85.24
CA LYS G 269 -25.51 -22.53 -86.08
C LYS G 269 -26.27 -21.29 -85.62
N LEU G 270 -26.41 -21.12 -84.31
CA LEU G 270 -26.94 -19.90 -83.71
C LEU G 270 -25.89 -19.38 -82.73
N SER G 271 -25.51 -18.12 -82.89
CA SER G 271 -24.45 -17.51 -82.09
C SER G 271 -25.06 -16.68 -80.97
N PHE G 272 -24.71 -17.00 -79.73
CA PHE G 272 -25.20 -16.29 -78.56
C PHE G 272 -24.06 -15.56 -77.85
N THR G 273 -24.45 -14.60 -77.02
CA THR G 273 -23.53 -13.81 -76.22
C THR G 273 -23.92 -13.94 -74.76
N CYS G 274 -22.94 -14.16 -73.90
CA CYS G 274 -23.24 -14.36 -72.49
C CYS G 274 -22.25 -13.60 -71.61
N ARG G 275 -22.72 -13.28 -70.41
CA ARG G 275 -21.90 -12.65 -69.38
C ARG G 275 -21.95 -13.51 -68.13
N CYS G 276 -20.80 -13.72 -67.50
CA CYS G 276 -20.70 -14.53 -66.29
C CYS G 276 -20.15 -13.68 -65.16
N ASP G 277 -20.83 -13.72 -64.00
CA ASP G 277 -20.40 -12.98 -62.82
C ASP G 277 -20.69 -13.81 -61.57
N THR G 278 -19.96 -13.49 -60.50
CA THR G 278 -20.10 -14.16 -59.22
C THR G 278 -21.05 -13.35 -58.34
N VAL G 279 -22.24 -13.88 -58.11
CA VAL G 279 -23.23 -13.14 -57.32
C VAL G 279 -23.07 -13.40 -55.82
N VAL G 280 -22.62 -14.59 -55.43
CA VAL G 280 -22.40 -14.92 -54.03
C VAL G 280 -21.11 -15.71 -53.91
N SER G 281 -20.27 -15.33 -52.95
CA SER G 281 -19.00 -16.01 -52.72
C SER G 281 -18.76 -16.08 -51.22
N CYS G 282 -18.32 -17.25 -50.75
CA CYS G 282 -18.07 -17.45 -49.33
C CYS G 282 -17.05 -18.56 -49.16
N GLU G 283 -15.83 -18.19 -48.75
CA GLU G 283 -14.79 -19.12 -48.34
C GLU G 283 -14.51 -20.22 -49.36
N GLY G 284 -14.84 -19.99 -50.62
CA GLY G 284 -14.62 -21.01 -51.63
C GLY G 284 -15.85 -21.39 -52.42
N TYR G 285 -17.01 -21.44 -51.77
CA TYR G 285 -18.24 -21.69 -52.50
C TYR G 285 -18.66 -20.44 -53.26
N VAL G 286 -18.93 -20.61 -54.55
CA VAL G 286 -19.30 -19.51 -55.43
C VAL G 286 -20.59 -19.86 -56.15
N VAL G 287 -21.32 -18.82 -56.55
CA VAL G 287 -22.54 -18.95 -57.34
C VAL G 287 -22.38 -18.04 -58.56
N LYS G 288 -22.04 -18.64 -59.70
CA LYS G 288 -21.93 -17.91 -60.96
C LYS G 288 -23.29 -17.75 -61.60
N ARG G 289 -23.45 -16.65 -62.35
CA ARG G 289 -24.73 -16.27 -62.96
C ARG G 289 -24.48 -15.95 -64.43
N ILE G 290 -24.61 -16.95 -65.29
CA ILE G 290 -24.32 -16.79 -66.72
C ILE G 290 -25.63 -16.45 -67.42
N THR G 291 -25.74 -15.22 -67.92
CA THR G 291 -26.94 -14.75 -68.58
C THR G 291 -26.81 -14.93 -70.09
N MET G 292 -27.75 -15.67 -70.68
CA MET G 292 -27.74 -15.88 -72.12
C MET G 292 -28.28 -14.65 -72.83
N SER G 293 -27.91 -14.53 -74.11
CA SER G 293 -28.44 -13.48 -74.96
C SER G 293 -28.25 -13.84 -76.43
N PRO G 294 -29.31 -13.84 -77.22
CA PRO G 294 -29.17 -14.16 -78.64
C PRO G 294 -28.37 -13.10 -79.39
N GLY G 295 -27.71 -13.53 -80.45
CA GLY G 295 -26.94 -12.65 -81.29
C GLY G 295 -25.48 -12.58 -80.88
N LEU G 296 -24.74 -11.74 -81.62
CA LEU G 296 -23.31 -11.55 -81.41
C LEU G 296 -23.08 -10.06 -81.16
N TYR G 297 -23.08 -9.67 -79.89
CA TYR G 297 -22.98 -8.27 -79.48
C TYR G 297 -21.70 -8.06 -78.69
N GLY G 298 -20.96 -7.01 -79.04
CA GLY G 298 -19.79 -6.60 -78.29
C GLY G 298 -18.56 -7.40 -78.65
N LYS G 299 -17.46 -7.06 -77.97
CA LYS G 299 -16.17 -7.70 -78.15
C LYS G 299 -15.71 -8.28 -76.81
N THR G 300 -15.11 -9.46 -76.86
CA THR G 300 -14.71 -10.17 -75.65
C THR G 300 -13.25 -9.88 -75.30
N THR G 301 -12.99 -9.65 -74.02
CA THR G 301 -11.63 -9.44 -73.55
C THR G 301 -10.85 -10.74 -73.51
N GLY G 302 -11.48 -11.80 -73.04
CA GLY G 302 -10.83 -13.09 -72.91
C GLY G 302 -10.18 -13.36 -71.56
N TYR G 303 -10.48 -12.56 -70.54
CA TYR G 303 -9.86 -12.67 -69.23
C TYR G 303 -10.93 -12.89 -68.17
N ALA G 304 -10.63 -13.73 -67.18
CA ALA G 304 -11.53 -14.02 -66.10
C ALA G 304 -10.98 -13.48 -64.79
N VAL G 305 -11.86 -12.87 -64.00
CA VAL G 305 -11.50 -12.20 -62.74
C VAL G 305 -12.12 -12.95 -61.59
N THR G 306 -11.31 -13.25 -60.57
CA THR G 306 -11.80 -13.80 -59.31
C THR G 306 -11.47 -12.83 -58.19
N HIS G 307 -12.48 -12.46 -57.40
CA HIS G 307 -12.31 -11.57 -56.27
C HIS G 307 -12.17 -12.41 -55.01
N HIS G 308 -11.07 -12.21 -54.29
CA HIS G 308 -10.74 -12.98 -53.09
C HIS G 308 -11.17 -12.19 -51.87
N ALA G 309 -12.35 -12.51 -51.35
CA ALA G 309 -12.78 -11.94 -50.07
C ALA G 309 -11.85 -12.35 -48.94
N ASP G 310 -11.39 -13.61 -48.97
CA ASP G 310 -10.41 -14.12 -48.02
C ASP G 310 -9.15 -14.50 -48.78
N GLY G 311 -8.02 -14.43 -48.09
CA GLY G 311 -6.74 -14.56 -48.76
C GLY G 311 -6.54 -15.93 -49.39
N PHE G 312 -5.76 -15.95 -50.46
CA PHE G 312 -5.42 -17.16 -51.19
C PHE G 312 -3.91 -17.37 -51.15
N LEU G 313 -3.48 -18.61 -50.95
CA LEU G 313 -2.06 -18.92 -50.78
C LEU G 313 -1.71 -20.16 -51.58
N MET G 314 -0.82 -20.01 -52.55
CA MET G 314 -0.21 -21.15 -53.23
C MET G 314 1.22 -21.30 -52.72
N CYS G 315 1.45 -22.33 -51.91
CA CYS G 315 2.73 -22.58 -51.28
C CYS G 315 3.43 -23.75 -51.96
N LYS G 316 4.75 -23.80 -51.79
CA LYS G 316 5.59 -24.85 -52.38
C LYS G 316 6.06 -25.73 -51.23
N THR G 317 5.48 -26.92 -51.11
CA THR G 317 5.81 -27.83 -50.04
C THR G 317 6.45 -29.09 -50.59
N THR G 318 7.51 -29.55 -49.92
CA THR G 318 8.09 -30.86 -50.18
C THR G 318 7.34 -31.89 -49.35
N ASP G 319 7.04 -33.04 -49.95
CA ASP G 319 6.36 -34.13 -49.28
C ASP G 319 6.87 -35.45 -49.83
N THR G 320 6.70 -36.51 -49.03
CA THR G 320 7.10 -37.84 -49.42
C THR G 320 5.95 -38.49 -50.17
N VAL G 321 5.87 -38.19 -51.46
CA VAL G 321 4.89 -38.83 -52.33
C VAL G 321 5.35 -40.26 -52.60
N ASP G 322 4.57 -41.23 -52.14
CA ASP G 322 4.90 -42.64 -52.19
C ASP G 322 6.21 -42.96 -51.48
N GLY G 323 6.76 -41.99 -50.75
CA GLY G 323 8.04 -42.13 -50.11
C GLY G 323 9.09 -41.18 -50.66
N GLU G 324 9.08 -40.95 -51.96
CA GLU G 324 10.05 -40.05 -52.58
C GLU G 324 9.73 -38.61 -52.24
N ARG G 325 10.72 -37.86 -51.77
CA ARG G 325 10.53 -36.45 -51.49
C ARG G 325 10.49 -35.66 -52.79
N VAL G 326 9.35 -35.00 -53.02
CA VAL G 326 9.17 -34.15 -54.19
C VAL G 326 8.46 -32.87 -53.74
N SER G 327 8.73 -31.78 -54.45
CA SER G 327 8.16 -30.48 -54.14
C SER G 327 7.00 -30.19 -55.08
N PHE G 328 5.84 -29.86 -54.52
CA PHE G 328 4.68 -29.52 -55.32
C PHE G 328 3.95 -28.34 -54.68
N SER G 329 3.01 -27.78 -55.45
CA SER G 329 2.25 -26.61 -55.03
C SER G 329 0.94 -27.04 -54.38
N VAL G 330 0.61 -26.40 -53.26
CA VAL G 330 -0.64 -26.63 -52.56
C VAL G 330 -1.33 -25.29 -52.34
N CYS G 331 -2.64 -25.26 -52.55
CA CYS G 331 -3.42 -24.04 -52.40
C CYS G 331 -4.22 -24.06 -51.11
N THR G 332 -4.45 -22.87 -50.57
CA THR G 332 -5.04 -22.70 -49.25
C THR G 332 -5.85 -21.42 -49.23
N TYR G 333 -6.97 -21.47 -48.51
CA TYR G 333 -7.77 -20.29 -48.22
C TYR G 333 -7.56 -19.88 -46.78
N VAL G 334 -7.21 -18.62 -46.57
CA VAL G 334 -6.90 -18.07 -45.25
C VAL G 334 -7.96 -17.02 -44.93
N PRO G 335 -8.55 -17.04 -43.74
CA PRO G 335 -9.57 -16.05 -43.42
C PRO G 335 -9.03 -14.63 -43.44
N ALA G 336 -9.92 -13.68 -43.72
CA ALA G 336 -9.51 -12.29 -43.88
C ALA G 336 -8.89 -11.72 -42.61
N THR G 337 -9.44 -12.10 -41.44
CA THR G 337 -8.94 -11.55 -40.19
C THR G 337 -7.50 -11.98 -39.92
N ILE G 338 -7.18 -13.25 -40.18
CA ILE G 338 -5.83 -13.75 -39.92
C ILE G 338 -4.82 -13.05 -40.83
N CYS G 339 -5.18 -12.90 -42.11
CA CYS G 339 -4.30 -12.21 -43.05
C CYS G 339 -4.14 -10.75 -42.65
N ASP G 340 -5.23 -10.11 -42.23
CA ASP G 340 -5.17 -8.70 -41.84
C ASP G 340 -4.26 -8.50 -40.63
N GLN G 341 -4.37 -9.37 -39.63
CA GLN G 341 -3.57 -9.21 -38.42
C GLN G 341 -2.10 -9.57 -38.67
N MET G 342 -1.84 -10.51 -39.58
CA MET G 342 -0.46 -10.89 -39.91
C MET G 342 0.05 -10.13 -41.12
N THR G 343 0.01 -8.80 -41.04
CA THR G 343 0.56 -7.93 -42.07
C THR G 343 1.85 -7.26 -41.63
N GLY G 344 1.92 -6.77 -40.39
CA GLY G 344 3.14 -6.17 -39.90
C GLY G 344 4.27 -7.17 -39.76
N ILE G 345 3.96 -8.37 -39.27
CA ILE G 345 4.98 -9.40 -39.16
C ILE G 345 5.48 -9.81 -40.53
N LEU G 346 4.62 -9.72 -41.55
CA LEU G 346 5.03 -10.07 -42.91
C LEU G 346 5.74 -8.89 -43.57
N ALA G 347 6.75 -8.36 -42.88
CA ALA G 347 7.56 -7.27 -43.42
C ALA G 347 9.04 -7.60 -43.25
N THR G 348 9.36 -8.37 -42.21
CA THR G 348 10.73 -8.73 -41.89
C THR G 348 11.04 -10.13 -42.40
N GLU G 349 12.32 -10.47 -42.36
CA GLU G 349 12.73 -11.84 -42.67
C GLU G 349 12.29 -12.76 -41.54
N VAL G 350 11.19 -13.48 -41.75
CA VAL G 350 10.58 -14.32 -40.72
C VAL G 350 10.77 -15.78 -41.11
N THR G 351 11.20 -16.59 -40.15
CA THR G 351 11.38 -18.01 -40.36
C THR G 351 10.04 -18.72 -40.31
N PRO G 352 9.94 -19.90 -40.93
CA PRO G 352 8.69 -20.68 -40.82
C PRO G 352 8.33 -21.01 -39.38
N GLU G 353 9.32 -21.22 -38.52
CA GLU G 353 9.07 -21.51 -37.11
C GLU G 353 8.33 -20.35 -36.44
N ASP G 354 8.89 -19.14 -36.56
CA ASP G 354 8.27 -17.97 -35.95
C ASP G 354 6.91 -17.68 -36.57
N ALA G 355 6.80 -17.85 -37.89
CA ALA G 355 5.53 -17.60 -38.56
C ALA G 355 4.45 -18.55 -38.05
N GLN G 356 4.78 -19.84 -37.90
CA GLN G 356 3.79 -20.79 -37.44
C GLN G 356 3.44 -20.55 -35.97
N LYS G 357 4.42 -20.18 -35.16
CA LYS G 357 4.14 -19.88 -33.76
C LYS G 357 3.20 -18.68 -33.65
N LEU G 358 3.44 -17.64 -34.44
CA LEU G 358 2.56 -16.47 -34.39
C LEU G 358 1.20 -16.79 -34.98
N LEU G 359 1.14 -17.73 -35.93
CA LEU G 359 -0.14 -18.14 -36.50
C LEU G 359 -0.99 -18.85 -35.46
N VAL G 360 -0.40 -19.81 -34.73
CA VAL G 360 -1.19 -20.52 -33.72
C VAL G 360 -1.54 -19.58 -32.58
N GLY G 361 -0.64 -18.65 -32.23
CA GLY G 361 -0.99 -17.65 -31.23
C GLY G 361 -2.13 -16.76 -31.67
N LEU G 362 -2.21 -16.48 -32.98
CA LEU G 362 -3.29 -15.64 -33.50
C LEU G 362 -4.61 -16.41 -33.57
N ASN G 363 -4.55 -17.74 -33.65
CA ASN G 363 -5.75 -18.56 -33.74
C ASN G 363 -6.37 -18.86 -32.37
N GLN G 364 -6.00 -18.09 -31.34
CA GLN G 364 -6.51 -18.28 -29.99
C GLN G 364 -6.26 -19.70 -29.48
N THR G 376 -12.13 -21.90 -29.31
CA THR G 376 -12.58 -21.16 -30.48
C THR G 376 -11.45 -21.01 -31.50
N ASN G 377 -11.71 -21.46 -32.72
CA ASN G 377 -10.74 -21.39 -33.79
C ASN G 377 -11.33 -20.63 -34.98
N THR G 378 -10.53 -19.76 -35.57
CA THR G 378 -10.94 -19.05 -36.78
C THR G 378 -10.74 -19.91 -38.01
N MET G 379 -9.52 -20.39 -38.23
CA MET G 379 -9.21 -21.30 -39.33
C MET G 379 -8.62 -22.60 -38.78
N LYS G 380 -8.82 -23.67 -39.54
CA LYS G 380 -8.47 -25.00 -39.05
C LYS G 380 -6.96 -25.13 -38.88
N ASN G 381 -6.56 -25.51 -37.66
CA ASN G 381 -5.15 -25.64 -37.32
C ASN G 381 -4.49 -26.82 -37.98
N TYR G 382 -5.25 -27.71 -38.62
CA TYR G 382 -4.70 -28.87 -39.27
C TYR G 382 -3.73 -28.52 -40.40
N MET G 383 -3.79 -27.30 -40.91
CA MET G 383 -3.08 -26.94 -42.14
C MET G 383 -2.34 -25.61 -41.92
N ILE G 384 -1.63 -25.50 -40.81
CA ILE G 384 -0.73 -24.36 -40.63
C ILE G 384 0.71 -24.80 -40.38
N PRO G 385 1.18 -25.90 -40.96
CA PRO G 385 2.57 -25.96 -41.39
C PRO G 385 2.75 -25.22 -42.71
N VAL G 386 1.74 -25.32 -43.57
CA VAL G 386 1.85 -24.85 -44.95
C VAL G 386 1.67 -23.34 -45.04
N VAL G 387 0.68 -22.80 -44.32
CA VAL G 387 0.44 -21.36 -44.35
C VAL G 387 1.66 -20.60 -43.83
N ALA G 388 2.31 -21.14 -42.79
CA ALA G 388 3.51 -20.52 -42.26
C ALA G 388 4.64 -20.52 -43.29
N GLN G 389 4.83 -21.64 -43.97
CA GLN G 389 5.86 -21.70 -45.01
C GLN G 389 5.57 -20.72 -46.13
N ALA G 390 4.29 -20.63 -46.53
CA ALA G 390 3.91 -19.69 -47.58
C ALA G 390 4.18 -18.26 -47.16
N PHE G 391 3.83 -17.90 -45.92
CA PHE G 391 4.08 -16.55 -45.45
C PHE G 391 5.57 -16.24 -45.38
N SER G 392 6.36 -17.19 -44.86
CA SER G 392 7.80 -16.96 -44.76
C SER G 392 8.43 -16.79 -46.13
N LYS G 393 8.02 -17.62 -47.09
CA LYS G 393 8.62 -17.55 -48.42
C LYS G 393 8.14 -16.31 -49.17
N TRP G 394 6.91 -15.88 -48.93
CA TRP G 394 6.44 -14.62 -49.51
C TRP G 394 7.20 -13.44 -48.93
N ALA G 395 7.48 -13.48 -47.62
CA ALA G 395 8.30 -12.43 -47.01
C ALA G 395 9.70 -12.43 -47.62
N LYS G 396 10.28 -13.61 -47.84
CA LYS G 396 11.59 -13.69 -48.49
C LYS G 396 11.54 -13.09 -49.89
N GLU G 397 10.49 -13.42 -50.65
CA GLU G 397 10.38 -12.90 -52.01
C GLU G 397 10.23 -11.39 -52.01
N CYS G 398 9.37 -10.86 -51.13
CA CYS G 398 9.18 -9.41 -51.07
C CYS G 398 10.48 -8.71 -50.65
N ARG G 399 11.19 -9.28 -49.68
CA ARG G 399 12.48 -8.72 -49.29
C ARG G 399 13.43 -8.67 -50.47
N LYS G 400 13.72 -9.84 -51.07
CA LYS G 400 14.64 -9.88 -52.20
C LYS G 400 14.17 -8.95 -53.32
N ASP G 401 12.86 -8.73 -53.41
CA ASP G 401 12.31 -7.76 -54.35
C ASP G 401 12.67 -6.34 -53.95
N MET G 402 12.88 -6.11 -52.64
CA MET G 402 13.10 -4.74 -52.17
C MET G 402 14.47 -4.21 -52.56
N GLU G 403 15.55 -4.88 -52.16
CA GLU G 403 16.89 -4.33 -52.41
C GLU G 403 17.39 -4.64 -53.81
N ASP G 404 16.53 -5.08 -54.71
CA ASP G 404 16.88 -5.37 -56.09
C ASP G 404 16.13 -4.44 -57.03
N GLU G 405 16.08 -3.17 -56.67
CA GLU G 405 15.38 -2.18 -57.47
C GLU G 405 16.04 -2.01 -58.83
N LYS G 406 15.23 -2.00 -59.88
CA LYS G 406 15.69 -1.81 -61.24
C LYS G 406 15.42 -0.36 -61.68
N LEU G 407 15.68 -0.08 -62.95
CA LEU G 407 15.52 1.26 -63.51
C LEU G 407 14.17 1.37 -64.22
N LEU G 408 13.74 2.61 -64.44
CA LEU G 408 12.40 2.84 -64.95
C LEU G 408 12.26 2.37 -66.39
N GLY G 409 11.27 1.51 -66.62
CA GLY G 409 10.94 1.04 -67.95
C GLY G 409 12.06 0.33 -68.69
N VAL G 410 13.11 -0.08 -68.00
CA VAL G 410 14.26 -0.73 -68.61
C VAL G 410 14.32 -2.16 -68.11
N ARG G 411 14.20 -3.11 -69.03
CA ARG G 411 14.35 -4.53 -68.72
C ARG G 411 15.83 -4.90 -68.78
N GLU G 412 16.12 -6.19 -68.58
CA GLU G 412 17.49 -6.68 -68.69
C GLU G 412 17.44 -7.95 -69.55
N ARG G 413 17.56 -7.75 -70.86
CA ARG G 413 17.44 -8.83 -71.83
C ARG G 413 18.77 -9.03 -72.54
N THR G 414 19.19 -10.29 -72.64
CA THR G 414 20.44 -10.63 -73.29
C THR G 414 20.19 -11.31 -74.63
N ALA G 422 16.06 -13.66 -74.36
CA ALA G 422 16.86 -14.17 -73.24
C ALA G 422 16.97 -13.12 -72.14
N PHE G 423 16.27 -13.36 -71.03
CA PHE G 423 16.30 -12.46 -69.89
C PHE G 423 15.99 -13.25 -68.62
N LYS G 424 16.49 -12.75 -67.49
CA LYS G 424 16.53 -13.55 -66.27
C LYS G 424 15.15 -13.72 -65.66
N LYS G 425 14.81 -14.97 -65.35
CA LYS G 425 13.61 -15.34 -64.60
C LYS G 425 14.10 -15.69 -63.20
N GLN G 426 13.64 -14.95 -62.19
CA GLN G 426 14.00 -15.28 -60.82
C GLN G 426 12.79 -15.85 -60.08
N LYS G 427 13.05 -16.44 -58.92
CA LYS G 427 12.21 -17.55 -58.48
C LYS G 427 11.04 -17.08 -57.64
N THR G 428 9.84 -17.52 -58.02
CA THR G 428 8.63 -17.36 -57.23
C THR G 428 8.21 -18.72 -56.68
N HIS G 429 8.15 -18.82 -55.36
CA HIS G 429 7.81 -20.08 -54.71
C HIS G 429 6.45 -20.06 -54.02
N THR G 430 5.78 -18.90 -53.98
CA THR G 430 4.45 -18.81 -53.39
C THR G 430 3.71 -17.64 -54.01
N VAL G 431 2.39 -17.79 -54.11
CA VAL G 431 1.52 -16.72 -54.60
C VAL G 431 0.57 -16.38 -53.47
N TYR G 432 0.62 -15.13 -53.01
CA TYR G 432 -0.19 -14.69 -51.88
C TYR G 432 -1.14 -13.60 -52.35
N LYS G 433 -2.38 -13.99 -52.64
CA LYS G 433 -3.43 -13.04 -52.99
C LYS G 433 -4.07 -12.53 -51.70
N ARG G 434 -3.99 -11.22 -51.50
CA ARG G 434 -4.45 -10.58 -50.28
C ARG G 434 -5.97 -10.61 -50.21
N PRO G 435 -6.56 -10.42 -49.01
CA PRO G 435 -8.00 -10.60 -48.88
C PRO G 435 -8.83 -9.48 -49.52
N ASP G 436 -8.20 -8.63 -50.31
CA ASP G 436 -8.94 -7.64 -51.10
C ASP G 436 -8.44 -7.55 -52.53
N THR G 437 -7.56 -8.44 -52.98
CA THR G 437 -7.03 -8.43 -54.33
C THR G 437 -7.93 -9.23 -55.27
N GLN G 438 -7.72 -9.02 -56.56
CA GLN G 438 -8.41 -9.76 -57.61
C GLN G 438 -7.38 -10.41 -58.52
N SER G 439 -7.71 -11.60 -59.03
CA SER G 439 -6.83 -12.36 -59.88
C SER G 439 -7.40 -12.43 -61.29
N ILE G 440 -6.58 -12.07 -62.28
CA ILE G 440 -6.95 -12.13 -63.69
C ILE G 440 -6.20 -13.27 -64.36
N GLN G 441 -6.94 -14.14 -65.03
CA GLN G 441 -6.31 -15.26 -65.75
C GLN G 441 -6.96 -15.40 -67.11
N LYS G 442 -6.14 -15.68 -68.11
CA LYS G 442 -6.61 -15.76 -69.49
C LYS G 442 -7.32 -17.08 -69.74
N VAL G 443 -8.57 -16.99 -70.19
CA VAL G 443 -9.37 -18.16 -70.54
C VAL G 443 -9.97 -17.94 -71.91
N GLN G 444 -10.05 -19.01 -72.70
CA GLN G 444 -10.66 -18.92 -74.01
C GLN G 444 -12.10 -18.44 -73.91
N ALA G 445 -12.45 -17.49 -74.77
CA ALA G 445 -13.78 -16.89 -74.76
C ALA G 445 -14.54 -17.08 -76.07
N GLU G 446 -13.85 -17.14 -77.21
CA GLU G 446 -14.48 -17.27 -78.51
C GLU G 446 -14.68 -18.76 -78.81
N PHE G 447 -15.71 -19.34 -78.20
CA PHE G 447 -16.00 -20.76 -78.35
C PHE G 447 -16.65 -21.00 -79.71
N ASP G 448 -15.97 -21.77 -80.56
CA ASP G 448 -16.40 -22.00 -81.94
C ASP G 448 -17.07 -23.35 -82.12
N SER G 449 -16.38 -24.43 -81.75
CA SER G 449 -16.86 -25.78 -82.00
C SER G 449 -17.48 -26.36 -80.73
N PHE G 450 -18.60 -27.06 -80.90
CA PHE G 450 -19.31 -27.69 -79.79
C PHE G 450 -19.72 -29.11 -80.15
N LEU G 460 -30.73 -46.97 -68.27
CA LEU G 460 -31.63 -47.70 -67.41
C LEU G 460 -31.54 -49.20 -67.67
N SER G 461 -31.92 -50.01 -66.68
CA SER G 461 -31.85 -51.46 -66.77
C SER G 461 -33.22 -52.07 -66.51
N ILE G 462 -33.38 -53.32 -66.93
CA ILE G 462 -34.66 -54.00 -66.73
C ILE G 462 -35.05 -54.12 -65.26
N PRO G 463 -34.19 -54.60 -64.35
CA PRO G 463 -34.63 -54.68 -62.94
C PRO G 463 -34.92 -53.31 -62.33
N LEU G 464 -34.24 -52.26 -62.78
CA LEU G 464 -34.56 -50.93 -62.28
C LEU G 464 -35.98 -50.52 -62.61
N ARG G 465 -36.49 -50.95 -63.78
CA ARG G 465 -37.85 -50.59 -64.17
C ARG G 465 -38.87 -51.16 -63.18
N THR G 466 -38.67 -52.40 -62.74
CA THR G 466 -39.51 -52.95 -61.69
C THR G 466 -39.25 -52.25 -60.36
N ARG G 467 -38.00 -51.83 -60.13
CA ARG G 467 -37.65 -51.13 -58.90
C ARG G 467 -38.32 -49.77 -58.82
N ILE G 468 -38.78 -49.23 -59.95
CA ILE G 468 -39.44 -47.93 -59.96
C ILE G 468 -40.69 -47.92 -59.09
N LYS G 469 -41.45 -49.01 -59.07
CA LYS G 469 -42.69 -49.09 -58.30
C LYS G 469 -42.42 -48.78 -56.82
N PRO H 3 -34.87 10.64 -47.17
CA PRO H 3 -33.99 9.60 -46.64
C PRO H 3 -33.55 8.61 -47.72
N VAL H 4 -32.28 8.63 -48.08
CA VAL H 4 -31.77 7.73 -49.10
C VAL H 4 -31.39 6.41 -48.45
N TYR H 5 -31.53 5.33 -49.22
CA TYR H 5 -31.28 3.97 -48.74
C TYR H 5 -30.07 3.42 -49.48
N VAL H 6 -29.11 2.88 -48.74
CA VAL H 6 -27.82 2.48 -49.30
C VAL H 6 -27.62 0.99 -49.07
N ASP H 7 -27.07 0.32 -50.09
CA ASP H 7 -26.89 -1.13 -50.09
C ASP H 7 -25.86 -1.57 -49.05
N ILE H 8 -24.84 -0.76 -48.80
CA ILE H 8 -23.68 -1.15 -48.00
C ILE H 8 -24.12 -1.60 -46.61
N ASP H 9 -23.31 -2.45 -45.98
CA ASP H 9 -23.63 -2.98 -44.66
C ASP H 9 -23.63 -1.87 -43.62
N ALA H 10 -24.45 -2.06 -42.58
CA ALA H 10 -24.59 -1.04 -41.54
C ALA H 10 -23.28 -0.81 -40.81
N ASP H 11 -22.54 -1.87 -40.51
CA ASP H 11 -21.31 -1.76 -39.74
C ASP H 11 -20.13 -1.26 -40.57
N SER H 12 -20.28 -1.15 -41.89
CA SER H 12 -19.18 -0.69 -42.73
C SER H 12 -18.84 0.76 -42.43
N ALA H 13 -17.55 1.06 -42.32
CA ALA H 13 -17.11 2.42 -42.04
C ALA H 13 -17.40 3.38 -43.19
N PHE H 14 -17.40 2.88 -44.43
CA PHE H 14 -17.62 3.73 -45.60
C PHE H 14 -18.93 4.50 -45.55
N LEU H 15 -19.93 4.00 -44.82
CA LEU H 15 -21.16 4.76 -44.65
C LEU H 15 -20.86 6.17 -44.17
N LYS H 16 -19.99 6.30 -43.16
CA LYS H 16 -19.61 7.63 -42.67
C LYS H 16 -19.05 8.48 -43.80
N ALA H 17 -18.18 7.91 -44.62
CA ALA H 17 -17.64 8.65 -45.76
C ALA H 17 -18.75 9.13 -46.67
N LEU H 18 -19.74 8.27 -46.92
CA LEU H 18 -20.87 8.69 -47.75
C LEU H 18 -21.59 9.87 -47.12
N GLN H 19 -21.75 9.85 -45.79
CA GLN H 19 -22.39 10.97 -45.11
C GLN H 19 -21.60 12.26 -45.31
N ARG H 20 -20.28 12.14 -45.45
CA ARG H 20 -19.47 13.32 -45.75
C ARG H 20 -19.59 13.70 -47.22
N ALA H 21 -19.79 12.71 -48.09
CA ALA H 21 -19.87 13.00 -49.52
C ALA H 21 -21.22 13.62 -49.89
N TYR H 22 -22.28 13.25 -49.18
CA TYR H 22 -23.63 13.75 -49.44
C TYR H 22 -24.25 14.23 -48.13
N PRO H 23 -23.85 15.41 -47.64
CA PRO H 23 -24.41 15.89 -46.38
C PRO H 23 -25.87 16.28 -46.48
N MET H 24 -26.34 16.65 -47.67
CA MET H 24 -27.73 17.07 -47.83
C MET H 24 -28.72 15.91 -47.74
N PHE H 25 -28.25 14.67 -47.92
CA PHE H 25 -29.12 13.51 -47.92
C PHE H 25 -28.85 12.66 -46.68
N GLU H 26 -29.92 12.11 -46.11
CA GLU H 26 -29.81 11.21 -44.96
C GLU H 26 -29.62 9.79 -45.47
N VAL H 27 -28.53 9.15 -45.06
CA VAL H 27 -28.13 7.86 -45.58
C VAL H 27 -28.51 6.78 -44.56
N GLU H 28 -29.24 5.77 -45.01
CA GLU H 28 -29.72 4.69 -44.14
C GLU H 28 -29.29 3.36 -44.76
N PRO H 29 -28.46 2.58 -44.06
CA PRO H 29 -27.99 1.31 -44.64
C PRO H 29 -28.96 0.15 -44.47
N ARG H 30 -29.05 -0.63 -45.54
CA ARG H 30 -29.78 -1.90 -45.56
C ARG H 30 -29.22 -2.75 -46.68
N GLN H 31 -29.22 -4.07 -46.48
CA GLN H 31 -28.64 -5.00 -47.42
C GLN H 31 -29.72 -5.80 -48.13
N VAL H 32 -29.62 -5.86 -49.46
CA VAL H 32 -30.53 -6.68 -50.26
C VAL H 32 -29.70 -7.76 -50.94
N THR H 33 -28.45 -7.45 -51.25
CA THR H 33 -27.54 -8.39 -51.90
C THR H 33 -26.16 -8.26 -51.29
N PRO H 34 -25.37 -9.35 -51.25
CA PRO H 34 -23.98 -9.28 -50.79
C PRO H 34 -23.00 -8.97 -51.92
N ASN H 35 -23.20 -7.83 -52.59
CA ASN H 35 -22.37 -7.48 -53.72
C ASN H 35 -20.93 -7.27 -53.29
N ASP H 36 -19.99 -7.76 -54.11
CA ASP H 36 -18.58 -7.66 -53.80
C ASP H 36 -18.08 -6.23 -53.94
N ALA H 38 -20.14 -2.94 -53.31
CA ALA H 38 -21.35 -2.30 -52.82
C ALA H 38 -21.13 -0.79 -52.72
N ASN H 39 -19.88 -0.39 -52.50
CA ASN H 39 -19.55 1.02 -52.37
C ASN H 39 -19.77 1.76 -53.68
N ALA H 40 -19.38 1.14 -54.81
CA ALA H 40 -19.51 1.80 -56.10
C ALA H 40 -20.97 2.02 -56.46
N ARG H 41 -21.79 0.99 -56.32
CA ARG H 41 -23.22 1.13 -56.59
C ARG H 41 -23.87 2.12 -55.62
N ALA H 42 -23.42 2.11 -54.36
CA ALA H 42 -23.92 3.07 -53.38
C ALA H 42 -23.65 4.50 -53.83
N PHE H 43 -22.42 4.78 -54.25
CA PHE H 43 -22.07 6.12 -54.69
C PHE H 43 -22.84 6.49 -55.95
N SER H 44 -23.01 5.53 -56.87
CA SER H 44 -23.76 5.82 -58.08
C SER H 44 -25.22 6.16 -57.76
N HIS H 45 -25.83 5.41 -56.86
CA HIS H 45 -27.21 5.70 -56.46
C HIS H 45 -27.32 7.06 -55.80
N LEU H 46 -26.38 7.38 -54.91
CA LEU H 46 -26.40 8.68 -54.25
C LEU H 46 -26.19 9.82 -55.24
N ALA H 47 -25.30 9.62 -56.22
CA ALA H 47 -25.08 10.63 -57.24
C ALA H 47 -26.32 10.82 -58.11
N ILE H 48 -27.02 9.73 -58.43
CA ILE H 48 -28.25 9.86 -59.21
C ILE H 48 -29.31 10.61 -58.42
N LYS H 49 -29.42 10.33 -57.12
CA LYS H 49 -30.39 11.05 -56.30
C LYS H 49 -30.03 12.54 -56.21
N LEU H 50 -28.74 12.85 -56.07
CA LEU H 50 -28.30 14.25 -56.10
C LEU H 50 -28.63 14.88 -57.44
N ILE H 51 -28.49 14.12 -58.53
CA ILE H 51 -28.83 14.61 -59.85
C ILE H 51 -30.32 14.98 -59.91
N GLU H 52 -31.16 14.09 -59.38
CA GLU H 52 -32.60 14.34 -59.35
C GLU H 52 -32.90 15.60 -58.54
N GLN H 53 -32.21 15.78 -57.41
CA GLN H 53 -32.47 16.94 -56.56
C GLN H 53 -32.04 18.24 -57.24
N GLU H 54 -30.86 18.25 -57.86
CA GLU H 54 -30.28 19.51 -58.35
C GLU H 54 -31.03 20.03 -59.57
N ILE H 55 -31.29 19.17 -60.55
CA ILE H 55 -31.78 19.64 -61.84
C ILE H 55 -33.24 20.09 -61.74
N ASP H 56 -33.66 20.86 -62.74
CA ASP H 56 -35.03 21.34 -62.79
C ASP H 56 -35.95 20.19 -63.19
N PRO H 57 -37.06 19.97 -62.47
CA PRO H 57 -37.97 18.88 -62.85
C PRO H 57 -38.49 18.99 -64.27
N ASP H 58 -38.73 20.22 -64.75
CA ASP H 58 -39.23 20.43 -66.11
C ASP H 58 -38.06 20.48 -67.09
N SER H 59 -37.40 19.32 -67.23
CA SER H 59 -36.25 19.20 -68.12
C SER H 59 -36.22 17.80 -68.70
N THR H 60 -35.57 17.67 -69.85
CA THR H 60 -35.37 16.38 -70.50
C THR H 60 -33.92 15.96 -70.31
N ILE H 61 -33.71 14.82 -69.67
CA ILE H 61 -32.39 14.39 -69.23
C ILE H 61 -31.91 13.28 -70.14
N LEU H 62 -30.86 13.56 -70.91
CA LEU H 62 -30.21 12.52 -71.68
C LEU H 62 -29.39 11.62 -70.77
N ASP H 63 -29.45 10.32 -71.01
CA ASP H 63 -28.68 9.33 -70.26
C ASP H 63 -27.88 8.55 -71.29
N ILE H 64 -26.64 8.94 -71.50
CA ILE H 64 -25.78 8.35 -72.52
C ILE H 64 -25.14 7.10 -71.95
N GLY H 65 -25.12 6.03 -72.75
CA GLY H 65 -24.69 4.75 -72.22
C GLY H 65 -25.58 4.26 -71.10
N SER H 66 -26.88 4.41 -71.26
CA SER H 66 -27.82 4.22 -70.16
C SER H 66 -28.00 2.76 -69.81
N ALA H 67 -28.37 2.51 -68.56
CA ALA H 67 -28.93 1.25 -68.12
C ALA H 67 -30.42 1.49 -67.89
N PRO H 68 -31.26 1.31 -68.91
CA PRO H 68 -32.64 1.80 -68.83
C PRO H 68 -33.44 1.23 -67.66
N ALA H 69 -33.12 0.02 -67.20
CA ALA H 69 -33.88 -0.56 -66.11
C ALA H 69 -33.73 0.26 -64.83
N ARG H 70 -32.52 0.73 -64.55
CA ARG H 70 -32.27 1.46 -63.31
C ARG H 70 -33.02 2.79 -63.28
N ARG H 71 -32.85 3.58 -64.34
CA ARG H 71 -33.43 4.93 -64.39
C ARG H 71 -34.71 4.92 -65.23
N MET H 72 -35.70 4.17 -64.74
CA MET H 72 -37.02 4.16 -65.36
C MET H 72 -38.07 4.37 -64.27
N MET H 73 -37.74 3.97 -63.04
CA MET H 73 -38.59 4.27 -61.89
C MET H 73 -38.53 5.73 -61.48
N SER H 74 -37.63 6.53 -62.05
CA SER H 74 -37.53 7.94 -61.70
C SER H 74 -38.77 8.70 -62.14
N ASP H 75 -39.09 9.76 -61.39
CA ASP H 75 -40.24 10.58 -61.73
C ASP H 75 -39.94 11.54 -62.88
N ARG H 76 -38.67 11.77 -63.19
CA ARG H 76 -38.31 12.67 -64.27
C ARG H 76 -38.44 11.97 -65.62
N LYS H 77 -38.33 12.76 -66.69
CA LYS H 77 -38.48 12.25 -68.04
C LYS H 77 -37.09 12.07 -68.66
N TYR H 78 -36.59 10.84 -68.57
CA TYR H 78 -35.28 10.51 -69.11
C TYR H 78 -35.38 10.08 -70.57
N HIS H 79 -34.25 10.17 -71.26
CA HIS H 79 -34.08 9.57 -72.58
C HIS H 79 -32.82 8.71 -72.55
N CYS H 80 -33.01 7.40 -72.58
CA CYS H 80 -31.92 6.44 -72.52
C CYS H 80 -31.31 6.27 -73.90
N VAL H 81 -29.98 6.34 -73.98
CA VAL H 81 -29.25 6.18 -75.22
C VAL H 81 -28.26 5.03 -75.00
N CYS H 82 -28.64 3.82 -75.39
CA CYS H 82 -27.85 2.62 -75.14
C CYS H 82 -27.64 1.85 -76.43
N PRO H 83 -26.65 2.26 -77.23
CA PRO H 83 -26.31 1.48 -78.43
C PRO H 83 -25.67 0.15 -78.05
N MET H 84 -25.75 -0.80 -78.97
CA MET H 84 -25.22 -2.15 -78.75
C MET H 84 -23.73 -2.18 -79.06
N ARG H 85 -22.96 -1.58 -78.15
CA ARG H 85 -21.51 -1.50 -78.29
C ARG H 85 -20.78 -2.28 -77.21
N SER H 86 -21.51 -3.04 -76.38
CA SER H 86 -20.90 -3.83 -75.33
C SER H 86 -21.68 -5.13 -75.16
N ALA H 87 -21.00 -6.16 -74.67
CA ALA H 87 -21.67 -7.43 -74.38
C ALA H 87 -22.63 -7.32 -73.22
N GLU H 88 -22.52 -6.27 -72.42
CA GLU H 88 -23.43 -6.03 -71.31
C GLU H 88 -24.81 -5.58 -71.77
N ASP H 89 -24.90 -4.96 -72.95
CA ASP H 89 -26.16 -4.34 -73.38
C ASP H 89 -27.34 -5.30 -73.48
N PRO H 90 -27.21 -6.50 -74.08
CA PRO H 90 -28.40 -7.37 -74.19
C PRO H 90 -29.01 -7.75 -72.85
N GLU H 91 -28.16 -7.96 -71.82
CA GLU H 91 -28.68 -8.26 -70.50
C GLU H 91 -29.48 -7.10 -69.94
N ARG H 92 -29.02 -5.88 -70.18
CA ARG H 92 -29.76 -4.71 -69.74
C ARG H 92 -31.08 -4.54 -70.50
N LEU H 93 -31.11 -4.90 -71.79
CA LEU H 93 -32.41 -4.94 -72.47
C LEU H 93 -33.32 -5.99 -71.85
N ALA H 94 -32.77 -7.14 -71.50
CA ALA H 94 -33.57 -8.17 -70.84
C ALA H 94 -34.14 -7.66 -69.53
N ASN H 95 -33.31 -7.02 -68.71
CA ASN H 95 -33.76 -6.49 -67.43
C ASN H 95 -34.81 -5.41 -67.62
N TYR H 96 -34.61 -4.54 -68.61
CA TYR H 96 -35.60 -3.53 -68.93
C TYR H 96 -36.93 -4.16 -69.31
N ALA H 97 -36.88 -5.19 -70.15
CA ALA H 97 -38.12 -5.85 -70.58
C ALA H 97 -38.85 -6.50 -69.41
N ARG H 98 -38.11 -7.20 -68.55
CA ARG H 98 -38.74 -7.82 -67.39
C ARG H 98 -39.33 -6.79 -66.45
N LYS H 99 -38.59 -5.70 -66.19
CA LYS H 99 -39.09 -4.70 -65.27
C LYS H 99 -40.29 -3.96 -65.85
N LEU H 100 -40.32 -3.80 -67.18
CA LEU H 100 -41.47 -3.20 -67.83
C LEU H 100 -42.69 -4.11 -67.75
N ALA H 101 -42.51 -5.38 -68.12
CA ALA H 101 -43.59 -6.35 -67.96
C ALA H 101 -43.50 -7.06 -66.62
N SER H 102 -43.26 -6.26 -65.58
CA SER H 102 -43.50 -6.65 -64.20
C SER H 102 -44.09 -5.51 -63.38
N ALA H 103 -44.24 -4.31 -63.97
CA ALA H 103 -44.87 -3.18 -63.30
C ALA H 103 -45.77 -2.41 -64.25
N ALA H 104 -46.19 -3.03 -65.36
CA ALA H 104 -46.97 -2.30 -66.35
C ALA H 104 -48.32 -1.86 -65.82
N GLY H 105 -48.99 -2.73 -65.06
CA GLY H 105 -50.34 -2.43 -64.61
C GLY H 105 -50.53 -2.32 -63.12
N LYS H 106 -49.42 -2.22 -62.36
CA LYS H 106 -49.49 -2.07 -60.92
C LYS H 106 -48.83 -0.82 -60.37
N VAL H 107 -48.25 0.02 -61.22
CA VAL H 107 -47.82 1.37 -60.83
C VAL H 107 -48.35 2.34 -61.88
N LEU H 108 -48.94 3.44 -61.42
CA LEU H 108 -49.65 4.37 -62.29
C LEU H 108 -48.85 5.64 -62.56
N ASP H 109 -48.40 6.33 -61.51
CA ASP H 109 -47.77 7.63 -61.67
C ASP H 109 -46.30 7.49 -62.06
N ARG H 110 -46.02 6.72 -63.11
CA ARG H 110 -44.66 6.61 -63.61
C ARG H 110 -44.64 6.61 -65.14
N ASN H 111 -45.81 6.71 -65.78
CA ASN H 111 -45.94 6.73 -67.24
C ASN H 111 -45.27 5.47 -67.80
N ILE H 112 -45.66 4.31 -67.28
CA ILE H 112 -45.06 3.05 -67.69
C ILE H 112 -45.48 2.68 -69.10
N SER H 113 -46.76 2.93 -69.43
CA SER H 113 -47.24 2.64 -70.78
C SER H 113 -46.46 3.42 -71.83
N GLY H 114 -45.86 4.54 -71.43
CA GLY H 114 -45.01 5.27 -72.36
C GLY H 114 -43.81 4.46 -72.80
N LYS H 115 -43.05 3.91 -71.84
CA LYS H 115 -41.93 3.07 -72.23
C LYS H 115 -42.40 1.78 -72.88
N ILE H 116 -43.58 1.29 -72.52
CA ILE H 116 -44.11 0.09 -73.17
C ILE H 116 -44.32 0.36 -74.66
N GLY H 117 -45.02 1.45 -74.98
CA GLY H 117 -45.26 1.78 -76.37
C GLY H 117 -43.99 2.12 -77.12
N ASP H 118 -43.06 2.82 -76.47
CA ASP H 118 -41.81 3.15 -77.13
C ASP H 118 -40.97 1.90 -77.39
N LEU H 119 -41.01 0.93 -76.47
CA LEU H 119 -40.33 -0.34 -76.69
C LEU H 119 -40.92 -1.06 -77.89
N GLN H 120 -42.26 -1.12 -77.98
CA GLN H 120 -42.87 -1.75 -79.15
C GLN H 120 -42.49 -1.02 -80.43
N ALA H 121 -42.50 0.31 -80.40
CA ALA H 121 -42.20 1.10 -81.59
C ALA H 121 -40.76 0.87 -82.06
N VAL H 122 -39.81 0.89 -81.13
CA VAL H 122 -38.42 0.73 -81.52
C VAL H 122 -38.15 -0.71 -81.95
N MET H 123 -38.84 -1.67 -81.34
CA MET H 123 -38.73 -3.05 -81.79
C MET H 123 -39.24 -3.20 -83.22
N ALA H 124 -40.32 -2.50 -83.55
CA ALA H 124 -40.83 -2.51 -84.92
C ALA H 124 -39.83 -1.85 -85.86
N VAL H 125 -39.53 -0.58 -85.63
CA VAL H 125 -38.61 0.18 -86.47
C VAL H 125 -37.34 0.44 -85.64
N PRO H 126 -36.21 -0.16 -85.99
CA PRO H 126 -34.98 0.07 -85.21
C PRO H 126 -34.47 1.50 -85.26
N ASP H 127 -34.88 2.29 -86.26
CA ASP H 127 -34.35 3.63 -86.46
C ASP H 127 -35.33 4.72 -86.01
N THR H 128 -36.25 4.39 -85.11
CA THR H 128 -37.25 5.34 -84.63
C THR H 128 -36.76 5.99 -83.33
N GLU H 129 -36.82 7.31 -83.29
CA GLU H 129 -36.39 8.08 -82.11
C GLU H 129 -37.56 8.17 -81.14
N THR H 130 -37.66 7.21 -80.23
CA THR H 130 -38.67 7.24 -79.21
C THR H 130 -38.30 8.24 -78.12
N PRO H 131 -39.30 8.83 -77.44
CA PRO H 131 -38.99 9.85 -76.43
C PRO H 131 -38.32 9.32 -75.17
N THR H 132 -38.17 8.00 -75.02
CA THR H 132 -37.54 7.47 -73.81
C THR H 132 -36.56 6.33 -74.09
N PHE H 133 -36.32 5.98 -75.35
CA PHE H 133 -35.42 4.88 -75.66
C PHE H 133 -34.85 5.13 -77.05
N CYS H 134 -33.52 5.10 -77.16
CA CYS H 134 -32.86 5.36 -78.42
C CYS H 134 -31.69 4.40 -78.58
N LEU H 135 -31.62 3.76 -79.75
CA LEU H 135 -30.52 2.85 -80.07
C LEU H 135 -29.36 3.53 -80.79
N HIS H 136 -29.50 4.80 -81.15
CA HIS H 136 -28.39 5.48 -81.79
C HIS H 136 -27.27 5.74 -80.79
N THR H 137 -26.10 6.09 -81.31
CA THR H 137 -24.98 6.46 -80.46
C THR H 137 -25.07 7.93 -80.09
N ASP H 138 -24.20 8.35 -79.16
CA ASP H 138 -24.19 9.74 -78.73
C ASP H 138 -23.81 10.68 -79.88
N VAL H 139 -23.06 10.17 -80.85
CA VAL H 139 -22.70 10.98 -82.01
C VAL H 139 -23.94 11.34 -82.82
N SER H 140 -24.85 10.39 -82.98
CA SER H 140 -25.98 10.54 -83.90
C SER H 140 -27.31 10.30 -83.19
N CYS H 141 -27.46 10.88 -82.00
CA CYS H 141 -28.77 10.92 -81.36
C CYS H 141 -29.54 12.15 -81.85
N ARG H 142 -30.86 12.09 -81.74
CA ARG H 142 -31.71 13.06 -82.44
C ARG H 142 -32.46 14.01 -81.53
N GLN H 143 -33.18 13.51 -80.52
CA GLN H 143 -34.10 14.35 -79.79
C GLN H 143 -33.37 15.42 -78.99
N ARG H 144 -33.86 16.65 -79.08
CA ARG H 144 -33.29 17.76 -78.35
C ARG H 144 -33.60 17.65 -76.87
N ALA H 145 -32.60 17.95 -76.03
CA ALA H 145 -32.78 17.93 -74.59
C ALA H 145 -32.00 19.12 -74.01
N ASP H 146 -31.92 19.18 -72.68
CA ASP H 146 -31.25 20.30 -72.03
C ASP H 146 -30.29 19.85 -70.94
N VAL H 147 -30.40 18.60 -70.50
CA VAL H 147 -29.53 18.06 -69.45
C VAL H 147 -29.06 16.67 -69.88
N ALA H 148 -27.79 16.38 -69.63
CA ALA H 148 -27.20 15.09 -69.95
C ALA H 148 -26.59 14.47 -68.71
N ILE H 149 -26.67 13.15 -68.59
CA ILE H 149 -26.14 12.41 -67.46
C ILE H 149 -25.25 11.29 -68.01
N TYR H 150 -24.02 11.20 -67.48
CA TYR H 150 -23.07 10.16 -67.85
C TYR H 150 -22.91 9.22 -66.66
N GLN H 151 -23.60 8.08 -66.71
CA GLN H 151 -23.55 7.09 -65.63
C GLN H 151 -22.34 6.19 -65.85
N ASP H 152 -21.20 6.63 -65.34
CA ASP H 152 -19.96 5.85 -65.34
C ASP H 152 -19.61 5.35 -66.74
N VAL H 153 -19.76 6.21 -67.73
CA VAL H 153 -19.38 5.88 -69.10
C VAL H 153 -17.90 6.17 -69.27
N TYR H 154 -17.14 5.17 -69.72
CA TYR H 154 -15.69 5.27 -69.77
C TYR H 154 -15.11 5.10 -71.16
N ALA H 155 -15.85 4.55 -72.12
CA ALA H 155 -15.37 4.36 -73.48
C ALA H 155 -16.08 5.37 -74.38
N VAL H 156 -15.56 6.59 -74.39
CA VAL H 156 -16.08 7.67 -75.22
C VAL H 156 -15.06 8.81 -75.19
N HIS H 157 -14.98 9.57 -76.27
CA HIS H 157 -14.13 10.75 -76.28
C HIS H 157 -14.92 11.93 -75.73
N ALA H 158 -14.40 12.55 -74.68
CA ALA H 158 -15.13 13.63 -74.01
C ALA H 158 -15.40 14.83 -74.93
N PRO H 159 -14.42 15.37 -75.66
CA PRO H 159 -14.73 16.57 -76.46
C PRO H 159 -15.76 16.32 -77.56
N THR H 160 -15.61 15.23 -78.31
CA THR H 160 -16.54 14.96 -79.41
C THR H 160 -17.96 14.73 -78.88
N SER H 161 -18.10 13.94 -77.83
CA SER H 161 -19.42 13.68 -77.26
C SER H 161 -20.04 14.95 -76.70
N LEU H 162 -19.24 15.76 -75.99
CA LEU H 162 -19.75 17.00 -75.42
C LEU H 162 -20.21 17.95 -76.52
N TYR H 163 -19.44 18.05 -77.61
CA TYR H 163 -19.86 18.90 -78.72
C TYR H 163 -21.14 18.37 -79.36
N HIS H 164 -21.18 17.07 -79.66
CA HIS H 164 -22.33 16.52 -80.35
C HIS H 164 -23.59 16.54 -79.51
N GLN H 165 -23.46 16.66 -78.18
CA GLN H 165 -24.64 16.86 -77.35
C GLN H 165 -24.97 18.32 -77.12
N ALA H 166 -23.97 19.20 -77.06
CA ALA H 166 -24.22 20.63 -76.94
C ALA H 166 -24.88 21.19 -78.20
N ILE H 167 -24.62 20.58 -79.36
CA ILE H 167 -25.33 20.97 -80.57
C ILE H 167 -26.83 20.74 -80.40
N LYS H 168 -27.20 19.61 -79.78
CA LYS H 168 -28.60 19.29 -79.54
C LYS H 168 -29.26 20.24 -78.56
N GLY H 169 -28.49 20.94 -77.73
CA GLY H 169 -29.02 21.97 -76.86
C GLY H 169 -28.99 21.69 -75.38
N VAL H 170 -28.08 20.87 -74.89
CA VAL H 170 -27.98 20.61 -73.46
C VAL H 170 -27.41 21.84 -72.78
N ARG H 171 -27.97 22.21 -71.63
CA ARG H 171 -27.41 23.32 -70.88
C ARG H 171 -26.23 22.88 -70.01
N LEU H 172 -26.29 21.66 -69.49
CA LEU H 172 -25.33 21.22 -68.48
C LEU H 172 -25.35 19.70 -68.40
N ALA H 173 -24.16 19.09 -68.33
CA ALA H 173 -24.02 17.64 -68.27
C ALA H 173 -23.16 17.27 -67.08
N TYR H 174 -23.61 16.28 -66.31
CA TYR H 174 -22.85 15.77 -65.20
C TYR H 174 -22.20 14.44 -65.57
N TRP H 175 -21.10 14.13 -64.90
CA TRP H 175 -20.33 12.91 -65.17
C TRP H 175 -19.90 12.32 -63.84
N VAL H 176 -20.48 11.18 -63.47
CA VAL H 176 -20.13 10.47 -62.25
C VAL H 176 -19.24 9.30 -62.64
N GLY H 177 -18.10 9.18 -61.99
CA GLY H 177 -17.20 8.09 -62.32
C GLY H 177 -15.97 8.05 -61.44
N PHE H 178 -14.98 7.30 -61.91
CA PHE H 178 -13.72 7.19 -61.19
C PHE H 178 -12.86 8.42 -61.45
N ASP H 179 -11.92 8.66 -60.54
CA ASP H 179 -11.05 9.82 -60.65
C ASP H 179 -9.97 9.57 -61.70
N THR H 180 -9.85 10.48 -62.67
CA THR H 180 -8.97 10.32 -63.81
C THR H 180 -7.52 10.67 -63.52
N THR H 181 -7.23 11.39 -62.43
CA THR H 181 -5.87 11.88 -62.21
C THR H 181 -4.81 10.79 -62.18
N PRO H 182 -5.02 9.62 -61.57
CA PRO H 182 -3.97 8.58 -61.64
C PRO H 182 -3.61 8.20 -63.05
N PHE H 183 -4.55 8.33 -64.00
CA PHE H 183 -4.26 8.02 -65.39
C PHE H 183 -3.48 9.15 -66.06
N MET H 184 -3.79 10.40 -65.72
CA MET H 184 -3.02 11.52 -66.27
C MET H 184 -1.62 11.59 -65.66
N TYR H 185 -1.37 10.86 -64.58
CA TYR H 185 -0.05 10.75 -63.99
C TYR H 185 0.80 9.67 -64.64
N ASN H 186 0.25 8.93 -65.62
CA ASN H 186 0.94 7.85 -66.31
C ASN H 186 1.41 6.78 -65.34
N ALA H 187 0.44 6.13 -64.70
CA ALA H 187 0.68 5.05 -63.75
C ALA H 187 0.36 3.71 -64.38
N MET H 188 0.97 2.66 -63.82
CA MET H 188 0.79 1.30 -64.32
C MET H 188 -0.43 0.62 -63.70
N ALA H 189 -0.50 0.60 -62.38
CA ALA H 189 -1.58 -0.05 -61.65
C ALA H 189 -2.25 0.93 -60.69
N GLY H 190 -3.50 0.63 -60.33
CA GLY H 190 -4.28 1.49 -59.47
C GLY H 190 -4.82 0.75 -58.26
N ALA H 191 -5.27 1.53 -57.28
CA ALA H 191 -5.65 0.99 -55.99
C ALA H 191 -7.13 1.17 -55.65
N TYR H 192 -7.61 2.42 -55.56
CA TYR H 192 -8.92 2.75 -55.00
C TYR H 192 -9.28 1.86 -53.81
N PRO H 193 -8.58 1.95 -52.68
CA PRO H 193 -8.77 0.97 -51.59
C PRO H 193 -10.21 0.70 -51.19
N SER H 194 -10.96 1.73 -50.79
CA SER H 194 -12.24 1.51 -50.13
C SER H 194 -13.25 0.87 -51.07
N TYR H 195 -13.09 1.07 -52.37
CA TYR H 195 -14.09 0.65 -53.33
C TYR H 195 -13.81 -0.73 -53.91
N SER H 196 -12.69 -1.36 -53.54
CA SER H 196 -12.31 -2.68 -54.02
C SER H 196 -12.28 -2.73 -55.54
N THR H 197 -11.80 -1.64 -56.15
CA THR H 197 -11.67 -1.54 -57.60
C THR H 197 -10.20 -1.32 -57.95
N ASN H 198 -9.63 -2.28 -58.66
CA ASN H 198 -8.21 -2.25 -58.99
C ASN H 198 -8.03 -2.30 -60.51
N TRP H 199 -7.24 -1.40 -61.05
CA TRP H 199 -6.97 -1.41 -62.49
C TRP H 199 -5.50 -1.70 -62.74
N ALA H 200 -5.24 -2.35 -63.88
CA ALA H 200 -3.89 -2.73 -64.24
C ALA H 200 -3.72 -2.66 -65.75
N ASP H 201 -2.49 -2.41 -66.18
CA ASP H 201 -2.16 -2.37 -67.59
C ASP H 201 -2.02 -3.79 -68.12
N GLU H 202 -2.18 -3.94 -69.45
CA GLU H 202 -2.09 -5.24 -70.07
C GLU H 202 -0.75 -5.92 -69.82
N GLN H 203 0.35 -5.16 -69.93
CA GLN H 203 1.68 -5.76 -69.83
C GLN H 203 2.02 -6.20 -68.42
N VAL H 204 1.45 -5.56 -67.40
CA VAL H 204 1.80 -5.83 -66.02
C VAL H 204 0.75 -6.73 -65.34
N LEU H 205 -0.06 -7.43 -66.13
CA LEU H 205 -1.08 -8.30 -65.54
C LEU H 205 -0.45 -9.47 -64.81
N LYS H 206 0.61 -10.05 -65.36
CA LYS H 206 1.27 -11.20 -64.73
C LYS H 206 2.32 -10.76 -63.72
N ALA H 207 1.91 -9.90 -62.79
CA ALA H 207 2.78 -9.44 -61.72
C ALA H 207 2.51 -10.25 -60.45
N LYS H 208 3.06 -9.82 -59.33
CA LYS H 208 2.93 -10.57 -58.09
C LYS H 208 2.37 -9.75 -56.93
N ASN H 209 2.74 -8.48 -56.85
CA ASN H 209 2.48 -7.66 -55.68
C ASN H 209 1.70 -6.40 -56.03
N ILE H 210 0.64 -6.55 -56.81
CA ILE H 210 -0.33 -5.48 -57.02
C ILE H 210 -1.73 -6.04 -56.77
N GLY H 211 -2.70 -5.14 -56.75
CA GLY H 211 -4.07 -5.56 -56.48
C GLY H 211 -4.65 -6.43 -57.58
N LEU H 212 -4.13 -6.29 -58.80
CA LEU H 212 -4.64 -7.00 -59.96
C LEU H 212 -3.48 -7.73 -60.65
N CYS H 213 -3.26 -8.98 -60.25
CA CYS H 213 -2.18 -9.78 -60.81
C CYS H 213 -2.45 -11.26 -60.59
N SER H 214 -1.77 -12.09 -61.37
CA SER H 214 -1.85 -13.55 -61.24
C SER H 214 -0.64 -14.15 -61.94
N THR H 215 0.21 -14.82 -61.17
CA THR H 215 1.44 -15.42 -61.69
C THR H 215 1.43 -16.91 -61.44
N ASP H 216 2.46 -17.58 -61.96
CA ASP H 216 2.60 -19.02 -61.84
C ASP H 216 3.96 -19.35 -61.21
N LEU H 217 3.99 -20.40 -60.41
CA LEU H 217 5.21 -20.78 -59.70
C LEU H 217 6.19 -21.44 -60.65
N THR H 218 7.45 -20.99 -60.60
CA THR H 218 8.47 -21.50 -61.52
C THR H 218 9.72 -21.86 -60.74
N GLU H 219 10.51 -22.77 -61.32
CA GLU H 219 11.77 -23.22 -60.75
C GLU H 219 12.94 -22.55 -61.47
N GLY H 220 14.15 -23.04 -61.17
CA GLY H 220 15.38 -22.39 -61.61
C GLY H 220 15.66 -22.45 -63.10
N ARG H 221 14.78 -21.88 -63.92
CA ARG H 221 14.96 -21.80 -65.36
C ARG H 221 15.23 -20.34 -65.72
N ARG H 222 16.49 -19.99 -65.95
CA ARG H 222 16.82 -18.66 -66.48
C ARG H 222 17.05 -18.74 -67.99
N GLY H 223 16.06 -19.30 -68.69
CA GLY H 223 16.19 -19.53 -70.12
C GLY H 223 14.94 -19.37 -70.96
N LYS H 224 13.98 -18.56 -70.50
CA LYS H 224 12.68 -18.53 -71.19
C LYS H 224 12.81 -17.97 -72.60
N LEU H 225 13.84 -17.18 -72.86
CA LEU H 225 14.29 -16.84 -74.22
C LEU H 225 13.14 -16.32 -75.09
N SER H 226 12.61 -15.16 -74.72
CA SER H 226 11.54 -14.55 -75.50
C SER H 226 12.07 -14.10 -76.86
N ILE H 227 11.32 -14.42 -77.92
CA ILE H 227 11.73 -14.01 -79.26
C ILE H 227 11.59 -12.50 -79.44
N MET H 228 10.54 -11.92 -78.86
CA MET H 228 10.25 -10.50 -79.00
C MET H 228 10.89 -9.74 -77.84
N ARG H 229 11.67 -8.71 -78.17
CA ARG H 229 12.34 -7.88 -77.18
C ARG H 229 11.89 -6.44 -77.36
N GLY H 230 11.33 -5.86 -76.31
CA GLY H 230 10.86 -4.49 -76.35
C GLY H 230 11.83 -3.51 -75.72
N LYS H 231 12.38 -3.87 -74.57
CA LYS H 231 13.31 -3.06 -73.80
C LYS H 231 12.71 -1.71 -73.40
N LYS H 232 11.39 -1.64 -73.24
CA LYS H 232 10.74 -0.41 -72.81
C LYS H 232 9.41 -0.77 -72.15
N LEU H 233 9.29 -0.48 -70.86
CA LEU H 233 8.06 -0.71 -70.11
C LEU H 233 7.31 0.61 -70.01
N GLU H 234 6.52 0.90 -71.05
CA GLU H 234 5.72 2.10 -71.12
C GLU H 234 4.24 1.76 -71.16
N PRO H 235 3.38 2.62 -70.60
CA PRO H 235 1.95 2.34 -70.62
C PRO H 235 1.38 2.34 -72.03
N CYS H 236 0.36 1.51 -72.23
CA CYS H 236 -0.34 1.43 -73.51
C CYS H 236 -1.81 1.76 -73.31
N ASP H 237 -2.56 1.66 -74.41
CA ASP H 237 -3.94 2.15 -74.41
C ASP H 237 -4.85 1.29 -73.56
N ARG H 238 -4.72 -0.02 -73.64
CA ARG H 238 -5.65 -0.94 -73.00
C ARG H 238 -5.33 -1.06 -71.51
N VAL H 239 -6.32 -0.79 -70.65
CA VAL H 239 -6.18 -0.95 -69.21
C VAL H 239 -7.43 -1.65 -68.69
N LEU H 240 -7.24 -2.71 -67.90
CA LEU H 240 -8.36 -3.49 -67.41
C LEU H 240 -8.67 -3.10 -65.97
N PHE H 241 -9.92 -2.75 -65.72
CA PHE H 241 -10.45 -2.49 -64.39
C PHE H 241 -11.07 -3.76 -63.85
N SER H 242 -10.98 -3.93 -62.53
CA SER H 242 -11.68 -4.98 -61.80
C SER H 242 -12.48 -4.28 -60.73
N VAL H 243 -13.78 -4.17 -60.93
CA VAL H 243 -14.70 -3.59 -59.96
C VAL H 243 -15.42 -4.75 -59.29
N GLY H 244 -15.17 -4.92 -57.99
CA GLY H 244 -15.68 -6.09 -57.30
C GLY H 244 -15.17 -7.37 -57.93
N SER H 245 -16.05 -8.07 -58.63
CA SER H 245 -15.68 -9.30 -59.32
C SER H 245 -15.83 -9.21 -60.83
N THR H 246 -16.06 -8.03 -61.37
CA THR H 246 -16.31 -7.86 -62.81
C THR H 246 -15.18 -7.08 -63.45
N LEU H 247 -14.74 -7.55 -64.62
CA LEU H 247 -13.66 -6.95 -65.38
C LEU H 247 -14.23 -6.08 -66.49
N TYR H 248 -13.65 -4.90 -66.68
CA TYR H 248 -14.09 -3.95 -67.70
C TYR H 248 -12.86 -3.36 -68.39
N PRO H 249 -12.75 -3.45 -69.71
CA PRO H 249 -11.60 -2.86 -70.39
C PRO H 249 -11.85 -1.42 -70.82
N GLU H 250 -10.90 -0.55 -70.50
CA GLU H 250 -10.94 0.85 -70.86
C GLU H 250 -9.76 1.19 -71.75
N SER H 251 -9.93 2.26 -72.52
CA SER H 251 -8.87 2.82 -73.35
C SER H 251 -8.19 3.95 -72.60
N ARG H 252 -6.86 3.98 -72.65
CA ARG H 252 -6.11 5.00 -71.91
C ARG H 252 -6.43 6.40 -72.42
N LYS H 253 -6.49 6.58 -73.73
CA LYS H 253 -6.75 7.90 -74.29
C LYS H 253 -8.15 8.38 -73.97
N LEU H 254 -9.16 7.52 -74.18
CA LEU H 254 -10.54 7.92 -73.95
C LEU H 254 -10.77 8.27 -72.48
N LEU H 255 -10.23 7.46 -71.57
CA LEU H 255 -10.40 7.74 -70.15
C LEU H 255 -9.61 8.98 -69.73
N LYS H 256 -8.39 9.14 -70.26
CA LYS H 256 -7.57 10.29 -69.92
C LYS H 256 -8.19 11.59 -70.44
N SER H 257 -8.98 11.51 -71.50
CA SER H 257 -9.61 12.71 -72.06
C SER H 257 -10.65 13.30 -71.12
N TRP H 258 -11.05 12.60 -70.06
CA TRP H 258 -12.05 13.11 -69.14
C TRP H 258 -11.48 14.04 -68.08
N HIS H 259 -10.15 14.21 -68.03
CA HIS H 259 -9.55 15.19 -67.13
C HIS H 259 -9.59 16.57 -67.79
N LEU H 260 -10.81 17.05 -67.94
CA LEU H 260 -11.04 18.31 -68.64
C LEU H 260 -10.54 19.49 -67.81
N PRO H 261 -10.08 20.56 -68.47
CA PRO H 261 -9.64 21.74 -67.73
C PRO H 261 -10.80 22.45 -67.06
N SER H 262 -10.44 23.43 -66.23
CA SER H 262 -11.47 24.19 -65.51
C SER H 262 -12.39 24.93 -66.48
N VAL H 263 -11.81 25.57 -67.50
CA VAL H 263 -12.58 26.21 -68.56
C VAL H 263 -11.97 25.81 -69.90
N PHE H 264 -12.83 25.58 -70.90
CA PHE H 264 -12.32 25.25 -72.22
C PHE H 264 -13.35 25.65 -73.28
N HIS H 265 -12.91 25.59 -74.54
CA HIS H 265 -13.72 26.00 -75.67
C HIS H 265 -13.79 24.88 -76.70
N LEU H 266 -14.92 24.77 -77.37
CA LEU H 266 -15.13 23.84 -78.47
C LEU H 266 -15.53 24.65 -79.70
N LYS H 267 -14.59 24.84 -80.62
CA LYS H 267 -14.82 25.66 -81.81
C LYS H 267 -15.02 24.75 -83.01
N GLY H 268 -16.20 24.85 -83.63
CA GLY H 268 -16.50 24.12 -84.85
C GLY H 268 -17.43 24.93 -85.71
N LYS H 269 -18.48 24.28 -86.24
CA LYS H 269 -19.54 25.03 -86.89
C LYS H 269 -20.22 25.97 -85.91
N LEU H 270 -20.48 25.49 -84.69
CA LEU H 270 -20.96 26.31 -83.59
C LEU H 270 -19.96 26.23 -82.45
N SER H 271 -19.54 27.39 -81.94
CA SER H 271 -18.50 27.47 -80.93
C SER H 271 -19.14 27.61 -79.56
N PHE H 272 -18.79 26.72 -78.63
CA PHE H 272 -19.30 26.75 -77.27
C PHE H 272 -18.15 26.92 -76.28
N THR H 273 -18.49 27.39 -75.09
CA THR H 273 -17.56 27.49 -73.97
C THR H 273 -18.11 26.70 -72.79
N CYS H 274 -17.21 26.13 -72.00
CA CYS H 274 -17.63 25.25 -70.92
C CYS H 274 -16.74 25.44 -69.71
N ARG H 275 -17.34 25.21 -68.53
CA ARG H 275 -16.65 25.23 -67.26
C ARG H 275 -16.88 23.90 -66.58
N CYS H 276 -15.80 23.26 -66.11
CA CYS H 276 -15.88 21.96 -65.48
C CYS H 276 -15.35 22.05 -64.05
N ASP H 277 -16.15 21.56 -63.10
CA ASP H 277 -15.76 21.57 -61.69
C ASP H 277 -16.24 20.28 -61.04
N THR H 278 -15.54 19.89 -59.97
CA THR H 278 -15.87 18.69 -59.20
C THR H 278 -16.79 19.09 -58.06
N VAL H 279 -18.05 18.67 -58.14
CA VAL H 279 -19.02 19.05 -57.12
C VAL H 279 -19.02 18.07 -55.93
N VAL H 280 -18.72 16.80 -56.17
CA VAL H 280 -18.68 15.80 -55.12
C VAL H 280 -17.51 14.87 -55.38
N SER H 281 -16.73 14.60 -54.33
CA SER H 281 -15.58 13.71 -54.43
C SER H 281 -15.51 12.85 -53.18
N CYS H 282 -15.29 11.55 -53.36
CA CYS H 282 -15.22 10.63 -52.23
C CYS H 282 -14.34 9.45 -52.63
N GLU H 283 -13.16 9.36 -52.01
CA GLU H 283 -12.29 8.19 -52.06
C GLU H 283 -12.08 7.64 -53.47
N GLY H 284 -12.16 8.50 -54.48
CA GLY H 284 -11.95 8.04 -55.84
C GLY H 284 -13.08 8.37 -56.79
N TYR H 285 -14.32 8.22 -56.35
CA TYR H 285 -15.46 8.63 -57.17
C TYR H 285 -15.60 10.15 -57.17
N VAL H 286 -15.75 10.70 -58.37
CA VAL H 286 -15.93 12.13 -58.56
C VAL H 286 -17.18 12.37 -59.41
N VAL H 287 -17.78 13.55 -59.24
CA VAL H 287 -18.93 13.98 -60.02
C VAL H 287 -18.57 15.34 -60.63
N LYS H 288 -18.25 15.35 -61.91
CA LYS H 288 -17.91 16.55 -62.63
C LYS H 288 -19.16 17.21 -63.22
N ARG H 289 -19.12 18.53 -63.34
CA ARG H 289 -20.27 19.34 -63.73
C ARG H 289 -19.84 20.24 -64.90
N ILE H 290 -19.99 19.75 -66.12
CA ILE H 290 -19.60 20.50 -67.31
C ILE H 290 -20.82 21.28 -67.80
N THR H 291 -20.78 22.60 -67.65
CA THR H 291 -21.90 23.46 -68.01
C THR H 291 -21.70 23.98 -69.43
N MET H 292 -22.65 23.68 -70.31
CA MET H 292 -22.61 24.17 -71.67
C MET H 292 -22.83 25.67 -71.69
N SER H 293 -22.33 26.32 -72.74
CA SER H 293 -22.59 27.74 -72.93
C SER H 293 -22.32 28.13 -74.37
N PRO H 294 -23.30 28.73 -75.06
CA PRO H 294 -23.07 29.14 -76.46
C PRO H 294 -22.12 30.31 -76.55
N GLY H 295 -21.47 30.42 -77.70
CA GLY H 295 -20.55 31.52 -77.96
C GLY H 295 -19.11 31.14 -77.63
N LEU H 296 -18.24 32.13 -77.82
CA LEU H 296 -16.80 31.98 -77.53
C LEU H 296 -16.39 33.15 -76.65
N TYR H 297 -16.54 32.99 -75.34
CA TYR H 297 -16.27 34.04 -74.36
C TYR H 297 -15.10 33.63 -73.48
N GLY H 298 -14.22 34.57 -73.19
CA GLY H 298 -13.13 34.35 -72.25
C GLY H 298 -11.92 33.70 -72.91
N LYS H 299 -10.90 33.50 -72.07
CA LYS H 299 -9.65 32.89 -72.50
C LYS H 299 -9.37 31.67 -71.63
N THR H 300 -8.85 30.61 -72.25
CA THR H 300 -8.60 29.36 -71.55
C THR H 300 -7.13 29.25 -71.17
N THR H 301 -6.88 28.65 -70.00
CA THR H 301 -5.50 28.47 -69.53
C THR H 301 -4.90 27.18 -70.07
N GLY H 302 -5.65 26.09 -70.02
CA GLY H 302 -5.15 24.80 -70.43
C GLY H 302 -4.67 23.91 -69.31
N TYR H 303 -5.07 24.18 -68.07
CA TYR H 303 -4.64 23.43 -66.91
C TYR H 303 -5.84 22.84 -66.19
N ALA H 304 -5.68 21.63 -65.66
CA ALA H 304 -6.71 20.95 -64.89
C ALA H 304 -6.26 20.80 -63.45
N VAL H 305 -7.18 21.10 -62.53
CA VAL H 305 -6.91 21.11 -61.09
C VAL H 305 -7.66 19.95 -60.44
N THR H 306 -6.96 19.22 -59.59
CA THR H 306 -7.57 18.19 -58.77
C THR H 306 -7.26 18.43 -57.30
N HIS H 307 -8.30 18.45 -56.47
CA HIS H 307 -8.17 18.61 -55.03
C HIS H 307 -8.21 17.23 -54.38
N HIS H 308 -7.15 16.89 -53.64
CA HIS H 308 -7.03 15.58 -53.00
C HIS H 308 -7.48 15.71 -51.55
N ALA H 309 -8.74 15.34 -51.30
CA ALA H 309 -9.23 15.30 -49.93
C ALA H 309 -8.49 14.28 -49.10
N ASP H 310 -8.12 13.16 -49.71
CA ASP H 310 -7.29 12.14 -49.09
C ASP H 310 -5.98 12.02 -49.86
N GLY H 311 -4.94 11.52 -49.19
CA GLY H 311 -3.62 11.53 -49.78
C GLY H 311 -3.51 10.67 -51.02
N PHE H 312 -2.62 11.06 -51.91
CA PHE H 312 -2.32 10.32 -53.13
C PHE H 312 -0.86 9.92 -53.11
N LEU H 313 -0.57 8.69 -53.54
CA LEU H 313 0.79 8.16 -53.50
C LEU H 313 1.08 7.42 -54.80
N MET H 314 2.03 7.95 -55.57
CA MET H 314 2.55 7.25 -56.74
C MET H 314 3.92 6.71 -56.41
N CYS H 315 4.00 5.42 -56.13
CA CYS H 315 5.23 4.75 -55.72
C CYS H 315 5.82 4.01 -56.90
N LYS H 316 7.11 3.68 -56.78
CA LYS H 316 7.81 2.92 -57.81
C LYS H 316 8.20 1.58 -57.19
N THR H 317 7.50 0.53 -57.62
CA THR H 317 7.71 -0.81 -57.07
C THR H 317 8.27 -1.73 -58.14
N THR H 318 9.19 -2.60 -57.72
CA THR H 318 9.69 -3.68 -58.56
C THR H 318 8.80 -4.89 -58.36
N ASP H 319 8.38 -5.50 -59.46
CA ASP H 319 7.54 -6.70 -59.43
C ASP H 319 8.00 -7.66 -60.52
N THR H 320 7.67 -8.93 -60.32
CA THR H 320 7.99 -9.97 -61.30
C THR H 320 6.85 -10.03 -62.31
N VAL H 321 6.92 -9.14 -63.30
CA VAL H 321 5.95 -9.17 -64.40
C VAL H 321 6.31 -10.34 -65.31
N ASP H 322 5.39 -11.30 -65.42
CA ASP H 322 5.58 -12.54 -66.15
C ASP H 322 6.80 -13.32 -65.68
N GLY H 323 7.40 -12.91 -64.56
CA GLY H 323 8.62 -13.52 -64.07
C GLY H 323 9.79 -12.55 -64.02
N GLU H 324 9.90 -11.69 -65.02
CA GLU H 324 11.01 -10.75 -65.07
C GLU H 324 10.77 -9.60 -64.09
N ARG H 325 11.79 -9.29 -63.29
CA ARG H 325 11.67 -8.17 -62.36
C ARG H 325 11.80 -6.86 -63.12
N VAL H 326 10.75 -6.04 -63.07
CA VAL H 326 10.75 -4.71 -63.66
C VAL H 326 10.14 -3.74 -62.65
N SER H 327 10.58 -2.49 -62.72
CA SER H 327 10.12 -1.44 -61.82
C SER H 327 9.09 -0.59 -62.55
N PHE H 328 7.91 -0.43 -61.95
CA PHE H 328 6.86 0.39 -62.53
C PHE H 328 6.17 1.18 -61.43
N SER H 329 5.40 2.18 -61.85
CA SER H 329 4.74 3.11 -60.94
C SER H 329 3.32 2.66 -60.67
N VAL H 330 2.96 2.64 -59.39
CA VAL H 330 1.61 2.26 -58.94
C VAL H 330 1.05 3.38 -58.10
N CYS H 331 -0.22 3.70 -58.32
CA CYS H 331 -0.92 4.76 -57.61
C CYS H 331 -1.82 4.18 -56.53
N THR H 332 -1.96 4.94 -55.44
CA THR H 332 -2.72 4.50 -54.29
C THR H 332 -3.35 5.71 -53.62
N TYR H 333 -4.55 5.49 -53.08
CA TYR H 333 -5.24 6.48 -52.27
C TYR H 333 -5.10 6.11 -50.80
N VAL H 334 -4.70 7.08 -49.98
CA VAL H 334 -4.45 6.86 -48.57
C VAL H 334 -5.44 7.72 -47.79
N PRO H 335 -6.12 7.18 -46.78
CA PRO H 335 -7.09 7.99 -46.03
C PRO H 335 -6.41 9.18 -45.34
N ALA H 336 -7.20 10.24 -45.15
CA ALA H 336 -6.64 11.49 -44.62
C ALA H 336 -6.08 11.31 -43.22
N THR H 337 -6.74 10.52 -42.38
CA THR H 337 -6.29 10.36 -41.00
C THR H 337 -4.94 9.65 -40.94
N ILE H 338 -4.72 8.65 -41.79
CA ILE H 338 -3.46 7.91 -41.78
C ILE H 338 -2.31 8.81 -42.20
N CYS H 339 -2.52 9.61 -43.26
CA CYS H 339 -1.50 10.55 -43.70
C CYS H 339 -1.26 11.62 -42.65
N ASP H 340 -2.32 12.07 -41.97
CA ASP H 340 -2.17 13.10 -40.96
C ASP H 340 -1.33 12.59 -39.79
N GLN H 341 -1.65 11.39 -39.29
CA GLN H 341 -0.90 10.87 -38.14
C GLN H 341 0.51 10.45 -38.52
N MET H 342 0.73 10.08 -39.77
CA MET H 342 2.07 9.72 -40.25
C MET H 342 2.77 10.92 -40.88
N THR H 343 2.95 11.98 -40.09
CA THR H 343 3.65 13.17 -40.52
C THR H 343 4.94 13.40 -39.76
N GLY H 344 4.92 13.25 -38.43
CA GLY H 344 6.15 13.36 -37.66
C GLY H 344 7.14 12.26 -37.98
N ILE H 345 6.64 11.05 -38.18
CA ILE H 345 7.51 9.94 -38.58
C ILE H 345 8.10 10.19 -39.96
N LEU H 346 7.33 10.82 -40.84
CA LEU H 346 7.81 11.12 -42.19
C LEU H 346 8.69 12.36 -42.20
N ALA H 347 9.71 12.38 -41.33
CA ALA H 347 10.65 13.49 -41.26
C ALA H 347 12.07 12.96 -41.13
N THR H 348 12.20 11.70 -40.73
CA THR H 348 13.49 11.09 -40.43
C THR H 348 13.90 10.14 -41.55
N GLU H 349 15.11 9.62 -41.42
CA GLU H 349 15.58 8.56 -42.30
C GLU H 349 14.91 7.25 -41.91
N VAL H 350 13.78 6.91 -42.55
CA VAL H 350 12.95 5.80 -42.13
C VAL H 350 13.04 4.69 -43.18
N THR H 351 13.22 3.46 -42.71
CA THR H 351 13.28 2.30 -43.58
C THR H 351 11.88 1.81 -43.92
N PRO H 352 11.72 1.11 -45.04
CA PRO H 352 10.40 0.56 -45.37
C PRO H 352 9.87 -0.39 -44.31
N GLU H 353 10.75 -1.14 -43.64
CA GLU H 353 10.32 -2.06 -42.60
C GLU H 353 9.66 -1.30 -41.45
N ASP H 354 10.35 -0.29 -40.92
CA ASP H 354 9.80 0.49 -39.82
C ASP H 354 8.56 1.25 -40.25
N ALA H 355 8.56 1.76 -41.49
CA ALA H 355 7.39 2.48 -41.99
C ALA H 355 6.18 1.57 -42.05
N GLN H 356 6.34 0.34 -42.56
CA GLN H 356 5.20 -0.56 -42.64
C GLN H 356 4.75 -1.00 -41.25
N LYS H 357 5.69 -1.22 -40.34
CA LYS H 357 5.31 -1.57 -38.97
C LYS H 357 4.49 -0.45 -38.32
N LEU H 358 4.93 0.80 -38.49
CA LEU H 358 4.18 1.92 -37.93
C LEU H 358 2.83 2.07 -38.63
N LEU H 359 2.77 1.76 -39.92
CA LEU H 359 1.50 1.86 -40.65
C LEU H 359 0.49 0.83 -40.13
N VAL H 360 0.92 -0.42 -39.95
CA VAL H 360 -0.02 -1.43 -39.46
C VAL H 360 -0.40 -1.14 -38.02
N GLY H 361 0.54 -0.62 -37.22
CA GLY H 361 0.19 -0.19 -35.87
C GLY H 361 -0.82 0.94 -35.88
N LEU H 362 -0.75 1.82 -36.89
CA LEU H 362 -1.69 2.94 -36.99
C LEU H 362 -3.07 2.47 -37.42
N ASN H 363 -3.14 1.35 -38.16
CA ASN H 363 -4.40 0.83 -38.66
C ASN H 363 -5.16 -0.01 -37.63
N GLN H 364 -4.81 0.12 -36.35
CA GLN H 364 -5.45 -0.64 -35.28
C GLN H 364 -5.36 -2.14 -35.51
N THR H 376 -11.39 -3.41 -36.65
CA THR H 376 -11.65 -2.15 -37.33
C THR H 376 -10.42 -1.69 -38.10
N ASN H 377 -10.57 -1.52 -39.41
CA ASN H 377 -9.49 -1.08 -40.29
C ASN H 377 -9.89 0.20 -41.00
N THR H 378 -8.98 1.17 -41.04
CA THR H 378 -9.22 2.41 -41.76
C THR H 378 -8.96 2.25 -43.24
N MET H 379 -7.75 1.82 -43.59
CA MET H 379 -7.39 1.52 -44.97
C MET H 379 -7.17 0.01 -45.11
N LYS H 380 -7.38 -0.48 -46.33
CA LYS H 380 -7.22 -1.90 -46.58
C LYS H 380 -5.77 -2.31 -46.38
N ASN H 381 -5.54 -3.29 -45.50
CA ASN H 381 -4.20 -3.76 -45.21
C ASN H 381 -3.54 -4.46 -46.37
N TYR H 382 -4.31 -4.78 -47.43
CA TYR H 382 -3.78 -5.52 -48.56
C TYR H 382 -2.70 -4.76 -49.32
N MET H 383 -2.61 -3.44 -49.17
CA MET H 383 -1.68 -2.65 -49.96
C MET H 383 -0.94 -1.66 -49.05
N ILE H 384 -0.35 -2.18 -47.98
CA ILE H 384 0.63 -1.38 -47.25
C ILE H 384 1.99 -2.09 -47.19
N PRO H 385 2.38 -2.86 -48.22
CA PRO H 385 3.80 -2.94 -48.56
C PRO H 385 4.21 -1.74 -49.42
N VAL H 386 3.24 -1.22 -50.18
CA VAL H 386 3.53 -0.21 -51.18
C VAL H 386 3.48 1.19 -50.58
N VAL H 387 2.50 1.45 -49.73
CA VAL H 387 2.41 2.76 -49.08
C VAL H 387 3.65 3.00 -48.23
N ALA H 388 4.14 1.96 -47.54
CA ALA H 388 5.34 2.11 -46.73
C ALA H 388 6.55 2.44 -47.59
N GLN H 389 6.69 1.76 -48.73
CA GLN H 389 7.81 2.05 -49.62
C GLN H 389 7.72 3.46 -50.18
N ALA H 390 6.51 3.90 -50.53
CA ALA H 390 6.31 5.26 -51.02
C ALA H 390 6.68 6.29 -49.96
N PHE H 391 6.26 6.05 -48.71
CA PHE H 391 6.61 6.96 -47.64
C PHE H 391 8.12 6.99 -47.40
N SER H 392 8.76 5.83 -47.43
CA SER H 392 10.21 5.78 -47.22
C SER H 392 10.94 6.54 -48.32
N LYS H 393 10.50 6.37 -49.56
CA LYS H 393 11.18 7.03 -50.68
C LYS H 393 10.90 8.53 -50.68
N TRP H 394 9.70 8.95 -50.28
CA TRP H 394 9.42 10.36 -50.15
C TRP H 394 10.26 11.00 -49.05
N ALA H 395 10.43 10.30 -47.93
CA ALA H 395 11.32 10.78 -46.88
C ALA H 395 12.76 10.85 -47.39
N LYS H 396 13.17 9.86 -48.18
CA LYS H 396 14.50 9.86 -48.78
C LYS H 396 14.71 11.11 -49.61
N GLU H 397 13.73 11.40 -50.48
CA GLU H 397 13.83 12.56 -51.37
C GLU H 397 13.83 13.86 -50.58
N CYS H 398 12.95 13.97 -49.59
CA CYS H 398 12.89 15.19 -48.79
C CYS H 398 14.21 15.41 -48.04
N ARG H 399 14.77 14.34 -47.49
CA ARG H 399 16.06 14.47 -46.79
C ARG H 399 17.16 14.91 -47.73
N LYS H 400 17.26 14.27 -48.90
CA LYS H 400 18.27 14.68 -49.88
C LYS H 400 18.05 16.13 -50.30
N ASP H 401 16.79 16.55 -50.38
CA ASP H 401 16.47 17.93 -50.70
C ASP H 401 16.89 18.87 -49.58
N MET H 402 16.96 18.35 -48.35
CA MET H 402 17.25 19.19 -47.19
C MET H 402 18.68 19.73 -47.22
N GLU H 403 19.66 18.84 -47.45
CA GLU H 403 21.07 19.23 -47.34
C GLU H 403 21.66 19.65 -48.68
N ASP H 404 20.85 19.80 -49.72
CA ASP H 404 21.31 20.21 -51.04
C ASP H 404 20.73 21.57 -51.39
N GLU H 405 20.75 22.48 -50.42
CA GLU H 405 20.21 23.82 -50.63
C GLU H 405 20.98 24.55 -51.71
N LYS H 406 20.26 25.15 -52.65
CA LYS H 406 20.85 25.91 -53.75
C LYS H 406 20.77 27.40 -53.46
N LEU H 407 21.12 28.21 -54.45
CA LEU H 407 21.18 29.66 -54.32
C LEU H 407 19.97 30.29 -54.98
N LEU H 408 19.61 31.49 -54.52
CA LEU H 408 18.47 32.20 -55.08
C LEU H 408 18.62 32.49 -56.56
N GLY H 409 17.56 32.22 -57.32
CA GLY H 409 17.48 32.57 -58.72
C GLY H 409 18.58 32.02 -59.60
N VAL H 410 19.39 31.10 -59.09
CA VAL H 410 20.51 30.55 -59.84
C VAL H 410 20.28 29.07 -60.03
N ARG H 411 20.17 28.65 -61.29
CA ARG H 411 20.12 27.24 -61.64
C ARG H 411 21.54 26.73 -61.86
N GLU H 412 21.66 25.49 -62.30
CA GLU H 412 22.97 24.91 -62.60
C GLU H 412 22.86 24.26 -63.98
N ARG H 413 23.10 25.05 -65.01
CA ARG H 413 22.96 24.61 -66.39
C ARG H 413 24.33 24.62 -67.07
N THR H 414 24.63 23.53 -67.76
CA THR H 414 25.90 23.40 -68.46
C THR H 414 25.70 23.47 -69.97
N ALA H 422 21.33 21.83 -70.97
CA ALA H 422 21.99 20.76 -70.24
C ALA H 422 22.12 21.11 -68.76
N PHE H 423 21.32 20.46 -67.92
CA PHE H 423 21.34 20.69 -66.49
C PHE H 423 20.89 19.42 -65.77
N LYS H 424 21.41 19.22 -64.56
CA LYS H 424 21.28 17.94 -63.88
C LYS H 424 19.83 17.66 -63.48
N LYS H 425 19.40 16.43 -63.71
CA LYS H 425 18.09 15.92 -63.34
C LYS H 425 18.31 14.89 -62.24
N GLN H 426 17.90 15.24 -61.02
CA GLN H 426 18.02 14.31 -59.90
C GLN H 426 16.67 13.64 -59.64
N LYS H 427 16.70 12.52 -58.94
CA LYS H 427 15.67 11.51 -59.13
C LYS H 427 14.50 11.70 -58.18
N THR H 428 13.29 11.49 -58.68
CA THR H 428 12.09 11.40 -57.88
C THR H 428 11.45 10.03 -58.10
N HIS H 429 11.41 9.22 -57.04
CA HIS H 429 10.89 7.87 -57.14
C HIS H 429 9.46 7.72 -56.65
N THR H 430 8.85 8.78 -56.12
CA THR H 430 7.47 8.73 -55.66
C THR H 430 6.90 10.14 -55.65
N VAL H 431 5.58 10.22 -55.78
CA VAL H 431 4.86 11.49 -55.69
C VAL H 431 3.87 11.35 -54.54
N TYR H 432 4.01 12.22 -53.55
CA TYR H 432 3.15 12.17 -52.36
C TYR H 432 2.35 13.45 -52.30
N LYS H 433 1.09 13.37 -52.72
CA LYS H 433 0.15 14.47 -52.59
C LYS H 433 -0.52 14.39 -51.23
N ARG H 434 -0.30 15.42 -50.41
CA ARG H 434 -0.81 15.46 -49.05
C ARG H 434 -2.33 15.61 -49.08
N PRO H 435 -3.02 15.33 -47.97
CA PRO H 435 -4.49 15.31 -48.01
C PRO H 435 -5.13 16.69 -48.12
N ASP H 436 -4.35 17.70 -48.46
CA ASP H 436 -4.91 18.99 -48.80
C ASP H 436 -4.26 19.65 -50.01
N THR H 437 -3.32 18.98 -50.66
CA THR H 437 -2.65 19.53 -51.83
C THR H 437 -3.55 19.39 -53.06
N GLN H 438 -3.27 20.23 -54.05
CA GLN H 438 -3.98 20.19 -55.32
C GLN H 438 -2.96 20.05 -56.45
N SER H 439 -3.35 19.33 -57.50
CA SER H 439 -2.45 19.01 -58.60
C SER H 439 -2.94 19.69 -59.87
N ILE H 440 -2.06 20.40 -60.55
CA ILE H 440 -2.32 21.02 -61.84
C ILE H 440 -1.58 20.24 -62.92
N GLN H 441 -2.31 19.81 -63.94
CA GLN H 441 -1.68 19.17 -65.09
C GLN H 441 -2.23 19.75 -66.37
N LYS H 442 -1.35 19.90 -67.36
CA LYS H 442 -1.73 20.51 -68.63
C LYS H 442 -2.60 19.55 -69.44
N VAL H 443 -3.73 20.06 -69.91
CA VAL H 443 -4.65 19.30 -70.76
C VAL H 443 -5.15 20.24 -71.85
N GLN H 444 -5.23 19.71 -73.07
CA GLN H 444 -5.69 20.51 -74.20
C GLN H 444 -7.09 21.06 -73.93
N ALA H 445 -7.28 22.34 -74.22
CA ALA H 445 -8.54 23.01 -73.98
C ALA H 445 -9.16 23.60 -75.24
N GLU H 446 -8.35 23.98 -76.22
CA GLU H 446 -8.85 24.55 -77.47
C GLU H 446 -9.14 23.42 -78.45
N PHE H 447 -10.27 22.76 -78.22
CA PHE H 447 -10.69 21.64 -79.07
C PHE H 447 -11.22 22.18 -80.39
N ASP H 448 -10.58 21.78 -81.49
CA ASP H 448 -10.90 22.32 -82.81
C ASP H 448 -11.63 21.29 -83.67
N SER H 449 -11.05 20.10 -83.83
CA SER H 449 -11.60 19.08 -84.71
C SER H 449 -12.40 18.06 -83.91
N PHE H 450 -13.55 17.68 -84.45
CA PHE H 450 -14.42 16.70 -83.80
C PHE H 450 -14.90 15.66 -84.80
N LEU H 460 -29.17 -3.74 -84.39
CA LEU H 460 -29.98 -4.73 -83.68
C LEU H 460 -29.92 -6.07 -84.39
N SER H 461 -30.36 -7.13 -83.71
CA SER H 461 -30.35 -8.48 -84.24
C SER H 461 -31.77 -8.98 -84.42
N ILE H 462 -31.97 -9.86 -85.40
CA ILE H 462 -33.31 -10.41 -85.66
C ILE H 462 -33.86 -11.19 -84.47
N PRO H 463 -33.13 -12.15 -83.87
CA PRO H 463 -33.71 -12.85 -82.71
C PRO H 463 -33.95 -11.94 -81.53
N LEU H 464 -33.14 -10.88 -81.36
CA LEU H 464 -33.38 -9.93 -80.28
C LEU H 464 -34.72 -9.22 -80.44
N ARG H 465 -35.15 -8.99 -81.69
CA ARG H 465 -36.43 -8.33 -81.92
C ARG H 465 -37.57 -9.16 -81.37
N THR H 466 -37.53 -10.48 -81.59
CA THR H 466 -38.52 -11.35 -80.96
C THR H 466 -38.31 -11.40 -79.45
N ARG H 467 -37.05 -11.32 -79.01
CA ARG H 467 -36.75 -11.35 -77.58
C ARG H 467 -37.29 -10.13 -76.86
N ILE H 468 -37.62 -9.06 -77.60
CA ILE H 468 -38.16 -7.85 -76.98
C ILE H 468 -39.44 -8.14 -76.21
N LYS H 469 -40.27 -9.04 -76.70
CA LYS H 469 -41.52 -9.40 -76.02
C LYS H 469 -41.19 -10.00 -74.65
N PRO I 3 -29.32 36.32 -37.20
CA PRO I 3 -28.51 35.10 -37.20
C PRO I 3 -28.02 34.72 -38.60
N VAL I 4 -26.73 34.90 -38.84
CA VAL I 4 -26.13 34.56 -40.13
C VAL I 4 -25.95 33.05 -40.20
N TYR I 5 -26.10 32.50 -41.41
CA TYR I 5 -26.17 31.07 -41.60
C TYR I 5 -25.03 30.66 -42.52
N VAL I 6 -24.26 29.64 -42.14
CA VAL I 6 -22.99 29.36 -42.79
C VAL I 6 -22.99 27.94 -43.34
N ASP I 7 -22.27 27.77 -44.46
CA ASP I 7 -22.22 26.49 -45.17
C ASP I 7 -21.30 25.49 -44.49
N ILE I 8 -20.28 25.96 -43.77
CA ILE I 8 -19.24 25.09 -43.22
C ILE I 8 -19.85 24.08 -42.27
N ASP I 9 -19.19 22.94 -42.11
CA ASP I 9 -19.68 21.89 -41.23
C ASP I 9 -19.67 22.34 -39.78
N ALA I 10 -20.57 21.76 -38.99
CA ALA I 10 -20.72 22.16 -37.59
C ALA I 10 -19.45 21.85 -36.79
N ASP I 11 -18.84 20.70 -37.03
CA ASP I 11 -17.68 20.29 -36.26
C ASP I 11 -16.39 20.95 -36.72
N SER I 12 -16.42 21.70 -37.81
CA SER I 12 -15.21 22.35 -38.30
C SER I 12 -14.74 23.43 -37.33
N ALA I 13 -13.43 23.49 -37.09
CA ALA I 13 -12.88 24.48 -36.18
C ALA I 13 -12.98 25.90 -36.74
N PHE I 14 -12.93 26.06 -38.06
CA PHE I 14 -12.95 27.39 -38.67
C PHE I 14 -14.16 28.20 -38.28
N LEU I 15 -15.27 27.55 -37.92
CA LEU I 15 -16.44 28.28 -37.42
C LEU I 15 -16.05 29.22 -36.29
N LYS I 16 -15.28 28.72 -35.32
CA LYS I 16 -14.82 29.59 -34.23
C LYS I 16 -14.09 30.81 -34.78
N ALA I 17 -13.19 30.59 -35.75
CA ALA I 17 -12.49 31.72 -36.35
C ALA I 17 -13.47 32.71 -36.95
N LEU I 18 -14.51 32.20 -37.63
CA LEU I 18 -15.52 33.08 -38.19
C LEU I 18 -16.19 33.90 -37.09
N GLN I 19 -16.47 33.26 -35.96
CA GLN I 19 -17.08 33.99 -34.85
C GLN I 19 -16.15 35.10 -34.36
N ARG I 20 -14.84 34.89 -34.48
CA ARG I 20 -13.90 35.96 -34.13
C ARG I 20 -13.85 37.02 -35.23
N ALA I 21 -14.08 36.63 -36.48
CA ALA I 21 -14.03 37.59 -37.57
C ALA I 21 -15.28 38.46 -37.62
N TYR I 22 -16.42 37.89 -37.23
CA TYR I 22 -17.70 38.59 -37.16
C TYR I 22 -18.33 38.33 -35.79
N PRO I 23 -17.90 39.08 -34.76
CA PRO I 23 -18.55 38.95 -33.46
C PRO I 23 -19.90 39.66 -33.36
N MET I 24 -20.23 40.61 -34.24
CA MET I 24 -21.55 41.22 -34.10
C MET I 24 -22.65 40.39 -34.77
N PHE I 25 -22.28 39.34 -35.51
CA PHE I 25 -23.22 38.45 -36.17
C PHE I 25 -23.18 37.07 -35.51
N GLU I 26 -24.35 36.47 -35.34
CA GLU I 26 -24.46 35.14 -34.76
C GLU I 26 -24.37 34.11 -35.88
N VAL I 27 -23.37 33.23 -35.81
CA VAL I 27 -23.08 32.29 -36.89
C VAL I 27 -23.66 30.93 -36.54
N GLU I 28 -24.50 30.39 -37.43
CA GLU I 28 -25.13 29.10 -37.21
C GLU I 28 -24.85 28.19 -38.40
N PRO I 29 -24.34 26.98 -38.18
CA PRO I 29 -23.89 26.12 -39.29
C PRO I 29 -24.91 25.09 -39.75
N ARG I 30 -24.79 24.76 -41.03
CA ARG I 30 -25.35 23.55 -41.64
C ARG I 30 -24.74 23.38 -43.02
N GLN I 31 -24.86 22.18 -43.57
CA GLN I 31 -24.30 21.85 -44.87
C GLN I 31 -25.42 21.66 -45.88
N VAL I 32 -25.27 22.27 -47.05
CA VAL I 32 -26.22 22.09 -48.14
C VAL I 32 -25.48 21.39 -49.28
N THR I 33 -24.19 21.66 -49.39
CA THR I 33 -23.32 21.03 -50.37
C THR I 33 -21.97 20.77 -49.74
N PRO I 34 -21.28 19.69 -50.15
CA PRO I 34 -19.93 19.40 -49.65
C PRO I 34 -18.84 20.08 -50.48
N ASN I 35 -18.91 21.40 -50.57
CA ASN I 35 -17.95 22.15 -51.36
C ASN I 35 -16.54 21.95 -50.83
N ASP I 36 -15.60 21.71 -51.73
CA ASP I 36 -14.21 21.48 -51.36
C ASP I 36 -13.58 22.73 -50.78
N ALA I 38 -15.35 25.60 -48.69
CA ALA I 38 -16.53 26.08 -47.99
C ALA I 38 -16.18 27.30 -47.14
N ASN I 39 -14.93 27.37 -46.71
CA ASN I 39 -14.49 28.49 -45.87
C ASN I 39 -14.54 29.80 -46.63
N ALA I 40 -14.10 29.79 -47.89
CA ALA I 40 -14.06 31.01 -48.68
C ALA I 40 -15.45 31.55 -48.94
N ARG I 41 -16.37 30.68 -49.37
CA ARG I 41 -17.75 31.11 -49.60
C ARG I 41 -18.41 31.54 -48.30
N ALA I 42 -18.10 30.86 -47.19
CA ALA I 42 -18.65 31.26 -45.91
C ALA I 42 -18.22 32.68 -45.54
N PHE I 43 -16.92 32.97 -45.70
CA PHE I 43 -16.42 34.30 -45.36
C PHE I 43 -17.01 35.35 -46.30
N SER I 44 -17.15 35.02 -47.58
CA SER I 44 -17.75 35.97 -48.52
C SER I 44 -19.20 36.28 -48.16
N HIS I 45 -19.96 35.25 -47.79
CA HIS I 45 -21.34 35.48 -47.37
C HIS I 45 -21.39 36.34 -46.12
N LEU I 46 -20.53 36.06 -45.15
CA LEU I 46 -20.49 36.87 -43.93
C LEU I 46 -20.10 38.31 -44.22
N ALA I 47 -19.13 38.50 -45.12
CA ALA I 47 -18.72 39.86 -45.50
C ALA I 47 -19.86 40.59 -46.18
N ILE I 48 -20.61 39.91 -47.05
CA ILE I 48 -21.74 40.54 -47.73
C ILE I 48 -22.81 40.93 -46.71
N LYS I 49 -23.06 40.06 -45.72
CA LYS I 49 -24.04 40.40 -44.70
C LYS I 49 -23.60 41.60 -43.87
N LEU I 50 -22.32 41.64 -43.48
CA LEU I 50 -21.79 42.80 -42.77
C LEU I 50 -21.89 44.05 -43.62
N ILE I 51 -21.69 43.91 -44.93
CA ILE I 51 -21.83 45.03 -45.85
C ILE I 51 -23.26 45.54 -45.83
N GLU I 52 -24.22 44.63 -45.92
CA GLU I 52 -25.62 45.02 -45.85
C GLU I 52 -25.93 45.74 -44.55
N GLN I 53 -25.34 45.29 -43.45
CA GLN I 53 -25.57 45.93 -42.16
C GLN I 53 -24.98 47.34 -42.12
N GLU I 54 -23.76 47.51 -42.63
CA GLU I 54 -23.02 48.75 -42.41
C GLU I 54 -23.61 49.91 -43.20
N ILE I 55 -23.89 49.69 -44.49
CA ILE I 55 -24.20 50.80 -45.39
C ILE I 55 -25.61 51.35 -45.13
N ASP I 56 -25.85 52.53 -45.67
CA ASP I 56 -27.15 53.19 -45.57
C ASP I 56 -28.14 52.51 -46.50
N PRO I 57 -29.33 52.14 -46.02
CA PRO I 57 -30.31 51.53 -46.93
C PRO I 57 -30.67 52.39 -48.12
N ASP I 58 -30.72 53.72 -47.96
CA ASP I 58 -31.04 54.62 -49.06
C ASP I 58 -29.76 54.93 -49.84
N SER I 59 -29.25 53.90 -50.51
CA SER I 59 -28.03 54.03 -51.29
C SER I 59 -28.09 53.07 -52.48
N THR I 60 -27.33 53.42 -53.52
CA THR I 60 -27.17 52.57 -54.69
C THR I 60 -25.78 51.95 -54.67
N ILE I 61 -25.74 50.62 -54.76
CA ILE I 61 -24.51 49.86 -54.57
C ILE I 61 -24.07 49.31 -55.91
N LEU I 62 -22.94 49.80 -56.42
CA LEU I 62 -22.32 49.20 -57.60
C LEU I 62 -21.62 47.91 -57.20
N ASP I 63 -21.77 46.89 -58.04
CA ASP I 63 -21.12 45.60 -57.81
C ASP I 63 -20.30 45.27 -59.05
N ILE I 64 -19.01 45.56 -59.00
CA ILE I 64 -18.09 45.36 -60.12
C ILE I 64 -17.75 43.89 -60.21
N GLY I 65 -17.80 43.35 -61.42
CA GLY I 65 -17.57 41.92 -61.60
C GLY I 65 -18.57 41.08 -60.86
N SER I 66 -19.85 41.47 -60.91
CA SER I 66 -20.85 40.88 -60.05
C SER I 66 -21.23 39.46 -60.49
N ALA I 67 -21.69 38.68 -59.53
CA ALA I 67 -22.41 37.45 -59.78
C ALA I 67 -23.88 37.73 -59.51
N PRO I 68 -24.65 38.14 -60.53
CA PRO I 68 -25.99 38.68 -60.27
C PRO I 68 -26.91 37.74 -59.53
N ALA I 69 -26.76 36.43 -59.72
CA ALA I 69 -27.67 35.48 -59.06
C ALA I 69 -27.56 35.56 -57.55
N ARG I 70 -26.33 35.69 -57.04
CA ARG I 70 -26.13 35.70 -55.59
C ARG I 70 -26.75 36.93 -54.94
N ARG I 71 -26.43 38.11 -55.46
CA ARG I 71 -26.87 39.36 -54.86
C ARG I 71 -28.09 39.91 -55.62
N MET I 72 -29.18 39.15 -55.57
CA MET I 72 -30.42 39.58 -56.17
C MET I 72 -31.56 39.37 -55.17
N MET I 73 -31.39 38.40 -54.27
CA MET I 73 -32.30 38.25 -53.14
C MET I 73 -32.12 39.34 -52.08
N SER I 74 -31.09 40.17 -52.19
CA SER I 74 -30.87 41.22 -51.22
C SER I 74 -31.97 42.27 -51.30
N ASP I 75 -32.31 42.85 -50.14
CA ASP I 75 -33.33 43.89 -50.10
C ASP I 75 -32.82 45.23 -50.60
N ARG I 76 -31.51 45.39 -50.73
CA ARG I 76 -30.92 46.64 -51.17
C ARG I 76 -31.10 46.78 -52.69
N LYS I 77 -30.78 47.96 -53.21
CA LYS I 77 -30.89 48.23 -54.65
C LYS I 77 -29.49 48.18 -55.26
N TYR I 78 -29.13 46.99 -55.74
CA TYR I 78 -27.82 46.78 -56.34
C TYR I 78 -27.85 47.12 -57.83
N HIS I 79 -26.67 47.43 -58.36
CA HIS I 79 -26.43 47.54 -59.80
C HIS I 79 -25.25 46.65 -60.14
N CYS I 80 -25.51 45.53 -60.80
CA CYS I 80 -24.50 44.54 -61.13
C CYS I 80 -23.81 44.93 -62.44
N VAL I 81 -22.48 44.82 -62.46
CA VAL I 81 -21.69 45.13 -63.64
C VAL I 81 -20.91 43.86 -63.98
N CYS I 82 -21.37 43.13 -64.99
CA CYS I 82 -20.82 41.82 -65.32
C CYS I 82 -20.46 41.77 -66.80
N PRO I 83 -19.33 42.36 -67.19
CA PRO I 83 -18.87 42.22 -68.57
C PRO I 83 -18.41 40.80 -68.87
N MET I 84 -18.45 40.45 -70.15
CA MET I 84 -18.06 39.11 -70.59
C MET I 84 -16.55 39.05 -70.81
N ARG I 85 -15.83 39.01 -69.69
CA ARG I 85 -14.38 38.98 -69.71
C ARG I 85 -13.83 37.69 -69.08
N SER I 86 -14.70 36.76 -68.71
CA SER I 86 -14.28 35.50 -68.11
C SER I 86 -15.17 34.39 -68.62
N ALA I 87 -14.64 33.16 -68.63
CA ALA I 87 -15.39 32.02 -69.12
C ALA I 87 -16.54 31.62 -68.20
N GLU I 88 -16.50 32.05 -66.93
CA GLU I 88 -17.55 31.73 -65.99
C GLU I 88 -18.80 32.59 -66.20
N ASP I 89 -18.65 33.75 -66.83
CA ASP I 89 -19.77 34.68 -66.99
C ASP I 89 -21.01 34.06 -67.64
N PRO I 90 -20.91 33.26 -68.71
CA PRO I 90 -22.13 32.63 -69.25
C PRO I 90 -22.87 31.79 -68.23
N GLU I 91 -22.14 31.06 -67.38
CA GLU I 91 -22.80 30.28 -66.33
C GLU I 91 -23.49 31.20 -65.33
N ARG I 92 -22.88 32.35 -65.03
CA ARG I 92 -23.50 33.29 -64.11
C ARG I 92 -24.79 33.85 -64.69
N LEU I 93 -24.79 34.19 -65.98
CA LEU I 93 -26.04 34.63 -66.61
C LEU I 93 -27.07 33.51 -66.64
N ALA I 94 -26.64 32.27 -66.88
CA ALA I 94 -27.59 31.16 -66.87
C ALA I 94 -28.23 31.01 -65.50
N ASN I 95 -27.42 31.06 -64.44
CA ASN I 95 -27.95 30.96 -63.08
C ASN I 95 -28.87 32.13 -62.77
N TYR I 96 -28.51 33.33 -63.22
CA TYR I 96 -29.37 34.49 -63.02
C TYR I 96 -30.71 34.30 -63.71
N ALA I 97 -30.70 33.79 -64.95
CA ALA I 97 -31.94 33.60 -65.70
C ALA I 97 -32.83 32.57 -65.01
N ARG I 98 -32.25 31.45 -64.57
CA ARG I 98 -33.04 30.44 -63.87
C ARG I 98 -33.60 30.98 -62.56
N LYS I 99 -32.80 31.72 -61.81
CA LYS I 99 -33.28 32.24 -60.53
C LYS I 99 -34.38 33.28 -60.75
N LEU I 100 -34.27 34.05 -61.83
CA LEU I 100 -35.30 35.04 -62.14
C LEU I 100 -36.59 34.35 -62.57
N ALA I 101 -36.50 33.40 -63.50
CA ALA I 101 -37.67 32.61 -63.88
C ALA I 101 -37.76 31.33 -63.04
N SER I 102 -37.54 31.50 -61.74
CA SER I 102 -37.95 30.53 -60.73
C SER I 102 -38.51 31.19 -59.49
N ALA I 103 -38.51 32.52 -59.41
CA ALA I 103 -39.10 33.25 -58.29
C ALA I 103 -39.84 34.50 -58.78
N ALA I 104 -40.21 34.54 -60.06
CA ALA I 104 -40.83 35.75 -60.61
C ALA I 104 -42.17 36.06 -59.96
N GLY I 105 -42.99 35.04 -59.74
CA GLY I 105 -44.33 35.26 -59.24
C GLY I 105 -44.63 34.66 -57.89
N LYS I 106 -43.59 34.25 -57.15
CA LYS I 106 -43.77 33.68 -55.83
C LYS I 106 -43.07 34.44 -54.71
N VAL I 107 -42.30 35.48 -55.02
CA VAL I 107 -41.79 36.41 -54.01
C VAL I 107 -42.11 37.82 -54.47
N LEU I 108 -42.63 38.64 -53.55
CA LEU I 108 -43.17 39.95 -53.89
C LEU I 108 -42.24 41.08 -53.49
N ASP I 109 -41.82 41.13 -52.22
CA ASP I 109 -41.07 42.26 -51.70
C ASP I 109 -39.60 42.19 -52.08
N ARG I 110 -39.31 41.97 -53.36
CA ARG I 110 -37.92 41.96 -53.81
C ARG I 110 -37.76 42.66 -55.15
N ASN I 111 -38.85 43.23 -55.70
CA ASN I 111 -38.83 43.93 -56.99
C ASN I 111 -38.27 43.02 -58.07
N ILE I 112 -38.78 41.79 -58.14
CA ILE I 112 -38.28 40.81 -59.10
C ILE I 112 -38.59 41.25 -60.52
N SER I 113 -39.79 41.80 -60.74
CA SER I 113 -40.16 42.29 -62.07
C SER I 113 -39.20 43.35 -62.56
N GLY I 114 -38.53 44.05 -61.63
CA GLY I 114 -37.52 45.02 -62.04
C GLY I 114 -36.38 44.38 -62.78
N LYS I 115 -35.77 43.33 -62.20
CA LYS I 115 -34.69 42.65 -62.90
C LYS I 115 -35.22 41.90 -64.13
N ILE I 116 -36.48 41.44 -64.09
CA ILE I 116 -37.04 40.78 -65.26
C ILE I 116 -37.09 41.74 -66.45
N GLY I 117 -37.66 42.92 -66.23
CA GLY I 117 -37.76 43.90 -67.28
C GLY I 117 -36.39 44.42 -67.72
N ASP I 118 -35.48 44.61 -66.76
CA ASP I 118 -34.15 45.06 -67.11
C ASP I 118 -33.39 44.02 -67.93
N LEU I 119 -33.59 42.74 -67.61
CA LEU I 119 -32.98 41.67 -68.39
C LEU I 119 -33.52 41.66 -69.81
N GLN I 120 -34.85 41.81 -69.96
CA GLN I 120 -35.40 41.92 -71.31
C GLN I 120 -34.83 43.13 -72.05
N ALA I 121 -34.66 44.24 -71.33
CA ALA I 121 -34.13 45.46 -71.96
C ALA I 121 -32.71 45.26 -72.45
N VAL I 122 -31.84 44.67 -71.62
CA VAL I 122 -30.45 44.49 -72.03
C VAL I 122 -30.37 43.45 -73.15
N MET I 123 -31.20 42.42 -73.09
CA MET I 123 -31.24 41.43 -74.17
C MET I 123 -31.65 42.09 -75.48
N ALA I 124 -32.62 43.01 -75.43
CA ALA I 124 -33.03 43.72 -76.64
C ALA I 124 -31.92 44.63 -77.13
N VAL I 125 -31.51 45.59 -76.32
CA VAL I 125 -30.46 46.53 -76.64
C VAL I 125 -29.24 46.22 -75.76
N PRO I 126 -28.14 45.72 -76.32
CA PRO I 126 -26.98 45.38 -75.48
C PRO I 126 -26.33 46.59 -74.83
N ASP I 127 -26.57 47.80 -75.33
CA ASP I 127 -25.91 49.00 -74.82
C ASP I 127 -26.82 49.85 -73.94
N THR I 128 -27.85 49.25 -73.34
CA THR I 128 -28.80 49.96 -72.50
C THR I 128 -28.37 49.84 -71.04
N GLU I 129 -28.32 50.99 -70.36
CA GLU I 129 -27.93 51.04 -68.95
C GLU I 129 -29.16 50.79 -68.09
N THR I 130 -29.40 49.54 -67.74
CA THR I 130 -30.50 49.20 -66.86
C THR I 130 -30.14 49.54 -65.42
N PRO I 131 -31.14 49.87 -64.59
CA PRO I 131 -30.85 50.28 -63.21
C PRO I 131 -30.37 49.15 -62.30
N THR I 132 -30.31 47.91 -62.77
CA THR I 132 -29.87 46.80 -61.92
C THR I 132 -28.96 45.81 -62.63
N PHE I 133 -28.60 46.05 -63.90
CA PHE I 133 -27.86 45.05 -64.65
C PHE I 133 -27.20 45.75 -65.83
N CYS I 134 -25.92 45.43 -66.07
CA CYS I 134 -25.12 46.18 -67.02
C CYS I 134 -24.06 45.29 -67.64
N LEU I 135 -23.87 45.43 -68.95
CA LEU I 135 -22.82 44.72 -69.68
C LEU I 135 -21.52 45.49 -69.79
N HIS I 136 -21.50 46.77 -69.43
CA HIS I 136 -20.30 47.56 -69.58
C HIS I 136 -19.24 47.14 -68.57
N THR I 137 -18.03 47.66 -68.75
CA THR I 137 -16.97 47.43 -67.78
C THR I 137 -16.99 48.52 -66.71
N ASP I 138 -16.19 48.32 -65.66
CA ASP I 138 -16.08 49.34 -64.62
C ASP I 138 -15.47 50.62 -65.16
N VAL I 139 -14.68 50.52 -66.23
CA VAL I 139 -14.12 51.70 -66.86
C VAL I 139 -15.21 52.57 -67.47
N SER I 140 -16.19 51.93 -68.12
CA SER I 140 -17.18 52.64 -68.92
C SER I 140 -18.60 52.28 -68.50
N CYS I 141 -18.84 52.22 -67.19
CA CYS I 141 -20.20 52.13 -66.69
C CYS I 141 -20.78 53.53 -66.53
N ARG I 142 -22.11 53.61 -66.50
CA ARG I 142 -22.78 54.90 -66.61
C ARG I 142 -23.55 55.30 -65.36
N GLN I 143 -24.21 54.36 -64.68
CA GLN I 143 -25.11 54.72 -63.59
C GLN I 143 -24.35 55.30 -62.41
N ARG I 144 -24.82 56.44 -61.92
CA ARG I 144 -24.25 57.07 -60.73
C ARG I 144 -24.69 56.33 -59.48
N ALA I 145 -23.77 56.19 -58.53
CA ALA I 145 -24.05 55.51 -57.27
C ALA I 145 -23.23 56.17 -56.17
N ASP I 146 -23.21 55.54 -55.00
CA ASP I 146 -22.48 56.09 -53.86
C ASP I 146 -21.65 55.04 -53.13
N VAL I 147 -21.97 53.77 -53.32
CA VAL I 147 -21.24 52.68 -52.68
C VAL I 147 -20.87 51.65 -53.74
N ALA I 148 -19.63 51.17 -53.68
CA ALA I 148 -19.14 50.15 -54.60
C ALA I 148 -18.73 48.92 -53.81
N ILE I 149 -18.96 47.74 -54.40
CA ILE I 149 -18.62 46.47 -53.78
C ILE I 149 -17.84 45.64 -54.77
N TYR I 150 -16.69 45.13 -54.34
CA TYR I 150 -15.83 44.27 -55.16
C TYR I 150 -15.86 42.87 -54.55
N GLN I 151 -16.68 41.99 -55.13
CA GLN I 151 -16.82 40.62 -54.63
C GLN I 151 -15.68 39.79 -55.21
N ASP I 152 -14.53 39.84 -54.54
CA ASP I 152 -13.36 39.03 -54.89
C ASP I 152 -12.98 39.20 -56.36
N VAL I 153 -12.96 40.45 -56.82
CA VAL I 153 -12.49 40.78 -58.16
C VAL I 153 -10.97 40.89 -58.13
N TYR I 154 -10.30 40.17 -59.01
CA TYR I 154 -8.86 40.04 -58.95
C TYR I 154 -8.13 40.49 -60.20
N ALA I 155 -8.80 40.58 -61.34
CA ALA I 155 -8.18 41.01 -62.59
C ALA I 155 -8.70 42.41 -62.91
N VAL I 156 -8.09 43.41 -62.28
CA VAL I 156 -8.42 44.81 -62.49
C VAL I 156 -7.33 45.66 -61.85
N HIS I 157 -7.07 46.85 -62.40
CA HIS I 157 -6.13 47.77 -61.79
C HIS I 157 -6.86 48.61 -60.76
N ALA I 158 -6.41 48.54 -59.51
CA ALA I 158 -7.07 49.27 -58.43
C ALA I 158 -7.11 50.78 -58.65
N PRO I 159 -6.01 51.45 -59.01
CA PRO I 159 -6.09 52.91 -59.17
C PRO I 159 -7.06 53.35 -60.26
N THR I 160 -6.97 52.75 -61.45
CA THR I 160 -7.83 53.16 -62.55
C THR I 160 -9.30 52.91 -62.24
N SER I 161 -9.62 51.73 -61.70
CA SER I 161 -11.00 51.41 -61.37
C SER I 161 -11.53 52.33 -60.28
N LEU I 162 -10.73 52.56 -59.24
CA LEU I 162 -11.17 53.44 -58.16
C LEU I 162 -11.41 54.86 -58.67
N TYR I 163 -10.53 55.36 -59.53
CA TYR I 163 -10.74 56.69 -60.10
C TYR I 163 -11.99 56.75 -60.96
N HIS I 164 -12.14 55.77 -61.86
CA HIS I 164 -13.27 55.78 -62.78
C HIS I 164 -14.60 55.60 -62.08
N GLN I 165 -14.62 54.99 -60.90
CA GLN I 165 -15.85 54.92 -60.13
C GLN I 165 -16.04 56.12 -59.20
N ALA I 166 -14.96 56.71 -58.69
CA ALA I 166 -15.07 57.94 -57.91
C ALA I 166 -15.54 59.10 -58.77
N ILE I 167 -15.23 59.09 -60.07
CA ILE I 167 -15.77 60.08 -60.98
C ILE I 167 -17.29 59.98 -61.02
N LYS I 168 -17.82 58.76 -61.06
CA LYS I 168 -19.26 58.53 -61.03
C LYS I 168 -19.90 58.96 -59.72
N GLY I 169 -19.13 59.07 -58.64
CA GLY I 169 -19.62 59.66 -57.41
C GLY I 169 -19.80 58.72 -56.24
N VAL I 170 -19.05 57.63 -56.16
CA VAL I 170 -19.16 56.72 -55.01
C VAL I 170 -18.61 57.42 -53.78
N ARG I 171 -19.26 57.19 -52.63
CA ARG I 171 -18.73 57.72 -51.38
C ARG I 171 -17.67 56.81 -50.78
N LEU I 172 -17.82 55.50 -50.97
CA LEU I 172 -16.99 54.52 -50.27
C LEU I 172 -17.13 53.17 -50.94
N ALA I 173 -16.00 52.47 -51.12
CA ALA I 173 -15.98 51.19 -51.79
C ALA I 173 -15.28 50.16 -50.91
N TYR I 174 -15.89 48.99 -50.77
CA TYR I 174 -15.28 47.90 -50.02
C TYR I 174 -14.73 46.85 -50.97
N TRP I 175 -13.78 46.07 -50.49
CA TRP I 175 -13.11 45.04 -51.28
C TRP I 175 -12.84 43.83 -50.39
N VAL I 176 -13.51 42.72 -50.67
CA VAL I 176 -13.32 41.49 -49.93
C VAL I 176 -12.50 40.53 -50.79
N GLY I 177 -11.45 39.96 -50.22
CA GLY I 177 -10.62 39.08 -51.00
C GLY I 177 -9.49 38.48 -50.18
N PHE I 178 -8.49 37.97 -50.90
CA PHE I 178 -7.29 37.44 -50.27
C PHE I 178 -6.34 38.56 -49.86
N ASP I 179 -5.47 38.24 -48.92
CA ASP I 179 -4.46 39.19 -48.50
C ASP I 179 -3.43 39.38 -49.61
N THR I 180 -3.16 40.64 -49.95
CA THR I 180 -2.16 40.97 -50.96
C THR I 180 -0.76 41.02 -50.38
N THR I 181 -0.62 40.80 -49.07
CA THR I 181 0.69 40.88 -48.43
C THR I 181 1.69 39.87 -48.97
N PRO I 182 1.37 38.58 -49.13
CA PRO I 182 2.39 37.64 -49.63
C PRO I 182 2.92 37.99 -51.00
N PHE I 183 2.10 38.62 -51.85
CA PHE I 183 2.56 38.94 -53.20
C PHE I 183 3.50 40.13 -53.22
N MET I 184 3.32 41.10 -52.32
CA MET I 184 4.25 42.20 -52.24
C MET I 184 5.59 41.78 -51.67
N TYR I 185 5.67 40.58 -51.07
CA TYR I 185 6.92 39.99 -50.62
C TYR I 185 7.67 39.25 -51.72
N ASN I 186 7.07 39.15 -52.92
CA ASN I 186 7.68 38.46 -54.06
C ASN I 186 7.95 36.99 -53.74
N ALA I 187 6.87 36.25 -53.50
CA ALA I 187 6.94 34.82 -53.21
C ALA I 187 6.46 34.01 -54.42
N MET I 188 6.90 32.76 -54.47
CA MET I 188 6.55 31.86 -55.57
C MET I 188 5.25 31.12 -55.30
N ALA I 189 5.15 30.45 -54.15
CA ALA I 189 3.98 29.66 -53.81
C ALA I 189 3.36 30.18 -52.52
N GLY I 190 2.05 29.94 -52.37
CA GLY I 190 1.31 30.42 -51.22
C GLY I 190 0.62 29.28 -50.50
N ALA I 191 0.08 29.61 -49.32
CA ALA I 191 -0.49 28.60 -48.44
C ALA I 191 -1.99 28.77 -48.23
N TYR I 192 -2.43 29.89 -47.67
CA TYR I 192 -3.80 30.10 -47.18
C TYR I 192 -4.38 28.80 -46.64
N PRO I 193 -3.78 28.22 -45.59
CA PRO I 193 -4.13 26.83 -45.23
C PRO I 193 -5.58 26.61 -44.86
N SER I 194 -6.23 27.56 -44.17
CA SER I 194 -7.55 27.32 -43.64
C SER I 194 -8.59 27.15 -44.74
N TYR I 195 -8.49 27.95 -45.80
CA TYR I 195 -9.45 27.91 -46.89
C TYR I 195 -9.04 26.96 -48.01
N SER I 196 -7.92 26.25 -47.85
CA SER I 196 -7.44 25.27 -48.83
C SER I 196 -7.28 25.90 -50.21
N THR I 197 -6.80 27.13 -50.24
CA THR I 197 -6.49 27.84 -51.48
C THR I 197 -4.98 28.02 -51.58
N ASN I 198 -4.39 27.46 -52.64
CA ASN I 198 -2.95 27.54 -52.85
C ASN I 198 -2.67 28.18 -54.19
N TRP I 199 -1.71 29.09 -54.23
CA TRP I 199 -1.34 29.73 -55.48
C TRP I 199 0.12 29.40 -55.82
N ALA I 200 0.40 29.38 -57.12
CA ALA I 200 1.70 28.99 -57.61
C ALA I 200 2.03 29.77 -58.88
N ASP I 201 3.33 30.00 -59.08
CA ASP I 201 3.80 30.72 -60.26
C ASP I 201 3.81 29.78 -61.47
N GLU I 202 3.90 30.37 -62.66
CA GLU I 202 4.02 29.59 -63.89
C GLU I 202 5.22 28.65 -63.85
N GLN I 203 6.38 29.16 -63.44
CA GLN I 203 7.62 28.39 -63.56
C GLN I 203 7.68 27.24 -62.56
N VAL I 204 7.10 27.39 -61.38
CA VAL I 204 7.22 26.39 -60.32
C VAL I 204 6.00 25.48 -60.29
N LEU I 205 5.25 25.40 -61.39
CA LEU I 205 4.08 24.53 -61.43
C LEU I 205 4.46 23.06 -61.29
N LYS I 206 5.54 22.66 -61.93
CA LYS I 206 5.97 21.25 -61.90
C LYS I 206 6.97 20.99 -60.79
N ALA I 207 6.60 21.37 -59.56
CA ALA I 207 7.42 21.10 -58.39
C ALA I 207 6.97 19.80 -57.74
N LYS I 208 7.44 19.53 -56.52
CA LYS I 208 7.12 18.29 -55.84
C LYS I 208 6.54 18.51 -54.45
N ASN I 209 7.03 19.52 -53.72
CA ASN I 209 6.74 19.68 -52.30
C ASN I 209 6.15 21.06 -52.01
N ILE I 210 5.15 21.45 -52.80
CA ILE I 210 4.33 22.61 -52.47
C ILE I 210 2.87 22.18 -52.53
N GLY I 211 2.00 23.10 -52.12
CA GLY I 211 0.57 22.80 -52.12
C GLY I 211 0.03 22.63 -53.52
N LEU I 212 0.68 23.22 -54.51
CA LEU I 212 0.22 23.25 -55.89
C LEU I 212 1.36 22.82 -56.80
N CYS I 213 1.38 21.54 -57.17
CA CYS I 213 2.41 21.01 -58.04
C CYS I 213 1.95 19.70 -58.65
N SER I 214 2.71 19.22 -59.65
CA SER I 214 2.47 17.91 -60.26
C SER I 214 3.74 17.52 -61.02
N THR I 215 4.36 16.42 -60.63
CA THR I 215 5.60 15.95 -61.25
C THR I 215 5.45 14.50 -61.68
N ASP I 216 6.42 14.04 -62.46
CA ASP I 216 6.44 12.69 -63.01
C ASP I 216 7.76 12.02 -62.64
N LEU I 217 7.70 10.73 -62.32
CA LEU I 217 8.89 10.00 -61.93
C LEU I 217 9.80 9.77 -63.13
N THR I 218 11.11 9.92 -62.92
CA THR I 218 12.09 9.73 -63.99
C THR I 218 13.23 8.86 -63.48
N GLU I 219 13.92 8.22 -64.43
CA GLU I 219 15.11 7.44 -64.11
C GLU I 219 16.36 8.26 -64.39
N GLY I 220 17.52 7.64 -64.20
CA GLY I 220 18.77 8.37 -64.10
C GLY I 220 19.29 9.00 -65.38
N ARG I 221 18.49 9.90 -65.95
CA ARG I 221 18.89 10.63 -67.17
C ARG I 221 19.27 12.05 -66.75
N ARG I 222 20.57 12.34 -66.73
CA ARG I 222 21.04 13.71 -66.53
C ARG I 222 21.38 14.36 -67.87
N GLY I 223 20.42 14.27 -68.80
CA GLY I 223 20.65 14.75 -70.15
C GLY I 223 19.47 15.40 -70.85
N LYS I 224 18.54 15.98 -70.09
CA LYS I 224 17.31 16.48 -70.70
C LYS I 224 17.59 17.63 -71.67
N LEU I 225 18.71 18.32 -71.49
CA LEU I 225 19.29 19.22 -72.50
C LEU I 225 18.27 20.22 -73.04
N SER I 226 17.82 21.11 -72.16
CA SER I 226 16.89 22.15 -72.57
C SER I 226 17.58 23.13 -73.52
N ILE I 227 16.90 23.47 -74.62
CA ILE I 227 17.47 24.42 -75.58
C ILE I 227 17.49 25.83 -74.99
N MET I 228 16.46 26.20 -74.24
CA MET I 228 16.34 27.53 -73.67
C MET I 228 16.96 27.51 -72.28
N ARG I 229 17.84 28.48 -72.01
CA ARG I 229 18.50 28.60 -70.72
C ARG I 229 18.21 29.99 -70.16
N GLY I 230 17.62 30.03 -68.97
CA GLY I 230 17.28 31.28 -68.34
C GLY I 230 18.28 31.72 -67.29
N LYS I 231 18.69 30.79 -66.43
CA LYS I 231 19.62 31.06 -65.34
C LYS I 231 19.12 32.14 -64.39
N LYS I 232 17.80 32.34 -64.33
CA LYS I 232 17.21 33.34 -63.45
C LYS I 232 15.81 32.91 -63.08
N LEU I 233 15.62 32.56 -61.79
CA LEU I 233 14.33 32.10 -61.29
C LEU I 233 13.68 33.24 -60.52
N GLU I 234 12.99 34.11 -61.25
CA GLU I 234 12.28 35.24 -60.70
C GLU I 234 10.79 35.17 -61.03
N PRO I 235 9.94 35.73 -60.18
CA PRO I 235 8.49 35.64 -60.42
C PRO I 235 8.08 36.39 -61.69
N CYS I 236 7.03 35.89 -62.33
CA CYS I 236 6.44 36.54 -63.48
C CYS I 236 4.98 36.88 -63.20
N ASP I 237 4.35 37.53 -64.18
CA ASP I 237 3.03 38.12 -63.96
C ASP I 237 1.96 37.06 -63.69
N ARG I 238 1.98 35.97 -64.45
CA ARG I 238 0.90 34.98 -64.39
C ARG I 238 1.05 34.12 -63.13
N VAL I 239 -0.02 33.99 -62.36
CA VAL I 239 -0.05 33.15 -61.17
C VAL I 239 -1.39 32.41 -61.15
N LEU I 240 -1.36 31.14 -60.74
CA LEU I 240 -2.57 30.34 -60.69
C LEU I 240 -2.99 30.16 -59.24
N PHE I 241 -4.25 30.48 -58.94
CA PHE I 241 -4.88 30.12 -57.69
C PHE I 241 -5.66 28.83 -57.86
N SER I 242 -5.64 28.00 -56.82
CA SER I 242 -6.45 26.79 -56.74
C SER I 242 -7.23 26.90 -55.44
N VAL I 243 -8.51 27.22 -55.55
CA VAL I 243 -9.41 27.33 -54.41
C VAL I 243 -10.31 26.11 -54.43
N GLY I 244 -10.11 25.21 -53.48
CA GLY I 244 -10.80 23.93 -53.52
C GLY I 244 -10.43 23.17 -54.78
N SER I 245 -11.37 23.09 -55.72
CA SER I 245 -11.13 22.43 -57.00
C SER I 245 -11.23 23.40 -58.17
N THR I 246 -11.19 24.71 -57.92
CA THR I 246 -11.35 25.72 -58.96
C THR I 246 -10.01 26.39 -59.23
N LEU I 247 -9.68 26.53 -60.52
CA LEU I 247 -8.41 27.10 -60.94
C LEU I 247 -8.64 28.45 -61.60
N TYR I 248 -8.04 29.50 -61.03
CA TYR I 248 -8.29 30.87 -61.43
C TYR I 248 -6.97 31.57 -61.74
N PRO I 249 -6.80 32.13 -62.93
CA PRO I 249 -5.54 32.83 -63.25
C PRO I 249 -5.59 34.31 -62.90
N GLU I 250 -4.56 34.76 -62.19
CA GLU I 250 -4.41 36.16 -61.79
C GLU I 250 -3.12 36.71 -62.38
N SER I 251 -3.10 38.03 -62.53
CA SER I 251 -1.91 38.76 -62.93
C SER I 251 -1.21 39.30 -61.68
N ARG I 252 0.11 39.16 -61.62
CA ARG I 252 0.85 39.58 -60.45
C ARG I 252 0.76 41.08 -60.23
N LYS I 253 0.86 41.87 -61.31
CA LYS I 253 0.80 43.32 -61.16
C LYS I 253 -0.57 43.78 -60.68
N LEU I 254 -1.63 43.25 -61.30
CA LEU I 254 -2.98 43.67 -60.94
C LEU I 254 -3.30 43.34 -59.50
N LEU I 255 -2.93 42.13 -59.05
CA LEU I 255 -3.21 41.74 -57.67
C LEU I 255 -2.32 42.51 -56.69
N LYS I 256 -1.05 42.71 -57.05
CA LYS I 256 -0.14 43.46 -56.18
C LYS I 256 -0.57 44.91 -56.06
N SER I 257 -1.29 45.43 -57.05
CA SER I 257 -1.77 46.81 -56.99
C SER I 257 -2.82 47.02 -55.90
N TRP I 258 -3.33 45.94 -55.29
CA TRP I 258 -4.36 46.07 -54.27
C TRP I 258 -3.82 46.23 -52.87
N HIS I 259 -2.49 46.18 -52.68
CA HIS I 259 -1.90 46.50 -51.38
C HIS I 259 -1.76 48.02 -51.28
N LEU I 260 -2.92 48.67 -51.22
CA LEU I 260 -2.96 50.12 -51.25
C LEU I 260 -2.44 50.71 -49.94
N PRO I 261 -1.82 51.89 -50.00
CA PRO I 261 -1.35 52.54 -48.77
C PRO I 261 -2.51 53.00 -47.91
N SER I 262 -2.16 53.45 -46.70
CA SER I 262 -3.18 53.89 -45.75
C SER I 262 -3.96 55.08 -46.28
N VAL I 263 -3.26 56.08 -46.84
CA VAL I 263 -3.88 57.23 -47.47
C VAL I 263 -3.17 57.48 -48.80
N PHE I 264 -3.93 57.88 -49.81
CA PHE I 264 -3.31 58.21 -51.10
C PHE I 264 -4.19 59.18 -51.86
N HIS I 265 -3.65 59.68 -52.97
CA HIS I 265 -4.30 60.68 -53.80
C HIS I 265 -4.37 60.19 -55.24
N LEU I 266 -5.43 60.59 -55.92
CA LEU I 266 -5.62 60.30 -57.35
C LEU I 266 -5.88 61.62 -58.05
N LYS I 267 -4.85 62.17 -58.70
CA LYS I 267 -4.95 63.47 -59.35
C LYS I 267 -5.12 63.27 -60.86
N GLY I 268 -6.21 63.80 -61.39
CA GLY I 268 -6.47 63.78 -62.82
C GLY I 268 -7.24 65.00 -63.22
N LYS I 269 -8.28 64.81 -64.02
CA LYS I 269 -9.22 65.91 -64.27
C LYS I 269 -9.90 66.33 -62.97
N LEU I 270 -10.28 65.38 -62.15
CA LEU I 270 -10.79 65.63 -60.80
C LEU I 270 -9.92 64.86 -59.81
N SER I 271 -9.40 65.56 -58.81
CA SER I 271 -8.46 65.01 -57.85
C SER I 271 -9.21 64.56 -56.61
N PHE I 272 -9.01 63.30 -56.22
CA PHE I 272 -9.63 62.73 -55.03
C PHE I 272 -8.57 62.29 -54.03
N THR I 273 -8.96 62.19 -52.77
CA THR I 273 -8.14 61.63 -51.72
C THR I 273 -8.87 60.45 -51.10
N CYS I 274 -8.12 59.45 -50.66
CA CYS I 274 -8.73 58.22 -50.18
C CYS I 274 -7.93 57.66 -49.02
N ARG I 275 -8.64 56.97 -48.13
CA ARG I 275 -8.04 56.25 -47.01
C ARG I 275 -8.47 54.80 -47.10
N CYS I 276 -7.51 53.88 -46.95
CA CYS I 276 -7.78 52.45 -47.04
C CYS I 276 -7.40 51.78 -45.73
N ASP I 277 -8.33 51.03 -45.15
CA ASP I 277 -8.09 50.32 -43.90
C ASP I 277 -8.72 48.93 -43.97
N THR I 278 -8.16 48.00 -43.20
CA THR I 278 -8.66 46.63 -43.12
C THR I 278 -9.63 46.54 -41.95
N VAL I 279 -10.91 46.37 -42.25
CA VAL I 279 -11.92 46.31 -41.20
C VAL I 279 -12.15 44.88 -40.70
N VAL I 280 -12.04 43.89 -41.58
CA VAL I 280 -12.15 42.49 -41.19
C VAL I 280 -10.95 41.74 -41.74
N SER I 281 -10.35 40.89 -40.91
CA SER I 281 -9.22 40.08 -41.33
C SER I 281 -9.28 38.74 -40.60
N CYS I 282 -9.12 37.66 -41.35
CA CYS I 282 -9.20 36.32 -40.77
C CYS I 282 -8.38 35.36 -41.62
N GLU I 283 -7.28 34.86 -41.05
CA GLU I 283 -6.49 33.77 -41.62
C GLU I 283 -6.10 33.99 -43.07
N GLY I 284 -6.05 35.25 -43.51
CA GLY I 284 -5.68 35.54 -44.88
C GLY I 284 -6.72 36.34 -45.63
N TYR I 285 -8.00 36.02 -45.44
CA TYR I 285 -9.05 36.79 -46.09
C TYR I 285 -9.19 38.16 -45.41
N VAL I 286 -9.23 39.21 -46.22
CA VAL I 286 -9.29 40.58 -45.73
C VAL I 286 -10.44 41.31 -46.39
N VAL I 287 -10.92 42.37 -45.73
CA VAL I 287 -11.94 43.26 -46.27
C VAL I 287 -11.43 44.68 -46.10
N LYS I 288 -11.00 45.30 -47.19
CA LYS I 288 -10.55 46.68 -47.20
C LYS I 288 -11.72 47.63 -47.40
N ARG I 289 -11.58 48.83 -46.86
CA ARG I 289 -12.63 49.86 -46.85
C ARG I 289 -12.03 51.17 -47.36
N ILE I 290 -12.08 51.39 -48.67
CA ILE I 290 -11.47 52.58 -49.29
C ILE I 290 -12.54 53.66 -49.37
N THR I 291 -12.39 54.72 -48.60
CA THR I 291 -13.38 55.79 -48.53
C THR I 291 -13.03 56.89 -49.52
N MET I 292 -13.94 57.15 -50.45
CA MET I 292 -13.75 58.22 -51.42
C MET I 292 -13.84 59.58 -50.75
N SER I 293 -13.17 60.57 -51.34
CA SER I 293 -13.29 61.94 -50.89
C SER I 293 -12.86 62.89 -52.00
N PRO I 294 -13.74 63.79 -52.45
CA PRO I 294 -13.34 64.75 -53.48
C PRO I 294 -12.36 65.78 -52.93
N GLY I 295 -11.56 66.32 -53.84
CA GLY I 295 -10.55 67.32 -53.48
C GLY I 295 -9.21 66.69 -53.20
N LEU I 296 -8.27 67.56 -52.82
CA LEU I 296 -6.88 67.18 -52.54
C LEU I 296 -6.46 67.79 -51.21
N TYR I 297 -6.55 67.01 -50.15
CA TYR I 297 -6.16 67.44 -48.81
C TYR I 297 -5.18 66.43 -48.21
N GLY I 298 -4.22 66.93 -47.45
CA GLY I 298 -3.28 66.08 -46.72
C GLY I 298 -2.09 65.68 -47.55
N LYS I 299 -1.15 65.02 -46.88
CA LYS I 299 0.07 64.52 -47.50
C LYS I 299 0.15 63.01 -47.30
N THR I 300 0.50 62.29 -48.36
CA THR I 300 0.55 60.84 -48.32
C THR I 300 1.94 60.35 -47.97
N THR I 301 1.99 59.29 -47.16
CA THR I 301 3.27 58.73 -46.73
C THR I 301 3.90 57.86 -47.82
N GLY I 302 3.08 57.10 -48.52
CA GLY I 302 3.58 56.16 -49.51
C GLY I 302 3.86 54.77 -48.99
N TYR I 303 3.24 54.37 -47.88
CA TYR I 303 3.53 53.10 -47.22
C TYR I 303 2.23 52.37 -46.93
N ALA I 304 2.27 51.04 -46.99
CA ALA I 304 1.12 50.19 -46.72
C ALA I 304 1.43 49.22 -45.59
N VAL I 305 0.48 49.05 -44.68
CA VAL I 305 0.67 48.28 -43.46
C VAL I 305 -0.29 47.10 -43.47
N THR I 306 0.23 45.91 -43.14
CA THR I 306 -0.57 44.74 -42.87
C THR I 306 -0.34 44.31 -41.43
N HIS I 307 -1.43 44.10 -40.70
CA HIS I 307 -1.38 43.59 -39.34
C HIS I 307 -1.62 42.08 -39.38
N HIS I 308 -0.68 41.32 -38.84
CA HIS I 308 -0.73 39.86 -38.89
C HIS I 308 -1.29 39.35 -37.57
N ALA I 309 -2.59 39.07 -37.56
CA ALA I 309 -3.20 38.43 -36.40
C ALA I 309 -2.63 37.04 -36.19
N ASP I 310 -2.33 36.32 -37.27
CA ASP I 310 -1.67 35.02 -37.22
C ASP I 310 -0.33 35.13 -37.92
N GLY I 311 0.60 34.27 -37.52
CA GLY I 311 1.98 34.42 -37.97
C GLY I 311 2.12 34.22 -39.47
N PHE I 312 3.11 34.89 -40.03
CA PHE I 312 3.45 34.79 -41.45
C PHE I 312 4.87 34.27 -41.59
N LEU I 313 5.06 33.35 -42.53
CA LEU I 313 6.37 32.72 -42.73
C LEU I 313 6.70 32.73 -44.21
N MET I 314 7.75 33.45 -44.59
CA MET I 314 8.23 33.50 -45.96
C MET I 314 9.57 32.75 -45.99
N CYS I 315 9.51 31.47 -46.33
CA CYS I 315 10.63 30.55 -46.17
C CYS I 315 11.27 30.23 -47.51
N LYS I 316 12.44 29.62 -47.45
CA LYS I 316 13.24 29.28 -48.63
C LYS I 316 13.32 27.77 -48.72
N THR I 317 12.66 27.18 -49.71
CA THR I 317 12.65 25.74 -49.89
C THR I 317 13.22 25.37 -51.24
N THR I 318 14.01 24.30 -51.27
CA THR I 318 14.46 23.69 -52.51
C THR I 318 13.40 22.72 -52.98
N ASP I 319 13.29 22.55 -54.30
CA ASP I 319 12.32 21.63 -54.88
C ASP I 319 12.72 21.32 -56.32
N THR I 320 12.19 20.21 -56.83
CA THR I 320 12.45 19.79 -58.20
C THR I 320 11.41 20.42 -59.10
N VAL I 321 11.68 21.66 -59.52
CA VAL I 321 10.83 22.35 -60.47
C VAL I 321 11.11 21.78 -61.86
N ASP I 322 10.10 21.17 -62.47
CA ASP I 322 10.22 20.45 -63.73
C ASP I 322 11.26 19.35 -63.66
N GLY I 323 11.77 19.05 -62.47
CA GLY I 323 12.84 18.10 -62.30
C GLY I 323 14.11 18.70 -61.73
N GLU I 324 14.45 19.91 -62.16
CA GLU I 324 15.68 20.55 -61.71
C GLU I 324 15.52 21.07 -60.29
N ARG I 325 16.51 20.80 -59.45
CA ARG I 325 16.48 21.29 -58.07
C ARG I 325 16.81 22.78 -58.07
N VAL I 326 15.84 23.59 -57.64
CA VAL I 326 16.02 25.03 -57.48
C VAL I 326 15.43 25.45 -56.15
N SER I 327 15.95 26.54 -55.59
CA SER I 327 15.49 27.07 -54.32
C SER I 327 14.63 28.29 -54.58
N PHE I 328 13.41 28.28 -54.03
CA PHE I 328 12.49 29.40 -54.20
C PHE I 328 11.77 29.68 -52.89
N SER I 329 11.09 30.81 -52.84
CA SER I 329 10.42 31.28 -51.63
C SER I 329 8.96 30.85 -51.63
N VAL I 330 8.49 30.39 -50.47
CA VAL I 330 7.10 30.00 -50.28
C VAL I 330 6.58 30.68 -49.02
N CYS I 331 5.35 31.18 -49.07
CA CYS I 331 4.73 31.87 -47.95
C CYS I 331 3.67 30.98 -47.31
N THR I 332 3.52 31.14 -45.99
CA THR I 332 2.66 30.28 -45.19
C THR I 332 2.05 31.11 -44.07
N TYR I 333 0.80 30.77 -43.74
CA TYR I 333 0.12 31.34 -42.60
C TYR I 333 0.08 30.31 -41.48
N VAL I 334 0.55 30.71 -40.30
CA VAL I 334 0.64 29.83 -39.14
C VAL I 334 -0.34 30.35 -38.09
N PRO I 335 -1.17 29.50 -37.49
CA PRO I 335 -2.12 29.98 -36.49
C PRO I 335 -1.41 30.58 -35.28
N ALA I 336 -2.11 31.50 -34.61
CA ALA I 336 -1.51 32.25 -33.51
C ALA I 336 -1.11 31.32 -32.36
N THR I 337 -1.93 30.31 -32.09
CA THR I 337 -1.64 29.42 -30.96
C THR I 337 -0.35 28.62 -31.19
N ILE I 338 -0.17 28.09 -32.40
CA ILE I 338 1.01 27.28 -32.69
C ILE I 338 2.27 28.13 -32.60
N CYS I 339 2.23 29.34 -33.16
CA CYS I 339 3.37 30.25 -33.07
C CYS I 339 3.63 30.65 -31.63
N ASP I 340 2.56 30.84 -30.85
CA ASP I 340 2.71 31.24 -29.45
C ASP I 340 3.40 30.15 -28.63
N GLN I 341 2.95 28.91 -28.79
CA GLN I 341 3.51 27.83 -27.96
C GLN I 341 4.93 27.49 -28.38
N MET I 342 5.30 27.74 -29.63
CA MET I 342 6.66 27.47 -30.12
C MET I 342 7.50 28.75 -30.13
N THR I 343 7.71 29.32 -28.95
CA THR I 343 8.55 30.51 -28.77
C THR I 343 9.82 30.23 -28.00
N GLY I 344 9.72 29.56 -26.86
CA GLY I 344 10.92 29.20 -26.11
C GLY I 344 11.79 28.22 -26.85
N ILE I 345 11.17 27.27 -27.57
CA ILE I 345 11.94 26.32 -28.37
C ILE I 345 12.66 27.04 -29.50
N LEU I 346 12.07 28.12 -30.01
CA LEU I 346 12.70 28.91 -31.06
C LEU I 346 13.75 29.85 -30.48
N ALA I 347 14.66 29.32 -29.66
CA ALA I 347 15.73 30.10 -29.08
C ALA I 347 17.06 29.35 -29.19
N THR I 348 16.97 28.03 -29.34
CA THR I 348 18.13 27.16 -29.45
C THR I 348 18.45 26.93 -30.92
N GLU I 349 19.67 26.44 -31.17
CA GLU I 349 20.03 25.97 -32.49
C GLU I 349 19.27 24.69 -32.77
N VAL I 350 18.13 24.80 -33.46
CA VAL I 350 17.19 23.70 -33.63
C VAL I 350 17.26 23.20 -35.06
N THR I 351 17.34 21.88 -35.21
CA THR I 351 17.36 21.26 -36.52
C THR I 351 15.94 21.19 -37.09
N PRO I 352 15.80 21.13 -38.42
CA PRO I 352 14.46 20.95 -39.00
C PRO I 352 13.77 19.68 -38.52
N GLU I 353 14.53 18.63 -38.24
CA GLU I 353 13.95 17.38 -37.75
C GLU I 353 13.22 17.59 -36.43
N ASP I 354 13.91 18.18 -35.45
CA ASP I 354 13.30 18.40 -34.15
C ASP I 354 12.15 19.39 -34.24
N ALA I 355 12.32 20.44 -35.05
CA ALA I 355 11.25 21.43 -35.20
C ALA I 355 9.99 20.80 -35.79
N GLN I 356 10.15 19.96 -36.81
CA GLN I 356 8.99 19.31 -37.41
C GLN I 356 8.35 18.33 -36.45
N LYS I 357 9.17 17.58 -35.70
CA LYS I 357 8.61 16.65 -34.73
C LYS I 357 7.81 17.38 -33.66
N LEU I 358 8.33 18.52 -33.18
CA LEU I 358 7.61 19.26 -32.15
C LEU I 358 6.39 19.97 -32.72
N LEU I 359 6.44 20.36 -33.99
CA LEU I 359 5.24 20.91 -34.64
C LEU I 359 4.15 19.85 -34.73
N VAL I 360 4.52 18.62 -35.09
CA VAL I 360 3.55 17.54 -35.14
C VAL I 360 2.99 17.24 -33.75
N GLY I 361 3.86 17.23 -32.74
CA GLY I 361 3.39 17.01 -31.38
C GLY I 361 2.46 18.11 -30.90
N LEU I 362 2.72 19.36 -31.34
CA LEU I 362 1.89 20.48 -30.91
C LEU I 362 0.53 20.48 -31.59
N ASN I 363 0.42 19.84 -32.76
CA ASN I 363 -0.83 19.78 -33.50
C ASN I 363 -1.75 18.67 -33.02
N GLN I 364 -1.52 18.14 -31.82
CA GLN I 364 -2.33 17.05 -31.26
C GLN I 364 -2.35 15.83 -32.18
N THR I 376 -8.28 16.12 -34.04
CA THR I 376 -8.36 17.57 -34.01
C THR I 376 -7.02 18.20 -34.41
N ASN I 377 -7.06 19.05 -35.43
CA ASN I 377 -5.87 19.70 -35.95
C ASN I 377 -6.06 21.22 -35.94
N THR I 378 -5.01 21.93 -35.54
CA THR I 378 -5.05 23.40 -35.54
C THR I 378 -4.64 23.95 -36.89
N MET I 379 -3.41 23.66 -37.31
CA MET I 379 -2.97 23.98 -38.66
C MET I 379 -2.90 22.70 -39.47
N LYS I 380 -3.13 22.84 -40.78
CA LYS I 380 -3.26 21.67 -41.64
C LYS I 380 -1.89 21.03 -41.86
N ASN I 381 -1.79 19.74 -41.54
CA ASN I 381 -0.51 19.03 -41.49
C ASN I 381 0.15 18.88 -42.84
N TYR I 382 -0.54 19.18 -43.94
CA TYR I 382 0.00 19.00 -45.27
C TYR I 382 1.23 19.85 -45.54
N MET I 383 1.50 20.86 -44.73
CA MET I 383 2.50 21.87 -45.06
C MET I 383 3.36 22.23 -43.85
N ILE I 384 3.73 21.23 -43.05
CA ILE I 384 4.70 21.49 -41.99
C ILE I 384 5.96 20.63 -42.14
N PRO I 385 6.47 20.40 -43.38
CA PRO I 385 7.93 20.30 -43.54
C PRO I 385 8.52 21.68 -43.80
N VAL I 386 7.69 22.57 -44.34
CA VAL I 386 8.16 23.90 -44.72
C VAL I 386 8.18 24.84 -43.52
N VAL I 387 7.15 24.78 -42.67
CA VAL I 387 7.12 25.61 -41.48
C VAL I 387 8.29 25.26 -40.56
N ALA I 388 8.62 23.97 -40.47
CA ALA I 388 9.76 23.55 -39.66
C ALA I 388 11.06 24.11 -40.21
N GLN I 389 11.22 24.08 -41.54
CA GLN I 389 12.42 24.66 -42.15
C GLN I 389 12.49 26.15 -41.88
N ALA I 390 11.37 26.84 -42.00
CA ALA I 390 11.34 28.28 -41.75
C ALA I 390 11.72 28.59 -40.31
N PHE I 391 11.16 27.83 -39.36
CA PHE I 391 11.48 28.06 -37.95
C PHE I 391 12.94 27.78 -37.66
N SER I 392 13.48 26.68 -38.20
CA SER I 392 14.88 26.35 -37.98
C SER I 392 15.80 27.43 -38.56
N LYS I 393 15.48 27.91 -39.76
CA LYS I 393 16.33 28.92 -40.39
C LYS I 393 16.20 30.26 -39.69
N TRP I 394 15.01 30.59 -39.18
CA TRP I 394 14.86 31.83 -38.41
C TRP I 394 15.64 31.75 -37.11
N ALA I 395 15.61 30.59 -36.45
CA ALA I 395 16.43 30.40 -35.26
C ALA I 395 17.91 30.53 -35.59
N LYS I 396 18.32 29.96 -36.72
CA LYS I 396 19.72 30.07 -37.14
C LYS I 396 20.11 31.53 -37.36
N GLU I 397 19.25 32.28 -38.04
CA GLU I 397 19.54 33.68 -38.32
C GLU I 397 19.61 34.50 -37.03
N CYS I 398 18.66 34.28 -36.12
CA CYS I 398 18.70 34.99 -34.85
C CYS I 398 19.94 34.64 -34.05
N ARG I 399 20.33 33.36 -34.04
CA ARG I 399 21.49 32.94 -33.28
C ARG I 399 22.77 33.53 -33.86
N LYS I 400 22.88 33.56 -35.19
CA LYS I 400 24.00 34.24 -35.82
C LYS I 400 23.98 35.73 -35.52
N ASP I 401 22.78 36.30 -35.41
CA ASP I 401 22.63 37.69 -35.02
C ASP I 401 23.00 37.89 -33.56
N MET I 402 23.07 36.79 -32.79
CA MET I 402 23.36 36.89 -31.36
C MET I 402 24.80 37.31 -31.10
N GLU I 403 25.77 36.47 -31.48
CA GLU I 403 27.16 36.75 -31.14
C GLU I 403 27.78 37.80 -32.04
N ASP I 404 26.98 38.61 -32.73
CA ASP I 404 27.46 39.59 -33.70
C ASP I 404 26.98 40.98 -33.34
N GLU I 405 27.14 41.38 -32.08
CA GLU I 405 26.91 42.77 -31.70
C GLU I 405 27.81 43.69 -32.51
N LYS I 406 27.23 44.74 -33.08
CA LYS I 406 27.99 45.82 -33.68
C LYS I 406 28.02 46.99 -32.70
N LEU I 407 28.60 48.11 -33.14
CA LEU I 407 28.76 49.28 -32.30
C LEU I 407 27.67 50.30 -32.59
N LEU I 408 27.42 51.17 -31.62
CA LEU I 408 26.40 52.19 -31.76
C LEU I 408 26.67 53.13 -32.92
N GLY I 409 25.65 53.33 -33.75
CA GLY I 409 25.67 54.32 -34.80
C GLY I 409 26.73 54.14 -35.85
N VAL I 410 27.38 52.97 -35.91
CA VAL I 410 28.50 52.73 -36.80
C VAL I 410 28.23 51.45 -37.57
N ARG I 411 28.12 51.57 -38.90
CA ARG I 411 28.15 50.40 -39.77
C ARG I 411 29.58 50.03 -40.11
N GLU I 412 29.73 49.13 -41.09
CA GLU I 412 31.04 48.75 -41.62
C GLU I 412 30.93 48.85 -43.15
N ARG I 413 31.25 50.04 -43.67
CA ARG I 413 31.14 50.33 -45.09
C ARG I 413 32.54 50.51 -45.67
N THR I 414 32.78 49.85 -46.80
CA THR I 414 34.07 49.92 -47.46
C THR I 414 33.98 50.74 -48.76
N ALA I 422 29.69 50.33 -50.55
CA ALA I 422 30.15 48.96 -50.40
C ALA I 422 30.17 48.55 -48.93
N PHE I 423 29.26 47.64 -48.57
CA PHE I 423 29.14 47.14 -47.21
C PHE I 423 28.50 45.77 -47.22
N LYS I 424 28.85 44.96 -46.22
CA LYS I 424 28.52 43.54 -46.25
C LYS I 424 27.02 43.31 -46.12
N LYS I 425 26.51 42.42 -46.97
CA LYS I 425 25.12 41.96 -46.96
C LYS I 425 25.12 40.51 -46.49
N GLN I 426 24.67 40.28 -45.26
CA GLN I 426 24.57 38.93 -44.74
C GLN I 426 23.15 38.40 -44.91
N LYS I 427 22.98 37.09 -44.74
CA LYS I 427 21.89 36.42 -45.41
C LYS I 427 20.67 36.28 -44.51
N THR I 428 19.50 36.51 -45.10
CA THR I 428 18.21 36.20 -44.49
C THR I 428 17.47 35.22 -45.38
N HIS I 429 17.28 34.00 -44.88
CA HIS I 429 16.64 32.95 -45.66
C HIS I 429 15.16 32.77 -45.35
N THR I 430 14.64 33.47 -44.36
CA THR I 430 13.21 33.39 -44.02
C THR I 430 12.80 34.67 -43.34
N VAL I 431 11.52 35.02 -43.48
CA VAL I 431 10.92 36.17 -42.82
C VAL I 431 9.81 35.64 -41.94
N TYR I 432 9.92 35.87 -40.63
CA TYR I 432 8.96 35.35 -39.66
C TYR I 432 8.26 36.53 -39.00
N LYS I 433 7.06 36.85 -39.48
CA LYS I 433 6.22 37.86 -38.85
C LYS I 433 5.42 37.21 -37.73
N ARG I 434 5.64 37.69 -36.52
CA ARG I 434 5.01 37.14 -35.33
C ARG I 434 3.52 37.45 -35.34
N PRO I 435 2.72 36.73 -34.53
CA PRO I 435 1.26 36.89 -34.62
C PRO I 435 0.75 38.20 -34.03
N ASP I 436 1.64 39.14 -33.75
CA ASP I 436 1.24 40.48 -33.36
C ASP I 436 2.05 41.57 -34.04
N THR I 437 2.87 41.25 -35.03
CA THR I 437 3.69 42.22 -35.71
C THR I 437 2.91 42.91 -36.83
N GLN I 438 3.48 43.99 -37.34
CA GLN I 438 2.93 44.72 -38.47
C GLN I 438 4.03 44.93 -39.51
N SER I 439 3.67 44.78 -40.78
CA SER I 439 4.63 44.88 -41.88
C SER I 439 4.25 46.05 -42.78
N ILE I 440 5.19 46.96 -43.00
CA ILE I 440 4.99 48.10 -43.89
C ILE I 440 5.90 47.94 -45.11
N GLN I 441 5.31 48.13 -46.29
CA GLN I 441 6.06 48.10 -47.53
C GLN I 441 5.70 49.32 -48.36
N LYS I 442 6.66 49.80 -49.16
CA LYS I 442 6.48 51.01 -49.94
C LYS I 442 5.63 50.73 -51.17
N VAL I 443 4.50 51.42 -51.28
CA VAL I 443 3.62 51.32 -52.44
C VAL I 443 3.34 52.72 -52.95
N GLN I 444 3.28 52.85 -54.27
CA GLN I 444 3.01 54.14 -54.89
C GLN I 444 1.67 54.68 -54.42
N ALA I 445 1.63 55.97 -54.11
CA ALA I 445 0.44 56.63 -53.60
C ALA I 445 -0.01 57.80 -54.47
N GLU I 446 0.92 58.52 -55.10
CA GLU I 446 0.59 59.66 -55.94
C GLU I 446 0.21 59.15 -57.33
N PHE I 447 -1.04 58.71 -57.44
CA PHE I 447 -1.55 58.16 -58.70
C PHE I 447 -1.91 59.31 -59.64
N ASP I 448 -1.17 59.42 -60.75
CA ASP I 448 -1.31 60.55 -61.66
C ASP I 448 -2.07 60.15 -62.93
N SER I 449 -1.60 59.12 -63.62
CA SER I 449 -2.17 58.74 -64.91
C SER I 449 -3.11 57.55 -64.75
N PHE I 450 -4.25 57.62 -65.45
CA PHE I 450 -5.24 56.56 -65.41
C PHE I 450 -5.74 56.22 -66.82
N LEU I 460 -21.40 40.47 -75.98
CA LEU I 460 -22.50 39.52 -76.11
C LEU I 460 -22.55 38.94 -77.53
N SER I 461 -23.14 37.77 -77.67
CA SER I 461 -23.24 37.09 -78.96
C SER I 461 -24.70 36.83 -79.29
N ILE I 462 -24.97 36.53 -80.57
CA ILE I 462 -26.35 36.31 -81.01
C ILE I 462 -27.02 35.14 -80.29
N PRO I 463 -26.43 33.94 -80.22
CA PRO I 463 -27.15 32.84 -79.55
C PRO I 463 -27.42 33.09 -78.08
N LEU I 464 -26.55 33.84 -77.40
CA LEU I 464 -26.81 34.17 -76.00
C LEU I 464 -28.08 35.01 -75.86
N ARG I 465 -28.36 35.87 -76.84
CA ARG I 465 -29.56 36.70 -76.76
C ARG I 465 -30.82 35.85 -76.73
N THR I 466 -30.87 34.80 -77.56
CA THR I 466 -31.98 33.85 -77.47
C THR I 466 -31.91 33.06 -76.17
N ARG I 467 -30.69 32.76 -75.70
CA ARG I 467 -30.55 32.03 -74.45
C ARG I 467 -31.05 32.82 -73.25
N ILE I 468 -31.19 34.14 -73.38
CA ILE I 468 -31.65 34.96 -72.28
C ILE I 468 -33.03 34.55 -71.79
N LYS I 469 -33.92 34.16 -72.70
CA LYS I 469 -35.30 33.80 -72.35
C LYS I 469 -35.29 32.65 -71.34
N PRO J 3 -22.42 53.05 -15.73
CA PRO J 3 -21.73 51.89 -16.30
C PRO J 3 -21.17 52.17 -17.69
N VAL J 4 -19.85 52.20 -17.82
CA VAL J 4 -19.22 52.44 -19.12
C VAL J 4 -19.20 51.15 -19.91
N TYR J 5 -19.34 51.27 -21.23
CA TYR J 5 -19.47 50.13 -22.13
C TYR J 5 -18.25 50.13 -23.05
N VAL J 6 -17.58 48.99 -23.13
CA VAL J 6 -16.26 48.93 -23.77
C VAL J 6 -16.30 47.95 -24.93
N ASP J 7 -15.46 48.22 -25.93
CA ASP J 7 -15.47 47.45 -27.18
C ASP J 7 -14.69 46.14 -27.08
N ILE J 8 -13.71 46.06 -26.18
CA ILE J 8 -12.81 44.92 -26.11
C ILE J 8 -13.60 43.65 -25.78
N ASP J 9 -13.07 42.50 -26.19
CA ASP J 9 -13.73 41.22 -25.94
C ASP J 9 -13.80 40.94 -24.45
N ALA J 10 -14.84 40.18 -24.07
CA ALA J 10 -15.06 39.88 -22.66
C ALA J 10 -13.91 39.06 -22.07
N ASP J 11 -13.40 38.09 -22.83
CA ASP J 11 -12.35 37.22 -22.32
C ASP J 11 -10.97 37.86 -22.34
N SER J 12 -10.83 39.04 -22.93
CA SER J 12 -9.52 39.69 -22.99
C SER J 12 -9.06 40.11 -21.61
N ALA J 13 -7.78 39.88 -21.32
CA ALA J 13 -7.23 40.23 -20.02
C ALA J 13 -7.12 41.74 -19.82
N PHE J 14 -6.95 42.50 -20.91
CA PHE J 14 -6.78 43.94 -20.82
C PHE J 14 -7.92 44.63 -20.10
N LEU J 15 -9.13 44.05 -20.14
CA LEU J 15 -10.25 44.60 -19.39
C LEU J 15 -9.88 44.81 -17.93
N LYS J 16 -9.24 43.82 -17.30
CA LYS J 16 -8.81 43.97 -15.92
C LYS J 16 -7.91 45.20 -15.77
N ALA J 17 -6.95 45.37 -16.68
CA ALA J 17 -6.11 46.55 -16.63
C ALA J 17 -6.93 47.83 -16.71
N LEU J 18 -7.94 47.84 -17.59
CA LEU J 18 -8.81 49.00 -17.68
C LEU J 18 -9.51 49.27 -16.35
N GLN J 19 -9.92 48.20 -15.66
CA GLN J 19 -10.57 48.38 -14.37
C GLN J 19 -9.62 49.01 -13.37
N ARG J 20 -8.32 48.74 -13.50
CA ARG J 20 -7.35 49.42 -12.64
C ARG J 20 -7.10 50.84 -13.12
N ALA J 21 -7.22 51.09 -14.42
CA ALA J 21 -6.97 52.42 -14.94
C ALA J 21 -8.12 53.37 -14.62
N TYR J 22 -9.33 52.85 -14.55
CA TYR J 22 -10.53 53.64 -14.25
C TYR J 22 -11.33 52.90 -13.18
N PRO J 23 -10.92 52.98 -11.92
CA PRO J 23 -11.65 52.26 -10.87
C PRO J 23 -12.98 52.88 -10.51
N MET J 24 -13.16 54.17 -10.76
CA MET J 24 -14.43 54.81 -10.43
C MET J 24 -15.50 54.61 -11.50
N PHE J 25 -15.15 53.98 -12.63
CA PHE J 25 -16.10 53.61 -13.66
C PHE J 25 -16.25 52.10 -13.72
N GLU J 26 -17.48 51.64 -13.94
CA GLU J 26 -17.76 50.22 -14.09
C GLU J 26 -17.69 49.86 -15.58
N VAL J 27 -16.81 48.93 -15.92
CA VAL J 27 -16.55 48.58 -17.31
C VAL J 27 -17.31 47.30 -17.66
N GLU J 28 -18.10 47.36 -18.74
CA GLU J 28 -18.88 46.22 -19.20
C GLU J 28 -18.51 45.96 -20.65
N PRO J 29 -17.96 44.79 -20.97
CA PRO J 29 -17.50 44.54 -22.34
C PRO J 29 -18.57 43.98 -23.27
N ARG J 30 -18.46 44.39 -24.53
CA ARG J 30 -19.23 43.83 -25.65
C ARG J 30 -18.56 44.24 -26.94
N GLN J 31 -18.78 43.45 -27.99
CA GLN J 31 -18.13 43.66 -29.28
C GLN J 31 -19.16 44.09 -30.32
N VAL J 32 -18.82 45.15 -31.06
CA VAL J 32 -19.65 45.60 -32.17
C VAL J 32 -18.87 45.46 -33.46
N THR J 33 -17.56 45.64 -33.39
CA THR J 33 -16.66 45.46 -34.51
C THR J 33 -15.43 44.69 -34.05
N PRO J 34 -14.82 43.90 -34.94
CA PRO J 34 -13.58 43.19 -34.61
C PRO J 34 -12.32 44.01 -34.90
N ASN J 35 -12.23 45.19 -34.30
CA ASN J 35 -11.13 46.09 -34.58
C ASN J 35 -9.80 45.47 -34.17
N ASP J 36 -8.79 45.64 -35.01
CA ASP J 36 -7.48 45.07 -34.76
C ASP J 36 -6.76 45.80 -33.63
N ALA J 38 -8.45 47.51 -30.52
CA ALA J 38 -9.64 47.73 -29.72
C ALA J 38 -9.27 48.35 -28.38
N ASN J 39 -8.05 48.04 -27.91
CA ASN J 39 -7.59 48.57 -26.63
C ASN J 39 -7.43 50.08 -26.68
N ALA J 40 -6.89 50.60 -27.79
CA ALA J 40 -6.65 52.04 -27.89
C ALA J 40 -7.95 52.82 -27.89
N ARG J 41 -8.93 52.38 -28.70
CA ARG J 41 -10.23 53.03 -28.71
C ARG J 41 -10.94 52.88 -27.37
N ALA J 42 -10.76 51.73 -26.72
CA ALA J 42 -11.34 51.53 -25.39
C ALA J 42 -10.81 52.55 -24.40
N PHE J 43 -9.49 52.73 -24.38
CA PHE J 43 -8.88 53.68 -23.47
C PHE J 43 -9.30 55.11 -23.81
N SER J 44 -9.40 55.43 -25.10
CA SER J 44 -9.83 56.76 -25.49
C SER J 44 -11.25 57.04 -25.03
N HIS J 45 -12.15 56.07 -25.20
CA HIS J 45 -13.54 56.24 -24.77
C HIS J 45 -13.62 56.40 -23.25
N LEU J 46 -12.86 55.58 -22.52
CA LEU J 46 -12.86 55.69 -21.06
C LEU J 46 -12.31 57.04 -20.62
N ALA J 47 -11.25 57.52 -21.27
CA ALA J 47 -10.69 58.82 -20.94
C ALA J 47 -11.68 59.94 -21.22
N ILE J 48 -12.42 59.84 -22.33
CA ILE J 48 -13.42 60.86 -22.66
C ILE J 48 -14.53 60.86 -21.61
N LYS J 49 -14.97 59.68 -21.18
CA LYS J 49 -16.02 59.62 -20.16
C LYS J 49 -15.52 60.18 -18.83
N LEU J 50 -14.28 59.87 -18.46
CA LEU J 50 -13.70 60.47 -17.26
C LEU J 50 -13.59 61.98 -17.40
N ILE J 51 -13.30 62.46 -18.61
CA ILE J 51 -13.28 63.89 -18.88
C ILE J 51 -14.65 64.50 -18.61
N GLU J 52 -15.69 63.84 -19.12
CA GLU J 52 -17.05 64.32 -18.92
C GLU J 52 -17.40 64.38 -17.44
N GLN J 53 -16.98 63.38 -16.68
CA GLN J 53 -17.27 63.37 -15.25
C GLN J 53 -16.51 64.47 -14.51
N GLU J 54 -15.23 64.66 -14.84
CA GLU J 54 -14.37 65.52 -14.03
C GLU J 54 -14.72 67.01 -14.22
N ILE J 55 -14.90 67.45 -15.46
CA ILE J 55 -15.02 68.88 -15.72
C ILE J 55 -16.40 69.39 -15.27
N ASP J 56 -16.49 70.71 -15.15
CA ASP J 56 -17.74 71.36 -14.77
C ASP J 56 -18.70 71.32 -15.95
N PRO J 57 -19.95 70.87 -15.76
CA PRO J 57 -20.89 70.86 -16.89
C PRO J 57 -21.10 72.22 -17.52
N ASP J 58 -21.09 73.29 -16.72
CA ASP J 58 -21.27 74.64 -17.24
C ASP J 58 -19.91 75.19 -17.71
N SER J 59 -19.40 74.57 -18.77
CA SER J 59 -18.10 74.95 -19.33
C SER J 59 -18.12 74.73 -20.83
N THR J 60 -17.26 75.45 -21.53
CA THR J 60 -17.05 75.28 -22.96
C THR J 60 -15.74 74.53 -23.19
N ILE J 61 -15.81 73.42 -23.92
CA ILE J 61 -14.69 72.51 -24.07
C ILE J 61 -14.20 72.59 -25.51
N LEU J 62 -12.97 73.06 -25.69
CA LEU J 62 -12.34 73.07 -27.00
C LEU J 62 -11.76 71.71 -27.30
N ASP J 63 -11.87 71.27 -28.56
CA ASP J 63 -11.24 70.04 -29.01
C ASP J 63 -10.44 70.35 -30.26
N ILE J 64 -9.15 70.49 -30.11
CA ILE J 64 -8.22 70.61 -31.23
C ILE J 64 -8.01 69.23 -31.83
N GLY J 65 -7.87 69.18 -33.15
CA GLY J 65 -7.78 67.90 -33.85
C GLY J 65 -9.01 67.05 -33.64
N SER J 66 -10.19 67.67 -33.67
CA SER J 66 -11.41 66.98 -33.28
C SER J 66 -11.88 65.98 -34.33
N ALA J 67 -12.55 64.94 -33.86
CA ALA J 67 -13.36 64.07 -34.69
C ALA J 67 -14.82 64.36 -34.33
N PRO J 68 -15.47 65.30 -35.02
CA PRO J 68 -16.78 65.79 -34.55
C PRO J 68 -17.84 64.71 -34.41
N ALA J 69 -17.77 63.64 -35.20
CA ALA J 69 -18.80 62.61 -35.15
C ALA J 69 -18.84 61.93 -33.79
N ARG J 70 -17.66 61.65 -33.23
CA ARG J 70 -17.60 60.90 -31.97
C ARG J 70 -18.24 61.71 -30.84
N ARG J 71 -17.80 62.94 -30.65
CA ARG J 71 -18.30 63.79 -29.57
C ARG J 71 -19.30 64.81 -30.13
N MET J 72 -20.43 64.27 -30.56
CA MET J 72 -21.59 65.06 -30.95
C MET J 72 -22.77 64.59 -30.13
N MET J 73 -22.74 63.33 -29.72
CA MET J 73 -23.77 62.76 -28.87
C MET J 73 -23.59 63.13 -27.40
N SER J 74 -22.51 63.81 -27.05
CA SER J 74 -22.27 64.20 -25.67
C SER J 74 -23.24 65.30 -25.24
N ASP J 75 -23.58 65.29 -23.95
CA ASP J 75 -24.50 66.29 -23.41
C ASP J 75 -23.83 67.64 -23.20
N ARG J 76 -22.51 67.69 -23.18
CA ARG J 76 -21.79 68.94 -22.97
C ARG J 76 -21.74 69.74 -24.27
N LYS J 77 -21.27 70.99 -24.16
CA LYS J 77 -21.19 71.90 -25.29
C LYS J 77 -19.73 71.98 -25.75
N TYR J 78 -19.41 71.16 -26.75
CA TYR J 78 -18.07 71.14 -27.30
C TYR J 78 -17.92 72.15 -28.44
N HIS J 79 -16.66 72.48 -28.73
CA HIS J 79 -16.30 73.23 -29.93
C HIS J 79 -15.21 72.45 -30.64
N CYS J 80 -15.53 71.92 -31.81
CA CYS J 80 -14.60 71.11 -32.60
C CYS J 80 -13.77 72.02 -33.48
N VAL J 81 -12.45 71.79 -33.47
CA VAL J 81 -11.50 72.54 -34.29
C VAL J 81 -10.81 71.52 -35.17
N CYS J 82 -11.30 71.35 -36.41
CA CYS J 82 -10.83 70.30 -37.30
C CYS J 82 -10.43 70.90 -38.64
N PRO J 83 -9.24 71.48 -38.72
CA PRO J 83 -8.74 71.97 -40.02
C PRO J 83 -8.40 70.82 -40.94
N MET J 84 -8.36 71.11 -42.24
CA MET J 84 -8.07 70.11 -43.27
C MET J 84 -6.55 69.96 -43.40
N ARG J 85 -5.95 69.36 -42.37
CA ARG J 85 -4.51 69.16 -42.32
C ARG J 85 -4.11 67.70 -42.41
N SER J 86 -5.05 66.80 -42.66
CA SER J 86 -4.75 65.39 -42.82
C SER J 86 -5.72 64.78 -43.83
N ALA J 87 -5.27 63.70 -44.49
CA ALA J 87 -6.15 62.98 -45.40
C ALA J 87 -7.28 62.26 -44.67
N GLU J 88 -7.16 62.10 -43.35
CA GLU J 88 -8.20 61.46 -42.56
C GLU J 88 -9.34 62.42 -42.22
N ASP J 89 -9.13 63.74 -42.39
CA ASP J 89 -10.17 64.71 -42.09
C ASP J 89 -11.43 64.57 -42.95
N PRO J 90 -11.34 64.45 -44.29
CA PRO J 90 -12.59 64.43 -45.08
C PRO J 90 -13.52 63.29 -44.73
N GLU J 91 -12.98 62.11 -44.41
CA GLU J 91 -13.83 60.99 -44.02
C GLU J 91 -14.58 61.30 -42.73
N ARG J 92 -13.89 61.96 -41.78
CA ARG J 92 -14.57 62.37 -40.55
C ARG J 92 -15.63 63.41 -40.81
N LEU J 93 -15.38 64.34 -41.74
CA LEU J 93 -16.41 65.31 -42.09
C LEU J 93 -17.63 64.63 -42.70
N ALA J 94 -17.40 63.66 -43.58
CA ALA J 94 -18.51 62.91 -44.15
C ALA J 94 -19.27 62.14 -43.08
N ASN J 95 -18.55 61.51 -42.15
CA ASN J 95 -19.19 60.79 -41.05
C ASN J 95 -20.02 61.74 -40.19
N TYR J 96 -19.49 62.93 -39.93
CA TYR J 96 -20.25 63.94 -39.20
C TYR J 96 -21.53 64.30 -39.95
N ALA J 97 -21.42 64.46 -41.27
CA ALA J 97 -22.61 64.80 -42.07
C ALA J 97 -23.66 63.70 -41.99
N ARG J 98 -23.24 62.43 -42.12
CA ARG J 98 -24.19 61.33 -42.05
C ARG J 98 -24.82 61.23 -40.66
N LYS J 99 -24.01 61.39 -39.61
CA LYS J 99 -24.54 61.27 -38.26
C LYS J 99 -25.49 62.43 -37.95
N LEU J 100 -25.22 63.61 -38.50
CA LEU J 100 -26.12 64.73 -38.33
C LEU J 100 -27.43 64.51 -39.08
N ALA J 101 -27.35 64.11 -40.34
CA ALA J 101 -28.55 63.75 -41.09
C ALA J 101 -28.84 62.27 -40.98
N SER J 102 -28.74 61.76 -39.75
CA SER J 102 -29.32 60.48 -39.37
C SER J 102 -29.93 60.51 -37.98
N ALA J 103 -29.80 61.62 -37.25
CA ALA J 103 -30.42 61.79 -35.94
C ALA J 103 -30.97 63.20 -35.76
N ALA J 104 -31.20 63.92 -36.86
CA ALA J 104 -31.65 65.31 -36.75
C ALA J 104 -33.02 65.42 -36.10
N GLY J 105 -33.94 64.52 -36.47
CA GLY J 105 -35.31 64.62 -35.99
C GLY J 105 -35.76 63.47 -35.13
N LYS J 106 -34.82 62.66 -34.62
CA LYS J 106 -35.15 61.54 -33.76
C LYS J 106 -34.49 61.57 -32.38
N VAL J 107 -33.61 62.52 -32.11
CA VAL J 107 -33.12 62.79 -30.76
C VAL J 107 -33.29 64.27 -30.48
N LEU J 108 -33.83 64.60 -29.30
CA LEU J 108 -34.21 65.97 -28.98
C LEU J 108 -33.20 66.64 -28.05
N ASP J 109 -32.89 66.01 -26.91
CA ASP J 109 -32.07 66.65 -25.90
C ASP J 109 -30.58 66.56 -26.21
N ARG J 110 -30.20 66.95 -27.42
CA ARG J 110 -28.78 67.00 -27.78
C ARG J 110 -28.44 68.23 -28.61
N ASN J 111 -29.42 69.10 -28.88
CA ASN J 111 -29.21 70.34 -29.64
C ASN J 111 -28.60 70.00 -31.01
N ILE J 112 -29.19 69.00 -31.68
CA ILE J 112 -28.67 68.55 -32.97
C ILE J 112 -28.88 69.62 -34.03
N SER J 113 -30.02 70.31 -33.99
CA SER J 113 -30.27 71.40 -34.91
C SER J 113 -29.20 72.48 -34.79
N GLY J 114 -28.58 72.60 -33.62
CA GLY J 114 -27.49 73.54 -33.48
C GLY J 114 -26.32 73.24 -34.40
N LYS J 115 -25.82 72.00 -34.35
CA LYS J 115 -24.72 71.64 -35.25
C LYS J 115 -25.19 71.61 -36.70
N ILE J 116 -26.47 71.32 -36.94
CA ILE J 116 -26.99 71.38 -38.31
C ILE J 116 -26.85 72.80 -38.86
N GLY J 117 -27.34 73.78 -38.10
CA GLY J 117 -27.25 75.16 -38.54
C GLY J 117 -25.82 75.66 -38.63
N ASP J 118 -24.98 75.26 -37.68
CA ASP J 118 -23.59 75.69 -37.73
C ASP J 118 -22.86 75.08 -38.92
N LEU J 119 -23.18 73.82 -39.26
CA LEU J 119 -22.59 73.20 -40.44
C LEU J 119 -23.02 73.92 -41.71
N GLN J 120 -24.30 74.27 -41.81
CA GLN J 120 -24.73 75.07 -42.95
C GLN J 120 -24.01 76.41 -43.00
N ALA J 121 -23.82 77.04 -41.84
CA ALA J 121 -23.16 78.34 -41.78
C ALA J 121 -21.71 78.25 -42.27
N VAL J 122 -20.97 77.25 -41.80
CA VAL J 122 -19.57 77.13 -42.22
C VAL J 122 -19.49 76.74 -43.69
N MET J 123 -20.41 75.88 -44.15
CA MET J 123 -20.43 75.54 -45.56
C MET J 123 -20.69 76.77 -46.43
N ALA J 124 -21.54 77.69 -45.95
CA ALA J 124 -21.74 78.94 -46.66
C ALA J 124 -20.50 79.81 -46.61
N VAL J 125 -20.09 80.19 -45.40
CA VAL J 125 -18.91 81.05 -45.18
C VAL J 125 -17.83 80.19 -44.53
N PRO J 126 -16.74 79.88 -45.22
CA PRO J 126 -15.70 79.03 -44.61
C PRO J 126 -15.00 79.68 -43.43
N ASP J 127 -15.07 81.00 -43.28
CA ASP J 127 -14.35 81.71 -42.23
C ASP J 127 -15.24 82.14 -41.08
N THR J 128 -16.38 81.47 -40.89
CA THR J 128 -17.32 81.80 -39.83
C THR J 128 -17.05 80.94 -38.61
N GLU J 129 -16.91 81.58 -37.45
CA GLU J 129 -16.64 80.88 -36.19
C GLU J 129 -17.97 80.44 -35.59
N THR J 130 -18.40 79.23 -35.92
CA THR J 130 -19.61 78.67 -35.35
C THR J 130 -19.35 78.21 -33.92
N PRO J 131 -20.39 78.22 -33.07
CA PRO J 131 -20.19 77.87 -31.65
C PRO J 131 -19.90 76.40 -31.40
N THR J 132 -19.99 75.53 -32.41
CA THR J 132 -19.74 74.11 -32.18
C THR J 132 -18.86 73.47 -33.24
N PHE J 133 -18.39 74.22 -34.24
CA PHE J 133 -17.58 73.63 -35.30
C PHE J 133 -16.73 74.74 -35.91
N CYS J 134 -15.50 74.40 -36.28
CA CYS J 134 -14.55 75.41 -36.71
C CYS J 134 -13.50 74.80 -37.64
N LEU J 135 -13.20 75.51 -38.73
CA LEU J 135 -12.20 75.09 -39.69
C LEU J 135 -10.82 75.68 -39.43
N HIS J 136 -10.69 76.61 -38.49
CA HIS J 136 -9.40 77.21 -38.22
C HIS J 136 -8.49 76.23 -37.50
N THR J 137 -7.23 76.64 -37.32
CA THR J 137 -6.30 75.86 -36.51
C THR J 137 -6.29 76.37 -35.07
N ASP J 138 -5.57 75.66 -34.22
CA ASP J 138 -5.44 76.09 -32.83
C ASP J 138 -4.68 77.41 -32.72
N VAL J 139 -3.82 77.69 -33.70
CA VAL J 139 -3.09 78.96 -33.71
C VAL J 139 -4.05 80.13 -33.87
N SER J 140 -5.07 79.97 -34.73
CA SER J 140 -5.97 81.06 -35.09
C SER J 140 -7.42 80.66 -34.90
N CYS J 141 -7.73 80.04 -33.76
CA CYS J 141 -9.13 79.84 -33.38
C CYS J 141 -9.60 81.05 -32.57
N ARG J 142 -10.91 81.25 -32.56
CA ARG J 142 -11.46 82.52 -32.09
C ARG J 142 -12.26 82.42 -30.81
N GLN J 143 -13.20 81.47 -30.71
CA GLN J 143 -14.15 81.49 -29.60
C GLN J 143 -13.45 81.19 -28.28
N ARG J 144 -13.74 82.02 -27.29
CA ARG J 144 -13.18 81.86 -25.95
C ARG J 144 -13.81 80.66 -25.26
N ALA J 145 -13.00 79.92 -24.50
CA ALA J 145 -13.48 78.78 -23.74
C ALA J 145 -12.67 78.69 -22.45
N ASP J 146 -12.84 77.57 -21.74
CA ASP J 146 -12.20 77.40 -20.44
C ASP J 146 -11.52 76.04 -20.26
N VAL J 147 -11.91 75.05 -21.05
CA VAL J 147 -11.29 73.73 -21.01
C VAL J 147 -10.98 73.29 -22.43
N ALA J 148 -9.79 72.71 -22.61
CA ALA J 148 -9.35 72.18 -23.89
C ALA J 148 -9.12 70.68 -23.78
N ILE J 149 -9.39 69.96 -24.85
CA ILE J 149 -9.22 68.50 -24.89
C ILE J 149 -8.43 68.14 -26.12
N TYR J 150 -7.38 67.34 -25.93
CA TYR J 150 -6.52 66.88 -27.01
C TYR J 150 -6.75 65.38 -27.18
N GLN J 151 -7.59 65.02 -28.16
CA GLN J 151 -7.91 63.61 -28.42
C GLN J 151 -6.81 63.03 -29.29
N ASP J 152 -5.72 62.61 -28.66
CA ASP J 152 -4.60 61.95 -29.32
C ASP J 152 -4.09 62.75 -30.52
N VAL J 153 -4.01 64.07 -30.33
CA VAL J 153 -3.42 64.96 -31.33
C VAL J 153 -1.91 64.88 -31.19
N TYR J 154 -1.22 64.64 -32.32
CA TYR J 154 0.18 64.26 -32.25
C TYR J 154 1.10 65.12 -33.11
N ALA J 155 0.57 65.87 -34.07
CA ALA J 155 1.38 66.77 -34.90
C ALA J 155 1.01 68.20 -34.51
N VAL J 156 1.64 68.69 -33.44
CA VAL J 156 1.46 70.05 -32.95
C VAL J 156 2.56 70.32 -31.94
N HIS J 157 3.02 71.56 -31.85
CA HIS J 157 4.00 71.94 -30.85
C HIS J 157 3.28 72.27 -29.55
N ALA J 158 3.63 71.56 -28.47
CA ALA J 158 2.93 71.74 -27.20
C ALA J 158 3.03 73.16 -26.66
N PRO J 159 4.20 73.79 -26.58
CA PRO J 159 4.23 75.15 -25.98
C PRO J 159 3.43 76.17 -26.77
N THR J 160 3.57 76.20 -28.08
CA THR J 160 2.87 77.19 -28.89
C THR J 160 1.35 76.99 -28.80
N SER J 161 0.90 75.73 -28.91
CA SER J 161 -0.53 75.46 -28.82
C SER J 161 -1.09 75.81 -27.44
N LEU J 162 -0.36 75.44 -26.39
CA LEU J 162 -0.81 75.75 -25.04
C LEU J 162 -0.89 77.26 -24.81
N TYR J 163 0.11 78.00 -25.30
CA TYR J 163 0.07 79.46 -25.14
C TYR J 163 -1.10 80.06 -25.92
N HIS J 164 -1.27 79.63 -27.18
CA HIS J 164 -2.32 80.21 -28.02
C HIS J 164 -3.71 79.86 -27.51
N GLN J 165 -3.87 78.75 -26.79
CA GLN J 165 -5.14 78.47 -26.14
C GLN J 165 -5.30 79.19 -24.82
N ALA J 166 -4.22 79.35 -24.04
CA ALA J 166 -4.29 80.06 -22.78
C ALA J 166 -4.59 81.54 -22.98
N ILE J 167 -4.16 82.11 -24.11
CA ILE J 167 -4.56 83.48 -24.44
C ILE J 167 -6.07 83.56 -24.56
N LYS J 168 -6.69 82.56 -25.17
CA LYS J 168 -8.14 82.51 -25.30
C LYS J 168 -8.84 82.32 -23.96
N GLY J 169 -8.16 81.80 -22.95
CA GLY J 169 -8.70 81.72 -21.61
C GLY J 169 -9.02 80.35 -21.07
N VAL J 170 -8.34 79.30 -21.52
CA VAL J 170 -8.62 77.95 -21.03
C VAL J 170 -8.07 77.84 -19.60
N ARG J 171 -8.90 77.31 -18.69
CA ARG J 171 -8.43 77.08 -17.33
C ARG J 171 -7.51 75.87 -17.26
N LEU J 172 -7.86 74.78 -17.95
CA LEU J 172 -7.14 73.52 -17.82
C LEU J 172 -7.39 72.67 -19.06
N ALA J 173 -6.34 72.06 -19.58
CA ALA J 173 -6.41 71.25 -20.80
C ALA J 173 -5.91 69.85 -20.51
N TYR J 174 -6.65 68.85 -20.98
CA TYR J 174 -6.26 67.46 -20.82
C TYR J 174 -5.70 66.93 -22.13
N TRP J 175 -4.81 65.95 -22.02
CA TRP J 175 -4.14 65.37 -23.18
C TRP J 175 -4.08 63.86 -23.01
N VAL J 176 -4.80 63.13 -23.84
CA VAL J 176 -4.81 61.67 -23.80
C VAL J 176 -3.99 61.15 -24.97
N GLY J 177 -3.06 60.25 -24.70
CA GLY J 177 -2.24 59.73 -25.76
C GLY J 177 -1.29 58.65 -25.28
N PHE J 178 -0.29 58.37 -26.11
CA PHE J 178 0.76 57.43 -25.74
C PHE J 178 1.77 58.09 -24.82
N ASP J 179 2.56 57.26 -24.15
CA ASP J 179 3.62 57.79 -23.29
C ASP J 179 4.75 58.34 -24.15
N THR J 180 5.17 59.56 -23.84
CA THR J 180 6.27 60.20 -24.54
C THR J 180 7.63 59.81 -23.97
N THR J 181 7.66 59.00 -22.92
CA THR J 181 8.92 58.62 -22.30
C THR J 181 9.88 57.87 -23.23
N PRO J 182 9.45 56.86 -23.99
CA PRO J 182 10.40 56.19 -24.88
C PRO J 182 11.02 57.10 -25.92
N PHE J 183 10.31 58.17 -26.31
CA PHE J 183 10.82 59.05 -27.34
C PHE J 183 11.88 60.01 -26.81
N MET J 184 11.73 60.49 -25.57
CA MET J 184 12.79 61.32 -25.00
C MET J 184 14.00 60.49 -24.59
N TYR J 185 13.87 59.16 -24.60
CA TYR J 185 14.98 58.26 -24.35
C TYR J 185 15.80 57.97 -25.60
N ASN J 186 15.39 58.51 -26.75
CA ASN J 186 16.10 58.34 -28.02
C ASN J 186 16.20 56.88 -28.42
N ALA J 187 15.04 56.28 -28.68
CA ALA J 187 14.94 54.90 -29.14
C ALA J 187 14.54 54.85 -30.61
N MET J 188 14.87 53.72 -31.24
CA MET J 188 14.57 53.52 -32.66
C MET J 188 13.19 52.92 -32.88
N ALA J 189 12.89 51.82 -32.19
CA ALA J 189 11.63 51.12 -32.34
C ALA J 189 10.96 50.96 -30.98
N GLY J 190 9.62 50.90 -30.99
CA GLY J 190 8.86 50.82 -29.76
C GLY J 190 7.97 49.58 -29.73
N ALA J 191 7.36 49.36 -28.57
CA ALA J 191 6.62 48.12 -28.33
C ALA J 191 5.12 48.36 -28.12
N TYR J 192 4.74 49.11 -27.07
CA TYR J 192 3.37 49.20 -26.58
C TYR J 192 2.62 47.88 -26.77
N PRO J 193 3.02 46.81 -26.07
CA PRO J 193 2.48 45.48 -26.39
C PRO J 193 0.97 45.33 -26.27
N SER J 194 0.37 45.93 -25.25
CA SER J 194 -1.03 45.63 -24.95
C SER J 194 -1.97 46.15 -26.03
N TYR J 195 -1.67 47.31 -26.58
CA TYR J 195 -2.52 47.93 -27.59
C TYR J 195 -2.10 47.58 -29.01
N SER J 196 -1.09 46.71 -29.17
CA SER J 196 -0.61 46.26 -30.48
C SER J 196 -0.26 47.45 -31.37
N THR J 197 0.35 48.48 -30.78
CA THR J 197 0.80 49.65 -31.51
C THR J 197 2.32 49.69 -31.48
N ASN J 198 2.94 49.62 -32.65
CA ASN J 198 4.39 49.58 -32.76
C ASN J 198 4.88 50.72 -33.65
N TRP J 199 5.97 51.36 -33.24
CA TRP J 199 6.52 52.47 -34.01
C TRP J 199 7.98 52.24 -34.34
N ALA J 200 8.43 52.92 -35.40
CA ALA J 200 9.84 52.83 -35.80
C ALA J 200 10.23 54.01 -36.68
N ASP J 201 11.54 54.20 -36.79
CA ASP J 201 12.12 55.29 -37.56
C ASP J 201 12.20 54.89 -39.04
N GLU J 202 12.29 55.92 -39.91
CA GLU J 202 12.45 55.70 -41.35
C GLU J 202 13.59 54.75 -41.67
N GLN J 203 14.76 54.97 -41.06
CA GLN J 203 15.95 54.24 -41.45
C GLN J 203 15.89 52.76 -41.08
N VAL J 204 15.17 52.41 -40.01
CA VAL J 204 15.10 51.04 -39.55
C VAL J 204 13.81 50.36 -40.00
N LEU J 205 13.18 50.88 -41.06
CA LEU J 205 11.95 50.29 -41.56
C LEU J 205 12.18 48.87 -42.06
N LYS J 206 13.26 48.65 -42.81
CA LYS J 206 13.52 47.35 -43.42
C LYS J 206 14.38 46.46 -42.53
N ALA J 207 13.93 46.27 -41.28
CA ALA J 207 14.61 45.39 -40.35
C ALA J 207 14.00 44.00 -40.43
N LYS J 208 14.34 43.13 -39.48
CA LYS J 208 13.86 41.75 -39.51
C LYS J 208 13.21 41.33 -38.20
N ASN J 209 13.72 41.83 -37.07
CA ASN J 209 13.35 41.31 -35.75
C ASN J 209 12.82 42.43 -34.85
N ILE J 210 11.90 43.23 -35.38
CA ILE J 210 11.12 44.16 -34.57
C ILE J 210 9.65 43.99 -34.91
N GLY J 211 8.80 44.57 -34.07
CA GLY J 211 7.37 44.43 -34.29
C GLY J 211 6.89 45.13 -35.55
N LEU J 212 7.74 45.99 -36.11
CA LEU J 212 7.41 46.78 -37.29
C LEU J 212 8.60 46.76 -38.24
N CYS J 213 8.53 45.90 -39.26
CA CYS J 213 9.59 45.77 -40.25
C CYS J 213 9.07 44.98 -41.45
N SER J 214 9.83 45.01 -42.54
CA SER J 214 9.51 44.22 -43.73
C SER J 214 10.79 44.11 -44.57
N THR J 215 11.25 42.89 -44.78
CA THR J 215 12.47 42.63 -45.53
C THR J 215 12.22 41.58 -46.61
N ASP J 216 13.21 41.41 -47.48
CA ASP J 216 13.17 40.47 -48.58
C ASP J 216 14.40 39.59 -48.54
N LEU J 217 14.22 38.30 -48.78
CA LEU J 217 15.34 37.37 -48.74
C LEU J 217 16.28 37.59 -49.92
N THR J 218 17.57 37.33 -49.71
CA THR J 218 18.59 37.58 -50.71
C THR J 218 19.61 36.46 -50.67
N GLU J 219 20.38 36.34 -51.76
CA GLU J 219 21.45 35.37 -51.86
C GLU J 219 22.80 36.06 -51.64
N GLY J 220 23.87 35.28 -51.65
CA GLY J 220 25.16 35.73 -51.15
C GLY J 220 25.86 36.81 -51.95
N ARG J 221 25.23 37.97 -52.09
CA ARG J 221 25.82 39.11 -52.80
C ARG J 221 26.28 40.13 -51.77
N ARG J 222 27.60 40.21 -51.53
CA ARG J 222 28.16 41.25 -50.68
C ARG J 222 28.66 42.42 -51.52
N GLY J 223 27.80 42.89 -52.41
CA GLY J 223 28.18 43.93 -53.35
C GLY J 223 27.12 44.97 -53.68
N LYS J 224 26.18 45.22 -52.77
CA LYS J 224 25.06 46.10 -53.09
C LYS J 224 25.53 47.54 -53.33
N LEU J 225 26.69 47.90 -52.79
CA LEU J 225 27.44 49.10 -53.19
C LEU J 225 26.58 50.36 -53.21
N SER J 226 26.12 50.76 -52.02
CA SER J 226 25.34 51.99 -51.90
C SER J 226 26.22 53.20 -52.19
N ILE J 227 25.71 54.14 -52.99
CA ILE J 227 26.45 55.35 -53.31
C ILE J 227 26.56 56.25 -52.09
N MET J 228 25.50 56.33 -51.29
CA MET J 228 25.43 57.23 -50.14
C MET J 228 25.89 56.49 -48.88
N ARG J 229 26.79 57.12 -48.12
CA ARG J 229 27.33 56.55 -46.90
C ARG J 229 27.13 57.54 -45.76
N GLY J 230 26.52 57.08 -44.67
CA GLY J 230 26.22 57.95 -43.56
C GLY J 230 27.19 57.87 -42.40
N LYS J 231 27.51 56.65 -41.97
CA LYS J 231 28.43 56.38 -40.86
C LYS J 231 27.94 56.99 -39.55
N LYS J 232 26.65 57.27 -39.44
CA LYS J 232 26.06 57.72 -38.18
C LYS J 232 24.60 57.31 -38.13
N LEU J 233 24.31 56.23 -37.40
CA LEU J 233 22.94 55.73 -37.23
C LEU J 233 22.33 56.44 -36.03
N GLU J 234 21.66 57.56 -36.31
CA GLU J 234 20.99 58.37 -35.32
C GLU J 234 19.52 58.51 -35.65
N PRO J 235 18.66 58.71 -34.64
CA PRO J 235 17.23 58.87 -34.91
C PRO J 235 16.94 60.11 -35.73
N CYS J 236 15.89 60.03 -36.54
CA CYS J 236 15.46 61.14 -37.38
C CYS J 236 14.08 61.61 -36.95
N ASP J 237 13.62 62.70 -37.58
CA ASP J 237 12.38 63.34 -37.15
C ASP J 237 11.15 62.47 -37.45
N ARG J 238 11.14 61.82 -38.61
CA ARG J 238 9.94 61.09 -39.05
C ARG J 238 9.88 59.73 -38.38
N VAL J 239 8.73 59.40 -37.78
CA VAL J 239 8.51 58.12 -37.14
C VAL J 239 7.12 57.60 -37.53
N LEU J 240 7.04 56.31 -37.84
CA LEU J 240 5.77 55.69 -38.21
C LEU J 240 5.21 54.93 -37.01
N PHE J 241 3.93 55.15 -36.72
CA PHE J 241 3.16 54.38 -35.77
C PHE J 241 2.24 53.43 -36.52
N SER J 242 2.08 52.22 -35.97
CA SER J 242 1.15 51.23 -36.51
C SER J 242 0.21 50.89 -35.36
N VAL J 243 -1.02 51.38 -35.45
CA VAL J 243 -2.10 51.08 -34.53
C VAL J 243 -2.99 50.04 -35.20
N GLY J 244 -2.86 48.78 -34.78
CA GLY J 244 -3.55 47.72 -35.47
C GLY J 244 -3.10 47.61 -36.90
N SER J 245 -3.98 48.01 -37.83
CA SER J 245 -3.66 48.01 -39.26
C SER J 245 -3.56 49.41 -39.83
N THR J 246 -3.44 50.43 -38.99
CA THR J 246 -3.44 51.83 -39.41
C THR J 246 -2.06 52.43 -39.23
N LEU J 247 -1.57 53.12 -40.27
CA LEU J 247 -0.24 53.71 -40.28
C LEU J 247 -0.32 55.22 -40.19
N TYR J 248 0.27 55.79 -39.14
CA TYR J 248 0.23 57.23 -38.90
C TYR J 248 1.65 57.78 -38.80
N PRO J 249 1.98 58.84 -39.54
CA PRO J 249 3.31 59.45 -39.41
C PRO J 249 3.34 60.57 -38.39
N GLU J 250 4.44 60.63 -37.65
CA GLU J 250 4.61 61.60 -36.57
C GLU J 250 5.99 62.24 -36.66
N SER J 251 6.10 63.43 -36.10
CA SER J 251 7.35 64.17 -36.03
C SER J 251 8.00 63.94 -34.67
N ARG J 252 9.31 63.64 -34.68
CA ARG J 252 9.99 63.35 -33.43
C ARG J 252 10.03 64.55 -32.51
N LYS J 253 10.27 65.74 -33.05
CA LYS J 253 10.36 66.94 -32.22
C LYS J 253 9.01 67.28 -31.61
N LEU J 254 7.95 67.28 -32.42
CA LEU J 254 6.62 67.63 -31.91
C LEU J 254 6.16 66.63 -30.86
N LEU J 255 6.42 65.34 -31.09
CA LEU J 255 6.03 64.31 -30.13
C LEU J 255 6.86 64.41 -28.86
N LYS J 256 8.16 64.66 -28.99
CA LYS J 256 9.03 64.79 -27.83
C LYS J 256 8.70 66.02 -27.01
N SER J 257 8.13 67.05 -27.64
CA SER J 257 7.75 68.26 -26.92
C SER J 257 6.61 68.04 -25.93
N TRP J 258 5.93 66.89 -25.99
CA TRP J 258 4.81 66.62 -25.10
C TRP J 258 5.24 66.05 -23.75
N HIS J 259 6.53 65.79 -23.55
CA HIS J 259 7.02 65.37 -22.23
C HIS J 259 7.30 66.62 -21.39
N LEU J 260 6.22 67.32 -21.09
CA LEU J 260 6.31 68.60 -20.40
C LEU J 260 6.77 68.40 -18.95
N PRO J 261 7.49 69.37 -18.40
CA PRO J 261 7.93 69.26 -17.00
C PRO J 261 6.75 69.35 -16.04
N SER J 262 7.06 69.12 -14.77
CA SER J 262 6.02 69.16 -13.74
C SER J 262 5.40 70.56 -13.64
N VAL J 263 6.23 71.59 -13.67
CA VAL J 263 5.79 72.98 -13.69
C VAL J 263 6.58 73.73 -14.74
N PHE J 264 5.93 74.65 -15.45
CA PHE J 264 6.63 75.44 -16.45
C PHE J 264 5.95 76.79 -16.64
N HIS J 265 6.68 77.70 -17.28
CA HIS J 265 6.23 79.06 -17.49
C HIS J 265 6.27 79.37 -18.99
N LEU J 266 5.34 80.22 -19.43
CA LEU J 266 5.30 80.70 -20.80
C LEU J 266 5.24 82.22 -20.76
N LYS J 267 6.36 82.88 -21.05
CA LYS J 267 6.45 84.33 -21.00
C LYS J 267 6.38 84.89 -22.41
N GLY J 268 5.38 85.71 -22.68
CA GLY J 268 5.26 86.41 -23.95
C GLY J 268 4.62 87.76 -23.73
N LYS J 269 3.64 88.09 -24.56
CA LYS J 269 2.82 89.27 -24.28
C LYS J 269 2.07 89.09 -22.97
N LEU J 270 1.52 87.91 -22.74
CA LEU J 270 0.93 87.52 -21.47
C LEU J 270 1.64 86.27 -20.98
N SER J 271 2.14 86.30 -19.76
CA SER J 271 2.94 85.22 -19.20
C SER J 271 2.06 84.37 -18.27
N PHE J 272 2.00 83.07 -18.56
CA PHE J 272 1.23 82.12 -17.76
C PHE J 272 2.15 81.10 -17.11
N THR J 273 1.61 80.44 -16.08
CA THR J 273 2.30 79.37 -15.38
C THR J 273 1.38 78.15 -15.35
N CYS J 274 1.96 76.97 -15.59
CA CYS J 274 1.15 75.77 -15.67
C CYS J 274 1.85 74.60 -15.00
N ARG J 275 1.06 73.62 -14.59
CA ARG J 275 1.55 72.39 -13.99
C ARG J 275 0.97 71.22 -14.76
N CYS J 276 1.80 70.24 -15.09
CA CYS J 276 1.38 69.05 -15.82
C CYS J 276 1.60 67.82 -14.97
N ASP J 277 0.56 67.01 -14.82
CA ASP J 277 0.64 65.76 -14.06
C ASP J 277 -0.14 64.68 -14.80
N THR J 278 0.29 63.44 -14.60
CA THR J 278 -0.35 62.27 -15.21
C THR J 278 -1.44 61.78 -14.26
N VAL J 279 -2.70 61.99 -14.64
CA VAL J 279 -3.80 61.58 -13.78
C VAL J 279 -4.18 60.12 -13.98
N VAL J 280 -4.02 59.58 -15.18
CA VAL J 280 -4.33 58.19 -15.48
C VAL J 280 -3.23 57.63 -16.38
N SER J 281 -2.73 56.45 -16.02
CA SER J 281 -1.68 55.80 -16.80
C SER J 281 -1.97 54.30 -16.83
N CYS J 282 -1.80 53.70 -18.00
CA CYS J 282 -2.04 52.27 -18.16
C CYS J 282 -1.25 51.76 -19.36
N GLU J 283 -0.22 50.96 -19.08
CA GLU J 283 0.51 50.21 -20.09
C GLU J 283 1.01 51.07 -21.26
N GLY J 284 1.17 52.36 -21.03
CA GLY J 284 1.64 53.23 -22.09
C GLY J 284 0.71 54.41 -22.36
N TYR J 285 -0.60 54.19 -22.31
CA TYR J 285 -1.53 55.29 -22.49
C TYR J 285 -1.55 56.16 -21.24
N VAL J 286 -1.38 57.47 -21.44
CA VAL J 286 -1.32 58.43 -20.35
C VAL J 286 -2.33 59.54 -20.62
N VAL J 287 -2.78 60.18 -19.54
CA VAL J 287 -3.65 61.35 -19.60
C VAL J 287 -3.02 62.44 -18.76
N LYS J 288 -2.46 63.45 -19.42
CA LYS J 288 -1.85 64.58 -18.75
C LYS J 288 -2.88 65.69 -18.51
N ARG J 289 -2.65 66.45 -17.44
CA ARG J 289 -3.54 67.53 -17.00
C ARG J 289 -2.72 68.80 -16.87
N ILE J 290 -2.72 69.62 -17.92
CA ILE J 290 -1.98 70.88 -17.92
C ILE J 290 -2.93 71.98 -17.46
N THR J 291 -2.76 72.45 -16.23
CA THR J 291 -3.65 73.44 -15.65
C THR J 291 -3.06 74.84 -15.88
N MET J 292 -3.80 75.68 -16.60
CA MET J 292 -3.36 77.03 -16.89
C MET J 292 -3.48 77.89 -15.64
N SER J 293 -2.68 78.96 -15.61
CA SER J 293 -2.77 79.94 -14.53
C SER J 293 -2.14 81.26 -14.97
N PRO J 294 -2.87 82.37 -14.89
CA PRO J 294 -2.29 83.65 -15.31
C PRO J 294 -1.20 84.10 -14.35
N GLY J 295 -0.28 84.91 -14.88
CA GLY J 295 0.81 85.46 -14.12
C GLY J 295 2.05 84.59 -14.17
N LEU J 296 3.07 85.04 -13.43
CA LEU J 296 4.36 84.35 -13.34
C LEU J 296 4.62 84.05 -11.87
N TYR J 297 4.22 82.87 -11.42
CA TYR J 297 4.34 82.46 -10.03
C TYR J 297 5.29 81.28 -9.92
N GLY J 298 6.21 81.35 -8.97
CA GLY J 298 7.08 80.23 -8.65
C GLY J 298 8.29 80.14 -9.56
N LYS J 299 9.13 79.15 -9.26
CA LYS J 299 10.34 78.88 -10.03
C LYS J 299 10.26 77.45 -10.57
N THR J 300 10.70 77.27 -11.81
CA THR J 300 10.60 75.99 -12.49
C THR J 300 11.88 75.19 -12.34
N THR J 301 11.73 73.90 -12.06
CA THR J 301 12.88 73.01 -11.96
C THR J 301 13.46 72.70 -13.33
N GLY J 302 12.59 72.50 -14.31
CA GLY J 302 13.02 72.13 -15.65
C GLY J 302 13.16 70.65 -15.90
N TYR J 303 12.56 69.80 -15.06
CA TYR J 303 12.69 68.35 -15.18
C TYR J 303 11.31 67.73 -15.27
N ALA J 304 11.21 66.63 -16.01
CA ALA J 304 9.96 65.90 -16.18
C ALA J 304 10.11 64.49 -15.64
N VAL J 305 9.09 64.03 -14.91
CA VAL J 305 9.12 62.76 -14.20
C VAL J 305 8.03 61.85 -14.78
N THR J 306 8.40 60.63 -15.10
CA THR J 306 7.45 59.60 -15.51
C THR J 306 7.51 58.45 -14.52
N HIS J 307 6.35 58.04 -14.03
CA HIS J 307 6.23 56.91 -13.11
C HIS J 307 5.85 55.66 -13.91
N HIS J 308 6.68 54.62 -13.79
CA HIS J 308 6.49 53.39 -14.55
C HIS J 308 5.76 52.38 -13.67
N ALA J 309 4.44 52.29 -13.86
CA ALA J 309 3.67 51.25 -13.18
C ALA J 309 4.11 49.86 -13.62
N ASP J 310 4.43 49.71 -14.90
CA ASP J 310 4.98 48.47 -15.44
C ASP J 310 6.38 48.75 -15.99
N GLY J 311 7.21 47.71 -16.00
CA GLY J 311 8.63 47.92 -16.27
C GLY J 311 8.89 48.43 -17.67
N PHE J 312 9.98 49.18 -17.80
CA PHE J 312 10.44 49.72 -19.08
C PHE J 312 11.81 49.14 -19.40
N LEU J 313 12.02 48.79 -20.66
CA LEU J 313 13.26 48.15 -21.09
C LEU J 313 13.75 48.79 -22.38
N MET J 314 14.95 49.37 -22.35
CA MET J 314 15.63 49.84 -23.53
C MET J 314 16.79 48.90 -23.83
N CYS J 315 16.61 48.04 -24.82
CA CYS J 315 17.57 47.01 -25.17
C CYS J 315 18.33 47.42 -26.42
N LYS J 316 19.49 46.79 -26.61
CA LYS J 316 20.39 47.07 -27.73
C LYS J 316 20.41 45.83 -28.61
N THR J 317 19.68 45.86 -29.72
CA THR J 317 19.56 44.70 -30.59
C THR J 317 20.20 44.96 -31.94
N THR J 318 20.90 43.97 -32.45
CA THR J 318 21.38 43.97 -33.83
C THR J 318 20.28 43.43 -34.72
N ASP J 319 20.09 44.05 -35.87
CA ASP J 319 19.10 43.64 -36.86
C ASP J 319 19.63 43.97 -38.25
N THR J 320 19.07 43.30 -39.25
CA THR J 320 19.42 43.54 -40.64
C THR J 320 18.52 44.65 -41.18
N VAL J 321 18.95 45.89 -40.97
CA VAL J 321 18.26 47.05 -41.52
C VAL J 321 18.63 47.15 -43.00
N ASP J 322 17.63 47.08 -43.87
CA ASP J 322 17.81 47.01 -45.32
C ASP J 322 18.70 45.85 -45.73
N GLY J 323 19.00 44.95 -44.80
CA GLY J 323 19.91 43.86 -45.05
C GLY J 323 21.21 43.96 -44.25
N GLU J 324 21.71 45.17 -44.07
CA GLU J 324 22.96 45.38 -43.35
C GLU J 324 22.76 45.24 -41.85
N ARG J 325 23.65 44.50 -41.19
CA ARG J 325 23.56 44.32 -39.75
C ARG J 325 23.98 45.60 -39.04
N VAL J 326 23.07 46.17 -38.26
CA VAL J 326 23.35 47.35 -37.44
C VAL J 326 22.71 47.15 -36.08
N SER J 327 23.30 47.75 -35.06
CA SER J 327 22.81 47.68 -33.70
C SER J 327 22.07 48.97 -33.36
N PHE J 328 20.81 48.84 -32.93
CA PHE J 328 20.02 50.00 -32.53
C PHE J 328 19.25 49.66 -31.26
N SER J 329 18.66 50.70 -30.68
CA SER J 329 17.96 50.61 -29.41
C SER J 329 16.46 50.43 -29.63
N VAL J 330 15.86 49.50 -28.90
CA VAL J 330 14.43 49.25 -28.97
C VAL J 330 13.86 49.32 -27.55
N CYS J 331 12.71 49.98 -27.41
CA CYS J 331 12.05 50.12 -26.11
C CYS J 331 10.85 49.20 -26.02
N THR J 332 10.58 48.76 -24.79
CA THR J 332 9.58 47.74 -24.53
C THR J 332 8.93 48.00 -23.18
N TYR J 333 7.63 47.73 -23.11
CA TYR J 333 6.88 47.72 -21.86
C TYR J 333 6.66 46.28 -21.42
N VAL J 334 7.05 45.97 -20.19
CA VAL J 334 6.94 44.64 -19.62
C VAL J 334 5.97 44.70 -18.46
N PRO J 335 5.00 43.79 -18.35
CA PRO J 335 4.04 43.84 -17.25
C PRO J 335 4.72 43.70 -15.90
N ALA J 336 4.08 44.27 -14.88
CA ALA J 336 4.68 44.30 -13.55
C ALA J 336 4.87 42.90 -12.98
N THR J 337 3.93 41.99 -13.25
CA THR J 337 4.03 40.65 -12.68
C THR J 337 5.24 39.90 -13.23
N ILE J 338 5.52 40.05 -14.53
CA ILE J 338 6.65 39.35 -15.13
C ILE J 338 7.96 39.89 -14.57
N CYS J 339 8.06 41.21 -14.43
CA CYS J 339 9.26 41.80 -13.85
C CYS J 339 9.44 41.37 -12.40
N ASP J 340 8.34 41.29 -11.65
CA ASP J 340 8.41 40.90 -10.24
C ASP J 340 8.90 39.45 -10.13
N GLN J 341 8.29 38.54 -10.89
CA GLN J 341 8.67 37.13 -10.77
C GLN J 341 10.07 36.88 -11.31
N MET J 342 10.51 37.65 -12.30
CA MET J 342 11.87 37.53 -12.83
C MET J 342 12.84 38.49 -12.14
N THR J 343 12.91 38.41 -10.82
CA THR J 343 13.83 39.22 -10.03
C THR J 343 14.96 38.40 -9.45
N GLY J 344 14.67 37.23 -8.87
CA GLY J 344 15.72 36.38 -8.35
C GLY J 344 16.62 35.83 -9.44
N ILE J 345 16.05 35.46 -10.58
CA ILE J 345 16.85 34.99 -11.70
C ILE J 345 17.74 36.10 -12.23
N LEU J 346 17.29 37.35 -12.12
CA LEU J 346 18.09 38.49 -12.57
C LEU J 346 19.10 38.88 -11.50
N ALA J 347 19.88 37.91 -11.02
CA ALA J 347 20.91 38.16 -10.02
C ALA J 347 22.21 37.49 -10.44
N THR J 348 22.11 36.41 -11.19
CA THR J 348 23.25 35.65 -11.66
C THR J 348 23.55 36.00 -13.10
N GLU J 349 24.71 35.51 -13.57
CA GLU J 349 25.08 35.67 -14.97
C GLU J 349 24.21 34.76 -15.82
N VAL J 350 23.15 35.32 -16.41
CA VAL J 350 22.16 34.55 -17.15
C VAL J 350 22.32 34.81 -18.64
N THR J 351 22.35 33.74 -19.42
CA THR J 351 22.45 33.84 -20.86
C THR J 351 21.10 34.23 -21.47
N PRO J 352 21.10 34.83 -22.65
CA PRO J 352 19.81 35.14 -23.30
C PRO J 352 18.95 33.91 -23.54
N GLU J 353 19.57 32.76 -23.81
CA GLU J 353 18.80 31.53 -24.01
C GLU J 353 18.01 31.15 -22.77
N ASP J 354 18.69 31.07 -21.62
CA ASP J 354 18.01 30.70 -20.39
C ASP J 354 16.99 31.76 -19.99
N ALA J 355 17.31 33.03 -20.18
CA ALA J 355 16.38 34.09 -19.85
C ALA J 355 15.11 34.00 -20.70
N GLN J 356 15.25 33.73 -22.00
CA GLN J 356 14.08 33.62 -22.85
C GLN J 356 13.27 32.37 -22.52
N LYS J 357 13.95 31.26 -22.23
CA LYS J 357 13.24 30.05 -21.83
C LYS J 357 12.43 30.28 -20.56
N LEU J 358 13.02 30.96 -19.58
CA LEU J 358 12.30 31.21 -18.33
C LEU J 358 11.19 32.23 -18.53
N LEU J 359 11.37 33.17 -19.46
CA LEU J 359 10.30 34.12 -19.78
C LEU J 359 9.11 33.40 -20.39
N VAL J 360 9.37 32.48 -21.32
CA VAL J 360 8.28 31.71 -21.92
C VAL J 360 7.61 30.82 -20.88
N GLY J 361 8.41 30.21 -19.99
CA GLY J 361 7.82 29.42 -18.92
C GLY J 361 6.97 30.25 -17.99
N LEU J 362 7.36 31.52 -17.76
CA LEU J 362 6.60 32.39 -16.87
C LEU J 362 5.31 32.86 -17.52
N ASN J 363 5.26 32.92 -18.85
CA ASN J 363 4.08 33.38 -19.57
C ASN J 363 3.03 32.29 -19.74
N GLN J 364 3.11 31.21 -18.97
CA GLN J 364 2.16 30.10 -19.03
C GLN J 364 2.10 29.50 -20.44
N THR J 376 -3.66 31.36 -22.11
CA THR J 376 -3.59 32.62 -21.38
C THR J 376 -2.18 33.19 -21.39
N ASN J 377 -2.05 34.43 -21.86
CA ASN J 377 -0.77 35.10 -21.95
C ASN J 377 -0.83 36.42 -21.20
N THR J 378 0.22 36.72 -20.45
CA THR J 378 0.31 38.00 -19.73
C THR J 378 0.86 39.09 -20.64
N MET J 379 1.99 38.85 -21.27
CA MET J 379 2.57 39.76 -22.25
C MET J 379 2.68 39.05 -23.60
N LYS J 380 2.66 39.84 -24.67
CA LYS J 380 2.68 39.28 -26.00
C LYS J 380 4.02 38.58 -26.27
N ASN J 381 3.94 37.30 -26.61
CA ASN J 381 5.13 36.49 -26.83
C ASN J 381 5.89 36.87 -28.11
N TYR J 382 5.32 37.74 -28.93
CA TYR J 382 5.93 38.13 -30.19
C TYR J 382 7.26 38.85 -30.01
N MET J 383 7.53 39.39 -28.82
CA MET J 383 8.67 40.29 -28.63
C MET J 383 9.39 39.94 -27.31
N ILE J 384 9.65 38.66 -27.08
CA ILE J 384 10.59 38.33 -26.03
C ILE J 384 11.77 37.53 -26.58
N PRO J 385 12.21 37.77 -27.81
CA PRO J 385 13.64 37.68 -28.10
C PRO J 385 14.38 38.83 -27.43
N VAL J 386 13.74 39.99 -27.42
CA VAL J 386 14.40 41.23 -27.04
C VAL J 386 14.40 41.43 -25.53
N VAL J 387 13.29 41.09 -24.88
CA VAL J 387 13.22 41.25 -23.42
C VAL J 387 14.26 40.36 -22.75
N ALA J 388 14.47 39.16 -23.29
CA ALA J 388 15.50 38.27 -22.77
C ALA J 388 16.89 38.87 -22.95
N GLN J 389 17.14 39.47 -24.12
CA GLN J 389 18.42 40.14 -24.35
C GLN J 389 18.63 41.26 -23.35
N ALA J 390 17.61 42.08 -23.13
CA ALA J 390 17.71 43.19 -22.20
C ALA J 390 17.98 42.70 -20.78
N PHE J 391 17.25 41.65 -20.36
CA PHE J 391 17.46 41.12 -19.02
C PHE J 391 18.87 40.56 -18.86
N SER J 392 19.34 39.79 -19.84
CA SER J 392 20.66 39.19 -19.73
C SER J 392 21.74 40.27 -19.69
N LYS J 393 21.63 41.28 -20.53
CA LYS J 393 22.67 42.31 -20.58
C LYS J 393 22.60 43.23 -19.36
N TRP J 394 21.39 43.45 -18.82
CA TRP J 394 21.28 44.19 -17.57
C TRP J 394 21.89 43.41 -16.42
N ALA J 395 21.71 42.09 -16.40
CA ALA J 395 22.36 41.27 -15.39
C ALA J 395 23.87 41.34 -15.53
N LYS J 396 24.37 41.33 -16.77
CA LYS J 396 25.80 41.48 -17.00
C LYS J 396 26.30 42.82 -16.47
N GLU J 397 25.57 43.90 -16.75
CA GLU J 397 25.97 45.22 -16.29
C GLU J 397 25.96 45.30 -14.77
N CYS J 398 24.92 44.77 -14.13
CA CYS J 398 24.85 44.79 -12.67
C CYS J 398 25.98 43.99 -12.06
N ARG J 399 26.27 42.81 -12.62
CA ARG J 399 27.39 42.01 -12.12
C ARG J 399 28.70 42.77 -12.24
N LYS J 400 29.00 43.29 -13.43
CA LYS J 400 30.23 44.06 -13.61
C LYS J 400 30.27 45.26 -12.68
N ASP J 401 29.11 45.79 -12.32
CA ASP J 401 29.04 46.87 -11.35
C ASP J 401 29.33 46.37 -9.94
N MET J 402 29.10 45.08 -9.70
CA MET J 402 29.21 44.56 -8.33
C MET J 402 30.66 44.44 -7.87
N GLU J 403 31.46 43.59 -8.53
CA GLU J 403 32.80 43.30 -8.02
C GLU J 403 33.82 44.39 -8.35
N ASP J 404 33.38 45.54 -8.86
CA ASP J 404 34.25 46.65 -9.21
C ASP J 404 33.94 47.86 -8.34
N GLU J 405 33.83 47.62 -7.03
CA GLU J 405 33.49 48.67 -6.08
C GLU J 405 34.55 49.77 -6.08
N LYS J 406 34.09 51.01 -6.03
CA LYS J 406 34.95 52.18 -5.95
C LYS J 406 34.95 52.73 -4.52
N LEU J 407 35.62 53.87 -4.33
CA LEU J 407 35.77 54.49 -3.02
C LEU J 407 34.80 55.66 -2.87
N LEU J 408 34.53 56.04 -1.63
CA LEU J 408 33.60 57.12 -1.35
C LEU J 408 34.06 58.44 -1.95
N GLY J 409 33.16 59.09 -2.67
CA GLY J 409 33.37 60.46 -3.11
C GLY J 409 34.53 60.70 -4.03
N VAL J 410 35.12 59.66 -4.61
CA VAL J 410 36.32 59.78 -5.43
C VAL J 410 36.08 59.08 -6.76
N ARG J 411 36.17 59.83 -7.86
CA ARG J 411 36.18 59.24 -9.18
C ARG J 411 37.61 58.93 -9.61
N GLU J 412 37.78 58.61 -10.89
CA GLU J 412 39.11 58.40 -11.48
C GLU J 412 39.16 59.24 -12.76
N ARG J 413 39.58 60.48 -12.62
CA ARG J 413 39.65 61.42 -13.73
C ARG J 413 41.09 61.69 -14.10
N THR J 414 41.38 61.62 -15.40
CA THR J 414 42.73 61.85 -15.90
C THR J 414 42.80 63.17 -16.66
N ALA J 422 38.59 64.13 -18.49
CA ALA J 422 39.06 62.85 -19.01
C ALA J 422 38.86 61.74 -17.98
N PHE J 423 37.80 60.95 -18.16
CA PHE J 423 37.48 59.86 -17.26
C PHE J 423 36.69 58.79 -18.02
N LYS J 424 36.69 57.58 -17.46
CA LYS J 424 36.27 56.40 -18.21
C LYS J 424 34.75 56.35 -18.41
N LYS J 425 34.35 56.14 -19.66
CA LYS J 425 32.97 55.83 -20.04
C LYS J 425 32.93 54.34 -20.30
N GLN J 426 31.85 53.67 -19.89
CA GLN J 426 31.80 52.22 -20.01
C GLN J 426 30.56 51.77 -20.78
N LYS J 427 30.65 50.58 -21.36
CA LYS J 427 29.59 50.05 -22.21
C LYS J 427 28.31 49.82 -21.41
N THR J 428 27.29 50.62 -21.72
CA THR J 428 25.94 50.43 -21.21
C THR J 428 25.05 50.04 -22.38
N HIS J 429 24.36 48.90 -22.26
CA HIS J 429 23.62 48.33 -23.38
C HIS J 429 22.12 48.26 -23.16
N THR J 430 21.66 48.22 -21.91
CA THR J 430 20.23 48.25 -21.63
C THR J 430 19.95 49.24 -20.51
N VAL J 431 18.73 49.78 -20.51
CA VAL J 431 18.22 50.59 -19.42
C VAL J 431 16.94 49.92 -18.93
N TYR J 432 16.94 49.46 -17.69
CA TYR J 432 15.83 48.69 -17.13
C TYR J 432 15.21 49.47 -15.99
N LYS J 433 14.08 50.10 -16.25
CA LYS J 433 13.31 50.79 -15.22
C LYS J 433 12.33 49.81 -14.59
N ARG J 434 12.45 49.60 -13.29
CA ARG J 434 11.67 48.63 -12.57
C ARG J 434 10.21 49.08 -12.48
N PRO J 435 9.27 48.16 -12.17
CA PRO J 435 7.85 48.52 -12.21
C PRO J 435 7.40 49.42 -11.07
N ASP J 436 8.35 49.98 -10.32
CA ASP J 436 8.02 50.98 -9.32
C ASP J 436 8.97 52.17 -9.33
N THR J 437 9.87 52.26 -10.31
CA THR J 437 10.83 53.35 -10.40
C THR J 437 10.23 54.54 -11.16
N GLN J 438 10.86 55.69 -10.98
CA GLN J 438 10.50 56.90 -11.69
C GLN J 438 11.71 57.40 -12.47
N SER J 439 11.45 57.99 -13.63
CA SER J 439 12.50 58.48 -14.52
C SER J 439 12.37 59.98 -14.68
N ILE J 440 13.46 60.71 -14.43
CA ILE J 440 13.50 62.16 -14.59
C ILE J 440 14.40 62.50 -15.77
N GLN J 441 13.88 63.31 -16.68
CA GLN J 441 14.67 63.78 -17.82
C GLN J 441 14.52 65.29 -17.93
N LYS J 442 15.61 65.95 -18.33
CA LYS J 442 15.62 67.41 -18.40
C LYS J 442 14.93 67.88 -19.67
N VAL J 443 13.91 68.72 -19.50
CA VAL J 443 13.15 69.29 -20.60
C VAL J 443 13.10 70.80 -20.42
N GLN J 444 13.12 71.53 -21.52
CA GLN J 444 13.01 72.98 -21.46
C GLN J 444 11.67 73.38 -20.83
N ALA J 445 11.74 74.34 -19.91
CA ALA J 445 10.56 74.80 -19.18
C ALA J 445 10.28 76.28 -19.37
N GLU J 446 11.31 77.10 -19.53
CA GLU J 446 11.14 78.54 -19.71
C GLU J 446 10.89 78.82 -21.19
N PHE J 447 9.65 78.60 -21.61
CA PHE J 447 9.26 78.81 -23.01
C PHE J 447 9.10 80.30 -23.26
N ASP J 448 9.95 80.85 -24.13
CA ASP J 448 10.00 82.29 -24.37
C ASP J 448 9.29 82.67 -25.68
N SER J 449 9.70 82.08 -26.79
CA SER J 449 9.20 82.46 -28.10
C SER J 449 8.13 81.47 -28.58
N PHE J 450 7.08 82.01 -29.18
CA PHE J 450 5.98 81.19 -29.70
C PHE J 450 5.57 81.66 -31.09
N LEU J 460 -10.50 73.91 -47.31
CA LEU J 460 -11.72 73.40 -47.92
C LEU J 460 -11.69 73.61 -49.44
N SER J 461 -12.40 72.76 -50.16
CA SER J 461 -12.46 72.80 -51.61
C SER J 461 -13.90 73.03 -52.07
N ILE J 462 -14.04 73.45 -53.32
CA ILE J 462 -15.39 73.69 -53.87
C ILE J 462 -16.26 72.44 -53.87
N PRO J 463 -15.81 71.28 -54.39
CA PRO J 463 -16.71 70.11 -54.35
C PRO J 463 -17.06 69.65 -52.95
N LEU J 464 -16.17 69.87 -51.97
CA LEU J 464 -16.49 69.52 -50.59
C LEU J 464 -17.68 70.33 -50.08
N ARG J 465 -17.80 71.59 -50.52
CA ARG J 465 -18.91 72.42 -50.07
C ARG J 465 -20.25 71.81 -50.48
N THR J 466 -20.34 71.32 -51.72
CA THR J 466 -21.54 70.60 -52.14
C THR J 466 -21.65 69.27 -51.40
N ARG J 467 -20.51 68.65 -51.09
CA ARG J 467 -20.52 67.37 -50.37
C ARG J 467 -21.03 67.54 -48.95
N ILE J 468 -21.05 68.77 -48.42
CA ILE J 468 -21.54 69.01 -47.07
C ILE J 468 -22.98 68.56 -46.89
N LYS J 469 -23.82 68.77 -47.91
CA LYS J 469 -25.23 68.39 -47.84
C LYS J 469 -25.38 66.89 -47.60
N PRO K 3 -15.76 56.39 11.40
CA PRO K 3 -15.20 55.58 10.30
C PRO K 3 -14.53 56.44 9.24
N VAL K 4 -13.20 56.32 9.13
CA VAL K 4 -12.46 57.08 8.13
C VAL K 4 -12.50 56.33 6.81
N TYR K 5 -12.47 57.08 5.71
CA TYR K 5 -12.54 56.54 4.37
C TYR K 5 -11.21 56.82 3.67
N VAL K 6 -10.64 55.78 3.06
CA VAL K 6 -9.28 55.86 2.52
C VAL K 6 -9.31 55.56 1.03
N ASP K 7 -8.51 56.32 0.28
CA ASP K 7 -8.48 56.22 -1.18
C ASP K 7 -7.90 54.88 -1.65
N ILE K 8 -6.94 54.32 -0.92
CA ILE K 8 -6.17 53.17 -1.37
C ILE K 8 -7.09 52.00 -1.71
N ASP K 9 -6.63 51.13 -2.62
CA ASP K 9 -7.42 49.99 -3.04
C ASP K 9 -7.66 49.03 -1.88
N ALA K 10 -8.79 48.33 -1.94
CA ALA K 10 -9.16 47.42 -0.85
C ALA K 10 -8.15 46.29 -0.70
N ASP K 11 -7.66 45.74 -1.82
CA ASP K 11 -6.76 44.60 -1.77
C ASP K 11 -5.32 44.99 -1.42
N SER K 12 -5.02 46.29 -1.36
CA SER K 12 -3.67 46.71 -1.05
C SER K 12 -3.30 46.36 0.40
N ALA K 13 -2.09 45.82 0.57
CA ALA K 13 -1.63 45.44 1.91
C ALA K 13 -1.41 46.65 2.81
N PHE K 14 -1.06 47.80 2.24
CA PHE K 14 -0.76 48.99 3.03
C PHE K 14 -1.90 49.39 3.94
N LEU K 15 -3.14 49.05 3.58
CA LEU K 15 -4.29 49.30 4.46
C LEU K 15 -4.03 48.75 5.86
N LYS K 16 -3.55 47.51 5.95
CA LYS K 16 -3.24 46.94 7.25
C LYS K 16 -2.26 47.82 8.01
N ALA K 17 -1.21 48.29 7.34
CA ALA K 17 -0.26 49.18 7.98
C ALA K 17 -0.96 50.43 8.52
N LEU K 18 -1.89 50.98 7.74
CA LEU K 18 -2.64 52.14 8.21
C LEU K 18 -3.41 51.80 9.49
N GLN K 19 -4.00 50.59 9.54
CA GLN K 19 -4.72 50.19 10.74
C GLN K 19 -3.79 50.13 11.94
N ARG K 20 -2.51 49.80 11.70
CA ARG K 20 -1.55 49.83 12.79
C ARG K 20 -1.12 51.26 13.11
N ALA K 21 -1.11 52.13 12.09
CA ALA K 21 -0.67 53.51 12.30
C ALA K 21 -1.75 54.32 13.02
N TYR K 22 -3.01 54.03 12.75
CA TYR K 22 -4.14 54.76 13.34
C TYR K 22 -5.13 53.76 13.93
N PRO K 23 -4.85 53.23 15.12
CA PRO K 23 -5.78 52.26 15.72
C PRO K 23 -7.06 52.90 16.25
N MET K 24 -7.08 54.21 16.51
CA MET K 24 -8.31 54.83 16.99
C MET K 24 -9.39 54.88 15.92
N PHE K 25 -9.01 54.92 14.65
CA PHE K 25 -9.93 55.16 13.55
C PHE K 25 -10.18 53.87 12.78
N GLU K 26 -11.44 53.64 12.42
CA GLU K 26 -11.80 52.50 11.59
C GLU K 26 -11.59 52.88 10.13
N VAL K 27 -10.68 52.18 9.46
CA VAL K 27 -10.27 52.52 8.10
C VAL K 27 -11.09 51.69 7.12
N GLU K 28 -11.73 52.36 6.16
CA GLU K 28 -12.54 51.68 5.17
C GLU K 28 -12.09 52.07 3.77
N PRO K 29 -11.72 51.12 2.93
CA PRO K 29 -11.19 51.44 1.60
C PRO K 29 -12.27 51.68 0.55
N ARG K 30 -12.00 52.67 -0.30
CA ARG K 30 -12.80 52.94 -1.48
C ARG K 30 -11.97 53.79 -2.44
N GLN K 31 -12.17 53.57 -3.73
CA GLN K 31 -11.39 54.25 -4.76
C GLN K 31 -12.26 55.26 -5.49
N VAL K 32 -11.75 56.49 -5.62
CA VAL K 32 -12.41 57.53 -6.40
C VAL K 32 -11.52 57.88 -7.59
N THR K 33 -10.21 57.74 -7.41
CA THR K 33 -9.23 58.04 -8.45
C THR K 33 -8.09 57.04 -8.38
N PRO K 34 -7.45 56.73 -9.52
CA PRO K 34 -6.29 55.83 -9.54
C PRO K 34 -4.96 56.57 -9.39
N ASN K 35 -4.80 57.29 -8.29
CA ASN K 35 -3.58 58.06 -8.07
C ASN K 35 -2.38 57.14 -7.97
N ASP K 36 -1.26 57.56 -8.57
CA ASP K 36 -0.04 56.77 -8.58
C ASP K 36 0.62 56.76 -7.20
N ALA K 38 -1.22 56.94 -3.74
CA ALA K 38 -2.45 56.90 -2.97
C ALA K 38 -2.14 56.74 -1.49
N ASN K 39 -0.99 56.12 -1.19
CA ASN K 39 -0.59 55.90 0.19
C ASN K 39 -0.29 57.22 0.88
N ALA K 40 0.40 58.14 0.20
CA ALA K 40 0.77 59.40 0.82
C ALA K 40 -0.45 60.24 1.15
N ARG K 41 -1.39 60.37 0.20
CA ARG K 41 -2.62 61.10 0.47
C ARG K 41 -3.45 60.42 1.54
N ALA K 42 -3.45 59.09 1.56
CA ALA K 42 -4.17 58.36 2.61
C ALA K 42 -3.60 58.71 3.98
N PHE K 43 -2.27 58.68 4.12
CA PHE K 43 -1.67 59.00 5.40
C PHE K 43 -1.92 60.45 5.78
N SER K 44 -1.88 61.35 4.81
CA SER K 44 -2.15 62.76 5.10
C SER K 44 -3.58 62.95 5.60
N HIS K 45 -4.55 62.29 4.95
CA HIS K 45 -5.94 62.39 5.38
C HIS K 45 -6.13 61.82 6.77
N LEU K 46 -5.51 60.67 7.05
CA LEU K 46 -5.64 60.08 8.37
C LEU K 46 -4.98 60.97 9.44
N ALA K 47 -3.84 61.56 9.11
CA ALA K 47 -3.20 62.48 10.05
C ALA K 47 -4.05 63.70 10.30
N ILE K 48 -4.71 64.23 9.26
CA ILE K 48 -5.58 65.37 9.45
C ILE K 48 -6.76 65.02 10.35
N LYS K 49 -7.33 63.82 10.16
CA LYS K 49 -8.44 63.39 11.01
C LYS K 49 -7.98 63.22 12.46
N LEU K 50 -6.79 62.66 12.66
CA LEU K 50 -6.24 62.55 14.02
C LEU K 50 -6.00 63.93 14.62
N ILE K 51 -5.58 64.89 13.78
CA ILE K 51 -5.40 66.26 14.24
C ILE K 51 -6.73 66.82 14.72
N GLU K 52 -7.78 66.61 13.94
CA GLU K 52 -9.11 67.08 14.32
C GLU K 52 -9.55 66.45 15.64
N GLN K 53 -9.30 65.15 15.81
CA GLN K 53 -9.71 64.48 17.02
C GLN K 53 -8.94 64.98 18.25
N GLU K 54 -7.63 65.18 18.11
CA GLU K 54 -6.80 65.45 19.29
C GLU K 54 -7.03 66.86 19.81
N ILE K 55 -7.02 67.87 18.93
CA ILE K 55 -7.00 69.25 19.39
C ILE K 55 -8.38 69.67 19.93
N ASP K 56 -8.37 70.76 20.69
CA ASP K 56 -9.59 71.27 21.30
C ASP K 56 -10.43 71.95 20.21
N PRO K 57 -11.73 71.63 20.12
CA PRO K 57 -12.57 72.29 19.10
C PRO K 57 -12.59 73.80 19.23
N ASP K 58 -12.55 74.33 20.45
CA ASP K 58 -12.56 75.78 20.67
C ASP K 58 -11.13 76.31 20.57
N SER K 59 -10.57 76.21 19.36
CA SER K 59 -9.22 76.66 19.11
C SER K 59 -9.11 77.17 17.68
N THR K 60 -8.15 78.06 17.46
CA THR K 60 -7.84 78.56 16.13
C THR K 60 -6.58 77.88 15.63
N ILE K 61 -6.68 77.24 14.47
CA ILE K 61 -5.63 76.38 13.95
C ILE K 61 -5.01 77.05 12.74
N LEU K 62 -3.73 77.41 12.85
CA LEU K 62 -2.99 77.92 11.71
C LEU K 62 -2.59 76.77 10.79
N ASP K 63 -2.66 77.02 9.48
CA ASP K 63 -2.28 76.04 8.48
C ASP K 63 -1.27 76.71 7.56
N ILE K 64 0.01 76.50 7.84
CA ILE K 64 1.09 77.13 7.10
C ILE K 64 1.35 76.33 5.84
N GLY K 65 1.52 77.03 4.72
CA GLY K 65 1.62 76.36 3.43
C GLY K 65 0.36 75.61 3.09
N SER K 66 -0.79 76.23 3.34
CA SER K 66 -2.06 75.52 3.29
C SER K 66 -2.50 75.23 1.86
N ALA K 67 -3.28 74.17 1.72
CA ALA K 67 -4.08 73.92 0.54
C ALA K 67 -5.53 74.20 0.91
N PRO K 68 -6.00 75.43 0.73
CA PRO K 68 -7.29 75.83 1.32
C PRO K 68 -8.47 74.97 0.89
N ALA K 69 -8.45 74.42 -0.32
CA ALA K 69 -9.57 73.62 -0.79
C ALA K 69 -9.77 72.39 0.07
N ARG K 70 -8.67 71.71 0.43
CA ARG K 70 -8.77 70.48 1.21
C ARG K 70 -9.35 70.74 2.58
N ARG K 71 -8.78 71.68 3.32
CA ARG K 71 -9.20 71.97 4.69
C ARG K 71 -10.10 73.20 4.73
N MET K 72 -11.27 73.05 4.09
CA MET K 72 -12.30 74.07 4.15
C MET K 72 -13.60 73.42 4.63
N MET K 73 -13.79 72.15 4.29
CA MET K 73 -14.96 71.40 4.73
C MET K 73 -14.89 71.00 6.19
N SER K 74 -13.76 71.23 6.86
CA SER K 74 -13.62 70.88 8.26
C SER K 74 -14.55 71.72 9.13
N ASP K 75 -15.02 71.12 10.22
CA ASP K 75 -15.89 71.83 11.14
C ASP K 75 -15.15 72.84 12.00
N ARG K 76 -13.83 72.73 12.10
CA ARG K 76 -13.04 73.64 12.91
C ARG K 76 -12.78 74.94 12.15
N LYS K 77 -12.29 75.94 12.89
CA LYS K 77 -12.01 77.26 12.33
C LYS K 77 -10.52 77.34 11.99
N TYR K 78 -10.21 76.97 10.75
CA TYR K 78 -8.84 77.02 10.27
C TYR K 78 -8.48 78.42 9.79
N HIS K 79 -7.17 78.68 9.69
CA HIS K 79 -6.65 79.87 9.04
C HIS K 79 -5.56 79.44 8.07
N CYS K 80 -5.86 79.53 6.78
CA CYS K 80 -4.94 79.11 5.73
C CYS K 80 -3.92 80.22 5.47
N VAL K 81 -2.66 79.85 5.39
CA VAL K 81 -1.56 80.77 5.09
C VAL K 81 -0.86 80.21 3.86
N CYS K 82 -1.22 80.71 2.69
CA CYS K 82 -0.73 80.18 1.42
C CYS K 82 -0.17 81.32 0.56
N PRO K 83 1.07 81.70 0.81
CA PRO K 83 1.71 82.71 -0.05
C PRO K 83 2.01 82.15 -1.43
N MET K 84 2.16 83.07 -2.39
CA MET K 84 2.47 82.69 -3.77
C MET K 84 3.97 82.43 -3.92
N ARG K 85 4.40 81.32 -3.34
CA ARG K 85 5.81 80.94 -3.33
C ARG K 85 6.08 79.65 -4.09
N SER K 86 5.09 79.07 -4.75
CA SER K 86 5.27 77.87 -5.55
C SER K 86 4.38 77.94 -6.78
N ALA K 87 4.80 77.23 -7.83
CA ALA K 87 4.02 77.20 -9.06
C ALA K 87 2.70 76.46 -8.89
N GLU K 88 2.58 75.63 -7.85
CA GLU K 88 1.34 74.91 -7.57
C GLU K 88 0.28 75.82 -6.94
N ASP K 89 0.70 76.91 -6.31
CA ASP K 89 -0.24 77.77 -5.58
C ASP K 89 -1.41 78.28 -6.42
N PRO K 90 -1.21 78.76 -7.67
CA PRO K 90 -2.38 79.21 -8.44
C PRO K 90 -3.40 78.12 -8.67
N GLU K 91 -2.96 76.87 -8.88
CA GLU K 91 -3.91 75.78 -9.07
C GLU K 91 -4.74 75.56 -7.82
N ARG K 92 -4.11 75.63 -6.65
CA ARG K 92 -4.85 75.46 -5.40
C ARG K 92 -5.79 76.63 -5.16
N LEU K 93 -5.39 77.84 -5.53
CA LEU K 93 -6.31 78.98 -5.43
C LEU K 93 -7.52 78.80 -6.34
N ALA K 94 -7.29 78.32 -7.56
CA ALA K 94 -8.40 78.06 -8.47
C ALA K 94 -9.32 76.98 -7.92
N ASN K 95 -8.73 75.91 -7.36
CA ASN K 95 -9.54 74.85 -6.78
C ASN K 95 -10.36 75.37 -5.60
N TYR K 96 -9.76 76.24 -4.78
CA TYR K 96 -10.48 76.86 -3.68
C TYR K 96 -11.64 77.68 -4.21
N ALA K 97 -11.42 78.44 -5.28
CA ALA K 97 -12.47 79.27 -5.84
C ALA K 97 -13.63 78.42 -6.36
N ARG K 98 -13.32 77.35 -7.09
CA ARG K 98 -14.39 76.48 -7.60
C ARG K 98 -15.14 75.79 -6.46
N LYS K 99 -14.41 75.31 -5.45
CA LYS K 99 -15.07 74.64 -4.34
C LYS K 99 -15.95 75.61 -3.55
N LEU K 100 -15.51 76.87 -3.43
CA LEU K 100 -16.34 77.87 -2.77
C LEU K 100 -17.59 78.17 -3.58
N ALA K 101 -17.42 78.45 -4.88
CA ALA K 101 -18.58 78.66 -5.74
C ALA K 101 -19.00 77.35 -6.40
N SER K 102 -19.07 76.31 -5.59
CA SER K 102 -19.76 75.08 -5.93
C SER K 102 -20.50 74.48 -4.73
N ALA K 103 -20.40 75.09 -3.55
CA ALA K 103 -21.16 74.66 -2.37
C ALA K 103 -21.62 75.86 -1.54
N ALA K 104 -21.66 77.05 -2.13
CA ALA K 104 -21.94 78.26 -1.34
C ALA K 104 -23.35 78.23 -0.75
N GLY K 105 -24.32 77.77 -1.52
CA GLY K 105 -25.70 77.83 -1.08
C GLY K 105 -26.38 76.50 -0.84
N LYS K 106 -25.60 75.42 -0.77
CA LYS K 106 -26.16 74.08 -0.54
C LYS K 106 -25.60 73.37 0.67
N VAL K 107 -24.62 73.94 1.37
CA VAL K 107 -24.20 73.46 2.69
C VAL K 107 -24.26 74.64 3.65
N LEU K 108 -24.87 74.42 4.82
CA LEU K 108 -25.16 75.49 5.76
C LEU K 108 -24.19 75.52 6.93
N ASP K 109 -24.02 74.39 7.61
CA ASP K 109 -23.22 74.36 8.84
C ASP K 109 -21.73 74.27 8.55
N ARG K 110 -21.22 75.13 7.67
CA ARG K 110 -19.79 75.18 7.43
C ARG K 110 -19.29 76.61 7.30
N ASN K 111 -20.17 77.60 7.47
CA ASN K 111 -19.82 79.02 7.42
C ASN K 111 -19.14 79.33 6.08
N ILE K 112 -19.70 78.80 5.00
CA ILE K 112 -19.10 78.96 3.68
C ILE K 112 -19.14 80.42 3.23
N SER K 113 -20.26 81.11 3.51
CA SER K 113 -20.33 82.54 3.21
C SER K 113 -19.22 83.31 3.90
N GLY K 114 -18.74 82.80 5.03
CA GLY K 114 -17.58 83.40 5.66
C GLY K 114 -16.37 83.45 4.73
N LYS K 115 -15.90 82.29 4.29
CA LYS K 115 -14.74 82.27 3.39
C LYS K 115 -15.06 82.98 2.07
N ILE K 116 -16.33 83.01 1.67
CA ILE K 116 -16.69 83.79 0.48
C ILE K 116 -16.37 85.26 0.72
N GLY K 117 -16.81 85.80 1.86
CA GLY K 117 -16.53 87.18 2.18
C GLY K 117 -15.04 87.46 2.34
N ASP K 118 -14.32 86.55 2.98
CA ASP K 118 -12.88 86.75 3.15
C ASP K 118 -12.15 86.67 1.80
N LEU K 119 -12.62 85.82 0.89
CA LEU K 119 -12.04 85.77 -0.45
C LEU K 119 -12.24 87.09 -1.17
N GLN K 120 -13.46 87.65 -1.10
CA GLN K 120 -13.68 88.96 -1.70
C GLN K 120 -12.80 90.02 -1.05
N ALA K 121 -12.63 89.95 0.27
CA ALA K 121 -11.82 90.94 0.98
C ALA K 121 -10.37 90.88 0.54
N VAL K 122 -9.79 89.67 0.47
CA VAL K 122 -8.38 89.56 0.10
C VAL K 122 -8.19 89.92 -1.37
N MET K 123 -9.17 89.59 -2.21
CA MET K 123 -9.10 90.00 -3.62
C MET K 123 -9.11 91.52 -3.74
N ALA K 124 -9.93 92.19 -2.92
CA ALA K 124 -9.95 93.65 -2.93
C ALA K 124 -8.64 94.23 -2.40
N VAL K 125 -8.31 93.92 -1.14
CA VAL K 125 -7.11 94.40 -0.51
C VAL K 125 -6.16 93.21 -0.33
N PRO K 126 -5.04 93.16 -1.05
CA PRO K 126 -4.12 92.01 -0.91
C PRO K 126 -3.46 91.93 0.46
N ASP K 127 -3.45 93.01 1.24
CA ASP K 127 -2.74 93.06 2.52
C ASP K 127 -3.68 92.96 3.71
N THR K 128 -4.89 92.43 3.51
CA THR K 128 -5.87 92.30 4.58
C THR K 128 -5.77 90.91 5.20
N GLU K 129 -5.65 90.86 6.52
CA GLU K 129 -5.54 89.60 7.25
C GLU K 129 -6.94 89.11 7.58
N THR K 130 -7.51 88.31 6.69
CA THR K 130 -8.82 87.74 6.91
C THR K 130 -8.74 86.61 7.92
N PRO K 131 -9.82 86.34 8.66
CA PRO K 131 -9.78 85.30 9.70
C PRO K 131 -9.66 83.88 9.18
N THR K 132 -9.66 83.67 7.85
CA THR K 132 -9.53 82.31 7.33
C THR K 132 -8.62 82.22 6.11
N PHE K 133 -7.99 83.31 5.68
CA PHE K 133 -7.20 83.29 4.46
C PHE K 133 -6.28 84.51 4.48
N CYS K 134 -4.99 84.29 4.36
CA CYS K 134 -4.02 85.37 4.26
C CYS K 134 -2.97 85.02 3.21
N LEU K 135 -2.52 86.04 2.49
CA LEU K 135 -1.47 85.89 1.50
C LEU K 135 -0.07 86.03 2.07
N HIS K 136 0.05 86.38 3.34
CA HIS K 136 1.35 86.58 3.94
C HIS K 136 2.08 85.25 4.15
N THR K 137 3.35 85.34 4.49
CA THR K 137 4.14 84.16 4.80
C THR K 137 4.06 83.86 6.30
N ASP K 138 4.65 82.73 6.69
CA ASP K 138 4.70 82.38 8.11
C ASP K 138 5.53 83.38 8.90
N VAL K 139 6.51 84.01 8.26
CA VAL K 139 7.35 84.99 8.93
C VAL K 139 6.52 86.21 9.34
N SER K 140 5.60 86.63 8.47
CA SER K 140 4.87 87.88 8.65
C SER K 140 3.37 87.65 8.64
N CYS K 141 2.91 86.63 9.36
CA CYS K 141 1.49 86.45 9.59
C CYS K 141 1.06 87.25 10.81
N ARG K 142 -0.25 87.52 10.92
CA ARG K 142 -0.73 88.47 11.91
C ARG K 142 -1.65 87.88 12.96
N GLN K 143 -2.70 87.16 12.56
CA GLN K 143 -3.73 86.79 13.52
C GLN K 143 -3.20 85.79 14.54
N ARG K 144 -3.50 86.05 15.82
CA ARG K 144 -3.09 85.18 16.90
C ARG K 144 -3.88 83.88 16.86
N ALA K 145 -3.21 82.78 17.20
CA ALA K 145 -3.85 81.48 17.25
C ALA K 145 -3.21 80.67 18.37
N ASP K 146 -3.55 79.38 18.44
CA ASP K 146 -3.05 78.54 19.51
C ASP K 146 -2.54 77.19 19.02
N VAL K 147 -2.92 76.79 17.81
CA VAL K 147 -2.47 75.53 17.22
C VAL K 147 -2.04 75.78 15.79
N ALA K 148 -0.93 75.15 15.39
CA ALA K 148 -0.42 75.24 14.04
C ALA K 148 -0.35 73.86 13.42
N ILE K 149 -0.66 73.78 12.13
CA ILE K 149 -0.63 72.52 11.39
C ILE K 149 0.23 72.71 10.15
N TYR K 150 1.19 71.81 9.96
CA TYR K 150 2.08 71.84 8.80
C TYR K 150 1.74 70.64 7.91
N GLN K 151 0.96 70.89 6.86
CA GLN K 151 0.56 69.84 5.94
C GLN K 151 1.69 69.62 4.94
N ASP K 152 2.64 68.76 5.32
CA ASP K 152 3.74 68.34 4.44
C ASP K 152 4.47 69.53 3.84
N VAL K 153 4.72 70.54 4.65
CA VAL K 153 5.52 71.68 4.24
C VAL K 153 6.99 71.32 4.40
N TYR K 154 7.76 71.46 3.32
CA TYR K 154 9.12 70.95 3.29
C TYR K 154 10.18 72.02 3.03
N ALA K 155 9.81 73.18 2.50
CA ALA K 155 10.75 74.25 2.20
C ALA K 155 10.50 75.40 3.18
N VAL K 156 11.07 75.26 4.38
CA VAL K 156 10.99 76.28 5.42
C VAL K 156 12.01 75.92 6.50
N HIS K 157 12.54 76.93 7.17
CA HIS K 157 13.46 76.69 8.28
C HIS K 157 12.64 76.47 9.55
N ALA K 158 12.82 75.30 10.18
CA ALA K 158 12.02 74.96 11.35
C ALA K 158 12.19 75.93 12.51
N PRO K 159 13.40 76.30 12.94
CA PRO K 159 13.49 77.18 14.13
C PRO K 159 12.87 78.55 13.91
N THR K 160 13.16 79.19 12.78
CA THR K 160 12.64 80.53 12.53
C THR K 160 11.11 80.52 12.45
N SER K 161 10.54 79.56 11.73
CA SER K 161 9.09 79.47 11.62
C SER K 161 8.45 79.18 12.97
N LEU K 162 9.04 78.26 13.73
CA LEU K 162 8.48 77.92 15.03
C LEU K 162 8.50 79.12 15.96
N TYR K 163 9.60 79.89 15.95
CA TYR K 163 9.67 81.09 16.79
C TYR K 163 8.65 82.12 16.33
N HIS K 164 8.61 82.41 15.03
CA HIS K 164 7.71 83.44 14.52
C HIS K 164 6.24 83.08 14.70
N GLN K 165 5.92 81.80 14.87
CA GLN K 165 4.56 81.44 15.24
C GLN K 165 4.35 81.39 16.75
N ALA K 166 5.38 81.05 17.53
CA ALA K 166 5.28 81.07 18.97
C ALA K 166 5.08 82.48 19.51
N ILE K 167 5.58 83.49 18.78
CA ILE K 167 5.29 84.87 19.15
C ILE K 167 3.79 85.12 19.07
N LYS K 168 3.15 84.62 18.01
CA LYS K 168 1.71 84.80 17.83
C LYS K 168 0.89 84.08 18.89
N GLY K 169 1.46 83.10 19.59
CA GLY K 169 0.81 82.47 20.71
C GLY K 169 0.34 81.04 20.52
N VAL K 170 0.95 80.29 19.60
CA VAL K 170 0.54 78.91 19.38
C VAL K 170 0.92 78.09 20.60
N ARG K 171 0.00 77.24 21.07
CA ARG K 171 0.31 76.34 22.16
C ARG K 171 1.12 75.14 21.68
N LEU K 172 0.82 74.63 20.49
CA LEU K 172 1.35 73.36 20.04
C LEU K 172 1.16 73.23 18.54
N ALA K 173 2.18 72.73 17.84
CA ALA K 173 2.16 72.60 16.40
C ALA K 173 2.51 71.18 16.00
N TYR K 174 1.72 70.61 15.09
CA TYR K 174 2.00 69.30 14.55
C TYR K 174 2.60 69.42 13.16
N TRP K 175 3.34 68.39 12.75
CA TRP K 175 4.02 68.37 11.46
C TRP K 175 3.93 66.96 10.91
N VAL K 176 3.17 66.78 9.83
CA VAL K 176 3.06 65.49 9.15
C VAL K 176 3.94 65.54 7.91
N GLY K 177 4.75 64.51 7.73
CA GLY K 177 5.63 64.50 6.58
C GLY K 177 6.47 63.25 6.49
N PHE K 178 7.53 63.34 5.69
CA PHE K 178 8.48 62.25 5.55
C PHE K 178 9.45 62.22 6.72
N ASP K 179 10.08 61.07 6.91
CA ASP K 179 11.10 60.96 7.94
C ASP K 179 12.37 61.67 7.48
N THR K 180 12.86 62.58 8.32
CA THR K 180 14.09 63.30 8.03
C THR K 180 15.34 62.54 8.45
N THR K 181 15.17 61.35 9.02
CA THR K 181 16.32 60.55 9.46
C THR K 181 17.27 60.18 8.34
N PRO K 182 16.82 59.70 7.18
CA PRO K 182 17.78 59.40 6.10
C PRO K 182 18.59 60.60 5.65
N PHE K 183 18.03 61.81 5.77
CA PHE K 183 18.75 63.00 5.33
C PHE K 183 19.84 63.40 6.32
N MET K 184 19.62 63.20 7.62
CA MET K 184 20.67 63.48 8.59
C MET K 184 21.80 62.48 8.52
N TYR K 185 21.61 61.36 7.82
CA TYR K 185 22.64 60.37 7.57
C TYR K 185 23.51 60.70 6.38
N ASN K 186 23.21 61.78 5.66
CA ASN K 186 23.95 62.19 4.46
C ASN K 186 23.94 61.10 3.39
N ALA K 187 22.75 60.81 2.90
CA ALA K 187 22.54 59.82 1.84
C ALA K 187 22.30 60.50 0.50
N MET K 188 22.56 59.76 -0.57
CA MET K 188 22.41 60.28 -1.93
C MET K 188 21.00 60.08 -2.45
N ALA K 189 20.51 58.84 -2.42
CA ALA K 189 19.19 58.50 -2.93
C ALA K 189 18.36 57.84 -1.84
N GLY K 190 17.03 57.91 -1.99
CA GLY K 190 16.12 57.37 -1.02
C GLY K 190 15.18 56.34 -1.62
N ALA K 191 14.46 55.65 -0.74
CA ALA K 191 13.57 54.57 -1.15
C ALA K 191 12.11 54.85 -0.86
N TYR K 192 11.75 55.05 0.42
CA TYR K 192 10.36 55.08 0.88
C TYR K 192 9.49 54.10 0.10
N PRO K 193 9.77 52.79 0.17
CA PRO K 193 9.13 51.85 -0.77
C PRO K 193 7.61 51.84 -0.75
N SER K 194 7.00 51.91 0.43
CA SER K 194 5.55 51.71 0.51
C SER K 194 4.79 52.85 -0.16
N TYR K 195 5.24 54.08 0.04
CA TYR K 195 4.57 55.24 -0.50
C TYR K 195 4.98 55.54 -1.94
N SER K 196 5.89 54.75 -2.50
CA SER K 196 6.36 54.91 -3.88
C SER K 196 6.90 56.32 -4.13
N THR K 197 7.62 56.86 -3.14
CA THR K 197 8.28 58.15 -3.27
C THR K 197 9.78 57.94 -3.22
N ASN K 198 10.47 58.37 -4.26
CA ASN K 198 11.92 58.22 -4.36
C ASN K 198 12.56 59.59 -4.48
N TRP K 199 13.61 59.83 -3.70
CA TRP K 199 14.33 61.08 -3.80
C TRP K 199 15.78 60.83 -4.21
N ALA K 200 16.34 61.80 -4.92
CA ALA K 200 17.70 61.68 -5.42
C ALA K 200 18.36 63.05 -5.45
N ASP K 201 19.67 63.04 -5.28
CA ASP K 201 20.46 64.26 -5.38
C ASP K 201 20.62 64.64 -6.84
N GLU K 202 20.88 65.94 -7.08
CA GLU K 202 20.99 66.43 -8.45
C GLU K 202 22.14 65.76 -9.21
N GLN K 203 23.28 65.56 -8.55
CA GLN K 203 24.45 65.02 -9.23
C GLN K 203 24.31 63.55 -9.58
N VAL K 204 23.54 62.78 -8.80
CA VAL K 204 23.38 61.36 -9.04
C VAL K 204 22.11 61.06 -9.83
N LEU K 205 21.57 62.07 -10.51
CA LEU K 205 20.32 61.89 -11.24
C LEU K 205 20.48 60.94 -12.43
N LYS K 206 21.59 61.06 -13.15
CA LYS K 206 21.81 60.24 -14.34
C LYS K 206 22.47 58.92 -14.00
N ALA K 207 21.92 58.21 -13.03
CA ALA K 207 22.41 56.90 -12.63
C ALA K 207 21.64 55.82 -13.39
N LYS K 208 21.80 54.56 -12.98
CA LYS K 208 21.17 53.46 -13.69
C LYS K 208 20.36 52.56 -12.76
N ASN K 209 20.82 52.36 -11.53
CA ASN K 209 20.26 51.35 -10.64
C ASN K 209 19.82 51.96 -9.32
N ILE K 210 19.08 53.06 -9.38
CA ILE K 210 18.38 53.60 -8.22
C ILE K 210 16.92 53.83 -8.62
N GLY K 211 16.09 54.10 -7.61
CA GLY K 211 14.67 54.29 -7.87
C GLY K 211 14.38 55.54 -8.67
N LEU K 212 15.31 56.48 -8.68
CA LEU K 212 15.15 57.77 -9.35
C LEU K 212 16.37 58.03 -10.23
N CYS K 213 16.30 57.60 -11.49
CA CYS K 213 17.41 57.79 -12.41
C CYS K 213 16.91 57.68 -13.85
N SER K 214 17.70 58.23 -14.76
CA SER K 214 17.42 58.12 -16.19
C SER K 214 18.72 58.39 -16.94
N THR K 215 19.26 57.37 -17.60
CA THR K 215 20.50 57.47 -18.35
C THR K 215 20.21 57.24 -19.83
N ASP K 216 21.15 57.70 -20.66
CA ASP K 216 21.06 57.57 -22.11
C ASP K 216 21.93 56.39 -22.52
N LEU K 217 21.44 55.62 -23.49
CA LEU K 217 22.09 54.37 -23.83
C LEU K 217 23.35 54.65 -24.66
N THR K 218 24.52 54.42 -24.06
CA THR K 218 25.77 54.82 -24.69
C THR K 218 26.81 53.72 -24.53
N GLU K 219 27.79 53.74 -25.44
CA GLU K 219 28.89 52.79 -25.42
C GLU K 219 30.03 53.32 -24.55
N GLY K 220 31.09 52.53 -24.44
CA GLY K 220 32.22 52.86 -23.58
C GLY K 220 33.37 53.58 -24.24
N ARG K 221 33.09 54.69 -24.93
CA ARG K 221 34.12 55.52 -25.52
C ARG K 221 34.59 56.52 -24.46
N ARG K 222 35.81 56.33 -23.96
CA ARG K 222 36.29 57.01 -22.76
C ARG K 222 37.14 58.24 -23.12
N GLY K 223 36.50 59.22 -23.75
CA GLY K 223 37.16 60.47 -24.04
C GLY K 223 36.28 61.69 -23.87
N LYS K 224 35.29 61.63 -22.98
CA LYS K 224 34.30 62.70 -22.88
C LYS K 224 34.90 63.99 -22.35
N LEU K 225 36.07 63.89 -21.70
CA LEU K 225 36.96 65.02 -21.44
C LEU K 225 36.21 66.21 -20.82
N SER K 226 35.71 66.00 -19.60
CA SER K 226 34.97 67.06 -18.92
C SER K 226 35.90 68.20 -18.55
N ILE K 227 35.48 69.43 -18.87
CA ILE K 227 36.29 70.60 -18.52
C ILE K 227 36.31 70.81 -17.01
N MET K 228 35.21 70.51 -16.33
CA MET K 228 35.08 70.71 -14.90
C MET K 228 35.38 69.39 -14.19
N ARG K 229 36.26 69.43 -13.19
CA ARG K 229 36.64 68.27 -12.41
C ARG K 229 36.43 68.59 -10.94
N GLY K 230 35.65 67.77 -10.25
CA GLY K 230 35.32 68.03 -8.85
C GLY K 230 36.16 67.24 -7.87
N LYS K 231 36.32 65.94 -8.12
CA LYS K 231 37.09 65.02 -7.28
C LYS K 231 36.55 64.93 -5.86
N LYS K 232 35.30 65.34 -5.63
CA LYS K 232 34.66 65.19 -4.33
C LYS K 232 33.16 65.01 -4.54
N LEU K 233 32.70 63.76 -4.46
CA LEU K 233 31.28 63.45 -4.63
C LEU K 233 30.60 63.55 -3.27
N GLU K 234 30.14 64.76 -2.96
CA GLU K 234 29.47 65.04 -1.71
C GLU K 234 28.06 65.57 -1.96
N PRO K 235 27.13 65.31 -1.05
CA PRO K 235 25.76 65.80 -1.24
C PRO K 235 25.70 67.32 -1.25
N CYS K 236 24.76 67.86 -2.01
CA CYS K 236 24.53 69.29 -2.10
C CYS K 236 23.12 69.62 -1.62
N ASP K 237 22.79 70.92 -1.68
CA ASP K 237 21.55 71.40 -1.07
C ASP K 237 20.33 70.89 -1.81
N ARG K 238 20.35 70.90 -3.14
CA ARG K 238 19.16 70.60 -3.93
C ARG K 238 18.96 69.10 -4.02
N VAL K 239 17.76 68.63 -3.66
CA VAL K 239 17.40 67.23 -3.77
C VAL K 239 15.98 67.15 -4.33
N LEU K 240 15.75 66.23 -5.27
CA LEU K 240 14.47 66.12 -5.93
C LEU K 240 13.72 64.89 -5.42
N PHE K 241 12.50 65.11 -4.94
CA PHE K 241 11.57 64.04 -4.58
C PHE K 241 10.66 63.74 -5.75
N SER K 242 10.25 62.48 -5.85
CA SER K 242 9.25 62.04 -6.83
C SER K 242 8.23 61.22 -6.04
N VAL K 243 7.06 61.80 -5.85
CA VAL K 243 5.93 61.14 -5.21
C VAL K 243 4.95 60.75 -6.30
N GLY K 244 4.80 59.45 -6.51
CA GLY K 244 3.99 58.99 -7.63
C GLY K 244 4.56 59.48 -8.94
N SER K 245 3.87 60.43 -9.57
CA SER K 245 4.33 61.03 -10.82
C SER K 245 4.64 62.51 -10.68
N THR K 246 4.75 63.03 -9.46
CA THR K 246 4.97 64.45 -9.23
C THR K 246 6.36 64.69 -8.65
N LEU K 247 7.07 65.68 -9.20
CA LEU K 247 8.42 66.02 -8.78
C LEU K 247 8.38 67.29 -7.94
N TYR K 248 9.13 67.28 -6.84
CA TYR K 248 9.21 68.44 -5.94
C TYR K 248 10.66 68.66 -5.52
N PRO K 249 11.17 69.89 -5.63
CA PRO K 249 12.53 70.16 -5.16
C PRO K 249 12.57 70.64 -3.72
N GLU K 250 13.47 70.05 -2.94
CA GLU K 250 13.70 70.43 -1.55
C GLU K 250 15.16 70.86 -1.38
N SER K 251 15.38 71.65 -0.34
CA SER K 251 16.72 72.08 0.05
C SER K 251 17.23 71.18 1.17
N ARG K 252 18.48 70.76 1.08
CA ARG K 252 19.03 69.82 2.05
C ARG K 252 19.08 70.42 3.45
N LYS K 253 19.49 71.69 3.55
CA LYS K 253 19.59 72.32 4.86
C LYS K 253 18.22 72.49 5.50
N LEU K 254 17.25 73.01 4.73
CA LEU K 254 15.91 73.22 5.26
C LEU K 254 15.26 71.90 5.65
N LEU K 255 15.48 70.86 4.85
CA LEU K 255 14.90 69.56 5.16
C LEU K 255 15.56 68.93 6.38
N LYS K 256 16.88 69.03 6.48
CA LYS K 256 17.60 68.47 7.63
C LYS K 256 17.29 69.25 8.91
N SER K 257 16.86 70.49 8.78
CA SER K 257 16.54 71.30 9.95
C SER K 257 15.33 70.79 10.71
N TRP K 258 14.56 69.85 10.15
CA TRP K 258 13.37 69.35 10.82
C TRP K 258 13.62 68.11 11.67
N HIS K 259 14.85 67.63 11.77
CA HIS K 259 15.18 66.56 12.72
C HIS K 259 15.47 67.19 14.08
N LEU K 260 14.43 67.79 14.64
CA LEU K 260 14.56 68.55 15.87
C LEU K 260 14.86 67.63 17.06
N PRO K 261 15.60 68.13 18.05
CA PRO K 261 15.89 67.31 19.23
C PRO K 261 14.64 67.07 20.06
N SER K 262 14.79 66.20 21.06
CA SER K 262 13.66 65.88 21.93
C SER K 262 13.17 67.12 22.68
N VAL K 263 14.10 67.90 23.22
CA VAL K 263 13.80 69.18 23.86
C VAL K 263 14.78 70.21 23.32
N PHE K 264 14.30 71.44 23.16
CA PHE K 264 15.19 72.52 22.73
C PHE K 264 14.63 73.86 23.17
N HIS K 265 15.48 74.89 23.04
CA HIS K 265 15.15 76.24 23.48
C HIS K 265 15.34 77.21 22.32
N LEU K 266 14.50 78.26 22.31
CA LEU K 266 14.60 79.33 21.32
C LEU K 266 14.69 80.65 22.09
N LYS K 267 15.90 81.18 22.22
CA LYS K 267 16.14 82.39 22.98
C LYS K 267 16.28 83.58 22.02
N GLY K 268 15.40 84.56 22.17
CA GLY K 268 15.48 85.79 21.40
C GLY K 268 14.98 86.94 22.24
N LYS K 269 14.13 87.77 21.66
CA LYS K 269 13.42 88.76 22.46
C LYS K 269 12.53 88.08 23.49
N LEU K 270 11.82 87.02 23.08
CA LEU K 270 11.08 86.15 23.97
C LEU K 270 11.62 84.74 23.82
N SER K 271 11.99 84.12 24.94
CA SER K 271 12.61 82.81 24.93
C SER K 271 11.57 81.74 25.25
N PHE K 272 11.46 80.74 24.38
CA PHE K 272 10.52 79.64 24.56
C PHE K 272 11.27 78.32 24.70
N THR K 273 10.59 77.33 25.24
CA THR K 273 11.09 75.96 25.31
C THR K 273 10.10 75.04 24.61
N CYS K 274 10.62 73.96 24.03
CA CYS K 274 9.79 73.08 23.23
C CYS K 274 10.23 71.64 23.41
N ARG K 275 9.26 70.73 23.29
CA ARG K 275 9.49 69.30 23.32
C ARG K 275 8.90 68.71 22.04
N CYS K 276 9.70 67.90 21.34
CA CYS K 276 9.28 67.31 20.07
C CYS K 276 9.29 65.79 20.20
N ASP K 277 8.17 65.16 19.82
CA ASP K 277 8.05 63.72 19.87
C ASP K 277 7.27 63.24 18.65
N THR K 278 7.54 62.00 18.25
CA THR K 278 6.87 61.38 17.11
C THR K 278 5.66 60.62 17.65
N VAL K 279 4.46 61.10 17.32
CA VAL K 279 3.25 60.48 17.83
C VAL K 279 2.76 59.36 16.93
N VAL K 280 2.98 59.45 15.62
CA VAL K 280 2.55 58.43 14.68
C VAL K 280 3.66 58.23 13.65
N SER K 281 3.98 56.97 13.38
CA SER K 281 5.01 56.64 12.40
C SER K 281 4.58 55.41 11.62
N CYS K 282 4.75 55.45 10.30
CA CYS K 282 4.36 54.34 9.44
C CYS K 282 5.21 54.36 8.19
N GLU K 283 6.11 53.38 8.08
CA GLU K 283 6.89 53.11 6.87
C GLU K 283 7.54 54.36 6.28
N GLY K 284 7.89 55.32 7.12
CA GLY K 284 8.54 56.52 6.64
C GLY K 284 7.79 57.80 6.97
N TYR K 285 6.47 57.77 6.87
CA TYR K 285 5.68 58.95 7.23
C TYR K 285 5.63 59.10 8.74
N VAL K 286 5.94 60.31 9.21
CA VAL K 286 5.99 60.62 10.63
C VAL K 286 5.11 61.83 10.92
N VAL K 287 4.62 61.90 12.15
CA VAL K 287 3.84 63.04 12.64
C VAL K 287 4.50 63.51 13.93
N LYS K 288 5.18 64.65 13.87
CA LYS K 288 5.85 65.24 15.01
C LYS K 288 4.93 66.21 15.73
N ARG K 289 5.13 66.34 17.03
CA ARG K 289 4.26 67.12 17.93
C ARG K 289 5.12 68.06 18.76
N ILE K 290 5.36 69.26 18.26
CA ILE K 290 6.22 70.23 18.93
C ILE K 290 5.34 71.13 19.80
N THR K 291 5.47 71.00 21.11
CA THR K 291 4.63 71.74 22.06
C THR K 291 5.35 73.01 22.50
N MET K 292 4.73 74.15 22.22
CA MET K 292 5.28 75.44 22.64
C MET K 292 5.19 75.60 24.15
N SER K 293 6.10 76.40 24.69
CA SER K 293 6.05 76.71 26.12
C SER K 293 6.83 77.99 26.41
N PRO K 294 6.21 78.98 27.04
CA PRO K 294 6.94 80.21 27.35
C PRO K 294 7.98 80.00 28.43
N GLY K 295 8.99 80.86 28.43
CA GLY K 295 10.06 80.82 29.40
C GLY K 295 11.25 80.00 28.92
N LEU K 296 12.23 79.88 29.81
CA LEU K 296 13.46 79.12 29.57
C LEU K 296 13.66 78.18 30.74
N TYR K 297 13.03 77.01 30.69
CA TYR K 297 13.09 76.03 31.76
C TYR K 297 13.78 74.77 31.27
N GLY K 298 14.63 74.20 32.11
CA GLY K 298 15.29 72.94 31.82
C GLY K 298 16.57 73.12 31.03
N LYS K 299 17.26 72.01 30.83
CA LYS K 299 18.52 71.96 30.08
C LYS K 299 18.37 71.01 28.91
N THR K 300 18.92 71.40 27.76
CA THR K 300 18.80 70.62 26.54
C THR K 300 20.05 69.78 26.30
N THR K 301 19.86 68.59 25.73
CA THR K 301 20.97 67.69 25.46
C THR K 301 21.63 68.01 24.13
N GLY K 302 20.83 68.26 23.09
CA GLY K 302 21.34 68.47 21.76
C GLY K 302 21.30 67.25 20.86
N TYR K 303 20.47 66.26 21.18
CA TYR K 303 20.40 65.00 20.45
C TYR K 303 18.98 64.76 19.96
N ALA K 304 18.85 64.11 18.81
CA ALA K 304 17.56 63.77 18.23
C ALA K 304 17.47 62.26 18.04
N VAL K 305 16.31 61.69 18.36
CA VAL K 305 16.11 60.25 18.40
C VAL K 305 15.06 59.85 17.37
N THR K 306 15.36 58.83 16.58
CA THR K 306 14.40 58.22 15.67
C THR K 306 14.25 56.75 16.03
N HIS K 307 13.00 56.32 16.21
CA HIS K 307 12.69 54.93 16.48
C HIS K 307 12.27 54.26 15.17
N HIS K 308 12.98 53.19 14.81
CA HIS K 308 12.77 52.50 13.54
C HIS K 308 11.87 51.29 13.80
N ALA K 309 10.57 51.46 13.57
CA ALA K 309 9.66 50.32 13.63
C ALA K 309 9.97 49.30 12.55
N ASP K 310 10.41 49.77 11.38
CA ASP K 310 10.86 48.91 10.29
C ASP K 310 12.33 49.18 10.03
N GLY K 311 13.02 48.16 9.50
CA GLY K 311 14.46 48.25 9.38
C GLY K 311 14.89 49.35 8.43
N PHE K 312 16.08 49.91 8.72
CA PHE K 312 16.69 50.95 7.91
C PHE K 312 18.04 50.46 7.39
N LEU K 313 18.29 50.70 6.11
CA LEU K 313 19.51 50.21 5.47
C LEU K 313 20.16 51.35 4.69
N MET K 314 21.35 51.75 5.11
CA MET K 314 22.13 52.77 4.43
C MET K 314 23.31 52.08 3.75
N CYS K 315 23.15 51.77 2.47
CA CYS K 315 24.06 50.94 1.70
C CYS K 315 25.00 51.77 0.85
N LYS K 316 26.08 51.12 0.40
CA LYS K 316 27.11 51.69 -0.46
C LYS K 316 27.02 50.96 -1.80
N THR K 317 26.48 51.63 -2.81
CA THR K 317 26.30 51.02 -4.12
C THR K 317 27.05 51.82 -5.18
N THR K 318 27.64 51.09 -6.12
CA THR K 318 28.25 51.68 -7.31
C THR K 318 27.18 51.81 -8.39
N ASP K 319 27.33 52.82 -9.24
CA ASP K 319 26.39 53.04 -10.33
C ASP K 319 27.05 53.95 -11.37
N THR K 320 26.52 53.88 -12.58
CA THR K 320 27.02 54.69 -13.69
C THR K 320 26.27 56.02 -13.70
N VAL K 321 26.76 56.99 -12.94
CA VAL K 321 26.22 58.33 -12.96
C VAL K 321 26.75 59.03 -14.20
N ASP K 322 25.84 59.42 -15.09
CA ASP K 322 26.17 60.04 -16.38
C ASP K 322 27.09 59.17 -17.23
N GLY K 323 27.23 57.88 -16.88
CA GLY K 323 28.11 56.99 -17.59
C GLY K 323 29.30 56.55 -16.75
N GLU K 324 29.77 57.44 -15.88
CA GLU K 324 30.95 57.15 -15.08
C GLU K 324 30.57 56.32 -13.85
N ARG K 325 31.34 55.26 -13.60
CA ARG K 325 31.16 54.48 -12.38
C ARG K 325 31.57 55.31 -11.16
N VAL K 326 30.64 55.48 -10.23
CA VAL K 326 30.91 56.14 -8.96
C VAL K 326 30.14 55.40 -7.87
N SER K 327 30.71 55.41 -6.67
CA SER K 327 30.12 54.74 -5.53
C SER K 327 29.49 55.78 -4.59
N PHE K 328 28.20 55.61 -4.29
CA PHE K 328 27.50 56.52 -3.41
C PHE K 328 26.58 55.73 -2.48
N SER K 329 26.08 56.42 -1.46
CA SER K 329 25.27 55.80 -0.42
C SER K 329 23.79 56.04 -0.67
N VAL K 330 22.99 54.98 -0.53
CA VAL K 330 21.55 55.04 -0.74
C VAL K 330 20.84 54.44 0.46
N CYS K 331 19.73 55.04 0.85
CA CYS K 331 18.97 54.58 2.00
C CYS K 331 17.71 53.84 1.56
N THR K 332 17.27 52.91 2.41
CA THR K 332 16.14 52.05 2.10
C THR K 332 15.42 51.67 3.39
N TYR K 333 14.11 51.55 3.30
CA TYR K 333 13.28 51.05 4.37
C TYR K 333 12.85 49.62 4.06
N VAL K 334 13.06 48.72 5.01
CA VAL K 334 12.78 47.30 4.85
C VAL K 334 11.69 46.94 5.84
N PRO K 335 10.63 46.21 5.43
CA PRO K 335 9.57 45.86 6.37
C PRO K 335 10.09 45.00 7.51
N ALA K 336 9.42 45.11 8.66
CA ALA K 336 9.88 44.43 9.86
C ALA K 336 9.89 42.92 9.69
N THR K 337 8.92 42.37 8.95
CA THR K 337 8.85 40.92 8.79
C THR K 337 10.06 40.40 8.02
N ILE K 338 10.46 41.09 6.95
CA ILE K 338 11.58 40.62 6.14
C ILE K 338 12.87 40.64 6.94
N CYS K 339 13.12 41.73 7.67
CA CYS K 339 14.31 41.80 8.52
C CYS K 339 14.26 40.76 9.62
N ASP K 340 13.08 40.53 10.19
CA ASP K 340 12.94 39.55 11.26
C ASP K 340 13.28 38.15 10.77
N GLN K 341 12.77 37.77 9.60
CA GLN K 341 12.98 36.41 9.11
C GLN K 341 14.33 36.25 8.43
N MET K 342 14.97 37.36 8.04
CA MET K 342 16.34 37.34 7.55
C MET K 342 17.33 37.68 8.66
N THR K 343 17.36 36.86 9.71
CA THR K 343 18.30 37.04 10.81
C THR K 343 19.29 35.89 10.94
N GLY K 344 18.81 34.64 10.89
CA GLY K 344 19.71 33.50 10.93
C GLY K 344 20.62 33.45 9.71
N ILE K 345 20.07 33.78 8.53
CA ILE K 345 20.89 33.84 7.32
C ILE K 345 21.95 34.92 7.45
N LEU K 346 21.62 36.03 8.12
CA LEU K 346 22.57 37.12 8.31
C LEU K 346 23.51 36.82 9.47
N ALA K 347 24.15 35.65 9.44
CA ALA K 347 25.13 35.28 10.45
C ALA K 347 26.34 34.65 9.77
N THR K 348 26.14 34.14 8.57
CA THR K 348 27.18 33.52 7.76
C THR K 348 27.74 34.51 6.76
N GLU K 349 28.93 34.20 6.24
CA GLU K 349 29.50 34.98 5.15
C GLU K 349 28.67 34.73 3.90
N VAL K 350 27.72 35.62 3.63
CA VAL K 350 26.74 35.42 2.57
C VAL K 350 27.08 36.35 1.41
N THR K 351 27.06 35.79 0.20
CA THR K 351 27.30 36.56 -1.00
C THR K 351 26.05 37.34 -1.40
N PRO K 352 26.21 38.44 -2.13
CA PRO K 352 25.02 39.19 -2.59
C PRO K 352 24.07 38.35 -3.43
N GLU K 353 24.60 37.42 -4.22
CA GLU K 353 23.74 36.56 -5.04
C GLU K 353 22.84 35.69 -4.17
N ASP K 354 23.42 34.98 -3.21
CA ASP K 354 22.63 34.14 -2.32
C ASP K 354 21.68 34.98 -1.48
N ALA K 355 22.14 36.15 -1.03
CA ALA K 355 21.27 37.02 -0.24
C ALA K 355 20.07 37.48 -1.04
N GLN K 356 20.27 37.84 -2.32
CA GLN K 356 19.15 38.29 -3.13
C GLN K 356 18.21 37.13 -3.46
N LYS K 357 18.76 35.94 -3.68
CA LYS K 357 17.91 34.78 -3.89
C LYS K 357 17.05 34.49 -2.66
N LEU K 358 17.66 34.56 -1.47
CA LEU K 358 16.90 34.34 -0.24
C LEU K 358 15.84 35.42 -0.05
N LEU K 359 16.18 36.67 -0.36
CA LEU K 359 15.23 37.77 -0.21
C LEU K 359 14.03 37.58 -1.14
N VAL K 360 14.30 37.24 -2.41
CA VAL K 360 13.21 37.08 -3.37
C VAL K 360 12.37 35.86 -3.04
N GLY K 361 13.00 34.79 -2.53
CA GLY K 361 12.22 33.66 -2.06
C GLY K 361 11.38 34.00 -0.84
N LEU K 362 11.88 34.90 0.01
CA LEU K 362 11.15 35.29 1.21
C LEU K 362 9.95 36.17 0.86
N ASN K 363 10.03 36.91 -0.24
CA ASN K 363 8.96 37.80 -0.66
C ASN K 363 7.82 37.09 -1.37
N GLN K 364 7.70 35.78 -1.20
CA GLN K 364 6.65 34.97 -1.83
C GLN K 364 6.67 35.12 -3.35
N THR K 376 1.28 38.30 -4.09
CA THR K 376 1.40 39.03 -2.84
C THR K 376 2.86 39.36 -2.53
N ASN K 377 3.14 40.65 -2.33
CA ASN K 377 4.49 41.13 -2.04
C ASN K 377 4.48 41.91 -0.74
N THR K 378 5.51 41.70 0.07
CA THR K 378 5.68 42.46 1.31
C THR K 378 6.41 43.77 1.05
N MET K 379 7.61 43.69 0.47
CA MET K 379 8.36 44.85 0.04
C MET K 379 8.42 44.89 -1.48
N LYS K 380 8.61 46.09 -2.02
CA LYS K 380 8.68 46.24 -3.47
C LYS K 380 9.92 45.55 -4.01
N ASN K 381 9.71 44.66 -4.98
CA ASN K 381 10.80 43.89 -5.56
C ASN K 381 11.75 44.76 -6.38
N TYR K 382 11.38 46.01 -6.65
CA TYR K 382 12.20 46.89 -7.49
C TYR K 382 13.53 47.26 -6.84
N MET K 383 13.68 47.08 -5.54
CA MET K 383 14.87 47.55 -4.85
C MET K 383 15.38 46.45 -3.91
N ILE K 384 15.55 45.25 -4.47
CA ILE K 384 16.32 44.22 -3.77
C ILE K 384 17.52 43.73 -4.59
N PRO K 385 18.18 44.59 -5.39
CA PRO K 385 19.62 44.40 -5.60
C PRO K 385 20.42 45.13 -4.54
N VAL K 386 19.78 46.13 -3.90
CA VAL K 386 20.48 46.99 -2.96
C VAL K 386 20.37 46.47 -1.55
N VAL K 387 19.17 45.98 -1.16
CA VAL K 387 19.00 45.41 0.16
C VAL K 387 19.88 44.18 0.34
N ALA K 388 19.99 43.37 -0.72
CA ALA K 388 20.86 42.19 -0.66
C ALA K 388 22.32 42.59 -0.46
N GLN K 389 22.78 43.60 -1.20
CA GLN K 389 24.15 44.06 -1.04
C GLN K 389 24.39 44.62 0.34
N ALA K 390 23.43 45.38 0.87
CA ALA K 390 23.56 45.92 2.21
C ALA K 390 23.65 44.81 3.25
N PHE K 391 22.80 43.79 3.11
CA PHE K 391 22.86 42.67 4.03
C PHE K 391 24.19 41.93 3.93
N SER K 392 24.69 41.72 2.71
CA SER K 392 25.96 41.02 2.54
C SER K 392 27.10 41.82 3.17
N LYS K 393 27.13 43.13 2.95
CA LYS K 393 28.20 43.94 3.50
C LYS K 393 28.11 44.04 5.03
N TRP K 394 26.88 44.09 5.56
CA TRP K 394 26.71 44.10 7.00
C TRP K 394 27.16 42.77 7.61
N ALA K 395 26.86 41.66 6.94
CA ALA K 395 27.35 40.37 7.42
C ALA K 395 28.87 40.31 7.39
N LYS K 396 29.48 40.85 6.33
CA LYS K 396 30.94 40.90 6.25
C LYS K 396 31.51 41.72 7.40
N GLU K 397 30.89 42.87 7.69
CA GLU K 397 31.40 43.73 8.74
C GLU K 397 31.26 43.08 10.11
N CYS K 398 30.12 42.43 10.37
CA CYS K 398 29.95 41.73 11.64
C CYS K 398 30.95 40.58 11.77
N ARG K 399 31.17 39.85 10.68
CA ARG K 399 32.15 38.76 10.72
C ARG K 399 33.54 39.29 11.04
N LYS K 400 33.99 40.32 10.30
CA LYS K 400 35.30 40.91 10.58
C LYS K 400 35.37 41.46 11.99
N ASP K 401 34.24 41.92 12.52
CA ASP K 401 34.18 42.36 13.92
C ASP K 401 34.35 41.18 14.86
N MET K 402 33.96 39.98 14.42
CA MET K 402 33.97 38.82 15.31
C MET K 402 35.38 38.41 15.71
N GLU K 403 36.29 38.24 14.74
CA GLU K 403 37.61 37.70 15.05
C GLU K 403 38.63 38.79 15.38
N ASP K 404 38.21 40.04 15.50
CA ASP K 404 39.10 41.15 15.80
C ASP K 404 38.80 41.68 17.19
N GLU K 405 38.60 40.75 18.13
CA GLU K 405 38.30 41.12 19.51
C GLU K 405 39.44 41.93 20.11
N LYS K 406 39.10 43.02 20.78
CA LYS K 406 40.08 43.90 21.39
C LYS K 406 40.05 43.72 22.91
N LEU K 407 40.84 44.53 23.61
CA LEU K 407 40.99 44.43 25.06
C LEU K 407 40.11 45.47 25.75
N LEU K 408 39.77 45.21 27.01
CA LEU K 408 38.96 46.13 27.78
C LEU K 408 39.63 47.48 27.96
N GLY K 409 38.87 48.55 27.70
CA GLY K 409 39.29 49.89 28.01
C GLY K 409 40.53 50.37 27.33
N VAL K 410 41.02 49.65 26.31
CA VAL K 410 42.27 49.96 25.65
C VAL K 410 42.02 50.10 24.17
N ARG K 411 42.29 51.28 23.62
CA ARG K 411 42.29 51.48 22.18
C ARG K 411 43.68 51.17 21.62
N GLU K 412 43.87 51.49 20.34
CA GLU K 412 45.18 51.37 19.70
C GLU K 412 45.46 52.70 19.01
N ARG K 413 46.04 53.64 19.76
CA ARG K 413 46.30 54.99 19.28
C ARG K 413 47.80 55.20 19.14
N THR K 414 48.20 55.73 17.99
CA THR K 414 49.61 55.99 17.72
C THR K 414 49.91 57.48 17.74
N ALA K 422 46.03 59.87 16.47
CA ALA K 422 46.31 58.93 15.39
C ALA K 422 45.96 57.51 15.78
N PHE K 423 44.87 56.99 15.22
CA PHE K 423 44.43 55.63 15.49
C PHE K 423 43.66 55.10 14.28
N LYS K 424 43.72 53.79 14.08
CA LYS K 424 43.24 53.18 12.85
C LYS K 424 41.72 53.29 12.74
N LYS K 425 41.26 53.66 11.55
CA LYS K 425 39.84 53.72 11.21
C LYS K 425 39.58 52.57 10.25
N GLN K 426 38.84 51.57 10.73
CA GLN K 426 38.48 50.43 9.91
C GLN K 426 37.07 50.59 9.37
N LYS K 427 36.77 49.91 8.27
CA LYS K 427 35.78 50.40 7.34
C LYS K 427 34.38 49.94 7.71
N THR K 428 33.40 50.82 7.49
CA THR K 428 31.98 50.48 7.53
C THR K 428 31.35 50.89 6.22
N HIS K 429 30.77 49.92 5.51
CA HIS K 429 30.18 50.17 4.20
C HIS K 429 28.66 50.23 4.21
N THR K 430 28.01 49.88 5.32
CA THR K 430 26.56 49.96 5.39
C THR K 430 26.15 50.17 6.85
N VAL K 431 24.97 50.75 7.03
CA VAL K 431 24.38 50.96 8.35
C VAL K 431 23.06 50.22 8.38
N TYR K 432 22.94 49.25 9.27
CA TYR K 432 21.74 48.43 9.37
C TYR K 432 21.08 48.67 10.72
N LYS K 433 20.04 49.49 10.73
CA LYS K 433 19.23 49.71 11.91
C LYS K 433 18.12 48.67 11.94
N ARG K 434 18.17 47.80 12.95
CA ARG K 434 17.27 46.67 13.08
C ARG K 434 15.87 47.18 13.41
N PRO K 435 14.83 46.34 13.21
CA PRO K 435 13.45 46.85 13.29
C PRO K 435 13.00 47.21 14.71
N ASP K 436 13.93 47.18 15.66
CA ASP K 436 13.66 47.72 16.98
C ASP K 436 14.76 48.64 17.49
N THR K 437 15.81 48.87 16.72
CA THR K 437 16.88 49.78 17.10
C THR K 437 16.42 51.22 16.91
N GLN K 438 17.04 52.11 17.67
CA GLN K 438 16.76 53.54 17.58
C GLN K 438 18.07 54.30 17.44
N SER K 439 18.03 55.39 16.68
CA SER K 439 19.22 56.12 16.28
C SER K 439 19.20 57.53 16.87
N ILE K 440 20.30 57.92 17.51
CA ILE K 440 20.47 59.27 18.04
C ILE K 440 21.52 59.99 17.23
N GLN K 441 21.21 61.20 16.79
CA GLN K 441 22.15 62.01 16.03
C GLN K 441 22.15 63.43 16.59
N LYS K 442 23.32 64.06 16.60
CA LYS K 442 23.47 65.38 17.19
C LYS K 442 22.85 66.44 16.28
N VAL K 443 22.00 67.28 16.88
CA VAL K 443 21.36 68.38 16.16
C VAL K 443 21.34 69.59 17.10
N GLN K 444 21.63 70.76 16.53
CA GLN K 444 21.65 71.99 17.31
C GLN K 444 20.31 72.23 17.98
N ALA K 445 20.36 72.61 19.26
CA ALA K 445 19.16 72.84 20.05
C ALA K 445 19.08 74.25 20.62
N GLU K 446 20.21 74.88 20.91
CA GLU K 446 20.24 76.24 21.47
C GLU K 446 20.15 77.24 20.31
N PHE K 447 18.94 77.38 19.77
CA PHE K 447 18.72 78.30 18.66
C PHE K 447 18.71 79.74 19.17
N ASP K 448 19.65 80.54 18.69
CA ASP K 448 19.84 81.90 19.18
C ASP K 448 19.38 82.94 18.17
N SER K 449 19.86 82.87 16.94
CA SER K 449 19.58 83.87 15.92
C SER K 449 18.45 83.40 15.01
N PHE K 450 17.54 84.31 14.69
CA PHE K 450 16.39 84.00 13.86
C PHE K 450 16.15 85.11 12.83
N LEU K 460 0.71 88.99 -5.30
CA LEU K 460 -0.41 88.66 -6.17
C LEU K 460 -0.26 89.37 -7.52
N SER K 461 -0.99 88.89 -8.52
CA SER K 461 -0.94 89.44 -9.87
C SER K 461 -2.28 90.07 -10.22
N ILE K 462 -2.25 91.06 -11.11
CA ILE K 462 -3.48 91.73 -11.53
C ILE K 462 -4.47 90.77 -12.19
N PRO K 463 -4.09 89.96 -13.19
CA PRO K 463 -5.08 89.04 -13.77
C PRO K 463 -5.62 88.03 -12.79
N LEU K 464 -4.81 87.61 -11.80
CA LEU K 464 -5.30 86.68 -10.79
C LEU K 464 -6.43 87.30 -9.97
N ARG K 465 -6.38 88.61 -9.76
CA ARG K 465 -7.44 89.27 -9.00
C ARG K 465 -8.79 89.14 -9.69
N THR K 466 -8.81 89.31 -11.01
CA THR K 466 -10.03 89.04 -11.77
C THR K 466 -10.34 87.55 -11.78
N ARG K 467 -9.30 86.71 -11.78
CA ARG K 467 -9.50 85.27 -11.77
C ARG K 467 -10.13 84.79 -10.46
N ILE K 468 -10.08 85.61 -9.41
CA ILE K 468 -10.68 85.24 -8.14
C ILE K 468 -12.17 84.94 -8.27
N LYS K 469 -12.86 85.67 -9.15
CA LYS K 469 -14.29 85.46 -9.36
C LYS K 469 -14.55 84.03 -9.87
N PRO L 3 -11.40 45.45 36.94
CA PRO L 3 -10.83 45.19 35.61
C PRO L 3 -9.97 46.35 35.11
N VAL L 4 -8.66 46.17 35.09
CA VAL L 4 -7.76 47.22 34.63
C VAL L 4 -7.74 47.21 33.11
N TYR L 5 -7.54 48.40 32.53
CA TYR L 5 -7.59 48.60 31.08
C TYR L 5 -6.20 49.00 30.61
N VAL L 6 -5.69 48.29 29.61
CA VAL L 6 -4.31 48.46 29.19
C VAL L 6 -4.27 49.00 27.77
N ASP L 7 -3.18 49.72 27.46
CA ASP L 7 -3.05 50.39 26.17
C ASP L 7 -2.54 49.43 25.10
N ILE L 8 -1.70 48.47 25.47
CA ILE L 8 -0.99 47.61 24.52
C ILE L 8 -1.98 46.85 23.65
N ASP L 9 -1.54 46.46 22.45
CA ASP L 9 -2.41 45.78 21.50
C ASP L 9 -2.85 44.41 22.04
N ALA L 10 -4.03 43.97 21.60
CA ALA L 10 -4.58 42.71 22.08
C ALA L 10 -3.70 41.53 21.68
N ASP L 11 -3.16 41.53 20.46
CA ASP L 11 -2.38 40.41 19.97
C ASP L 11 -0.95 40.39 20.49
N SER L 12 -0.54 41.42 21.23
CA SER L 12 0.82 41.46 21.75
C SER L 12 1.03 40.37 22.79
N ALA L 13 2.20 39.73 22.75
CA ALA L 13 2.54 38.71 23.73
C ALA L 13 2.76 39.29 25.12
N PHE L 14 3.26 40.53 25.20
CA PHE L 14 3.57 41.15 26.49
C PHE L 14 2.38 41.19 27.44
N LEU L 15 1.16 41.21 26.90
CA LEU L 15 -0.03 41.15 27.75
C LEU L 15 0.06 39.98 28.71
N LYS L 16 0.42 38.79 28.20
CA LYS L 16 0.58 37.64 29.09
C LYS L 16 1.55 37.94 30.21
N ALA L 17 2.70 38.54 29.88
CA ALA L 17 3.67 38.90 30.91
C ALA L 17 3.04 39.82 31.94
N LEU L 18 2.24 40.80 31.49
CA LEU L 18 1.57 41.68 32.42
C LEU L 18 0.65 40.90 33.36
N GLN L 19 -0.05 39.89 32.81
CA GLN L 19 -0.93 39.08 33.65
C GLN L 19 -0.12 38.33 34.71
N ARG L 20 1.13 38.01 34.40
CA ARG L 20 1.99 37.39 35.40
C ARG L 20 2.51 38.42 36.40
N ALA L 21 2.67 39.67 35.97
CA ALA L 21 3.15 40.71 36.87
C ALA L 21 2.06 41.16 37.83
N TYR L 22 0.81 41.12 37.37
CA TYR L 22 -0.35 41.51 38.19
C TYR L 22 -1.39 40.41 38.13
N PRO L 23 -1.31 39.43 39.04
CA PRO L 23 -2.33 38.37 39.05
C PRO L 23 -3.64 38.80 39.67
N MET L 24 -3.61 39.73 40.63
CA MET L 24 -4.85 40.18 41.26
C MET L 24 -5.71 41.03 40.33
N PHE L 25 -5.12 41.62 39.30
CA PHE L 25 -5.81 42.57 38.44
C PHE L 25 -6.08 41.94 37.08
N GLU L 26 -7.32 42.08 36.61
CA GLU L 26 -7.72 41.56 35.32
C GLU L 26 -7.38 42.59 34.25
N VAL L 27 -6.48 42.21 33.34
CA VAL L 27 -6.00 43.12 32.31
C VAL L 27 -6.84 42.93 31.05
N GLU L 28 -7.40 44.02 30.54
CA GLU L 28 -8.17 43.97 29.31
C GLU L 28 -7.55 44.93 28.29
N PRO L 29 -7.24 44.47 27.09
CA PRO L 29 -6.52 45.29 26.13
C PRO L 29 -7.44 46.12 25.23
N ARG L 30 -6.95 47.32 24.89
CA ARG L 30 -7.54 48.19 23.89
C ARG L 30 -6.56 49.30 23.58
N GLN L 31 -6.62 49.78 22.34
CA GLN L 31 -5.68 50.79 21.85
C GLN L 31 -6.38 52.13 21.71
N VAL L 32 -5.75 53.17 22.25
CA VAL L 32 -6.25 54.53 22.13
C VAL L 32 -5.25 55.35 21.31
N THR L 33 -3.97 54.98 21.41
CA THR L 33 -2.91 55.63 20.66
C THR L 33 -1.87 54.58 20.29
N PRO L 34 -1.17 54.75 19.15
CA PRO L 34 -0.10 53.83 18.75
C PRO L 34 1.27 54.24 19.26
N ASN L 35 1.40 54.37 20.59
CA ASN L 35 2.67 54.78 21.17
C ASN L 35 3.76 53.76 20.86
N ASP L 36 4.94 54.26 20.51
CA ASP L 36 6.07 53.41 20.17
C ASP L 36 6.59 52.67 21.39
N ALA L 38 4.52 51.42 24.48
CA ALA L 38 3.22 51.17 25.08
C ALA L 38 3.36 50.28 26.29
N ASN L 39 4.39 49.44 26.29
CA ASN L 39 4.61 48.51 27.39
C ASN L 39 4.97 49.26 28.68
N ALA L 40 5.81 50.29 28.56
CA ALA L 40 6.24 51.02 29.75
C ALA L 40 5.08 51.76 30.41
N ARG L 41 4.29 52.47 29.59
CA ARG L 41 3.11 53.15 30.14
C ARG L 41 2.09 52.16 30.67
N ALA L 42 1.98 50.99 30.02
CA ALA L 42 1.10 49.94 30.52
C ALA L 42 1.51 49.52 31.93
N PHE L 43 2.80 49.24 32.13
CA PHE L 43 3.26 48.81 33.44
C PHE L 43 3.09 49.93 34.45
N SER L 44 3.34 51.18 34.04
CA SER L 44 3.19 52.30 34.97
C SER L 44 1.75 52.44 35.43
N HIS L 45 0.79 52.33 34.51
CA HIS L 45 -0.61 52.40 34.88
C HIS L 45 -0.98 51.26 35.81
N LEU L 46 -0.52 50.05 35.49
CA LEU L 46 -0.81 48.90 36.35
C LEU L 46 -0.21 49.08 37.74
N ALA L 47 1.00 49.62 37.81
CA ALA L 47 1.65 49.85 39.10
C ALA L 47 0.91 50.91 39.90
N ILE L 48 0.42 51.96 39.24
CA ILE L 48 -0.36 52.97 39.94
C ILE L 48 -1.64 52.37 40.49
N LYS L 49 -2.30 51.51 39.72
CA LYS L 49 -3.50 50.85 40.22
C LYS L 49 -3.18 49.91 41.39
N LEU L 50 -2.05 49.21 41.31
CA LEU L 50 -1.58 48.40 42.44
C LEU L 50 -1.38 49.27 43.68
N ILE L 51 -0.79 50.45 43.49
CA ILE L 51 -0.54 51.36 44.60
C ILE L 51 -1.85 51.79 45.23
N GLU L 52 -2.83 52.14 44.37
CA GLU L 52 -4.14 52.52 44.87
C GLU L 52 -4.77 51.39 45.69
N GLN L 53 -4.62 50.15 45.22
CA GLN L 53 -5.21 49.03 45.95
C GLN L 53 -4.51 48.79 47.28
N GLU L 54 -3.18 48.82 47.30
CA GLU L 54 -2.44 48.39 48.49
C GLU L 54 -2.59 49.38 49.65
N ILE L 55 -2.41 50.67 49.37
CA ILE L 55 -2.29 51.65 50.46
C ILE L 55 -3.65 51.94 51.09
N ASP L 56 -3.59 52.53 52.27
CA ASP L 56 -4.80 52.86 53.03
C ASP L 56 -5.49 54.06 52.36
N PRO L 57 -6.79 53.98 52.09
CA PRO L 57 -7.49 55.13 51.50
C PRO L 57 -7.36 56.41 52.33
N ASP L 58 -7.36 56.29 53.66
CA ASP L 58 -7.22 57.45 54.54
C ASP L 58 -5.74 57.77 54.73
N SER L 59 -5.12 58.22 53.64
CA SER L 59 -3.70 58.54 53.64
C SER L 59 -3.45 59.70 52.68
N THR L 60 -2.35 60.42 52.92
CA THR L 60 -1.89 61.48 52.04
C THR L 60 -0.65 60.99 51.31
N ILE L 61 -0.72 60.97 49.98
CA ILE L 61 0.31 60.36 49.15
C ILE L 61 1.10 61.46 48.46
N LEU L 62 2.37 61.59 48.81
CA LEU L 62 3.28 62.46 48.09
C LEU L 62 3.64 61.84 46.75
N ASP L 63 3.74 62.67 45.72
CA ASP L 63 4.16 62.22 44.39
C ASP L 63 5.31 63.13 43.96
N ILE L 64 6.53 62.65 44.12
CA ILE L 64 7.73 63.40 43.80
C ILE L 64 7.95 63.34 42.30
N GLY L 65 8.26 64.48 41.70
CA GLY L 65 8.40 64.54 40.25
C GLY L 65 7.11 64.16 39.54
N SER L 66 5.98 64.66 40.04
CA SER L 66 4.68 64.19 39.60
C SER L 66 4.35 64.69 38.20
N ALA L 67 3.48 63.94 37.53
CA ALA L 67 2.76 64.39 36.35
C ALA L 67 1.32 64.66 36.78
N PRO L 68 1.01 65.87 37.22
CA PRO L 68 -0.27 66.10 37.91
C PRO L 68 -1.49 65.75 37.09
N ALA L 69 -1.41 65.84 35.76
CA ALA L 69 -2.57 65.51 34.93
C ALA L 69 -2.97 64.05 35.09
N ARG L 70 -1.98 63.16 35.13
CA ARG L 70 -2.27 61.73 35.20
C ARG L 70 -2.92 61.35 36.53
N ARG L 71 -2.29 61.76 37.64
CA ARG L 71 -2.76 61.38 38.97
C ARG L 71 -3.56 62.54 39.59
N MET L 72 -4.68 62.85 38.95
CA MET L 72 -5.62 63.81 39.52
C MET L 72 -7.02 63.21 39.48
N MET L 73 -7.28 62.34 38.50
CA MET L 73 -8.54 61.62 38.43
C MET L 73 -8.67 60.56 39.50
N SER L 74 -7.60 60.27 40.24
CA SER L 74 -7.66 59.28 41.31
C SER L 74 -8.56 59.75 42.44
N ASP L 75 -9.23 58.80 43.08
CA ASP L 75 -10.11 59.12 44.20
C ASP L 75 -9.34 59.46 45.47
N ARG L 76 -8.05 59.15 45.51
CA ARG L 76 -7.24 59.43 46.68
C ARG L 76 -6.83 60.90 46.72
N LYS L 77 -6.24 61.31 47.84
CA LYS L 77 -5.81 62.70 48.04
C LYS L 77 -4.31 62.77 47.83
N TYR L 78 -3.92 63.03 46.59
CA TYR L 78 -2.50 63.14 46.24
C TYR L 78 -1.98 64.56 46.51
N HIS L 79 -0.67 64.65 46.72
CA HIS L 79 0.04 65.91 46.73
C HIS L 79 1.17 65.82 45.73
N CYS L 80 1.02 66.52 44.61
CA CYS L 80 1.99 66.50 43.52
C CYS L 80 3.11 67.49 43.79
N VAL L 81 4.35 67.06 43.57
CA VAL L 81 5.52 67.91 43.74
C VAL L 81 6.23 67.95 42.40
N CYS L 82 6.06 69.03 41.66
CA CYS L 82 6.56 69.15 40.29
C CYS L 82 7.38 70.42 40.13
N PRO L 83 8.63 70.41 40.58
CA PRO L 83 9.50 71.56 40.34
C PRO L 83 9.88 71.67 38.88
N MET L 84 10.24 72.88 38.47
CA MET L 84 10.62 73.16 37.08
C MET L 84 12.11 72.83 36.88
N ARG L 85 12.40 71.53 36.88
CA ARG L 85 13.75 71.03 36.71
C ARG L 85 13.92 70.23 35.42
N SER L 86 12.91 70.19 34.57
CA SER L 86 12.99 69.47 33.31
C SER L 86 12.22 70.24 32.24
N ALA L 87 12.60 70.02 30.98
CA ALA L 87 11.95 70.72 29.88
C ALA L 87 10.53 70.22 29.63
N GLU L 88 10.20 69.02 30.11
CA GLU L 88 8.85 68.49 29.95
C GLU L 88 7.85 69.11 30.90
N ASP L 89 8.32 69.68 32.01
CA ASP L 89 7.43 70.22 33.04
C ASP L 89 6.42 71.23 32.50
N PRO L 90 6.78 72.19 31.63
CA PRO L 90 5.74 73.09 31.10
C PRO L 90 4.63 72.36 30.38
N GLU L 91 4.96 71.31 29.62
CA GLU L 91 3.92 70.53 28.95
C GLU L 91 3.02 69.84 29.96
N ARG L 92 3.60 69.33 31.06
CA ARG L 92 2.81 68.69 32.09
C ARG L 92 1.86 69.69 32.76
N LEU L 93 2.34 70.90 33.05
CA LEU L 93 1.47 71.91 33.62
C LEU L 93 0.38 72.31 32.64
N ALA L 94 0.71 72.41 31.35
CA ALA L 94 -0.31 72.74 30.36
C ALA L 94 -1.38 71.67 30.29
N ASN L 95 -0.98 70.40 30.30
CA ASN L 95 -1.94 69.31 30.29
C ASN L 95 -2.79 69.33 31.56
N TYR L 96 -2.17 69.63 32.71
CA TYR L 96 -2.93 69.77 33.94
C TYR L 96 -3.99 70.86 33.82
N ALA L 97 -3.59 72.01 33.26
CA ALA L 97 -4.52 73.13 33.13
C ALA L 97 -5.67 72.79 32.21
N ARG L 98 -5.39 72.17 31.06
CA ARG L 98 -6.47 71.79 30.14
C ARG L 98 -7.40 70.78 30.76
N LYS L 99 -6.86 69.76 31.44
CA LYS L 99 -7.72 68.72 31.98
C LYS L 99 -8.50 69.24 33.18
N LEU L 100 -7.97 70.24 33.87
CA LEU L 100 -8.73 70.89 34.93
C LEU L 100 -9.86 71.74 34.36
N ALA L 101 -9.56 72.57 33.37
CA ALA L 101 -10.61 73.32 32.68
C ALA L 101 -11.12 72.56 31.46
N SER L 102 -11.35 71.27 31.66
CA SER L 102 -12.19 70.46 30.78
C SER L 102 -13.07 69.49 31.56
N ALA L 103 -12.95 69.42 32.89
CA ALA L 103 -13.80 68.58 33.71
C ALA L 103 -14.18 69.29 35.01
N ALA L 104 -14.07 70.63 35.06
CA ALA L 104 -14.31 71.34 36.30
C ALA L 104 -15.77 71.22 36.75
N GLY L 105 -16.71 71.30 35.80
CA GLY L 105 -18.10 71.29 36.16
C GLY L 105 -18.88 70.10 35.62
N LYS L 106 -18.19 69.05 35.20
CA LYS L 106 -18.83 67.85 34.68
C LYS L 106 -18.49 66.58 35.44
N VAL L 107 -17.58 66.62 36.41
CA VAL L 107 -17.36 65.51 37.33
C VAL L 107 -17.39 66.08 38.75
N LEU L 108 -18.12 65.41 39.64
CA LEU L 108 -18.40 65.93 40.97
C LEU L 108 -17.53 65.27 42.04
N ASP L 109 -17.53 63.95 42.11
CA ASP L 109 -16.89 63.25 43.22
C ASP L 109 -15.38 63.10 43.00
N ARG L 110 -14.70 64.21 42.69
CA ARG L 110 -13.25 64.19 42.58
C ARG L 110 -12.60 65.44 43.16
N ASN L 111 -13.38 66.36 43.75
CA ASN L 111 -12.85 67.58 44.36
C ASN L 111 -12.04 68.40 43.34
N ILE L 112 -12.54 68.44 42.10
CA ILE L 112 -11.84 69.15 41.03
C ILE L 112 -11.71 70.63 41.36
N SER L 113 -12.76 71.20 41.96
CA SER L 113 -12.68 72.60 42.42
C SER L 113 -11.54 72.77 43.41
N GLY L 114 -11.19 71.72 44.14
CA GLY L 114 -10.05 71.80 45.05
C GLY L 114 -8.75 72.11 44.32
N LYS L 115 -8.42 71.30 43.31
CA LYS L 115 -7.21 71.57 42.55
C LYS L 115 -7.33 72.88 41.77
N ILE L 116 -8.55 73.26 41.38
CA ILE L 116 -8.73 74.55 40.71
C ILE L 116 -8.30 75.69 41.63
N GLY L 117 -8.81 75.68 42.86
CA GLY L 117 -8.47 76.71 43.81
C GLY L 117 -6.99 76.70 44.17
N ASP L 118 -6.42 75.50 44.36
CA ASP L 118 -5.00 75.42 44.69
C ASP L 118 -4.13 75.87 43.53
N LEU L 119 -4.56 75.61 42.29
CA LEU L 119 -3.83 76.11 41.13
C LEU L 119 -3.86 77.63 41.08
N GLN L 120 -5.02 78.23 41.34
CA GLN L 120 -5.07 79.69 41.41
C GLN L 120 -4.18 80.21 42.52
N ALA L 121 -4.16 79.53 43.67
CA ALA L 121 -3.35 79.98 44.80
C ALA L 121 -1.86 79.93 44.46
N VAL L 122 -1.39 78.83 43.87
CA VAL L 122 0.03 78.72 43.56
C VAL L 122 0.40 79.69 42.44
N MET L 123 -0.51 79.92 41.49
CA MET L 123 -0.26 80.92 40.47
C MET L 123 -0.12 82.31 41.07
N ALA L 124 -0.95 82.63 42.07
CA ALA L 124 -0.85 83.92 42.73
C ALA L 124 0.46 84.03 43.53
N VAL L 125 0.64 83.13 44.50
CA VAL L 125 1.84 83.11 45.32
C VAL L 125 2.64 81.86 44.95
N PRO L 126 3.81 82.01 44.32
CA PRO L 126 4.59 80.83 43.93
C PRO L 126 5.10 80.01 45.09
N ASP L 127 5.16 80.57 46.31
CA ASP L 127 5.72 79.89 47.46
C ASP L 127 4.67 79.38 48.43
N THR L 128 3.44 79.18 47.95
CA THR L 128 2.34 78.71 48.79
C THR L 128 2.24 77.20 48.70
N GLU L 129 2.20 76.53 49.85
CA GLU L 129 2.10 75.08 49.92
C GLU L 129 0.63 74.69 49.84
N THR L 130 0.15 74.43 48.64
CA THR L 130 -1.22 73.99 48.44
C THR L 130 -1.35 72.51 48.82
N PRO L 131 -2.55 72.08 49.24
CA PRO L 131 -2.72 70.69 49.70
C PRO L 131 -2.65 69.65 48.59
N THR L 132 -2.57 70.06 47.32
CA THR L 132 -2.55 69.09 46.23
C THR L 132 -1.55 69.42 45.13
N PHE L 133 -0.77 70.50 45.27
CA PHE L 133 0.06 70.95 44.17
C PHE L 133 1.16 71.84 44.75
N CYS L 134 2.39 71.64 44.31
CA CYS L 134 3.54 72.26 44.96
C CYS L 134 4.68 72.44 43.96
N LEU L 135 5.30 73.61 44.00
CA LEU L 135 6.47 73.92 43.16
C LEU L 135 7.80 73.63 43.82
N HIS L 136 7.82 73.32 45.12
CA HIS L 136 9.09 73.07 45.79
C HIS L 136 9.69 71.75 45.33
N THR L 137 10.94 71.52 45.72
CA THR L 137 11.59 70.25 45.44
C THR L 137 11.31 69.27 46.57
N ASP L 138 11.69 68.01 46.34
CA ASP L 138 11.53 66.99 47.38
C ASP L 138 12.41 67.31 48.59
N VAL L 139 13.50 68.05 48.37
CA VAL L 139 14.36 68.46 49.48
C VAL L 139 13.62 69.44 50.39
N SER L 140 12.87 70.37 49.81
CA SER L 140 12.28 71.48 50.55
C SER L 140 10.77 71.53 50.37
N CYS L 141 10.11 70.38 50.39
CA CYS L 141 8.66 70.36 50.44
C CYS L 141 8.19 70.44 51.89
N ARG L 142 6.96 70.91 52.08
CA ARG L 142 6.50 71.28 53.42
C ARG L 142 5.40 70.40 53.95
N GLN L 143 4.45 69.97 53.12
CA GLN L 143 3.28 69.27 53.62
C GLN L 143 3.65 67.91 54.21
N ARG L 144 3.17 67.65 55.41
CA ARG L 144 3.35 66.37 56.05
C ARG L 144 2.43 65.33 55.41
N ALA L 145 2.97 64.14 55.18
CA ALA L 145 2.20 63.05 54.57
C ALA L 145 2.69 61.73 55.16
N ASP L 146 2.21 60.64 54.58
CA ASP L 146 2.48 59.32 55.16
C ASP L 146 2.92 58.28 54.12
N VAL L 147 2.66 58.53 52.84
CA VAL L 147 3.08 57.66 51.76
C VAL L 147 3.66 58.50 50.64
N ALA L 148 4.76 58.02 50.06
CA ALA L 148 5.41 58.69 48.94
C ALA L 148 5.41 57.79 47.72
N ILE L 149 5.26 58.38 46.55
CA ILE L 149 5.25 57.65 45.29
C ILE L 149 6.23 58.31 44.33
N TYR L 150 7.10 57.50 43.74
CA TYR L 150 8.08 57.96 42.75
C TYR L 150 7.71 57.37 41.40
N GLN L 151 7.00 58.16 40.59
CA GLN L 151 6.59 57.73 39.25
C GLN L 151 7.77 57.89 38.31
N ASP L 152 8.62 56.86 38.27
CA ASP L 152 9.74 56.78 37.34
C ASP L 152 10.62 58.04 37.40
N VAL L 153 10.97 58.44 38.63
CA VAL L 153 11.90 59.54 38.83
C VAL L 153 13.31 58.97 38.83
N TYR L 154 14.18 59.54 37.98
CA TYR L 154 15.50 58.99 37.77
C TYR L 154 16.64 59.94 38.08
N ALA L 155 16.39 61.25 38.21
CA ALA L 155 17.43 62.22 38.53
C ALA L 155 17.17 62.73 39.95
N VAL L 156 17.63 61.95 40.92
CA VAL L 156 17.54 62.30 42.33
C VAL L 156 18.43 61.34 43.12
N HIS L 157 18.99 61.80 44.22
CA HIS L 157 19.76 60.92 45.09
C HIS L 157 18.83 60.21 46.05
N ALA L 158 18.82 58.88 45.99
CA ALA L 158 17.89 58.11 46.82
C ALA L 158 18.06 58.35 48.31
N PRO L 159 19.27 58.31 48.90
CA PRO L 159 19.36 58.50 50.36
C PRO L 159 18.88 59.86 50.82
N THR L 160 19.31 60.94 50.15
CA THR L 160 18.94 62.28 50.58
C THR L 160 17.43 62.49 50.47
N SER L 161 16.84 62.07 49.35
CA SER L 161 15.40 62.25 49.17
C SER L 161 14.61 61.41 50.17
N LEU L 162 15.04 60.17 50.40
CA LEU L 162 14.36 59.32 51.36
C LEU L 162 14.43 59.91 52.76
N TYR L 163 15.59 60.42 53.15
CA TYR L 163 15.71 61.04 54.47
C TYR L 163 14.84 62.29 54.58
N HIS L 164 14.88 63.15 53.56
CA HIS L 164 14.14 64.41 53.62
C HIS L 164 12.64 64.20 53.58
N GLN L 165 12.17 63.09 53.03
CA GLN L 165 10.74 62.79 53.13
C GLN L 165 10.37 62.01 54.38
N ALA L 166 11.27 61.16 54.89
CA ALA L 166 11.02 60.46 56.14
C ALA L 166 10.97 61.42 57.32
N ILE L 167 11.73 62.51 57.24
CA ILE L 167 11.60 63.57 58.25
C ILE L 167 10.18 64.12 58.28
N LYS L 168 9.58 64.29 57.10
CA LYS L 168 8.21 64.78 57.00
C LYS L 168 7.19 63.78 57.55
N GLY L 169 7.52 62.50 57.63
CA GLY L 169 6.70 61.54 58.33
C GLY L 169 6.03 60.47 57.48
N VAL L 170 6.61 60.07 56.36
CA VAL L 170 6.04 59.00 55.56
C VAL L 170 6.29 57.66 56.25
N ARG L 171 5.38 56.70 56.06
CA ARG L 171 5.62 55.36 56.60
C ARG L 171 6.32 54.48 55.58
N LEU L 172 6.05 54.70 54.29
CA LEU L 172 6.50 53.78 53.26
C LEU L 172 6.40 54.48 51.90
N ALA L 173 7.41 54.29 51.06
CA ALA L 173 7.47 54.90 49.75
C ALA L 173 7.68 53.83 48.70
N TYR L 174 6.90 53.90 47.61
CA TYR L 174 7.05 52.98 46.50
C TYR L 174 7.81 53.65 45.37
N TRP L 175 8.55 52.84 44.62
CA TRP L 175 9.36 53.34 43.51
C TRP L 175 9.19 52.40 42.33
N VAL L 176 8.55 52.87 41.26
CA VAL L 176 8.34 52.10 40.05
C VAL L 176 9.29 52.63 38.99
N GLY L 177 10.09 51.74 38.40
CA GLY L 177 11.07 52.19 37.44
C GLY L 177 11.79 51.04 36.78
N PHE L 178 12.94 51.37 36.19
CA PHE L 178 13.79 50.38 35.55
C PHE L 178 14.64 49.67 36.59
N ASP L 179 15.14 48.49 36.21
CA ASP L 179 16.05 47.75 37.07
C ASP L 179 17.39 48.45 37.11
N THR L 180 17.90 48.68 38.32
CA THR L 180 19.20 49.29 38.51
C THR L 180 20.34 48.27 38.46
N THR L 181 20.02 46.99 38.29
CA THR L 181 21.03 45.95 38.26
C THR L 181 22.05 46.12 37.14
N PRO L 182 21.66 46.38 35.88
CA PRO L 182 22.68 46.48 34.82
C PRO L 182 23.67 47.62 35.04
N PHE L 183 23.31 48.64 35.82
CA PHE L 183 24.22 49.75 36.03
C PHE L 183 25.24 49.47 37.11
N MET L 184 24.85 48.72 38.14
CA MET L 184 25.84 48.29 39.12
C MET L 184 26.83 47.29 38.55
N TYR L 185 26.51 46.69 37.40
CA TYR L 185 27.44 45.82 36.69
C TYR L 185 28.41 46.58 35.80
N ASN L 186 28.26 47.90 35.70
CA ASN L 186 29.15 48.76 34.90
C ASN L 186 29.14 48.34 33.43
N ALA L 187 27.98 48.47 32.80
CA ALA L 187 27.80 48.15 31.40
C ALA L 187 27.71 49.44 30.56
N MET L 188 28.04 49.30 29.28
CA MET L 188 28.03 50.42 28.35
C MET L 188 26.64 50.67 27.78
N ALA L 189 26.05 49.65 27.17
CA ALA L 189 24.74 49.77 26.53
C ALA L 189 23.77 48.78 27.16
N GLY L 190 22.48 49.10 27.06
CA GLY L 190 21.44 48.27 27.64
C GLY L 190 20.45 47.80 26.59
N ALA L 191 19.60 46.85 27.00
CA ALA L 191 18.67 46.22 26.07
C ALA L 191 17.21 46.49 26.42
N TYR L 192 16.75 46.10 27.62
CA TYR L 192 15.34 46.08 27.99
C TYR L 192 14.46 45.73 26.79
N PRO L 193 14.61 44.53 26.22
CA PRO L 193 13.98 44.28 24.91
C PRO L 193 12.46 44.42 24.90
N SER L 194 11.78 43.99 25.96
CA SER L 194 10.32 43.94 25.93
C SER L 194 9.73 45.35 25.86
N TYR L 195 10.28 46.29 26.59
CA TYR L 195 9.76 47.65 26.65
C TYR L 195 10.35 48.55 25.57
N SER L 196 11.24 48.01 24.73
CA SER L 196 11.86 48.76 23.64
C SER L 196 12.54 50.02 24.14
N THR L 197 13.22 49.92 25.28
CA THR L 197 13.99 51.02 25.86
C THR L 197 15.46 50.62 25.86
N ASN L 198 16.28 51.44 25.21
CA ASN L 198 17.72 51.18 25.12
C ASN L 198 18.49 52.37 25.67
N TRP L 199 19.53 52.10 26.45
CA TRP L 199 20.36 53.17 26.96
C TRP L 199 21.81 52.98 26.51
N ALA L 200 22.53 54.10 26.46
CA ALA L 200 23.91 54.08 26.00
C ALA L 200 24.72 55.16 26.71
N ASP L 201 26.00 54.87 26.93
CA ASP L 201 26.90 55.83 27.54
C ASP L 201 27.30 56.87 26.48
N GLU L 202 27.66 58.06 26.94
CA GLU L 202 28.03 59.16 26.06
C GLU L 202 29.10 58.76 25.05
N GLN L 203 30.11 58.01 25.49
CA GLN L 203 31.23 57.70 24.62
C GLN L 203 30.85 56.73 23.50
N VAL L 204 29.85 55.89 23.70
CA VAL L 204 29.51 54.84 22.74
C VAL L 204 28.27 55.20 21.93
N LEU L 205 27.96 56.50 21.78
CA LEU L 205 26.84 56.90 20.95
C LEU L 205 27.03 56.50 19.49
N LYS L 206 28.23 56.72 18.96
CA LYS L 206 28.50 56.51 17.54
C LYS L 206 29.04 55.10 17.26
N ALA L 207 28.33 54.09 17.75
CA ALA L 207 28.68 52.70 17.49
C ALA L 207 27.88 52.21 16.27
N LYS L 208 27.90 50.91 16.03
CA LYS L 208 27.24 50.36 14.85
C LYS L 208 26.27 49.24 15.19
N ASN L 209 26.58 48.41 16.17
CA ASN L 209 25.85 47.17 16.43
C ASN L 209 25.34 47.12 17.86
N ILE L 210 24.71 48.21 18.32
CA ILE L 210 23.94 48.19 19.56
C ILE L 210 22.54 48.74 19.25
N GLY L 211 21.67 48.62 20.24
CA GLY L 211 20.30 49.07 20.05
C GLY L 211 20.20 50.58 19.91
N LEU L 212 21.24 51.29 20.33
CA LEU L 212 21.24 52.75 20.37
C LEU L 212 22.55 53.25 19.78
N CYS L 213 22.56 53.53 18.48
CA CYS L 213 23.77 53.96 17.80
C CYS L 213 23.42 54.68 16.50
N SER L 214 24.40 55.40 15.96
CA SER L 214 24.26 56.09 14.67
C SER L 214 25.66 56.39 14.14
N THR L 215 26.01 55.81 13.01
CA THR L 215 27.32 55.98 12.41
C THR L 215 27.19 56.40 10.95
N ASP L 216 28.32 56.80 10.37
CA ASP L 216 28.37 57.27 8.99
C ASP L 216 29.45 56.49 8.25
N LEU L 217 29.17 56.15 6.99
CA LEU L 217 30.11 55.38 6.18
C LEU L 217 31.34 56.21 5.86
N THR L 218 32.51 55.57 5.85
CA THR L 218 33.76 56.25 5.57
C THR L 218 34.59 55.40 4.60
N GLU L 219 35.50 56.07 3.90
CA GLU L 219 36.43 55.39 2.99
C GLU L 219 37.78 55.21 3.69
N GLY L 220 38.72 54.58 2.99
CA GLY L 220 39.92 54.05 3.61
C GLY L 220 40.91 55.07 4.15
N ARG L 221 40.48 55.89 5.09
CA ARG L 221 41.34 56.90 5.71
C ARG L 221 41.73 56.37 7.09
N ARG L 222 42.99 55.98 7.25
CA ARG L 222 43.55 55.65 8.56
C ARG L 222 44.34 56.82 9.13
N GLY L 223 43.73 58.00 9.12
CA GLY L 223 44.42 59.20 9.51
C GLY L 223 43.62 60.26 10.25
N LYS L 224 42.55 59.87 10.95
CA LYS L 224 41.64 60.86 11.53
C LYS L 224 42.31 61.69 12.62
N LEU L 225 43.38 61.16 13.21
CA LEU L 225 44.34 61.93 14.00
C LEU L 225 43.66 62.80 15.07
N SER L 226 43.06 62.13 16.05
CA SER L 226 42.41 62.86 17.14
C SER L 226 43.46 63.51 18.03
N ILE L 227 43.25 64.78 18.37
CA ILE L 227 44.18 65.50 19.23
C ILE L 227 44.14 64.97 20.66
N MET L 228 42.95 64.61 21.13
CA MET L 228 42.76 64.13 22.49
C MET L 228 42.84 62.61 22.51
N ARG L 229 43.65 62.08 23.43
CA ARG L 229 43.85 60.64 23.59
C ARG L 229 43.53 60.26 25.03
N GLY L 230 42.59 59.33 25.20
CA GLY L 230 42.17 58.92 26.53
C GLY L 230 42.81 57.62 26.99
N LYS L 231 42.81 56.62 26.11
CA LYS L 231 43.39 55.30 26.38
C LYS L 231 42.73 54.60 27.58
N LYS L 232 41.51 54.97 27.92
CA LYS L 232 40.76 54.31 28.98
C LYS L 232 39.27 54.41 28.69
N LEU L 233 38.70 53.33 28.17
CA LEU L 233 37.27 53.26 27.85
C LEU L 233 36.52 52.81 29.11
N GLU L 234 36.20 53.77 29.95
CA GLU L 234 35.46 53.54 31.18
C GLU L 234 34.16 54.33 31.18
N PRO L 235 33.13 53.82 31.85
CA PRO L 235 31.83 54.53 31.87
C PRO L 235 31.93 55.87 32.58
N CYS L 236 31.07 56.80 32.14
CA CYS L 236 30.97 58.11 32.77
C CYS L 236 29.55 58.30 33.30
N ASP L 237 29.33 59.48 33.90
CA ASP L 237 28.08 59.72 34.61
C ASP L 237 26.89 59.81 33.65
N ARG L 238 27.05 60.53 32.54
CA ARG L 238 25.93 60.80 31.64
C ARG L 238 25.60 59.57 30.82
N VAL L 239 24.33 59.15 30.86
CA VAL L 239 23.85 58.02 30.07
C VAL L 239 22.50 58.41 29.47
N LEU L 240 22.34 58.17 28.17
CA LEU L 240 21.12 58.53 27.46
C LEU L 240 20.22 57.30 27.37
N PHE L 241 19.02 57.42 27.93
CA PHE L 241 17.96 56.45 27.72
C PHE L 241 17.11 56.85 26.52
N SER L 242 16.58 55.85 25.82
CA SER L 242 15.70 56.07 24.68
C SER L 242 14.55 55.08 24.86
N VAL L 243 13.39 55.62 25.22
CA VAL L 243 12.17 54.84 25.41
C VAL L 243 11.24 55.16 24.25
N GLY L 244 11.01 54.18 23.38
CA GLY L 244 10.25 54.43 22.17
C GLY L 244 10.95 55.46 21.31
N SER L 245 10.38 56.66 21.25
CA SER L 245 10.97 57.77 20.50
C SER L 245 11.36 58.94 21.40
N THR L 246 11.40 58.74 22.71
CA THR L 246 11.71 59.80 23.67
C THR L 246 13.11 59.58 24.24
N LEU L 247 13.89 60.64 24.31
CA LEU L 247 15.28 60.58 24.77
C LEU L 247 15.40 61.31 26.10
N TYR L 248 15.87 60.60 27.12
CA TYR L 248 15.93 61.11 28.49
C TYR L 248 17.34 60.95 29.04
N PRO L 249 17.97 62.01 29.53
CA PRO L 249 19.32 61.87 30.08
C PRO L 249 19.33 61.61 31.58
N GLU L 250 20.09 60.59 31.97
CA GLU L 250 20.23 60.20 33.37
C GLU L 250 21.69 60.31 33.78
N SER L 251 21.90 60.46 35.09
CA SER L 251 23.22 60.44 35.68
C SER L 251 23.48 59.04 36.24
N ARG L 252 24.69 58.52 35.97
CA ARG L 252 25.02 57.17 36.40
C ARG L 252 24.99 57.02 37.91
N LYS L 253 25.53 58.01 38.63
CA LYS L 253 25.56 57.92 40.09
C LYS L 253 24.16 57.96 40.69
N LEU L 254 23.32 58.88 40.21
CA LEU L 254 21.97 59.01 40.76
C LEU L 254 21.16 57.76 40.52
N LEU L 255 21.24 57.19 39.31
CA LEU L 255 20.49 55.98 39.01
C LEU L 255 21.06 54.78 39.76
N LYS L 256 22.38 54.67 39.84
CA LYS L 256 23.02 53.56 40.55
C LYS L 256 22.71 53.61 42.04
N SER L 257 22.43 54.79 42.57
CA SER L 257 22.08 54.91 43.99
C SER L 257 20.76 54.25 44.32
N TRP L 258 19.97 53.86 43.32
CA TRP L 258 18.66 53.26 43.59
C TRP L 258 18.71 51.75 43.75
N HIS L 259 19.87 51.12 43.61
CA HIS L 259 20.01 49.70 43.94
C HIS L 259 20.27 49.58 45.44
N LEU L 260 19.24 49.93 46.21
CA LEU L 260 19.36 50.00 47.65
C LEU L 260 19.48 48.61 48.25
N PRO L 261 20.21 48.47 49.36
CA PRO L 261 20.31 47.17 50.03
C PRO L 261 18.98 46.76 50.65
N SER L 262 18.95 45.51 51.11
CA SER L 262 17.71 44.97 51.68
C SER L 262 17.29 45.74 52.91
N VAL L 263 18.23 46.03 53.82
CA VAL L 263 17.97 46.85 55.00
C VAL L 263 19.11 47.85 55.12
N PHE L 264 18.78 49.07 55.54
CA PHE L 264 19.83 50.07 55.77
C PHE L 264 19.36 51.09 56.79
N HIS L 265 20.29 51.96 57.19
CA HIS L 265 20.05 52.98 58.20
C HIS L 265 20.41 54.35 57.65
N LEU L 266 19.70 55.37 58.12
CA LEU L 266 19.98 56.76 57.78
C LEU L 266 20.10 57.54 59.08
N LYS L 267 21.33 57.81 59.51
CA LYS L 267 21.60 58.48 60.77
C LYS L 267 21.91 59.96 60.49
N GLY L 268 21.12 60.84 61.08
CA GLY L 268 21.37 62.28 61.01
C GLY L 268 20.92 62.93 62.28
N LYS L 269 20.19 64.04 62.14
CA LYS L 269 19.50 64.60 63.30
C LYS L 269 18.49 63.62 63.86
N LEU L 270 17.74 62.96 62.97
CA LEU L 270 16.86 61.86 63.33
C LEU L 270 17.28 60.64 62.51
N SER L 271 17.53 59.52 63.19
CA SER L 271 18.04 58.32 62.56
C SER L 271 16.90 57.33 62.33
N PHE L 272 16.71 56.92 61.07
CA PHE L 272 15.68 55.98 60.70
C PHE L 272 16.29 54.68 60.18
N THR L 273 15.48 53.63 60.16
CA THR L 273 15.85 52.35 59.57
C THR L 273 14.84 52.01 58.48
N CYS L 274 15.31 51.33 57.44
CA CYS L 274 14.46 51.07 56.29
C CYS L 274 14.75 49.71 55.70
N ARG L 275 13.73 49.14 55.07
CA ARG L 275 13.83 47.86 54.37
C ARG L 275 13.30 48.06 52.95
N CYS L 276 14.06 47.60 51.96
CA CYS L 276 13.68 47.72 50.56
C CYS L 276 13.52 46.33 49.96
N ASP L 277 12.38 46.09 49.33
CA ASP L 277 12.10 44.81 48.68
C ASP L 277 11.41 45.06 47.35
N THR L 278 11.62 44.14 46.41
CA THR L 278 11.03 44.21 45.08
C THR L 278 9.72 43.43 45.09
N VAL L 279 8.61 44.15 45.01
CA VAL L 279 7.30 43.49 45.08
C VAL L 279 6.80 43.06 43.70
N VAL L 280 7.11 43.82 42.65
CA VAL L 280 6.74 43.47 41.29
C VAL L 280 7.98 43.57 40.40
N SER L 281 8.15 42.57 39.54
CA SER L 281 9.26 42.59 38.58
C SER L 281 8.76 41.96 37.28
N CYS L 282 9.03 42.64 36.17
CA CYS L 282 8.57 42.17 34.86
C CYS L 282 9.55 42.63 33.79
N GLU L 283 10.33 41.68 33.26
CA GLU L 283 11.19 41.88 32.10
C GLU L 283 12.02 43.16 32.16
N GLY L 284 12.47 43.53 33.35
CA GLY L 284 13.31 44.70 33.48
C GLY L 284 12.72 45.77 34.37
N TYR L 285 11.42 45.98 34.28
CA TYR L 285 10.76 46.94 35.15
C TYR L 285 10.61 46.37 36.56
N VAL L 286 10.84 47.20 37.56
CA VAL L 286 10.75 46.78 38.96
C VAL L 286 9.93 47.79 39.74
N VAL L 287 9.36 47.33 40.86
CA VAL L 287 8.67 48.18 41.83
C VAL L 287 9.25 47.84 43.20
N LYS L 288 9.90 48.82 43.83
CA LYS L 288 10.50 48.66 45.14
C LYS L 288 9.62 49.30 46.22
N ARG L 289 9.71 48.75 47.43
CA ARG L 289 8.91 49.18 48.58
C ARG L 289 9.89 49.50 49.72
N ILE L 290 10.17 50.79 49.92
CA ILE L 290 11.07 51.23 50.98
C ILE L 290 10.22 51.69 52.16
N THR L 291 10.18 50.89 53.21
CA THR L 291 9.32 51.15 54.36
C THR L 291 10.07 51.97 55.40
N MET L 292 9.58 53.16 55.70
CA MET L 292 10.19 54.01 56.71
C MET L 292 10.00 53.38 58.09
N SER L 293 10.93 53.69 58.99
CA SER L 293 10.80 53.26 60.37
C SER L 293 11.68 54.12 61.28
N PRO L 294 11.10 54.76 62.30
CA PRO L 294 11.91 55.59 63.20
C PRO L 294 12.82 54.75 64.07
N GLY L 295 13.90 55.38 64.52
CA GLY L 295 14.88 54.72 65.39
C GLY L 295 16.00 54.07 64.62
N LEU L 296 16.91 53.47 65.38
CA LEU L 296 18.07 52.75 64.82
C LEU L 296 18.06 51.35 65.41
N TYR L 297 17.33 50.44 64.77
CA TYR L 297 17.19 49.06 65.22
C TYR L 297 17.80 48.12 64.20
N GLY L 298 18.52 47.12 64.67
CA GLY L 298 19.08 46.09 63.81
C GLY L 298 20.44 46.48 63.26
N LYS L 299 21.04 45.51 62.56
CA LYS L 299 22.34 45.68 61.93
C LYS L 299 22.20 45.42 60.43
N THR L 300 22.86 46.25 59.62
CA THR L 300 22.76 46.17 58.18
C THR L 300 23.93 45.41 57.59
N THR L 301 23.67 44.67 56.50
CA THR L 301 24.72 43.94 55.81
C THR L 301 25.40 44.81 54.78
N GLY L 302 24.68 45.76 54.19
CA GLY L 302 25.20 46.58 53.13
C GLY L 302 25.20 45.93 51.77
N TYR L 303 24.29 44.99 51.52
CA TYR L 303 24.30 44.17 50.32
C TYR L 303 22.93 44.26 49.66
N ALA L 304 22.89 44.28 48.33
CA ALA L 304 21.64 44.38 47.59
C ALA L 304 21.48 43.20 46.64
N VAL L 305 20.28 42.65 46.60
CA VAL L 305 19.98 41.42 45.86
C VAL L 305 18.98 41.73 44.76
N THR L 306 19.24 41.22 43.56
CA THR L 306 18.28 41.21 42.47
C THR L 306 17.98 39.77 42.08
N HIS L 307 16.70 39.45 42.00
CA HIS L 307 16.23 38.13 41.56
C HIS L 307 15.87 38.24 40.08
N HIS L 308 16.51 37.40 39.26
CA HIS L 308 16.34 37.45 37.81
C HIS L 308 15.33 36.38 37.40
N ALA L 309 14.07 36.80 37.26
CA ALA L 309 13.06 35.91 36.69
C ALA L 309 13.39 35.55 35.26
N ASP L 310 13.91 36.51 34.49
CA ASP L 310 14.40 36.27 33.14
C ASP L 310 15.92 36.41 33.14
N GLY L 311 16.57 35.69 32.24
CA GLY L 311 18.02 35.62 32.26
C GLY L 311 18.67 36.96 31.97
N PHE L 312 19.85 37.16 32.53
CA PHE L 312 20.64 38.36 32.34
C PHE L 312 21.96 38.01 31.67
N LEU L 313 22.37 38.81 30.69
CA LEU L 313 23.60 38.55 29.94
C LEU L 313 24.41 39.82 29.85
N MET L 314 25.62 39.80 30.41
CA MET L 314 26.55 40.91 30.34
C MET L 314 27.71 40.47 29.45
N CYS L 315 27.64 40.83 28.17
CA CYS L 315 28.52 40.30 27.13
C CYS L 315 29.55 41.34 26.73
N LYS L 316 30.60 40.87 26.05
CA LYS L 316 31.71 41.71 25.62
C LYS L 316 31.70 41.74 24.09
N THR L 317 31.29 42.87 23.51
CA THR L 317 31.20 43.00 22.07
C THR L 317 32.12 44.11 21.58
N THR L 318 32.75 43.87 20.43
CA THR L 318 33.51 44.90 19.74
C THR L 318 32.57 45.67 18.84
N ASP L 319 32.86 46.95 18.63
CA ASP L 319 32.05 47.81 17.78
C ASP L 319 32.89 49.01 17.36
N THR L 320 32.47 49.65 16.28
CA THR L 320 33.14 50.84 15.76
C THR L 320 32.53 52.06 16.44
N VAL L 321 33.04 52.37 17.63
CA VAL L 321 32.64 53.58 18.34
C VAL L 321 33.32 54.75 17.67
N ASP L 322 32.53 55.70 17.16
CA ASP L 322 33.00 56.82 16.36
C ASP L 322 33.80 56.37 15.14
N GLY L 323 33.80 55.07 14.86
CA GLY L 323 34.62 54.52 13.80
C GLY L 323 35.68 53.56 14.29
N GLU L 324 36.31 53.88 15.42
CA GLU L 324 37.37 53.05 15.97
C GLU L 324 36.80 51.78 16.58
N ARG L 325 37.38 50.63 16.24
CA ARG L 325 36.93 49.36 16.83
C ARG L 325 37.44 49.25 18.25
N VAL L 326 36.50 49.19 19.20
CA VAL L 326 36.81 49.00 20.62
C VAL L 326 35.84 47.98 21.18
N SER L 327 36.26 47.30 22.24
CA SER L 327 35.45 46.28 22.89
C SER L 327 34.85 46.84 24.18
N PHE L 328 33.54 46.72 24.32
CA PHE L 328 32.86 47.19 25.51
C PHE L 328 31.78 46.20 25.91
N SER L 329 31.22 46.40 27.10
CA SER L 329 30.26 45.49 27.70
C SER L 329 28.84 45.98 27.45
N VAL L 330 27.96 45.05 27.07
CA VAL L 330 26.55 45.35 26.83
C VAL L 330 25.70 44.38 27.63
N CYS L 331 24.63 44.88 28.23
CA CYS L 331 23.73 44.06 29.03
C CYS L 331 22.44 43.79 28.28
N THR L 332 21.87 42.60 28.52
CA THR L 332 20.75 42.10 27.76
C THR L 332 19.86 41.27 28.68
N TYR L 333 18.55 41.36 28.44
CA TYR L 333 17.57 40.52 29.10
C TYR L 333 17.07 39.46 28.13
N VAL L 334 17.10 38.20 28.56
CA VAL L 334 16.70 37.07 27.74
C VAL L 334 15.48 36.44 28.40
N PRO L 335 14.42 36.13 27.64
CA PRO L 335 13.23 35.51 28.24
C PRO L 335 13.56 34.16 28.84
N ALA L 336 12.77 33.79 29.85
CA ALA L 336 13.04 32.56 30.59
C ALA L 336 12.92 31.32 29.70
N THR L 337 11.96 31.32 28.78
CA THR L 337 11.77 30.14 27.92
C THR L 337 12.97 29.90 27.02
N ILE L 338 13.49 30.97 26.41
CA ILE L 338 14.61 30.83 25.48
C ILE L 338 15.84 30.33 26.21
N CYS L 339 16.11 30.90 27.39
CA CYS L 339 17.25 30.46 28.20
C CYS L 339 17.06 29.01 28.65
N ASP L 340 15.83 28.64 29.02
CA ASP L 340 15.56 27.28 29.46
C ASP L 340 15.82 26.27 28.35
N GLN L 341 15.32 26.54 27.15
CA GLN L 341 15.48 25.56 26.07
C GLN L 341 16.89 25.56 25.51
N MET L 342 17.64 26.64 25.68
CA MET L 342 19.04 26.69 25.30
C MET L 342 19.96 26.37 26.48
N THR L 343 19.83 25.16 27.01
CA THR L 343 20.65 24.72 28.15
C THR L 343 21.55 23.56 27.81
N GLY L 344 21.01 22.49 27.21
CA GLY L 344 21.86 21.37 26.82
C GLY L 344 22.82 21.74 25.71
N ILE L 345 22.39 22.62 24.80
CA ILE L 345 23.28 23.11 23.75
C ILE L 345 24.43 23.90 24.36
N LEU L 346 24.18 24.59 25.47
CA LEU L 346 25.21 25.36 26.15
C LEU L 346 26.07 24.47 27.03
N ALA L 347 26.60 23.38 26.45
CA ALA L 347 27.48 22.47 27.17
C ALA L 347 28.69 22.13 26.31
N THR L 348 28.55 22.30 25.00
CA THR L 348 29.59 22.00 24.03
C THR L 348 30.35 23.28 23.70
N GLU L 349 31.51 23.10 23.05
CA GLU L 349 32.23 24.23 22.50
C GLU L 349 31.48 24.73 21.27
N VAL L 350 30.59 25.70 21.47
CA VAL L 350 29.66 26.14 20.44
C VAL L 350 30.15 27.47 19.88
N THR L 351 30.19 27.57 18.55
CA THR L 351 30.59 28.80 17.89
C THR L 351 29.46 29.82 17.93
N PRO L 352 29.80 31.11 17.85
CA PRO L 352 28.72 32.12 17.79
C PRO L 352 27.79 31.94 16.62
N GLU L 353 28.30 31.42 15.50
CA GLU L 353 27.47 31.20 14.32
C GLU L 353 26.38 30.16 14.59
N ASP L 354 26.78 29.00 15.11
CA ASP L 354 25.80 27.96 15.41
C ASP L 354 24.85 28.39 16.51
N ALA L 355 25.37 29.10 17.51
CA ALA L 355 24.51 29.60 18.58
C ALA L 355 23.46 30.56 18.04
N GLN L 356 23.86 31.47 17.14
CA GLN L 356 22.91 32.42 16.59
C GLN L 356 21.89 31.71 15.71
N LYS L 357 22.34 30.72 14.92
CA LYS L 357 21.39 29.97 14.09
C LYS L 357 20.37 29.23 14.95
N LEU L 358 20.82 28.61 16.05
CA LEU L 358 19.91 27.89 16.90
C LEU L 358 18.99 28.83 17.67
N LEU L 359 19.48 30.03 18.02
CA LEU L 359 18.62 31.02 18.65
C LEU L 359 17.53 31.49 17.70
N VAL L 360 17.89 31.70 16.42
CA VAL L 360 16.91 32.08 15.42
C VAL L 360 15.88 30.97 15.24
N GLY L 361 16.33 29.73 15.16
CA GLY L 361 15.40 28.62 15.09
C GLY L 361 14.51 28.49 16.31
N LEU L 362 15.04 28.90 17.47
CA LEU L 362 14.28 28.80 18.72
C LEU L 362 13.21 29.88 18.82
N ASN L 363 13.42 31.03 18.17
CA ASN L 363 12.47 32.14 18.20
C ASN L 363 11.35 31.98 17.19
N GLN L 364 11.13 30.78 16.67
CA GLN L 364 10.08 30.50 15.68
C GLN L 364 10.23 31.38 14.44
N THR L 376 5.23 35.06 15.16
CA THR L 376 5.29 35.08 16.61
C THR L 376 6.73 35.01 17.10
N ASN L 377 7.11 35.98 17.93
CA ASN L 377 8.46 36.08 18.46
C ASN L 377 8.41 36.13 19.98
N THR L 378 9.34 35.43 20.63
CA THR L 378 9.47 35.47 22.07
C THR L 378 10.35 36.65 22.51
N MET L 379 11.58 36.69 22.00
CA MET L 379 12.47 37.81 22.21
C MET L 379 12.68 38.55 20.89
N LYS L 380 12.96 39.84 20.98
CA LYS L 380 13.15 40.64 19.79
C LYS L 380 14.43 40.24 19.09
N ASN L 381 14.30 39.86 17.80
CA ASN L 381 15.44 39.37 17.03
C ASN L 381 16.45 40.46 16.71
N TYR L 382 16.13 41.72 17.00
CA TYR L 382 17.05 42.82 16.73
C TYR L 382 18.35 42.70 17.51
N MET L 383 18.40 41.88 18.55
CA MET L 383 19.52 41.88 19.47
C MET L 383 19.94 40.43 19.78
N ILE L 384 20.01 39.61 18.74
CA ILE L 384 20.60 38.28 18.94
C ILE L 384 21.79 37.99 18.01
N PRO L 385 22.66 38.97 17.69
CA PRO L 385 24.05 38.62 17.45
C PRO L 385 24.84 38.67 18.74
N VAL L 386 24.34 39.49 19.69
CA VAL L 386 25.04 39.70 20.95
C VAL L 386 24.74 38.55 21.93
N VAL L 387 23.49 38.11 21.98
CA VAL L 387 23.13 37.01 22.87
C VAL L 387 23.87 35.74 22.46
N ALA L 388 24.00 35.50 21.16
CA ALA L 388 24.73 34.33 20.68
C ALA L 388 26.20 34.41 21.09
N GLN L 389 26.80 35.59 20.95
CA GLN L 389 28.20 35.76 21.35
C GLN L 389 28.36 35.53 22.85
N ALA L 390 27.42 36.06 23.65
CA ALA L 390 27.48 35.86 25.09
C ALA L 390 27.37 34.39 25.45
N PHE L 391 26.45 33.67 24.80
CA PHE L 391 26.29 32.24 25.07
C PHE L 391 27.54 31.47 24.67
N SER L 392 28.11 31.78 23.51
CA SER L 392 29.32 31.09 23.07
C SER L 392 30.48 31.33 24.04
N LYS L 393 30.64 32.58 24.48
CA LYS L 393 31.73 32.90 25.40
C LYS L 393 31.51 32.27 26.77
N TRP L 394 30.25 32.20 27.22
CA TRP L 394 29.97 31.54 28.49
C TRP L 394 30.25 30.04 28.39
N ALA L 395 29.90 29.43 27.26
CA ALA L 395 30.23 28.02 27.06
C ALA L 395 31.74 27.81 27.05
N LYS L 396 32.47 28.72 26.40
CA LYS L 396 33.93 28.64 26.39
C LYS L 396 34.49 28.75 27.80
N GLU L 397 33.96 29.69 28.59
CA GLU L 397 34.44 29.86 29.96
C GLU L 397 34.16 28.63 30.82
N CYS L 398 32.95 28.07 30.68
CA CYS L 398 32.63 26.87 31.45
C CYS L 398 33.52 25.70 31.02
N ARG L 399 33.78 25.56 29.72
CA ARG L 399 34.59 24.45 29.24
C ARG L 399 36.03 24.60 29.72
N LYS L 400 36.56 25.83 29.70
CA LYS L 400 37.88 26.06 30.28
C LYS L 400 37.87 25.80 31.78
N ASP L 401 36.72 26.05 32.41
CA ASP L 401 36.56 25.73 33.83
C ASP L 401 36.50 24.22 34.06
N MET L 402 36.22 23.46 32.99
CA MET L 402 36.09 22.01 33.14
C MET L 402 37.43 21.35 33.43
N GLU L 403 38.40 21.49 32.53
CA GLU L 403 39.66 20.75 32.64
C GLU L 403 40.64 21.41 33.60
N ASP L 404 40.22 22.40 34.36
CA ASP L 404 41.10 23.14 35.27
C ASP L 404 40.64 22.98 36.72
N GLU L 405 40.31 21.75 37.11
CA GLU L 405 40.01 21.46 38.50
C GLU L 405 41.21 21.78 39.38
N LYS L 406 40.96 22.47 40.48
CA LYS L 406 41.99 22.80 41.46
C LYS L 406 41.82 21.92 42.69
N LEU L 407 42.61 22.19 43.73
CA LEU L 407 42.61 21.40 44.95
C LEU L 407 41.82 22.11 46.03
N LEU L 408 41.35 21.33 47.01
CA LEU L 408 40.54 21.88 48.08
C LEU L 408 41.32 22.87 48.95
N GLY L 409 40.69 24.01 49.22
CA GLY L 409 41.21 25.00 50.15
C GLY L 409 42.55 25.58 49.79
N VAL L 410 43.02 25.37 48.57
CA VAL L 410 44.35 25.80 48.15
C VAL L 410 44.22 26.59 46.86
N ARG L 411 44.63 27.86 46.90
CA ARG L 411 44.79 28.65 45.70
C ARG L 411 46.22 28.51 45.19
N GLU L 412 46.56 29.33 44.19
CA GLU L 412 47.93 29.39 43.67
C GLU L 412 48.36 30.86 43.74
N ARG L 413 48.90 31.24 44.90
CA ARG L 413 49.31 32.61 45.16
C ARG L 413 50.83 32.70 45.20
N THR L 414 51.38 33.66 44.47
CA THR L 414 52.81 33.85 44.41
C THR L 414 53.23 35.12 45.15
N ALA L 422 49.77 38.20 45.05
CA ALA L 422 50.04 37.89 43.66
C ALA L 422 49.49 36.51 43.29
N PHE L 423 48.42 36.49 42.50
CA PHE L 423 47.78 35.25 42.07
C PHE L 423 47.07 35.49 40.75
N LYS L 424 46.89 34.41 39.99
CA LYS L 424 46.47 34.54 38.60
C LYS L 424 45.00 34.94 38.49
N LYS L 425 44.75 35.99 37.72
CA LYS L 425 43.41 36.42 37.33
C LYS L 425 43.20 35.89 35.91
N GLN L 426 42.32 34.91 35.77
CA GLN L 426 41.99 34.41 34.45
C GLN L 426 40.65 34.97 33.99
N LYS L 427 40.36 34.82 32.70
CA LYS L 427 39.56 35.82 32.01
C LYS L 427 38.07 35.49 32.05
N THR L 428 37.27 36.51 32.36
CA THR L 428 35.83 36.43 32.26
C THR L 428 35.35 37.46 31.23
N HIS L 429 34.71 36.99 30.17
CA HIS L 429 34.24 37.87 29.11
C HIS L 429 32.73 38.03 29.07
N THR L 430 31.99 37.30 29.89
CA THR L 430 30.54 37.45 29.93
C THR L 430 30.04 36.98 31.30
N VAL L 431 28.90 37.53 31.71
CA VAL L 431 28.23 37.14 32.94
C VAL L 431 26.83 36.68 32.57
N TYR L 432 26.52 35.42 32.88
CA TYR L 432 25.24 34.84 32.49
C TYR L 432 24.47 34.45 33.75
N LYS L 433 23.55 35.31 34.16
CA LYS L 433 22.67 35.03 35.28
C LYS L 433 21.46 34.25 34.77
N ARG L 434 21.29 33.04 35.29
CA ARG L 434 20.26 32.12 34.85
C ARG L 434 18.88 32.64 35.29
N PRO L 435 17.79 32.12 34.69
CA PRO L 435 16.47 32.68 35.00
C PRO L 435 15.95 32.32 36.38
N ASP L 436 16.82 31.78 37.24
CA ASP L 436 16.50 31.61 38.65
C ASP L 436 17.61 32.04 39.58
N THR L 437 18.69 32.63 39.06
CA THR L 437 19.81 33.05 39.88
C THR L 437 19.52 34.39 40.54
N GLN L 438 20.26 34.67 41.62
CA GLN L 438 20.15 35.92 42.34
C GLN L 438 21.53 36.56 42.45
N SER L 439 21.60 37.87 42.26
CA SER L 439 22.86 38.59 42.24
C SER L 439 22.90 39.59 43.39
N ILE L 440 23.92 39.48 44.23
CA ILE L 440 24.14 40.42 45.34
C ILE L 440 25.38 41.26 45.05
N GLN L 441 25.25 42.56 45.24
CA GLN L 441 26.38 43.47 45.11
C GLN L 441 26.45 44.36 46.34
N LYS L 442 27.67 44.77 46.67
CA LYS L 442 27.90 45.60 47.85
C LYS L 442 27.50 47.04 47.57
N VAL L 443 26.57 47.55 48.37
CA VAL L 443 26.10 48.94 48.28
C VAL L 443 26.19 49.57 49.66
N GLN L 444 26.53 50.85 49.69
CA GLN L 444 26.61 51.56 50.96
C GLN L 444 25.25 51.56 51.65
N ALA L 445 25.25 51.26 52.94
CA ALA L 445 24.02 51.18 53.72
C ALA L 445 23.99 52.14 54.89
N GLU L 446 25.14 52.44 55.51
CA GLU L 446 25.19 53.35 56.63
C GLU L 446 25.30 54.78 56.10
N PHE L 447 24.16 55.32 55.68
CA PHE L 447 24.12 56.67 55.14
C PHE L 447 24.19 57.68 56.27
N ASP L 448 25.28 58.46 56.31
CA ASP L 448 25.55 59.38 57.40
C ASP L 448 25.18 60.82 57.01
N SER L 449 25.76 61.33 55.93
CA SER L 449 25.60 62.72 55.54
C SER L 449 24.53 62.86 54.47
N PHE L 450 23.70 63.88 54.60
CA PHE L 450 22.65 64.16 53.63
C PHE L 450 22.62 65.65 53.27
N LEU L 460 9.52 79.12 38.16
CA LEU L 460 8.42 79.69 37.39
C LEU L 460 8.80 81.05 36.80
N SER L 461 8.13 81.43 35.73
CA SER L 461 8.40 82.69 35.05
C SER L 461 7.12 83.50 34.93
N ILE L 462 7.28 84.80 34.65
CA ILE L 462 6.12 85.69 34.55
C ILE L 462 5.13 85.25 33.49
N PRO L 463 5.52 84.97 32.23
CA PRO L 463 4.50 84.57 31.25
C PRO L 463 3.79 83.27 31.60
N LEU L 464 4.46 82.36 32.30
CA LEU L 464 3.79 81.13 32.73
C LEU L 464 2.64 81.42 33.69
N ARG L 465 2.77 82.46 34.51
CA ARG L 465 1.71 82.81 35.45
C ARG L 465 0.43 83.18 34.71
N THR L 466 0.55 83.95 33.64
CA THR L 466 -0.61 84.22 32.78
C THR L 466 -1.04 82.96 32.05
N ARG L 467 -0.08 82.10 31.69
CA ARG L 467 -0.41 80.87 30.99
C ARG L 467 -1.19 79.91 31.87
N ILE L 468 -1.18 80.12 33.19
CA ILE L 468 -1.92 79.24 34.10
C ILE L 468 -3.40 79.22 33.78
N LYS L 469 -3.98 80.36 33.39
CA LYS L 469 -5.39 80.43 33.05
C LYS L 469 -5.68 79.51 31.85
#